data_7ZD6
#
_entry.id   7ZD6
#
_cell.length_a   1.00
_cell.length_b   1.00
_cell.length_c   1.00
_cell.angle_alpha   90.00
_cell.angle_beta   90.00
_cell.angle_gamma   90.00
#
_symmetry.space_group_name_H-M   'P 1'
#
loop_
_entity.id
_entity.type
_entity.pdbx_description
1 polymer 'NADH-ubiquinone oxidoreductase chain 3'
2 polymer 'NADH-ubiquinone oxidoreductase chain 1'
3 polymer 'NADH-ubiquinone oxidoreductase chain 6'
4 polymer 'NADH-ubiquinone oxidoreductase chain 4L'
5 polymer 'NADH-ubiquinone oxidoreductase chain 5'
6 polymer 'NADH-ubiquinone oxidoreductase chain 4'
7 polymer 'NADH-ubiquinone oxidoreductase chain 2'
8 polymer 'NADH dehydrogenase [ubiquinone] 1 alpha subcomplex subunit 11'
9 polymer 'NADH dehydrogenase [ubiquinone] 1 beta subcomplex subunit 5, mitochondrial'
10 polymer 'Acyl carrier protein'
11 polymer 'NADH dehydrogenase [ubiquinone] 1 alpha subcomplex subunit 8'
12 polymer 'Complex I-PDSW'
13 polymer 'NADH dehydrogenase [ubiquinone] 1 alpha subcomplex subunit 10, mitochondrial'
14 polymer 'NADH dehydrogenase [ubiquinone] iron-sulfur protein 5'
15 polymer 'NADH dehydrogenase [ubiquinone] 1 alpha subcomplex subunit 3'
16 polymer 'NADH dehydrogenase [ubiquinone] 1 beta subcomplex subunit 3'
17 polymer 'NADH dehydrogenase [ubiquinone] 1 subunit C2'
18 polymer 'NADH:ubiquinone oxidoreductase subunit B4'
19 polymer 'NADH dehydrogenase [ubiquinone] 1 alpha subcomplex subunit 13'
20 polymer 'Mitochondrial complex I, B17 subunit'
21 polymer 'NADH dehydrogenase [ubiquinone] 1 beta subcomplex subunit 7'
22 polymer 'NADH dehydrogenase [ubiquinone] 1 beta subcomplex subunit 9'
23 polymer 'NADH dehydrogenase [ubiquinone] 1 beta subcomplex subunit 2, mitochondrial'
24 polymer 'NADH dehydrogenase [ubiquinone] 1 beta subcomplex subunit 8, mitochondrial'
25 polymer 'NADH dehydrogenase [ubiquinone] 1 beta subcomplex subunit 11, mitochondrial'
26 polymer 'NADH dehydrogenase [ubiquinone] 1 subunit C1, mitochondrial'
27 polymer 'NADH dehydrogenase [ubiquinone] 1 beta subcomplex subunit 1'
28 polymer 'Complex I-MWFE'
29 polymer 'NADH dehydrogenase [ubiquinone] flavoprotein 1, mitochondrial'
30 polymer 'NADH dehydrogenase [ubiquinone] flavoprotein 2, mitochondrial'
31 polymer 'NADH-ubiquinone oxidoreductase 75 kDa subunit, mitochondrial'
32 polymer 'Complex I-49kD'
33 polymer 'NADH dehydrogenase [ubiquinone] iron-sulfur protein 3, mitochondrial'
34 polymer 'NADH dehydrogenase [ubiquinone] iron-sulfur protein 7, mitochondrial'
35 polymer 'NADH dehydrogenase [ubiquinone] iron-sulfur protein 8, mitochondrial'
36 polymer 'NADH dehydrogenase [ubiquinone] flavoprotein 3, mitochondrial'
37 polymer 'NADH dehydrogenase [ubiquinone] iron-sulfur protein 6, mitochondrial'
38 polymer 'NADH dehydrogenase [ubiquinone] iron-sulfur protein 4, mitochondrial'
39 polymer 'NADH:ubiquinone oxidoreductase subunit A9'
40 polymer 'NADH dehydrogenase [ubiquinone] 1 alpha subcomplex subunit 2'
41 polymer 'NADH dehydrogenase [ubiquinone] 1 alpha subcomplex subunit 5'
42 polymer 'NADH dehydrogenase [ubiquinone] 1 alpha subcomplex subunit 6'
43 polymer 'Mitochondrial complex I, B14.5a subunit'
44 polymer 'NADH dehydrogenase [ubiquinone] 1 alpha subcomplex subunit 12'
45 non-polymer 1,2-DIACYL-SN-GLYCERO-3-PHOSPHOCHOLINE
46 non-polymer 1,2-Distearoyl-sn-glycerophosphoethanolamine
47 non-polymer 2-decyl-5,6-dimethoxy-3-methylcyclohexa-2,5-diene-1,4-dione
48 non-polymer 'S-[2-({N-[(2S)-2-hydroxy-3,3-dimethyl-4-(phosphonooxy)butanoyl]-beta-alanyl}amino)ethyl] tetradecanethioate'
49 non-polymer 'ADENOSINE MONOPHOSPHATE'
50 non-polymer 'MYRISTIC ACID'
51 non-polymer 'IRON/SULFUR CLUSTER'
52 non-polymer 'FLAVIN MONONUCLEOTIDE'
53 non-polymer '1,4-DIHYDRONICOTINAMIDE ADENINE DINUCLEOTIDE'
54 non-polymer 'FE2/S2 (INORGANIC) CLUSTER'
55 non-polymer 'POTASSIUM ION'
56 non-polymer 'ZINC ION'
57 non-polymer 'NADPH DIHYDRO-NICOTINAMIDE-ADENINE-DINUCLEOTIDE PHOSPHATE'
#
loop_
_entity_poly.entity_id
_entity_poly.type
_entity_poly.pdbx_seq_one_letter_code
_entity_poly.pdbx_strand_id
1 'polypeptide(L)'
;MNLMITLLTNFTLATLLVTIAFWLPQLNVYSEKTSPYECGFDPMGSARLPFSMKFFLVAITFLLFDLEIALLLPLPWASQ
TTNLNTMLTMALLLIFLLAVSLAYEWTQKGLEWTE
;
A
2 'polypeptide(L)'
;MFMINVLTLIIPILLAVAFLTLVERKVLGYMQFRKGPNVVGPYGLLQPIADAIKLFIKEPLRPATSSISMFILAPILALT
LALTMWIPLPMPYPLINMNLGVLFMLAMSSLAVYSILWSGWASNSKYALIGALRAVAQTISYEVTLAIILLSVLLMNGSF
TLSTLIITQEQVWLIFPAWPLAMMWFISTLAETNRAPFDLTEGESELVSGFNVEYAAGPFALFFMAEYANIIMMNIFTTT
LFLGAFHNPYMPELYTINFTIKSLLLSITFLWIRASYPRFRYDQLMHLLWKNFLPLTLALCMWHVSLPILLSSIPPQT
;
H
3 'polypeptide(L)'
;MMTYIVFILSIIFVMGFVGFSSKPSPIYGGLGLIVSGGVGCGIVLNFGGSFLGLMVFLIYLGGMMVVFGYTTAMATEQYP
EVWVSNKVVLGTFITGLLMEFLMVYYVLKDKEVEIVFKFNGMGDWVIYDTGDSGFFSEEAMGIAALYSYGTWLVIVTGWS
LLIGVVVIMEITRGN
;
J
4 'polypeptide(L)'
;(FME)SLVYMNIMMAFTVSLTGLLMYRSHLMSSLLCLEGMMLSLFILATLMILNSHFTLASMMPIILLVFAACEAALGLS
LLVMVSNTYGTDYVQNLNLLQC
;
K
5 'polypeptide(L)'
;(FME)NLFSSLTLVTLILLTMPIAAINFNTHKFTNYPLYVKTTISCAFITSMIPTMMFIHTGQEMIISNWHWLTIQTLKL
SLSFKMDFFSMMFVPVALFVTWSIMEFSMWYMHSDPNINQFFKYLLLFLITMLILVTANNLFQLFIGWEGVGIMSFLLIG
WWYGRTDANTAALQAILYNRIGDIGFILAMAWFLINLNTWDLQQIFMLNPNDSNLPLMGLILAATGKSAQFGLHPWLPSA
MEGPTPVSALLHSSTMVVAGIFLLIRFYPLTENNKFGQSIMLCLGAMTTLFTAMCALTQNDIKKIIAFSTSSQLGLMMVT
IGINQPHLAFLHICTHAFFKAMLFMCSGSIIHSLNDEQDIRKMGGLFKAMPFTTTALIIGSLALTGMPFLTGFYSKDLII
ESANTSYTNAWALLMTLVATSFTAIYSTRIIFFALLGQPRFPTLININENNPFLINSIKRLLIGSLFAGFIISNNIPPMT
IPQMTMPHYLKMTALTVTILGFILALEISNTTHYLKFNYPSNTFKFSNLLGYYPTIMHRLTPYMNLTMSQKSASSLLDLI
WLETILPKTISLAQMKMSTTITSQKGLIKLYFLSFLITILISTTLLNFHE
;
L
6 'polypeptide(L)'
;(FME)LKYIIPTMMLMPLTWLSKNSMIWINTTLHSLLISLTSLLLLNQFGDNSLNFSLTFFSDSLSTPLLILTMWLLPLM
LMASQHHLSKENLARKKLFISMLILLQLFLIMTFTATELIFFYIMFEATLVPTLIIITRWGNQTERLNAGLYFLFYTLAG
SLPLLVALIYIQNTMGSLNFLILQYWVQPMPNSWSNTFMWLACMMAFMVKMPLYGLHLWLPKAHVEAPIAGSMVLAAILL
KLGGYGMMRITLLLNPITDFMAYPFIMLSLWGMIMTSSICLRQTDLKSLIAYSSVSHMALVIVAILIQTPWSYMGATALM
IAHGLTSSMLFCLANSNYERVHSRTMILARGLQTLLPLMAAWWLLASLTNLALPPSINLIGELFVVMSTFSWSNITIILM
GLNMVITALYSLYMLITTQRGKHTHHINNILPSFTRENALMSLHMLPLLLLSLNPKIILGPLY
;
M
7 'polypeptide(L)'
;MNPIILIIILMTVMLGTIIVMISTHWLLIWIGFEMNMLAIIPIMMKKHNPRATEASTKYFLTQSTASMLLMMAIIINLMF
SGQWTVMKLFNPMASMLMTMALAMKLGMAPFHFWVPEVTQGIPLSSGLILLTWQKLAPMSVLYQILPSINLDLILTLSIL
SITIGGWGGLNQTQLRKIMAYSSIAHMGWMTAVLLYNPTMTLLNLIIYIIMTSTMFTLFMANSTTTTLSLSHTWNKAPIM
TILVLITLLSMGGLPPLSGFMPKWMIIQEMTKNDSIILPTLMAITALLNLYFYMRLTYSTALTMFPSTNNMKMKWQFPTT
KRMTLLPTMTVLSTMLLPLTPILSILE
;
N
8 'polypeptide(L)'
;(AYA)KTLLHQYWDIPEGTECHRKTYAATSIGGASGLVVSAYSVALKTPTSFLEGVARTGRYTFTAAAIGAIFGLTSCIS
AQVREKPDDPLNYLIGGCAGGLTLGARTRSYGIGAAACAYMGLTAALVKMGQLEGWKVFAEPKV
;
V
9 'polypeptide(L)'
;GKRLFIIKPSGFYDKRFLKLLRFYILLTGIPVVIGITLINVFIGEAELAEIPEGYVPEHWEYFKHPISRWIARTFFDAPE
KNYERTMAILQIESEKAELRLKELEVRRLMRAKGDGPWFQYPTIDKALIDHSPKATPDN
;
W
10 'polypeptide(L)'
;VEVKDFYTTNYQTAVSFSPLGPMPSMALMAVSLSGANVPKSGGRPEESRVPVLTQRKVPGRVTPLCRQYSDAPPLTLEGI
KDRVLYVLKLYDKIDPEKLSVNSHFMKDLGLDSLDQVEIIMAMEDEFGFEIPDIDAEKLMCPQEIVDYIADKKDVYE
;
X,j
11 'polypeptide(L)'
;PGIVELPSLEDLKVQEVKVSSSVLKAAAHHYGAQCDKPNKEFMLCRWEEKDPRRCLEEGKLVNQCALEFFRQIKRHCAEP
FTEYWTCIDYSGLQLFRRCRKEQAQFDKCVLDKLGWVRPDLGELSKVTKVKTDRPLPENPYHSRARPEPNPEVEGDLKPA
RHGSRLFFWTM
;
Y
12 'polypeptide(L)'
;SWDKDVYPEPPRRTPAPSPQTSLPNPITYLTKAFDLLVDRPVTLVREFIERQHAKNKYYYYHREFRRVPDITECHEKDVL
CMFEAEMQWKRDYKVDQEIVNIIQERLKACQQREGESHRQNCAKELQQFTQVVKAYQDRYHDLGAHYSARKCLAKQKQRM
LAERKATKEAA
;
Z
13 'polypeptide(L)'
;LQYGPLAYILGEKTTKKMTENSKLITVDGNICSGK(SEP)KLAKEVAEKLGLKHFPEAGIHYADSTTGDGKPLPVRFSGN
CSLEKFYDDPKSNDGNSYRLQAWLYASRLLQYADALEHLLSTGQGVVLERSIYSDFVFLEAMYRQGFIRKQCVDHYNQVK
KVTVCEYLPPHVVIYVDVPVSEVQSRIQKKGNPHEMKITSAYLQDIENVYKGTFLPEMSEKCEVLQYSAWEAEDAEKVVE
DIQYLKYDKGPWLDQDDRKLHNLRMLVQDKLEVLNYTSIPVFLPEVTIGAHQSDRVFQEFTELPGRKYRAGYNEDVGDKW
IWLK
;
k
14 'polypeptide(L)'
;PFFDVQKKLGVDLDHWMTIQSAEQPHRIPARCHAFEKEWIECAHGIGSIRAEKECKIEFEDFRECLLRQKTMKRLNAIKR
QRDKLIKEGKYTPPPHHSGQEDLRP
;
l
15 'polypeptide(L)' VAAFLKNVWAKEPVLVASFAIAGLAVILPTLSPYTKYSLMINRATPYNYPVPLRDDGNMPDVPSHPQDPQGPSLEWLKRL m
16 'polypeptide(L)' SKMELPDYKQWKIEGTPLETVQEKLAARGLRDPWGRNEAWRYMGGFANNVSFVGALLKGFKWGFAAFVVAVGAEYYLES n
17 'polypeptide(L)'
;MMTGRQARAPLQFLPDEARSLPPPKLTDPRLAYIGFLGYCSGLIDNAIRRRPVLSAGLHRQFLYITSFVFVGYYLLKRQD
YMYAVRDHDMFSYIKSHPEDFPEKDKKTYREVFEEFHPVR
;
o
18 'polypeptide(L)'
;SFPKYEPSRLASLPTTLDPAEYDISSETRKAQAERLAIRSRLKREYQLQYNDPSRRGVVEDPALIRWTCARSANVYPNFR
PNTKTSLLGALFGIGPLIFWYYVFKTDRDRKEKLIQEGKLDRTFNISY
;
p
19 'polypeptide(L)'
;MAASKVKQDMPPVGGYGPIDYKRNLPRRGLSGYSMFAVGIGALLFGYWSMMRWNRERRRLQIEDFEARIALMPLLQAEKD
RRVLQMLRENLEEEATIMKDVPGWKVGESVFHTTRWVTPMMGELYGLRTGEEILSSTYGFIWYT
;
q
20 'polypeptide(L)'
;MSGYTPDEKLRLQQLRELRRRWLKDQELSPREPVLPPRRVSPVERFWNKFLQDGALWKNVIYKTYRHSIFAFTHVLIPVW
IIHYYLKYHVTTKPYTIVEKKPRIFPGDTILETGEVIPPMKEFPDQHH
;
r
21 'polypeptide(L)'
;GAHLARRYLGDASVEPEPLRMPTFPPDYGFPERKEREMVATQQEMNDAQLVLQQRDYCAHYLIRFLKCKRDSFPNFLACK
HEQHDWDYCEHLDYVKRMKEFERERRLLQRKKRREQREADMA
;
s
22 'polypeptide(L)'
;AFLPSAAYLTHQQKVLQLYKRALRHLESRCVHRDKYRYFACLLRARFDEHKNEKDMVKATQLLREAEKEFWHGQHPQPYI
FPESPGGTSYERYECYKVPEWCLDDWHPSEKAMYPDYFAKREQWKKLRRESWEREVKQLQEETPVGGPRTEALPPARKQG
DLPPLWWHIVTRPRERP
;
t
23 'polypeptide(L)' AHIEPRYRQFPQLTRSQVIQAEFFSATMWFWILWRFWHDSDAVLGHFPYPDPSQWTDEELGIPPD u
24 'polypeptide(L)'
;ITKDMLPGPYPKTPEERAAAAKKYNMRVEDYEPYPDDGMGYGDYPKLPDRSQQERDPWYDWDHPDLRLNWGEPMHWDLDM
YIRNRVDTSPTPVNWNLMCKHLFGFVAFMLFMFWVGETYPTYQPVGPKQYPYNNLYLERGGDPNKEPEPVVHYEI
;
v
25 'polypeptide(L)'
;TLRWQEDPEPEDENLYEKNPDSHGYDKDPAVDVWNMRVVFFFGFSIVLVLGSTFVAYLPDYRMQEWARREAERLVKYREA
HGLPLMESNCFDPSKIQLPED
;
w
26 'polypeptide(L)' KFYIQEPPHGSPNWLKVGLTLGTSAFLWIYLIKQHNEDVLEYKRRNGLE x
27 'polypeptide(L)' RDHWIHVLVPVGFVFGYYLDRKNDEKLAAFRNKSLLYKRELKPQEEVTWK y
28 'polypeptide(L)' MWFEVLPGIAVMGVCLFIPGMATARIHRFSNGGREKRVAHYSYQWYLMERDRRVSGVNRYYVSKGLENID z
29 'polypeptide(L)'
;KTSFGSLKDEDRIFTNLYGRHDWRLKGAQSRGDWYKTKEILLKGPDWILGEVKTSGLRGRGGAGFPTGLKWSFMNKPSDG
RPKYLVVNADEGEPGTCKDREIIRHDPHKLVEGCLVGGRAMGARAAYIYIRGEFYNEASNLQVAIREAYEAGLIGKNACG
SGYDFDVFVVRGAGAYICGEETALIESIEGKQGKPRLKPPFPADVGVFGCPTTVANVETVAVSPTICRRGGAWFASFGRE
RNSGTKLFNISGHVNNPCTVEEEMSVPLKELIEKHAGGVTGGWDNLLAVIPGGSSTPLIPKSVCETVLMDFDALIQAQTG
LGTAAVIVMDRSTDIVKAIARLIEFYKHESCGQCTPCREGVDWMNKVMARFVRGDARPAEIDSLWEISKQIEGHTICALG
DGAAWPVQGLIRHFRPELEERMQRFAQQHQ
;
1
30 'polypeptide(L)'
;ALFVHRDTPKNNPETPFDFTPENYKRIEAIVKNYPEGHKAAAVLPVLDLAQRQNGWLPISAMNKVAEILQVPPMRVYEVA
TFYTMYNRKPVGKYHIQVCTTTPCMLRNSDSILEAIQKKLGIKVGETTPDKLFTLIEVECLGACVNAPMVQINDNYYEDL
TPKDIEEIIDELKAGKIPKPGPRSGRFSCEPAGGLTSLTEPPKGPGFGVQAGL
;
2
31 'polypeptide(L)'
;SNLIEVFVDGQSVMVEPGTTVLQACEKVGMQIPRFCYHERLSVAGNCRMCLVEIEKAPKVVAACAMPVMKGWNILTNSEK
TKKAREGVMEFLLANHPLDCPICDQGGECDLQDQSMMFGSDRSRFLEGKRAVEDKNIGPLVKTIMTRCIQCTRCIRFASE
IAGVDDLGTTGRGNDMQVGTYIEKMFMSELSGNIIDICPVGALTSKPYAFTARPWETRKTESIDVMDAVGSNIVVSTRTG
EVMRILPRMHEDINEEWISDKTRFAYDGLKRQRLTEPMVRNEKGLLTHTTWEDALSRVAGMLQSCQGNDVAAIAGGLVDA
EALIALKDLLNRVDSDTLCTEEVFPTAGAGTDLRSNYLLNTTIAGVEEADVVLLVGTNPRFEAPLFNARIRKSWLHNDLK
VALIGSPVDLTYRYDHLGDSPKILQDIASGSHPFSQVLQEAKKPMVVLGSSALQRNDGAAILAAVSNIAQKIRTSSGVTG
DWKVMNILHRIASQVAALDLGYKPGVEAIRKNPPKMLFLLGADGGCVTRQDLPKDCFIVYQGHHGDVGAPIADVILPGAA
YTEKSATYVNTEGRAQQTKVAVMPPGLAREDWKIIRALSEIAGMTLPYDTLDQVRNRLEEVSPNLVRYDDVEGANYFQQA
SELSKLVNQQLLADPLVPPQLTIKDFYMTDSISRASQTMAKCVKAVTE
;
3
32 'polypeptide(L)'
;MAALRALRRLRGAAAQVLRPGAGARLPIQPSRGARQWQPDVEWAEQYGGAVMYPTKETAHWKPPPWNDVDPPKDTLVSNL
TLNFGPQHPAAHGVLRLVMELSGEMVRKCDPHIGLLH(2MR)GTEKLIEYKTYLQALPYFDRLDYVSMMCNEQAYSLAVE
KLLNIQPPPRAQWIRVLFGEITRLLNHIMAVTTHALDIGAMTPFFWMFEEREKMFEFYERVSGARMHAAYVRPGGVHQDL
PLGLMDDIYEFSKNFSLRIDELEEMLTNNRIWRNRTVDIGVVTAEDALNYGFSGVMLRGSGIQWDLRKTQPYDVYDQVEF
DVPIGSRGDCYDRYLCRVEEMRQSIRIISQCLNKMPPGEIKVDDAKVSPPKRAEMKTSMESLIHHFKLYTEGYQVPPGAT
YTAIEAPKGEFGVYLVSDGSSRPYRCKIKAPGFAHLAGLDKMSKGHMLADVVAIIGTQDIVFGEVDR
;
4
33 'polypeptide(L)'
;TRPTVRPRNDVAHKQLSAFGEYVAEILPKYVQQVQVSCFSELEICIHPDGVIPVLTFLRDHSNAQFKSLADLTAVDIPTR
QNRFEIVYNLLSLRFNSRIRVKTYTDELTPVESSVSVYKAANWYEREIWDMFGVFFANHPDLRRILTDYGFEGHPFRKDF
PLSGYVELRYDDEVKRVVAEPVELAQEFRKFDLNSPWEAFPAYRQPPE
;
5
34 'polypeptide(L)'
;SRGEYVVAKLDDLINWARRSSLWPMTFGLACCAVEMMHMAAPRYDMDRFGVVFRASPRQSDVMIVAGTLTNKMAPALRKV
YDQMPEPRYVVSMGSCANGGGYYHYSYSVVRGCDRIVPVDIYVPGCPPTAEALLYGILQLQKKIKREKRLRIWYRR
;
6
35 'polypeptide(L)'
;TYKYVNLREPSMDMKSVTDRAAQTLLWTELIRGLGMTLSYLFREPATINYPFEKGPLSPRFRGEHALRRYPSGEERCIAC
KLCEAVCPAQAITIEAEPRADGSRRTTRYDIDMTKCIYCGFCQEACPVDAIVEGPNFEFSTETHEELLYNKEKLLNNGDK
WEAEIAANIQADYLYR
;
9
36 'polypeptide(L)' PFDNTTYKNLQHHDYSTYTFLDLNLDLSKFRMPQPSSGRESPRH a
37 'polypeptide(L)'
;GVRTSPTGEKVTHTGQVYDDEDYRRVRFVGRQKEVNENFAIDLIAEQPVSQVGSRVISCDGGGGALGHPRVYINLDKETK
TGTCGYCGLQFRQQH
;
b
38 'polypeptide(L)'
;TQLITVDEKLDITTLTGVPEEHIKTRKARIFVPARNNMQSGVNNTKKWKMEFDTRERWENPLMGWASTADPLSNLVLTFS
TKEDAIAFAEKNGWSYDVEERKVPKPKSKSYGANFSWNKRTRVSTK
;
c
39 'polypeptide(L)'
;MAAAVHLRVVRVLPMSRSSVPALAASVFHSPPQRQLHHAVIPHGKGGRSSVSGIVATVFGATGFLGRYLVNHLGRMGSQV
IVPYRCEPYDTMHLRPMGDLGQIIFMDWNGRDKDSIRRAVEHSNVVINLVGREWETKNFDFEDVFVKIPQAIAQVSKEAG
VEKFIHISHLNADIKSSSKYLRNKAVGEKEVRETFPEATIIKPADIFGREDRFLNYFANIRWFGGVPLISLGKKTVKQPV
YIVDVTKGIINAIKDPDARGKTFAFVGPNRYLLFDLVQYVFAVAHRPFLPYPMPHFAYRWIGRLFEISPFEPWTTRDKVE
RIHTTDRTLPHLPGLEDLGVQATPLELKAIEVLRRHRTYRWLSSEIEDVQPAKTVPASGP
;
d
40 'polypeptide(L)'
;LGLREIRIHLCQRSPGSQGVRDFIEKRYVELKKANPDLPILIRECSDVQPKLWARYAFGQEKNVSLNNFSADQVTRALEN
VLSSKA
;
e
41 'polypeptide(L)'
;LLKKTTGLVGLAVCETPHERLKILYTKILDVLGHIPKNAAYRKYTEQITNEKLSIVKAEPDVKKLEEQLQGGQIEEVILQ
AENELSLARKMIQWKPWEPLVEEPPASQWKWPI
;
f
42 'polypeptide(L)'
;TSVKPIFSRDMNEAKRRVRELYRAWYREVPNTVHLFQLDISVKQGRDKVREMFKKNAHVTDPRVVDLLVIKGKMELEETI
NVWKQRTHVMRFFHETEAPRPKDFLSKFYVGHDP
;
g
43 'polypeptide(L)'
;KM(AYA)SATRLIQGLRNWASGRDLQAKLQLRYQEISKRTQPPPKLPVGPSHRLSNNYYCARDGRREAMPPSIVMSSQKV
LVAGKPAESSAVAASEKKAVSPAPPIKRWELSQDEPYL
;
h
44 'polypeptide(L)'
;MELLQVLKRGLQQVSGHGGLRGYLRVLFRANDVRVGTLVGEDKYGNKYYEDNKQFFGRHRWVIYTTEMNGKNTFWDVDGS
MVPPEWHRWLHCMTDDPPTVKPPTARKFIWTNHKFNLSGTPQQYVPYSTTRKKIQEWVPPSTPYK
;
i
#
# COMPACT_ATOMS: atom_id res chain seq x y z
N MET A 1 34.34 8.90 48.55
CA MET A 1 33.67 8.53 49.80
C MET A 1 32.59 9.53 50.12
N ASN A 2 32.97 10.80 50.27
CA ASN A 2 31.99 11.84 50.51
C ASN A 2 31.10 12.07 49.30
N LEU A 3 31.64 11.83 48.10
CA LEU A 3 30.90 12.08 46.88
C LEU A 3 29.70 11.14 46.76
N MET A 4 29.91 9.84 46.99
CA MET A 4 28.79 8.92 46.90
C MET A 4 27.82 9.07 48.07
N ILE A 5 28.29 9.56 49.22
CA ILE A 5 27.36 9.93 50.29
C ILE A 5 26.45 11.07 49.84
N THR A 6 27.02 12.08 49.18
CA THR A 6 26.21 13.19 48.67
C THR A 6 25.26 12.72 47.57
N LEU A 7 25.73 11.81 46.70
CA LEU A 7 24.88 11.27 45.65
C LEU A 7 23.70 10.51 46.24
N LEU A 8 23.95 9.68 47.26
CA LEU A 8 22.88 8.95 47.91
C LEU A 8 21.91 9.87 48.61
N THR A 9 22.43 10.94 49.23
CA THR A 9 21.57 11.91 49.90
C THR A 9 20.66 12.63 48.90
N ASN A 10 21.21 13.04 47.76
CA ASN A 10 20.40 13.70 46.73
C ASN A 10 19.35 12.74 46.16
N PHE A 11 19.74 11.49 45.91
CA PHE A 11 18.79 10.50 45.38
C PHE A 11 17.67 10.22 46.36
N THR A 12 18.00 10.07 47.65
CA THR A 12 16.96 9.75 48.62
C THR A 12 16.09 10.96 48.92
N LEU A 13 16.63 12.18 48.84
CA LEU A 13 15.79 13.36 48.99
C LEU A 13 14.83 13.51 47.82
N ALA A 14 15.31 13.26 46.60
CA ALA A 14 14.45 13.33 45.43
C ALA A 14 13.36 12.26 45.48
N THR A 15 13.72 11.04 45.89
CA THR A 15 12.70 9.99 45.94
C THR A 15 11.74 10.20 47.10
N LEU A 16 12.19 10.84 48.18
CA LEU A 16 11.29 11.18 49.28
C LEU A 16 10.28 12.22 48.84
N LEU A 17 10.76 13.27 48.15
CA LEU A 17 9.87 14.32 47.65
C LEU A 17 8.88 13.76 46.63
N VAL A 18 9.33 12.87 45.76
CA VAL A 18 8.45 12.28 44.76
C VAL A 18 7.41 11.37 45.40
N THR A 19 7.81 10.60 46.42
CA THR A 19 6.86 9.74 47.13
C THR A 19 5.79 10.56 47.85
N ILE A 20 6.18 11.64 48.52
CA ILE A 20 5.20 12.50 49.17
C ILE A 20 4.32 13.21 48.14
N ALA A 21 4.89 13.58 46.99
CA ALA A 21 4.09 14.25 45.96
C ALA A 21 3.10 13.28 45.31
N PHE A 22 3.44 12.00 45.23
CA PHE A 22 2.51 11.03 44.66
C PHE A 22 1.44 10.62 45.66
N TRP A 23 1.86 10.05 46.78
CA TRP A 23 0.96 9.28 47.64
C TRP A 23 0.20 10.12 48.64
N LEU A 24 0.44 11.43 48.72
CA LEU A 24 -0.32 12.22 49.68
C LEU A 24 -1.75 12.52 49.20
N PRO A 25 -2.02 12.89 47.94
CA PRO A 25 -3.42 12.94 47.50
C PRO A 25 -4.05 11.57 47.33
N GLN A 26 -3.26 10.49 47.37
CA GLN A 26 -3.83 9.15 47.38
C GLN A 26 -4.62 8.89 48.65
N LEU A 27 -4.24 9.54 49.76
CA LEU A 27 -5.00 9.41 50.99
C LEU A 27 -6.33 10.16 50.92
N ASN A 28 -6.47 11.10 49.99
CA ASN A 28 -7.77 11.69 49.73
C ASN A 28 -8.66 10.71 48.95
N VAL A 29 -9.97 10.86 49.12
CA VAL A 29 -10.95 9.93 48.58
C VAL A 29 -11.89 10.69 47.66
N TYR A 30 -11.34 11.65 46.91
CA TYR A 30 -12.08 12.65 46.13
C TYR A 30 -13.24 12.11 45.30
N SER A 31 -12.94 11.29 44.29
CA SER A 31 -13.95 10.82 43.35
C SER A 31 -13.33 9.75 42.46
N GLU A 32 -14.19 9.13 41.66
CA GLU A 32 -13.79 8.20 40.62
C GLU A 32 -14.18 8.80 39.27
N LYS A 33 -13.22 8.89 38.36
CA LYS A 33 -13.40 9.60 37.10
C LYS A 33 -13.33 8.62 35.93
N THR A 34 -14.25 8.77 34.99
CA THR A 34 -14.36 7.85 33.86
C THR A 34 -13.47 8.27 32.69
N SER A 35 -13.59 9.53 32.25
CA SER A 35 -12.80 10.14 31.18
C SER A 35 -12.86 9.34 29.88
N PRO A 36 -13.99 9.37 29.15
CA PRO A 36 -14.20 8.60 27.93
C PRO A 36 -13.75 9.32 26.67
N ASP A 42 -4.67 14.72 23.15
CA ASP A 42 -4.04 14.85 21.84
C ASP A 42 -5.07 15.18 20.77
N PRO A 43 -4.73 16.11 19.87
CA PRO A 43 -5.64 16.40 18.73
C PRO A 43 -5.88 15.21 17.83
N MET A 44 -4.87 14.36 17.63
CA MET A 44 -5.05 13.14 16.84
C MET A 44 -5.60 12.04 17.74
N GLY A 45 -6.65 11.38 17.27
CA GLY A 45 -7.30 10.34 18.06
C GLY A 45 -6.50 9.07 18.18
N SER A 46 -6.28 8.39 17.06
CA SER A 46 -5.54 7.13 17.06
C SER A 46 -4.55 7.07 15.90
N ALA A 47 -4.05 8.22 15.46
CA ALA A 47 -3.14 8.25 14.33
C ALA A 47 -1.76 7.74 14.72
N ARG A 48 -1.12 7.02 13.80
CA ARG A 48 0.25 6.56 14.01
C ARG A 48 1.20 7.75 13.99
N LEU A 49 2.25 7.66 14.79
CA LEU A 49 3.30 8.67 14.80
C LEU A 49 3.97 8.73 13.44
N PRO A 50 3.96 9.87 12.74
CA PRO A 50 4.60 9.94 11.43
C PRO A 50 6.12 10.00 11.56
N PHE A 51 6.79 9.12 10.82
CA PHE A 51 8.25 9.04 10.88
C PHE A 51 8.82 10.21 10.08
N SER A 52 9.61 11.05 10.74
CA SER A 52 10.22 12.21 10.11
C SER A 52 11.72 12.01 10.01
N MET A 53 12.26 12.17 8.80
CA MET A 53 13.70 12.04 8.59
C MET A 53 14.47 13.23 9.13
N LYS A 54 13.80 14.36 9.35
CA LYS A 54 14.48 15.57 9.78
C LYS A 54 14.99 15.46 11.21
N PHE A 55 14.14 14.94 12.11
CA PHE A 55 14.54 14.77 13.50
C PHE A 55 15.64 13.73 13.65
N PHE A 56 15.55 12.63 12.88
CA PHE A 56 16.61 11.65 12.91
C PHE A 56 17.91 12.22 12.35
N LEU A 57 17.82 13.05 11.30
CA LEU A 57 19.01 13.64 10.71
C LEU A 57 19.69 14.59 11.68
N VAL A 58 18.93 15.42 12.39
CA VAL A 58 19.57 16.32 13.36
C VAL A 58 20.13 15.54 14.54
N ALA A 59 19.48 14.43 14.93
CA ALA A 59 20.03 13.59 16.00
C ALA A 59 21.37 12.98 15.60
N ILE A 60 21.48 12.45 14.38
CA ILE A 60 22.72 11.83 13.94
C ILE A 60 23.82 12.87 13.75
N THR A 61 23.46 14.06 13.24
CA THR A 61 24.43 15.14 13.12
C THR A 61 24.95 15.56 14.49
N PHE A 62 24.07 15.63 15.49
CA PHE A 62 24.51 15.91 16.86
C PHE A 62 25.46 14.83 17.36
N LEU A 63 25.15 13.55 17.08
CA LEU A 63 26.00 12.46 17.56
C LEU A 63 27.40 12.54 16.95
N LEU A 64 27.48 12.80 15.65
CA LEU A 64 28.79 12.87 14.99
C LEU A 64 29.59 14.07 15.46
N PHE A 65 28.92 15.22 15.64
CA PHE A 65 29.62 16.40 16.16
C PHE A 65 30.04 16.19 17.61
N ASP A 66 29.26 15.41 18.37
CA ASP A 66 29.63 15.06 19.74
C ASP A 66 30.86 14.17 19.77
N LEU A 67 30.98 13.26 18.79
CA LEU A 67 32.18 12.44 18.71
C LEU A 67 33.42 13.28 18.40
N GLU A 68 33.30 14.22 17.46
CA GLU A 68 34.46 15.08 17.19
C GLU A 68 34.73 16.04 18.35
N ILE A 69 33.71 16.35 19.16
CA ILE A 69 33.94 17.07 20.42
C ILE A 69 34.73 16.22 21.41
N ALA A 70 34.41 14.92 21.50
CA ALA A 70 35.20 14.03 22.34
C ALA A 70 36.64 13.97 21.89
N LEU A 71 36.87 14.07 20.58
CA LEU A 71 38.24 14.18 20.07
C LEU A 71 38.88 15.50 20.48
N LEU A 72 38.11 16.60 20.45
CA LEU A 72 38.67 17.92 20.74
C LEU A 72 38.91 18.18 22.22
N LEU A 73 38.31 17.38 23.10
CA LEU A 73 38.34 17.67 24.54
C LEU A 73 39.73 17.81 25.18
N PRO A 74 40.76 16.98 24.89
CA PRO A 74 42.01 17.13 25.66
C PRO A 74 42.93 18.26 25.23
N LEU A 75 42.43 19.25 24.49
CA LEU A 75 43.26 20.39 24.08
C LEU A 75 43.89 21.19 25.23
N PRO A 76 43.21 21.53 26.34
CA PRO A 76 43.92 22.24 27.42
C PRO A 76 45.10 21.48 28.00
N TRP A 77 45.01 20.15 28.11
CA TRP A 77 46.16 19.38 28.56
C TRP A 77 47.21 19.29 27.46
N ALA A 78 46.78 19.18 26.21
CA ALA A 78 47.70 18.96 25.10
C ALA A 78 48.47 20.22 24.71
N SER A 79 48.00 21.39 25.12
CA SER A 79 48.74 22.61 24.82
C SER A 79 50.04 22.74 25.60
N GLN A 80 50.26 21.89 26.61
CA GLN A 80 51.46 21.95 27.43
C GLN A 80 52.61 21.10 26.86
N THR A 81 52.43 20.52 25.69
CA THR A 81 53.47 19.71 25.10
C THR A 81 54.63 20.57 24.62
N THR A 82 55.78 19.94 24.46
CA THR A 82 56.92 20.63 23.86
C THR A 82 56.72 20.79 22.35
N ASN A 83 56.19 19.78 21.68
CA ASN A 83 55.94 19.84 20.24
C ASN A 83 54.72 20.72 19.98
N LEU A 84 54.94 22.04 20.03
CA LEU A 84 53.82 22.97 19.91
C LEU A 84 53.35 23.15 18.48
N ASN A 85 54.26 23.09 17.50
CA ASN A 85 53.85 23.23 16.10
C ASN A 85 52.96 22.07 15.66
N THR A 86 53.32 20.85 16.04
CA THR A 86 52.52 19.69 15.68
C THR A 86 51.16 19.72 16.36
N MET A 87 51.12 20.10 17.63
CA MET A 87 49.86 20.13 18.36
C MET A 87 48.94 21.21 17.80
N LEU A 88 49.52 22.38 17.46
CA LEU A 88 48.72 23.44 16.84
C LEU A 88 48.18 23.02 15.49
N THR A 89 49.01 22.35 14.68
CA THR A 89 48.56 21.89 13.37
C THR A 89 47.45 20.86 13.48
N MET A 90 47.60 19.91 14.42
CA MET A 90 46.57 18.88 14.59
C MET A 90 45.27 19.47 15.13
N ALA A 91 45.35 20.43 16.05
CA ALA A 91 44.15 21.06 16.57
C ALA A 91 43.42 21.84 15.48
N LEU A 92 44.16 22.63 14.69
CA LEU A 92 43.55 23.38 13.60
C LEU A 92 42.97 22.45 12.55
N LEU A 93 43.62 21.31 12.29
CA LEU A 93 43.10 20.35 11.33
C LEU A 93 41.80 19.72 11.84
N LEU A 94 41.72 19.42 13.13
CA LEU A 94 40.50 18.82 13.68
C LEU A 94 39.33 19.80 13.62
N ILE A 95 39.56 21.05 14.02
CA ILE A 95 38.46 22.02 13.96
C ILE A 95 38.11 22.37 12.52
N PHE A 96 39.10 22.31 11.61
CA PHE A 96 38.81 22.51 10.19
C PHE A 96 37.96 21.37 9.63
N LEU A 97 38.19 20.14 10.10
CA LEU A 97 37.35 19.03 9.68
C LEU A 97 35.93 19.18 10.22
N LEU A 98 35.79 19.68 11.45
CA LEU A 98 34.48 20.05 11.98
C LEU A 98 33.77 21.06 11.08
N ALA A 99 34.48 22.11 10.69
CA ALA A 99 33.91 23.14 9.82
C ALA A 99 33.55 22.58 8.45
N VAL A 100 34.36 21.66 7.91
CA VAL A 100 34.10 21.10 6.59
C VAL A 100 32.87 20.21 6.63
N SER A 101 32.71 19.42 7.70
CA SER A 101 31.50 18.61 7.84
C SER A 101 30.26 19.47 7.97
N LEU A 102 30.36 20.57 8.72
CA LEU A 102 29.24 21.51 8.82
C LEU A 102 28.91 22.13 7.46
N ALA A 103 29.94 22.49 6.68
CA ALA A 103 29.70 23.09 5.37
C ALA A 103 29.10 22.10 4.38
N TYR A 104 29.51 20.83 4.47
CA TYR A 104 28.91 19.81 3.61
C TYR A 104 27.45 19.57 3.97
N GLU A 105 27.13 19.59 5.26
CA GLU A 105 25.74 19.50 5.67
C GLU A 105 24.95 20.72 5.21
N TRP A 106 25.59 21.89 5.22
CA TRP A 106 24.94 23.14 4.81
C TRP A 106 24.61 23.13 3.32
N THR A 107 25.58 22.74 2.48
CA THR A 107 25.42 22.93 1.04
C THR A 107 24.45 21.92 0.42
N GLN A 108 24.42 20.69 0.94
CA GLN A 108 23.58 19.64 0.38
C GLN A 108 22.19 19.59 1.00
N LYS A 109 21.70 20.74 1.49
CA LYS A 109 20.35 20.90 2.05
C LYS A 109 20.11 20.00 3.26
N GLY A 110 21.16 19.69 4.01
CA GLY A 110 20.99 18.88 5.20
C GLY A 110 20.24 19.60 6.30
N LEU A 111 20.50 20.90 6.46
CA LEU A 111 19.84 21.71 7.48
C LEU A 111 18.66 22.46 6.87
N GLU A 112 17.66 21.69 6.43
CA GLU A 112 16.54 22.22 5.68
C GLU A 112 15.25 21.94 6.43
N TRP A 113 14.46 23.00 6.64
CA TRP A 113 13.18 23.09 7.36
C TRP A 113 13.34 22.91 8.86
N THR A 114 14.52 22.52 9.32
CA THR A 114 15.01 22.77 10.67
C THR A 114 16.41 23.31 10.42
N GLU A 115 16.51 24.60 10.13
CA GLU A 115 17.73 25.16 9.56
C GLU A 115 18.84 25.26 10.59
N MET B 1 29.29 15.11 60.28
CA MET B 1 29.76 16.48 60.05
C MET B 1 29.63 16.86 58.59
N PHE B 2 29.93 15.92 57.70
CA PHE B 2 29.80 16.19 56.28
C PHE B 2 28.33 16.26 55.86
N MET B 3 27.46 15.51 56.53
CA MET B 3 26.04 15.57 56.21
C MET B 3 25.44 16.93 56.54
N ILE B 4 26.01 17.63 57.52
CA ILE B 4 25.60 19.00 57.79
C ILE B 4 25.92 19.89 56.60
N ASN B 5 27.10 19.70 56.00
CA ASN B 5 27.48 20.44 54.80
C ASN B 5 26.55 20.13 53.63
N VAL B 6 26.20 18.85 53.45
CA VAL B 6 25.29 18.45 52.38
C VAL B 6 23.91 19.07 52.58
N LEU B 7 23.41 19.04 53.81
CA LEU B 7 22.07 19.56 54.10
C LEU B 7 22.02 21.08 53.94
N THR B 8 23.05 21.80 54.42
CA THR B 8 23.11 23.23 54.25
C THR B 8 23.43 23.64 52.82
N LEU B 9 23.86 22.70 51.98
CA LEU B 9 23.87 22.98 50.56
C LEU B 9 22.48 22.81 49.95
N ILE B 10 21.81 21.69 50.22
CA ILE B 10 20.66 21.33 49.42
C ILE B 10 19.34 21.96 49.88
N ILE B 11 19.20 22.32 51.16
CA ILE B 11 17.95 22.93 51.61
C ILE B 11 17.84 24.40 51.17
N PRO B 12 18.90 25.23 51.27
CA PRO B 12 18.79 26.57 50.68
C PRO B 12 18.58 26.60 49.17
N ILE B 13 18.89 25.53 48.45
CA ILE B 13 18.57 25.48 47.02
C ILE B 13 17.06 25.50 46.82
N LEU B 14 16.34 24.69 47.58
CA LEU B 14 14.88 24.66 47.48
C LEU B 14 14.27 25.97 47.96
N LEU B 15 14.83 26.55 49.04
CA LEU B 15 14.33 27.84 49.52
C LEU B 15 14.53 28.93 48.47
N ALA B 16 15.72 28.96 47.84
CA ALA B 16 15.99 29.94 46.80
C ALA B 16 15.13 29.71 45.57
N VAL B 17 14.77 28.46 45.28
CA VAL B 17 13.90 28.19 44.13
C VAL B 17 12.50 28.77 44.38
N ALA B 18 11.94 28.54 45.57
CA ALA B 18 10.62 29.08 45.88
C ALA B 18 10.62 30.61 45.86
N PHE B 19 11.64 31.22 46.44
CA PHE B 19 11.68 32.67 46.39
C PHE B 19 12.07 33.20 45.02
N LEU B 20 12.65 32.37 44.15
CA LEU B 20 12.83 32.76 42.76
C LEU B 20 11.50 32.83 42.03
N THR B 21 10.59 31.90 42.34
CA THR B 21 9.24 32.00 41.79
C THR B 21 8.59 33.31 42.21
N LEU B 22 8.67 33.64 43.50
CA LEU B 22 8.09 34.89 43.97
C LEU B 22 8.74 36.11 43.32
N VAL B 23 10.06 36.12 43.23
CA VAL B 23 10.79 37.25 42.68
C VAL B 23 10.47 37.44 41.20
N GLU B 24 10.36 36.33 40.46
CA GLU B 24 10.04 36.45 39.04
C GLU B 24 8.64 36.99 38.83
N ARG B 25 7.67 36.54 39.64
CA ARG B 25 6.32 37.08 39.53
C ARG B 25 6.30 38.58 39.83
N LYS B 26 6.99 38.99 40.88
CA LYS B 26 6.98 40.40 41.27
C LYS B 26 7.72 41.27 40.25
N VAL B 27 8.84 40.79 39.73
CA VAL B 27 9.66 41.57 38.79
C VAL B 27 8.94 41.71 37.46
N LEU B 28 8.32 40.62 36.98
CA LEU B 28 7.50 40.71 35.77
C LEU B 28 6.32 41.65 35.96
N GLY B 29 5.70 41.63 37.14
CA GLY B 29 4.62 42.56 37.41
C GLY B 29 5.08 44.00 37.36
N TYR B 30 6.19 44.31 38.03
CA TYR B 30 6.67 45.69 38.03
C TYR B 30 7.24 46.11 36.68
N MET B 31 7.61 45.15 35.83
CA MET B 31 8.05 45.47 34.48
C MET B 31 6.89 45.58 33.51
N GLN B 32 5.71 45.09 33.88
CA GLN B 32 4.51 45.22 33.05
C GLN B 32 3.54 46.24 33.64
N PHE B 33 4.08 47.28 34.28
CA PHE B 33 3.33 48.42 34.81
C PHE B 33 2.31 48.04 35.88
N ARG B 34 2.52 46.93 36.58
CA ARG B 34 1.59 46.52 37.62
C ARG B 34 2.35 46.05 38.85
N LYS B 35 1.67 45.38 39.77
CA LYS B 35 2.30 44.82 40.96
C LYS B 35 2.24 43.30 40.91
N GLY B 36 3.18 42.67 41.60
CA GLY B 36 3.12 41.24 41.81
C GLY B 36 2.25 40.96 43.02
N PRO B 37 2.30 39.74 43.54
CA PRO B 37 1.51 39.40 44.73
C PRO B 37 1.92 40.23 45.94
N ASN B 38 0.95 40.92 46.54
CA ASN B 38 1.19 41.67 47.76
C ASN B 38 0.05 41.52 48.76
N VAL B 39 -0.85 40.56 48.58
CA VAL B 39 -2.00 40.40 49.45
C VAL B 39 -1.85 39.20 50.38
N VAL B 40 -1.23 38.12 49.90
CA VAL B 40 -1.12 36.89 50.68
C VAL B 40 -0.22 37.09 51.90
N GLY B 41 0.81 37.91 51.79
CA GLY B 41 1.66 38.25 52.90
C GLY B 41 2.18 39.66 52.75
N PRO B 42 3.09 40.08 53.62
CA PRO B 42 3.71 41.39 53.44
C PRO B 42 4.60 41.41 52.22
N TYR B 43 4.17 42.12 51.18
CA TYR B 43 4.81 42.14 49.86
C TYR B 43 4.92 40.73 49.28
N GLY B 44 3.90 39.91 49.54
CA GLY B 44 3.83 38.59 48.96
C GLY B 44 4.82 37.59 49.47
N LEU B 45 5.35 37.80 50.68
CA LEU B 45 6.37 36.92 51.23
C LEU B 45 5.82 35.53 51.57
N LEU B 46 4.51 35.36 51.64
CA LEU B 46 3.90 34.09 51.97
C LEU B 46 3.31 33.37 50.75
N GLN B 47 3.51 33.93 49.55
CA GLN B 47 2.96 33.30 48.34
C GLN B 47 3.54 31.93 48.01
N PRO B 48 4.86 31.68 48.05
CA PRO B 48 5.34 30.32 47.75
C PRO B 48 4.84 29.25 48.70
N ILE B 49 4.64 29.59 49.98
CA ILE B 49 4.15 28.61 50.94
C ILE B 49 2.73 28.19 50.60
N ALA B 50 1.87 29.17 50.34
CA ALA B 50 0.47 28.88 49.97
C ALA B 50 0.40 28.11 48.66
N ASP B 51 1.21 28.50 47.69
CA ASP B 51 1.19 27.83 46.40
C ASP B 51 1.69 26.39 46.51
N ALA B 52 2.73 26.16 47.32
CA ALA B 52 3.25 24.81 47.51
C ALA B 52 2.23 23.92 48.21
N ILE B 53 1.56 24.42 49.25
CA ILE B 53 0.58 23.61 49.94
C ILE B 53 -0.61 23.29 49.03
N LYS B 54 -1.05 24.28 48.24
CA LYS B 54 -2.14 24.05 47.30
C LYS B 54 -1.76 23.00 46.26
N LEU B 55 -0.54 23.06 45.73
CA LEU B 55 -0.11 22.08 44.76
C LEU B 55 0.11 20.71 45.37
N PHE B 56 0.40 20.62 46.66
CA PHE B 56 0.59 19.33 47.29
C PHE B 56 -0.69 18.75 47.90
N ILE B 57 -1.81 19.47 47.85
CA ILE B 57 -3.09 18.85 48.19
C ILE B 57 -4.02 18.77 46.98
N LYS B 58 -3.51 18.99 45.77
CA LYS B 58 -4.29 18.91 44.55
C LYS B 58 -4.56 17.45 44.15
N GLU B 59 -5.71 17.22 43.53
CA GLU B 59 -6.04 15.91 43.00
C GLU B 59 -5.05 15.51 41.91
N PRO B 60 -4.57 14.26 41.93
CA PRO B 60 -3.71 13.79 40.84
C PRO B 60 -4.51 13.51 39.58
N LEU B 61 -3.80 13.54 38.46
CA LEU B 61 -4.45 13.31 37.18
C LEU B 61 -4.80 11.84 36.97
N ARG B 62 -3.97 10.93 37.52
CA ARG B 62 -4.06 9.48 37.38
C ARG B 62 -4.14 9.06 35.91
N PRO B 63 -3.05 9.16 35.17
CA PRO B 63 -3.10 8.88 33.73
C PRO B 63 -3.03 7.39 33.44
N ALA B 64 -3.34 7.04 32.20
CA ALA B 64 -3.13 5.69 31.70
C ALA B 64 -1.74 5.61 31.08
N THR B 65 -0.74 5.61 31.96
CA THR B 65 0.65 5.64 31.50
C THR B 65 1.05 4.32 30.89
N SER B 66 1.87 4.39 29.84
CA SER B 66 2.37 3.19 29.20
C SER B 66 3.38 2.47 30.09
N SER B 67 4.12 3.22 30.91
CA SER B 67 5.12 2.63 31.79
C SER B 67 5.14 3.44 33.08
N ILE B 68 4.73 2.82 34.19
CA ILE B 68 4.76 3.51 35.47
C ILE B 68 6.18 3.62 36.00
N SER B 69 7.11 2.80 35.50
CA SER B 69 8.48 2.82 35.97
C SER B 69 9.16 4.14 35.61
N MET B 70 9.20 4.46 34.31
CA MET B 70 9.82 5.72 33.93
C MET B 70 8.94 6.93 34.26
N PHE B 71 7.63 6.72 34.42
CA PHE B 71 6.78 7.76 34.96
C PHE B 71 7.22 8.17 36.36
N ILE B 72 7.58 7.20 37.19
CA ILE B 72 8.22 7.51 38.47
C ILE B 72 9.60 8.09 38.26
N LEU B 73 10.38 7.50 37.35
CA LEU B 73 11.82 7.76 37.30
C LEU B 73 12.18 9.13 36.73
N ALA B 74 11.31 9.72 35.91
CA ALA B 74 11.66 11.00 35.28
C ALA B 74 11.81 12.15 36.29
N PRO B 75 10.87 12.38 37.23
CA PRO B 75 11.14 13.42 38.24
C PRO B 75 12.29 13.06 39.17
N ILE B 76 12.53 11.77 39.42
CA ILE B 76 13.68 11.34 40.20
C ILE B 76 14.97 11.84 39.56
N LEU B 77 15.12 11.56 38.27
CA LEU B 77 16.31 11.97 37.55
C LEU B 77 16.42 13.48 37.45
N ALA B 78 15.29 14.17 37.22
CA ALA B 78 15.31 15.62 37.10
C ALA B 78 15.78 16.28 38.40
N LEU B 79 15.23 15.84 39.53
CA LEU B 79 15.61 16.44 40.81
C LEU B 79 17.03 16.06 41.23
N THR B 80 17.42 14.79 40.99
CA THR B 80 18.77 14.37 41.35
C THR B 80 19.83 15.10 40.53
N LEU B 81 19.58 15.26 39.22
CA LEU B 81 20.53 16.00 38.39
C LEU B 81 20.45 17.50 38.61
N ALA B 82 19.35 18.03 39.12
CA ALA B 82 19.33 19.44 39.48
C ALA B 82 20.11 19.70 40.75
N LEU B 83 20.05 18.77 41.71
CA LEU B 83 20.75 18.98 42.98
C LEU B 83 22.22 18.58 42.91
N THR B 84 22.59 17.66 42.02
CA THR B 84 23.95 17.16 41.98
C THR B 84 24.90 18.04 41.18
N MET B 85 24.40 19.06 40.51
CA MET B 85 25.23 19.98 39.74
C MET B 85 25.64 21.20 40.56
N TRP B 86 25.61 21.10 41.88
CA TRP B 86 26.04 22.17 42.76
C TRP B 86 27.30 21.82 43.55
N ILE B 87 27.63 20.55 43.67
CA ILE B 87 28.73 20.11 44.53
C ILE B 87 30.14 20.50 44.08
N PRO B 88 30.48 20.67 42.80
CA PRO B 88 31.81 21.23 42.51
C PRO B 88 31.85 22.73 42.34
N LEU B 89 30.77 23.44 42.62
CA LEU B 89 30.75 24.89 42.49
C LEU B 89 31.59 25.51 43.60
N PRO B 90 32.62 26.30 43.29
CA PRO B 90 33.39 26.97 44.33
C PRO B 90 32.61 28.15 44.88
N MET B 91 32.44 28.18 46.21
CA MET B 91 31.74 29.28 46.88
C MET B 91 32.47 29.81 48.12
N PRO B 92 33.79 30.12 48.02
CA PRO B 92 34.88 30.00 47.06
C PRO B 92 35.52 28.62 47.15
N TYR B 93 35.08 27.83 48.13
CA TYR B 93 35.54 26.46 48.32
C TYR B 93 34.43 25.49 47.95
N PRO B 94 34.63 24.64 46.95
CA PRO B 94 33.57 23.67 46.57
C PRO B 94 33.38 22.62 47.64
N LEU B 95 32.14 22.12 47.72
CA LEU B 95 31.82 21.04 48.65
C LEU B 95 32.57 19.76 48.28
N ILE B 96 32.61 19.43 47.00
CA ILE B 96 33.40 18.31 46.49
C ILE B 96 34.39 18.90 45.51
N ASN B 97 35.64 19.03 45.94
CA ASN B 97 36.68 19.57 45.07
C ASN B 97 37.04 18.51 44.03
N MET B 98 36.75 18.80 42.76
CA MET B 98 36.94 17.87 41.68
C MET B 98 38.05 18.38 40.77
N ASN B 99 38.91 17.46 40.33
CA ASN B 99 39.95 17.84 39.37
C ASN B 99 39.35 18.16 38.00
N LEU B 100 38.22 17.54 37.67
CA LEU B 100 37.56 17.70 36.39
C LEU B 100 36.11 18.11 36.58
N GLY B 101 35.89 19.12 37.43
CA GLY B 101 34.54 19.53 37.77
C GLY B 101 33.76 20.11 36.61
N VAL B 102 34.45 20.83 35.72
CA VAL B 102 33.80 21.43 34.56
C VAL B 102 33.23 20.35 33.63
N LEU B 103 34.04 19.32 33.36
CA LEU B 103 33.59 18.25 32.50
C LEU B 103 32.58 17.35 33.18
N PHE B 104 32.64 17.26 34.51
CA PHE B 104 31.59 16.59 35.28
C PHE B 104 30.25 17.31 35.13
N MET B 105 30.28 18.64 35.18
CA MET B 105 29.08 19.44 34.93
C MET B 105 28.55 19.23 33.52
N LEU B 106 29.46 19.17 32.54
CA LEU B 106 29.03 18.92 31.16
C LEU B 106 28.37 17.56 31.03
N ALA B 107 28.92 16.54 31.70
CA ALA B 107 28.34 15.21 31.68
C ALA B 107 26.94 15.20 32.28
N MET B 108 26.76 15.86 33.43
CA MET B 108 25.44 15.91 34.06
C MET B 108 24.43 16.66 33.20
N SER B 109 24.85 17.78 32.60
CA SER B 109 23.95 18.55 31.72
C SER B 109 23.55 17.74 30.49
N SER B 110 24.49 16.97 29.93
CA SER B 110 24.15 16.10 28.82
C SER B 110 23.22 14.98 29.25
N LEU B 111 23.36 14.50 30.48
CA LEU B 111 22.51 13.44 30.99
C LEU B 111 21.11 13.93 31.34
N ALA B 112 20.91 15.25 31.47
CA ALA B 112 19.64 15.80 31.92
C ALA B 112 18.47 15.61 30.95
N VAL B 113 18.68 15.21 29.69
CA VAL B 113 17.57 15.15 28.74
C VAL B 113 16.74 13.88 28.87
N TYR B 114 17.18 12.91 29.66
CA TYR B 114 16.42 11.67 29.81
C TYR B 114 15.12 11.91 30.56
N SER B 115 15.06 12.93 31.41
CA SER B 115 13.80 13.27 32.05
C SER B 115 12.75 13.70 31.03
N ILE B 116 13.16 14.52 30.06
CA ILE B 116 12.25 14.94 28.99
C ILE B 116 11.84 13.75 28.15
N LEU B 117 12.81 12.89 27.79
CA LEU B 117 12.51 11.74 26.94
C LEU B 117 11.56 10.77 27.61
N TRP B 118 11.80 10.45 28.88
CA TRP B 118 10.96 9.49 29.59
C TRP B 118 9.60 10.07 29.94
N SER B 119 9.53 11.38 30.24
CA SER B 119 8.24 12.00 30.50
C SER B 119 7.40 12.04 29.23
N GLY B 120 8.03 12.28 28.08
CA GLY B 120 7.31 12.23 26.82
C GLY B 120 6.84 10.84 26.46
N TRP B 121 7.68 9.82 26.70
CA TRP B 121 7.29 8.47 26.33
C TRP B 121 6.27 7.87 27.29
N ALA B 122 6.30 8.25 28.56
CA ALA B 122 5.40 7.66 29.53
C ALA B 122 3.95 8.11 29.30
N SER B 123 3.76 9.36 28.91
CA SER B 123 2.42 9.84 28.58
C SER B 123 1.93 9.19 27.30
N ASN B 124 0.66 8.81 27.29
CA ASN B 124 0.10 8.11 26.13
C ASN B 124 -0.14 9.01 24.94
N SER B 125 -0.16 10.32 25.13
CA SER B 125 -0.44 11.25 24.05
C SER B 125 0.70 11.28 23.05
N LYS B 126 0.37 11.14 21.76
CA LYS B 126 1.40 11.19 20.73
C LYS B 126 1.88 12.61 20.49
N TYR B 127 1.01 13.60 20.65
CA TYR B 127 1.44 14.99 20.50
C TYR B 127 2.40 15.39 21.61
N ALA B 128 2.20 14.84 22.82
CA ALA B 128 3.16 15.04 23.90
C ALA B 128 4.50 14.43 23.55
N LEU B 129 4.49 13.25 22.91
CA LEU B 129 5.73 12.62 22.48
C LEU B 129 6.44 13.46 21.42
N ILE B 130 5.68 14.05 20.49
CA ILE B 130 6.28 14.89 19.45
C ILE B 130 6.91 16.14 20.07
N GLY B 131 6.20 16.76 21.02
CA GLY B 131 6.77 17.91 21.71
C GLY B 131 8.02 17.57 22.49
N ALA B 132 8.03 16.39 23.12
CA ALA B 132 9.23 15.94 23.84
C ALA B 132 10.40 15.71 22.90
N LEU B 133 10.14 15.13 21.72
CA LEU B 133 11.21 14.88 20.76
C LEU B 133 11.79 16.19 20.25
N ARG B 134 10.94 17.18 19.98
CA ARG B 134 11.43 18.49 19.55
C ARG B 134 12.25 19.17 20.62
N ALA B 135 11.79 19.09 21.88
CA ALA B 135 12.55 19.69 22.98
C ALA B 135 13.89 19.01 23.17
N VAL B 136 13.93 17.68 23.04
CA VAL B 136 15.18 16.94 23.17
C VAL B 136 16.16 17.32 22.07
N ALA B 137 15.66 17.47 20.84
CA ALA B 137 16.53 17.86 19.73
C ALA B 137 17.11 19.26 19.94
N GLN B 138 16.29 20.20 20.40
CA GLN B 138 16.80 21.54 20.70
C GLN B 138 17.84 21.51 21.81
N THR B 139 17.58 20.70 22.85
CA THR B 139 18.48 20.63 24.00
C THR B 139 19.84 20.07 23.62
N ILE B 140 19.88 18.98 22.84
CA ILE B 140 21.17 18.41 22.45
C ILE B 140 21.90 19.32 21.47
N SER B 141 21.13 19.98 20.57
CA SER B 141 21.76 20.87 19.60
C SER B 141 22.39 22.07 20.28
N TYR B 142 21.89 22.48 21.44
CA TYR B 142 22.56 23.53 22.19
C TYR B 142 23.62 23.00 23.15
N GLU B 143 23.55 21.71 23.54
CA GLU B 143 24.68 21.05 24.19
C GLU B 143 25.94 21.14 23.37
N VAL B 144 25.80 21.05 22.04
CA VAL B 144 26.99 21.12 21.17
C VAL B 144 27.74 22.43 21.36
N THR B 145 27.03 23.56 21.28
CA THR B 145 27.70 24.84 21.42
C THR B 145 28.12 25.12 22.86
N LEU B 146 27.40 24.59 23.84
CA LEU B 146 27.88 24.65 25.22
C LEU B 146 29.25 24.02 25.35
N ALA B 147 29.42 22.83 24.78
CA ALA B 147 30.70 22.13 24.86
C ALA B 147 31.82 22.89 24.15
N ILE B 148 31.55 23.39 22.93
CA ILE B 148 32.61 24.10 22.21
C ILE B 148 33.01 25.39 22.92
N ILE B 149 32.02 26.13 23.43
CA ILE B 149 32.31 27.39 24.12
C ILE B 149 33.11 27.13 25.40
N LEU B 150 32.72 26.11 26.17
CA LEU B 150 33.44 25.80 27.40
C LEU B 150 34.86 25.36 27.11
N LEU B 151 35.04 24.56 26.06
CA LEU B 151 36.38 24.12 25.65
C LEU B 151 37.25 25.31 25.26
N SER B 152 36.68 26.27 24.51
CA SER B 152 37.48 27.40 24.06
C SER B 152 37.77 28.38 25.18
N VAL B 153 36.86 28.50 26.16
CA VAL B 153 37.10 29.39 27.29
C VAL B 153 38.18 28.81 28.20
N LEU B 154 38.17 27.48 28.38
CA LEU B 154 39.10 26.82 29.29
C LEU B 154 40.56 26.92 28.86
N LEU B 155 40.84 27.31 27.61
CA LEU B 155 42.21 27.44 27.15
C LEU B 155 42.95 28.60 27.82
N MET B 156 42.23 29.56 28.39
CA MET B 156 42.84 30.59 29.22
C MET B 156 43.00 30.14 30.68
N ASN B 157 42.38 29.04 31.07
CA ASN B 157 42.45 28.55 32.44
C ASN B 157 43.60 27.56 32.62
N GLY B 158 43.70 26.57 31.74
CA GLY B 158 44.78 25.60 31.78
C GLY B 158 44.39 24.24 32.32
N SER B 159 43.23 24.12 32.95
CA SER B 159 42.77 22.83 33.46
C SER B 159 41.26 22.88 33.54
N PHE B 160 40.66 21.76 33.92
CA PHE B 160 39.22 21.64 34.07
C PHE B 160 38.77 21.96 35.49
N THR B 161 39.67 22.34 36.38
CA THR B 161 39.34 22.57 37.78
C THR B 161 38.60 23.89 37.93
N LEU B 162 37.49 23.86 38.67
CA LEU B 162 36.67 25.05 38.86
C LEU B 162 37.28 26.04 39.84
N SER B 163 38.12 25.58 40.76
CA SER B 163 38.72 26.49 41.74
C SER B 163 39.82 27.34 41.12
N THR B 164 40.50 26.82 40.09
CA THR B 164 41.51 27.60 39.39
C THR B 164 40.90 28.75 38.59
N LEU B 165 39.60 28.66 38.29
CA LEU B 165 38.90 29.70 37.56
C LEU B 165 38.84 31.00 38.34
N ILE B 166 38.89 30.94 39.67
CA ILE B 166 39.05 32.14 40.47
C ILE B 166 40.45 32.71 40.31
N ILE B 167 41.46 31.84 40.29
CA ILE B 167 42.85 32.27 40.22
C ILE B 167 43.15 32.93 38.89
N THR B 168 42.52 32.45 37.81
CA THR B 168 42.75 33.01 36.49
C THR B 168 42.28 34.46 36.41
N GLN B 169 41.11 34.75 36.99
CA GLN B 169 40.53 36.09 36.98
C GLN B 169 40.97 36.94 38.16
N GLU B 170 42.15 36.64 38.73
CA GLU B 170 42.65 37.46 39.83
C GLU B 170 43.05 38.85 39.37
N GLN B 171 43.37 39.01 38.08
CA GLN B 171 43.77 40.29 37.53
C GLN B 171 42.59 41.04 36.93
N VAL B 172 41.94 40.43 35.94
CA VAL B 172 40.84 41.06 35.21
C VAL B 172 39.75 40.01 34.99
N TRP B 173 38.54 40.50 34.70
CA TRP B 173 37.43 39.62 34.41
C TRP B 173 37.65 38.89 33.09
N LEU B 174 37.14 37.67 33.00
CA LEU B 174 37.29 36.89 31.79
C LEU B 174 36.31 37.31 30.71
N ILE B 175 35.38 38.21 31.00
CA ILE B 175 34.51 38.74 29.95
C ILE B 175 35.23 39.77 29.10
N PHE B 176 36.40 40.27 29.54
CA PHE B 176 37.15 41.18 28.69
C PHE B 176 37.83 40.48 27.52
N PRO B 177 38.56 39.37 27.68
CA PRO B 177 39.15 38.74 26.49
C PRO B 177 38.23 37.78 25.75
N ALA B 178 37.05 37.45 26.29
CA ALA B 178 36.19 36.47 25.66
C ALA B 178 34.73 36.92 25.69
N TRP B 179 34.48 38.19 25.36
CA TRP B 179 33.09 38.63 25.34
C TRP B 179 32.21 38.03 24.23
N PRO B 180 32.69 37.74 23.01
CA PRO B 180 31.77 37.05 22.07
C PRO B 180 31.40 35.66 22.54
N LEU B 181 32.36 34.95 23.15
CA LEU B 181 32.06 33.68 23.78
C LEU B 181 31.11 33.87 24.95
N ALA B 182 31.20 34.99 25.66
CA ALA B 182 30.29 35.25 26.77
C ALA B 182 28.87 35.46 26.28
N MET B 183 28.68 36.21 25.19
CA MET B 183 27.35 36.42 24.64
C MET B 183 26.76 35.11 24.11
N MET B 184 27.55 34.35 23.35
CA MET B 184 27.06 33.09 22.82
C MET B 184 26.79 32.08 23.93
N TRP B 185 27.62 32.07 24.98
CA TRP B 185 27.39 31.21 26.12
C TRP B 185 26.13 31.58 26.86
N PHE B 186 25.86 32.87 27.02
CA PHE B 186 24.66 33.30 27.72
C PHE B 186 23.41 32.91 26.95
N ILE B 187 23.41 33.10 25.63
CA ILE B 187 22.25 32.71 24.84
C ILE B 187 22.09 31.19 24.82
N SER B 188 23.21 30.46 24.78
CA SER B 188 23.13 29.00 24.77
C SER B 188 22.66 28.44 26.10
N THR B 189 23.02 29.07 27.22
CA THR B 189 22.48 28.63 28.50
C THR B 189 21.03 29.05 28.66
N LEU B 190 20.63 30.16 28.05
CA LEU B 190 19.23 30.57 28.05
C LEU B 190 18.37 29.57 27.29
N ALA B 191 18.84 29.09 26.13
CA ALA B 191 18.15 28.06 25.38
C ALA B 191 18.38 26.67 25.96
N GLU B 192 19.35 26.51 26.84
CA GLU B 192 19.63 25.20 27.44
C GLU B 192 18.58 24.81 28.47
N THR B 193 18.16 25.76 29.29
CA THR B 193 17.20 25.50 30.36
C THR B 193 15.76 25.69 29.91
N ASN B 194 15.54 25.84 28.60
CA ASN B 194 14.21 25.99 27.99
C ASN B 194 13.49 27.21 28.56
N ARG B 195 14.07 28.37 28.31
CA ARG B 195 13.54 29.64 28.79
C ARG B 195 13.33 30.59 27.63
N ALA B 196 12.51 31.62 27.86
CA ALA B 196 12.13 32.54 26.79
C ALA B 196 13.34 33.34 26.32
N PRO B 197 13.47 33.58 25.01
CA PRO B 197 12.55 33.27 23.92
C PRO B 197 12.76 31.91 23.25
N PHE B 198 13.00 30.86 24.03
CA PHE B 198 13.19 29.52 23.51
C PHE B 198 12.25 28.50 24.14
N ASP B 199 11.31 28.93 24.99
CA ASP B 199 10.40 28.01 25.66
C ASP B 199 9.24 27.66 24.74
N LEU B 200 9.54 26.77 23.79
CA LEU B 200 8.59 26.42 22.75
C LEU B 200 7.43 25.58 23.26
N THR B 201 7.62 24.86 24.37
CA THR B 201 6.57 23.98 24.89
C THR B 201 5.37 24.75 25.43
N GLU B 202 5.54 26.04 25.74
CA GLU B 202 4.42 26.88 26.15
C GLU B 202 3.75 27.58 24.98
N GLY B 203 4.28 27.43 23.77
CA GLY B 203 3.73 28.08 22.58
C GLY B 203 3.13 27.08 21.63
N GLU B 204 2.16 27.54 20.84
CA GLU B 204 1.50 26.68 19.86
C GLU B 204 1.85 27.12 18.45
N SER B 209 1.93 21.07 22.72
CA SER B 209 1.75 20.28 23.92
C SER B 209 3.08 20.05 24.64
N GLY B 210 3.08 20.24 25.95
CA GLY B 210 4.29 20.02 26.72
C GLY B 210 4.62 18.55 26.86
N PHE B 211 5.83 18.28 27.34
CA PHE B 211 6.27 16.91 27.53
C PHE B 211 5.70 16.27 28.80
N ASN B 212 5.13 17.06 29.70
CA ASN B 212 4.58 16.56 30.95
C ASN B 212 3.13 16.98 31.15
N VAL B 213 2.33 16.84 30.08
CA VAL B 213 0.92 17.25 30.16
C VAL B 213 0.14 16.30 31.06
N GLU B 214 0.46 15.01 31.03
CA GLU B 214 -0.27 14.03 31.83
C GLU B 214 0.27 13.90 33.25
N TYR B 215 1.36 14.58 33.59
CA TYR B 215 1.89 14.50 34.94
C TYR B 215 0.99 15.23 35.93
N ALA B 216 0.96 14.71 37.17
CA ALA B 216 0.14 15.31 38.21
C ALA B 216 0.73 16.64 38.66
N ALA B 217 -0.06 17.38 39.45
CA ALA B 217 0.34 18.72 39.87
C ALA B 217 1.58 18.71 40.74
N GLY B 218 1.70 17.72 41.63
CA GLY B 218 2.87 17.54 42.45
C GLY B 218 4.14 17.28 41.66
N PRO B 219 4.15 16.22 40.84
CA PRO B 219 5.29 16.01 39.95
C PRO B 219 5.56 17.13 38.96
N PHE B 220 4.51 17.84 38.51
CA PHE B 220 4.74 19.03 37.68
C PHE B 220 5.48 20.09 38.46
N ALA B 221 5.12 20.27 39.74
CA ALA B 221 5.83 21.22 40.59
C ALA B 221 7.27 20.78 40.81
N LEU B 222 7.50 19.48 40.93
CA LEU B 222 8.87 18.97 41.08
C LEU B 222 9.70 19.23 39.83
N PHE B 223 9.11 19.01 38.65
CA PHE B 223 9.78 19.32 37.40
C PHE B 223 10.12 20.79 37.28
N PHE B 224 9.17 21.66 37.65
CA PHE B 224 9.37 23.09 37.56
C PHE B 224 10.42 23.57 38.56
N MET B 225 10.44 22.99 39.75
CA MET B 225 11.46 23.29 40.75
C MET B 225 12.84 22.87 40.26
N ALA B 226 12.93 21.70 39.61
CA ALA B 226 14.21 21.27 39.03
C ALA B 226 14.67 22.24 37.94
N GLU B 227 13.74 22.73 37.13
CA GLU B 227 14.09 23.69 36.09
C GLU B 227 14.61 24.99 36.68
N TYR B 228 14.00 25.47 37.76
CA TYR B 228 14.45 26.72 38.36
C TYR B 228 15.80 26.56 39.05
N ALA B 229 16.02 25.39 39.67
CA ALA B 229 17.34 25.09 40.22
C ALA B 229 18.39 25.05 39.13
N ASN B 230 18.03 24.51 37.96
CA ASN B 230 18.93 24.54 36.81
C ASN B 230 19.25 25.97 36.38
N ILE B 231 18.26 26.86 36.42
CA ILE B 231 18.48 28.25 36.05
C ILE B 231 19.48 28.92 36.99
N ILE B 232 19.27 28.73 38.30
CA ILE B 232 20.18 29.35 39.29
C ILE B 232 21.58 28.79 39.16
N MET B 233 21.68 27.47 38.99
CA MET B 233 22.99 26.83 38.82
C MET B 233 23.72 27.34 37.59
N MET B 234 23.01 27.47 36.46
CA MET B 234 23.65 27.95 35.24
C MET B 234 24.12 29.39 35.39
N ASN B 235 23.33 30.23 36.07
CA ASN B 235 23.76 31.61 36.26
C ASN B 235 24.97 31.71 37.18
N ILE B 236 25.04 30.85 38.20
CA ILE B 236 26.20 30.82 39.07
C ILE B 236 27.44 30.34 38.31
N PHE B 237 27.25 29.34 37.44
CA PHE B 237 28.35 28.86 36.60
C PHE B 237 28.85 29.93 35.64
N THR B 238 27.92 30.69 35.06
CA THR B 238 28.31 31.79 34.16
C THR B 238 29.06 32.87 34.91
N THR B 239 28.61 33.19 36.13
CA THR B 239 29.31 34.17 36.95
C THR B 239 30.72 33.71 37.29
N THR B 240 30.88 32.43 37.63
CA THR B 240 32.21 31.90 37.92
C THR B 240 33.09 31.93 36.68
N LEU B 241 32.52 31.63 35.52
CA LEU B 241 33.32 31.56 34.29
C LEU B 241 33.79 32.95 33.85
N PHE B 242 32.89 33.92 33.82
CA PHE B 242 33.19 35.17 33.13
C PHE B 242 33.30 36.39 34.04
N LEU B 243 32.78 36.33 35.26
CA LEU B 243 32.72 37.48 36.15
C LEU B 243 33.31 37.12 37.51
N GLY B 244 34.52 36.56 37.49
CA GLY B 244 35.14 36.10 38.73
C GLY B 244 35.42 37.23 39.69
N ALA B 245 35.29 36.93 40.97
CA ALA B 245 35.35 37.92 42.03
C ALA B 245 36.67 37.82 42.79
N PHE B 246 36.93 38.83 43.62
CA PHE B 246 38.12 38.88 44.44
C PHE B 246 37.94 38.00 45.67
N HIS B 247 38.86 37.05 45.85
CA HIS B 247 38.76 36.06 46.92
C HIS B 247 39.92 36.26 47.89
N ASN B 248 39.60 36.71 49.09
CA ASN B 248 40.57 36.80 50.17
C ASN B 248 40.61 35.46 50.88
N PRO B 249 41.77 34.79 50.97
CA PRO B 249 41.82 33.48 51.64
C PRO B 249 41.54 33.55 53.13
N TYR B 250 41.62 34.72 53.76
CA TYR B 250 41.28 34.84 55.16
C TYR B 250 39.83 35.24 55.39
N MET B 251 39.18 35.83 54.39
CA MET B 251 37.78 36.22 54.46
C MET B 251 37.05 35.66 53.25
N PRO B 252 36.52 34.43 53.34
CA PRO B 252 35.74 33.88 52.22
C PRO B 252 34.39 34.55 52.02
N GLU B 253 33.89 35.26 53.04
CA GLU B 253 32.59 35.90 52.95
C GLU B 253 32.58 36.99 51.89
N LEU B 254 33.74 37.60 51.61
CA LEU B 254 33.83 38.60 50.56
C LEU B 254 33.50 38.00 49.19
N TYR B 255 34.12 36.85 48.88
CA TYR B 255 33.82 36.17 47.62
C TYR B 255 32.38 35.68 47.59
N THR B 256 31.89 35.18 48.73
CA THR B 256 30.52 34.66 48.77
C THR B 256 29.50 35.76 48.48
N ILE B 257 29.66 36.91 49.13
CA ILE B 257 28.76 38.04 48.91
C ILE B 257 28.89 38.56 47.48
N ASN B 258 30.11 38.65 46.96
CA ASN B 258 30.33 39.20 45.63
C ASN B 258 29.70 38.32 44.54
N PHE B 259 29.97 37.02 44.57
CA PHE B 259 29.40 36.20 43.50
C PHE B 259 27.92 35.98 43.71
N THR B 260 27.42 36.05 44.95
CA THR B 260 25.98 36.00 45.17
C THR B 260 25.28 37.18 44.52
N ILE B 261 25.85 38.38 44.68
CA ILE B 261 25.29 39.57 44.06
C ILE B 261 25.32 39.43 42.53
N LYS B 262 26.45 39.00 41.98
CA LYS B 262 26.58 38.90 40.53
C LYS B 262 25.63 37.85 39.94
N SER B 263 25.50 36.70 40.60
CA SER B 263 24.61 35.66 40.09
C SER B 263 23.15 36.04 40.23
N LEU B 264 22.79 36.76 41.29
CA LEU B 264 21.42 37.27 41.41
C LEU B 264 21.13 38.27 40.31
N LEU B 265 22.11 39.11 39.97
CA LEU B 265 21.91 40.06 38.87
C LEU B 265 21.75 39.34 37.54
N LEU B 266 22.51 38.26 37.34
CA LEU B 266 22.38 37.48 36.10
C LEU B 266 21.03 36.77 36.01
N SER B 267 20.52 36.26 37.13
CA SER B 267 19.20 35.62 37.12
C SER B 267 18.09 36.65 36.90
N ILE B 268 18.24 37.84 37.48
CA ILE B 268 17.30 38.91 37.19
C ILE B 268 17.38 39.32 35.73
N THR B 269 18.57 39.22 35.12
CA THR B 269 18.69 39.45 33.68
C THR B 269 17.97 38.37 32.88
N PHE B 270 17.97 37.12 33.37
CA PHE B 270 17.15 36.07 32.76
C PHE B 270 15.67 36.45 32.75
N LEU B 271 15.16 36.90 33.90
CA LEU B 271 13.76 37.30 33.98
C LEU B 271 13.48 38.55 33.16
N TRP B 272 14.47 39.43 33.03
CA TRP B 272 14.38 40.62 32.19
C TRP B 272 14.29 40.24 30.72
N ILE B 273 15.06 39.22 30.31
CA ILE B 273 15.01 38.71 28.94
C ILE B 273 13.65 38.11 28.64
N ARG B 274 13.10 37.34 29.59
CA ARG B 274 11.87 36.58 29.33
C ARG B 274 10.64 37.46 29.10
N ALA B 275 10.71 38.75 29.40
CA ALA B 275 9.58 39.66 29.25
C ALA B 275 9.93 40.83 28.34
N SER B 276 10.64 40.57 27.25
CA SER B 276 10.98 41.63 26.32
C SER B 276 10.75 41.26 24.87
N TYR B 277 10.82 39.97 24.55
CA TYR B 277 10.88 39.53 23.17
C TYR B 277 9.84 38.47 22.88
N PRO B 278 9.40 38.37 21.62
CA PRO B 278 8.55 37.24 21.24
C PRO B 278 9.35 35.95 21.15
N ARG B 279 8.61 34.84 21.13
CA ARG B 279 9.24 33.54 21.02
C ARG B 279 9.73 33.28 19.60
N PHE B 280 10.74 32.43 19.50
CA PHE B 280 11.25 31.95 18.23
C PHE B 280 10.34 30.83 17.70
N ARG B 281 10.41 30.62 16.40
CA ARG B 281 9.92 29.38 15.85
C ARG B 281 10.97 28.30 16.05
N TYR B 282 10.58 27.04 15.79
CA TYR B 282 11.53 25.94 15.93
C TYR B 282 12.64 26.04 14.89
N ASP B 283 12.27 26.22 13.62
CA ASP B 283 13.27 26.34 12.57
C ASP B 283 14.08 27.62 12.71
N GLN B 284 13.51 28.66 13.31
CA GLN B 284 14.26 29.90 13.49
C GLN B 284 15.39 29.72 14.50
N LEU B 285 15.14 29.02 15.60
CA LEU B 285 16.22 28.78 16.55
C LEU B 285 17.20 27.74 16.05
N MET B 286 16.74 26.76 15.26
CA MET B 286 17.67 25.84 14.61
C MET B 286 18.58 26.59 13.64
N HIS B 287 18.02 27.57 12.92
CA HIS B 287 18.83 28.42 12.04
C HIS B 287 19.81 29.26 12.84
N LEU B 288 19.35 29.79 13.98
CA LEU B 288 20.21 30.61 14.84
C LEU B 288 21.37 29.81 15.39
N LEU B 289 21.18 28.51 15.60
CA LEU B 289 22.23 27.68 16.17
C LEU B 289 23.15 27.11 15.10
N TRP B 290 22.60 26.33 14.16
CA TRP B 290 23.44 25.58 13.24
C TRP B 290 24.07 26.46 12.18
N LYS B 291 23.52 27.66 11.95
CA LYS B 291 23.99 28.50 10.86
C LYS B 291 24.50 29.85 11.31
N ASN B 292 24.30 30.24 12.57
CA ASN B 292 24.85 31.48 13.10
C ASN B 292 25.83 31.23 14.25
N PHE B 293 25.40 30.49 15.27
CA PHE B 293 26.24 30.31 16.45
C PHE B 293 27.39 29.36 16.19
N LEU B 294 27.13 28.25 15.50
CA LEU B 294 28.16 27.22 15.32
C LEU B 294 29.37 27.67 14.52
N PRO B 295 29.24 28.31 13.34
CA PRO B 295 30.46 28.74 12.64
C PRO B 295 31.29 29.75 13.40
N LEU B 296 30.66 30.70 14.09
CA LEU B 296 31.42 31.67 14.86
C LEU B 296 32.04 31.04 16.09
N THR B 297 31.36 30.05 16.68
CA THR B 297 31.94 29.30 17.79
C THR B 297 33.17 28.52 17.34
N LEU B 298 33.12 27.91 16.15
CA LEU B 298 34.28 27.20 15.63
C LEU B 298 35.44 28.14 15.33
N ALA B 299 35.13 29.29 14.71
CA ALA B 299 36.17 30.27 14.41
C ALA B 299 36.83 30.80 15.68
N LEU B 300 36.02 31.11 16.70
CA LEU B 300 36.57 31.60 17.95
C LEU B 300 37.30 30.50 18.72
N CYS B 301 36.90 29.24 18.54
CA CYS B 301 37.63 28.13 19.13
C CYS B 301 39.02 28.00 18.51
N MET B 302 39.11 28.10 17.19
CA MET B 302 40.42 28.07 16.55
C MET B 302 41.26 29.27 16.95
N TRP B 303 40.62 30.44 17.08
CA TRP B 303 41.34 31.64 17.51
C TRP B 303 41.88 31.50 18.93
N HIS B 304 41.11 30.90 19.83
CA HIS B 304 41.55 30.78 21.21
C HIS B 304 42.42 29.54 21.45
N VAL B 305 42.51 28.63 20.49
CA VAL B 305 43.62 27.67 20.52
C VAL B 305 44.92 28.34 20.08
N SER B 306 44.88 29.01 18.93
CA SER B 306 46.12 29.54 18.36
C SER B 306 46.59 30.82 19.01
N LEU B 307 45.78 31.45 19.86
CA LEU B 307 46.19 32.74 20.44
C LEU B 307 47.21 32.62 21.56
N PRO B 308 47.05 31.79 22.61
CA PRO B 308 48.05 31.79 23.68
C PRO B 308 49.41 31.29 23.25
N ILE B 309 49.50 30.56 22.13
CA ILE B 309 50.80 30.17 21.60
C ILE B 309 51.55 31.37 21.06
N LEU B 310 50.85 32.21 20.28
CA LEU B 310 51.48 33.37 19.66
C LEU B 310 51.69 34.53 20.63
N LEU B 311 51.16 34.43 21.84
CA LEU B 311 51.34 35.47 22.85
C LEU B 311 52.27 35.06 23.97
N SER B 312 52.79 33.82 23.93
CA SER B 312 53.64 33.25 24.99
C SER B 312 52.93 33.32 26.34
N SER B 313 51.67 32.90 26.35
CA SER B 313 50.81 33.02 27.52
C SER B 313 50.06 31.73 27.77
N ILE B 314 50.75 30.59 27.69
CA ILE B 314 50.13 29.31 28.00
C ILE B 314 49.90 29.27 29.51
N PRO B 315 48.67 29.05 29.96
CA PRO B 315 48.43 28.96 31.40
C PRO B 315 49.07 27.72 31.98
N PRO B 316 49.45 27.74 33.26
CA PRO B 316 50.08 26.57 33.86
C PRO B 316 49.12 25.40 33.96
N GLN B 317 49.68 24.20 33.77
CA GLN B 317 48.88 22.97 33.81
C GLN B 317 48.31 22.73 35.20
N THR B 318 49.09 23.00 36.23
CA THR B 318 48.68 22.75 37.61
C THR B 318 48.36 24.06 38.32
N MET C 1 33.95 -5.72 53.73
CA MET C 1 33.16 -5.73 52.50
C MET C 1 33.40 -4.47 51.68
N MET C 2 33.99 -3.46 52.31
CA MET C 2 34.27 -2.22 51.60
C MET C 2 35.48 -2.34 50.68
N THR C 3 36.36 -3.31 50.95
CA THR C 3 37.49 -3.57 50.06
C THR C 3 37.06 -4.24 48.76
N TYR C 4 35.84 -4.77 48.72
CA TYR C 4 35.31 -5.46 47.55
C TYR C 4 34.38 -4.56 46.72
N ILE C 5 34.61 -3.25 46.73
CA ILE C 5 33.67 -2.33 46.12
C ILE C 5 33.68 -2.46 44.60
N VAL C 6 34.86 -2.60 44.00
CA VAL C 6 34.95 -2.77 42.56
C VAL C 6 34.37 -4.11 42.13
N PHE C 7 34.56 -5.15 42.95
CA PHE C 7 33.96 -6.44 42.66
C PHE C 7 32.43 -6.38 42.71
N ILE C 8 31.88 -5.69 43.72
CA ILE C 8 30.43 -5.55 43.83
C ILE C 8 29.88 -4.75 42.65
N LEU C 9 30.61 -3.69 42.25
CA LEU C 9 30.20 -2.91 41.09
C LEU C 9 30.24 -3.74 39.82
N SER C 10 31.23 -4.63 39.68
CA SER C 10 31.27 -5.52 38.53
C SER C 10 30.11 -6.50 38.54
N ILE C 11 29.69 -6.94 39.72
CA ILE C 11 28.51 -7.80 39.83
C ILE C 11 27.25 -7.06 39.36
N ILE C 12 27.12 -5.80 39.77
CA ILE C 12 25.97 -4.99 39.31
C ILE C 12 26.02 -4.77 37.81
N PHE C 13 27.23 -4.56 37.27
CA PHE C 13 27.44 -4.39 35.83
C PHE C 13 26.95 -5.60 35.05
N VAL C 14 27.40 -6.79 35.44
CA VAL C 14 27.03 -8.00 34.71
C VAL C 14 25.55 -8.34 34.94
N MET C 15 25.00 -7.99 36.11
CA MET C 15 23.58 -8.22 36.33
C MET C 15 22.72 -7.33 35.44
N GLY C 16 23.11 -6.07 35.29
CA GLY C 16 22.43 -5.21 34.34
C GLY C 16 22.58 -5.67 32.91
N PHE C 17 23.73 -6.25 32.57
CA PHE C 17 23.92 -6.80 31.24
C PHE C 17 22.99 -7.99 30.99
N VAL C 18 22.82 -8.85 31.99
CA VAL C 18 21.85 -9.94 31.90
C VAL C 18 20.44 -9.39 31.74
N GLY C 19 20.13 -8.34 32.49
CA GLY C 19 18.78 -7.77 32.43
C GLY C 19 18.44 -7.17 31.09
N PHE C 20 19.34 -6.36 30.53
CA PHE C 20 19.03 -5.74 29.24
C PHE C 20 19.27 -6.66 28.07
N SER C 21 20.08 -7.71 28.24
CA SER C 21 20.36 -8.64 27.16
C SER C 21 19.24 -9.66 26.97
N SER C 22 18.31 -9.76 27.92
CA SER C 22 17.15 -10.62 27.78
C SER C 22 16.15 -10.09 26.76
N LYS C 23 16.31 -8.84 26.32
CA LYS C 23 15.47 -8.12 25.37
C LYS C 23 14.00 -8.10 25.77
N PRO C 24 13.63 -7.38 26.83
CA PRO C 24 12.19 -7.30 27.16
C PRO C 24 11.44 -6.37 26.22
N SER C 25 12.04 -5.25 25.85
CA SER C 25 11.50 -4.21 25.01
C SER C 25 12.69 -3.29 24.71
N PRO C 26 12.72 -2.64 23.54
CA PRO C 26 13.89 -1.79 23.22
C PRO C 26 14.10 -0.64 24.19
N ILE C 27 13.03 -0.05 24.72
CA ILE C 27 13.21 1.07 25.63
C ILE C 27 13.71 0.59 27.00
N TYR C 28 13.21 -0.56 27.47
CA TYR C 28 13.71 -1.12 28.70
C TYR C 28 15.14 -1.62 28.55
N GLY C 29 15.49 -2.15 27.38
CA GLY C 29 16.88 -2.47 27.10
C GLY C 29 17.77 -1.25 27.13
N GLY C 30 17.28 -0.12 26.60
CA GLY C 30 18.04 1.11 26.68
C GLY C 30 18.22 1.60 28.10
N LEU C 31 17.18 1.48 28.92
CA LEU C 31 17.28 1.87 30.33
C LEU C 31 18.28 1.00 31.09
N GLY C 32 18.23 -0.31 30.85
CA GLY C 32 19.20 -1.21 31.48
C GLY C 32 20.62 -0.94 31.02
N LEU C 33 20.79 -0.61 29.74
CA LEU C 33 22.12 -0.28 29.24
C LEU C 33 22.64 1.02 29.82
N ILE C 34 21.75 2.00 30.04
CA ILE C 34 22.15 3.25 30.69
C ILE C 34 22.63 2.98 32.12
N VAL C 35 21.88 2.15 32.86
CA VAL C 35 22.27 1.82 34.23
C VAL C 35 23.60 1.07 34.25
N SER C 36 23.78 0.12 33.32
CA SER C 36 25.02 -0.64 33.26
C SER C 36 26.20 0.25 32.90
N GLY C 37 26.00 1.21 31.98
CA GLY C 37 27.06 2.14 31.66
C GLY C 37 27.44 3.02 32.82
N GLY C 38 26.45 3.46 33.61
CA GLY C 38 26.76 4.23 34.81
C GLY C 38 27.58 3.44 35.82
N VAL C 39 27.21 2.17 36.02
CA VAL C 39 27.96 1.34 36.96
C VAL C 39 29.37 1.05 36.45
N GLY C 40 29.51 0.85 35.13
CA GLY C 40 30.85 0.65 34.57
C GLY C 40 31.72 1.88 34.67
N CYS C 41 31.13 3.06 34.49
CA CYS C 41 31.86 4.30 34.73
C CYS C 41 32.29 4.41 36.19
N GLY C 42 31.43 3.95 37.11
CA GLY C 42 31.83 3.88 38.50
C GLY C 42 33.02 2.95 38.74
N ILE C 43 33.05 1.82 38.02
CA ILE C 43 34.19 0.90 38.11
C ILE C 43 35.47 1.59 37.66
N VAL C 44 35.40 2.28 36.51
CA VAL C 44 36.58 2.96 35.98
C VAL C 44 37.04 4.08 36.90
N LEU C 45 36.09 4.82 37.48
CA LEU C 45 36.44 5.89 38.42
C LEU C 45 37.09 5.33 39.68
N ASN C 46 36.58 4.22 40.20
CA ASN C 46 37.19 3.61 41.37
C ASN C 46 38.54 2.98 41.06
N PHE C 47 38.81 2.69 39.79
CA PHE C 47 40.13 2.22 39.41
C PHE C 47 41.14 3.36 39.20
N GLY C 48 40.67 4.60 39.09
CA GLY C 48 41.55 5.75 38.94
C GLY C 48 41.42 6.49 37.63
N GLY C 49 40.59 6.03 36.69
CA GLY C 49 40.40 6.70 35.42
C GLY C 49 39.29 7.73 35.40
N SER C 50 39.54 8.90 35.97
CA SER C 50 38.51 9.93 36.04
C SER C 50 38.12 10.43 34.65
N PHE C 51 39.11 10.66 33.79
CA PHE C 51 38.84 11.21 32.46
C PHE C 51 38.07 10.23 31.60
N LEU C 52 38.41 8.95 31.66
CA LEU C 52 37.74 7.96 30.83
C LEU C 52 36.31 7.71 31.31
N GLY C 53 36.10 7.70 32.62
CA GLY C 53 34.74 7.58 33.15
C GLY C 53 33.88 8.78 32.79
N LEU C 54 34.46 9.97 32.85
CA LEU C 54 33.68 11.15 32.46
C LEU C 54 33.45 11.20 30.95
N MET C 55 34.35 10.63 30.15
CA MET C 55 34.07 10.43 28.74
C MET C 55 32.91 9.46 28.53
N VAL C 56 32.85 8.41 29.34
CA VAL C 56 31.73 7.46 29.25
C VAL C 56 30.42 8.16 29.56
N PHE C 57 30.40 8.99 30.61
CA PHE C 57 29.18 9.72 30.93
C PHE C 57 28.83 10.76 29.87
N LEU C 58 29.82 11.46 29.33
CA LEU C 58 29.53 12.56 28.43
C LEU C 58 29.16 12.09 27.03
N ILE C 59 29.80 11.04 26.54
CA ILE C 59 29.66 10.64 25.14
C ILE C 59 28.77 9.41 24.98
N TYR C 60 29.04 8.35 25.74
CA TYR C 60 28.21 7.15 25.67
C TYR C 60 26.79 7.40 26.18
N LEU C 61 26.66 7.96 27.37
CA LEU C 61 25.34 8.12 27.96
C LEU C 61 24.68 9.42 27.56
N GLY C 62 25.35 10.54 27.76
CA GLY C 62 24.74 11.82 27.48
C GLY C 62 24.66 12.19 26.02
N GLY C 63 25.39 11.49 25.16
CA GLY C 63 25.45 11.90 23.77
C GLY C 63 25.03 10.86 22.76
N MET C 64 25.08 9.59 23.12
CA MET C 64 24.82 8.53 22.16
C MET C 64 23.61 7.68 22.52
N MET C 65 23.49 7.26 23.79
CA MET C 65 22.29 6.58 24.22
C MET C 65 21.06 7.48 24.16
N VAL C 66 21.27 8.80 24.19
CA VAL C 66 20.20 9.74 23.88
C VAL C 66 19.71 9.53 22.46
N VAL C 67 20.63 9.35 21.51
CA VAL C 67 20.25 9.09 20.12
C VAL C 67 19.56 7.75 19.98
N PHE C 68 20.03 6.75 20.73
CA PHE C 68 19.40 5.42 20.68
C PHE C 68 17.97 5.47 21.20
N GLY C 69 17.75 6.11 22.35
CA GLY C 69 16.40 6.23 22.87
C GLY C 69 15.54 7.18 22.06
N TYR C 70 16.16 8.15 21.38
CA TYR C 70 15.44 9.07 20.52
C TYR C 70 14.91 8.35 19.29
N THR C 71 15.73 7.47 18.70
CA THR C 71 15.26 6.64 17.60
C THR C 71 14.25 5.61 18.09
N THR C 72 14.43 5.09 19.30
CA THR C 72 13.47 4.16 19.88
C THR C 72 12.12 4.81 20.11
N ALA C 73 12.09 6.12 20.38
CA ALA C 73 10.82 6.81 20.54
C ALA C 73 10.14 7.08 19.20
N MET C 74 10.87 7.06 18.10
CA MET C 74 10.29 7.28 16.78
C MET C 74 9.91 5.99 16.08
N ALA C 75 10.09 4.85 16.74
CA ALA C 75 9.55 3.56 16.30
C ALA C 75 8.97 2.89 17.53
N THR C 76 8.65 1.60 17.40
CA THR C 76 8.25 0.73 18.51
C THR C 76 7.10 1.34 19.33
N GLU C 77 5.94 1.40 18.67
CA GLU C 77 4.79 2.13 19.20
C GLU C 77 4.36 1.58 20.56
N GLN C 78 4.02 2.51 21.46
CA GLN C 78 3.73 2.18 22.85
C GLN C 78 2.43 1.36 22.96
N TYR C 79 2.36 0.57 24.02
CA TYR C 79 1.19 -0.27 24.27
C TYR C 79 0.00 0.60 24.70
N ASN C 86 7.39 -11.18 29.43
CA ASN C 86 7.07 -12.41 28.73
C ASN C 86 7.77 -13.60 29.40
N LYS C 87 7.40 -14.81 28.96
CA LYS C 87 7.96 -16.02 29.58
C LYS C 87 9.44 -16.17 29.25
N VAL C 88 9.82 -15.85 28.01
CA VAL C 88 11.20 -16.00 27.58
C VAL C 88 12.11 -15.03 28.31
N VAL C 89 11.69 -13.77 28.45
CA VAL C 89 12.50 -12.74 29.09
C VAL C 89 12.77 -13.11 30.54
N LEU C 90 11.71 -13.52 31.25
CA LEU C 90 11.85 -13.93 32.64
C LEU C 90 12.72 -15.17 32.77
N GLY C 91 12.57 -16.12 31.84
CA GLY C 91 13.37 -17.34 31.91
C GLY C 91 14.85 -17.09 31.73
N THR C 92 15.23 -16.29 30.72
CA THR C 92 16.65 -15.99 30.55
C THR C 92 17.19 -15.09 31.64
N PHE C 93 16.38 -14.16 32.16
CA PHE C 93 16.84 -13.33 33.27
C PHE C 93 17.12 -14.19 34.51
N ILE C 94 16.22 -15.14 34.80
CA ILE C 94 16.39 -16.02 35.96
C ILE C 94 17.62 -16.90 35.79
N THR C 95 17.79 -17.50 34.60
CA THR C 95 18.93 -18.39 34.44
C THR C 95 20.25 -17.63 34.40
N GLY C 96 20.28 -16.41 33.86
CA GLY C 96 21.49 -15.62 33.90
C GLY C 96 21.87 -15.21 35.30
N LEU C 97 20.88 -14.83 36.11
CA LEU C 97 21.13 -14.55 37.52
C LEU C 97 21.64 -15.79 38.24
N LEU C 98 21.14 -16.97 37.85
CA LEU C 98 21.59 -18.21 38.48
C LEU C 98 23.04 -18.52 38.17
N MET C 99 23.45 -18.44 36.89
CA MET C 99 24.87 -18.67 36.58
C MET C 99 25.76 -17.61 37.23
N GLU C 100 25.29 -16.37 37.29
CA GLU C 100 26.08 -15.31 37.88
C GLU C 100 26.32 -15.54 39.37
N PHE C 101 25.25 -15.88 40.11
CA PHE C 101 25.42 -16.09 41.54
C PHE C 101 26.13 -17.39 41.85
N LEU C 102 25.98 -18.41 41.00
CA LEU C 102 26.77 -19.62 41.15
C LEU C 102 28.25 -19.34 40.95
N MET C 103 28.58 -18.50 39.97
CA MET C 103 29.97 -18.11 39.75
C MET C 103 30.52 -17.32 40.94
N VAL C 104 29.71 -16.43 41.51
CA VAL C 104 30.14 -15.67 42.69
C VAL C 104 30.39 -16.60 43.88
N TYR C 105 29.49 -17.56 44.10
CA TYR C 105 29.67 -18.49 45.22
C TYR C 105 30.90 -19.36 45.03
N TYR C 106 31.14 -19.84 43.80
CA TYR C 106 32.32 -20.67 43.56
C TYR C 106 33.60 -19.85 43.63
N VAL C 107 33.54 -18.55 43.31
CA VAL C 107 34.71 -17.70 43.46
C VAL C 107 35.04 -17.49 44.93
N LEU C 108 34.03 -17.11 45.72
CA LEU C 108 34.29 -16.71 47.10
C LEU C 108 34.45 -17.88 48.05
N LYS C 109 33.99 -19.08 47.66
CA LYS C 109 34.14 -20.23 48.55
C LYS C 109 35.56 -20.78 48.53
N ASP C 110 36.22 -20.76 47.37
CA ASP C 110 37.53 -21.39 47.22
C ASP C 110 38.65 -20.40 46.88
N LYS C 111 38.33 -19.13 46.64
CA LYS C 111 39.29 -18.06 46.35
C LYS C 111 40.12 -18.35 45.09
N GLU C 112 39.58 -19.15 44.19
CA GLU C 112 40.17 -19.46 42.89
C GLU C 112 39.10 -20.13 42.03
N VAL C 113 39.22 -19.96 40.72
CA VAL C 113 38.22 -20.48 39.79
C VAL C 113 38.90 -20.62 38.43
N GLU C 114 38.42 -21.56 37.62
CA GLU C 114 38.84 -21.65 36.23
C GLU C 114 37.63 -21.97 35.38
N ILE C 115 37.36 -21.11 34.39
CA ILE C 115 36.36 -21.39 33.36
C ILE C 115 37.02 -21.51 31.99
N VAL C 116 37.63 -20.43 31.51
CA VAL C 116 38.55 -20.47 30.37
C VAL C 116 39.94 -20.05 30.78
N PHE C 117 40.05 -18.96 31.52
CA PHE C 117 41.28 -18.55 32.19
C PHE C 117 41.12 -18.76 33.69
N LYS C 118 42.24 -18.69 34.40
CA LYS C 118 42.26 -18.88 35.84
C LYS C 118 42.11 -17.52 36.53
N PHE C 119 41.11 -17.40 37.40
CA PHE C 119 40.84 -16.17 38.12
C PHE C 119 40.99 -16.41 39.61
N ASN C 120 41.37 -15.36 40.33
CA ASN C 120 41.64 -15.41 41.76
C ASN C 120 40.58 -14.64 42.52
N GLY C 121 40.13 -15.21 43.64
CA GLY C 121 39.03 -14.69 44.41
C GLY C 121 39.36 -13.66 45.47
N MET C 122 40.61 -13.22 45.55
CA MET C 122 40.95 -12.16 46.49
C MET C 122 40.41 -10.82 46.00
N GLY C 123 40.39 -9.85 46.91
CA GLY C 123 40.00 -8.50 46.53
C GLY C 123 41.00 -7.88 45.56
N ASP C 124 40.49 -7.03 44.68
CA ASP C 124 41.27 -6.51 43.57
C ASP C 124 42.07 -5.27 43.93
N TRP C 125 42.25 -4.97 45.21
CA TRP C 125 43.15 -3.92 45.64
C TRP C 125 44.61 -4.36 45.62
N VAL C 126 44.87 -5.65 45.43
CA VAL C 126 46.22 -6.18 45.54
C VAL C 126 47.08 -5.72 44.37
N ILE C 127 46.49 -5.59 43.18
CA ILE C 127 47.26 -5.32 41.96
C ILE C 127 47.72 -3.88 41.85
N TYR C 128 47.37 -3.02 42.80
CA TYR C 128 47.64 -1.59 42.64
C TYR C 128 49.13 -1.29 42.85
N ASP C 129 49.54 -0.12 42.36
CA ASP C 129 50.93 0.31 42.41
C ASP C 129 51.17 1.12 43.67
N THR C 130 52.32 0.89 44.30
CA THR C 130 52.63 1.47 45.61
C THR C 130 53.24 2.86 45.53
N GLY C 131 53.51 3.38 44.34
CA GLY C 131 54.18 4.66 44.18
C GLY C 131 53.23 5.76 43.76
N ASP C 132 53.77 6.98 43.76
CA ASP C 132 53.02 8.17 43.34
C ASP C 132 53.46 8.59 41.94
N SER C 133 52.60 9.36 41.29
CA SER C 133 52.83 9.78 39.91
C SER C 133 53.42 11.17 39.79
N GLY C 134 53.79 11.81 40.90
CA GLY C 134 54.36 13.14 40.85
C GLY C 134 53.32 14.23 40.75
N PHE C 135 53.60 15.27 39.96
CA PHE C 135 52.72 16.43 39.86
C PHE C 135 51.78 16.34 38.65
N PHE C 136 51.45 15.15 38.19
CA PHE C 136 50.53 15.00 37.07
C PHE C 136 49.84 13.66 37.18
N SER C 137 48.72 13.54 36.48
CA SER C 137 48.03 12.26 36.35
C SER C 137 48.47 11.59 35.05
N GLU C 138 48.66 10.28 35.10
CA GLU C 138 49.28 9.56 34.00
C GLU C 138 48.32 9.43 32.81
N GLU C 139 47.03 9.19 33.09
CA GLU C 139 46.06 9.04 32.02
C GLU C 139 45.82 10.35 31.27
N ALA C 140 45.85 11.49 31.97
CA ALA C 140 45.67 12.77 31.29
C ALA C 140 46.83 13.07 30.36
N MET C 141 48.06 12.76 30.78
CA MET C 141 49.21 12.93 29.90
C MET C 141 49.15 11.98 28.72
N GLY C 142 48.69 10.74 28.94
CA GLY C 142 48.56 9.79 27.85
C GLY C 142 47.52 10.22 26.83
N ILE C 143 46.40 10.78 27.29
CA ILE C 143 45.39 11.29 26.37
C ILE C 143 45.89 12.55 25.67
N ALA C 144 46.56 13.43 26.41
CA ALA C 144 47.06 14.68 25.86
C ALA C 144 48.16 14.48 24.83
N ALA C 145 48.85 13.34 24.86
CA ALA C 145 49.84 13.05 23.83
C ALA C 145 49.22 12.72 22.47
N LEU C 146 47.92 12.87 22.30
CA LEU C 146 47.28 12.56 21.03
C LEU C 146 47.63 13.58 19.95
N TYR C 147 47.77 14.84 20.34
CA TYR C 147 48.08 15.89 19.37
C TYR C 147 49.58 16.01 19.11
N SER C 148 50.41 15.42 19.96
CA SER C 148 51.86 15.47 19.77
C SER C 148 52.42 14.18 19.19
N TYR C 149 51.92 13.02 19.64
CA TYR C 149 52.37 11.74 19.12
C TYR C 149 51.41 11.15 18.10
N GLY C 150 50.12 11.10 18.42
CA GLY C 150 49.14 10.48 17.55
C GLY C 150 48.66 11.36 16.42
N THR C 151 49.58 11.79 15.56
CA THR C 151 49.20 12.55 14.37
C THR C 151 48.43 11.67 13.39
N TRP C 152 48.95 10.48 13.13
CA TRP C 152 48.31 9.55 12.21
C TRP C 152 46.95 9.09 12.70
N LEU C 153 46.85 8.83 14.01
CA LEU C 153 45.58 8.45 14.62
C LEU C 153 44.53 9.54 14.49
N VAL C 154 44.94 10.79 14.71
CA VAL C 154 44.06 11.94 14.54
C VAL C 154 43.59 12.04 13.10
N ILE C 155 44.50 11.85 12.15
CA ILE C 155 44.16 11.99 10.74
C ILE C 155 43.15 10.93 10.31
N VAL C 156 43.40 9.67 10.66
CA VAL C 156 42.50 8.61 10.22
C VAL C 156 41.14 8.70 10.94
N THR C 157 41.14 9.10 12.22
CA THR C 157 39.87 9.21 12.94
C THR C 157 39.03 10.37 12.41
N GLY C 158 39.66 11.52 12.15
CA GLY C 158 38.91 12.64 11.60
C GLY C 158 38.39 12.37 10.20
N TRP C 159 39.19 11.70 9.38
CA TRP C 159 38.71 11.35 8.04
C TRP C 159 37.55 10.37 8.10
N SER C 160 37.62 9.39 9.03
CA SER C 160 36.52 8.46 9.17
C SER C 160 35.26 9.15 9.65
N LEU C 161 35.40 10.14 10.55
CA LEU C 161 34.22 10.87 11.03
C LEU C 161 33.57 11.70 9.92
N LEU C 162 34.38 12.41 9.13
CA LEU C 162 33.85 13.18 8.01
C LEU C 162 33.19 12.28 6.98
N ILE C 163 33.82 11.14 6.68
CA ILE C 163 33.26 10.19 5.73
C ILE C 163 31.95 9.60 6.29
N GLY C 164 31.87 9.40 7.60
CA GLY C 164 30.63 8.93 8.20
C GLY C 164 29.51 9.93 8.07
N VAL C 165 29.81 11.23 8.21
CA VAL C 165 28.81 12.27 7.96
C VAL C 165 28.31 12.20 6.52
N VAL C 166 29.24 12.08 5.58
CA VAL C 166 28.88 11.99 4.16
C VAL C 166 28.04 10.76 3.88
N VAL C 167 28.40 9.63 4.49
CA VAL C 167 27.71 8.36 4.28
C VAL C 167 26.28 8.42 4.81
N ILE C 168 26.11 8.96 6.01
CA ILE C 168 24.78 9.07 6.61
C ILE C 168 23.90 10.00 5.79
N MET C 169 24.47 11.12 5.32
CA MET C 169 23.71 12.00 4.43
C MET C 169 23.37 11.32 3.11
N GLU C 170 24.21 10.40 2.65
CA GLU C 170 23.97 9.72 1.37
C GLU C 170 22.84 8.71 1.49
N ILE C 171 22.85 7.89 2.54
CA ILE C 171 21.96 6.74 2.55
C ILE C 171 20.55 7.06 3.04
N THR C 172 20.37 8.15 3.78
CA THR C 172 19.05 8.53 4.26
C THR C 172 18.29 9.39 3.27
N ARG C 173 18.92 9.79 2.17
CA ARG C 173 18.24 10.63 1.19
C ARG C 173 17.20 9.84 0.41
N GLY C 174 17.50 8.59 0.09
CA GLY C 174 16.61 7.76 -0.68
C GLY C 174 16.80 7.83 -2.17
N ASN C 175 17.69 8.68 -2.66
CA ASN C 175 17.95 8.81 -4.08
C ASN C 175 19.42 8.55 -4.40
N SER D 2 42.99 -11.31 38.02
CA SER D 2 42.01 -10.59 38.82
C SER D 2 40.59 -11.08 38.61
N LEU D 3 39.66 -10.51 39.38
CA LEU D 3 38.28 -10.93 39.41
C LEU D 3 37.36 -10.07 38.56
N VAL D 4 37.59 -8.75 38.56
CA VAL D 4 36.79 -7.87 37.73
C VAL D 4 37.01 -8.16 36.26
N TYR D 5 38.18 -8.71 35.90
CA TYR D 5 38.37 -9.19 34.55
C TYR D 5 37.39 -10.30 34.22
N MET D 6 37.21 -11.25 35.14
CA MET D 6 36.25 -12.35 34.93
C MET D 6 34.84 -11.82 34.76
N ASN D 7 34.47 -10.83 35.59
CA ASN D 7 33.13 -10.26 35.48
C ASN D 7 32.93 -9.53 34.17
N ILE D 8 33.96 -8.83 33.67
CA ILE D 8 33.81 -8.12 32.39
C ILE D 8 33.76 -9.12 31.23
N MET D 9 34.55 -10.21 31.28
CA MET D 9 34.42 -11.24 30.25
C MET D 9 33.04 -11.86 30.25
N MET D 10 32.48 -12.13 31.43
CA MET D 10 31.15 -12.72 31.49
C MET D 10 30.09 -11.75 31.01
N ALA D 11 30.28 -10.45 31.27
CA ALA D 11 29.36 -9.45 30.73
C ALA D 11 29.44 -9.39 29.21
N PHE D 12 30.65 -9.47 28.65
CA PHE D 12 30.80 -9.49 27.20
C PHE D 12 30.15 -10.73 26.61
N THR D 13 30.31 -11.87 27.26
CA THR D 13 29.71 -13.11 26.76
C THR D 13 28.19 -13.05 26.81
N VAL D 14 27.64 -12.45 27.87
CA VAL D 14 26.19 -12.28 27.98
C VAL D 14 25.67 -11.38 26.86
N SER D 15 26.35 -10.26 26.61
CA SER D 15 25.91 -9.38 25.52
C SER D 15 26.09 -10.03 24.16
N LEU D 16 27.12 -10.86 23.98
CA LEU D 16 27.31 -11.56 22.72
C LEU D 16 26.21 -12.59 22.48
N THR D 17 25.84 -13.36 23.51
CA THR D 17 24.75 -14.31 23.37
C THR D 17 23.43 -13.59 23.18
N GLY D 18 23.28 -12.40 23.75
CA GLY D 18 22.08 -11.61 23.46
C GLY D 18 22.01 -11.16 22.02
N LEU D 19 23.14 -10.68 21.48
CA LEU D 19 23.17 -10.30 20.07
C LEU D 19 22.94 -11.49 19.16
N LEU D 20 23.53 -12.63 19.48
CA LEU D 20 23.53 -13.76 18.57
C LEU D 20 22.20 -14.51 18.55
N MET D 21 21.26 -14.14 19.43
CA MET D 21 19.91 -14.71 19.41
C MET D 21 18.90 -13.56 19.37
N TYR D 22 18.44 -13.22 18.15
CA TYR D 22 17.46 -12.15 18.00
C TYR D 22 16.12 -12.57 18.57
N ARG D 23 15.41 -11.63 19.19
CA ARG D 23 14.06 -11.96 19.62
C ARG D 23 13.02 -11.50 18.63
N SER D 24 12.82 -10.18 18.53
CA SER D 24 11.82 -9.65 17.60
C SER D 24 12.33 -8.43 16.84
N HIS D 25 13.08 -7.58 17.51
CA HIS D 25 13.40 -6.24 17.03
C HIS D 25 14.87 -6.17 16.62
N LEU D 26 15.16 -5.28 15.67
CA LEU D 26 16.54 -4.99 15.32
C LEU D 26 17.21 -4.08 16.34
N MET D 27 16.42 -3.24 17.01
CA MET D 27 16.96 -2.33 18.02
C MET D 27 17.57 -3.08 19.20
N SER D 28 17.00 -4.22 19.57
CA SER D 28 17.57 -5.02 20.65
C SER D 28 18.92 -5.61 20.23
N SER D 29 19.06 -5.98 18.95
CA SER D 29 20.35 -6.41 18.44
C SER D 29 21.38 -5.30 18.49
N LEU D 30 20.98 -4.07 18.11
CA LEU D 30 21.91 -2.95 18.18
C LEU D 30 22.30 -2.63 19.62
N LEU D 31 21.35 -2.74 20.55
CA LEU D 31 21.66 -2.51 21.95
C LEU D 31 22.63 -3.55 22.49
N CYS D 32 22.46 -4.82 22.09
CA CYS D 32 23.41 -5.85 22.52
C CYS D 32 24.79 -5.62 21.94
N LEU D 33 24.86 -5.17 20.68
CA LEU D 33 26.13 -4.84 20.06
C LEU D 33 26.84 -3.71 20.80
N GLU D 34 26.08 -2.69 21.19
CA GLU D 34 26.72 -1.56 21.84
C GLU D 34 27.09 -1.87 23.28
N GLY D 35 26.34 -2.76 23.93
CA GLY D 35 26.78 -3.29 25.21
C GLY D 35 28.07 -4.08 25.11
N MET D 36 28.23 -4.83 24.02
CA MET D 36 29.51 -5.50 23.78
C MET D 36 30.65 -4.51 23.67
N MET D 37 30.42 -3.39 22.96
CA MET D 37 31.46 -2.38 22.87
C MET D 37 31.78 -1.78 24.23
N LEU D 38 30.75 -1.53 25.04
CA LEU D 38 30.96 -0.96 26.37
C LEU D 38 31.78 -1.89 27.25
N SER D 39 31.53 -3.20 27.17
CA SER D 39 32.35 -4.15 27.92
C SER D 39 33.79 -4.15 27.44
N LEU D 40 33.99 -4.02 26.11
CA LEU D 40 35.34 -3.90 25.58
C LEU D 40 36.06 -2.66 26.11
N PHE D 41 35.33 -1.54 26.16
CA PHE D 41 35.86 -0.29 26.72
C PHE D 41 36.33 -0.50 28.16
N ILE D 42 35.47 -1.07 29.00
CA ILE D 42 35.82 -1.24 30.42
C ILE D 42 37.02 -2.15 30.57
N LEU D 43 37.05 -3.27 29.83
CA LEU D 43 38.15 -4.21 29.95
C LEU D 43 39.48 -3.60 29.54
N ALA D 44 39.51 -2.94 28.37
CA ALA D 44 40.73 -2.34 27.88
C ALA D 44 41.20 -1.21 28.80
N THR D 45 40.26 -0.39 29.28
CA THR D 45 40.61 0.72 30.16
C THR D 45 41.22 0.21 31.47
N LEU D 46 40.62 -0.84 32.06
CA LEU D 46 41.17 -1.39 33.29
C LEU D 46 42.56 -1.97 33.08
N MET D 47 42.76 -2.68 31.97
CA MET D 47 44.07 -3.27 31.70
C MET D 47 45.13 -2.19 31.49
N ILE D 48 44.80 -1.15 30.73
CA ILE D 48 45.75 -0.09 30.42
C ILE D 48 46.08 0.72 31.68
N LEU D 49 45.08 1.02 32.50
CA LEU D 49 45.33 1.80 33.71
C LEU D 49 46.09 1.01 34.75
N ASN D 50 45.82 -0.30 34.86
CA ASN D 50 46.56 -1.11 35.83
C ASN D 50 47.99 -1.36 35.36
N SER D 51 48.22 -1.47 34.06
CA SER D 51 49.55 -1.74 33.54
C SER D 51 50.43 -0.49 33.49
N HIS D 52 49.87 0.69 33.78
CA HIS D 52 50.56 1.98 33.72
C HIS D 52 51.12 2.27 32.34
N PHE D 53 50.51 1.69 31.31
CA PHE D 53 50.85 2.02 29.92
C PHE D 53 50.27 3.40 29.65
N THR D 54 51.15 4.41 29.66
CA THR D 54 50.71 5.79 29.53
C THR D 54 50.16 6.08 28.15
N LEU D 55 50.91 5.70 27.11
CA LEU D 55 50.53 6.05 25.75
C LEU D 55 49.34 5.26 25.22
N ALA D 56 48.91 4.21 25.92
CA ALA D 56 47.73 3.47 25.49
C ALA D 56 46.44 4.06 26.01
N SER D 57 46.51 5.13 26.79
CA SER D 57 45.30 5.75 27.35
C SER D 57 44.44 6.41 26.29
N MET D 58 44.98 6.65 25.10
CA MET D 58 44.19 7.24 24.03
C MET D 58 43.35 6.22 23.29
N MET D 59 43.63 4.92 23.48
CA MET D 59 42.93 3.89 22.71
C MET D 59 41.42 3.82 22.99
N PRO D 60 40.94 3.82 24.25
CA PRO D 60 39.48 3.71 24.43
C PRO D 60 38.69 4.86 23.85
N ILE D 61 39.28 6.05 23.75
CA ILE D 61 38.58 7.16 23.11
C ILE D 61 38.38 6.89 21.62
N ILE D 62 39.42 6.38 20.95
CA ILE D 62 39.31 6.05 19.52
C ILE D 62 38.34 4.90 19.32
N LEU D 63 38.37 3.92 20.22
CA LEU D 63 37.43 2.80 20.16
C LEU D 63 35.99 3.28 20.31
N LEU D 64 35.74 4.18 21.26
CA LEU D 64 34.40 4.73 21.47
C LEU D 64 33.94 5.52 20.25
N VAL D 65 34.84 6.32 19.67
CA VAL D 65 34.47 7.13 18.52
C VAL D 65 34.11 6.26 17.33
N PHE D 66 34.94 5.26 17.04
CA PHE D 66 34.70 4.43 15.87
C PHE D 66 33.45 3.57 16.03
N ALA D 67 33.23 3.02 17.22
CA ALA D 67 32.05 2.18 17.39
C ALA D 67 30.78 3.02 17.49
N ALA D 68 30.86 4.27 17.93
CA ALA D 68 29.68 5.11 17.89
C ALA D 68 29.35 5.56 16.47
N CYS D 69 30.37 5.73 15.62
CA CYS D 69 30.10 5.95 14.20
C CYS D 69 29.45 4.72 13.56
N GLU D 70 29.92 3.52 13.95
CA GLU D 70 29.26 2.28 13.56
C GLU D 70 27.80 2.26 13.97
N ALA D 71 27.52 2.67 15.21
CA ALA D 71 26.15 2.68 15.70
C ALA D 71 25.29 3.71 14.98
N ALA D 72 25.87 4.84 14.59
CA ALA D 72 25.13 5.82 13.79
C ALA D 72 24.73 5.23 12.44
N LEU D 73 25.67 4.51 11.80
CA LEU D 73 25.36 3.86 10.52
C LEU D 73 24.27 2.80 10.70
N GLY D 74 24.33 2.04 11.79
CA GLY D 74 23.32 1.04 12.05
C GLY D 74 21.95 1.62 12.32
N LEU D 75 21.91 2.74 13.05
CA LEU D 75 20.64 3.42 13.29
C LEU D 75 20.05 3.96 12.00
N SER D 76 20.89 4.46 11.10
CA SER D 76 20.41 4.92 9.81
C SER D 76 19.81 3.78 8.99
N LEU D 77 20.47 2.61 9.02
CA LEU D 77 19.94 1.44 8.32
C LEU D 77 18.61 0.98 8.92
N LEU D 78 18.51 1.01 10.25
CA LEU D 78 17.26 0.66 10.93
C LEU D 78 16.14 1.61 10.55
N VAL D 79 16.45 2.91 10.47
CA VAL D 79 15.44 3.89 10.08
C VAL D 79 15.00 3.67 8.64
N MET D 80 15.93 3.29 7.76
CA MET D 80 15.58 3.02 6.37
C MET D 80 14.65 1.80 6.25
N VAL D 81 14.95 0.73 6.97
CA VAL D 81 14.08 -0.45 6.86
C VAL D 81 12.75 -0.20 7.56
N SER D 82 12.73 0.65 8.59
CA SER D 82 11.47 0.99 9.25
C SER D 82 10.60 1.84 8.34
N ASN D 83 11.22 2.72 7.55
CA ASN D 83 10.47 3.48 6.57
C ASN D 83 9.96 2.58 5.45
N THR D 84 10.71 1.53 5.11
CA THR D 84 10.26 0.60 4.08
C THR D 84 9.05 -0.22 4.54
N TYR D 85 9.12 -0.81 5.73
CA TYR D 85 8.11 -1.78 6.15
C TYR D 85 7.14 -1.29 7.20
N GLY D 86 7.39 -0.14 7.83
CA GLY D 86 6.53 0.33 8.89
C GLY D 86 6.87 -0.21 10.27
N THR D 87 7.83 -1.10 10.38
CA THR D 87 8.30 -1.62 11.66
C THR D 87 9.72 -2.14 11.47
N ASP D 88 10.43 -2.28 12.59
CA ASP D 88 11.83 -2.74 12.56
C ASP D 88 11.97 -4.22 12.89
N TYR D 89 10.99 -5.03 12.49
CA TYR D 89 11.04 -6.46 12.78
C TYR D 89 12.05 -7.16 11.89
N VAL D 90 12.71 -8.18 12.45
CA VAL D 90 13.69 -8.94 11.69
C VAL D 90 13.08 -10.01 10.82
N GLN D 91 11.77 -10.27 10.94
CA GLN D 91 11.13 -11.23 10.05
C GLN D 91 10.70 -10.63 8.73
N ASN D 92 10.79 -9.32 8.56
CA ASN D 92 10.48 -8.70 7.29
C ASN D 92 11.68 -8.60 6.37
N LEU D 93 12.88 -8.89 6.87
CA LEU D 93 14.09 -8.85 6.06
C LEU D 93 14.40 -10.25 5.54
N ASN D 94 13.50 -10.75 4.69
CA ASN D 94 13.62 -12.10 4.18
C ASN D 94 13.33 -12.17 2.69
N LEU D 95 13.51 -11.07 1.97
CA LEU D 95 13.30 -11.09 0.53
C LEU D 95 14.40 -11.80 -0.22
N LEU D 96 15.60 -11.86 0.35
CA LEU D 96 16.78 -12.35 -0.35
C LEU D 96 16.99 -13.84 -0.17
N GLN D 97 15.99 -14.56 0.33
CA GLN D 97 16.04 -16.02 0.31
C GLN D 97 15.92 -16.57 -1.10
N CYS D 98 15.39 -15.78 -2.03
CA CYS D 98 15.13 -16.24 -3.38
C CYS D 98 16.02 -15.53 -4.41
N ASN E 2 66.96 -76.50 -59.70
CA ASN E 2 66.70 -75.17 -60.26
C ASN E 2 65.48 -75.16 -61.15
N LEU E 3 64.99 -76.35 -61.50
CA LEU E 3 63.76 -76.51 -62.26
C LEU E 3 62.56 -76.79 -61.38
N PHE E 4 62.78 -77.57 -60.32
CA PHE E 4 61.75 -77.94 -59.35
C PHE E 4 61.12 -76.69 -58.71
N SER E 5 61.93 -75.92 -58.00
CA SER E 5 61.43 -74.78 -57.24
C SER E 5 60.94 -73.68 -58.17
N SER E 6 61.61 -73.49 -59.31
CA SER E 6 61.17 -72.51 -60.28
C SER E 6 59.78 -72.83 -60.80
N LEU E 7 59.54 -74.10 -61.12
CA LEU E 7 58.24 -74.47 -61.67
C LEU E 7 57.14 -74.43 -60.62
N THR E 8 57.44 -74.79 -59.37
CA THR E 8 56.43 -74.68 -58.32
C THR E 8 56.03 -73.22 -58.06
N LEU E 9 57.03 -72.35 -57.89
CA LEU E 9 56.72 -70.96 -57.62
C LEU E 9 56.06 -70.29 -58.82
N VAL E 10 56.42 -70.69 -60.04
CA VAL E 10 55.75 -70.09 -61.20
C VAL E 10 54.35 -70.65 -61.39
N THR E 11 54.06 -71.87 -60.89
CA THR E 11 52.67 -72.32 -60.86
C THR E 11 51.83 -71.44 -59.95
N LEU E 12 52.37 -71.14 -58.76
CA LEU E 12 51.63 -70.27 -57.84
C LEU E 12 51.46 -68.85 -58.39
N ILE E 13 52.50 -68.30 -59.00
CA ILE E 13 52.43 -66.95 -59.56
C ILE E 13 51.49 -66.92 -60.76
N LEU E 14 51.50 -67.98 -61.57
CA LEU E 14 50.59 -68.09 -62.70
C LEU E 14 49.16 -68.12 -62.23
N LEU E 15 48.89 -68.80 -61.12
CA LEU E 15 47.53 -68.80 -60.58
C LEU E 15 47.14 -67.43 -60.06
N THR E 16 48.08 -66.69 -59.47
CA THR E 16 47.69 -65.41 -58.91
C THR E 16 47.63 -64.28 -59.94
N MET E 17 48.13 -64.50 -61.17
CA MET E 17 48.08 -63.44 -62.18
C MET E 17 46.68 -62.94 -62.57
N PRO E 18 45.67 -63.78 -62.85
CA PRO E 18 44.39 -63.22 -63.33
C PRO E 18 43.65 -62.36 -62.31
N ILE E 19 43.95 -62.49 -61.02
CA ILE E 19 43.36 -61.58 -60.03
C ILE E 19 43.86 -60.16 -60.26
N ALA E 20 45.16 -60.01 -60.48
CA ALA E 20 45.69 -58.69 -60.81
C ALA E 20 45.25 -58.25 -62.20
N ALA E 21 45.01 -59.19 -63.11
CA ALA E 21 44.51 -58.83 -64.44
C ALA E 21 43.11 -58.24 -64.37
N ILE E 22 42.22 -58.83 -63.55
CA ILE E 22 40.87 -58.29 -63.43
C ILE E 22 40.82 -57.06 -62.53
N ASN E 23 41.78 -56.89 -61.61
CA ASN E 23 41.73 -55.72 -60.75
C ASN E 23 42.20 -54.45 -61.46
N PHE E 24 43.07 -54.58 -62.46
CA PHE E 24 43.59 -53.42 -63.19
C PHE E 24 42.95 -53.28 -64.57
N ASN E 25 41.67 -53.61 -64.68
CA ASN E 25 40.97 -53.60 -65.95
C ASN E 25 39.93 -52.48 -65.96
N THR E 26 39.79 -51.81 -67.11
CA THR E 26 38.88 -50.70 -67.26
C THR E 26 37.68 -51.06 -68.12
N HIS E 27 37.91 -51.52 -69.35
CA HIS E 27 36.83 -51.95 -70.21
C HIS E 27 36.39 -53.36 -69.84
N LYS E 28 35.30 -53.81 -70.46
CA LYS E 28 34.80 -55.16 -70.20
C LYS E 28 35.76 -56.18 -70.76
N PHE E 29 36.10 -57.18 -69.95
CA PHE E 29 37.08 -58.18 -70.34
C PHE E 29 36.52 -59.08 -71.44
N THR E 30 37.36 -59.38 -72.43
CA THR E 30 36.96 -60.20 -73.57
C THR E 30 37.11 -61.66 -73.19
N ASN E 31 35.99 -62.27 -72.76
CA ASN E 31 35.91 -63.67 -72.36
C ASN E 31 36.90 -63.99 -71.24
N TYR E 32 36.70 -63.28 -70.13
CA TYR E 32 37.51 -63.50 -68.93
C TYR E 32 37.44 -64.92 -68.37
N PRO E 33 36.29 -65.60 -68.29
CA PRO E 33 36.32 -67.00 -67.83
C PRO E 33 37.17 -67.92 -68.68
N LEU E 34 37.23 -67.70 -70.00
CA LEU E 34 38.13 -68.48 -70.84
C LEU E 34 39.58 -68.21 -70.48
N TYR E 35 39.91 -66.96 -70.15
CA TYR E 35 41.26 -66.62 -69.72
C TYR E 35 41.63 -67.33 -68.42
N VAL E 36 40.69 -67.37 -67.47
CA VAL E 36 40.96 -68.07 -66.20
C VAL E 36 41.10 -69.57 -66.44
N LYS E 37 40.26 -70.16 -67.31
CA LYS E 37 40.35 -71.58 -67.59
C LYS E 37 41.68 -71.95 -68.28
N THR E 38 42.10 -71.14 -69.24
CA THR E 38 43.38 -71.36 -69.90
C THR E 38 44.54 -71.25 -68.93
N THR E 39 44.47 -70.26 -68.03
CA THR E 39 45.49 -70.09 -67.01
C THR E 39 45.58 -71.30 -66.10
N ILE E 40 44.43 -71.86 -65.70
CA ILE E 40 44.44 -73.00 -64.80
C ILE E 40 44.94 -74.26 -65.51
N SER E 41 44.62 -74.43 -66.80
CA SER E 41 45.17 -75.57 -67.53
C SER E 41 46.69 -75.49 -67.64
N CYS E 42 47.21 -74.29 -67.94
CA CYS E 42 48.67 -74.10 -68.00
C CYS E 42 49.31 -74.34 -66.64
N ALA E 43 48.66 -73.88 -65.57
CA ALA E 43 49.18 -74.11 -64.22
C ALA E 43 49.15 -75.58 -63.86
N PHE E 44 48.15 -76.32 -64.34
CA PHE E 44 48.10 -77.76 -64.10
C PHE E 44 49.28 -78.47 -64.76
N ILE E 45 49.62 -78.10 -65.99
CA ILE E 45 50.79 -78.69 -66.65
C ILE E 45 52.07 -78.33 -65.90
N THR E 46 52.20 -77.05 -65.53
CA THR E 46 53.41 -76.56 -64.90
C THR E 46 53.62 -77.19 -63.53
N SER E 47 52.54 -77.46 -62.80
CA SER E 47 52.66 -78.19 -61.55
C SER E 47 52.74 -79.70 -61.77
N MET E 48 52.38 -80.19 -62.95
CA MET E 48 52.50 -81.62 -63.20
C MET E 48 53.94 -82.04 -63.40
N ILE E 49 54.79 -81.14 -63.90
CA ILE E 49 56.22 -81.49 -64.07
C ILE E 49 56.93 -81.86 -62.75
N PRO E 50 56.89 -81.05 -61.68
CA PRO E 50 57.62 -81.43 -60.46
C PRO E 50 57.13 -82.70 -59.79
N THR E 51 55.86 -83.07 -59.98
CA THR E 51 55.41 -84.35 -59.46
C THR E 51 56.05 -85.50 -60.22
N MET E 52 56.29 -85.34 -61.52
CA MET E 52 57.06 -86.34 -62.24
C MET E 52 58.48 -86.42 -61.72
N MET E 53 59.07 -85.27 -61.37
CA MET E 53 60.40 -85.30 -60.77
C MET E 53 60.41 -86.03 -59.43
N PHE E 54 59.40 -85.79 -58.59
CA PHE E 54 59.30 -86.46 -57.30
C PHE E 54 59.02 -87.95 -57.46
N ILE E 55 58.23 -88.33 -58.46
CA ILE E 55 57.96 -89.74 -58.71
C ILE E 55 59.23 -90.44 -59.18
N HIS E 56 60.04 -89.76 -60.00
CA HIS E 56 61.27 -90.37 -60.48
C HIS E 56 62.27 -90.56 -59.35
N THR E 57 62.54 -89.53 -58.56
CA THR E 57 63.63 -89.61 -57.59
C THR E 57 63.18 -89.63 -56.13
N GLY E 58 62.07 -89.00 -55.79
CA GLY E 58 61.72 -88.78 -54.41
C GLY E 58 62.13 -87.42 -53.89
N GLN E 59 62.35 -86.45 -54.76
CA GLN E 59 62.89 -85.15 -54.38
C GLN E 59 61.83 -84.33 -53.66
N GLU E 60 62.00 -84.15 -52.35
CA GLU E 60 61.18 -83.24 -51.57
C GLU E 60 62.05 -82.09 -51.11
N MET E 61 61.54 -80.86 -51.21
CA MET E 61 62.29 -79.67 -50.85
C MET E 61 61.45 -78.76 -49.98
N ILE E 62 62.11 -77.76 -49.41
CA ILE E 62 61.46 -76.68 -48.68
C ILE E 62 62.07 -75.37 -49.14
N ILE E 63 61.24 -74.44 -49.59
CA ILE E 63 61.68 -73.15 -50.10
C ILE E 63 61.22 -72.08 -49.13
N SER E 64 62.15 -71.54 -48.34
CA SER E 64 61.86 -70.43 -47.44
C SER E 64 62.41 -69.16 -48.09
N ASN E 65 61.59 -68.56 -48.96
CA ASN E 65 62.13 -67.54 -49.84
C ASN E 65 62.21 -66.18 -49.15
N TRP E 66 61.09 -65.68 -48.66
CA TRP E 66 61.00 -64.33 -48.14
C TRP E 66 60.92 -64.37 -46.62
N HIS E 67 61.86 -63.71 -45.96
CA HIS E 67 61.80 -63.51 -44.53
C HIS E 67 60.80 -62.41 -44.22
N TRP E 68 59.83 -62.71 -43.35
CA TRP E 68 58.75 -61.79 -43.07
C TRP E 68 58.93 -61.06 -41.75
N LEU E 69 59.17 -61.77 -40.67
CA LEU E 69 59.17 -61.14 -39.36
C LEU E 69 60.03 -61.94 -38.41
N THR E 70 60.55 -61.29 -37.37
CA THR E 70 61.32 -61.96 -36.33
C THR E 70 60.84 -61.46 -34.97
N ILE E 71 60.06 -62.28 -34.28
CA ILE E 71 59.52 -61.94 -32.97
C ILE E 71 60.41 -62.64 -31.96
N GLN E 72 61.43 -61.91 -31.48
CA GLN E 72 62.41 -62.38 -30.50
C GLN E 72 63.08 -63.64 -31.05
N THR E 73 62.85 -64.81 -30.45
CA THR E 73 63.45 -66.03 -30.97
C THR E 73 62.71 -66.55 -32.20
N LEU E 74 61.38 -66.43 -32.20
CA LEU E 74 60.59 -66.98 -33.30
C LEU E 74 60.83 -66.20 -34.59
N LYS E 75 60.88 -66.92 -35.70
CA LYS E 75 61.18 -66.34 -37.02
C LYS E 75 60.16 -66.82 -38.02
N LEU E 76 59.44 -65.89 -38.64
CA LEU E 76 58.42 -66.19 -39.62
C LEU E 76 58.92 -65.82 -41.01
N SER E 77 58.92 -66.80 -41.90
CA SER E 77 59.35 -66.62 -43.28
C SER E 77 58.30 -67.19 -44.21
N LEU E 78 58.26 -66.66 -45.43
CA LEU E 78 57.40 -67.22 -46.47
C LEU E 78 58.00 -68.54 -46.92
N SER E 79 57.53 -69.63 -46.32
CA SER E 79 58.09 -70.95 -46.51
C SER E 79 57.04 -71.86 -47.13
N PHE E 80 57.42 -72.53 -48.22
CA PHE E 80 56.59 -73.51 -48.90
C PHE E 80 57.26 -74.87 -48.82
N LYS E 81 56.46 -75.93 -48.78
CA LYS E 81 56.96 -77.29 -48.59
C LYS E 81 56.50 -78.17 -49.74
N MET E 82 57.44 -78.58 -50.58
CA MET E 82 57.19 -79.56 -51.63
C MET E 82 57.53 -80.96 -51.12
N ASP E 83 56.51 -81.68 -50.67
CA ASP E 83 56.68 -83.05 -50.20
C ASP E 83 55.69 -83.95 -50.93
N PHE E 84 55.48 -85.16 -50.40
CA PHE E 84 54.59 -86.13 -51.03
C PHE E 84 53.17 -85.57 -51.16
N PHE E 85 52.65 -84.96 -50.10
CA PHE E 85 51.26 -84.52 -50.08
C PHE E 85 51.00 -83.37 -51.04
N SER E 86 51.90 -82.38 -51.08
CA SER E 86 51.68 -81.23 -51.95
C SER E 86 51.73 -81.62 -53.42
N MET E 87 52.72 -82.43 -53.80
CA MET E 87 52.82 -82.88 -55.18
C MET E 87 51.73 -83.87 -55.56
N MET E 88 51.18 -84.61 -54.60
CA MET E 88 50.08 -85.49 -54.98
C MET E 88 48.72 -84.82 -54.92
N PHE E 89 48.61 -83.64 -54.31
CA PHE E 89 47.32 -82.97 -54.21
C PHE E 89 47.15 -81.77 -55.13
N VAL E 90 48.22 -81.03 -55.43
CA VAL E 90 48.08 -79.83 -56.26
C VAL E 90 47.58 -80.13 -57.68
N PRO E 91 48.14 -81.11 -58.43
CA PRO E 91 47.58 -81.36 -59.77
C PRO E 91 46.18 -81.93 -59.76
N VAL E 92 45.80 -82.70 -58.72
CA VAL E 92 44.45 -83.22 -58.63
C VAL E 92 43.45 -82.08 -58.45
N ALA E 93 43.78 -81.13 -57.57
CA ALA E 93 42.94 -79.96 -57.35
C ALA E 93 42.88 -79.09 -58.60
N LEU E 94 44.00 -78.93 -59.31
CA LEU E 94 44.02 -78.12 -60.50
C LEU E 94 43.21 -78.76 -61.63
N PHE E 95 43.30 -80.09 -61.77
CA PHE E 95 42.50 -80.81 -62.75
C PHE E 95 41.01 -80.67 -62.46
N VAL E 96 40.62 -80.87 -61.19
CA VAL E 96 39.22 -80.80 -60.82
C VAL E 96 38.69 -79.39 -60.99
N THR E 97 39.45 -78.36 -60.61
CA THR E 97 38.97 -76.99 -60.79
C THR E 97 38.99 -76.56 -62.24
N TRP E 98 39.82 -77.16 -63.09
CA TRP E 98 39.73 -76.94 -64.54
C TRP E 98 38.40 -77.43 -65.08
N SER E 99 38.03 -78.67 -64.72
CA SER E 99 36.74 -79.20 -65.14
C SER E 99 35.58 -78.39 -64.56
N ILE E 100 35.72 -77.96 -63.31
CA ILE E 100 34.67 -77.19 -62.66
C ILE E 100 34.49 -75.84 -63.33
N MET E 101 35.57 -75.20 -63.76
CA MET E 101 35.41 -73.91 -64.42
C MET E 101 34.87 -74.04 -65.82
N GLU E 102 35.17 -75.13 -66.54
CA GLU E 102 34.48 -75.34 -67.81
C GLU E 102 32.98 -75.56 -67.60
N PHE E 103 32.64 -76.37 -66.60
CA PHE E 103 31.23 -76.57 -66.24
C PHE E 103 30.57 -75.28 -65.79
N SER E 104 31.33 -74.37 -65.18
CA SER E 104 30.80 -73.08 -64.77
C SER E 104 30.61 -72.14 -65.95
N MET E 105 31.47 -72.28 -66.97
CA MET E 105 31.26 -71.54 -68.21
C MET E 105 29.96 -71.95 -68.87
N TRP E 106 29.61 -73.23 -68.79
CA TRP E 106 28.29 -73.62 -69.28
C TRP E 106 27.17 -73.18 -68.33
N TYR E 107 27.37 -73.38 -67.03
CA TYR E 107 26.28 -73.34 -66.06
C TYR E 107 25.84 -71.91 -65.74
N MET E 108 26.79 -71.04 -65.43
CA MET E 108 26.50 -69.66 -65.04
C MET E 108 26.60 -68.71 -66.22
N HIS E 109 26.20 -69.18 -67.41
CA HIS E 109 26.35 -68.38 -68.62
C HIS E 109 25.47 -67.15 -68.59
N SER E 110 24.25 -67.27 -68.06
CA SER E 110 23.30 -66.17 -68.05
C SER E 110 23.41 -65.29 -66.81
N ASP E 111 24.35 -65.57 -65.93
CA ASP E 111 24.55 -64.73 -64.75
C ASP E 111 25.17 -63.40 -65.16
N PRO E 112 24.63 -62.27 -64.71
CA PRO E 112 25.24 -60.98 -65.06
C PRO E 112 26.53 -60.68 -64.31
N ASN E 113 26.90 -61.49 -63.31
CA ASN E 113 28.13 -61.27 -62.56
C ASN E 113 29.03 -62.49 -62.67
N ILE E 114 29.22 -63.01 -63.88
CA ILE E 114 30.02 -64.22 -64.06
C ILE E 114 31.49 -63.95 -63.80
N ASN E 115 31.97 -62.73 -64.09
CA ASN E 115 33.36 -62.39 -63.83
C ASN E 115 33.68 -62.39 -62.34
N GLN E 116 32.78 -61.87 -61.52
CA GLN E 116 32.98 -61.91 -60.07
C GLN E 116 32.94 -63.34 -59.56
N PHE E 117 32.10 -64.19 -60.15
CA PHE E 117 32.04 -65.59 -59.77
C PHE E 117 33.36 -66.30 -60.06
N PHE E 118 33.94 -66.06 -61.24
CA PHE E 118 35.21 -66.70 -61.57
C PHE E 118 36.36 -66.13 -60.74
N LYS E 119 36.30 -64.84 -60.41
CA LYS E 119 37.30 -64.26 -59.52
C LYS E 119 37.24 -64.89 -58.13
N TYR E 120 36.03 -65.11 -57.61
CA TYR E 120 35.87 -65.75 -56.31
C TYR E 120 36.37 -67.20 -56.33
N LEU E 121 36.07 -67.93 -57.42
CA LEU E 121 36.57 -69.31 -57.53
C LEU E 121 38.09 -69.34 -57.57
N LEU E 122 38.71 -68.42 -58.31
CA LEU E 122 40.16 -68.37 -58.37
C LEU E 122 40.76 -67.98 -57.02
N LEU E 123 40.08 -67.09 -56.28
CA LEU E 123 40.55 -66.72 -54.95
C LEU E 123 40.52 -67.91 -54.01
N PHE E 124 39.45 -68.72 -54.09
CA PHE E 124 39.39 -69.94 -53.27
C PHE E 124 40.51 -70.89 -53.63
N LEU E 125 40.79 -71.07 -54.93
CA LEU E 125 41.86 -71.97 -55.33
C LEU E 125 43.22 -71.48 -54.84
N ILE E 126 43.45 -70.17 -54.90
CA ILE E 126 44.70 -69.59 -54.42
C ILE E 126 44.87 -69.83 -52.93
N THR E 127 43.81 -69.61 -52.15
CA THR E 127 43.90 -69.81 -50.71
C THR E 127 44.10 -71.29 -50.37
N MET E 128 43.47 -72.19 -51.12
CA MET E 128 43.66 -73.62 -50.85
C MET E 128 45.08 -74.06 -51.18
N LEU E 129 45.65 -73.54 -52.26
CA LEU E 129 47.03 -73.90 -52.57
C LEU E 129 48.01 -73.26 -51.59
N ILE E 130 47.64 -72.13 -50.99
CA ILE E 130 48.42 -71.61 -49.87
C ILE E 130 48.34 -72.57 -48.69
N LEU E 131 47.15 -73.13 -48.45
CA LEU E 131 46.97 -74.06 -47.33
C LEU E 131 47.81 -75.33 -47.49
N VAL E 132 47.74 -75.97 -48.66
CA VAL E 132 48.35 -77.29 -48.80
C VAL E 132 49.87 -77.24 -48.95
N THR E 133 50.44 -76.10 -49.31
CA THR E 133 51.88 -75.97 -49.44
C THR E 133 52.51 -75.25 -48.25
N ALA E 134 51.74 -74.96 -47.22
CA ALA E 134 52.23 -74.22 -46.08
C ALA E 134 53.23 -75.03 -45.27
N ASN E 135 54.18 -74.32 -44.67
CA ASN E 135 55.22 -74.92 -43.85
C ASN E 135 55.04 -74.63 -42.37
N ASN E 136 54.86 -73.37 -41.99
CA ASN E 136 54.58 -73.05 -40.61
C ASN E 136 53.08 -72.93 -40.38
N LEU E 137 52.69 -72.86 -39.11
CA LEU E 137 51.27 -72.82 -38.78
C LEU E 137 50.61 -71.49 -39.12
N PHE E 138 51.39 -70.42 -39.25
CA PHE E 138 50.80 -69.12 -39.59
C PHE E 138 50.29 -69.10 -41.01
N GLN E 139 51.08 -69.62 -41.96
CA GLN E 139 50.65 -69.72 -43.34
C GLN E 139 49.50 -70.70 -43.50
N LEU E 140 49.52 -71.78 -42.72
CA LEU E 140 48.41 -72.72 -42.70
C LEU E 140 47.14 -72.04 -42.20
N PHE E 141 47.25 -71.20 -41.18
CA PHE E 141 46.10 -70.47 -40.67
C PHE E 141 45.59 -69.44 -41.69
N ILE E 142 46.50 -68.85 -42.45
CA ILE E 142 46.11 -67.91 -43.50
C ILE E 142 45.27 -68.63 -44.55
N GLY E 143 45.73 -69.81 -44.98
CA GLY E 143 44.94 -70.60 -45.93
C GLY E 143 43.62 -71.07 -45.36
N TRP E 144 43.62 -71.44 -44.08
CA TRP E 144 42.41 -71.84 -43.36
C TRP E 144 41.35 -70.75 -43.39
N GLU E 145 41.73 -69.54 -42.97
CA GLU E 145 40.79 -68.44 -42.94
C GLU E 145 40.40 -67.98 -44.34
N GLY E 146 41.32 -68.08 -45.31
CA GLY E 146 40.99 -67.71 -46.67
C GLY E 146 39.93 -68.60 -47.28
N VAL E 147 40.07 -69.92 -47.11
CA VAL E 147 39.04 -70.80 -47.66
C VAL E 147 37.74 -70.66 -46.90
N GLY E 148 37.80 -70.35 -45.59
CA GLY E 148 36.56 -70.08 -44.87
C GLY E 148 35.82 -68.86 -45.38
N ILE E 149 36.55 -67.76 -45.62
CA ILE E 149 35.93 -66.53 -46.10
C ILE E 149 35.41 -66.69 -47.53
N MET E 150 36.16 -67.41 -48.37
CA MET E 150 35.67 -67.67 -49.72
C MET E 150 34.44 -68.56 -49.71
N SER E 151 34.37 -69.52 -48.78
CA SER E 151 33.15 -70.32 -48.62
C SER E 151 31.97 -69.44 -48.21
N PHE E 152 32.20 -68.49 -47.32
CA PHE E 152 31.13 -67.56 -46.94
C PHE E 152 30.68 -66.73 -48.12
N LEU E 153 31.61 -66.22 -48.92
CA LEU E 153 31.25 -65.36 -50.04
C LEU E 153 30.61 -66.14 -51.18
N LEU E 154 30.92 -67.43 -51.30
CA LEU E 154 30.39 -68.21 -52.41
C LEU E 154 29.09 -68.92 -52.10
N ILE E 155 28.86 -69.30 -50.83
CA ILE E 155 27.59 -69.92 -50.48
C ILE E 155 26.46 -68.90 -50.62
N GLY E 156 26.65 -67.71 -50.07
CA GLY E 156 25.68 -66.64 -50.24
C GLY E 156 25.92 -65.86 -51.52
N TRP E 157 25.97 -66.57 -52.64
CA TRP E 157 26.17 -65.91 -53.93
C TRP E 157 24.94 -65.11 -54.31
N TRP E 158 23.76 -65.70 -54.18
CA TRP E 158 22.50 -64.98 -54.38
C TRP E 158 22.13 -64.33 -53.06
N TYR E 159 22.69 -63.14 -52.83
CA TYR E 159 22.59 -62.49 -51.53
C TYR E 159 21.20 -61.94 -51.24
N GLY E 160 20.31 -61.87 -52.24
CA GLY E 160 18.95 -61.49 -51.96
C GLY E 160 18.09 -62.59 -51.38
N ARG E 161 18.64 -63.79 -51.28
CA ARG E 161 17.97 -64.95 -50.70
C ARG E 161 18.40 -65.08 -49.25
N THR E 162 17.43 -65.19 -48.35
CA THR E 162 17.72 -65.22 -46.92
C THR E 162 18.42 -66.51 -46.52
N ASP E 163 17.99 -67.63 -47.09
CA ASP E 163 18.52 -68.94 -46.69
C ASP E 163 19.99 -69.08 -47.04
N ALA E 164 20.43 -68.43 -48.12
CA ALA E 164 21.85 -68.38 -48.44
C ALA E 164 22.64 -67.68 -47.34
N ASN E 165 22.09 -66.57 -46.83
CA ASN E 165 22.76 -65.84 -45.75
C ASN E 165 22.82 -66.66 -44.47
N THR E 166 21.73 -67.37 -44.14
CA THR E 166 21.74 -68.23 -42.97
C THR E 166 22.75 -69.36 -43.11
N ALA E 167 22.81 -69.98 -44.29
CA ALA E 167 23.75 -71.07 -44.51
C ALA E 167 25.19 -70.60 -44.44
N ALA E 168 25.48 -69.43 -45.03
CA ALA E 168 26.83 -68.90 -45.00
C ALA E 168 27.27 -68.53 -43.57
N LEU E 169 26.38 -67.89 -42.80
CA LEU E 169 26.72 -67.56 -41.43
C LEU E 169 26.88 -68.80 -40.57
N GLN E 170 26.07 -69.82 -40.81
CA GLN E 170 26.19 -71.07 -40.07
C GLN E 170 27.51 -71.77 -40.35
N ALA E 171 27.92 -71.79 -41.62
CA ALA E 171 29.22 -72.35 -41.99
C ALA E 171 30.35 -71.58 -41.32
N ILE E 172 30.24 -70.25 -41.27
CA ILE E 172 31.24 -69.42 -40.61
C ILE E 172 31.32 -69.75 -39.12
N LEU E 173 30.18 -69.96 -38.48
CA LEU E 173 30.15 -70.26 -37.04
C LEU E 173 30.85 -71.58 -36.73
N TYR E 174 30.52 -72.63 -37.49
CA TYR E 174 31.15 -73.93 -37.24
C TYR E 174 32.64 -73.89 -37.54
N ASN E 175 33.03 -73.18 -38.61
CA ASN E 175 34.46 -73.05 -38.90
C ASN E 175 35.18 -72.20 -37.85
N ARG E 176 34.48 -71.28 -37.18
CA ARG E 176 35.13 -70.53 -36.11
C ARG E 176 35.34 -71.37 -34.86
N ILE E 177 34.45 -72.33 -34.59
CA ILE E 177 34.74 -73.28 -33.52
C ILE E 177 35.95 -74.15 -33.88
N GLY E 178 36.06 -74.55 -35.14
CA GLY E 178 37.28 -75.17 -35.60
C GLY E 178 38.50 -74.27 -35.44
N ASP E 179 38.30 -72.97 -35.62
CA ASP E 179 39.38 -72.01 -35.41
C ASP E 179 39.81 -71.95 -33.96
N ILE E 180 38.86 -72.11 -33.03
CA ILE E 180 39.21 -72.24 -31.60
C ILE E 180 40.18 -73.39 -31.41
N GLY E 181 39.86 -74.54 -32.01
CA GLY E 181 40.75 -75.69 -31.90
C GLY E 181 42.12 -75.44 -32.50
N PHE E 182 42.16 -74.79 -33.67
CA PHE E 182 43.42 -74.48 -34.33
C PHE E 182 44.28 -73.52 -33.51
N ILE E 183 43.64 -72.51 -32.92
CA ILE E 183 44.34 -71.52 -32.10
C ILE E 183 44.93 -72.17 -30.87
N LEU E 184 44.17 -73.09 -30.24
CA LEU E 184 44.70 -73.80 -29.08
C LEU E 184 45.92 -74.64 -29.43
N ALA E 185 45.86 -75.34 -30.57
CA ALA E 185 47.01 -76.16 -30.98
C ALA E 185 48.23 -75.30 -31.28
N MET E 186 48.04 -74.19 -31.99
CA MET E 186 49.16 -73.31 -32.32
C MET E 186 49.76 -72.67 -31.07
N ALA E 187 48.90 -72.31 -30.11
CA ALA E 187 49.39 -71.73 -28.86
C ALA E 187 50.20 -72.72 -28.06
N TRP E 188 49.73 -73.98 -27.98
CA TRP E 188 50.49 -75.01 -27.28
C TRP E 188 51.84 -75.22 -27.94
N PHE E 189 51.87 -75.26 -29.28
CA PHE E 189 53.14 -75.51 -29.98
C PHE E 189 54.13 -74.38 -29.74
N LEU E 190 53.66 -73.13 -29.77
CA LEU E 190 54.55 -72.00 -29.48
C LEU E 190 55.04 -72.02 -28.04
N ILE E 191 54.15 -72.26 -27.08
CA ILE E 191 54.55 -72.15 -25.67
C ILE E 191 55.49 -73.28 -25.29
N ASN E 192 55.19 -74.52 -25.70
CA ASN E 192 55.95 -75.65 -25.22
C ASN E 192 57.14 -76.01 -26.11
N LEU E 193 57.05 -75.79 -27.42
CA LEU E 193 58.10 -76.22 -28.34
C LEU E 193 58.83 -75.07 -28.99
N ASN E 194 58.37 -73.83 -28.80
CA ASN E 194 59.04 -72.62 -29.28
C ASN E 194 59.21 -72.60 -30.80
N THR E 195 58.19 -73.06 -31.51
CA THR E 195 58.25 -73.07 -32.96
C THR E 195 56.85 -73.10 -33.53
N TRP E 196 56.73 -72.62 -34.77
CA TRP E 196 55.56 -72.86 -35.59
C TRP E 196 55.88 -73.62 -36.86
N ASP E 197 57.15 -73.68 -37.27
CA ASP E 197 57.54 -74.48 -38.41
C ASP E 197 57.47 -75.96 -38.08
N LEU E 198 57.03 -76.76 -39.06
CA LEU E 198 56.75 -78.17 -38.80
C LEU E 198 58.00 -79.00 -38.57
N GLN E 199 59.14 -78.58 -39.11
CA GLN E 199 60.36 -79.37 -38.99
C GLN E 199 60.82 -79.45 -37.54
N GLN E 200 60.78 -78.33 -36.83
CA GLN E 200 61.17 -78.34 -35.42
C GLN E 200 60.16 -79.09 -34.56
N ILE E 201 58.88 -79.03 -34.93
CA ILE E 201 57.85 -79.79 -34.23
C ILE E 201 58.10 -81.28 -34.36
N PHE E 202 58.42 -81.74 -35.57
CA PHE E 202 58.70 -83.15 -35.77
C PHE E 202 60.02 -83.56 -35.15
N MET E 203 60.98 -82.64 -35.08
CA MET E 203 62.29 -82.97 -34.53
C MET E 203 62.24 -83.10 -33.01
N LEU E 204 61.54 -82.19 -32.34
CA LEU E 204 61.51 -82.22 -30.88
C LEU E 204 60.69 -83.39 -30.37
N ASN E 205 59.55 -83.69 -31.02
CA ASN E 205 58.70 -84.85 -30.79
C ASN E 205 58.22 -84.98 -29.35
N PRO E 206 57.26 -84.17 -28.91
CA PRO E 206 56.78 -84.28 -27.53
C PRO E 206 56.06 -85.60 -27.27
N ASN E 207 56.16 -86.05 -26.02
CA ASN E 207 55.47 -87.25 -25.57
C ASN E 207 54.11 -86.95 -24.97
N ASP E 208 54.01 -85.89 -24.17
CA ASP E 208 52.75 -85.47 -23.55
C ASP E 208 51.94 -84.56 -24.47
N SER E 209 51.69 -85.04 -25.69
CA SER E 209 51.10 -84.24 -26.75
C SER E 209 49.60 -84.46 -26.87
N ASN E 210 48.90 -84.67 -25.75
CA ASN E 210 47.46 -84.86 -25.81
C ASN E 210 46.74 -83.58 -26.20
N LEU E 211 47.07 -82.47 -25.53
CA LEU E 211 46.34 -81.22 -25.74
C LEU E 211 46.43 -80.64 -27.16
N PRO E 212 47.61 -80.52 -27.80
CA PRO E 212 47.60 -80.05 -29.19
C PRO E 212 46.90 -80.99 -30.14
N LEU E 213 46.93 -82.30 -29.86
CA LEU E 213 46.22 -83.25 -30.70
C LEU E 213 44.71 -83.09 -30.58
N MET E 214 44.21 -82.85 -29.36
CA MET E 214 42.77 -82.56 -29.24
C MET E 214 42.42 -81.23 -29.89
N GLY E 215 43.32 -80.24 -29.85
CA GLY E 215 43.09 -79.01 -30.59
C GLY E 215 42.98 -79.23 -32.09
N LEU E 216 43.89 -80.04 -32.65
CA LEU E 216 43.84 -80.34 -34.07
C LEU E 216 42.63 -81.19 -34.43
N ILE E 217 42.22 -82.09 -33.54
CA ILE E 217 41.04 -82.91 -33.78
C ILE E 217 39.79 -82.03 -33.79
N LEU E 218 39.70 -81.07 -32.89
CA LEU E 218 38.58 -80.12 -32.90
C LEU E 218 38.58 -79.27 -34.17
N ALA E 219 39.76 -78.83 -34.61
CA ALA E 219 39.85 -78.04 -35.84
C ALA E 219 39.41 -78.84 -37.06
N ALA E 220 39.85 -80.11 -37.14
CA ALA E 220 39.44 -80.96 -38.25
C ALA E 220 37.98 -81.33 -38.17
N THR E 221 37.42 -81.43 -36.96
CA THR E 221 35.99 -81.63 -36.80
C THR E 221 35.22 -80.44 -37.34
N GLY E 222 35.69 -79.23 -37.06
CA GLY E 222 35.03 -78.05 -37.57
C GLY E 222 35.13 -77.92 -39.09
N LYS E 223 36.31 -78.18 -39.65
CA LYS E 223 36.49 -77.94 -41.07
C LYS E 223 35.92 -79.06 -41.94
N SER E 224 36.12 -80.32 -41.53
CA SER E 224 35.67 -81.45 -42.35
C SER E 224 34.28 -81.92 -42.01
N ALA E 225 33.57 -81.22 -41.11
CA ALA E 225 32.18 -81.48 -40.77
C ALA E 225 31.98 -82.90 -40.23
N GLN E 226 32.69 -83.21 -39.16
CA GLN E 226 32.48 -84.46 -38.45
C GLN E 226 31.28 -84.31 -37.53
N PHE E 227 31.00 -85.32 -36.71
CA PHE E 227 29.81 -85.28 -35.87
C PHE E 227 29.94 -84.23 -34.80
N GLY E 228 28.82 -83.55 -34.53
CA GLY E 228 28.80 -82.45 -33.58
C GLY E 228 28.81 -81.11 -34.27
N LEU E 229 29.63 -80.99 -35.31
CA LEU E 229 29.72 -79.77 -36.10
C LEU E 229 29.44 -80.04 -37.58
N HIS E 230 28.64 -81.05 -37.86
CA HIS E 230 28.34 -81.47 -39.23
C HIS E 230 27.38 -80.62 -40.07
N PRO E 231 26.26 -80.07 -39.56
CA PRO E 231 25.14 -79.74 -40.46
C PRO E 231 25.41 -78.57 -41.39
N TRP E 232 26.52 -77.84 -41.24
CA TRP E 232 26.83 -76.77 -42.17
C TRP E 232 27.13 -77.30 -43.55
N LEU E 233 27.70 -78.51 -43.65
CA LEU E 233 27.98 -79.08 -44.97
C LEU E 233 26.71 -79.40 -45.76
N PRO E 234 25.67 -80.06 -45.22
CA PRO E 234 24.43 -80.15 -45.98
C PRO E 234 23.65 -78.86 -46.07
N SER E 235 23.86 -77.92 -45.15
CA SER E 235 23.19 -76.62 -45.29
C SER E 235 23.83 -75.77 -46.37
N ALA E 236 25.07 -76.05 -46.75
CA ALA E 236 25.81 -75.28 -47.73
C ALA E 236 25.41 -75.56 -49.17
N MET E 237 24.29 -76.24 -49.40
CA MET E 237 23.83 -76.51 -50.75
C MET E 237 23.04 -75.35 -51.34
N GLU E 238 22.93 -74.23 -50.61
CA GLU E 238 22.19 -73.08 -51.11
C GLU E 238 22.92 -72.34 -52.20
N GLY E 239 24.23 -72.54 -52.34
CA GLY E 239 24.99 -71.87 -53.35
C GLY E 239 24.81 -72.52 -54.71
N PRO E 240 25.48 -71.96 -55.71
CA PRO E 240 25.43 -72.55 -57.05
C PRO E 240 26.12 -73.91 -57.07
N THR E 241 25.73 -74.71 -58.06
CA THR E 241 26.28 -76.06 -58.19
C THR E 241 27.80 -76.13 -58.38
N PRO E 242 28.46 -75.30 -59.20
CA PRO E 242 29.94 -75.39 -59.25
C PRO E 242 30.62 -75.10 -57.92
N VAL E 243 30.05 -74.20 -57.11
CA VAL E 243 30.60 -73.91 -55.80
C VAL E 243 30.57 -75.14 -54.92
N SER E 244 29.44 -75.83 -54.91
CA SER E 244 29.32 -77.09 -54.18
C SER E 244 30.32 -78.11 -54.70
N ALA E 245 30.33 -78.30 -56.02
CA ALA E 245 31.12 -79.33 -56.67
C ALA E 245 32.61 -79.17 -56.42
N LEU E 246 33.09 -77.93 -56.33
CA LEU E 246 34.49 -77.73 -55.96
C LEU E 246 34.68 -77.80 -54.44
N LEU E 247 34.11 -76.82 -53.74
CA LEU E 247 34.45 -76.58 -52.34
C LEU E 247 33.91 -77.70 -51.44
N HIS E 248 32.61 -77.92 -51.47
CA HIS E 248 31.96 -78.77 -50.49
C HIS E 248 31.98 -80.22 -50.90
N SER E 249 32.68 -80.55 -51.97
CA SER E 249 32.85 -81.93 -52.41
C SER E 249 34.30 -82.37 -52.36
N SER E 250 35.20 -81.65 -53.01
CA SER E 250 36.51 -82.24 -53.29
C SER E 250 37.68 -81.49 -52.68
N THR E 251 37.58 -80.18 -52.48
CA THR E 251 38.75 -79.38 -52.15
C THR E 251 38.68 -78.77 -50.76
N MET E 252 37.63 -78.01 -50.45
CA MET E 252 37.64 -77.25 -49.19
C MET E 252 37.42 -78.16 -47.99
N VAL E 253 36.53 -79.14 -48.10
CA VAL E 253 36.12 -79.91 -46.93
C VAL E 253 37.15 -80.97 -46.51
N VAL E 254 38.16 -81.23 -47.33
CA VAL E 254 39.21 -82.17 -46.97
C VAL E 254 40.37 -81.49 -46.27
N ALA E 255 40.20 -80.23 -45.88
CA ALA E 255 41.30 -79.48 -45.25
C ALA E 255 41.56 -79.99 -43.83
N GLY E 256 40.52 -80.39 -43.11
CA GLY E 256 40.74 -80.95 -41.79
C GLY E 256 41.43 -82.29 -41.82
N ILE E 257 41.02 -83.15 -42.75
CA ILE E 257 41.68 -84.43 -42.93
C ILE E 257 43.13 -84.22 -43.35
N PHE E 258 43.38 -83.22 -44.21
CA PHE E 258 44.74 -82.90 -44.62
C PHE E 258 45.58 -82.40 -43.46
N LEU E 259 44.98 -81.58 -42.59
CA LEU E 259 45.70 -81.08 -41.42
C LEU E 259 46.07 -82.20 -40.47
N LEU E 260 45.17 -83.16 -40.27
CA LEU E 260 45.52 -84.31 -39.44
C LEU E 260 46.47 -85.26 -40.14
N ILE E 261 46.50 -85.26 -41.47
CA ILE E 261 47.46 -86.06 -42.21
C ILE E 261 48.86 -85.50 -42.03
N ARG E 262 48.99 -84.17 -42.08
CA ARG E 262 50.29 -83.52 -41.99
C ARG E 262 50.96 -83.75 -40.65
N PHE E 263 50.18 -83.90 -39.58
CA PHE E 263 50.71 -84.12 -38.24
C PHE E 263 50.77 -85.59 -37.87
N TYR E 264 50.94 -86.47 -38.84
CA TYR E 264 50.98 -87.90 -38.55
C TYR E 264 52.15 -88.38 -37.68
N PRO E 265 53.34 -87.75 -37.67
CA PRO E 265 54.32 -88.14 -36.65
C PRO E 265 53.87 -87.88 -35.22
N LEU E 266 53.03 -86.87 -35.02
CA LEU E 266 52.52 -86.61 -33.68
C LEU E 266 51.46 -87.64 -33.29
N THR E 267 50.55 -87.96 -34.20
CA THR E 267 49.46 -88.87 -33.88
C THR E 267 49.88 -90.33 -33.89
N GLU E 268 51.00 -90.66 -34.54
CA GLU E 268 51.41 -92.06 -34.63
C GLU E 268 51.94 -92.62 -33.31
N ASN E 269 52.29 -91.76 -32.35
CA ASN E 269 52.79 -92.20 -31.05
C ASN E 269 51.77 -91.98 -29.94
N ASN E 270 50.52 -91.68 -30.29
CA ASN E 270 49.49 -91.36 -29.32
C ASN E 270 48.29 -92.26 -29.59
N LYS E 271 48.07 -93.26 -28.74
CA LYS E 271 46.94 -94.15 -28.92
C LYS E 271 45.62 -93.47 -28.56
N PHE E 272 45.66 -92.49 -27.65
CA PHE E 272 44.45 -91.81 -27.22
C PHE E 272 43.85 -90.98 -28.35
N GLY E 273 44.67 -90.20 -29.04
CA GLY E 273 44.20 -89.43 -30.18
C GLY E 273 43.72 -90.31 -31.31
N GLN E 274 44.38 -91.46 -31.50
CA GLN E 274 43.97 -92.40 -32.53
C GLN E 274 42.59 -92.98 -32.23
N SER E 275 42.35 -93.36 -30.97
CA SER E 275 41.04 -93.88 -30.60
C SER E 275 39.96 -92.82 -30.71
N ILE E 276 40.27 -91.58 -30.34
CA ILE E 276 39.31 -90.49 -30.46
C ILE E 276 38.93 -90.26 -31.92
N MET E 277 39.94 -90.23 -32.80
CA MET E 277 39.69 -90.02 -34.22
C MET E 277 38.90 -91.17 -34.82
N LEU E 278 39.22 -92.41 -34.45
CA LEU E 278 38.50 -93.57 -34.96
C LEU E 278 37.02 -93.54 -34.56
N CYS E 279 36.75 -93.24 -33.29
CA CYS E 279 35.36 -93.18 -32.83
C CYS E 279 34.60 -92.05 -33.51
N LEU E 280 35.22 -90.87 -33.64
CA LEU E 280 34.53 -89.74 -34.27
C LEU E 280 34.25 -90.01 -35.73
N GLY E 281 35.19 -90.63 -36.44
CA GLY E 281 34.98 -90.96 -37.83
C GLY E 281 33.88 -91.98 -38.04
N ALA E 282 33.85 -93.02 -37.21
CA ALA E 282 32.80 -94.03 -37.34
C ALA E 282 31.42 -93.45 -37.06
N MET E 283 31.33 -92.62 -36.02
CA MET E 283 30.07 -91.93 -35.72
C MET E 283 29.61 -91.07 -36.88
N THR E 284 30.53 -90.30 -37.46
CA THR E 284 30.19 -89.41 -38.56
C THR E 284 29.70 -90.18 -39.78
N THR E 285 30.42 -91.23 -40.17
CA THR E 285 30.07 -91.93 -41.40
C THR E 285 28.72 -92.65 -41.26
N LEU E 286 28.46 -93.30 -40.11
CA LEU E 286 27.19 -94.00 -40.01
C LEU E 286 26.03 -93.02 -39.85
N PHE E 287 26.19 -91.97 -39.04
CA PHE E 287 25.10 -91.02 -38.85
C PHE E 287 24.74 -90.32 -40.16
N THR E 288 25.75 -89.91 -40.93
CA THR E 288 25.44 -89.19 -42.16
C THR E 288 24.89 -90.11 -43.24
N ALA E 289 25.35 -91.37 -43.30
CA ALA E 289 24.74 -92.30 -44.27
C ALA E 289 23.30 -92.62 -43.90
N MET E 290 23.02 -92.79 -42.61
CA MET E 290 21.65 -93.03 -42.16
C MET E 290 20.75 -91.84 -42.47
N CYS E 291 21.27 -90.62 -42.32
CA CYS E 291 20.51 -89.45 -42.72
C CYS E 291 20.31 -89.41 -44.23
N ALA E 292 21.31 -89.85 -45.00
CA ALA E 292 21.21 -89.81 -46.45
C ALA E 292 20.24 -90.83 -47.01
N LEU E 293 19.90 -91.86 -46.24
CA LEU E 293 19.06 -92.94 -46.76
C LEU E 293 17.68 -92.44 -47.23
N THR E 294 17.11 -91.46 -46.55
CA THR E 294 15.74 -91.03 -46.84
C THR E 294 15.67 -89.53 -47.18
N GLN E 295 16.61 -89.02 -47.94
CA GLN E 295 16.53 -87.64 -48.40
C GLN E 295 15.96 -87.60 -49.81
N ASN E 296 15.40 -86.45 -50.16
CA ASN E 296 14.77 -86.27 -51.47
C ASN E 296 15.46 -85.24 -52.34
N ASP E 297 16.17 -84.28 -51.75
CA ASP E 297 16.99 -83.37 -52.54
C ASP E 297 18.26 -84.09 -52.99
N ILE E 298 18.59 -83.97 -54.28
CA ILE E 298 19.73 -84.70 -54.82
C ILE E 298 21.04 -84.12 -54.29
N LYS E 299 21.13 -82.79 -54.22
CA LYS E 299 22.34 -82.16 -53.71
C LYS E 299 22.54 -82.45 -52.22
N LYS E 300 21.46 -82.54 -51.45
CA LYS E 300 21.58 -82.92 -50.05
C LYS E 300 22.05 -84.36 -49.91
N ILE E 301 21.61 -85.24 -50.82
CA ILE E 301 22.08 -86.62 -50.81
C ILE E 301 23.58 -86.68 -51.06
N ILE E 302 24.06 -85.92 -52.05
CA ILE E 302 25.49 -85.95 -52.33
C ILE E 302 26.30 -85.26 -51.22
N ALA E 303 25.73 -84.24 -50.57
CA ALA E 303 26.42 -83.62 -49.44
C ALA E 303 26.56 -84.59 -48.27
N PHE E 304 25.50 -85.33 -47.96
CA PHE E 304 25.59 -86.34 -46.92
C PHE E 304 26.54 -87.45 -47.32
N SER E 305 26.60 -87.77 -48.62
CA SER E 305 27.53 -88.79 -49.11
C SER E 305 28.98 -88.37 -48.89
N THR E 306 29.31 -87.12 -49.23
CA THR E 306 30.70 -86.70 -49.05
C THR E 306 31.05 -86.50 -47.58
N SER E 307 30.07 -86.17 -46.73
CA SER E 307 30.34 -86.16 -45.30
C SER E 307 30.61 -87.57 -44.77
N SER E 308 29.88 -88.58 -45.28
CA SER E 308 30.16 -89.96 -44.90
C SER E 308 31.54 -90.41 -45.37
N GLN E 309 31.94 -89.99 -46.57
CA GLN E 309 33.28 -90.33 -47.05
C GLN E 309 34.36 -89.64 -46.22
N LEU E 310 34.10 -88.41 -45.76
CA LEU E 310 35.04 -87.76 -44.85
C LEU E 310 35.12 -88.47 -43.52
N GLY E 311 34.00 -89.02 -43.05
CA GLY E 311 34.03 -89.85 -41.85
C GLY E 311 34.86 -91.11 -42.05
N LEU E 312 34.79 -91.70 -43.24
CA LEU E 312 35.65 -92.84 -43.56
C LEU E 312 37.12 -92.44 -43.57
N MET E 313 37.42 -91.23 -44.08
CA MET E 313 38.79 -90.72 -44.04
C MET E 313 39.27 -90.54 -42.61
N MET E 314 38.41 -90.04 -41.71
CA MET E 314 38.79 -89.93 -40.31
C MET E 314 39.00 -91.30 -39.68
N VAL E 315 38.21 -92.30 -40.09
CA VAL E 315 38.40 -93.67 -39.61
C VAL E 315 39.78 -94.19 -40.00
N THR E 316 40.13 -94.07 -41.28
CA THR E 316 41.41 -94.60 -41.72
C THR E 316 42.59 -93.76 -41.24
N ILE E 317 42.35 -92.52 -40.82
CA ILE E 317 43.37 -91.81 -40.05
C ILE E 317 43.52 -92.45 -38.68
N GLY E 318 42.39 -92.82 -38.06
CA GLY E 318 42.43 -93.34 -36.70
C GLY E 318 43.01 -94.73 -36.55
N ILE E 319 43.14 -95.49 -37.64
CA ILE E 319 43.75 -96.80 -37.59
C ILE E 319 45.23 -96.74 -38.02
N ASN E 320 45.84 -95.55 -37.96
CA ASN E 320 47.26 -95.33 -38.26
C ASN E 320 47.60 -95.69 -39.70
N GLN E 321 46.76 -95.26 -40.63
CA GLN E 321 46.99 -95.39 -42.06
C GLN E 321 46.76 -94.03 -42.72
N PRO E 322 47.69 -93.08 -42.55
CA PRO E 322 47.46 -91.73 -43.09
C PRO E 322 47.71 -91.60 -44.58
N HIS E 323 48.61 -92.41 -45.12
CA HIS E 323 48.86 -92.37 -46.56
C HIS E 323 47.71 -92.98 -47.33
N LEU E 324 47.04 -94.00 -46.77
CA LEU E 324 45.80 -94.49 -47.37
C LEU E 324 44.72 -93.42 -47.32
N ALA E 325 44.69 -92.63 -46.25
CA ALA E 325 43.72 -91.54 -46.15
C ALA E 325 43.96 -90.50 -47.23
N PHE E 326 45.23 -90.16 -47.48
CA PHE E 326 45.53 -89.21 -48.55
C PHE E 326 45.20 -89.79 -49.92
N LEU E 327 45.47 -91.08 -50.12
CA LEU E 327 45.10 -91.73 -51.37
C LEU E 327 43.60 -91.70 -51.57
N HIS E 328 42.82 -91.87 -50.49
CA HIS E 328 41.38 -91.79 -50.60
C HIS E 328 40.91 -90.36 -50.88
N ILE E 329 41.61 -89.35 -50.36
CA ILE E 329 41.30 -87.97 -50.73
C ILE E 329 41.43 -87.77 -52.23
N CYS E 330 42.58 -88.17 -52.78
CA CYS E 330 42.84 -87.98 -54.20
C CYS E 330 41.91 -88.80 -55.06
N THR E 331 41.53 -89.99 -54.59
CA THR E 331 40.54 -90.80 -55.30
C THR E 331 39.16 -90.15 -55.28
N HIS E 332 38.71 -89.71 -54.11
CA HIS E 332 37.33 -89.29 -53.92
C HIS E 332 37.03 -87.99 -54.63
N ALA E 333 38.04 -87.13 -54.80
CA ALA E 333 37.84 -85.83 -55.45
C ALA E 333 37.21 -85.97 -56.83
N PHE E 334 37.73 -86.90 -57.65
CA PHE E 334 37.32 -87.04 -59.04
C PHE E 334 35.84 -87.40 -59.15
N PHE E 335 35.45 -88.54 -58.59
CA PHE E 335 34.08 -88.99 -58.81
C PHE E 335 33.08 -88.18 -58.00
N LYS E 336 33.46 -87.60 -56.85
CA LYS E 336 32.50 -86.75 -56.16
C LYS E 336 32.23 -85.46 -56.93
N ALA E 337 33.28 -84.85 -57.49
CA ALA E 337 33.08 -83.66 -58.30
C ALA E 337 32.26 -83.97 -59.55
N MET E 338 32.49 -85.12 -60.17
CA MET E 338 31.75 -85.42 -61.39
C MET E 338 30.30 -85.81 -61.09
N LEU E 339 30.05 -86.45 -59.94
CA LEU E 339 28.68 -86.71 -59.51
C LEU E 339 27.93 -85.40 -59.30
N PHE E 340 28.57 -84.42 -58.67
CA PHE E 340 27.95 -83.12 -58.49
C PHE E 340 27.70 -82.43 -59.82
N MET E 341 28.63 -82.56 -60.77
CA MET E 341 28.44 -81.94 -62.08
C MET E 341 27.27 -82.56 -62.84
N CYS E 342 27.12 -83.88 -62.76
CA CYS E 342 26.01 -84.53 -63.44
C CYS E 342 24.67 -84.20 -62.77
N SER E 343 24.68 -84.10 -61.44
CA SER E 343 23.47 -83.65 -60.74
C SER E 343 23.10 -82.24 -61.15
N GLY E 344 24.10 -81.36 -61.32
CA GLY E 344 23.83 -80.03 -61.81
C GLY E 344 23.30 -80.01 -63.23
N SER E 345 23.76 -80.93 -64.07
CA SER E 345 23.21 -81.05 -65.42
C SER E 345 21.75 -81.46 -65.39
N ILE E 346 21.40 -82.42 -64.54
CA ILE E 346 19.99 -82.83 -64.39
C ILE E 346 19.15 -81.68 -63.86
N ILE E 347 19.70 -80.91 -62.91
CA ILE E 347 19.00 -79.76 -62.35
C ILE E 347 18.75 -78.71 -63.42
N HIS E 348 19.76 -78.43 -64.24
CA HIS E 348 19.63 -77.40 -65.28
C HIS E 348 18.66 -77.82 -66.37
N SER E 349 18.63 -79.11 -66.73
CA SER E 349 17.76 -79.54 -67.80
C SER E 349 16.28 -79.57 -67.42
N LEU E 350 15.96 -79.51 -66.14
CA LEU E 350 14.57 -79.63 -65.69
C LEU E 350 14.09 -78.35 -64.99
N ASN E 351 14.64 -77.21 -65.39
CA ASN E 351 14.22 -75.87 -64.92
C ASN E 351 14.39 -75.73 -63.40
N ASP E 352 15.63 -75.94 -62.95
CA ASP E 352 16.04 -75.72 -61.56
C ASP E 352 15.26 -76.58 -60.58
N GLU E 353 14.95 -77.80 -60.96
CA GLU E 353 14.27 -78.75 -60.09
C GLU E 353 15.30 -79.68 -59.47
N GLN E 354 15.43 -79.63 -58.15
CA GLN E 354 16.40 -80.41 -57.42
C GLN E 354 15.79 -81.61 -56.71
N ASP E 355 14.53 -81.92 -56.96
CA ASP E 355 13.85 -83.01 -56.28
C ASP E 355 13.88 -84.26 -57.15
N ILE E 356 14.26 -85.40 -56.55
CA ILE E 356 14.29 -86.65 -57.30
C ILE E 356 12.90 -87.24 -57.46
N ARG E 357 11.89 -86.72 -56.77
CA ARG E 357 10.52 -87.14 -56.98
C ARG E 357 9.93 -86.58 -58.26
N LYS E 358 10.58 -85.62 -58.89
CA LYS E 358 10.15 -85.02 -60.14
C LYS E 358 11.17 -85.27 -61.24
N MET E 359 11.69 -86.50 -61.28
CA MET E 359 12.69 -86.92 -62.25
C MET E 359 12.28 -88.28 -62.79
N GLY E 360 13.18 -88.96 -63.45
CA GLY E 360 12.87 -90.29 -63.92
C GLY E 360 12.69 -90.29 -65.43
N GLY E 361 13.00 -91.44 -66.03
CA GLY E 361 12.94 -91.53 -67.48
C GLY E 361 14.07 -90.81 -68.18
N LEU E 362 15.16 -90.54 -67.47
CA LEU E 362 16.30 -89.82 -68.03
C LEU E 362 17.42 -90.76 -68.45
N PHE E 363 17.18 -92.07 -68.43
CA PHE E 363 18.19 -93.02 -68.88
C PHE E 363 18.48 -92.86 -70.37
N LYS E 364 17.43 -92.68 -71.17
CA LYS E 364 17.60 -92.52 -72.61
C LYS E 364 17.47 -91.08 -73.07
N ALA E 365 16.94 -90.19 -72.22
CA ALA E 365 16.80 -88.80 -72.60
C ALA E 365 18.12 -88.06 -72.52
N MET E 366 18.95 -88.38 -71.52
CA MET E 366 20.26 -87.77 -71.34
C MET E 366 21.27 -88.89 -71.16
N PRO E 367 21.78 -89.45 -72.26
CA PRO E 367 22.60 -90.67 -72.14
C PRO E 367 24.00 -90.43 -71.58
N PHE E 368 24.64 -89.29 -71.86
CA PHE E 368 26.00 -89.09 -71.39
C PHE E 368 26.05 -88.84 -69.89
N THR E 369 25.16 -88.01 -69.37
CA THR E 369 25.11 -87.81 -67.93
C THR E 369 24.66 -89.07 -67.20
N THR E 370 23.82 -89.88 -67.84
CA THR E 370 23.44 -91.16 -67.26
C THR E 370 24.65 -92.09 -67.15
N THR E 371 25.44 -92.16 -68.22
CA THR E 371 26.65 -92.99 -68.20
C THR E 371 27.61 -92.52 -67.13
N ALA E 372 27.82 -91.20 -67.04
CA ALA E 372 28.73 -90.66 -66.05
C ALA E 372 28.23 -90.87 -64.63
N LEU E 373 26.92 -90.74 -64.41
CA LEU E 373 26.35 -90.97 -63.09
C LEU E 373 26.49 -92.42 -62.66
N ILE E 374 26.26 -93.36 -63.59
CA ILE E 374 26.40 -94.78 -63.27
C ILE E 374 27.86 -95.11 -62.94
N ILE E 375 28.79 -94.59 -63.74
CA ILE E 375 30.22 -94.83 -63.50
C ILE E 375 30.64 -94.24 -62.17
N GLY E 376 30.18 -93.03 -61.85
CA GLY E 376 30.54 -92.40 -60.59
C GLY E 376 29.96 -93.09 -59.38
N SER E 377 28.72 -93.56 -59.46
CA SER E 377 28.14 -94.28 -58.33
C SER E 377 28.81 -95.64 -58.15
N LEU E 378 29.20 -96.29 -59.25
CA LEU E 378 29.93 -97.55 -59.12
C LEU E 378 31.32 -97.32 -58.53
N ALA E 379 31.98 -96.24 -58.93
CA ALA E 379 33.29 -95.93 -58.35
C ALA E 379 33.19 -95.52 -56.89
N LEU E 380 32.09 -94.86 -56.51
CA LEU E 380 31.89 -94.48 -55.12
C LEU E 380 31.60 -95.69 -54.25
N THR E 381 30.77 -96.62 -54.74
CA THR E 381 30.42 -97.79 -53.94
C THR E 381 31.57 -98.77 -53.78
N GLY E 382 32.55 -98.74 -54.65
CA GLY E 382 33.68 -99.64 -54.54
C GLY E 382 33.61 -100.80 -55.50
N MET E 383 33.20 -100.53 -56.74
CA MET E 383 33.29 -101.53 -57.79
C MET E 383 34.75 -101.89 -58.02
N PRO E 384 35.07 -103.16 -58.23
CA PRO E 384 36.48 -103.55 -58.42
C PRO E 384 37.12 -102.88 -59.62
N PHE E 385 38.38 -102.48 -59.43
CA PHE E 385 39.26 -101.96 -60.46
C PHE E 385 38.78 -100.64 -61.07
N LEU E 386 37.92 -99.92 -60.38
CA LEU E 386 37.66 -98.52 -60.68
C LEU E 386 38.53 -97.69 -59.75
N THR E 387 38.30 -96.37 -59.72
CA THR E 387 39.20 -95.53 -58.93
C THR E 387 38.98 -95.71 -57.43
N GLY E 388 37.74 -95.97 -57.00
CA GLY E 388 37.47 -96.12 -55.59
C GLY E 388 37.95 -97.44 -55.01
N PHE E 389 38.20 -98.43 -55.86
CA PHE E 389 38.66 -99.73 -55.40
C PHE E 389 40.07 -99.65 -54.84
N TYR E 390 40.90 -98.76 -55.38
CA TYR E 390 42.30 -98.69 -55.01
C TYR E 390 42.55 -97.98 -53.70
N SER E 391 41.53 -97.41 -53.09
CA SER E 391 41.68 -96.76 -51.79
C SER E 391 40.72 -97.30 -50.74
N LYS E 392 39.46 -97.53 -51.11
CA LYS E 392 38.45 -97.87 -50.11
C LYS E 392 38.61 -99.30 -49.61
N ASP E 393 38.90 -100.24 -50.51
CA ASP E 393 39.07 -101.62 -50.07
C ASP E 393 40.30 -101.80 -49.22
N LEU E 394 41.37 -101.06 -49.49
CA LEU E 394 42.56 -101.12 -48.64
C LEU E 394 42.25 -100.55 -47.25
N ILE E 395 41.40 -99.53 -47.19
CA ILE E 395 40.97 -98.98 -45.90
C ILE E 395 40.18 -100.04 -45.12
N ILE E 396 39.26 -100.74 -45.79
CA ILE E 396 38.47 -101.76 -45.11
C ILE E 396 39.35 -102.94 -44.71
N GLU E 397 40.29 -103.33 -45.57
CA GLU E 397 41.18 -104.45 -45.29
C GLU E 397 42.09 -104.14 -44.11
N SER E 398 42.57 -102.90 -44.02
CA SER E 398 43.39 -102.51 -42.88
C SER E 398 42.56 -102.36 -41.61
N ALA E 399 41.31 -101.93 -41.76
CA ALA E 399 40.45 -101.78 -40.59
C ALA E 399 40.06 -103.14 -40.01
N ASN E 400 39.87 -104.14 -40.85
CA ASN E 400 39.51 -105.47 -40.38
C ASN E 400 40.66 -106.12 -39.62
N THR E 401 41.85 -106.11 -40.21
CA THR E 401 43.00 -106.80 -39.64
C THR E 401 43.89 -105.82 -38.88
N SER E 402 43.35 -105.29 -37.78
CA SER E 402 44.09 -104.37 -36.94
C SER E 402 43.58 -104.44 -35.51
N TYR E 403 44.39 -103.91 -34.60
CA TYR E 403 43.96 -103.73 -33.22
C TYR E 403 43.00 -102.55 -33.15
N THR E 404 41.70 -102.84 -33.24
CA THR E 404 40.70 -101.82 -33.53
C THR E 404 39.58 -101.88 -32.50
N ASN E 405 38.93 -100.75 -32.31
CA ASN E 405 37.62 -100.71 -31.68
C ASN E 405 36.66 -101.60 -32.46
N ALA E 406 35.91 -102.44 -31.76
CA ALA E 406 34.96 -103.33 -32.42
C ALA E 406 33.79 -102.55 -32.98
N TRP E 407 33.22 -101.65 -32.18
CA TRP E 407 32.03 -100.92 -32.58
C TRP E 407 32.32 -100.01 -33.77
N ALA E 408 33.50 -99.37 -33.79
CA ALA E 408 33.85 -98.50 -34.89
C ALA E 408 33.93 -99.26 -36.21
N LEU E 409 34.50 -100.46 -36.17
CA LEU E 409 34.53 -101.32 -37.34
C LEU E 409 33.13 -101.72 -37.79
N LEU E 410 32.26 -102.04 -36.82
CA LEU E 410 30.89 -102.44 -37.13
C LEU E 410 30.12 -101.32 -37.83
N MET E 411 30.18 -100.10 -37.27
CA MET E 411 29.47 -99.00 -37.93
C MET E 411 30.14 -98.58 -39.23
N THR E 412 31.43 -98.82 -39.40
CA THR E 412 32.06 -98.60 -40.70
C THR E 412 31.48 -99.53 -41.77
N LEU E 413 31.32 -100.81 -41.43
CA LEU E 413 30.74 -101.76 -42.39
C LEU E 413 29.29 -101.43 -42.69
N VAL E 414 28.50 -101.09 -41.67
CA VAL E 414 27.10 -100.73 -41.89
C VAL E 414 27.00 -99.47 -42.74
N ALA E 415 27.89 -98.50 -42.52
CA ALA E 415 27.89 -97.30 -43.33
C ALA E 415 28.26 -97.59 -44.78
N THR E 416 29.15 -98.56 -45.01
CA THR E 416 29.46 -98.96 -46.38
C THR E 416 28.22 -99.53 -47.09
N SER E 417 27.48 -100.38 -46.39
CA SER E 417 26.22 -100.88 -46.94
C SER E 417 25.24 -99.75 -47.22
N PHE E 418 25.19 -98.76 -46.34
CA PHE E 418 24.28 -97.63 -46.54
C PHE E 418 24.70 -96.77 -47.73
N THR E 419 26.01 -96.64 -47.98
CA THR E 419 26.47 -95.93 -49.18
C THR E 419 25.99 -96.62 -50.43
N ALA E 420 26.07 -97.95 -50.45
CA ALA E 420 25.52 -98.70 -51.58
C ALA E 420 24.02 -98.44 -51.73
N ILE E 421 23.30 -98.41 -50.61
CA ILE E 421 21.85 -98.23 -50.63
C ILE E 421 21.47 -96.89 -51.23
N TYR E 422 22.07 -95.80 -50.75
CA TYR E 422 21.66 -94.51 -51.28
C TYR E 422 22.19 -94.25 -52.69
N SER E 423 23.29 -94.88 -53.08
CA SER E 423 23.75 -94.77 -54.47
C SER E 423 22.72 -95.36 -55.43
N THR E 424 22.26 -96.58 -55.13
CA THR E 424 21.25 -97.12 -56.03
C THR E 424 19.89 -96.46 -55.85
N ARG E 425 19.63 -95.82 -54.71
CA ARG E 425 18.42 -95.01 -54.58
C ARG E 425 18.46 -93.82 -55.54
N ILE E 426 19.61 -93.15 -55.63
CA ILE E 426 19.77 -92.04 -56.56
C ILE E 426 19.59 -92.53 -58.00
N ILE E 427 20.22 -93.67 -58.33
CA ILE E 427 20.15 -94.18 -59.70
C ILE E 427 18.72 -94.58 -60.05
N PHE E 428 18.01 -95.20 -59.11
CA PHE E 428 16.63 -95.61 -59.36
C PHE E 428 15.70 -94.42 -59.53
N PHE E 429 15.74 -93.47 -58.61
CA PHE E 429 14.75 -92.39 -58.64
C PHE E 429 15.08 -91.30 -59.64
N ALA E 430 16.32 -91.23 -60.14
CA ALA E 430 16.68 -90.16 -61.05
C ALA E 430 16.77 -90.59 -62.50
N LEU E 431 16.93 -91.89 -62.77
CA LEU E 431 17.07 -92.36 -64.15
C LEU E 431 16.02 -93.37 -64.56
N LEU E 432 15.70 -94.33 -63.70
CA LEU E 432 14.80 -95.42 -64.09
C LEU E 432 13.35 -95.03 -63.86
N GLY E 433 12.46 -95.71 -64.57
CA GLY E 433 11.04 -95.50 -64.45
C GLY E 433 10.47 -94.59 -65.51
N GLN E 434 9.32 -94.03 -65.20
CA GLN E 434 8.56 -93.15 -66.08
C GLN E 434 8.81 -91.70 -65.70
N PRO E 435 8.68 -90.76 -66.63
CA PRO E 435 8.91 -89.35 -66.31
C PRO E 435 7.92 -88.81 -65.30
N ARG E 436 8.42 -87.94 -64.43
CA ARG E 436 7.57 -87.26 -63.46
C ARG E 436 7.71 -85.75 -63.53
N PHE E 437 8.57 -85.24 -64.41
CA PHE E 437 8.80 -83.82 -64.54
C PHE E 437 7.66 -83.16 -65.32
N PRO E 438 7.54 -81.80 -65.24
CA PRO E 438 6.51 -81.09 -66.00
C PRO E 438 6.44 -81.37 -67.50
N THR E 439 5.33 -80.96 -68.11
CA THR E 439 4.95 -81.43 -69.43
C THR E 439 5.87 -80.92 -70.53
N LEU E 440 6.14 -79.61 -70.54
CA LEU E 440 7.00 -79.05 -71.57
C LEU E 440 8.43 -79.51 -71.34
N ILE E 441 9.08 -79.97 -72.40
CA ILE E 441 10.38 -80.62 -72.30
C ILE E 441 11.39 -79.81 -73.10
N ASN E 442 12.38 -79.27 -72.41
CA ASN E 442 13.49 -78.56 -73.00
C ASN E 442 14.80 -79.24 -72.62
N ILE E 443 14.81 -80.56 -72.69
CA ILE E 443 15.97 -81.34 -72.26
C ILE E 443 17.04 -81.23 -73.33
N ASN E 444 18.22 -80.76 -72.92
CA ASN E 444 19.36 -80.67 -73.82
C ASN E 444 20.63 -80.77 -72.99
N GLU E 445 21.61 -81.49 -73.53
CA GLU E 445 22.93 -81.55 -72.93
C GLU E 445 24.03 -81.37 -73.97
N ASN E 446 23.69 -80.84 -75.14
CA ASN E 446 24.64 -80.72 -76.25
C ASN E 446 25.36 -79.38 -76.18
N ASN E 447 26.17 -79.23 -75.13
CA ASN E 447 27.11 -78.14 -75.06
C ASN E 447 28.52 -78.68 -74.93
N PRO E 448 29.48 -78.14 -75.68
CA PRO E 448 30.86 -78.65 -75.61
C PRO E 448 31.51 -78.52 -74.24
N PHE E 449 31.17 -77.47 -73.48
CA PHE E 449 31.79 -77.26 -72.18
C PHE E 449 31.39 -78.35 -71.20
N LEU E 450 30.08 -78.61 -71.08
CA LEU E 450 29.58 -79.61 -70.13
C LEU E 450 30.08 -81.00 -70.50
N ILE E 451 29.99 -81.34 -71.79
CA ILE E 451 30.44 -82.64 -72.26
C ILE E 451 31.92 -82.83 -72.02
N ASN E 452 32.73 -81.81 -72.31
CA ASN E 452 34.17 -81.93 -72.17
C ASN E 452 34.59 -82.04 -70.71
N SER E 453 33.97 -81.24 -69.83
CA SER E 453 34.32 -81.31 -68.41
C SER E 453 33.93 -82.66 -67.81
N ILE E 454 32.72 -83.14 -68.13
CA ILE E 454 32.28 -84.43 -67.63
C ILE E 454 33.15 -85.55 -68.20
N LYS E 455 33.58 -85.41 -69.45
CA LYS E 455 34.45 -86.40 -70.07
C LYS E 455 35.81 -86.47 -69.39
N ARG E 456 36.39 -85.32 -69.07
CA ARG E 456 37.69 -85.30 -68.41
C ARG E 456 37.61 -85.92 -67.02
N LEU E 457 36.59 -85.55 -66.25
CA LEU E 457 36.45 -86.15 -64.94
C LEU E 457 36.04 -87.61 -65.00
N LEU E 458 35.41 -88.04 -66.11
CA LEU E 458 35.08 -89.45 -66.31
C LEU E 458 36.33 -90.28 -66.56
N ILE E 459 37.23 -89.78 -67.41
CA ILE E 459 38.51 -90.45 -67.63
C ILE E 459 39.31 -90.51 -66.34
N GLY E 460 39.26 -89.42 -65.57
CA GLY E 460 39.90 -89.43 -64.25
C GLY E 460 39.32 -90.49 -63.33
N SER E 461 37.99 -90.53 -63.21
CA SER E 461 37.34 -91.50 -62.36
C SER E 461 37.46 -92.93 -62.88
N LEU E 462 37.90 -93.11 -64.12
CA LEU E 462 38.19 -94.45 -64.60
C LEU E 462 39.62 -94.89 -64.30
N PHE E 463 40.61 -94.02 -64.51
CA PHE E 463 42.01 -94.49 -64.51
C PHE E 463 42.91 -93.84 -63.45
N ALA E 464 42.47 -92.79 -62.78
CA ALA E 464 43.37 -92.03 -61.91
C ALA E 464 43.73 -92.80 -60.66
N GLY E 465 42.81 -93.61 -60.13
CA GLY E 465 43.15 -94.44 -58.98
C GLY E 465 44.24 -95.43 -59.29
N PHE E 466 44.14 -96.09 -60.46
CA PHE E 466 45.17 -97.02 -60.90
C PHE E 466 46.51 -96.32 -61.07
N ILE E 467 46.52 -95.18 -61.76
CA ILE E 467 47.77 -94.49 -62.05
C ILE E 467 48.43 -93.98 -60.76
N ILE E 468 47.63 -93.36 -59.88
CA ILE E 468 48.18 -92.81 -58.63
C ILE E 468 48.67 -93.92 -57.72
N SER E 469 47.86 -94.98 -57.53
CA SER E 469 48.26 -96.06 -56.65
C SER E 469 49.44 -96.86 -57.18
N ASN E 470 49.68 -96.83 -58.50
CA ASN E 470 50.88 -97.45 -59.02
C ASN E 470 52.08 -96.52 -59.09
N ASN E 471 51.87 -95.22 -58.90
CA ASN E 471 52.98 -94.28 -58.99
C ASN E 471 53.55 -93.86 -57.63
N ILE E 472 52.78 -93.97 -56.56
CA ILE E 472 53.22 -93.51 -55.25
C ILE E 472 54.23 -94.49 -54.64
N PRO E 473 55.20 -94.02 -53.87
CA PRO E 473 56.14 -94.93 -53.22
C PRO E 473 55.54 -95.57 -51.98
N PRO E 474 56.01 -96.76 -51.59
CA PRO E 474 55.46 -97.44 -50.42
C PRO E 474 55.97 -96.81 -49.13
N MET E 475 55.09 -96.11 -48.42
CA MET E 475 55.44 -95.48 -47.16
C MET E 475 55.05 -96.31 -45.95
N THR E 476 54.46 -97.48 -46.14
CA THR E 476 54.13 -98.38 -45.04
C THR E 476 54.23 -99.82 -45.53
N ILE E 477 53.85 -100.75 -44.67
CA ILE E 477 53.87 -102.18 -45.00
C ILE E 477 52.43 -102.62 -45.25
N PRO E 478 52.07 -103.00 -46.47
CA PRO E 478 50.67 -103.38 -46.75
C PRO E 478 50.35 -104.76 -46.20
N GLN E 479 49.25 -104.84 -45.45
CA GLN E 479 48.77 -106.09 -44.90
C GLN E 479 48.04 -106.87 -45.97
N MET E 480 48.59 -108.02 -46.36
CA MET E 480 48.03 -108.79 -47.46
C MET E 480 47.78 -110.25 -47.09
N THR E 481 47.84 -110.60 -45.81
CA THR E 481 47.54 -111.94 -45.33
C THR E 481 46.36 -111.85 -44.38
N MET E 482 45.22 -112.41 -44.78
CA MET E 482 43.99 -112.31 -44.02
C MET E 482 43.10 -113.48 -44.40
N PRO E 483 42.15 -113.85 -43.54
CA PRO E 483 41.21 -114.93 -43.90
C PRO E 483 40.29 -114.51 -45.03
N HIS E 484 39.60 -115.52 -45.58
CA HIS E 484 38.78 -115.31 -46.76
C HIS E 484 37.62 -114.38 -46.48
N TYR E 485 36.98 -114.51 -45.31
CA TYR E 485 35.80 -113.69 -45.03
C TYR E 485 36.16 -112.23 -44.81
N LEU E 486 37.35 -111.96 -44.26
CA LEU E 486 37.77 -110.58 -44.10
C LEU E 486 38.20 -109.94 -45.41
N LYS E 487 38.60 -110.74 -46.39
CA LYS E 487 38.96 -110.20 -47.70
C LYS E 487 37.73 -109.81 -48.50
N MET E 488 36.65 -110.57 -48.34
CA MET E 488 35.41 -110.35 -49.09
C MET E 488 34.40 -109.52 -48.32
N THR E 489 34.81 -108.80 -47.28
CA THR E 489 33.85 -108.11 -46.44
C THR E 489 33.25 -106.90 -47.15
N ALA E 490 34.10 -106.09 -47.80
CA ALA E 490 33.63 -104.87 -48.46
C ALA E 490 32.71 -105.19 -49.63
N LEU E 491 33.10 -106.15 -50.48
CA LEU E 491 32.29 -106.49 -51.64
C LEU E 491 30.95 -107.10 -51.24
N THR E 492 30.95 -108.01 -50.27
CA THR E 492 29.71 -108.62 -49.81
C THR E 492 28.80 -107.60 -49.15
N VAL E 493 29.36 -106.67 -48.38
CA VAL E 493 28.54 -105.65 -47.73
C VAL E 493 27.91 -104.72 -48.77
N THR E 494 28.67 -104.32 -49.79
CA THR E 494 28.11 -103.47 -50.84
C THR E 494 27.04 -104.21 -51.64
N ILE E 495 27.26 -105.50 -51.92
CA ILE E 495 26.28 -106.28 -52.67
C ILE E 495 25.00 -106.45 -51.86
N LEU E 496 25.14 -106.67 -50.55
CA LEU E 496 23.97 -106.77 -49.68
C LEU E 496 23.19 -105.46 -49.64
N GLY E 497 23.89 -104.33 -49.58
CA GLY E 497 23.22 -103.05 -49.63
C GLY E 497 22.47 -102.82 -50.94
N PHE E 498 23.10 -103.22 -52.05
CA PHE E 498 22.44 -103.10 -53.35
C PHE E 498 21.17 -103.94 -53.41
N ILE E 499 21.23 -105.18 -52.91
CA ILE E 499 20.07 -106.06 -52.92
C ILE E 499 18.96 -105.50 -52.04
N LEU E 500 19.32 -105.01 -50.85
CA LEU E 500 18.34 -104.46 -49.92
C LEU E 500 17.64 -103.25 -50.50
N ALA E 501 18.39 -102.35 -51.15
CA ALA E 501 17.74 -101.16 -51.69
C ALA E 501 16.98 -101.43 -52.98
N LEU E 502 17.39 -102.44 -53.75
CA LEU E 502 16.56 -102.88 -54.88
C LEU E 502 15.21 -103.39 -54.40
N GLU E 503 15.22 -104.19 -53.32
CA GLU E 503 13.95 -104.66 -52.76
C GLU E 503 13.14 -103.52 -52.17
N ILE E 504 13.81 -102.54 -51.56
CA ILE E 504 13.12 -101.37 -51.01
C ILE E 504 12.41 -100.58 -52.11
N SER E 505 13.09 -100.37 -53.24
CA SER E 505 12.48 -99.65 -54.35
C SER E 505 11.33 -100.44 -54.98
N ASN E 506 11.49 -101.77 -55.09
CA ASN E 506 10.41 -102.58 -55.62
C ASN E 506 9.18 -102.54 -54.72
N THR E 507 9.39 -102.55 -53.39
CA THR E 507 8.26 -102.42 -52.48
C THR E 507 7.66 -101.01 -52.53
N THR E 508 8.47 -100.02 -52.84
CA THR E 508 7.96 -98.66 -53.04
C THR E 508 7.02 -98.60 -54.24
N HIS E 509 7.34 -99.38 -55.29
CA HIS E 509 6.54 -99.35 -56.51
C HIS E 509 5.14 -99.93 -56.33
N TYR E 510 4.86 -100.63 -55.22
CA TYR E 510 3.58 -101.30 -55.00
C TYR E 510 2.47 -100.29 -54.70
N LEU E 511 1.24 -100.77 -54.78
CA LEU E 511 0.06 -99.96 -54.51
C LEU E 511 -0.45 -100.17 -53.08
N LYS E 512 0.43 -99.85 -52.11
CA LYS E 512 0.09 -99.93 -50.70
C LYS E 512 0.49 -98.62 -50.03
N PHE E 513 -0.22 -98.28 -48.96
CA PHE E 513 0.06 -97.08 -48.19
C PHE E 513 0.27 -97.44 -46.73
N ASN E 514 1.34 -96.92 -46.14
CA ASN E 514 1.65 -97.15 -44.74
C ASN E 514 2.01 -95.84 -44.07
N TYR E 515 1.61 -95.67 -42.81
CA TYR E 515 1.97 -94.50 -42.06
C TYR E 515 3.46 -94.51 -41.73
N PRO E 516 4.11 -93.34 -41.70
CA PRO E 516 5.55 -93.31 -41.41
C PRO E 516 5.84 -93.69 -39.97
N SER E 517 7.00 -94.29 -39.77
CA SER E 517 7.42 -94.72 -38.45
C SER E 517 8.32 -93.66 -37.82
N ASN E 518 8.80 -93.95 -36.61
CA ASN E 518 9.73 -93.04 -35.95
C ASN E 518 11.13 -93.14 -36.52
N THR E 519 11.50 -94.31 -37.04
CA THR E 519 12.80 -94.45 -37.70
C THR E 519 12.87 -93.62 -38.97
N PHE E 520 11.79 -93.63 -39.76
CA PHE E 520 11.75 -92.83 -40.98
C PHE E 520 11.82 -91.34 -40.68
N LYS E 521 11.12 -90.89 -39.63
CA LYS E 521 11.19 -89.48 -39.28
C LYS E 521 12.51 -89.12 -38.63
N PHE E 522 13.18 -90.08 -37.99
CA PHE E 522 14.51 -89.82 -37.46
C PHE E 522 15.52 -89.67 -38.58
N SER E 523 15.42 -90.52 -39.61
CA SER E 523 16.39 -90.46 -40.71
C SER E 523 16.11 -89.30 -41.64
N ASN E 524 14.84 -89.00 -41.91
CA ASN E 524 14.50 -87.96 -42.86
C ASN E 524 14.77 -86.56 -42.29
N LEU E 525 14.51 -86.37 -41.00
CA LEU E 525 14.68 -85.07 -40.37
C LEU E 525 16.07 -84.90 -39.76
N LEU E 526 17.08 -85.56 -40.33
CA LEU E 526 18.49 -85.35 -40.02
C LEU E 526 18.82 -85.69 -38.57
N GLY E 527 18.08 -86.62 -37.98
CA GLY E 527 18.34 -87.03 -36.62
C GLY E 527 17.94 -86.01 -35.58
N TYR E 528 17.09 -85.05 -35.93
CA TYR E 528 16.61 -83.97 -35.07
C TYR E 528 17.74 -83.09 -34.54
N TYR E 529 18.93 -83.15 -35.12
CA TYR E 529 20.05 -82.35 -34.64
C TYR E 529 19.92 -80.88 -35.03
N PRO E 530 19.69 -80.50 -36.30
CA PRO E 530 19.56 -79.06 -36.58
C PRO E 530 18.31 -78.45 -35.99
N THR E 531 17.17 -79.16 -36.02
CA THR E 531 15.92 -78.62 -35.54
C THR E 531 15.96 -78.32 -34.04
N ILE E 532 16.74 -79.07 -33.28
CA ILE E 532 16.90 -78.78 -31.86
C ILE E 532 18.01 -77.76 -31.64
N MET E 533 19.18 -77.96 -32.23
CA MET E 533 20.33 -77.12 -31.90
C MET E 533 20.17 -75.70 -32.44
N HIS E 534 19.78 -75.54 -33.70
CA HIS E 534 19.67 -74.23 -34.31
C HIS E 534 18.48 -73.44 -33.79
N ARG E 535 17.56 -74.08 -33.09
CA ARG E 535 16.48 -73.38 -32.40
C ARG E 535 16.78 -73.12 -30.93
N LEU E 536 17.61 -73.95 -30.31
CA LEU E 536 17.86 -73.84 -28.88
C LEU E 536 19.05 -72.95 -28.57
N THR E 537 20.20 -73.21 -29.17
CA THR E 537 21.40 -72.43 -28.86
C THR E 537 21.30 -70.96 -29.26
N PRO E 538 20.83 -70.58 -30.47
CA PRO E 538 20.64 -69.14 -30.73
C PRO E 538 19.63 -68.48 -29.82
N TYR E 539 18.57 -69.20 -29.41
CA TYR E 539 17.59 -68.63 -28.49
C TYR E 539 18.23 -68.27 -27.17
N MET E 540 18.99 -69.20 -26.59
CA MET E 540 19.65 -68.96 -25.31
C MET E 540 20.67 -67.84 -25.42
N ASN E 541 21.49 -67.86 -26.48
CA ASN E 541 22.53 -66.85 -26.62
C ASN E 541 21.96 -65.46 -26.84
N LEU E 542 20.91 -65.33 -27.66
CA LEU E 542 20.36 -64.02 -27.94
C LEU E 542 19.53 -63.47 -26.77
N THR E 543 18.81 -64.36 -26.07
CA THR E 543 18.11 -63.92 -24.86
C THR E 543 19.09 -63.48 -23.77
N MET E 544 20.20 -64.21 -23.61
CA MET E 544 21.22 -63.77 -22.67
C MET E 544 21.86 -62.47 -23.14
N SER E 545 21.96 -62.27 -24.45
CA SER E 545 22.51 -61.03 -24.98
C SER E 545 21.64 -59.83 -24.63
N GLN E 546 20.32 -59.97 -24.74
CA GLN E 546 19.48 -58.80 -24.52
C GLN E 546 18.99 -58.67 -23.08
N LYS E 547 18.46 -59.74 -22.50
CA LYS E 547 17.83 -59.64 -21.19
C LYS E 547 18.84 -59.47 -20.07
N SER E 548 20.07 -59.95 -20.27
CA SER E 548 21.08 -59.90 -19.21
C SER E 548 22.13 -58.82 -19.45
N ALA E 549 22.78 -58.84 -20.62
CA ALA E 549 23.90 -57.94 -20.85
C ALA E 549 23.41 -56.56 -21.32
N SER E 550 22.53 -56.53 -22.31
CA SER E 550 22.18 -55.26 -22.95
C SER E 550 21.26 -54.43 -22.07
N SER E 551 20.37 -55.08 -21.32
CA SER E 551 19.36 -54.35 -20.55
C SER E 551 19.65 -54.36 -19.06
N LEU E 552 19.84 -55.54 -18.47
CA LEU E 552 19.92 -55.63 -17.01
C LEU E 552 21.21 -55.05 -16.47
N LEU E 553 22.33 -55.26 -17.15
CA LEU E 553 23.61 -54.88 -16.57
C LEU E 553 23.99 -53.44 -16.89
N ASP E 554 24.16 -53.12 -18.17
CA ASP E 554 24.71 -51.82 -18.51
C ASP E 554 23.66 -50.75 -18.78
N LEU E 555 22.41 -51.13 -19.01
CA LEU E 555 21.33 -50.16 -19.15
C LEU E 555 20.56 -49.95 -17.85
N ILE E 556 20.81 -50.78 -16.83
CA ILE E 556 20.04 -50.70 -15.60
C ILE E 556 20.98 -50.59 -14.40
N TRP E 557 21.89 -51.54 -14.24
CA TRP E 557 22.63 -51.66 -12.98
C TRP E 557 23.98 -50.98 -12.98
N LEU E 558 24.77 -51.14 -14.04
CA LEU E 558 26.02 -50.41 -14.14
C LEU E 558 25.78 -48.91 -14.24
N GLU E 559 24.64 -48.52 -14.79
CA GLU E 559 24.19 -47.14 -14.72
C GLU E 559 23.69 -46.77 -13.32
N THR E 560 23.26 -47.74 -12.52
CA THR E 560 22.71 -47.42 -11.21
C THR E 560 23.80 -47.18 -10.18
N ILE E 561 24.83 -48.04 -10.16
CA ILE E 561 25.76 -48.03 -9.04
C ILE E 561 26.64 -46.78 -9.06
N LEU E 562 27.38 -46.56 -10.15
CA LEU E 562 28.31 -45.44 -10.09
C LEU E 562 27.67 -44.07 -10.36
N PRO E 563 27.08 -43.76 -11.55
CA PRO E 563 26.72 -42.35 -11.80
C PRO E 563 25.40 -41.86 -11.21
N LYS E 564 24.36 -42.70 -11.24
CA LYS E 564 23.03 -42.21 -10.91
C LYS E 564 22.87 -42.00 -9.40
N THR E 565 23.41 -42.93 -8.61
CA THR E 565 23.33 -42.79 -7.15
C THR E 565 24.13 -41.60 -6.67
N ILE E 566 25.31 -41.37 -7.24
CA ILE E 566 26.13 -40.22 -6.89
C ILE E 566 25.41 -38.92 -7.26
N SER E 567 24.81 -38.89 -8.46
CA SER E 567 24.07 -37.69 -8.87
C SER E 567 22.90 -37.41 -7.95
N LEU E 568 22.16 -38.46 -7.55
CA LEU E 568 21.03 -38.25 -6.65
C LEU E 568 21.48 -37.81 -5.27
N ALA E 569 22.61 -38.34 -4.79
CA ALA E 569 23.13 -37.91 -3.50
C ALA E 569 23.53 -36.44 -3.52
N GLN E 570 24.21 -36.00 -4.59
CA GLN E 570 24.58 -34.59 -4.67
C GLN E 570 23.36 -33.69 -4.83
N MET E 571 22.34 -34.15 -5.56
CA MET E 571 21.10 -33.39 -5.67
C MET E 571 20.41 -33.24 -4.32
N LYS E 572 20.34 -34.32 -3.53
CA LYS E 572 19.68 -34.25 -2.23
C LYS E 572 20.46 -33.37 -1.26
N MET E 573 21.80 -33.47 -1.27
CA MET E 573 22.60 -32.61 -0.41
C MET E 573 22.47 -31.14 -0.79
N SER E 574 22.40 -30.86 -2.10
CA SER E 574 22.19 -29.49 -2.55
C SER E 574 20.83 -28.95 -2.12
N THR E 575 19.79 -29.78 -2.20
CA THR E 575 18.47 -29.32 -1.79
C THR E 575 18.39 -29.11 -0.28
N THR E 576 19.16 -29.88 0.50
CA THR E 576 19.18 -29.63 1.94
C THR E 576 19.96 -28.37 2.28
N ILE E 577 21.06 -28.12 1.56
CA ILE E 577 21.92 -26.98 1.89
C ILE E 577 21.22 -25.65 1.58
N THR E 578 20.62 -25.55 0.40
CA THR E 578 20.10 -24.28 -0.09
C THR E 578 18.68 -23.98 0.34
N SER E 579 18.12 -24.74 1.28
CA SER E 579 16.73 -24.57 1.68
C SER E 579 16.58 -23.65 2.89
N GLN E 580 17.48 -22.69 3.06
CA GLN E 580 17.42 -21.78 4.19
C GLN E 580 16.27 -20.80 4.01
N LYS E 581 15.74 -20.32 5.13
CA LYS E 581 14.56 -19.47 5.13
C LYS E 581 14.87 -17.99 5.06
N GLY E 582 16.15 -17.62 4.98
CA GLY E 582 16.52 -16.23 4.84
C GLY E 582 16.24 -15.36 6.04
N LEU E 583 16.41 -15.89 7.25
CA LEU E 583 16.20 -15.14 8.47
C LEU E 583 17.54 -14.94 9.16
N ILE E 584 17.80 -13.71 9.58
CA ILE E 584 19.08 -13.40 10.23
C ILE E 584 19.16 -14.06 11.61
N LYS E 585 18.01 -14.21 12.27
CA LYS E 585 17.97 -14.80 13.60
C LYS E 585 18.46 -16.24 13.60
N LEU E 586 18.04 -17.02 12.60
CA LEU E 586 18.48 -18.41 12.51
C LEU E 586 19.96 -18.51 12.15
N TYR E 587 20.45 -17.62 11.29
CA TYR E 587 21.86 -17.62 10.95
C TYR E 587 22.72 -17.31 12.17
N PHE E 588 22.30 -16.34 12.98
CA PHE E 588 23.09 -16.01 14.16
C PHE E 588 22.97 -17.07 15.24
N LEU E 589 21.82 -17.74 15.33
CA LEU E 589 21.71 -18.88 16.23
C LEU E 589 22.66 -19.99 15.81
N SER E 590 22.80 -20.22 14.50
CA SER E 590 23.76 -21.20 14.01
C SER E 590 25.19 -20.77 14.32
N PHE E 591 25.47 -19.46 14.25
CA PHE E 591 26.81 -18.97 14.60
C PHE E 591 27.11 -19.24 16.07
N LEU E 592 26.14 -19.00 16.95
CA LEU E 592 26.33 -19.28 18.37
C LEU E 592 26.55 -20.76 18.62
N ILE E 593 25.80 -21.61 17.92
CA ILE E 593 25.96 -23.05 18.09
C ILE E 593 27.34 -23.51 17.60
N THR E 594 27.82 -22.92 16.49
CA THR E 594 29.15 -23.23 15.98
C THR E 594 30.23 -22.82 16.97
N ILE E 595 30.10 -21.63 17.56
CA ILE E 595 31.07 -21.15 18.55
C ILE E 595 31.09 -22.06 19.76
N LEU E 596 29.90 -22.46 20.25
CA LEU E 596 29.82 -23.33 21.42
C LEU E 596 30.41 -24.71 21.15
N ILE E 597 30.14 -25.27 19.97
CA ILE E 597 30.66 -26.59 19.61
C ILE E 597 32.17 -26.55 19.49
N SER E 598 32.72 -25.51 18.86
CA SER E 598 34.16 -25.39 18.72
C SER E 598 34.84 -25.17 20.07
N THR E 599 34.22 -24.40 20.96
CA THR E 599 34.85 -24.11 22.24
C THR E 599 34.81 -25.32 23.17
N THR E 600 33.68 -26.01 23.25
CA THR E 600 33.53 -27.08 24.23
C THR E 600 33.80 -28.46 23.64
N LEU E 601 33.09 -28.83 22.58
CA LEU E 601 33.15 -30.21 22.09
C LEU E 601 34.41 -30.48 21.29
N LEU E 602 34.94 -29.49 20.58
CA LEU E 602 36.10 -29.72 19.72
C LEU E 602 37.41 -29.19 20.27
N ASN E 603 37.36 -28.32 21.29
CA ASN E 603 38.54 -27.80 22.00
C ASN E 603 39.54 -27.13 21.06
N PHE E 604 39.04 -26.11 20.36
CA PHE E 604 39.88 -25.34 19.45
C PHE E 604 40.59 -24.19 20.15
N HIS E 605 40.31 -23.95 21.43
CA HIS E 605 40.96 -22.90 22.20
C HIS E 605 42.08 -23.46 23.07
N GLU E 606 42.51 -24.70 22.83
CA GLU E 606 43.59 -25.29 23.61
C GLU E 606 44.91 -25.22 22.83
N LEU F 2 59.87 -30.15 -32.41
CA LEU F 2 59.38 -28.82 -32.74
C LEU F 2 59.13 -28.71 -34.23
N LYS F 3 59.70 -29.62 -35.01
CA LYS F 3 59.51 -29.61 -36.45
C LYS F 3 58.14 -30.11 -36.86
N TYR F 4 57.39 -30.71 -35.94
CA TYR F 4 56.00 -31.08 -36.16
C TYR F 4 55.02 -30.20 -35.41
N ILE F 5 55.45 -29.61 -34.30
CA ILE F 5 54.56 -28.74 -33.52
C ILE F 5 54.31 -27.44 -34.26
N ILE F 6 55.37 -26.82 -34.78
CA ILE F 6 55.29 -25.51 -35.42
C ILE F 6 54.45 -25.51 -36.70
N PRO F 7 54.56 -26.47 -37.63
CA PRO F 7 53.59 -26.49 -38.73
C PRO F 7 52.16 -26.73 -38.29
N THR F 8 51.96 -27.48 -37.21
CA THR F 8 50.61 -27.67 -36.70
C THR F 8 50.01 -26.37 -36.18
N MET F 9 50.79 -25.56 -35.45
CA MET F 9 50.23 -24.28 -35.04
C MET F 9 50.18 -23.28 -36.19
N MET F 10 50.97 -23.50 -37.24
CA MET F 10 50.88 -22.66 -38.43
C MET F 10 49.71 -23.05 -39.32
N LEU F 11 49.08 -24.19 -39.06
CA LEU F 11 47.81 -24.50 -39.71
C LEU F 11 46.71 -23.54 -39.29
N MET F 12 46.80 -23.00 -38.08
CA MET F 12 45.79 -22.05 -37.58
C MET F 12 45.71 -20.75 -38.38
N PRO F 13 46.81 -20.03 -38.68
CA PRO F 13 46.67 -18.88 -39.59
C PRO F 13 46.31 -19.29 -41.00
N LEU F 14 46.57 -20.53 -41.40
CA LEU F 14 46.18 -20.98 -42.72
C LEU F 14 44.67 -21.10 -42.84
N THR F 15 44.02 -21.61 -41.79
CA THR F 15 42.56 -21.72 -41.84
C THR F 15 41.86 -20.43 -41.45
N TRP F 16 42.55 -19.50 -40.79
CA TRP F 16 41.92 -18.25 -40.41
C TRP F 16 42.18 -17.12 -41.39
N LEU F 17 42.99 -17.35 -42.42
CA LEU F 17 43.25 -16.34 -43.44
C LEU F 17 42.90 -16.82 -44.84
N SER F 18 42.27 -17.98 -44.97
CA SER F 18 41.90 -18.48 -46.28
C SER F 18 40.60 -17.85 -46.76
N LYS F 19 40.25 -18.13 -48.00
CA LYS F 19 39.03 -17.61 -48.60
C LYS F 19 37.81 -18.33 -48.03
N ASN F 20 36.63 -17.91 -48.48
CA ASN F 20 35.40 -18.51 -47.99
C ASN F 20 35.18 -19.90 -48.57
N SER F 21 35.85 -20.24 -49.67
CA SER F 21 35.65 -21.52 -50.33
C SER F 21 36.90 -22.38 -50.37
N MET F 22 38.04 -21.87 -49.88
CA MET F 22 39.30 -22.58 -50.00
C MET F 22 39.85 -23.06 -48.66
N ILE F 23 39.03 -23.07 -47.61
CA ILE F 23 39.53 -23.51 -46.31
C ILE F 23 39.80 -25.01 -46.29
N TRP F 24 38.89 -25.80 -46.88
CA TRP F 24 39.06 -27.25 -46.87
C TRP F 24 40.26 -27.67 -47.71
N ILE F 25 40.43 -27.05 -48.89
CA ILE F 25 41.54 -27.41 -49.77
C ILE F 25 42.88 -27.11 -49.11
N ASN F 26 43.01 -25.90 -48.55
CA ASN F 26 44.27 -25.50 -47.93
C ASN F 26 44.59 -26.37 -46.72
N THR F 27 43.61 -26.57 -45.84
CA THR F 27 43.86 -27.34 -44.63
C THR F 27 44.18 -28.79 -44.95
N THR F 28 43.44 -29.40 -45.88
CA THR F 28 43.72 -30.78 -46.26
C THR F 28 45.09 -30.93 -46.90
N LEU F 29 45.45 -30.01 -47.80
CA LEU F 29 46.74 -30.07 -48.48
C LEU F 29 47.89 -29.98 -47.49
N HIS F 30 47.85 -28.98 -46.62
CA HIS F 30 48.99 -28.77 -45.75
C HIS F 30 49.06 -29.80 -44.63
N SER F 31 47.91 -30.30 -44.17
CA SER F 31 47.95 -31.40 -43.21
C SER F 31 48.48 -32.67 -43.84
N LEU F 32 48.17 -32.93 -45.12
CA LEU F 32 48.76 -34.09 -45.80
C LEU F 32 50.26 -33.94 -45.95
N LEU F 33 50.73 -32.72 -46.21
CA LEU F 33 52.17 -32.47 -46.29
C LEU F 33 52.86 -32.76 -44.96
N ILE F 34 52.26 -32.30 -43.85
CA ILE F 34 52.86 -32.59 -42.54
C ILE F 34 52.78 -34.07 -42.21
N SER F 35 51.72 -34.75 -42.67
CA SER F 35 51.61 -36.19 -42.47
C SER F 35 52.70 -36.94 -43.21
N LEU F 36 53.03 -36.49 -44.43
CA LEU F 36 54.18 -37.05 -45.14
C LEU F 36 55.47 -36.78 -44.38
N THR F 37 55.61 -35.58 -43.83
CA THR F 37 56.80 -35.21 -43.07
C THR F 37 56.98 -36.05 -41.81
N SER F 38 55.89 -36.57 -41.24
CA SER F 38 55.96 -37.30 -39.98
C SER F 38 56.71 -38.63 -40.07
N LEU F 39 57.08 -39.09 -41.27
CA LEU F 39 57.81 -40.35 -41.40
C LEU F 39 59.26 -40.27 -40.92
N LEU F 40 59.78 -39.09 -40.63
CA LEU F 40 61.16 -38.97 -40.19
C LEU F 40 61.38 -39.45 -38.77
N LEU F 41 60.32 -39.81 -38.05
CA LEU F 41 60.44 -40.34 -36.70
C LEU F 41 60.85 -41.80 -36.68
N LEU F 42 60.95 -42.45 -37.83
CA LEU F 42 61.27 -43.86 -37.91
C LEU F 42 62.77 -44.14 -37.78
N ASN F 43 63.56 -43.17 -37.32
CA ASN F 43 64.98 -43.37 -37.04
C ASN F 43 65.12 -43.95 -35.64
N GLN F 44 64.71 -45.20 -35.50
CA GLN F 44 64.76 -45.89 -34.22
C GLN F 44 65.94 -46.85 -34.17
N PHE F 45 66.48 -47.04 -32.98
CA PHE F 45 67.65 -47.87 -32.76
C PHE F 45 67.30 -49.05 -31.87
N GLY F 46 68.10 -50.11 -32.00
CA GLY F 46 67.81 -51.33 -31.26
C GLY F 46 68.11 -51.25 -29.78
N ASP F 47 68.89 -50.28 -29.35
CA ASP F 47 69.23 -50.12 -27.95
C ASP F 47 68.71 -48.83 -27.34
N ASN F 48 68.86 -47.71 -28.02
CA ASN F 48 68.51 -46.40 -27.50
C ASN F 48 67.29 -45.84 -28.22
N SER F 49 66.51 -45.04 -27.50
CA SER F 49 65.40 -44.33 -28.10
C SER F 49 65.88 -43.07 -28.82
N LEU F 50 65.00 -42.46 -29.59
CA LEU F 50 65.32 -41.21 -30.28
C LEU F 50 64.96 -40.06 -29.34
N ASN F 51 65.95 -39.58 -28.60
CA ASN F 51 65.75 -38.53 -27.60
C ASN F 51 66.13 -37.18 -28.20
N PHE F 52 65.14 -36.32 -28.38
CA PHE F 52 65.35 -35.03 -29.03
C PHE F 52 65.86 -33.97 -28.06
N SER F 53 65.19 -33.81 -26.93
CA SER F 53 65.48 -32.70 -26.03
C SER F 53 65.21 -33.14 -24.60
N LEU F 54 65.28 -32.17 -23.67
CA LEU F 54 64.93 -32.45 -22.28
C LEU F 54 63.46 -32.76 -22.12
N THR F 55 62.60 -32.16 -22.93
CA THR F 55 61.16 -32.31 -22.76
C THR F 55 60.56 -33.36 -23.67
N PHE F 56 61.14 -33.61 -24.84
CA PHE F 56 60.55 -34.47 -25.85
C PHE F 56 61.45 -35.66 -26.15
N PHE F 57 60.82 -36.80 -26.38
CA PHE F 57 61.50 -38.00 -26.87
C PHE F 57 60.44 -38.87 -27.55
N SER F 58 60.89 -39.80 -28.38
CA SER F 58 59.96 -40.68 -29.08
C SER F 58 60.63 -42.02 -29.29
N ASP F 59 60.18 -43.03 -28.57
CA ASP F 59 60.64 -44.39 -28.79
C ASP F 59 59.74 -45.09 -29.80
N SER F 60 59.87 -46.41 -29.92
CA SER F 60 59.14 -47.15 -30.94
C SER F 60 57.70 -47.41 -30.58
N LEU F 61 57.26 -47.07 -29.37
CA LEU F 61 55.85 -47.18 -29.02
C LEU F 61 55.06 -45.94 -29.44
N SER F 62 55.60 -44.75 -29.18
CA SER F 62 54.89 -43.52 -29.47
C SER F 62 54.93 -43.15 -30.95
N THR F 63 55.88 -43.69 -31.71
CA THR F 63 55.99 -43.36 -33.13
C THR F 63 54.79 -43.84 -33.97
N PRO F 64 54.30 -45.08 -33.87
CA PRO F 64 53.10 -45.43 -34.64
C PRO F 64 51.87 -44.61 -34.26
N LEU F 65 51.72 -44.28 -32.98
CA LEU F 65 50.60 -43.46 -32.55
C LEU F 65 50.70 -42.05 -33.11
N LEU F 66 51.91 -41.49 -33.16
CA LEU F 66 52.11 -40.18 -33.76
C LEU F 66 51.76 -40.19 -35.25
N ILE F 67 52.28 -41.19 -35.98
CA ILE F 67 52.01 -41.27 -37.41
C ILE F 67 50.52 -41.47 -37.67
N LEU F 68 49.86 -42.24 -36.82
CA LEU F 68 48.42 -42.44 -36.93
C LEU F 68 47.65 -41.14 -36.71
N THR F 69 48.05 -40.34 -35.71
CA THR F 69 47.38 -39.06 -35.45
C THR F 69 47.54 -38.10 -36.62
N MET F 70 48.78 -37.94 -37.09
CA MET F 70 49.06 -36.97 -38.14
C MET F 70 48.50 -37.42 -39.48
N TRP F 71 48.26 -38.71 -39.66
CA TRP F 71 47.55 -39.19 -40.84
C TRP F 71 46.04 -39.08 -40.67
N LEU F 72 45.55 -39.17 -39.44
CA LEU F 72 44.12 -39.16 -39.21
C LEU F 72 43.52 -37.78 -39.38
N LEU F 73 44.29 -36.72 -39.11
CA LEU F 73 43.72 -35.37 -39.23
C LEU F 73 43.18 -35.02 -40.63
N PRO F 74 43.87 -35.25 -41.75
CA PRO F 74 43.24 -34.95 -43.05
C PRO F 74 42.05 -35.83 -43.37
N LEU F 75 41.99 -37.05 -42.83
CA LEU F 75 40.80 -37.88 -43.00
C LEU F 75 39.58 -37.25 -42.34
N MET F 76 39.76 -36.69 -41.14
CA MET F 76 38.65 -36.02 -40.48
C MET F 76 38.27 -34.73 -41.20
N LEU F 77 39.24 -34.04 -41.79
CA LEU F 77 38.91 -32.86 -42.60
C LEU F 77 38.11 -33.24 -43.83
N MET F 78 38.44 -34.36 -44.48
CA MET F 78 37.68 -34.81 -45.63
C MET F 78 36.30 -35.32 -45.24
N ALA F 79 36.19 -35.96 -44.07
CA ALA F 79 34.92 -36.55 -43.67
C ALA F 79 33.93 -35.48 -43.21
N SER F 80 34.40 -34.48 -42.48
CA SER F 80 33.49 -33.57 -41.79
C SER F 80 33.04 -32.40 -42.63
N GLN F 81 33.36 -32.37 -43.92
CA GLN F 81 33.06 -31.21 -44.74
C GLN F 81 31.76 -31.32 -45.53
N HIS F 82 31.00 -32.41 -45.37
CA HIS F 82 29.71 -32.49 -46.03
C HIS F 82 28.57 -32.05 -45.11
N HIS F 83 28.60 -32.45 -43.83
CA HIS F 83 27.55 -32.03 -42.92
C HIS F 83 27.76 -30.62 -42.38
N LEU F 84 28.91 -30.01 -42.64
CA LEU F 84 29.15 -28.61 -42.31
C LEU F 84 29.06 -27.73 -43.54
N SER F 85 28.29 -28.15 -44.52
CA SER F 85 28.21 -27.42 -45.79
C SER F 85 27.47 -26.10 -45.64
N LYS F 86 26.36 -26.11 -44.91
CA LYS F 86 25.50 -24.93 -44.79
C LYS F 86 25.84 -24.08 -43.57
N GLU F 87 26.91 -24.44 -42.85
CA GLU F 87 27.28 -23.76 -41.63
C GLU F 87 27.88 -22.39 -41.93
N ASN F 88 27.81 -21.50 -40.93
CA ASN F 88 28.47 -20.20 -41.00
C ASN F 88 29.98 -20.37 -41.14
N LEU F 89 30.61 -19.41 -41.83
CA LEU F 89 32.04 -19.52 -42.12
C LEU F 89 32.89 -19.47 -40.86
N ALA F 90 32.54 -18.59 -39.92
CA ALA F 90 33.29 -18.50 -38.68
C ALA F 90 33.19 -19.77 -37.86
N ARG F 91 32.01 -20.39 -37.84
CA ARG F 91 31.85 -21.67 -37.16
C ARG F 91 32.61 -22.78 -37.85
N LYS F 92 32.70 -22.75 -39.18
CA LYS F 92 33.51 -23.72 -39.92
C LYS F 92 34.98 -23.59 -39.56
N LYS F 93 35.48 -22.35 -39.51
CA LYS F 93 36.87 -22.13 -39.13
C LYS F 93 37.10 -22.52 -37.68
N LEU F 94 36.12 -22.31 -36.80
CA LEU F 94 36.26 -22.75 -35.41
C LEU F 94 36.31 -24.27 -35.29
N PHE F 95 35.53 -24.98 -36.10
CA PHE F 95 35.58 -26.44 -36.11
C PHE F 95 36.96 -26.94 -36.56
N ILE F 96 37.47 -26.38 -37.66
CA ILE F 96 38.79 -26.77 -38.15
C ILE F 96 39.86 -26.42 -37.12
N SER F 97 39.68 -25.30 -36.41
CA SER F 97 40.61 -24.88 -35.38
C SER F 97 40.63 -25.85 -34.21
N MET F 98 39.46 -26.35 -33.80
CA MET F 98 39.43 -27.35 -32.73
C MET F 98 40.10 -28.65 -33.16
N LEU F 99 39.94 -29.04 -34.43
CA LEU F 99 40.65 -30.23 -34.91
C LEU F 99 42.16 -30.03 -34.87
N ILE F 100 42.62 -28.85 -35.31
CA ILE F 100 44.05 -28.55 -35.30
C ILE F 100 44.60 -28.55 -33.89
N LEU F 101 43.87 -27.93 -32.96
CA LEU F 101 44.28 -27.87 -31.56
C LEU F 101 44.34 -29.25 -30.94
N LEU F 102 43.37 -30.11 -31.27
CA LEU F 102 43.40 -31.47 -30.75
C LEU F 102 44.59 -32.24 -31.29
N GLN F 103 44.93 -32.05 -32.57
CA GLN F 103 46.11 -32.72 -33.12
C GLN F 103 47.39 -32.22 -32.47
N LEU F 104 47.44 -30.93 -32.15
CA LEU F 104 48.61 -30.38 -31.46
C LEU F 104 48.78 -30.97 -30.08
N PHE F 105 47.68 -31.07 -29.33
CA PHE F 105 47.74 -31.67 -27.99
C PHE F 105 48.10 -33.15 -28.08
N LEU F 106 47.61 -33.85 -29.09
CA LEU F 106 47.90 -35.26 -29.22
C LEU F 106 49.36 -35.51 -29.58
N ILE F 107 49.95 -34.70 -30.46
CA ILE F 107 51.35 -34.92 -30.78
C ILE F 107 52.27 -34.42 -29.68
N MET F 108 51.80 -33.51 -28.81
CA MET F 108 52.60 -33.18 -27.64
C MET F 108 52.41 -34.19 -26.52
N THR F 109 51.37 -35.01 -26.57
CA THR F 109 51.12 -35.98 -25.51
C THR F 109 52.00 -37.21 -25.63
N PHE F 110 52.16 -37.74 -26.84
CA PHE F 110 52.89 -38.98 -27.02
C PHE F 110 54.40 -38.81 -26.87
N THR F 111 54.90 -37.59 -26.98
CA THR F 111 56.34 -37.34 -26.93
C THR F 111 56.80 -36.76 -25.59
N ALA F 112 55.91 -36.61 -24.63
CA ALA F 112 56.28 -35.96 -23.37
C ALA F 112 57.17 -36.89 -22.55
N THR F 113 58.40 -36.45 -22.30
CA THR F 113 59.31 -37.23 -21.47
C THR F 113 58.91 -37.17 -20.00
N GLU F 114 58.59 -35.98 -19.51
CA GLU F 114 58.09 -35.84 -18.15
C GLU F 114 56.68 -36.39 -18.06
N LEU F 115 56.36 -37.02 -16.93
CA LEU F 115 55.06 -37.62 -16.74
C LEU F 115 53.98 -36.58 -16.43
N ILE F 116 54.33 -35.50 -15.74
CA ILE F 116 53.33 -34.48 -15.44
C ILE F 116 52.99 -33.67 -16.69
N PHE F 117 53.93 -33.52 -17.62
CA PHE F 117 53.62 -32.88 -18.89
C PHE F 117 52.71 -33.76 -19.74
N PHE F 118 52.95 -35.07 -19.67
CA PHE F 118 52.05 -36.03 -20.31
C PHE F 118 50.65 -35.93 -19.71
N TYR F 119 50.55 -35.80 -18.39
CA TYR F 119 49.25 -35.65 -17.75
C TYR F 119 48.56 -34.37 -18.19
N ILE F 120 49.31 -33.26 -18.26
CA ILE F 120 48.71 -31.97 -18.60
C ILE F 120 48.19 -31.99 -20.03
N MET F 121 48.95 -32.55 -20.97
CA MET F 121 48.45 -32.64 -22.34
C MET F 121 47.31 -33.65 -22.45
N PHE F 122 47.39 -34.75 -21.70
CA PHE F 122 46.40 -35.82 -21.75
C PHE F 122 45.06 -35.35 -21.20
N GLU F 123 45.06 -34.36 -20.30
CA GLU F 123 43.81 -33.75 -19.87
C GLU F 123 43.50 -32.43 -20.55
N ALA F 124 44.45 -31.88 -21.31
CA ALA F 124 44.11 -30.78 -22.21
C ALA F 124 43.37 -31.29 -23.43
N THR F 125 43.51 -32.58 -23.74
CA THR F 125 42.76 -33.16 -24.86
C THR F 125 41.26 -33.22 -24.60
N LEU F 126 40.81 -32.98 -23.35
CA LEU F 126 39.39 -33.11 -23.04
C LEU F 126 38.57 -31.98 -23.63
N VAL F 127 39.08 -30.75 -23.60
CA VAL F 127 38.28 -29.59 -23.97
C VAL F 127 37.87 -29.56 -25.45
N PRO F 128 38.78 -29.75 -26.43
CA PRO F 128 38.31 -29.70 -27.83
C PRO F 128 37.31 -30.78 -28.18
N THR F 129 37.46 -31.99 -27.65
CA THR F 129 36.52 -33.06 -27.95
C THR F 129 35.16 -32.80 -27.31
N LEU F 130 35.14 -32.31 -26.08
CA LEU F 130 33.89 -31.97 -25.42
C LEU F 130 33.15 -30.87 -26.18
N ILE F 131 33.90 -29.86 -26.63
CA ILE F 131 33.29 -28.77 -27.38
C ILE F 131 32.75 -29.27 -28.72
N ILE F 132 33.51 -30.14 -29.40
CA ILE F 132 33.08 -30.68 -30.69
C ILE F 132 31.80 -31.49 -30.52
N ILE F 133 31.78 -32.38 -29.51
CA ILE F 133 30.62 -33.24 -29.28
C ILE F 133 29.40 -32.41 -28.93
N THR F 134 29.53 -31.50 -27.96
CA THR F 134 28.37 -30.80 -27.46
C THR F 134 27.93 -29.64 -28.33
N ARG F 135 28.73 -29.23 -29.31
CA ARG F 135 28.32 -28.15 -30.19
C ARG F 135 27.85 -28.66 -31.54
N TRP F 136 28.62 -29.53 -32.20
CA TRP F 136 28.29 -29.94 -33.55
C TRP F 136 27.62 -31.31 -33.60
N GLY F 137 27.31 -31.90 -32.45
CA GLY F 137 26.50 -33.10 -32.45
C GLY F 137 25.07 -32.79 -32.82
N ASN F 138 24.38 -33.81 -33.32
CA ASN F 138 23.08 -33.62 -33.95
C ASN F 138 21.89 -33.87 -33.01
N GLN F 139 22.11 -34.51 -31.87
CA GLN F 139 20.99 -35.01 -31.08
C GLN F 139 20.73 -34.16 -29.84
N THR F 140 19.71 -34.55 -29.09
CA THR F 140 19.39 -33.89 -27.83
C THR F 140 20.40 -34.22 -26.75
N GLU F 141 20.77 -35.49 -26.63
CA GLU F 141 21.55 -35.98 -25.51
C GLU F 141 23.05 -35.84 -25.72
N ARG F 142 23.47 -34.99 -26.67
CA ARG F 142 24.90 -34.72 -26.79
C ARG F 142 25.43 -33.99 -25.56
N LEU F 143 24.59 -33.18 -24.92
CA LEU F 143 24.98 -32.53 -23.68
C LEU F 143 25.19 -33.54 -22.56
N ASN F 144 24.28 -34.51 -22.45
CA ASN F 144 24.43 -35.56 -21.43
C ASN F 144 25.64 -36.44 -21.73
N ALA F 145 25.90 -36.70 -23.01
CA ALA F 145 27.09 -37.47 -23.39
C ALA F 145 28.36 -36.73 -23.01
N GLY F 146 28.39 -35.42 -23.24
CA GLY F 146 29.55 -34.63 -22.84
C GLY F 146 29.75 -34.58 -21.34
N LEU F 147 28.66 -34.48 -20.58
CA LEU F 147 28.76 -34.49 -19.12
C LEU F 147 29.30 -35.82 -18.62
N TYR F 148 28.78 -36.92 -19.15
CA TYR F 148 29.24 -38.26 -18.73
C TYR F 148 30.71 -38.44 -19.06
N PHE F 149 31.11 -38.07 -20.27
CA PHE F 149 32.49 -38.25 -20.73
C PHE F 149 33.46 -37.42 -19.88
N LEU F 150 33.13 -36.15 -19.69
CA LEU F 150 33.97 -35.24 -18.92
C LEU F 150 34.12 -35.71 -17.48
N PHE F 151 33.01 -36.09 -16.85
CA PHE F 151 33.09 -36.39 -15.44
C PHE F 151 33.68 -37.77 -15.16
N TYR F 152 33.47 -38.75 -16.05
CA TYR F 152 34.19 -40.01 -15.91
C TYR F 152 35.69 -39.79 -16.01
N THR F 153 36.13 -39.00 -17.01
CA THR F 153 37.56 -38.78 -17.18
C THR F 153 38.17 -38.03 -16.00
N LEU F 154 37.50 -37.00 -15.51
CA LEU F 154 38.08 -36.19 -14.44
C LEU F 154 38.07 -36.92 -13.11
N ALA F 155 36.97 -37.65 -12.81
CA ALA F 155 36.91 -38.44 -11.60
C ALA F 155 37.95 -39.56 -11.61
N GLY F 156 38.25 -40.12 -12.78
CA GLY F 156 39.32 -41.08 -12.85
C GLY F 156 40.70 -40.47 -12.74
N SER F 157 40.86 -39.23 -13.18
CA SER F 157 42.20 -38.68 -13.40
C SER F 157 42.73 -37.78 -12.29
N LEU F 158 41.87 -37.23 -11.42
CA LEU F 158 42.40 -36.44 -10.31
C LEU F 158 43.28 -37.22 -9.33
N PRO F 159 42.93 -38.45 -8.89
CA PRO F 159 43.92 -39.22 -8.11
C PRO F 159 45.21 -39.53 -8.86
N LEU F 160 45.17 -39.60 -10.19
CA LEU F 160 46.40 -39.78 -10.95
C LEU F 160 47.32 -38.58 -10.78
N LEU F 161 46.76 -37.37 -10.79
CA LEU F 161 47.56 -36.17 -10.55
C LEU F 161 48.16 -36.19 -9.16
N VAL F 162 47.36 -36.58 -8.16
CA VAL F 162 47.87 -36.64 -6.79
C VAL F 162 49.00 -37.67 -6.67
N ALA F 163 48.83 -38.84 -7.28
CA ALA F 163 49.84 -39.88 -7.19
C ALA F 163 51.10 -39.53 -7.95
N LEU F 164 50.96 -38.85 -9.10
CA LEU F 164 52.14 -38.42 -9.85
C LEU F 164 52.94 -37.38 -9.09
N ILE F 165 52.24 -36.46 -8.41
CA ILE F 165 52.97 -35.48 -7.60
C ILE F 165 53.64 -36.15 -6.41
N TYR F 166 53.01 -37.17 -5.84
CA TYR F 166 53.64 -37.94 -4.77
C TYR F 166 54.90 -38.65 -5.26
N ILE F 167 54.85 -39.23 -6.46
CA ILE F 167 56.02 -39.89 -7.04
C ILE F 167 57.13 -38.89 -7.30
N GLN F 168 56.76 -37.69 -7.76
CA GLN F 168 57.75 -36.63 -7.95
C GLN F 168 58.42 -36.25 -6.63
N ASN F 169 57.65 -36.12 -5.56
CA ASN F 169 58.23 -35.72 -4.29
C ASN F 169 59.06 -36.83 -3.66
N THR F 170 58.70 -38.09 -3.89
CA THR F 170 59.39 -39.20 -3.25
C THR F 170 60.64 -39.62 -4.00
N MET F 171 60.55 -39.73 -5.33
CA MET F 171 61.68 -40.18 -6.13
C MET F 171 62.60 -39.04 -6.57
N GLY F 172 62.06 -37.83 -6.70
CA GLY F 172 62.85 -36.68 -7.07
C GLY F 172 62.70 -36.24 -8.51
N SER F 173 62.17 -37.09 -9.37
CA SER F 173 62.00 -36.73 -10.77
C SER F 173 60.84 -37.51 -11.37
N LEU F 174 60.20 -36.91 -12.37
CA LEU F 174 59.20 -37.58 -13.18
C LEU F 174 59.66 -37.79 -14.61
N ASN F 175 60.95 -37.58 -14.88
CA ASN F 175 61.50 -37.81 -16.20
C ASN F 175 61.53 -39.31 -16.48
N PHE F 176 60.99 -39.72 -17.62
CA PHE F 176 60.87 -41.15 -17.90
C PHE F 176 62.22 -41.81 -18.15
N LEU F 177 63.19 -41.05 -18.67
CA LEU F 177 64.52 -41.62 -18.86
C LEU F 177 65.24 -41.82 -17.53
N ILE F 178 65.00 -40.93 -16.56
CA ILE F 178 65.58 -41.10 -15.23
C ILE F 178 64.91 -42.27 -14.51
N LEU F 179 63.59 -42.35 -14.59
CA LEU F 179 62.84 -43.35 -13.84
C LEU F 179 63.08 -44.77 -14.34
N GLN F 180 63.62 -44.93 -15.54
CA GLN F 180 64.01 -46.26 -16.01
C GLN F 180 65.19 -46.80 -15.22
N TYR F 181 66.07 -45.91 -14.75
CA TYR F 181 67.26 -46.30 -14.03
C TYR F 181 67.16 -46.11 -12.52
N TRP F 182 66.23 -45.29 -12.05
CA TRP F 182 66.08 -44.99 -10.64
C TRP F 182 64.91 -45.73 -10.01
N VAL F 183 64.33 -46.71 -10.70
CA VAL F 183 63.10 -47.33 -10.22
C VAL F 183 63.40 -48.24 -9.04
N GLN F 184 62.41 -48.41 -8.17
CA GLN F 184 62.52 -49.20 -6.96
C GLN F 184 61.34 -50.15 -6.87
N PRO F 185 61.50 -51.30 -6.20
CA PRO F 185 60.36 -52.18 -5.99
C PRO F 185 59.30 -51.53 -5.10
N MET F 186 58.04 -51.84 -5.39
CA MET F 186 56.93 -51.33 -4.61
C MET F 186 56.36 -52.46 -3.76
N PRO F 187 56.53 -52.43 -2.45
CA PRO F 187 56.16 -53.58 -1.61
C PRO F 187 54.65 -53.67 -1.42
N ASN F 188 54.23 -54.73 -0.74
CA ASN F 188 52.81 -55.00 -0.52
C ASN F 188 52.36 -54.29 0.75
N SER F 189 51.50 -53.29 0.59
CA SER F 189 50.90 -52.59 1.72
C SER F 189 49.60 -51.95 1.22
N TRP F 190 48.87 -51.33 2.14
CA TRP F 190 47.65 -50.64 1.74
C TRP F 190 47.97 -49.33 1.04
N SER F 191 49.04 -48.66 1.48
CA SER F 191 49.46 -47.42 0.84
C SER F 191 49.82 -47.65 -0.62
N ASN F 192 50.58 -48.72 -0.89
CA ASN F 192 50.95 -49.02 -2.26
C ASN F 192 49.77 -49.56 -3.06
N THR F 193 48.80 -50.19 -2.39
CA THR F 193 47.58 -50.61 -3.07
C THR F 193 46.82 -49.41 -3.60
N PHE F 194 46.67 -48.37 -2.77
CA PHE F 194 45.98 -47.18 -3.25
C PHE F 194 46.83 -46.35 -4.20
N MET F 195 48.16 -46.47 -4.10
CA MET F 195 49.03 -45.92 -5.13
C MET F 195 48.76 -46.55 -6.49
N TRP F 196 48.65 -47.88 -6.51
CA TRP F 196 48.37 -48.59 -7.76
C TRP F 196 47.02 -48.21 -8.32
N LEU F 197 46.01 -48.12 -7.45
CA LEU F 197 44.68 -47.73 -7.89
C LEU F 197 44.67 -46.31 -8.44
N ALA F 198 45.35 -45.38 -7.77
CA ALA F 198 45.39 -43.99 -8.22
C ALA F 198 46.14 -43.85 -9.54
N CYS F 199 47.24 -44.59 -9.70
CA CYS F 199 47.99 -44.50 -10.95
C CYS F 199 47.31 -45.24 -12.10
N MET F 200 46.41 -46.16 -11.82
CA MET F 200 45.84 -46.98 -12.88
C MET F 200 44.42 -46.59 -13.29
N MET F 201 43.64 -45.98 -12.40
CA MET F 201 42.21 -45.81 -12.67
C MET F 201 41.92 -44.81 -13.78
N ALA F 202 42.80 -43.81 -13.97
CA ALA F 202 42.59 -42.84 -15.04
C ALA F 202 42.66 -43.51 -16.41
N PHE F 203 43.68 -44.33 -16.62
CA PHE F 203 43.81 -45.04 -17.89
C PHE F 203 42.84 -46.21 -18.00
N MET F 204 42.38 -46.76 -16.87
CA MET F 204 41.33 -47.77 -16.95
C MET F 204 40.01 -47.16 -17.37
N VAL F 205 39.72 -45.94 -16.93
CA VAL F 205 38.52 -45.24 -17.37
C VAL F 205 38.64 -44.85 -18.84
N LYS F 206 39.79 -44.31 -19.24
CA LYS F 206 39.93 -43.78 -20.59
C LYS F 206 39.99 -44.86 -21.66
N MET F 207 40.22 -46.12 -21.30
CA MET F 207 40.49 -47.14 -22.32
C MET F 207 39.26 -47.62 -23.07
N PRO F 208 38.15 -48.04 -22.43
CA PRO F 208 37.69 -48.17 -21.04
C PRO F 208 37.63 -49.59 -20.51
N LEU F 209 37.63 -49.70 -19.18
CA LEU F 209 37.41 -50.96 -18.51
C LEU F 209 35.92 -51.29 -18.53
N TYR F 210 35.60 -52.58 -18.50
CA TYR F 210 34.21 -52.98 -18.37
C TYR F 210 33.69 -52.60 -16.99
N GLY F 211 32.54 -51.91 -16.98
CA GLY F 211 32.00 -51.33 -15.79
C GLY F 211 32.23 -49.85 -15.65
N LEU F 212 33.28 -49.34 -16.29
CA LEU F 212 33.54 -47.91 -16.41
C LEU F 212 33.34 -47.42 -17.83
N HIS F 213 32.68 -48.21 -18.66
CA HIS F 213 32.55 -47.94 -20.09
C HIS F 213 31.26 -47.23 -20.44
N LEU F 214 30.50 -46.76 -19.46
CA LEU F 214 29.16 -46.25 -19.72
C LEU F 214 29.17 -44.94 -20.50
N TRP F 215 30.27 -44.21 -20.50
CA TRP F 215 30.35 -42.99 -21.27
C TRP F 215 30.62 -43.23 -22.75
N LEU F 216 31.07 -44.43 -23.12
CA LEU F 216 31.49 -44.64 -24.51
C LEU F 216 30.35 -44.76 -25.49
N PRO F 217 29.25 -45.54 -25.23
CA PRO F 217 28.17 -45.58 -26.23
C PRO F 217 27.31 -44.32 -26.26
N LYS F 218 27.70 -43.29 -25.52
CA LYS F 218 27.11 -41.97 -25.61
C LYS F 218 28.02 -41.00 -26.36
N ALA F 219 29.26 -40.87 -25.93
CA ALA F 219 30.19 -39.95 -26.59
C ALA F 219 30.51 -40.42 -28.00
N HIS F 220 30.53 -41.73 -28.24
CA HIS F 220 30.81 -42.22 -29.58
C HIS F 220 29.61 -42.09 -30.51
N VAL F 221 28.42 -41.86 -29.97
CA VAL F 221 27.19 -41.88 -30.75
C VAL F 221 26.68 -40.47 -31.02
N GLU F 222 26.65 -39.61 -30.00
CA GLU F 222 26.12 -38.27 -30.23
C GLU F 222 27.15 -37.31 -30.81
N ALA F 223 28.39 -37.75 -31.01
CA ALA F 223 29.41 -36.92 -31.63
C ALA F 223 29.17 -36.81 -33.13
N PRO F 224 29.76 -35.80 -33.79
CA PRO F 224 29.81 -35.82 -35.26
C PRO F 224 30.80 -36.86 -35.76
N ILE F 225 30.96 -36.95 -37.09
CA ILE F 225 31.78 -38.03 -37.65
C ILE F 225 33.26 -37.83 -37.31
N ALA F 226 33.75 -36.59 -37.41
CA ALA F 226 35.15 -36.32 -37.08
C ALA F 226 35.42 -36.57 -35.60
N GLY F 227 34.47 -36.18 -34.74
CA GLY F 227 34.61 -36.49 -33.33
C GLY F 227 34.63 -37.97 -33.04
N SER F 228 33.77 -38.74 -33.71
CA SER F 228 33.76 -40.18 -33.50
C SER F 228 35.05 -40.83 -33.99
N MET F 229 35.59 -40.33 -35.11
CA MET F 229 36.85 -40.85 -35.63
C MET F 229 37.99 -40.59 -34.68
N VAL F 230 38.08 -39.36 -34.15
CA VAL F 230 39.20 -39.06 -33.25
C VAL F 230 39.00 -39.67 -31.87
N LEU F 231 37.76 -39.96 -31.46
CA LEU F 231 37.53 -40.65 -30.20
C LEU F 231 37.87 -42.12 -30.29
N ALA F 232 37.48 -42.77 -31.39
CA ALA F 232 37.76 -44.20 -31.51
C ALA F 232 39.20 -44.48 -31.89
N ALA F 233 39.81 -43.62 -32.71
CA ALA F 233 41.09 -43.95 -33.31
C ALA F 233 42.29 -43.60 -32.44
N ILE F 234 42.24 -42.51 -31.68
CA ILE F 234 43.39 -42.02 -30.93
C ILE F 234 43.12 -41.95 -29.44
N LEU F 235 41.95 -41.42 -29.05
CA LEU F 235 41.73 -41.03 -27.67
C LEU F 235 41.63 -42.23 -26.74
N LEU F 236 41.20 -43.38 -27.25
CA LEU F 236 41.20 -44.58 -26.44
C LEU F 236 42.61 -45.10 -26.19
N LYS F 237 43.57 -44.73 -27.03
CA LYS F 237 44.94 -45.23 -26.93
C LYS F 237 45.79 -44.41 -25.98
N LEU F 238 45.30 -43.26 -25.50
CA LEU F 238 46.00 -42.54 -24.46
C LEU F 238 46.06 -43.36 -23.18
N GLY F 239 44.98 -44.09 -22.87
CA GLY F 239 45.01 -44.99 -21.74
C GLY F 239 46.01 -46.11 -21.90
N GLY F 240 46.11 -46.67 -23.10
CA GLY F 240 47.08 -47.71 -23.35
C GLY F 240 48.50 -47.23 -23.23
N TYR F 241 48.79 -46.06 -23.79
CA TYR F 241 50.12 -45.46 -23.67
C TYR F 241 50.43 -45.15 -22.20
N GLY F 242 49.44 -44.67 -21.45
CA GLY F 242 49.66 -44.38 -20.04
C GLY F 242 49.96 -45.61 -19.22
N MET F 243 49.22 -46.70 -19.43
CA MET F 243 49.54 -47.93 -18.71
C MET F 243 50.87 -48.54 -19.15
N MET F 244 51.26 -48.36 -20.41
CA MET F 244 52.57 -48.85 -20.83
C MET F 244 53.69 -48.05 -20.18
N ARG F 245 53.50 -46.74 -20.01
CA ARG F 245 54.53 -45.92 -19.38
C ARG F 245 54.55 -46.06 -17.86
N ILE F 246 53.40 -46.24 -17.22
CA ILE F 246 53.30 -46.14 -15.76
C ILE F 246 53.48 -47.47 -15.05
N THR F 247 53.43 -48.60 -15.77
CA THR F 247 53.59 -49.90 -15.13
C THR F 247 55.01 -50.13 -14.64
N LEU F 248 55.97 -49.33 -15.13
CA LEU F 248 57.36 -49.46 -14.71
C LEU F 248 57.54 -49.20 -13.22
N LEU F 249 56.80 -48.24 -12.68
CA LEU F 249 56.93 -47.89 -11.27
C LEU F 249 56.13 -48.80 -10.34
N LEU F 250 55.25 -49.64 -10.87
CA LEU F 250 54.28 -50.38 -10.06
C LEU F 250 54.64 -51.85 -9.92
N ASN F 251 55.92 -52.17 -9.76
CA ASN F 251 56.32 -53.56 -9.61
C ASN F 251 56.90 -53.80 -8.22
N PRO F 252 56.73 -55.01 -7.65
CA PRO F 252 56.02 -56.19 -8.13
C PRO F 252 54.60 -56.30 -7.64
N ILE F 253 53.97 -55.17 -7.33
CA ILE F 253 52.61 -55.19 -6.80
C ILE F 253 51.57 -55.44 -7.88
N THR F 254 51.95 -55.36 -9.15
CA THR F 254 50.99 -55.56 -10.24
C THR F 254 50.55 -57.01 -10.33
N ASP F 255 51.41 -57.95 -9.95
CA ASP F 255 51.15 -59.37 -10.19
C ASP F 255 49.95 -59.91 -9.41
N PHE F 256 49.55 -59.26 -8.32
CA PHE F 256 48.31 -59.63 -7.64
C PHE F 256 47.27 -58.52 -7.62
N MET F 257 47.66 -57.27 -7.84
CA MET F 257 46.66 -56.21 -7.95
C MET F 257 46.01 -56.16 -9.33
N ALA F 258 46.52 -56.92 -10.29
CA ALA F 258 45.93 -56.96 -11.63
C ALA F 258 44.88 -58.04 -11.78
N TYR F 259 44.67 -58.89 -10.78
CA TYR F 259 43.68 -59.97 -10.89
C TYR F 259 42.24 -59.49 -11.09
N PRO F 260 41.68 -58.56 -10.29
CA PRO F 260 40.27 -58.20 -10.51
C PRO F 260 40.00 -57.56 -11.86
N PHE F 261 40.91 -56.75 -12.38
CA PHE F 261 40.69 -56.15 -13.68
C PHE F 261 40.91 -57.13 -14.80
N ILE F 262 41.76 -58.13 -14.59
CA ILE F 262 41.87 -59.20 -15.58
C ILE F 262 40.56 -59.99 -15.66
N MET F 263 39.95 -60.29 -14.51
CA MET F 263 38.65 -60.94 -14.56
C MET F 263 37.55 -60.03 -15.10
N LEU F 264 37.63 -58.73 -14.84
CA LEU F 264 36.63 -57.81 -15.38
C LEU F 264 36.74 -57.70 -16.90
N SER F 265 37.96 -57.67 -17.43
CA SER F 265 38.18 -57.48 -18.85
C SER F 265 38.10 -58.77 -19.66
N LEU F 266 38.37 -59.92 -19.04
CA LEU F 266 38.17 -61.18 -19.73
C LEU F 266 36.69 -61.50 -19.87
N TRP F 267 35.91 -61.31 -18.80
CA TRP F 267 34.48 -61.50 -18.89
C TRP F 267 33.79 -60.34 -19.59
N GLY F 268 34.39 -59.14 -19.54
CA GLY F 268 33.76 -57.97 -20.13
C GLY F 268 33.65 -58.01 -21.63
N MET F 269 34.64 -58.60 -22.31
CA MET F 269 34.59 -58.65 -23.76
C MET F 269 33.51 -59.59 -24.26
N ILE F 270 33.21 -60.65 -23.51
CA ILE F 270 32.09 -61.52 -23.84
C ILE F 270 30.78 -60.77 -23.72
N MET F 271 30.63 -59.99 -22.64
CA MET F 271 29.41 -59.22 -22.44
C MET F 271 29.22 -58.16 -23.52
N THR F 272 30.30 -57.46 -23.89
CA THR F 272 30.16 -56.42 -24.90
C THR F 272 29.94 -56.99 -26.30
N SER F 273 30.55 -58.14 -26.61
CA SER F 273 30.26 -58.78 -27.89
C SER F 273 28.83 -59.29 -27.96
N SER F 274 28.32 -59.84 -26.85
CA SER F 274 26.93 -60.26 -26.79
C SER F 274 25.99 -59.06 -26.93
N ILE F 275 26.36 -57.92 -26.35
CA ILE F 275 25.60 -56.69 -26.54
C ILE F 275 25.60 -56.30 -28.01
N CYS F 276 26.76 -56.44 -28.68
CA CYS F 276 26.85 -56.18 -30.11
C CYS F 276 25.94 -57.08 -30.93
N LEU F 277 25.67 -58.29 -30.44
CA LEU F 277 24.79 -59.19 -31.18
C LEU F 277 23.35 -58.70 -31.26
N ARG F 278 22.90 -57.88 -30.30
CA ARG F 278 21.51 -57.46 -30.21
C ARG F 278 21.40 -55.94 -30.16
N GLN F 279 22.06 -55.26 -31.09
CA GLN F 279 22.06 -53.82 -31.15
C GLN F 279 21.19 -53.36 -32.30
N THR F 280 20.28 -52.42 -32.05
CA THR F 280 19.46 -51.83 -33.08
C THR F 280 20.11 -50.61 -33.72
N ASP F 281 21.21 -50.12 -33.17
CA ASP F 281 21.91 -48.94 -33.66
C ASP F 281 23.27 -49.35 -34.20
N LEU F 282 23.63 -48.82 -35.36
CA LEU F 282 24.92 -49.17 -35.97
C LEU F 282 26.08 -48.52 -35.24
N LYS F 283 25.94 -47.24 -34.91
CA LYS F 283 27.00 -46.51 -34.21
C LYS F 283 27.27 -47.09 -32.83
N SER F 284 26.20 -47.46 -32.11
CA SER F 284 26.37 -48.09 -30.80
C SER F 284 27.05 -49.44 -30.92
N LEU F 285 26.76 -50.18 -32.00
CA LEU F 285 27.39 -51.47 -32.23
C LEU F 285 28.89 -51.32 -32.43
N ILE F 286 29.29 -50.31 -33.22
CA ILE F 286 30.70 -50.04 -33.43
C ILE F 286 31.38 -49.62 -32.12
N ALA F 287 30.69 -48.80 -31.31
CA ALA F 287 31.25 -48.38 -30.03
C ALA F 287 31.46 -49.56 -29.08
N TYR F 288 30.50 -50.48 -29.00
CA TYR F 288 30.67 -51.63 -28.12
C TYR F 288 31.76 -52.57 -28.62
N SER F 289 31.91 -52.69 -29.94
CA SER F 289 33.05 -53.43 -30.49
C SER F 289 34.37 -52.81 -30.07
N SER F 290 34.43 -51.48 -30.05
CA SER F 290 35.62 -50.79 -29.54
C SER F 290 35.88 -51.12 -28.08
N VAL F 291 34.81 -51.22 -27.28
CA VAL F 291 34.95 -51.58 -25.87
C VAL F 291 35.59 -52.97 -25.74
N SER F 292 35.13 -53.92 -26.55
CA SER F 292 35.67 -55.28 -26.49
C SER F 292 37.15 -55.33 -26.88
N HIS F 293 37.53 -54.64 -27.96
CA HIS F 293 38.93 -54.67 -28.38
C HIS F 293 39.83 -53.97 -27.37
N MET F 294 39.36 -52.88 -26.76
CA MET F 294 40.18 -52.23 -25.74
C MET F 294 40.25 -53.06 -24.47
N ALA F 295 39.25 -53.91 -24.19
CA ALA F 295 39.39 -54.86 -23.10
C ALA F 295 40.50 -55.87 -23.38
N LEU F 296 40.62 -56.30 -24.64
CA LEU F 296 41.73 -57.16 -25.04
C LEU F 296 43.08 -56.48 -24.77
N VAL F 297 43.19 -55.20 -25.13
CA VAL F 297 44.43 -54.46 -24.90
C VAL F 297 44.71 -54.31 -23.40
N ILE F 298 43.65 -54.14 -22.60
CA ILE F 298 43.81 -54.02 -21.15
C ILE F 298 44.42 -55.29 -20.58
N VAL F 299 43.90 -56.46 -20.99
CA VAL F 299 44.45 -57.73 -20.50
C VAL F 299 45.90 -57.90 -20.93
N ALA F 300 46.20 -57.54 -22.17
CA ALA F 300 47.56 -57.67 -22.69
C ALA F 300 48.55 -56.81 -21.89
N ILE F 301 48.16 -55.57 -21.58
CA ILE F 301 49.05 -54.71 -20.80
C ILE F 301 49.18 -55.22 -19.37
N LEU F 302 48.10 -55.76 -18.81
CA LEU F 302 48.13 -56.15 -17.41
C LEU F 302 48.95 -57.40 -17.17
N ILE F 303 49.02 -58.32 -18.13
CA ILE F 303 49.83 -59.52 -17.89
C ILE F 303 51.33 -59.28 -18.09
N GLN F 304 51.70 -58.17 -18.73
CA GLN F 304 53.06 -57.62 -18.86
C GLN F 304 54.12 -58.66 -19.24
N THR F 305 53.97 -59.19 -20.45
CA THR F 305 54.96 -60.01 -21.11
C THR F 305 55.32 -59.37 -22.45
N PRO F 306 56.49 -59.69 -23.02
CA PRO F 306 56.87 -59.07 -24.31
C PRO F 306 55.90 -59.31 -25.46
N TRP F 307 55.42 -60.55 -25.60
CA TRP F 307 54.46 -60.86 -26.65
C TRP F 307 53.17 -60.10 -26.46
N SER F 308 52.73 -59.97 -25.21
CA SER F 308 51.52 -59.22 -24.90
C SER F 308 51.68 -57.75 -25.25
N TYR F 309 52.86 -57.17 -24.99
CA TYR F 309 53.07 -55.76 -25.31
C TYR F 309 53.09 -55.51 -26.81
N MET F 310 53.76 -56.39 -27.57
CA MET F 310 53.77 -56.25 -29.02
C MET F 310 52.37 -56.43 -29.60
N GLY F 311 51.62 -57.42 -29.12
CA GLY F 311 50.26 -57.59 -29.55
C GLY F 311 49.38 -56.42 -29.18
N ALA F 312 49.62 -55.82 -28.02
CA ALA F 312 48.82 -54.69 -27.57
C ALA F 312 49.02 -53.47 -28.45
N THR F 313 50.27 -53.15 -28.79
CA THR F 313 50.47 -51.95 -29.61
C THR F 313 50.01 -52.18 -31.05
N ALA F 314 50.23 -53.39 -31.59
CA ALA F 314 49.73 -53.69 -32.94
C ALA F 314 48.20 -53.66 -32.97
N LEU F 315 47.57 -54.21 -31.95
CA LEU F 315 46.11 -54.24 -31.89
C LEU F 315 45.55 -52.83 -31.72
N MET F 316 46.26 -51.98 -30.97
CA MET F 316 45.82 -50.59 -30.82
C MET F 316 45.81 -49.87 -32.15
N ILE F 317 46.90 -49.98 -32.92
CA ILE F 317 46.96 -49.29 -34.21
C ILE F 317 45.90 -49.84 -35.17
N ALA F 318 45.79 -51.17 -35.22
CA ALA F 318 44.86 -51.81 -36.14
C ALA F 318 43.41 -51.46 -35.81
N HIS F 319 43.05 -51.48 -34.52
CA HIS F 319 41.69 -51.15 -34.13
C HIS F 319 41.39 -49.69 -34.36
N GLY F 320 42.38 -48.80 -34.21
CA GLY F 320 42.16 -47.41 -34.53
C GLY F 320 41.78 -47.21 -35.99
N LEU F 321 42.54 -47.82 -36.90
CA LEU F 321 42.22 -47.70 -38.33
C LEU F 321 40.87 -48.33 -38.66
N THR F 322 40.59 -49.52 -38.13
CA THR F 322 39.35 -50.23 -38.46
C THR F 322 38.13 -49.51 -37.91
N SER F 323 38.19 -49.03 -36.67
CA SER F 323 37.07 -48.32 -36.09
C SER F 323 36.80 -47.01 -36.79
N SER F 324 37.87 -46.30 -37.20
CA SER F 324 37.67 -45.09 -37.98
C SER F 324 36.96 -45.36 -39.29
N MET F 325 37.37 -46.42 -40.00
CA MET F 325 36.72 -46.76 -41.26
C MET F 325 35.26 -47.15 -41.06
N LEU F 326 34.97 -47.93 -40.01
CA LEU F 326 33.60 -48.35 -39.75
C LEU F 326 32.70 -47.17 -39.41
N PHE F 327 33.22 -46.22 -38.61
CA PHE F 327 32.44 -45.03 -38.31
C PHE F 327 32.20 -44.18 -39.55
N CYS F 328 33.18 -44.11 -40.46
CA CYS F 328 32.99 -43.39 -41.70
C CYS F 328 31.91 -44.03 -42.57
N LEU F 329 31.90 -45.36 -42.67
CA LEU F 329 30.88 -46.05 -43.46
C LEU F 329 29.49 -45.85 -42.87
N ALA F 330 29.37 -45.96 -41.55
CA ALA F 330 28.09 -45.72 -40.90
C ALA F 330 27.63 -44.28 -41.09
N ASN F 331 28.57 -43.33 -41.11
CA ASN F 331 28.22 -41.94 -41.37
C ASN F 331 27.71 -41.74 -42.79
N SER F 332 28.31 -42.44 -43.75
CA SER F 332 27.82 -42.33 -45.13
C SER F 332 26.39 -42.86 -45.24
N ASN F 333 26.10 -43.97 -44.57
CA ASN F 333 24.72 -44.47 -44.53
C ASN F 333 23.78 -43.46 -43.86
N TYR F 334 24.25 -42.80 -42.80
CA TYR F 334 23.44 -41.81 -42.11
C TYR F 334 23.16 -40.60 -42.98
N GLU F 335 24.14 -40.15 -43.76
CA GLU F 335 23.90 -39.07 -44.70
C GLU F 335 22.92 -39.48 -45.78
N ARG F 336 22.93 -40.75 -46.17
CA ARG F 336 21.98 -41.17 -47.21
C ARG F 336 20.55 -41.26 -46.69
N VAL F 337 20.34 -41.87 -45.53
CA VAL F 337 18.97 -42.20 -45.09
C VAL F 337 18.50 -41.41 -43.88
N HIS F 338 19.36 -40.61 -43.25
CA HIS F 338 19.00 -39.73 -42.13
C HIS F 338 18.43 -40.49 -40.93
N SER F 339 18.97 -41.68 -40.69
CA SER F 339 18.61 -42.46 -39.51
C SER F 339 19.73 -43.44 -39.20
N ARG F 340 19.92 -43.71 -37.92
CA ARG F 340 20.97 -44.62 -37.45
C ARG F 340 20.47 -46.03 -37.20
N THR F 341 19.20 -46.32 -37.49
CA THR F 341 18.67 -47.65 -37.24
C THR F 341 19.23 -48.64 -38.25
N MET F 342 19.67 -49.80 -37.76
CA MET F 342 20.32 -50.78 -38.62
C MET F 342 19.33 -51.53 -39.50
N ILE F 343 18.07 -51.66 -39.06
CA ILE F 343 17.08 -52.42 -39.81
C ILE F 343 16.36 -51.59 -40.86
N LEU F 344 16.55 -50.27 -40.88
CA LEU F 344 15.78 -49.42 -41.79
C LEU F 344 16.23 -49.59 -43.23
N ALA F 345 17.49 -49.24 -43.51
CA ALA F 345 18.02 -49.31 -44.87
C ALA F 345 18.73 -50.65 -45.05
N ARG F 346 18.16 -51.51 -45.89
CA ARG F 346 18.69 -52.84 -46.12
C ARG F 346 18.97 -53.03 -47.61
N GLY F 347 19.71 -54.08 -47.93
CA GLY F 347 19.95 -54.48 -49.30
C GLY F 347 20.66 -53.45 -50.15
N LEU F 348 21.65 -52.75 -49.60
CA LEU F 348 22.30 -51.66 -50.31
C LEU F 348 23.36 -52.14 -51.30
N GLN F 349 23.64 -53.45 -51.34
CA GLN F 349 24.59 -53.96 -52.32
C GLN F 349 24.05 -53.88 -53.74
N THR F 350 22.72 -53.99 -53.91
CA THR F 350 22.15 -53.85 -55.23
C THR F 350 22.18 -52.40 -55.72
N LEU F 351 22.35 -51.43 -54.81
CA LEU F 351 22.40 -50.03 -55.15
C LEU F 351 23.78 -49.43 -55.05
N LEU F 352 24.59 -49.86 -54.09
CA LEU F 352 25.91 -49.30 -53.82
C LEU F 352 26.93 -50.43 -53.79
N PRO F 353 27.38 -50.91 -54.95
CA PRO F 353 28.24 -52.11 -54.95
C PRO F 353 29.66 -51.88 -54.44
N LEU F 354 30.32 -50.79 -54.83
CA LEU F 354 31.68 -50.56 -54.35
C LEU F 354 31.71 -50.18 -52.88
N MET F 355 30.69 -49.44 -52.41
CA MET F 355 30.55 -49.24 -50.98
C MET F 355 30.32 -50.55 -50.25
N ALA F 356 29.62 -51.49 -50.87
CA ALA F 356 29.46 -52.81 -50.27
C ALA F 356 30.79 -53.55 -50.19
N ALA F 357 31.65 -53.36 -51.20
CA ALA F 357 32.99 -53.94 -51.13
C ALA F 357 33.81 -53.33 -50.00
N TRP F 358 33.72 -52.02 -49.82
CA TRP F 358 34.40 -51.37 -48.70
C TRP F 358 33.87 -51.88 -47.36
N TRP F 359 32.55 -52.07 -47.27
CA TRP F 359 31.95 -52.64 -46.08
C TRP F 359 32.47 -54.04 -45.80
N LEU F 360 32.61 -54.85 -46.85
CA LEU F 360 33.11 -56.20 -46.70
C LEU F 360 34.55 -56.21 -46.21
N LEU F 361 35.39 -55.33 -46.77
CA LEU F 361 36.78 -55.27 -46.33
C LEU F 361 36.90 -54.80 -44.87
N ALA F 362 36.11 -53.80 -44.49
CA ALA F 362 36.14 -53.34 -43.10
C ALA F 362 35.66 -54.42 -42.14
N SER F 363 34.62 -55.16 -42.52
CA SER F 363 34.12 -56.25 -41.69
C SER F 363 35.16 -57.37 -41.59
N LEU F 364 35.85 -57.66 -42.69
CA LEU F 364 36.86 -58.72 -42.68
C LEU F 364 38.03 -58.35 -41.78
N THR F 365 38.46 -57.10 -41.81
CA THR F 365 39.51 -56.68 -40.89
C THR F 365 39.02 -56.57 -39.45
N ASN F 366 37.72 -56.38 -39.24
CA ASN F 366 37.19 -56.33 -37.88
C ASN F 366 37.26 -57.68 -37.19
N LEU F 367 37.00 -58.77 -37.92
CA LEU F 367 37.04 -60.11 -37.35
C LEU F 367 38.43 -60.74 -37.44
N ALA F 368 39.45 -59.94 -37.71
CA ALA F 368 40.87 -60.35 -37.70
C ALA F 368 41.14 -61.47 -38.71
N LEU F 369 40.96 -61.11 -39.98
CA LEU F 369 41.34 -62.01 -41.06
C LEU F 369 42.84 -61.93 -41.29
N PRO F 370 43.57 -63.06 -41.21
CA PRO F 370 45.01 -63.01 -41.46
C PRO F 370 45.31 -62.80 -42.92
N PRO F 371 46.46 -62.19 -43.25
CA PRO F 371 47.50 -61.70 -42.34
C PRO F 371 47.40 -60.20 -42.03
N SER F 372 46.22 -59.71 -41.69
CA SER F 372 46.10 -58.32 -41.30
C SER F 372 46.73 -58.11 -39.92
N ILE F 373 47.11 -56.86 -39.64
CA ILE F 373 47.74 -56.55 -38.37
C ILE F 373 46.76 -56.67 -37.21
N ASN F 374 45.46 -56.61 -37.50
CA ASN F 374 44.45 -56.97 -36.51
C ASN F 374 44.67 -58.37 -35.99
N LEU F 375 44.83 -59.34 -36.90
CA LEU F 375 45.06 -60.72 -36.50
C LEU F 375 46.41 -60.88 -35.84
N ILE F 376 47.43 -60.13 -36.26
CA ILE F 376 48.75 -60.23 -35.65
C ILE F 376 48.69 -59.82 -34.19
N GLY F 377 48.05 -58.67 -33.92
CA GLY F 377 47.92 -58.22 -32.53
C GLY F 377 47.08 -59.16 -31.70
N GLU F 378 45.92 -59.56 -32.23
CA GLU F 378 45.03 -60.46 -31.48
C GLU F 378 45.69 -61.80 -31.22
N LEU F 379 46.43 -62.32 -32.20
CA LEU F 379 47.13 -63.59 -32.04
C LEU F 379 48.22 -63.50 -30.99
N PHE F 380 49.00 -62.43 -30.99
CA PHE F 380 50.07 -62.31 -30.01
C PHE F 380 49.52 -62.18 -28.60
N VAL F 381 48.42 -61.43 -28.44
CA VAL F 381 47.79 -61.32 -27.14
C VAL F 381 47.22 -62.68 -26.70
N VAL F 382 46.69 -63.45 -27.64
CA VAL F 382 46.15 -64.77 -27.32
C VAL F 382 47.27 -65.71 -26.87
N MET F 383 48.43 -65.67 -27.54
CA MET F 383 49.56 -66.50 -27.13
C MET F 383 50.03 -66.15 -25.74
N SER F 384 50.17 -64.85 -25.44
CA SER F 384 50.65 -64.44 -24.13
C SER F 384 49.65 -64.79 -23.02
N THR F 385 48.35 -64.65 -23.30
CA THR F 385 47.36 -65.02 -22.29
C THR F 385 47.29 -66.53 -22.11
N PHE F 386 47.57 -67.31 -23.15
CA PHE F 386 47.68 -68.75 -22.99
C PHE F 386 48.87 -69.09 -22.09
N SER F 387 49.97 -68.37 -22.25
CA SER F 387 51.10 -68.54 -21.34
C SER F 387 50.74 -68.16 -19.92
N TRP F 388 49.87 -67.16 -19.76
CA TRP F 388 49.40 -66.78 -18.43
C TRP F 388 48.60 -67.89 -17.79
N SER F 389 47.58 -68.40 -18.48
CA SER F 389 46.75 -69.49 -18.01
C SER F 389 46.09 -70.14 -19.20
N ASN F 390 45.61 -71.36 -19.02
CA ASN F 390 45.15 -72.15 -20.17
C ASN F 390 43.68 -71.94 -20.49
N ILE F 391 42.83 -71.61 -19.50
CA ILE F 391 41.41 -71.41 -19.76
C ILE F 391 41.14 -70.08 -20.44
N THR F 392 42.16 -69.22 -20.49
CA THR F 392 42.09 -68.02 -21.32
C THR F 392 41.89 -68.37 -22.79
N ILE F 393 42.34 -69.55 -23.24
CA ILE F 393 42.07 -69.95 -24.62
C ILE F 393 40.57 -70.21 -24.83
N ILE F 394 39.88 -70.71 -23.80
CA ILE F 394 38.43 -70.90 -23.91
C ILE F 394 37.75 -69.54 -24.04
N LEU F 395 38.15 -68.59 -23.19
CA LEU F 395 37.55 -67.26 -23.24
C LEU F 395 37.84 -66.56 -24.57
N MET F 396 39.08 -66.65 -25.05
CA MET F 396 39.46 -65.99 -26.31
C MET F 396 38.75 -66.61 -27.50
N GLY F 397 38.60 -67.94 -27.50
CA GLY F 397 37.88 -68.59 -28.59
C GLY F 397 36.41 -68.21 -28.65
N LEU F 398 35.78 -68.14 -27.47
CA LEU F 398 34.39 -67.66 -27.42
C LEU F 398 34.28 -66.23 -27.94
N ASN F 399 35.23 -65.36 -27.54
CA ASN F 399 35.21 -63.99 -28.00
C ASN F 399 35.39 -63.90 -29.51
N MET F 400 36.26 -64.72 -30.08
CA MET F 400 36.48 -64.70 -31.53
C MET F 400 35.24 -65.16 -32.28
N VAL F 401 34.55 -66.18 -31.76
CA VAL F 401 33.33 -66.66 -32.40
C VAL F 401 32.27 -65.58 -32.41
N ILE F 402 32.06 -64.92 -31.26
CA ILE F 402 31.02 -63.89 -31.21
C ILE F 402 31.43 -62.67 -32.04
N THR F 403 32.73 -62.37 -32.13
CA THR F 403 33.20 -61.25 -32.93
C THR F 403 32.91 -61.46 -34.41
N ALA F 404 33.21 -62.66 -34.91
CA ALA F 404 32.86 -63.00 -36.30
C ALA F 404 31.35 -62.93 -36.50
N LEU F 405 30.59 -63.40 -35.51
CA LEU F 405 29.13 -63.40 -35.60
C LEU F 405 28.58 -61.99 -35.77
N TYR F 406 28.99 -61.06 -34.90
CA TYR F 406 28.38 -59.73 -35.00
C TYR F 406 28.93 -58.93 -36.18
N SER F 407 30.18 -59.15 -36.59
CA SER F 407 30.67 -58.46 -37.77
C SER F 407 29.91 -58.90 -39.02
N LEU F 408 29.71 -60.20 -39.19
CA LEU F 408 28.95 -60.65 -40.35
C LEU F 408 27.47 -60.33 -40.21
N TYR F 409 26.95 -60.21 -38.98
CA TYR F 409 25.57 -59.77 -38.79
C TYR F 409 25.39 -58.32 -39.23
N MET F 410 26.35 -57.45 -38.89
CA MET F 410 26.40 -56.09 -39.42
C MET F 410 26.36 -56.08 -40.94
N LEU F 411 27.26 -56.86 -41.55
CA LEU F 411 27.38 -56.84 -43.01
C LEU F 411 26.12 -57.38 -43.69
N ILE F 412 25.59 -58.49 -43.19
CA ILE F 412 24.44 -59.14 -43.81
C ILE F 412 23.19 -58.28 -43.63
N THR F 413 23.03 -57.65 -42.47
CA THR F 413 21.86 -56.80 -42.25
C THR F 413 21.92 -55.55 -43.13
N THR F 414 23.06 -54.86 -43.16
CA THR F 414 23.10 -53.60 -43.88
C THR F 414 23.13 -53.77 -45.39
N GLN F 415 23.91 -54.74 -45.89
CA GLN F 415 24.20 -54.80 -47.30
C GLN F 415 23.38 -55.82 -48.07
N ARG F 416 23.03 -56.94 -47.45
CA ARG F 416 22.40 -58.04 -48.16
C ARG F 416 20.91 -58.09 -47.88
N GLY F 417 20.22 -58.94 -48.63
CA GLY F 417 18.79 -59.07 -48.53
C GLY F 417 18.05 -58.22 -49.55
N LYS F 418 16.75 -58.12 -49.36
CA LYS F 418 15.92 -57.30 -50.22
C LYS F 418 15.97 -55.85 -49.75
N HIS F 419 16.08 -54.92 -50.71
CA HIS F 419 16.19 -53.52 -50.39
C HIS F 419 14.87 -52.97 -49.84
N THR F 420 14.96 -51.84 -49.14
CA THR F 420 13.77 -51.19 -48.62
C THR F 420 13.01 -50.53 -49.76
N HIS F 421 11.69 -50.74 -49.79
CA HIS F 421 10.89 -50.30 -50.93
C HIS F 421 10.72 -48.78 -50.94
N HIS F 422 10.40 -48.20 -49.80
CA HIS F 422 9.97 -46.80 -49.76
C HIS F 422 11.11 -45.80 -49.67
N ILE F 423 12.35 -46.26 -49.65
CA ILE F 423 13.51 -45.38 -49.61
C ILE F 423 14.03 -45.21 -51.04
N ASN F 424 13.98 -43.99 -51.57
CA ASN F 424 14.34 -43.76 -52.96
C ASN F 424 15.33 -42.61 -53.13
N ASN F 425 16.04 -42.23 -52.07
CA ASN F 425 17.04 -41.17 -52.13
C ASN F 425 18.46 -41.72 -51.99
N ILE F 426 18.67 -42.96 -52.42
CA ILE F 426 19.99 -43.58 -52.32
C ILE F 426 20.84 -43.12 -53.49
N LEU F 427 21.57 -42.01 -53.29
CA LEU F 427 22.41 -41.45 -54.32
C LEU F 427 23.63 -42.34 -54.55
N PRO F 428 24.24 -42.28 -55.74
CA PRO F 428 25.50 -42.98 -55.95
C PRO F 428 26.61 -42.40 -55.10
N SER F 429 27.60 -43.25 -54.83
CA SER F 429 28.69 -42.87 -53.94
C SER F 429 29.53 -41.77 -54.58
N PHE F 430 29.84 -40.75 -53.79
CA PHE F 430 30.68 -39.66 -54.26
C PHE F 430 32.14 -40.13 -54.34
N THR F 431 32.95 -39.35 -55.06
CA THR F 431 34.37 -39.61 -55.08
C THR F 431 35.02 -39.33 -53.73
N ARG F 432 34.45 -38.40 -52.96
CA ARG F 432 35.00 -38.07 -51.65
C ARG F 432 34.87 -39.22 -50.67
N GLU F 433 33.70 -39.87 -50.63
CA GLU F 433 33.50 -40.99 -49.72
C GLU F 433 34.37 -42.18 -50.10
N ASN F 434 34.47 -42.47 -51.40
CA ASN F 434 35.32 -43.56 -51.86
C ASN F 434 36.79 -43.28 -51.58
N ALA F 435 37.22 -42.02 -51.75
CA ALA F 435 38.60 -41.66 -51.44
C ALA F 435 38.88 -41.80 -49.95
N LEU F 436 37.91 -41.43 -49.11
CA LEU F 436 38.05 -41.60 -47.67
C LEU F 436 38.16 -43.08 -47.29
N MET F 437 37.34 -43.93 -47.90
CA MET F 437 37.39 -45.36 -47.62
C MET F 437 38.72 -45.95 -48.05
N SER F 438 39.21 -45.56 -49.23
CA SER F 438 40.48 -46.11 -49.71
C SER F 438 41.66 -45.59 -48.88
N LEU F 439 41.60 -44.35 -48.41
CA LEU F 439 42.66 -43.84 -47.55
C LEU F 439 42.62 -44.49 -46.17
N HIS F 440 41.48 -45.04 -45.76
CA HIS F 440 41.47 -45.87 -44.56
C HIS F 440 41.97 -47.29 -44.84
N MET F 441 41.69 -47.83 -46.03
CA MET F 441 41.97 -49.24 -46.31
C MET F 441 43.41 -49.48 -46.72
N LEU F 442 43.94 -48.69 -47.65
CA LEU F 442 45.25 -48.99 -48.23
C LEU F 442 46.41 -48.97 -47.24
N PRO F 443 46.54 -48.02 -46.30
CA PRO F 443 47.58 -48.18 -45.27
C PRO F 443 47.40 -49.43 -44.42
N LEU F 444 46.16 -49.81 -44.12
CA LEU F 444 45.91 -50.99 -43.30
C LEU F 444 46.34 -52.27 -44.00
N LEU F 445 46.12 -52.35 -45.32
CA LEU F 445 46.56 -53.51 -46.07
C LEU F 445 48.05 -53.48 -46.35
N LEU F 446 48.62 -52.28 -46.54
CA LEU F 446 50.05 -52.18 -46.81
C LEU F 446 50.90 -52.51 -45.58
N LEU F 447 50.38 -52.23 -44.38
CA LEU F 447 51.14 -52.51 -43.17
C LEU F 447 51.35 -53.99 -42.91
N SER F 448 50.59 -54.86 -43.58
CA SER F 448 50.83 -56.30 -43.47
C SER F 448 52.11 -56.74 -44.16
N LEU F 449 52.61 -55.93 -45.10
CA LEU F 449 53.86 -56.27 -45.78
C LEU F 449 55.07 -56.00 -44.89
N ASN F 450 55.03 -54.92 -44.12
CA ASN F 450 56.10 -54.57 -43.18
C ASN F 450 55.48 -54.31 -41.82
N PRO F 451 55.12 -55.36 -41.08
CA PRO F 451 54.46 -55.16 -39.79
C PRO F 451 55.42 -54.89 -38.64
N LYS F 452 56.71 -54.73 -38.89
CA LYS F 452 57.67 -54.56 -37.82
C LYS F 452 57.72 -53.15 -37.27
N ILE F 453 57.06 -52.19 -37.91
CA ILE F 453 57.14 -50.80 -37.50
C ILE F 453 55.99 -50.44 -36.58
N ILE F 454 55.19 -51.44 -36.21
CA ILE F 454 54.04 -51.18 -35.33
C ILE F 454 54.06 -52.17 -34.17
N LEU F 455 55.22 -52.77 -33.88
CA LEU F 455 55.31 -53.81 -32.87
C LEU F 455 55.96 -53.34 -31.58
N GLY F 456 55.96 -52.03 -31.32
CA GLY F 456 56.37 -51.53 -30.03
C GLY F 456 57.86 -51.42 -29.84
N PRO F 457 58.28 -51.03 -28.64
CA PRO F 457 59.69 -50.77 -28.38
C PRO F 457 60.51 -52.01 -28.05
N LEU F 458 59.88 -53.17 -27.98
CA LEU F 458 60.58 -54.41 -27.66
C LEU F 458 60.32 -55.46 -28.73
N TYR F 459 60.35 -55.02 -29.99
CA TYR F 459 60.25 -55.90 -31.14
C TYR F 459 61.53 -56.72 -31.28
N MET G 1 23.85 9.61 -7.29
CA MET G 1 25.10 9.74 -6.55
C MET G 1 26.07 10.65 -7.29
N ASN G 2 26.66 11.58 -6.56
CA ASN G 2 27.61 12.51 -7.15
C ASN G 2 28.86 11.75 -7.60
N PRO G 3 29.45 12.12 -8.75
CA PRO G 3 30.72 11.50 -9.14
C PRO G 3 31.86 11.78 -8.16
N ILE G 4 31.91 12.99 -7.60
CA ILE G 4 32.98 13.33 -6.67
C ILE G 4 32.82 12.59 -5.36
N ILE G 5 31.59 12.49 -4.85
CA ILE G 5 31.34 11.76 -3.61
C ILE G 5 31.63 10.28 -3.80
N LEU G 6 31.28 9.74 -4.97
CA LEU G 6 31.61 8.36 -5.30
C LEU G 6 33.12 8.14 -5.34
N ILE G 7 33.85 9.10 -5.90
CA ILE G 7 35.31 9.01 -5.95
C ILE G 7 35.90 9.01 -4.55
N ILE G 8 35.41 9.92 -3.69
CA ILE G 8 35.94 10.03 -2.33
C ILE G 8 35.64 8.76 -1.54
N ILE G 9 34.45 8.18 -1.73
CA ILE G 9 34.08 6.97 -1.01
C ILE G 9 34.91 5.78 -1.48
N LEU G 10 35.16 5.68 -2.79
CA LEU G 10 35.99 4.58 -3.29
C LEU G 10 37.43 4.69 -2.80
N MET G 11 38.00 5.90 -2.81
CA MET G 11 39.34 6.07 -2.25
C MET G 11 39.34 5.84 -0.74
N THR G 12 38.23 6.05 -0.05
CA THR G 12 38.16 5.70 1.37
C THR G 12 38.19 4.19 1.57
N VAL G 13 37.53 3.44 0.69
CA VAL G 13 37.58 1.97 0.76
C VAL G 13 39.02 1.49 0.56
N MET G 14 39.68 1.99 -0.49
CA MET G 14 41.07 1.60 -0.72
C MET G 14 42.00 2.09 0.38
N LEU G 15 41.69 3.24 0.99
CA LEU G 15 42.51 3.73 2.10
C LEU G 15 42.37 2.83 3.31
N GLY G 16 41.16 2.34 3.58
CA GLY G 16 40.99 1.39 4.68
C GLY G 16 41.75 0.10 4.44
N THR G 17 41.70 -0.41 3.21
CA THR G 17 42.46 -1.63 2.89
C THR G 17 43.96 -1.40 3.02
N ILE G 18 44.45 -0.24 2.56
CA ILE G 18 45.87 0.09 2.69
C ILE G 18 46.27 0.22 4.16
N ILE G 19 45.41 0.83 4.97
CA ILE G 19 45.70 1.01 6.39
C ILE G 19 45.80 -0.34 7.09
N VAL G 20 44.95 -1.30 6.70
CA VAL G 20 45.09 -2.65 7.23
C VAL G 20 46.39 -3.29 6.75
N MET G 21 46.76 -3.08 5.48
CA MET G 21 47.91 -3.79 4.93
C MET G 21 49.24 -3.29 5.51
N ILE G 22 49.37 -1.97 5.72
CA ILE G 22 50.69 -1.40 6.00
C ILE G 22 50.98 -1.19 7.48
N SER G 23 50.02 -1.43 8.37
CA SER G 23 50.19 -1.02 9.75
C SER G 23 50.73 -2.15 10.61
N THR G 24 51.48 -1.78 11.64
CA THR G 24 52.08 -2.71 12.58
C THR G 24 51.39 -2.70 13.94
N HIS G 25 50.22 -2.09 14.03
CA HIS G 25 49.48 -1.95 15.27
C HIS G 25 48.09 -2.55 15.13
N TRP G 26 47.66 -3.32 16.13
CA TRP G 26 46.37 -4.01 16.07
C TRP G 26 45.21 -3.02 16.03
N LEU G 27 45.31 -1.93 16.78
CA LEU G 27 44.27 -0.90 16.76
C LEU G 27 44.15 -0.27 15.37
N LEU G 28 45.27 -0.14 14.66
CA LEU G 28 45.21 0.40 13.30
C LEU G 28 44.58 -0.61 12.33
N ILE G 29 44.78 -1.91 12.56
CA ILE G 29 44.09 -2.93 11.78
C ILE G 29 42.58 -2.81 11.97
N TRP G 30 42.16 -2.67 13.22
CA TRP G 30 40.74 -2.50 13.53
C TRP G 30 40.18 -1.23 12.90
N ILE G 31 40.94 -0.13 12.97
CA ILE G 31 40.51 1.15 12.43
C ILE G 31 40.35 1.06 10.91
N GLY G 32 41.30 0.41 10.23
CA GLY G 32 41.18 0.22 8.80
C GLY G 32 39.99 -0.63 8.42
N PHE G 33 39.68 -1.65 9.23
CA PHE G 33 38.52 -2.49 8.94
C PHE G 33 37.21 -1.70 9.04
N GLU G 34 37.04 -0.91 10.10
CA GLU G 34 35.81 -0.13 10.20
C GLU G 34 35.74 0.99 9.16
N MET G 35 36.88 1.59 8.80
CA MET G 35 36.86 2.59 7.76
C MET G 35 36.44 1.99 6.43
N ASN G 36 36.95 0.80 6.12
CA ASN G 36 36.59 0.11 4.87
C ASN G 36 35.11 -0.23 4.84
N MET G 37 34.57 -0.77 5.95
CA MET G 37 33.17 -1.18 5.95
C MET G 37 32.22 0.02 5.90
N LEU G 38 32.53 1.05 6.68
CA LEU G 38 31.71 2.27 6.68
C LEU G 38 31.71 2.93 5.32
N ALA G 39 32.84 2.91 4.63
CA ALA G 39 32.87 3.51 3.30
C ALA G 39 32.18 2.63 2.26
N ILE G 40 32.20 1.31 2.43
CA ILE G 40 31.65 0.46 1.37
C ILE G 40 30.14 0.29 1.50
N ILE G 41 29.55 0.64 2.65
CA ILE G 41 28.08 0.54 2.80
C ILE G 41 27.30 1.33 1.75
N PRO G 42 27.64 2.60 1.42
CA PRO G 42 26.86 3.28 0.37
C PRO G 42 27.06 2.74 -1.04
N ILE G 43 28.12 1.99 -1.31
CA ILE G 43 28.24 1.37 -2.62
C ILE G 43 27.17 0.30 -2.79
N MET G 44 26.83 -0.40 -1.72
CA MET G 44 25.78 -1.41 -1.76
C MET G 44 24.40 -0.78 -1.97
N MET G 45 24.18 0.41 -1.42
CA MET G 45 22.88 1.06 -1.46
C MET G 45 22.83 2.14 -2.53
N LYS G 46 23.44 1.87 -3.69
CA LYS G 46 23.44 2.83 -4.79
C LYS G 46 22.08 2.99 -5.43
N LYS G 47 21.25 1.93 -5.43
CA LYS G 47 20.02 1.93 -6.20
C LYS G 47 18.78 2.28 -5.39
N HIS G 48 18.82 2.11 -4.06
CA HIS G 48 17.74 2.48 -3.14
C HIS G 48 16.44 1.75 -3.46
N ASN G 49 16.49 0.43 -3.32
CA ASN G 49 15.33 -0.45 -3.32
C ASN G 49 15.41 -1.29 -2.06
N PRO G 50 14.29 -1.88 -1.62
CA PRO G 50 14.30 -2.63 -0.34
C PRO G 50 15.29 -3.78 -0.27
N ARG G 51 15.61 -4.42 -1.40
CA ARG G 51 16.57 -5.50 -1.40
C ARG G 51 17.97 -5.01 -1.04
N ALA G 52 18.35 -3.83 -1.54
CA ALA G 52 19.66 -3.28 -1.21
C ALA G 52 19.76 -2.92 0.26
N THR G 53 18.70 -2.35 0.84
CA THR G 53 18.73 -2.01 2.26
C THR G 53 18.75 -3.27 3.12
N GLU G 54 18.06 -4.33 2.69
CA GLU G 54 18.12 -5.60 3.42
C GLU G 54 19.50 -6.21 3.37
N ALA G 55 20.13 -6.20 2.19
CA ALA G 55 21.49 -6.72 2.05
C ALA G 55 22.48 -5.89 2.86
N SER G 56 22.31 -4.57 2.86
CA SER G 56 23.18 -3.70 3.64
C SER G 56 23.02 -3.95 5.13
N THR G 57 21.79 -4.20 5.58
CA THR G 57 21.55 -4.47 7.00
C THR G 57 22.23 -5.78 7.42
N LYS G 58 22.08 -6.83 6.60
CA LYS G 58 22.69 -8.11 6.95
C LYS G 58 24.22 -8.02 6.92
N TYR G 59 24.77 -7.31 5.92
CA TYR G 59 26.21 -7.10 5.85
C TYR G 59 26.73 -6.32 7.05
N PHE G 60 26.00 -5.26 7.44
CA PHE G 60 26.44 -4.46 8.59
C PHE G 60 26.44 -5.27 9.86
N LEU G 61 25.40 -6.07 10.08
CA LEU G 61 25.33 -6.86 11.31
C LEU G 61 26.44 -7.90 11.37
N THR G 62 26.71 -8.58 10.25
CA THR G 62 27.76 -9.59 10.23
C THR G 62 29.14 -8.97 10.44
N GLN G 63 29.42 -7.85 9.75
CA GLN G 63 30.72 -7.22 9.90
C GLN G 63 30.92 -6.62 11.28
N SER G 64 29.86 -6.10 11.89
CA SER G 64 29.99 -5.55 13.24
C SER G 64 30.25 -6.64 14.26
N THR G 65 29.58 -7.80 14.13
CA THR G 65 29.86 -8.92 15.03
C THR G 65 31.29 -9.40 14.87
N ALA G 66 31.76 -9.53 13.63
CA ALA G 66 33.14 -9.96 13.39
C ALA G 66 34.14 -8.96 13.93
N SER G 67 33.84 -7.67 13.79
CA SER G 67 34.72 -6.62 14.29
C SER G 67 34.81 -6.63 15.81
N MET G 68 33.68 -6.85 16.49
CA MET G 68 33.71 -6.93 17.94
C MET G 68 34.50 -8.14 18.41
N LEU G 69 34.38 -9.27 17.70
CA LEU G 69 35.19 -10.44 18.04
C LEU G 69 36.68 -10.17 17.83
N LEU G 70 37.02 -9.43 16.76
CA LEU G 70 38.41 -9.07 16.50
C LEU G 70 38.97 -8.18 17.61
N MET G 71 38.19 -7.20 18.05
CA MET G 71 38.62 -6.35 19.16
C MET G 71 38.78 -7.14 20.45
N MET G 72 37.91 -8.12 20.68
CA MET G 72 38.05 -9.00 21.84
C MET G 72 39.36 -9.78 21.80
N ALA G 73 39.69 -10.34 20.62
CA ALA G 73 40.94 -11.07 20.48
C ALA G 73 42.15 -10.17 20.70
N ILE G 74 42.08 -8.94 20.19
CA ILE G 74 43.18 -8.00 20.35
C ILE G 74 43.37 -7.64 21.82
N ILE G 75 42.28 -7.41 22.54
CA ILE G 75 42.36 -7.02 23.94
C ILE G 75 42.88 -8.19 24.80
N ILE G 76 42.45 -9.41 24.48
CA ILE G 76 42.97 -10.59 25.18
C ILE G 76 44.46 -10.75 24.93
N ASN G 77 44.90 -10.52 23.69
CA ASN G 77 46.32 -10.61 23.37
C ASN G 77 47.12 -9.53 24.08
N LEU G 78 46.57 -8.33 24.21
CA LEU G 78 47.24 -7.27 24.97
C LEU G 78 47.32 -7.64 26.45
N MET G 79 46.27 -8.25 26.98
CA MET G 79 46.27 -8.64 28.38
C MET G 79 47.31 -9.69 28.67
N PHE G 80 47.50 -10.63 27.75
CA PHE G 80 48.46 -11.71 27.95
C PHE G 80 49.84 -11.46 27.35
N SER G 81 50.05 -10.32 26.70
CA SER G 81 51.38 -10.01 26.16
C SER G 81 51.85 -8.58 26.41
N GLY G 82 50.97 -7.62 26.64
CA GLY G 82 51.41 -6.27 26.92
C GLY G 82 51.93 -5.48 25.74
N GLN G 83 51.58 -5.87 24.52
CA GLN G 83 52.04 -5.16 23.33
C GLN G 83 50.98 -5.28 22.25
N TRP G 84 51.22 -4.58 21.13
CA TRP G 84 50.24 -4.50 20.06
C TRP G 84 50.85 -4.76 18.69
N THR G 85 52.05 -5.32 18.62
CA THR G 85 52.70 -5.52 17.34
C THR G 85 51.99 -6.63 16.56
N VAL G 86 51.68 -6.37 15.30
CA VAL G 86 50.94 -7.33 14.49
C VAL G 86 51.90 -8.44 14.11
N MET G 87 51.83 -9.54 14.85
CA MET G 87 52.69 -10.70 14.68
C MET G 87 51.95 -11.87 15.32
N LYS G 88 52.68 -12.94 15.64
CA LYS G 88 52.07 -14.11 16.26
C LYS G 88 51.43 -13.76 17.59
N LEU G 89 50.34 -14.44 17.91
CA LEU G 89 49.56 -14.15 19.09
C LEU G 89 50.01 -15.01 20.26
N PHE G 90 49.77 -14.52 21.47
CA PHE G 90 50.29 -15.14 22.69
C PHE G 90 49.20 -15.79 23.52
N ASN G 91 48.07 -16.15 22.90
CA ASN G 91 47.01 -16.84 23.61
C ASN G 91 46.22 -17.68 22.62
N PRO G 92 45.94 -18.94 22.94
CA PRO G 92 45.08 -19.74 22.07
C PRO G 92 43.65 -19.21 21.95
N MET G 93 43.12 -18.62 23.02
CA MET G 93 41.77 -18.04 22.95
C MET G 93 41.73 -16.84 22.02
N ALA G 94 42.76 -15.98 22.11
CA ALA G 94 42.85 -14.84 21.21
C ALA G 94 43.02 -15.30 19.77
N SER G 95 43.81 -16.35 19.54
CA SER G 95 44.00 -16.89 18.21
C SER G 95 42.70 -17.45 17.65
N MET G 96 41.95 -18.19 18.47
CA MET G 96 40.68 -18.74 18.02
C MET G 96 39.66 -17.65 17.70
N LEU G 97 39.57 -16.64 18.57
CA LEU G 97 38.64 -15.55 18.35
C LEU G 97 38.99 -14.76 17.10
N MET G 98 40.28 -14.48 16.89
CA MET G 98 40.69 -13.75 15.70
C MET G 98 40.50 -14.56 14.43
N THR G 99 40.76 -15.87 14.50
CA THR G 99 40.56 -16.72 13.32
C THR G 99 39.10 -16.79 12.94
N MET G 100 38.20 -16.90 13.93
CA MET G 100 36.78 -16.91 13.59
C MET G 100 36.28 -15.54 13.16
N ALA G 101 36.86 -14.45 13.68
CA ALA G 101 36.49 -13.13 13.20
C ALA G 101 36.89 -12.93 11.75
N LEU G 102 38.09 -13.36 11.37
CA LEU G 102 38.51 -13.27 9.98
C LEU G 102 37.72 -14.21 9.09
N ALA G 103 37.31 -15.37 9.61
CA ALA G 103 36.45 -16.26 8.84
C ALA G 103 35.07 -15.64 8.61
N MET G 104 34.53 -14.96 9.62
CA MET G 104 33.25 -14.26 9.45
C MET G 104 33.37 -13.13 8.45
N LYS G 105 34.49 -12.42 8.46
CA LYS G 105 34.68 -11.33 7.49
C LYS G 105 34.87 -11.87 6.08
N LEU G 106 35.55 -13.00 5.93
CA LEU G 106 35.72 -13.60 4.61
C LEU G 106 34.47 -14.30 4.12
N GLY G 107 33.56 -14.67 5.02
CA GLY G 107 32.38 -15.39 4.61
C GLY G 107 32.58 -16.87 4.36
N MET G 108 33.58 -17.49 4.99
CA MET G 108 33.76 -18.91 4.86
C MET G 108 32.74 -19.67 5.71
N ALA G 109 32.39 -20.86 5.26
CA ALA G 109 31.44 -21.68 5.98
C ALA G 109 32.03 -22.13 7.31
N PRO G 110 31.20 -22.26 8.36
CA PRO G 110 29.74 -22.11 8.44
C PRO G 110 29.25 -20.69 8.69
N PHE G 111 30.12 -19.69 8.55
CA PHE G 111 29.72 -18.30 8.60
C PHE G 111 29.37 -17.74 7.23
N HIS G 112 28.97 -18.60 6.30
CA HIS G 112 28.81 -18.26 4.90
C HIS G 112 27.41 -17.77 4.56
N PHE G 113 26.50 -17.73 5.53
CA PHE G 113 25.08 -17.53 5.21
C PHE G 113 24.79 -16.13 4.68
N TRP G 114 25.66 -15.17 4.92
CA TRP G 114 25.41 -13.82 4.46
C TRP G 114 25.86 -13.56 3.04
N VAL G 115 26.81 -14.35 2.52
CA VAL G 115 27.42 -14.03 1.23
C VAL G 115 26.45 -14.09 0.05
N PRO G 116 25.67 -15.16 -0.16
CA PRO G 116 24.81 -15.16 -1.36
C PRO G 116 23.68 -14.15 -1.32
N GLU G 117 23.07 -13.94 -0.15
CA GLU G 117 22.00 -12.95 -0.06
C GLU G 117 22.51 -11.54 -0.29
N VAL G 118 23.66 -11.21 0.29
CA VAL G 118 24.25 -9.89 0.12
C VAL G 118 24.66 -9.67 -1.33
N THR G 119 25.26 -10.69 -1.96
CA THR G 119 25.65 -10.56 -3.36
C THR G 119 24.43 -10.43 -4.26
N GLN G 120 23.34 -11.14 -3.94
CA GLN G 120 22.13 -11.04 -4.75
C GLN G 120 21.47 -9.67 -4.61
N GLY G 121 21.47 -9.10 -3.42
CA GLY G 121 20.73 -7.86 -3.21
C GLY G 121 21.37 -6.60 -3.77
N ILE G 122 22.63 -6.65 -4.19
CA ILE G 122 23.38 -5.45 -4.59
C ILE G 122 23.66 -5.51 -6.08
N PRO G 123 23.97 -4.40 -6.75
CA PRO G 123 24.29 -4.44 -8.18
C PRO G 123 25.54 -5.25 -8.49
N LEU G 124 25.77 -5.42 -9.79
CA LEU G 124 26.88 -6.25 -10.25
C LEU G 124 28.23 -5.60 -9.97
N SER G 125 28.33 -4.27 -10.12
CA SER G 125 29.59 -3.59 -9.88
C SER G 125 29.95 -3.59 -8.40
N SER G 126 28.97 -3.33 -7.53
CA SER G 126 29.24 -3.38 -6.10
C SER G 126 29.50 -4.80 -5.63
N GLY G 127 28.84 -5.79 -6.23
CA GLY G 127 29.14 -7.18 -5.92
C GLY G 127 30.54 -7.56 -6.33
N LEU G 128 30.99 -7.05 -7.48
CA LEU G 128 32.38 -7.26 -7.91
C LEU G 128 33.36 -6.63 -6.92
N ILE G 129 33.06 -5.39 -6.49
CA ILE G 129 33.91 -4.69 -5.53
C ILE G 129 34.00 -5.49 -4.24
N LEU G 130 32.86 -5.99 -3.75
CA LEU G 130 32.82 -6.79 -2.53
C LEU G 130 33.65 -8.06 -2.68
N LEU G 131 33.23 -8.95 -3.57
CA LEU G 131 33.84 -10.27 -3.70
C LEU G 131 35.28 -10.23 -4.19
N THR G 132 35.76 -9.09 -4.71
CA THR G 132 37.15 -9.00 -5.13
C THR G 132 38.03 -8.25 -4.14
N TRP G 133 37.66 -7.02 -3.78
CA TRP G 133 38.50 -6.17 -2.96
C TRP G 133 38.34 -6.41 -1.46
N GLN G 134 37.16 -6.85 -1.00
CA GLN G 134 36.94 -6.95 0.45
C GLN G 134 37.74 -8.08 1.09
N LYS G 135 38.31 -8.96 0.29
CA LYS G 135 39.00 -10.14 0.79
C LYS G 135 40.50 -9.98 0.79
N LEU G 136 41.02 -8.81 0.42
CA LEU G 136 42.45 -8.58 0.44
C LEU G 136 42.98 -8.34 1.85
N ALA G 137 42.19 -7.70 2.70
CA ALA G 137 42.63 -7.36 4.05
C ALA G 137 42.56 -8.53 5.04
N PRO G 138 41.46 -9.31 5.14
CA PRO G 138 41.49 -10.47 6.06
C PRO G 138 42.54 -11.51 5.68
N MET G 139 42.80 -11.72 4.40
CA MET G 139 43.85 -12.66 4.04
C MET G 139 45.23 -12.12 4.37
N SER G 140 45.42 -10.81 4.33
CA SER G 140 46.70 -10.23 4.78
C SER G 140 46.89 -10.40 6.28
N VAL G 141 45.81 -10.19 7.06
CA VAL G 141 45.90 -10.38 8.50
C VAL G 141 46.17 -11.84 8.83
N LEU G 142 45.53 -12.76 8.09
CA LEU G 142 45.83 -14.18 8.26
C LEU G 142 47.27 -14.49 7.86
N TYR G 143 47.78 -13.82 6.84
CA TYR G 143 49.16 -13.99 6.42
C TYR G 143 50.14 -13.49 7.47
N GLN G 144 49.71 -12.59 8.35
CA GLN G 144 50.63 -12.09 9.36
C GLN G 144 50.66 -12.92 10.64
N ILE G 145 49.66 -13.77 10.89
CA ILE G 145 49.51 -14.43 12.18
C ILE G 145 49.55 -15.95 12.07
N LEU G 146 50.13 -16.51 11.00
CA LEU G 146 50.11 -17.96 10.84
C LEU G 146 50.85 -18.78 11.91
N PRO G 147 51.86 -18.29 12.66
CA PRO G 147 52.40 -19.11 13.75
C PRO G 147 51.42 -19.40 14.88
N SER G 148 50.33 -18.65 15.00
CA SER G 148 49.38 -18.84 16.09
C SER G 148 48.09 -19.54 15.67
N ILE G 149 47.93 -19.83 14.40
CA ILE G 149 46.67 -20.39 13.90
C ILE G 149 46.59 -21.87 14.25
N ASN G 150 45.47 -22.28 14.81
CA ASN G 150 45.22 -23.70 15.03
C ASN G 150 45.02 -24.40 13.69
N LEU G 151 45.71 -25.53 13.51
CA LEU G 151 45.67 -26.23 12.23
C LEU G 151 44.33 -26.91 12.01
N ASP G 152 43.81 -27.57 13.06
CA ASP G 152 42.54 -28.29 12.94
C ASP G 152 41.39 -27.35 12.62
N LEU G 153 41.37 -26.18 13.25
CA LEU G 153 40.30 -25.21 13.03
C LEU G 153 40.30 -24.69 11.60
N ILE G 154 41.47 -24.29 11.10
CA ILE G 154 41.54 -23.71 9.76
C ILE G 154 41.29 -24.78 8.70
N LEU G 155 41.72 -26.03 8.94
CA LEU G 155 41.47 -27.07 7.97
C LEU G 155 40.00 -27.49 7.95
N THR G 156 39.36 -27.50 9.13
CA THR G 156 37.93 -27.77 9.20
C THR G 156 37.14 -26.69 8.47
N LEU G 157 37.51 -25.42 8.69
CA LEU G 157 36.84 -24.32 7.99
C LEU G 157 37.04 -24.42 6.50
N SER G 158 38.22 -24.85 6.06
CA SER G 158 38.50 -24.97 4.63
C SER G 158 37.66 -26.06 3.97
N ILE G 159 37.65 -27.27 4.56
CA ILE G 159 36.92 -28.36 3.92
C ILE G 159 35.41 -28.11 3.98
N LEU G 160 34.93 -27.52 5.08
CA LEU G 160 33.53 -27.16 5.20
C LEU G 160 33.15 -26.13 4.15
N SER G 161 34.03 -25.13 3.94
CA SER G 161 33.77 -24.11 2.94
C SER G 161 33.69 -24.70 1.54
N ILE G 162 34.61 -25.60 1.21
CA ILE G 162 34.63 -26.18 -0.13
C ILE G 162 33.37 -27.01 -0.38
N THR G 163 33.03 -27.91 0.56
CA THR G 163 31.86 -28.77 0.37
C THR G 163 30.57 -27.96 0.35
N ILE G 164 30.42 -27.00 1.26
CA ILE G 164 29.19 -26.22 1.36
C ILE G 164 29.06 -25.32 0.14
N GLY G 165 30.17 -24.75 -0.35
CA GLY G 165 30.11 -23.94 -1.54
C GLY G 165 29.70 -24.70 -2.78
N GLY G 166 30.25 -25.90 -2.97
CA GLY G 166 29.86 -26.71 -4.12
C GLY G 166 28.40 -27.14 -4.06
N TRP G 167 27.99 -27.67 -2.90
CA TRP G 167 26.60 -28.12 -2.75
C TRP G 167 25.62 -26.96 -2.83
N GLY G 168 26.02 -25.76 -2.39
CA GLY G 168 25.15 -24.62 -2.51
C GLY G 168 25.03 -24.12 -3.93
N GLY G 169 26.14 -24.07 -4.66
CA GLY G 169 26.10 -23.61 -6.03
C GLY G 169 25.47 -24.58 -6.99
N LEU G 170 25.26 -25.84 -6.57
CA LEU G 170 24.59 -26.80 -7.45
C LEU G 170 23.15 -26.39 -7.78
N ASN G 171 22.49 -25.62 -6.92
CA ASN G 171 21.05 -25.41 -7.04
C ASN G 171 20.65 -24.04 -7.56
N GLN G 172 21.59 -23.12 -7.78
CA GLN G 172 21.23 -21.74 -8.07
C GLN G 172 21.01 -21.52 -9.56
N THR G 173 20.14 -20.55 -9.87
CA THR G 173 19.94 -20.06 -11.23
C THR G 173 20.32 -18.61 -11.41
N GLN G 174 20.40 -17.82 -10.34
CA GLN G 174 20.88 -16.45 -10.44
C GLN G 174 22.40 -16.45 -10.51
N LEU G 175 22.95 -15.54 -11.32
CA LEU G 175 24.39 -15.52 -11.53
C LEU G 175 25.15 -15.03 -10.31
N ARG G 176 24.58 -14.10 -9.56
CA ARG G 176 25.29 -13.55 -8.40
C ARG G 176 25.41 -14.58 -7.28
N LYS G 177 24.38 -15.41 -7.09
CA LYS G 177 24.47 -16.47 -6.10
C LYS G 177 25.49 -17.54 -6.50
N ILE G 178 25.58 -17.84 -7.80
CA ILE G 178 26.59 -18.75 -8.30
C ILE G 178 27.98 -18.20 -8.02
N MET G 179 28.18 -16.91 -8.28
CA MET G 179 29.47 -16.28 -8.01
C MET G 179 29.80 -16.30 -6.51
N ALA G 180 28.79 -16.13 -5.66
CA ALA G 180 29.02 -16.15 -4.22
C ALA G 180 29.46 -17.54 -3.74
N TYR G 181 28.78 -18.59 -4.19
CA TYR G 181 29.15 -19.93 -3.77
C TYR G 181 30.51 -20.34 -4.33
N SER G 182 30.81 -19.91 -5.56
CA SER G 182 32.13 -20.10 -6.13
C SER G 182 33.20 -19.42 -5.28
N SER G 183 32.91 -18.20 -4.81
CA SER G 183 33.83 -17.50 -3.93
C SER G 183 34.07 -18.28 -2.65
N ILE G 184 33.00 -18.83 -2.06
CA ILE G 184 33.13 -19.59 -0.82
C ILE G 184 34.06 -20.78 -1.00
N ALA G 185 33.87 -21.52 -2.10
CA ALA G 185 34.74 -22.67 -2.38
C ALA G 185 36.20 -22.26 -2.57
N HIS G 186 36.42 -21.15 -3.28
CA HIS G 186 37.79 -20.72 -3.52
C HIS G 186 38.49 -20.24 -2.24
N MET G 187 37.75 -19.58 -1.33
CA MET G 187 38.39 -19.21 -0.07
C MET G 187 38.66 -20.44 0.78
N GLY G 188 37.83 -21.48 0.64
CA GLY G 188 38.17 -22.75 1.26
C GLY G 188 39.50 -23.29 0.79
N TRP G 189 39.74 -23.26 -0.52
CA TRP G 189 41.03 -23.70 -1.06
C TRP G 189 42.18 -22.84 -0.52
N MET G 190 41.99 -21.51 -0.53
CA MET G 190 43.05 -20.59 -0.16
C MET G 190 43.45 -20.76 1.29
N THR G 191 42.50 -20.87 2.19
CA THR G 191 42.86 -21.09 3.59
C THR G 191 43.21 -22.53 3.89
N ALA G 192 42.89 -23.46 3.00
CA ALA G 192 43.43 -24.81 3.14
C ALA G 192 44.94 -24.82 2.96
N VAL G 193 45.45 -24.10 1.96
CA VAL G 193 46.89 -24.19 1.69
C VAL G 193 47.67 -23.16 2.50
N LEU G 194 47.00 -22.46 3.42
CA LEU G 194 47.61 -21.29 4.07
C LEU G 194 48.76 -21.67 4.97
N LEU G 195 48.59 -22.70 5.80
CA LEU G 195 49.58 -22.99 6.83
C LEU G 195 50.83 -23.70 6.30
N TYR G 196 50.79 -24.21 5.07
CA TYR G 196 51.93 -24.92 4.52
C TYR G 196 52.83 -24.01 3.70
N ASN G 197 52.22 -23.20 2.84
CA ASN G 197 52.95 -22.22 2.03
C ASN G 197 52.00 -21.10 1.71
N PRO G 198 52.13 -19.95 2.36
CA PRO G 198 51.23 -18.82 2.07
C PRO G 198 51.46 -18.18 0.71
N THR G 199 52.58 -18.45 0.05
CA THR G 199 52.78 -17.96 -1.31
C THR G 199 51.78 -18.59 -2.27
N MET G 200 51.45 -19.87 -2.06
CA MET G 200 50.42 -20.51 -2.85
C MET G 200 49.06 -19.84 -2.61
N THR G 201 48.82 -19.41 -1.37
CA THR G 201 47.60 -18.68 -1.06
C THR G 201 47.55 -17.35 -1.81
N LEU G 202 48.67 -16.64 -1.86
CA LEU G 202 48.70 -15.39 -2.61
C LEU G 202 48.47 -15.62 -4.10
N LEU G 203 49.07 -16.67 -4.66
CA LEU G 203 48.86 -16.98 -6.07
C LEU G 203 47.42 -17.34 -6.37
N ASN G 204 46.80 -18.14 -5.51
CA ASN G 204 45.39 -18.50 -5.69
C ASN G 204 44.50 -17.27 -5.55
N LEU G 205 44.83 -16.38 -4.63
CA LEU G 205 44.06 -15.14 -4.46
C LEU G 205 44.13 -14.27 -5.71
N ILE G 206 45.31 -14.14 -6.30
CA ILE G 206 45.48 -13.32 -7.49
C ILE G 206 44.71 -13.92 -8.67
N ILE G 207 44.83 -15.25 -8.85
CA ILE G 207 44.16 -15.90 -9.97
C ILE G 207 42.64 -15.83 -9.82
N TYR G 208 42.13 -16.04 -8.60
CA TYR G 208 40.70 -15.95 -8.37
C TYR G 208 40.19 -14.53 -8.57
N ILE G 209 40.99 -13.53 -8.17
CA ILE G 209 40.60 -12.14 -8.37
C ILE G 209 40.47 -11.84 -9.86
N ILE G 210 41.45 -12.29 -10.65
CA ILE G 210 41.41 -12.02 -12.09
C ILE G 210 40.23 -12.72 -12.75
N MET G 211 39.99 -13.99 -12.41
CA MET G 211 38.90 -14.73 -13.03
C MET G 211 37.53 -14.16 -12.64
N THR G 212 37.36 -13.80 -11.36
CA THR G 212 36.10 -13.20 -10.93
C THR G 212 35.87 -11.85 -11.58
N SER G 213 36.94 -11.05 -11.71
CA SER G 213 36.81 -9.75 -12.36
C SER G 213 36.41 -9.91 -13.82
N THR G 214 36.98 -10.89 -14.52
CA THR G 214 36.62 -11.15 -15.90
C THR G 214 35.15 -11.55 -16.02
N MET G 215 34.70 -12.46 -15.16
CA MET G 215 33.33 -12.95 -15.27
C MET G 215 32.32 -11.85 -14.94
N PHE G 216 32.59 -11.07 -13.89
CA PHE G 216 31.69 -9.97 -13.54
C PHE G 216 31.71 -8.88 -14.59
N THR G 217 32.87 -8.59 -15.19
CA THR G 217 32.93 -7.58 -16.24
C THR G 217 32.16 -8.01 -17.47
N LEU G 218 32.21 -9.30 -17.83
CA LEU G 218 31.38 -9.79 -18.92
C LEU G 218 29.90 -9.68 -18.58
N PHE G 219 29.55 -9.95 -17.31
CA PHE G 219 28.16 -9.86 -16.88
C PHE G 219 27.62 -8.45 -17.00
N MET G 220 28.37 -7.45 -16.53
CA MET G 220 27.89 -6.07 -16.68
C MET G 220 28.01 -5.56 -18.11
N ALA G 221 28.93 -6.11 -18.91
CA ALA G 221 28.97 -5.74 -20.32
C ALA G 221 27.71 -6.19 -21.04
N ASN G 222 27.22 -7.39 -20.74
CA ASN G 222 26.00 -7.88 -21.37
C ASN G 222 24.73 -7.55 -20.58
N SER G 223 24.86 -6.96 -19.39
CA SER G 223 23.73 -6.58 -18.53
C SER G 223 22.83 -7.77 -18.20
N THR G 224 23.43 -8.91 -17.90
CA THR G 224 22.70 -10.13 -17.60
C THR G 224 22.87 -10.48 -16.12
N THR G 225 21.77 -10.80 -15.46
CA THR G 225 21.81 -11.22 -14.06
C THR G 225 21.20 -12.59 -13.82
N THR G 226 20.57 -13.21 -14.81
CA THR G 226 19.99 -14.53 -14.68
C THR G 226 20.61 -15.47 -15.71
N THR G 227 20.25 -16.75 -15.61
CA THR G 227 20.76 -17.75 -16.54
C THR G 227 20.19 -17.55 -17.94
N LEU G 228 18.90 -17.28 -18.04
CA LEU G 228 18.25 -17.21 -19.34
C LEU G 228 18.62 -15.94 -20.09
N SER G 229 18.71 -14.81 -19.37
CA SER G 229 19.16 -13.57 -19.98
C SER G 229 20.61 -13.68 -20.46
N LEU G 230 21.42 -14.47 -19.77
CA LEU G 230 22.74 -14.78 -20.29
C LEU G 230 22.65 -15.69 -21.51
N SER G 231 21.66 -16.59 -21.55
CA SER G 231 21.49 -17.47 -22.70
C SER G 231 21.03 -16.73 -23.95
N HIS G 232 20.48 -15.52 -23.79
CA HIS G 232 20.12 -14.70 -24.94
C HIS G 232 21.31 -14.08 -25.67
N THR G 233 22.54 -14.27 -25.16
CA THR G 233 23.69 -13.50 -25.66
C THR G 233 24.14 -13.98 -27.04
N TRP G 234 23.81 -15.23 -27.41
CA TRP G 234 24.27 -15.77 -28.69
C TRP G 234 23.67 -15.02 -29.87
N ASN G 235 22.50 -14.42 -29.69
CA ASN G 235 21.82 -13.68 -30.74
C ASN G 235 22.14 -12.19 -30.69
N LYS G 236 23.03 -11.77 -29.80
CA LYS G 236 23.44 -10.38 -29.69
C LYS G 236 24.93 -10.19 -29.95
N ALA G 237 25.78 -10.99 -29.31
CA ALA G 237 27.22 -10.88 -29.47
C ALA G 237 27.83 -12.24 -29.18
N PRO G 238 28.18 -13.01 -30.22
CA PRO G 238 28.72 -14.36 -29.98
C PRO G 238 30.15 -14.38 -29.46
N ILE G 239 30.91 -13.30 -29.66
CA ILE G 239 32.27 -13.23 -29.12
C ILE G 239 32.22 -13.24 -27.60
N MET G 240 31.20 -12.61 -27.01
CA MET G 240 31.03 -12.67 -25.58
C MET G 240 30.68 -14.08 -25.12
N THR G 241 29.95 -14.83 -25.93
CA THR G 241 29.67 -16.23 -25.59
C THR G 241 30.95 -17.06 -25.58
N ILE G 242 31.84 -16.82 -26.56
CA ILE G 242 33.13 -17.51 -26.57
C ILE G 242 33.96 -17.13 -25.34
N LEU G 243 33.95 -15.85 -24.99
CA LEU G 243 34.71 -15.39 -23.83
C LEU G 243 34.19 -15.98 -22.53
N VAL G 244 32.86 -16.02 -22.35
CA VAL G 244 32.35 -16.60 -21.10
C VAL G 244 32.56 -18.11 -21.10
N LEU G 245 32.58 -18.75 -22.27
CA LEU G 245 32.86 -20.19 -22.32
C LEU G 245 34.29 -20.48 -21.86
N ILE G 246 35.27 -19.76 -22.40
CA ILE G 246 36.64 -20.04 -22.02
C ILE G 246 36.92 -19.63 -20.58
N THR G 247 36.31 -18.53 -20.10
CA THR G 247 36.54 -18.13 -18.72
C THR G 247 35.87 -19.08 -17.73
N LEU G 248 34.69 -19.60 -18.06
CA LEU G 248 34.06 -20.56 -17.16
C LEU G 248 34.74 -21.91 -17.21
N LEU G 249 35.34 -22.28 -18.34
CA LEU G 249 36.17 -23.48 -18.36
C LEU G 249 37.42 -23.29 -17.51
N SER G 250 38.01 -22.10 -17.55
CA SER G 250 39.19 -21.84 -16.74
C SER G 250 38.86 -21.73 -15.26
N MET G 251 37.64 -21.31 -14.92
CA MET G 251 37.24 -21.21 -13.53
C MET G 251 37.11 -22.58 -12.88
N GLY G 252 36.79 -23.60 -13.67
CA GLY G 252 36.69 -24.96 -13.18
C GLY G 252 37.99 -25.67 -13.00
N GLY G 253 39.11 -25.04 -13.30
CA GLY G 253 40.40 -25.65 -13.13
C GLY G 253 40.80 -26.63 -14.21
N LEU G 254 40.15 -26.59 -15.35
CA LEU G 254 40.46 -27.52 -16.42
C LEU G 254 41.78 -27.11 -17.09
N PRO G 255 42.74 -28.02 -17.20
CA PRO G 255 43.96 -27.72 -17.96
C PRO G 255 43.63 -27.61 -19.44
N PRO G 256 44.45 -26.88 -20.22
CA PRO G 256 45.66 -26.15 -19.85
C PRO G 256 45.40 -24.69 -19.51
N LEU G 257 44.21 -24.39 -19.02
CA LEU G 257 43.85 -23.02 -18.73
C LEU G 257 44.50 -22.58 -17.41
N SER G 258 44.49 -21.26 -17.19
CA SER G 258 45.23 -20.68 -16.07
C SER G 258 44.60 -20.99 -14.72
N GLY G 259 43.35 -21.45 -14.69
CA GLY G 259 42.76 -21.84 -13.43
C GLY G 259 43.20 -23.18 -12.91
N PHE G 260 43.89 -23.97 -13.74
CA PHE G 260 44.46 -25.22 -13.28
C PHE G 260 45.66 -24.99 -12.37
N MET G 261 46.42 -23.92 -12.62
CA MET G 261 47.66 -23.66 -11.88
C MET G 261 47.49 -23.52 -10.36
N PRO G 262 46.50 -22.79 -9.81
CA PRO G 262 46.41 -22.71 -8.35
C PRO G 262 46.19 -24.05 -7.65
N LYS G 263 45.22 -24.84 -8.10
CA LYS G 263 45.00 -26.12 -7.42
C LYS G 263 46.12 -27.10 -7.69
N TRP G 264 46.77 -26.99 -8.84
CA TRP G 264 47.95 -27.82 -9.13
C TRP G 264 49.06 -27.54 -8.13
N MET G 265 49.37 -26.26 -7.91
CA MET G 265 50.43 -25.94 -6.95
C MET G 265 50.01 -26.20 -5.52
N ILE G 266 48.71 -26.07 -5.21
CA ILE G 266 48.23 -26.37 -3.87
C ILE G 266 48.35 -27.87 -3.58
N ILE G 267 47.97 -28.72 -4.53
CA ILE G 267 48.14 -30.16 -4.37
C ILE G 267 49.62 -30.52 -4.28
N GLN G 268 50.46 -29.81 -5.05
CA GLN G 268 51.90 -30.03 -4.97
C GLN G 268 52.44 -29.70 -3.58
N GLU G 269 51.92 -28.64 -2.97
CA GLU G 269 52.41 -28.26 -1.65
C GLU G 269 51.88 -29.17 -0.55
N MET G 270 50.64 -29.61 -0.65
CA MET G 270 50.03 -30.39 0.41
C MET G 270 50.62 -31.80 0.50
N THR G 271 51.08 -32.36 -0.62
CA THR G 271 51.65 -33.69 -0.60
C THR G 271 53.09 -33.70 -0.08
N LYS G 272 53.76 -32.55 -0.06
CA LYS G 272 55.10 -32.50 0.54
C LYS G 272 55.05 -32.69 2.04
N ASN G 273 53.92 -32.32 2.66
CA ASN G 273 53.74 -32.43 4.10
C ASN G 273 52.97 -33.69 4.49
N ASP G 274 52.95 -34.69 3.61
CA ASP G 274 52.33 -36.00 3.85
C ASP G 274 50.84 -35.89 4.16
N SER G 275 50.15 -35.01 3.44
CA SER G 275 48.70 -34.89 3.51
C SER G 275 48.16 -35.26 2.14
N ILE G 276 47.62 -36.47 2.01
CA ILE G 276 47.16 -36.98 0.73
C ILE G 276 45.65 -37.07 0.64
N ILE G 277 44.96 -37.33 1.76
CA ILE G 277 43.51 -37.49 1.71
C ILE G 277 42.82 -36.16 1.44
N LEU G 278 43.26 -35.09 2.09
CA LEU G 278 42.64 -33.78 1.89
C LEU G 278 42.75 -33.24 0.47
N PRO G 279 43.91 -33.23 -0.21
CA PRO G 279 43.90 -32.74 -1.60
C PRO G 279 43.03 -33.56 -2.55
N THR G 280 42.94 -34.87 -2.35
CA THR G 280 42.04 -35.68 -3.16
C THR G 280 40.59 -35.32 -2.89
N LEU G 281 40.23 -35.13 -1.61
CA LEU G 281 38.86 -34.75 -1.26
C LEU G 281 38.50 -33.39 -1.84
N MET G 282 39.43 -32.43 -1.78
CA MET G 282 39.16 -31.10 -2.31
C MET G 282 39.04 -31.11 -3.83
N ALA G 283 39.82 -31.94 -4.53
CA ALA G 283 39.66 -32.05 -5.98
C ALA G 283 38.32 -32.66 -6.35
N ILE G 284 37.95 -33.77 -5.69
CA ILE G 284 36.67 -34.43 -5.93
C ILE G 284 35.51 -33.49 -5.63
N THR G 285 35.67 -32.63 -4.62
CA THR G 285 34.62 -31.68 -4.30
C THR G 285 34.56 -30.53 -5.31
N ALA G 286 35.72 -30.10 -5.84
CA ALA G 286 35.75 -29.05 -6.84
C ALA G 286 35.14 -29.49 -8.17
N LEU G 287 34.99 -30.81 -8.37
CA LEU G 287 34.21 -31.30 -9.50
C LEU G 287 32.78 -30.74 -9.51
N LEU G 288 32.19 -30.43 -8.35
CA LEU G 288 30.85 -29.86 -8.31
C LEU G 288 30.83 -28.43 -8.86
N ASN G 289 31.85 -27.64 -8.52
CA ASN G 289 31.98 -26.31 -9.09
C ASN G 289 32.13 -26.40 -10.60
N LEU G 290 32.94 -27.37 -11.06
CA LEU G 290 33.01 -27.63 -12.49
C LEU G 290 31.67 -28.01 -13.08
N TYR G 291 30.83 -28.71 -12.32
CA TYR G 291 29.53 -29.12 -12.85
C TYR G 291 28.63 -27.92 -13.11
N PHE G 292 28.50 -27.01 -12.14
CA PHE G 292 27.58 -25.92 -12.46
C PHE G 292 28.20 -24.89 -13.40
N TYR G 293 29.53 -24.79 -13.47
CA TYR G 293 30.15 -24.02 -14.54
C TYR G 293 29.81 -24.60 -15.91
N MET G 294 29.88 -25.93 -16.04
CA MET G 294 29.59 -26.57 -17.32
C MET G 294 28.12 -26.46 -17.68
N ARG G 295 27.24 -26.44 -16.68
CA ARG G 295 25.83 -26.18 -16.94
C ARG G 295 25.62 -24.78 -17.49
N LEU G 296 26.33 -23.80 -16.94
CA LEU G 296 26.25 -22.44 -17.48
C LEU G 296 26.76 -22.37 -18.93
N THR G 297 27.86 -23.07 -19.21
CA THR G 297 28.39 -23.07 -20.57
C THR G 297 27.46 -23.78 -21.54
N TYR G 298 26.74 -24.80 -21.07
CA TYR G 298 25.72 -25.44 -21.91
C TYR G 298 24.61 -24.46 -22.24
N SER G 299 24.13 -23.73 -21.24
CA SER G 299 23.01 -22.83 -21.49
C SER G 299 23.42 -21.62 -22.32
N THR G 300 24.69 -21.23 -22.28
CA THR G 300 25.12 -19.99 -22.93
C THR G 300 25.77 -20.20 -24.29
N ALA G 301 26.84 -20.99 -24.35
CA ALA G 301 27.71 -20.98 -25.52
C ALA G 301 27.55 -22.18 -26.43
N LEU G 302 27.35 -23.38 -25.88
CA LEU G 302 27.33 -24.59 -26.68
C LEU G 302 25.95 -24.95 -27.22
N THR G 303 24.92 -24.19 -26.88
CA THR G 303 23.60 -24.36 -27.46
C THR G 303 23.01 -23.00 -27.79
N MET G 304 21.97 -22.99 -28.61
CA MET G 304 21.30 -21.76 -29.02
C MET G 304 19.89 -21.78 -28.47
N PHE G 305 19.70 -21.11 -27.33
CA PHE G 305 18.37 -21.00 -26.73
C PHE G 305 17.51 -20.08 -27.60
N PRO G 306 16.19 -20.27 -27.58
CA PRO G 306 15.31 -19.40 -28.38
C PRO G 306 15.36 -17.96 -27.90
N SER G 307 15.33 -17.04 -28.84
CA SER G 307 15.34 -15.61 -28.55
C SER G 307 13.97 -15.03 -28.84
N THR G 308 13.86 -13.72 -28.68
CA THR G 308 12.60 -13.01 -28.85
C THR G 308 12.70 -12.06 -30.05
N ASN G 309 11.61 -11.30 -30.26
CA ASN G 309 11.51 -10.46 -31.45
C ASN G 309 12.34 -9.19 -31.35
N ASN G 310 12.45 -8.60 -30.16
CA ASN G 310 13.08 -7.29 -30.00
C ASN G 310 14.59 -7.35 -30.03
N MET G 311 15.16 -8.56 -30.15
CA MET G 311 16.59 -8.69 -30.35
C MET G 311 17.05 -8.01 -31.64
N LYS G 312 16.15 -7.87 -32.63
CA LYS G 312 16.51 -7.11 -33.82
C LYS G 312 16.71 -5.64 -33.51
N MET G 313 15.83 -5.07 -32.70
CA MET G 313 15.98 -3.70 -32.24
C MET G 313 17.28 -3.54 -31.46
N LYS G 314 17.67 -4.58 -30.72
CA LYS G 314 18.98 -4.52 -30.08
C LYS G 314 20.13 -4.72 -31.06
N TRP G 315 19.90 -5.41 -32.19
CA TRP G 315 20.94 -5.57 -33.20
C TRP G 315 21.31 -4.23 -33.81
N GLN G 316 20.31 -3.35 -33.98
CA GLN G 316 20.59 -2.11 -34.71
C GLN G 316 21.46 -1.11 -33.95
N PHE G 317 21.87 -1.39 -32.72
CA PHE G 317 22.64 -0.44 -31.94
C PHE G 317 23.93 -1.08 -31.43
N PRO G 318 25.03 -0.34 -31.43
CA PRO G 318 26.28 -0.86 -30.86
C PRO G 318 26.37 -0.60 -29.37
N THR G 319 27.28 -1.34 -28.73
CA THR G 319 27.52 -1.13 -27.31
C THR G 319 28.43 0.07 -27.09
N THR G 320 28.23 0.74 -25.96
CA THR G 320 29.03 1.91 -25.60
C THR G 320 29.54 1.83 -24.17
N LYS G 321 29.42 0.68 -23.52
CA LYS G 321 29.90 0.53 -22.16
C LYS G 321 31.41 0.55 -22.12
N ARG G 322 31.96 1.07 -21.02
CA ARG G 322 33.40 1.12 -20.81
C ARG G 322 33.82 -0.20 -20.19
N MET G 323 34.00 -1.21 -21.05
CA MET G 323 34.43 -2.53 -20.60
C MET G 323 35.92 -2.44 -20.29
N THR G 324 36.21 -1.93 -19.08
CA THR G 324 37.57 -1.59 -18.73
C THR G 324 38.38 -2.85 -18.44
N LEU G 325 39.52 -2.97 -19.13
CA LEU G 325 40.50 -4.06 -18.98
C LEU G 325 39.94 -5.43 -19.32
N LEU G 326 38.81 -5.50 -20.01
CA LEU G 326 38.19 -6.79 -20.30
C LEU G 326 39.05 -7.70 -21.18
N PRO G 327 39.65 -7.24 -22.30
CA PRO G 327 40.57 -8.14 -23.01
C PRO G 327 41.78 -8.57 -22.22
N THR G 328 42.33 -7.69 -21.36
CA THR G 328 43.52 -8.04 -20.61
C THR G 328 43.24 -9.14 -19.59
N MET G 329 42.18 -9.01 -18.79
CA MET G 329 41.87 -10.07 -17.85
C MET G 329 41.24 -11.28 -18.53
N THR G 330 40.70 -11.12 -19.74
CA THR G 330 40.27 -12.30 -20.48
C THR G 330 41.46 -13.14 -20.94
N VAL G 331 42.52 -12.48 -21.41
CA VAL G 331 43.72 -13.20 -21.81
C VAL G 331 44.43 -13.77 -20.60
N LEU G 332 44.56 -12.98 -19.53
CA LEU G 332 45.36 -13.38 -18.38
C LEU G 332 44.71 -14.50 -17.57
N SER G 333 43.42 -14.75 -17.75
CA SER G 333 42.74 -15.81 -17.03
C SER G 333 42.63 -17.10 -17.81
N THR G 334 43.20 -17.18 -19.00
CA THR G 334 43.09 -18.40 -19.79
C THR G 334 44.43 -18.92 -20.28
N MET G 335 45.36 -18.04 -20.65
CA MET G 335 46.58 -18.49 -21.29
C MET G 335 47.81 -18.13 -20.47
N LEU G 336 47.75 -18.40 -19.16
CA LEU G 336 48.83 -18.07 -18.25
C LEU G 336 49.55 -19.29 -17.71
N LEU G 337 49.10 -20.49 -18.05
CA LEU G 337 49.77 -21.71 -17.60
C LEU G 337 51.22 -21.87 -18.07
N PRO G 338 51.61 -21.55 -19.31
CA PRO G 338 53.03 -21.64 -19.66
C PRO G 338 53.94 -20.71 -18.87
N LEU G 339 53.40 -19.67 -18.25
CA LEU G 339 54.16 -18.81 -17.35
C LEU G 339 53.94 -19.16 -15.89
N THR G 340 53.78 -20.45 -15.57
CA THR G 340 53.61 -20.87 -14.18
C THR G 340 54.79 -20.51 -13.26
N PRO G 341 56.10 -20.64 -13.66
CA PRO G 341 57.16 -20.26 -12.71
C PRO G 341 57.24 -18.78 -12.34
N ILE G 342 56.29 -17.96 -12.81
CA ILE G 342 56.21 -16.56 -12.40
C ILE G 342 55.76 -16.40 -10.95
N LEU G 343 55.29 -17.48 -10.31
CA LEU G 343 54.85 -17.41 -8.92
C LEU G 343 55.98 -17.12 -7.94
N SER G 344 57.25 -17.21 -8.37
CA SER G 344 58.35 -16.92 -7.47
C SER G 344 58.49 -15.44 -7.16
N ILE G 345 57.81 -14.57 -7.92
CA ILE G 345 57.83 -13.14 -7.61
C ILE G 345 56.99 -12.80 -6.38
N LEU G 346 56.14 -13.72 -5.93
CA LEU G 346 55.26 -13.46 -4.80
C LEU G 346 55.84 -13.89 -3.47
N GLU G 347 57.00 -14.54 -3.46
CA GLU G 347 57.58 -15.04 -2.22
C GLU G 347 58.18 -13.90 -1.40
N LYS H 2 37.93 -35.33 21.42
CA LYS H 2 39.26 -35.89 21.32
C LYS H 2 39.43 -37.05 22.28
N THR H 3 38.84 -36.93 23.47
CA THR H 3 38.97 -38.00 24.46
C THR H 3 38.07 -39.19 24.13
N LEU H 4 36.96 -38.96 23.43
CA LEU H 4 36.11 -40.09 23.02
C LEU H 4 36.83 -40.99 22.02
N LEU H 5 37.53 -40.39 21.06
CA LEU H 5 38.25 -41.16 20.06
C LEU H 5 39.42 -41.92 20.68
N HIS H 6 40.15 -41.29 21.59
CA HIS H 6 41.23 -41.98 22.29
C HIS H 6 40.70 -43.11 23.17
N GLN H 7 39.59 -42.88 23.88
CA GLN H 7 39.05 -43.95 24.71
C GLN H 7 38.43 -45.06 23.87
N TYR H 8 38.03 -44.79 22.62
CA TYR H 8 37.63 -45.87 21.75
C TYR H 8 38.83 -46.66 21.23
N TRP H 9 39.90 -45.97 20.87
CA TRP H 9 41.07 -46.62 20.31
C TRP H 9 42.04 -47.13 21.37
N ASP H 10 41.81 -46.85 22.65
CA ASP H 10 42.65 -47.43 23.69
C ASP H 10 42.35 -48.90 23.93
N ILE H 11 41.11 -49.32 23.71
CA ILE H 11 40.76 -50.73 23.92
C ILE H 11 41.33 -51.55 22.77
N PRO H 12 42.03 -52.65 23.06
CA PRO H 12 42.47 -53.55 21.98
C PRO H 12 41.27 -54.19 21.29
N GLU H 13 41.42 -54.40 19.97
CA GLU H 13 40.30 -54.86 19.17
C GLU H 13 40.06 -56.35 19.39
N GLY H 14 38.78 -56.73 19.42
CA GLY H 14 38.42 -58.10 19.71
C GLY H 14 38.67 -58.52 21.13
N THR H 15 38.65 -57.58 22.08
CA THR H 15 38.94 -57.88 23.48
C THR H 15 37.77 -57.59 24.41
N GLU H 16 37.22 -56.39 24.38
CA GLU H 16 36.15 -55.98 25.28
C GLU H 16 35.01 -55.45 24.41
N CYS H 17 33.98 -56.28 24.21
CA CYS H 17 32.88 -55.91 23.34
C CYS H 17 32.02 -54.81 23.96
N HIS H 18 31.77 -54.88 25.26
CA HIS H 18 30.89 -53.94 25.92
C HIS H 18 31.48 -52.54 25.96
N ARG H 19 32.76 -52.41 26.29
CA ARG H 19 33.37 -51.10 26.39
C ARG H 19 33.56 -50.47 25.01
N LYS H 20 33.93 -51.28 24.01
CA LYS H 20 34.03 -50.78 22.64
C LYS H 20 32.67 -50.32 22.12
N THR H 21 31.62 -51.10 22.40
CA THR H 21 30.27 -50.71 22.00
C THR H 21 29.84 -49.43 22.69
N TYR H 22 30.17 -49.28 23.98
CA TYR H 22 29.81 -48.07 24.70
C TYR H 22 30.53 -46.84 24.15
N ALA H 23 31.83 -46.98 23.83
CA ALA H 23 32.58 -45.86 23.27
C ALA H 23 32.05 -45.46 21.90
N ALA H 24 31.74 -46.45 21.06
CA ALA H 24 31.18 -46.16 19.74
C ALA H 24 29.80 -45.51 19.85
N THR H 25 28.99 -45.96 20.82
CA THR H 25 27.68 -45.37 21.03
C THR H 25 27.79 -43.93 21.50
N SER H 26 28.76 -43.63 22.37
CA SER H 26 28.96 -42.26 22.83
C SER H 26 29.38 -41.34 21.68
N ILE H 27 30.29 -41.83 20.82
CA ILE H 27 30.71 -41.02 19.67
C ILE H 27 29.53 -40.77 18.72
N GLY H 28 28.74 -41.82 18.46
CA GLY H 28 27.58 -41.66 17.61
C GLY H 28 26.55 -40.70 18.18
N GLY H 29 26.31 -40.79 19.49
CA GLY H 29 25.37 -39.90 20.13
C GLY H 29 25.82 -38.45 20.09
N ALA H 30 27.12 -38.22 20.24
CA ALA H 30 27.63 -36.85 20.12
C ALA H 30 27.44 -36.30 18.72
N SER H 31 27.73 -37.12 17.69
CA SER H 31 27.54 -36.64 16.32
C SER H 31 26.06 -36.38 16.02
N GLY H 32 25.18 -37.26 16.51
CA GLY H 32 23.76 -37.04 16.32
C GLY H 32 23.25 -35.82 17.04
N LEU H 33 23.82 -35.52 18.21
CA LEU H 33 23.44 -34.31 18.94
C LEU H 33 23.87 -33.06 18.18
N VAL H 34 25.05 -33.08 17.58
CA VAL H 34 25.50 -31.95 16.76
C VAL H 34 24.57 -31.74 15.58
N VAL H 35 24.21 -32.84 14.90
CA VAL H 35 23.33 -32.76 13.74
C VAL H 35 21.96 -32.23 14.15
N SER H 36 21.43 -32.70 15.28
CA SER H 36 20.13 -32.24 15.76
C SER H 36 20.17 -30.78 16.18
N ALA H 37 21.26 -30.33 16.78
CA ALA H 37 21.38 -28.93 17.17
C ALA H 37 21.34 -28.02 15.95
N TYR H 38 22.10 -28.38 14.91
CA TYR H 38 22.07 -27.59 13.69
C TYR H 38 20.72 -27.67 13.00
N SER H 39 20.04 -28.82 13.09
CA SER H 39 18.72 -28.97 12.49
C SER H 39 17.69 -28.08 13.16
N VAL H 40 17.65 -28.07 14.49
CA VAL H 40 16.69 -27.23 15.19
C VAL H 40 17.10 -25.75 15.15
N ALA H 41 18.36 -25.45 14.84
CA ALA H 41 18.75 -24.05 14.67
C ALA H 41 18.30 -23.53 13.32
N LEU H 42 18.75 -24.16 12.23
CA LEU H 42 18.46 -23.63 10.90
C LEU H 42 17.01 -23.87 10.50
N LYS H 43 16.50 -25.08 10.74
CA LYS H 43 15.12 -25.45 10.38
C LYS H 43 14.30 -25.50 11.67
N THR H 44 13.71 -24.37 12.04
CA THR H 44 13.06 -24.28 13.34
C THR H 44 11.80 -25.15 13.36
N PRO H 45 11.51 -25.81 14.48
CA PRO H 45 10.36 -26.70 14.54
C PRO H 45 9.07 -25.94 14.84
N THR H 46 7.96 -26.66 14.68
CA THR H 46 6.65 -26.06 14.93
C THR H 46 6.43 -25.79 16.41
N SER H 47 6.97 -26.63 17.30
CA SER H 47 6.79 -26.46 18.72
C SER H 47 7.99 -27.06 19.44
N PHE H 48 7.94 -27.03 20.77
CA PHE H 48 8.99 -27.65 21.57
C PHE H 48 8.95 -29.17 21.45
N LEU H 49 7.75 -29.74 21.38
CA LEU H 49 7.62 -31.19 21.32
C LEU H 49 8.15 -31.75 20.01
N GLU H 50 7.88 -31.08 18.90
CA GLU H 50 8.42 -31.53 17.61
C GLU H 50 9.94 -31.44 17.59
N GLY H 51 10.51 -30.38 18.16
CA GLY H 51 11.95 -30.24 18.21
C GLY H 51 12.62 -31.27 19.08
N VAL H 52 12.05 -31.55 20.26
CA VAL H 52 12.64 -32.56 21.12
C VAL H 52 12.46 -33.96 20.54
N ALA H 53 11.36 -34.19 19.80
CA ALA H 53 11.18 -35.48 19.13
C ALA H 53 12.21 -35.67 18.02
N ARG H 54 12.47 -34.61 17.25
CA ARG H 54 13.49 -34.67 16.21
C ARG H 54 14.88 -34.90 16.81
N THR H 55 15.16 -34.23 17.93
CA THR H 55 16.45 -34.41 18.61
C THR H 55 16.62 -35.85 19.09
N GLY H 56 15.58 -36.41 19.73
CA GLY H 56 15.65 -37.77 20.20
C GLY H 56 15.78 -38.77 19.07
N ARG H 57 15.07 -38.53 17.95
CA ARG H 57 15.13 -39.43 16.82
C ARG H 57 16.52 -39.44 16.18
N TYR H 58 17.09 -38.26 15.94
CA TYR H 58 18.42 -38.19 15.33
C TYR H 58 19.49 -38.78 16.25
N THR H 59 19.44 -38.44 17.53
CA THR H 59 20.43 -38.95 18.48
C THR H 59 20.32 -40.46 18.63
N PHE H 60 19.10 -40.99 18.69
CA PHE H 60 18.92 -42.43 18.82
C PHE H 60 19.38 -43.17 17.58
N THR H 61 19.11 -42.61 16.39
CA THR H 61 19.54 -43.26 15.16
C THR H 61 21.07 -43.31 15.08
N ALA H 62 21.73 -42.19 15.39
CA ALA H 62 23.19 -42.17 15.32
C ALA H 62 23.82 -43.07 16.39
N ALA H 63 23.23 -43.10 17.60
CA ALA H 63 23.74 -43.95 18.66
C ALA H 63 23.55 -45.42 18.33
N ALA H 64 22.42 -45.79 17.73
CA ALA H 64 22.20 -47.17 17.32
C ALA H 64 23.18 -47.58 16.22
N ILE H 65 23.46 -46.68 15.28
CA ILE H 65 24.45 -46.96 14.24
C ILE H 65 25.82 -47.22 14.86
N GLY H 66 26.21 -46.36 15.80
CA GLY H 66 27.51 -46.54 16.44
C GLY H 66 27.61 -47.83 17.24
N ALA H 67 26.55 -48.15 18.00
CA ALA H 67 26.56 -49.37 18.80
C ALA H 67 26.60 -50.61 17.94
N ILE H 68 25.82 -50.63 16.85
CA ILE H 68 25.80 -51.79 15.96
C ILE H 68 27.14 -51.97 15.28
N PHE H 69 27.75 -50.88 14.81
CA PHE H 69 29.06 -50.97 14.16
C PHE H 69 30.12 -51.49 15.12
N GLY H 70 30.15 -50.93 16.35
CA GLY H 70 31.17 -51.35 17.30
C GLY H 70 31.01 -52.80 17.71
N LEU H 71 29.77 -53.23 18.00
CA LEU H 71 29.53 -54.61 18.39
C LEU H 71 29.87 -55.57 17.26
N THR H 72 29.47 -55.25 16.02
CA THR H 72 29.71 -56.15 14.90
C THR H 72 31.20 -56.27 14.60
N SER H 73 31.93 -55.15 14.59
CA SER H 73 33.36 -55.20 14.31
C SER H 73 34.11 -55.94 15.41
N CYS H 74 33.76 -55.70 16.68
CA CYS H 74 34.45 -56.39 17.78
C CYS H 74 34.15 -57.89 17.77
N ILE H 75 32.90 -58.27 17.49
CA ILE H 75 32.54 -59.68 17.42
C ILE H 75 33.27 -60.37 16.28
N SER H 76 33.35 -59.72 15.10
CA SER H 76 34.05 -60.31 13.97
C SER H 76 35.55 -60.42 14.23
N ALA H 77 36.13 -59.48 14.98
CA ALA H 77 37.53 -59.61 15.35
C ALA H 77 37.73 -60.75 16.35
N GLN H 78 36.76 -60.95 17.25
CA GLN H 78 36.88 -62.03 18.24
C GLN H 78 36.79 -63.39 17.57
N VAL H 79 35.84 -63.57 16.66
CA VAL H 79 35.60 -64.87 16.05
C VAL H 79 36.75 -65.27 15.13
N ARG H 80 37.18 -64.35 14.28
CA ARG H 80 38.17 -64.67 13.25
C ARG H 80 39.59 -64.70 13.78
N GLU H 81 39.82 -64.23 15.02
CA GLU H 81 41.16 -64.10 15.61
C GLU H 81 42.09 -63.28 14.73
N LYS H 82 41.55 -62.23 14.13
CA LYS H 82 42.30 -61.31 13.28
C LYS H 82 41.97 -59.89 13.72
N PRO H 83 42.64 -59.39 14.76
CA PRO H 83 42.31 -58.05 15.27
C PRO H 83 42.66 -56.93 14.31
N ASP H 84 43.81 -57.00 13.64
CA ASP H 84 44.25 -55.95 12.72
C ASP H 84 43.92 -56.40 11.31
N ASP H 85 42.68 -56.11 10.90
CA ASP H 85 42.15 -56.49 9.60
C ASP H 85 40.99 -55.58 9.24
N PRO H 86 41.06 -54.87 8.09
CA PRO H 86 39.95 -54.00 7.71
C PRO H 86 38.69 -54.72 7.28
N LEU H 87 38.70 -56.05 7.12
CA LEU H 87 37.47 -56.76 6.78
C LEU H 87 36.47 -56.73 7.92
N ASN H 88 36.96 -56.77 9.17
CA ASN H 88 36.07 -56.65 10.32
C ASN H 88 35.39 -55.29 10.35
N TYR H 89 36.15 -54.24 10.04
CA TYR H 89 35.56 -52.90 10.00
C TYR H 89 34.64 -52.75 8.81
N LEU H 90 34.89 -53.45 7.71
CA LEU H 90 33.96 -53.45 6.59
C LEU H 90 32.64 -54.11 6.96
N ILE H 91 32.71 -55.22 7.69
CA ILE H 91 31.50 -55.89 8.17
C ILE H 91 30.74 -54.99 9.13
N GLY H 92 31.45 -54.34 10.04
CA GLY H 92 30.80 -53.43 10.98
C GLY H 92 30.18 -52.22 10.29
N GLY H 93 30.85 -51.70 9.26
CA GLY H 93 30.29 -50.58 8.52
C GLY H 93 29.04 -50.97 7.75
N CYS H 94 29.02 -52.18 7.17
CA CYS H 94 27.80 -52.61 6.50
C CYS H 94 26.68 -52.85 7.50
N ALA H 95 27.01 -53.34 8.70
CA ALA H 95 26.00 -53.49 9.73
C ALA H 95 25.41 -52.15 10.15
N GLY H 96 26.27 -51.13 10.28
CA GLY H 96 25.78 -49.79 10.58
C GLY H 96 24.91 -49.22 9.47
N GLY H 97 25.29 -49.48 8.21
CA GLY H 97 24.47 -49.04 7.09
C GLY H 97 23.11 -49.71 7.06
N LEU H 98 23.08 -51.01 7.38
CA LEU H 98 21.80 -51.71 7.46
C LEU H 98 20.95 -51.20 8.60
N THR H 99 21.57 -50.82 9.73
CA THR H 99 20.83 -50.19 10.81
C THR H 99 20.25 -48.84 10.39
N LEU H 100 21.03 -48.06 9.64
CA LEU H 100 20.52 -46.78 9.12
C LEU H 100 19.36 -47.00 8.17
N GLY H 101 19.41 -48.06 7.36
CA GLY H 101 18.28 -48.40 6.51
C GLY H 101 17.07 -48.84 7.31
N ALA H 102 17.29 -49.56 8.40
CA ALA H 102 16.19 -49.99 9.25
C ALA H 102 15.52 -48.82 9.94
N ARG H 103 16.31 -47.82 10.35
CA ARG H 103 15.74 -46.66 11.03
C ARG H 103 14.94 -45.79 10.07
N THR H 104 15.44 -45.59 8.85
CA THR H 104 14.74 -44.78 7.86
C THR H 104 13.64 -45.57 7.14
N ARG H 105 13.64 -46.90 7.30
CA ARG H 105 12.63 -47.81 6.72
C ARG H 105 12.60 -47.70 5.20
N SER H 106 13.75 -47.97 4.58
CA SER H 106 13.84 -48.14 3.14
C SER H 106 15.08 -48.97 2.83
N TYR H 107 14.94 -49.92 1.91
CA TYR H 107 16.00 -50.89 1.67
C TYR H 107 17.15 -50.30 0.87
N GLY H 108 16.84 -49.46 -0.12
CA GLY H 108 17.87 -48.99 -1.03
C GLY H 108 18.90 -48.09 -0.37
N ILE H 109 18.44 -47.14 0.44
CA ILE H 109 19.35 -46.28 1.18
C ILE H 109 20.15 -47.09 2.17
N GLY H 110 19.56 -48.14 2.74
CA GLY H 110 20.30 -49.03 3.62
C GLY H 110 21.40 -49.80 2.92
N ALA H 111 21.13 -50.30 1.72
CA ALA H 111 22.17 -51.02 0.98
C ALA H 111 23.29 -50.08 0.53
N ALA H 112 22.92 -48.88 0.07
CA ALA H 112 23.92 -47.90 -0.32
C ALA H 112 24.76 -47.46 0.87
N ALA H 113 24.12 -47.27 2.03
CA ALA H 113 24.85 -46.92 3.23
C ALA H 113 25.74 -48.07 3.69
N CYS H 114 25.28 -49.31 3.53
CA CYS H 114 26.13 -50.47 3.83
C CYS H 114 27.41 -50.42 3.03
N ALA H 115 27.29 -50.27 1.70
CA ALA H 115 28.48 -50.25 0.85
C ALA H 115 29.39 -49.07 1.18
N TYR H 116 28.81 -47.87 1.26
CA TYR H 116 29.64 -46.68 1.40
C TYR H 116 30.26 -46.56 2.79
N MET H 117 29.49 -46.83 3.85
CA MET H 117 30.07 -46.73 5.18
C MET H 117 30.93 -47.93 5.53
N GLY H 118 30.72 -49.09 4.91
CA GLY H 118 31.67 -50.17 5.06
C GLY H 118 33.00 -49.84 4.43
N LEU H 119 32.96 -49.23 3.23
CA LEU H 119 34.20 -48.76 2.61
C LEU H 119 34.87 -47.69 3.46
N THR H 120 34.08 -46.77 4.03
CA THR H 120 34.65 -45.70 4.86
C THR H 120 35.29 -46.26 6.12
N ALA H 121 34.62 -47.21 6.78
CA ALA H 121 35.17 -47.82 7.99
C ALA H 121 36.43 -48.61 7.67
N ALA H 122 36.45 -49.30 6.52
CA ALA H 122 37.66 -49.99 6.10
C ALA H 122 38.80 -49.01 5.87
N LEU H 123 38.51 -47.87 5.25
CA LEU H 123 39.54 -46.85 5.02
C LEU H 123 40.07 -46.30 6.34
N VAL H 124 39.18 -46.09 7.32
CA VAL H 124 39.61 -45.62 8.63
C VAL H 124 40.51 -46.65 9.31
N LYS H 125 40.17 -47.93 9.14
CA LYS H 125 41.01 -49.00 9.70
C LYS H 125 42.38 -49.06 9.04
N MET H 126 42.43 -48.91 7.71
CA MET H 126 43.73 -48.87 7.01
C MET H 126 44.54 -47.65 7.44
N GLY H 127 43.88 -46.52 7.65
CA GLY H 127 44.59 -45.34 8.10
C GLY H 127 45.14 -45.48 9.50
N GLN H 128 44.39 -46.16 10.38
CA GLN H 128 44.89 -46.41 11.72
C GLN H 128 46.06 -47.38 11.69
N LEU H 129 46.01 -48.37 10.80
CA LEU H 129 47.10 -49.35 10.74
C LEU H 129 48.36 -48.74 10.12
N GLU H 130 48.22 -48.00 9.02
CA GLU H 130 49.36 -47.47 8.28
C GLU H 130 49.77 -46.08 8.74
N GLY H 131 49.08 -45.50 9.71
CA GLY H 131 49.42 -44.18 10.18
C GLY H 131 49.21 -43.07 9.19
N TRP H 132 48.11 -43.11 8.44
CA TRP H 132 47.77 -42.00 7.56
C TRP H 132 47.33 -40.81 8.39
N LYS H 133 47.71 -39.61 7.95
CA LYS H 133 47.37 -38.38 8.65
C LYS H 133 46.36 -37.60 7.83
N VAL H 134 45.25 -37.23 8.46
CA VAL H 134 44.23 -36.44 7.77
C VAL H 134 44.47 -34.94 7.97
N PHE H 135 44.69 -34.49 9.20
CA PHE H 135 45.09 -33.12 9.48
C PHE H 135 46.59 -33.11 9.76
N ALA H 136 47.38 -33.21 8.69
CA ALA H 136 48.82 -33.37 8.84
C ALA H 136 49.46 -32.07 9.29
N GLU H 137 50.36 -32.18 10.27
CA GLU H 137 51.11 -31.03 10.74
C GLU H 137 52.04 -30.53 9.64
N PRO H 138 52.25 -29.22 9.53
CA PRO H 138 53.22 -28.71 8.55
C PRO H 138 54.62 -29.19 8.87
N LYS H 139 55.33 -29.60 7.83
CA LYS H 139 56.62 -30.24 8.02
C LYS H 139 57.74 -29.59 7.22
N VAL H 140 57.48 -29.18 5.99
CA VAL H 140 58.50 -28.60 5.13
C VAL H 140 58.20 -27.14 4.83
N GLY I 1 16.92 -60.84 -81.47
CA GLY I 1 15.58 -60.33 -81.19
C GLY I 1 15.19 -60.45 -79.73
N LYS I 2 14.21 -59.64 -79.32
CA LYS I 2 13.69 -59.57 -77.96
C LYS I 2 14.81 -59.26 -76.97
N ARG I 3 15.35 -58.04 -77.11
CA ARG I 3 16.32 -57.50 -76.16
C ARG I 3 15.60 -56.56 -75.21
N LEU I 4 15.81 -56.76 -73.92
CA LEU I 4 15.14 -55.97 -72.90
C LEU I 4 16.15 -55.06 -72.21
N PHE I 5 15.69 -53.88 -71.83
CA PHE I 5 16.51 -52.97 -71.04
C PHE I 5 16.71 -53.55 -69.64
N ILE I 6 17.94 -53.52 -69.17
CA ILE I 6 18.29 -54.02 -67.84
C ILE I 6 18.48 -52.82 -66.92
N ILE I 7 17.63 -52.70 -65.91
CA ILE I 7 17.71 -51.59 -64.97
C ILE I 7 18.79 -51.91 -63.94
N LYS I 8 19.79 -51.05 -63.87
CA LYS I 8 20.90 -51.20 -62.94
C LYS I 8 21.24 -49.83 -62.38
N PRO I 9 21.83 -49.75 -61.20
CA PRO I 9 22.24 -48.46 -60.66
C PRO I 9 23.36 -47.83 -61.48
N SER I 10 23.54 -46.53 -61.27
CA SER I 10 24.52 -45.75 -62.03
C SER I 10 25.93 -46.21 -61.68
N GLY I 11 26.57 -46.89 -62.62
CA GLY I 11 27.93 -47.34 -62.45
C GLY I 11 28.99 -46.40 -62.97
N PHE I 12 28.60 -45.18 -63.36
CA PHE I 12 29.58 -44.25 -63.92
C PHE I 12 30.53 -43.72 -62.85
N TYR I 13 29.98 -43.34 -61.70
CA TYR I 13 30.80 -42.66 -60.68
C TYR I 13 31.79 -43.62 -60.02
N ASP I 14 31.40 -44.88 -59.84
CA ASP I 14 32.29 -45.87 -59.25
C ASP I 14 33.47 -46.16 -60.17
N LYS I 15 33.18 -46.32 -61.47
CA LYS I 15 34.25 -46.53 -62.44
C LYS I 15 35.15 -45.31 -62.55
N ARG I 16 34.56 -44.12 -62.46
CA ARG I 16 35.37 -42.89 -62.48
C ARG I 16 36.31 -42.82 -61.29
N PHE I 17 35.82 -43.19 -60.09
CA PHE I 17 36.68 -43.19 -58.93
C PHE I 17 37.81 -44.21 -59.07
N LEU I 18 37.49 -45.41 -59.57
CA LEU I 18 38.51 -46.44 -59.72
C LEU I 18 39.57 -46.01 -60.75
N LYS I 19 39.14 -45.38 -61.85
CA LYS I 19 40.09 -44.88 -62.84
C LYS I 19 40.97 -43.78 -62.27
N LEU I 20 40.37 -42.86 -61.50
CA LEU I 20 41.16 -41.79 -60.87
C LEU I 20 42.16 -42.34 -59.88
N LEU I 21 41.75 -43.32 -59.07
CA LEU I 21 42.64 -43.94 -58.10
C LEU I 21 43.80 -44.63 -58.78
N ARG I 22 43.51 -45.40 -59.84
CA ARG I 22 44.58 -46.08 -60.58
C ARG I 22 45.53 -45.09 -61.23
N PHE I 23 45.00 -44.03 -61.84
CA PHE I 23 45.86 -43.05 -62.50
C PHE I 23 46.75 -42.33 -61.50
N TYR I 24 46.19 -41.90 -60.38
CA TYR I 24 46.98 -41.15 -59.42
C TYR I 24 47.94 -42.02 -58.62
N ILE I 25 47.66 -43.32 -58.48
CA ILE I 25 48.67 -44.22 -57.93
C ILE I 25 49.81 -44.42 -58.93
N LEU I 26 49.45 -44.71 -60.19
CA LEU I 26 50.48 -45.06 -61.17
C LEU I 26 51.33 -43.87 -61.56
N LEU I 27 50.79 -42.65 -61.42
CA LEU I 27 51.50 -41.42 -61.82
C LEU I 27 52.83 -41.26 -61.10
N THR I 28 52.92 -41.71 -59.85
CA THR I 28 54.20 -41.79 -59.17
C THR I 28 54.69 -43.21 -58.99
N GLY I 29 53.83 -44.22 -59.14
CA GLY I 29 54.29 -45.59 -59.01
C GLY I 29 55.22 -46.01 -60.13
N ILE I 30 54.89 -45.67 -61.37
CA ILE I 30 55.72 -46.01 -62.51
C ILE I 30 57.09 -45.31 -62.47
N PRO I 31 57.20 -43.99 -62.24
CA PRO I 31 58.56 -43.42 -62.11
C PRO I 31 59.36 -43.94 -60.94
N VAL I 32 58.73 -44.28 -59.82
CA VAL I 32 59.47 -44.80 -58.68
C VAL I 32 60.00 -46.20 -58.98
N VAL I 33 59.20 -47.04 -59.64
CA VAL I 33 59.66 -48.38 -60.01
C VAL I 33 60.78 -48.30 -61.04
N ILE I 34 60.65 -47.40 -62.02
CA ILE I 34 61.70 -47.20 -63.01
C ILE I 34 62.98 -46.71 -62.33
N GLY I 35 62.85 -45.76 -61.40
CA GLY I 35 64.02 -45.25 -60.70
C GLY I 35 64.68 -46.29 -59.82
N ILE I 36 63.89 -47.14 -59.17
CA ILE I 36 64.44 -48.20 -58.33
C ILE I 36 65.18 -49.22 -59.20
N THR I 37 64.62 -49.54 -60.36
CA THR I 37 65.30 -50.44 -61.29
C THR I 37 66.61 -49.84 -61.78
N LEU I 38 66.61 -48.55 -62.11
CA LEU I 38 67.84 -47.91 -62.57
C LEU I 38 68.88 -47.75 -61.46
N ILE I 39 68.44 -47.55 -60.22
CA ILE I 39 69.36 -47.54 -59.09
C ILE I 39 69.98 -48.92 -58.90
N ASN I 40 69.17 -49.97 -58.99
CA ASN I 40 69.65 -51.32 -58.74
C ASN I 40 70.58 -51.78 -59.84
N VAL I 41 70.31 -51.41 -61.09
CA VAL I 41 71.10 -51.94 -62.20
C VAL I 41 72.41 -51.18 -62.35
N PHE I 42 72.35 -49.84 -62.34
CA PHE I 42 73.53 -49.06 -62.69
C PHE I 42 74.35 -48.64 -61.47
N ILE I 43 73.71 -48.20 -60.40
CA ILE I 43 74.47 -47.87 -59.19
C ILE I 43 74.85 -49.14 -58.44
N GLY I 44 73.87 -49.95 -58.09
CA GLY I 44 74.11 -51.22 -57.45
C GLY I 44 74.30 -51.11 -55.96
N GLU I 45 74.33 -52.27 -55.30
CA GLU I 45 74.44 -52.34 -53.86
C GLU I 45 75.90 -52.33 -53.43
N ALA I 46 76.11 -52.08 -52.14
CA ALA I 46 77.45 -52.01 -51.59
C ALA I 46 77.99 -53.41 -51.31
N GLU I 47 79.30 -53.47 -51.07
CA GLU I 47 80.00 -54.72 -50.79
C GLU I 47 80.62 -54.66 -49.40
N LEU I 48 80.42 -55.71 -48.61
CA LEU I 48 80.92 -55.74 -47.25
C LEU I 48 82.44 -55.81 -47.24
N ALA I 49 83.06 -54.93 -46.46
CA ALA I 49 84.52 -54.87 -46.37
C ALA I 49 84.91 -54.52 -44.95
N GLU I 50 86.10 -54.97 -44.56
CA GLU I 50 86.61 -54.66 -43.23
C GLU I 50 87.10 -53.22 -43.18
N ILE I 51 87.02 -52.63 -41.99
CA ILE I 51 87.39 -51.22 -41.83
C ILE I 51 88.90 -51.07 -41.91
N PRO I 52 89.42 -50.15 -42.73
CA PRO I 52 90.86 -49.89 -42.74
C PRO I 52 91.33 -49.32 -41.42
N GLU I 53 92.60 -49.58 -41.12
CA GLU I 53 93.16 -49.14 -39.84
C GLU I 53 93.29 -47.63 -39.79
N GLY I 54 92.80 -47.03 -38.71
CA GLY I 54 92.86 -45.60 -38.52
C GLY I 54 91.74 -44.83 -39.17
N TYR I 55 90.85 -45.49 -39.91
CA TYR I 55 89.78 -44.84 -40.64
C TYR I 55 88.46 -45.06 -39.91
N VAL I 56 87.72 -43.99 -39.70
CA VAL I 56 86.39 -44.04 -39.09
C VAL I 56 85.36 -43.75 -40.17
N PRO I 57 84.36 -44.60 -40.35
CA PRO I 57 83.35 -44.35 -41.38
C PRO I 57 82.32 -43.33 -40.92
N GLU I 58 81.64 -42.75 -41.90
CA GLU I 58 80.46 -41.95 -41.58
C GLU I 58 79.32 -42.87 -41.17
N HIS I 59 78.29 -42.28 -40.56
CA HIS I 59 77.21 -43.08 -40.01
C HIS I 59 76.35 -43.71 -41.11
N TRP I 60 76.39 -43.18 -42.33
CA TRP I 60 75.64 -43.73 -43.44
C TRP I 60 76.43 -44.75 -44.25
N GLU I 61 77.68 -45.01 -43.89
CA GLU I 61 78.50 -46.00 -44.57
C GLU I 61 78.36 -47.39 -43.98
N TYR I 62 77.33 -47.62 -43.17
CA TYR I 62 77.07 -48.92 -42.57
C TYR I 62 75.85 -49.60 -43.16
N PHE I 63 75.40 -49.16 -44.33
CA PHE I 63 74.20 -49.70 -44.95
C PHE I 63 74.50 -50.07 -46.40
N LYS I 64 73.72 -51.01 -46.92
CA LYS I 64 74.02 -51.64 -48.19
C LYS I 64 73.37 -50.94 -49.38
N HIS I 65 72.05 -50.73 -49.34
CA HIS I 65 71.35 -50.16 -50.47
C HIS I 65 71.68 -48.67 -50.61
N PRO I 66 71.79 -48.15 -51.84
CA PRO I 66 72.05 -46.71 -52.01
C PRO I 66 70.95 -45.83 -51.46
N ILE I 67 69.69 -46.26 -51.56
CA ILE I 67 68.59 -45.44 -51.10
C ILE I 67 68.58 -45.37 -49.57
N SER I 68 68.89 -46.48 -48.91
CA SER I 68 68.98 -46.45 -47.44
C SER I 68 70.14 -45.58 -46.98
N ARG I 69 71.26 -45.62 -47.69
CA ARG I 69 72.38 -44.73 -47.36
C ARG I 69 72.00 -43.27 -47.56
N TRP I 70 71.27 -42.97 -48.63
CA TRP I 70 70.81 -41.60 -48.88
C TRP I 70 69.85 -41.14 -47.79
N ILE I 71 68.96 -42.02 -47.36
CA ILE I 71 68.01 -41.69 -46.30
C ILE I 71 68.74 -41.42 -44.99
N ALA I 72 69.70 -42.28 -44.64
CA ALA I 72 70.44 -42.08 -43.40
C ALA I 72 71.39 -40.90 -43.47
N ARG I 73 71.81 -40.49 -44.67
CA ARG I 73 72.70 -39.34 -44.80
C ARG I 73 71.92 -38.03 -44.76
N THR I 74 70.78 -37.97 -45.43
CA THR I 74 70.07 -36.70 -45.55
C THR I 74 69.20 -36.42 -44.34
N PHE I 75 68.30 -37.34 -44.00
CA PHE I 75 67.28 -37.08 -42.99
C PHE I 75 67.69 -37.52 -41.59
N PHE I 76 68.27 -38.70 -41.47
CA PHE I 76 68.41 -39.30 -40.16
C PHE I 76 69.61 -38.76 -39.40
N ASP I 77 69.62 -39.02 -38.10
CA ASP I 77 70.67 -38.56 -37.21
C ASP I 77 71.65 -39.69 -36.92
N ALA I 78 72.89 -39.32 -36.64
CA ALA I 78 73.90 -40.30 -36.33
C ALA I 78 73.61 -40.97 -34.99
N PRO I 79 73.90 -42.25 -34.84
CA PRO I 79 73.72 -42.90 -33.53
C PRO I 79 74.59 -42.33 -32.43
N GLU I 80 75.79 -41.87 -32.77
CA GLU I 80 76.66 -41.24 -31.78
C GLU I 80 76.07 -39.94 -31.26
N LYS I 81 75.43 -39.17 -32.15
CA LYS I 81 74.80 -37.92 -31.73
C LYS I 81 73.66 -38.18 -30.75
N ASN I 82 72.83 -39.18 -31.03
CA ASN I 82 71.74 -39.52 -30.12
C ASN I 82 72.28 -40.06 -28.81
N TYR I 83 73.36 -40.85 -28.86
CA TYR I 83 73.97 -41.40 -27.66
C TYR I 83 74.48 -40.30 -26.73
N GLU I 84 75.28 -39.38 -27.27
CA GLU I 84 75.85 -38.34 -26.43
C GLU I 84 74.81 -37.30 -26.02
N ARG I 85 73.80 -37.06 -26.87
CA ARG I 85 72.70 -36.18 -26.49
C ARG I 85 71.91 -36.77 -25.33
N THR I 86 71.65 -38.08 -25.37
CA THR I 86 70.96 -38.74 -24.26
C THR I 86 71.78 -38.67 -22.99
N MET I 87 73.11 -38.82 -23.10
CA MET I 87 73.96 -38.71 -21.92
C MET I 87 73.90 -37.31 -21.31
N ALA I 88 73.91 -36.27 -22.15
CA ALA I 88 73.79 -34.90 -21.64
C ALA I 88 72.45 -34.67 -20.94
N ILE I 89 71.37 -35.16 -21.55
CA ILE I 89 70.03 -35.01 -20.97
C ILE I 89 69.94 -35.71 -19.63
N LEU I 90 70.50 -36.92 -19.54
CA LEU I 90 70.46 -37.69 -18.31
C LEU I 90 71.25 -37.00 -17.20
N GLN I 91 72.41 -36.42 -17.54
CA GLN I 91 73.19 -35.71 -16.53
C GLN I 91 72.43 -34.51 -15.99
N ILE I 92 71.82 -33.73 -16.89
CA ILE I 92 71.07 -32.54 -16.45
C ILE I 92 69.90 -32.93 -15.56
N GLU I 93 69.15 -33.97 -15.96
CA GLU I 93 67.97 -34.34 -15.18
C GLU I 93 68.33 -34.98 -13.84
N SER I 94 69.43 -35.74 -13.78
CA SER I 94 69.86 -36.27 -12.50
C SER I 94 70.30 -35.16 -11.56
N GLU I 95 70.98 -34.14 -12.09
CA GLU I 95 71.33 -32.98 -11.27
C GLU I 95 70.10 -32.28 -10.73
N LYS I 96 69.07 -32.12 -11.59
CA LYS I 96 67.85 -31.46 -11.15
C LYS I 96 67.14 -32.25 -10.06
N ALA I 97 67.09 -33.58 -10.20
CA ALA I 97 66.42 -34.41 -9.20
C ALA I 97 67.15 -34.37 -7.86
N GLU I 98 68.49 -34.41 -7.89
CA GLU I 98 69.26 -34.32 -6.65
C GLU I 98 69.06 -32.96 -5.98
N LEU I 99 69.01 -31.88 -6.77
CA LEU I 99 68.76 -30.57 -6.20
C LEU I 99 67.37 -30.45 -5.60
N ARG I 100 66.36 -31.09 -6.22
CA ARG I 100 65.03 -31.07 -5.65
C ARG I 100 64.96 -31.80 -4.31
N LEU I 101 65.61 -32.96 -4.22
CA LEU I 101 65.63 -33.70 -2.96
C LEU I 101 66.37 -32.92 -1.87
N LYS I 102 67.49 -32.29 -2.23
CA LYS I 102 68.24 -31.49 -1.25
C LYS I 102 67.42 -30.30 -0.78
N GLU I 103 66.66 -29.68 -1.68
CA GLU I 103 65.81 -28.56 -1.29
C GLU I 103 64.72 -29.00 -0.32
N LEU I 104 64.14 -30.19 -0.55
CA LEU I 104 63.14 -30.72 0.38
C LEU I 104 63.75 -30.95 1.76
N GLU I 105 64.94 -31.55 1.82
CA GLU I 105 65.58 -31.80 3.11
C GLU I 105 65.94 -30.50 3.83
N VAL I 106 66.44 -29.51 3.08
CA VAL I 106 66.78 -28.22 3.66
C VAL I 106 65.54 -27.53 4.22
N ARG I 107 64.43 -27.58 3.49
CA ARG I 107 63.19 -26.96 3.96
C ARG I 107 62.71 -27.62 5.25
N ARG I 108 62.78 -28.95 5.31
CA ARG I 108 62.37 -29.65 6.53
C ARG I 108 63.25 -29.27 7.72
N LEU I 109 64.57 -29.19 7.52
CA LEU I 109 65.46 -28.85 8.61
C LEU I 109 65.28 -27.41 9.08
N MET I 110 65.08 -26.48 8.14
CA MET I 110 64.89 -25.08 8.51
C MET I 110 63.56 -24.89 9.24
N ARG I 111 62.52 -25.62 8.84
CA ARG I 111 61.26 -25.54 9.58
C ARG I 111 61.40 -26.11 10.98
N ALA I 112 62.16 -27.21 11.13
CA ALA I 112 62.27 -27.83 12.43
C ALA I 112 63.11 -27.01 13.39
N LYS I 113 64.25 -26.49 12.93
CA LYS I 113 65.20 -25.83 13.83
C LYS I 113 65.02 -24.32 13.88
N GLY I 114 64.77 -23.66 12.75
CA GLY I 114 64.56 -22.23 12.75
C GLY I 114 65.81 -21.40 12.81
N ASP I 115 66.97 -21.97 12.51
CA ASP I 115 68.23 -21.26 12.55
C ASP I 115 68.70 -20.76 11.19
N GLY I 116 67.93 -21.01 10.13
CA GLY I 116 68.35 -20.65 8.80
C GLY I 116 67.74 -19.35 8.31
N PRO I 117 68.06 -18.96 7.08
CA PRO I 117 67.51 -17.72 6.52
C PRO I 117 66.03 -17.80 6.19
N TRP I 118 65.42 -18.97 6.15
CA TRP I 118 64.01 -19.11 5.86
C TRP I 118 63.23 -19.31 7.14
N PHE I 119 61.91 -19.09 7.04
CA PHE I 119 60.96 -19.23 8.15
C PHE I 119 61.33 -18.32 9.33
N GLN I 120 61.83 -17.13 9.02
CA GLN I 120 62.18 -16.16 10.06
C GLN I 120 60.97 -15.28 10.32
N TYR I 121 60.08 -15.76 11.18
CA TYR I 121 58.94 -14.96 11.60
C TYR I 121 59.42 -13.76 12.42
N PRO I 122 58.81 -12.59 12.26
CA PRO I 122 59.35 -11.39 12.88
C PRO I 122 59.11 -11.36 14.38
N THR I 123 59.97 -10.61 15.07
CA THR I 123 59.80 -10.33 16.48
C THR I 123 59.81 -8.82 16.71
N ILE I 124 59.77 -8.40 17.97
CA ILE I 124 59.74 -6.98 18.30
C ILE I 124 61.13 -6.40 18.09
N ASP I 125 61.21 -5.32 17.32
CA ASP I 125 62.49 -4.66 17.07
C ASP I 125 62.95 -3.92 18.33
N LYS I 126 64.20 -4.12 18.71
CA LYS I 126 64.72 -3.56 19.95
C LYS I 126 65.21 -2.13 19.82
N ALA I 127 65.11 -1.53 18.63
CA ALA I 127 65.47 -0.13 18.45
C ALA I 127 64.40 0.81 18.96
N LEU I 128 63.27 0.30 19.43
CA LEU I 128 62.17 1.11 19.95
C LEU I 128 62.26 1.34 21.44
N ILE I 129 63.19 0.71 22.15
CA ILE I 129 63.22 0.77 23.60
C ILE I 129 63.86 2.08 24.04
N ASP I 130 63.19 2.80 24.93
CA ASP I 130 63.72 4.04 25.48
C ASP I 130 64.74 3.73 26.56
N HIS I 131 65.92 4.38 26.47
CA HIS I 131 67.01 4.11 27.39
C HIS I 131 67.31 5.27 28.33
N SER I 132 66.68 6.43 28.14
CA SER I 132 66.91 7.58 28.99
C SER I 132 66.37 7.32 30.39
N PRO I 133 66.91 7.99 31.42
CA PRO I 133 66.39 7.83 32.77
C PRO I 133 64.94 8.27 32.89
N LYS I 134 64.16 7.50 33.64
CA LYS I 134 62.74 7.74 33.77
C LYS I 134 62.46 8.58 35.02
N ALA I 135 61.18 8.72 35.38
CA ALA I 135 60.80 9.48 36.56
C ALA I 135 60.95 8.68 37.84
N THR I 136 61.14 7.37 37.74
CA THR I 136 61.26 6.48 38.87
C THR I 136 62.55 5.66 38.73
N PRO I 137 63.38 5.57 39.78
CA PRO I 137 64.63 4.82 39.64
C PRO I 137 64.46 3.33 39.42
N ASP I 138 63.42 2.72 40.00
CA ASP I 138 63.25 1.27 39.97
C ASP I 138 62.63 0.85 38.64
N ASN I 139 63.47 0.76 37.62
CA ASN I 139 63.06 0.24 36.31
C ASN I 139 64.25 -0.27 35.52
N ASP J 71 17.95 -72.69 -72.55
CA ASP J 71 17.10 -72.88 -71.38
C ASP J 71 16.02 -71.82 -71.32
N ALA J 72 14.92 -72.16 -70.62
CA ALA J 72 13.78 -71.28 -70.35
C ALA J 72 13.19 -70.67 -71.62
N PRO J 73 12.47 -71.45 -72.44
CA PRO J 73 11.84 -70.87 -73.63
C PRO J 73 10.74 -69.90 -73.24
N PRO J 74 10.49 -68.87 -74.05
CA PRO J 74 9.51 -67.86 -73.68
C PRO J 74 8.08 -68.34 -73.86
N LEU J 75 7.14 -67.53 -73.34
CA LEU J 75 5.73 -67.83 -73.37
C LEU J 75 4.95 -66.71 -74.05
N THR J 76 3.80 -67.07 -74.60
CA THR J 76 2.88 -66.13 -75.23
C THR J 76 1.46 -66.47 -74.79
N LEU J 77 0.52 -65.53 -75.05
CA LEU J 77 -0.87 -65.80 -74.71
C LEU J 77 -1.45 -66.93 -75.54
N GLU J 78 -1.02 -67.04 -76.80
CA GLU J 78 -1.52 -68.12 -77.64
C GLU J 78 -1.07 -69.48 -77.12
N GLY J 79 0.22 -69.60 -76.76
CA GLY J 79 0.72 -70.84 -76.22
C GLY J 79 0.12 -71.17 -74.86
N ILE J 80 -0.05 -70.16 -74.01
CA ILE J 80 -0.66 -70.35 -72.70
C ILE J 80 -2.10 -70.82 -72.84
N LYS J 81 -2.86 -70.17 -73.73
CA LYS J 81 -4.25 -70.55 -73.94
C LYS J 81 -4.36 -71.95 -74.54
N ASP J 82 -3.48 -72.28 -75.50
CA ASP J 82 -3.50 -73.60 -76.11
C ASP J 82 -3.17 -74.69 -75.08
N ARG J 83 -2.19 -74.44 -74.23
CA ARG J 83 -1.81 -75.44 -73.23
C ARG J 83 -2.87 -75.59 -72.15
N VAL J 84 -3.48 -74.48 -71.72
CA VAL J 84 -4.50 -74.57 -70.68
C VAL J 84 -5.76 -75.24 -71.23
N LEU J 85 -6.08 -75.00 -72.50
CA LEU J 85 -7.22 -75.69 -73.11
C LEU J 85 -6.91 -77.15 -73.38
N TYR J 86 -5.65 -77.48 -73.65
CA TYR J 86 -5.23 -78.88 -73.75
C TYR J 86 -5.45 -79.62 -72.45
N VAL J 87 -4.99 -79.04 -71.34
CA VAL J 87 -5.14 -79.69 -70.03
C VAL J 87 -6.61 -79.81 -69.66
N LEU J 88 -7.39 -78.74 -69.88
CA LEU J 88 -8.82 -78.80 -69.58
C LEU J 88 -9.57 -79.73 -70.51
N LYS J 89 -9.04 -79.98 -71.71
CA LYS J 89 -9.65 -80.89 -72.66
C LYS J 89 -9.38 -82.34 -72.29
N LEU J 90 -8.25 -82.61 -71.63
CA LEU J 90 -7.95 -83.97 -71.18
C LEU J 90 -8.71 -84.35 -69.91
N TYR J 91 -9.45 -83.43 -69.31
CA TYR J 91 -10.29 -83.73 -68.16
C TYR J 91 -11.51 -84.52 -68.60
N ASP J 92 -11.79 -85.63 -67.92
CA ASP J 92 -12.90 -86.48 -68.33
C ASP J 92 -14.25 -85.91 -67.96
N LYS J 93 -14.31 -85.02 -66.98
CA LYS J 93 -15.57 -84.48 -66.52
C LYS J 93 -16.08 -83.31 -67.37
N ILE J 94 -15.32 -82.89 -68.39
CA ILE J 94 -15.70 -81.80 -69.26
C ILE J 94 -15.81 -82.35 -70.68
N ASP J 95 -16.96 -82.13 -71.31
CA ASP J 95 -17.10 -82.52 -72.71
C ASP J 95 -16.30 -81.56 -73.58
N PRO J 96 -15.36 -82.06 -74.39
CA PRO J 96 -14.44 -81.17 -75.10
C PRO J 96 -15.08 -80.32 -76.20
N GLU J 97 -16.26 -80.68 -76.68
CA GLU J 97 -16.92 -79.92 -77.73
C GLU J 97 -17.74 -78.76 -77.20
N LYS J 98 -17.75 -78.55 -75.88
CA LYS J 98 -18.59 -77.54 -75.27
C LYS J 98 -17.81 -76.42 -74.58
N LEU J 99 -16.62 -76.69 -74.07
CA LEU J 99 -15.89 -75.67 -73.35
C LEU J 99 -15.24 -74.68 -74.32
N SER J 100 -14.94 -73.49 -73.79
CA SER J 100 -14.32 -72.43 -74.57
C SER J 100 -13.40 -71.65 -73.64
N VAL J 101 -12.95 -70.48 -74.09
CA VAL J 101 -12.03 -69.68 -73.29
C VAL J 101 -12.71 -68.98 -72.13
N ASN J 102 -14.02 -68.73 -72.20
CA ASN J 102 -14.73 -68.00 -71.14
C ASN J 102 -15.87 -68.81 -70.55
N SER J 103 -15.83 -70.13 -70.66
CA SER J 103 -16.86 -70.98 -70.07
C SER J 103 -16.66 -71.07 -68.57
N HIS J 104 -17.73 -70.85 -67.82
CA HIS J 104 -17.65 -70.92 -66.36
C HIS J 104 -17.60 -72.37 -65.90
N PHE J 105 -17.22 -72.56 -64.63
CA PHE J 105 -17.04 -73.88 -64.07
C PHE J 105 -18.27 -74.37 -63.31
N MET J 106 -18.75 -73.59 -62.33
CA MET J 106 -19.95 -74.00 -61.59
C MET J 106 -21.19 -73.93 -62.46
N LYS J 107 -21.33 -72.88 -63.27
CA LYS J 107 -22.57 -72.65 -63.99
C LYS J 107 -22.56 -73.28 -65.38
N ASP J 108 -21.62 -72.86 -66.23
CA ASP J 108 -21.65 -73.30 -67.63
C ASP J 108 -21.20 -74.74 -67.81
N LEU J 109 -20.44 -75.30 -66.87
CA LEU J 109 -19.94 -76.66 -67.01
C LEU J 109 -20.46 -77.63 -65.96
N GLY J 110 -21.05 -77.14 -64.86
CA GLY J 110 -21.59 -78.02 -63.85
C GLY J 110 -20.53 -78.77 -63.06
N LEU J 111 -19.64 -78.04 -62.41
CA LEU J 111 -18.56 -78.64 -61.64
C LEU J 111 -18.64 -78.18 -60.19
N ASP J 112 -18.16 -79.03 -59.29
CA ASP J 112 -18.13 -78.70 -57.88
C ASP J 112 -16.92 -77.83 -57.57
N SER J 113 -16.80 -77.43 -56.30
CA SER J 113 -15.62 -76.70 -55.86
C SER J 113 -14.39 -77.58 -55.82
N LEU J 114 -14.56 -78.87 -55.48
CA LEU J 114 -13.44 -79.80 -55.49
C LEU J 114 -12.91 -80.00 -56.91
N ASP J 115 -13.80 -79.98 -57.89
CA ASP J 115 -13.38 -80.05 -59.28
C ASP J 115 -12.54 -78.83 -59.66
N GLN J 116 -12.92 -77.66 -59.15
CA GLN J 116 -12.13 -76.45 -59.39
C GLN J 116 -10.76 -76.56 -58.74
N VAL J 117 -10.70 -77.11 -57.53
CA VAL J 117 -9.43 -77.28 -56.83
C VAL J 117 -8.52 -78.23 -57.59
N GLU J 118 -9.07 -79.35 -58.07
CA GLU J 118 -8.26 -80.30 -58.83
C GLU J 118 -7.84 -79.73 -60.17
N ILE J 119 -8.69 -78.90 -60.78
CA ILE J 119 -8.31 -78.21 -62.03
C ILE J 119 -7.11 -77.29 -61.77
N ILE J 120 -7.19 -76.51 -60.69
CA ILE J 120 -6.10 -75.56 -60.38
C ILE J 120 -4.80 -76.30 -60.09
N MET J 121 -4.89 -77.43 -59.37
CA MET J 121 -3.70 -78.24 -59.13
C MET J 121 -3.13 -78.82 -60.41
N ALA J 122 -4.00 -79.21 -61.34
CA ALA J 122 -3.52 -79.71 -62.63
C ALA J 122 -2.81 -78.62 -63.42
N MET J 123 -3.32 -77.38 -63.37
CA MET J 123 -2.66 -76.30 -64.11
C MET J 123 -1.34 -75.92 -63.45
N GLU J 124 -1.27 -76.02 -62.12
CA GLU J 124 -0.01 -75.82 -61.41
C GLU J 124 1.02 -76.86 -61.82
N ASP J 125 0.61 -78.12 -61.89
CA ASP J 125 1.53 -79.17 -62.34
C ASP J 125 1.94 -78.99 -63.79
N GLU J 126 1.02 -78.48 -64.61
CA GLU J 126 1.33 -78.28 -66.03
C GLU J 126 2.36 -77.17 -66.22
N PHE J 127 2.16 -76.03 -65.56
CA PHE J 127 3.06 -74.89 -65.79
C PHE J 127 4.22 -74.85 -64.81
N GLY J 128 4.24 -75.68 -63.77
CA GLY J 128 5.39 -75.79 -62.91
C GLY J 128 5.55 -74.72 -61.86
N PHE J 129 4.52 -73.91 -61.60
CA PHE J 129 4.58 -72.92 -60.55
C PHE J 129 3.29 -72.95 -59.75
N GLU J 130 3.38 -72.52 -58.49
CA GLU J 130 2.28 -72.66 -57.55
C GLU J 130 1.41 -71.41 -57.55
N ILE J 131 0.10 -71.62 -57.65
CA ILE J 131 -0.89 -70.56 -57.50
C ILE J 131 -1.39 -70.60 -56.06
N PRO J 132 -1.28 -69.50 -55.30
CA PRO J 132 -1.77 -69.50 -53.92
C PRO J 132 -3.28 -69.61 -53.86
N ASP J 133 -3.76 -70.13 -52.72
CA ASP J 133 -5.18 -70.41 -52.56
C ASP J 133 -6.02 -69.13 -52.63
N ILE J 134 -5.53 -68.04 -52.03
CA ILE J 134 -6.26 -66.78 -52.02
C ILE J 134 -6.40 -66.19 -53.42
N ASP J 135 -5.60 -66.64 -54.38
CA ASP J 135 -5.82 -66.35 -55.79
C ASP J 135 -6.43 -67.52 -56.54
N ALA J 136 -6.38 -68.73 -55.97
CA ALA J 136 -6.95 -69.90 -56.64
C ALA J 136 -8.46 -69.95 -56.52
N GLU J 137 -9.04 -69.39 -55.46
CA GLU J 137 -10.50 -69.43 -55.33
C GLU J 137 -11.21 -68.59 -56.37
N LYS J 138 -10.54 -67.62 -56.98
CA LYS J 138 -11.17 -66.68 -57.90
C LYS J 138 -10.93 -67.02 -59.36
N LEU J 139 -10.20 -68.09 -59.65
CA LEU J 139 -9.90 -68.48 -61.03
C LEU J 139 -11.02 -69.41 -61.49
N MET J 140 -12.00 -68.85 -62.20
CA MET J 140 -13.27 -69.53 -62.44
C MET J 140 -13.55 -69.85 -63.89
N CYS J 141 -12.82 -69.26 -64.83
CA CYS J 141 -12.95 -69.54 -66.25
C CYS J 141 -11.55 -69.59 -66.82
N PRO J 142 -11.35 -70.26 -67.97
CA PRO J 142 -10.00 -70.37 -68.53
C PRO J 142 -9.34 -69.03 -68.87
N GLN J 143 -10.12 -68.00 -69.18
CA GLN J 143 -9.52 -66.70 -69.49
C GLN J 143 -8.86 -66.07 -68.27
N GLU J 144 -9.46 -66.23 -67.09
CA GLU J 144 -8.81 -65.72 -65.89
C GLU J 144 -7.56 -66.51 -65.53
N ILE J 145 -7.54 -67.81 -65.82
CA ILE J 145 -6.33 -68.60 -65.61
C ILE J 145 -5.22 -68.12 -66.55
N VAL J 146 -5.56 -67.86 -67.81
CA VAL J 146 -4.59 -67.34 -68.77
C VAL J 146 -4.06 -65.98 -68.33
N ASP J 147 -4.96 -65.09 -67.89
CA ASP J 147 -4.54 -63.76 -67.46
C ASP J 147 -3.70 -63.81 -66.20
N TYR J 148 -4.02 -64.72 -65.27
CA TYR J 148 -3.22 -64.86 -64.06
C TYR J 148 -1.82 -65.37 -64.39
N ILE J 149 -1.71 -66.36 -65.27
CA ILE J 149 -0.39 -66.89 -65.63
C ILE J 149 0.41 -65.84 -66.40
N ALA J 150 -0.26 -65.09 -67.28
CA ALA J 150 0.39 -64.03 -68.03
C ALA J 150 0.91 -62.93 -67.11
N ASP J 151 0.14 -62.59 -66.08
CA ASP J 151 0.59 -61.57 -65.13
C ASP J 151 1.73 -62.08 -64.26
N LYS J 152 1.64 -63.33 -63.81
CA LYS J 152 2.67 -63.87 -62.92
C LYS J 152 4.00 -64.10 -63.64
N LYS J 153 3.97 -64.39 -64.93
CA LYS J 153 5.19 -64.67 -65.67
C LYS J 153 5.64 -63.53 -66.57
N ASP J 154 4.90 -62.42 -66.60
CA ASP J 154 5.28 -61.16 -67.26
C ASP J 154 5.54 -61.37 -68.76
N VAL J 155 4.49 -61.79 -69.46
CA VAL J 155 4.60 -62.10 -70.88
C VAL J 155 4.08 -60.93 -71.71
N TYR J 156 4.40 -60.97 -73.01
CA TYR J 156 4.30 -59.83 -73.94
C TYR J 156 4.98 -58.58 -73.37
N GLU J 157 6.28 -58.68 -73.24
CA GLU J 157 7.11 -57.54 -72.92
C GLU J 157 7.86 -57.10 -74.17
N PRO K 1 61.88 -20.05 42.76
CA PRO K 1 63.31 -19.93 42.47
C PRO K 1 64.14 -19.55 43.69
N GLY K 2 64.80 -18.39 43.65
CA GLY K 2 65.69 -17.98 44.71
C GLY K 2 64.98 -17.41 45.91
N ILE K 3 65.78 -17.00 46.89
CA ILE K 3 65.29 -16.42 48.13
C ILE K 3 65.65 -14.95 48.15
N VAL K 4 64.63 -14.09 48.26
CA VAL K 4 64.87 -12.64 48.23
C VAL K 4 65.50 -12.21 49.54
N GLU K 5 66.55 -11.39 49.45
CA GLU K 5 67.31 -10.98 50.61
C GLU K 5 66.86 -9.59 51.06
N LEU K 6 66.56 -9.46 52.35
CA LEU K 6 66.12 -8.21 52.93
C LEU K 6 67.04 -7.81 54.06
N PRO K 7 67.31 -6.51 54.24
CA PRO K 7 68.14 -6.08 55.36
C PRO K 7 67.42 -6.28 56.68
N SER K 8 68.21 -6.48 57.74
CA SER K 8 67.63 -6.68 59.06
C SER K 8 67.02 -5.38 59.56
N LEU K 9 66.18 -5.50 60.59
CA LEU K 9 65.45 -4.35 61.12
C LEU K 9 66.36 -3.33 61.79
N GLU K 10 67.55 -3.75 62.22
CA GLU K 10 68.49 -2.79 62.79
C GLU K 10 69.14 -1.93 61.71
N ASP K 11 69.26 -2.45 60.49
CA ASP K 11 69.87 -1.69 59.41
C ASP K 11 68.94 -0.62 58.86
N LEU K 12 67.63 -0.74 59.10
CA LEU K 12 66.66 0.26 58.68
C LEU K 12 66.38 1.27 59.77
N LYS K 13 67.11 1.22 60.88
CA LYS K 13 66.87 2.08 62.03
C LYS K 13 67.67 3.37 61.88
N VAL K 14 66.97 4.50 61.89
CA VAL K 14 67.61 5.81 61.84
C VAL K 14 66.63 6.79 62.48
N GLN K 15 67.16 7.88 63.03
CA GLN K 15 66.30 8.92 63.56
C GLN K 15 65.84 9.82 62.41
N GLU K 16 64.55 10.16 62.42
CA GLU K 16 63.89 10.70 61.26
C GLU K 16 63.79 12.23 61.34
N VAL K 17 63.55 12.84 60.18
CA VAL K 17 63.24 14.26 60.10
C VAL K 17 61.75 14.41 60.37
N LYS K 18 61.39 14.58 61.64
CA LYS K 18 59.99 14.54 62.06
C LYS K 18 59.34 15.92 61.95
N VAL K 19 59.27 16.43 60.72
CA VAL K 19 58.65 17.72 60.46
C VAL K 19 57.58 17.53 59.40
N SER K 20 56.60 18.43 59.41
CA SER K 20 55.45 18.30 58.53
C SER K 20 55.78 18.78 57.12
N SER K 21 54.78 18.72 56.25
CA SER K 21 55.01 19.00 54.83
C SER K 21 55.25 20.49 54.59
N SER K 22 54.56 21.36 55.34
CA SER K 22 54.75 22.80 55.16
C SER K 22 56.06 23.28 55.75
N VAL K 23 56.54 22.62 56.82
CA VAL K 23 57.86 22.93 57.35
C VAL K 23 58.94 22.57 56.34
N LEU K 24 58.75 21.47 55.63
CA LEU K 24 59.67 21.10 54.56
C LEU K 24 59.57 22.05 53.38
N LYS K 25 58.36 22.52 53.08
CA LYS K 25 58.17 23.37 51.91
C LYS K 25 58.69 24.77 52.15
N ALA K 26 58.65 25.26 53.39
CA ALA K 26 59.10 26.62 53.66
C ALA K 26 60.60 26.77 53.45
N ALA K 27 61.39 25.78 53.89
CA ALA K 27 62.83 25.79 53.72
C ALA K 27 63.29 24.87 52.62
N ALA K 28 62.44 24.64 51.61
CA ALA K 28 62.79 23.70 50.55
C ALA K 28 63.90 24.24 49.67
N HIS K 29 63.86 25.53 49.33
CA HIS K 29 64.89 26.11 48.46
C HIS K 29 66.24 26.14 49.14
N HIS K 30 66.28 26.51 50.42
CA HIS K 30 67.55 26.52 51.14
C HIS K 30 68.05 25.11 51.42
N TYR K 31 67.14 24.16 51.62
CA TYR K 31 67.56 22.76 51.77
C TYR K 31 68.17 22.23 50.48
N GLY K 32 67.59 22.60 49.33
CA GLY K 32 68.17 22.20 48.06
C GLY K 32 69.50 22.87 47.79
N ALA K 33 69.66 24.12 48.24
CA ALA K 33 70.90 24.84 48.00
C ALA K 33 72.03 24.34 48.91
N GLN K 34 71.73 24.07 50.18
CA GLN K 34 72.79 23.82 51.15
C GLN K 34 73.20 22.35 51.23
N CYS K 35 72.24 21.44 51.13
CA CYS K 35 72.47 20.01 51.33
C CYS K 35 72.48 19.23 50.02
N ASP K 36 73.04 19.83 48.97
CA ASP K 36 72.89 19.28 47.64
C ASP K 36 73.80 18.07 47.39
N LYS K 37 75.02 18.08 47.93
CA LYS K 37 75.97 17.02 47.60
C LYS K 37 75.54 15.63 48.07
N PRO K 38 75.15 15.38 49.33
CA PRO K 38 74.70 14.01 49.68
C PRO K 38 73.38 13.63 49.02
N ASN K 39 72.50 14.60 48.78
CA ASN K 39 71.25 14.30 48.08
C ASN K 39 71.51 13.84 46.65
N LYS K 40 72.39 14.54 45.93
CA LYS K 40 72.69 14.14 44.57
C LYS K 40 73.50 12.85 44.52
N GLU K 41 74.36 12.60 45.50
CA GLU K 41 75.04 11.31 45.57
C GLU K 41 74.04 10.17 45.76
N PHE K 42 73.08 10.37 46.65
CA PHE K 42 72.05 9.35 46.88
C PHE K 42 71.20 9.15 45.63
N MET K 43 70.86 10.23 44.93
CA MET K 43 70.03 10.09 43.74
C MET K 43 70.78 9.42 42.61
N LEU K 44 72.08 9.70 42.47
CA LEU K 44 72.89 9.00 41.47
C LEU K 44 73.00 7.52 41.78
N CYS K 45 73.24 7.18 43.06
CA CYS K 45 73.28 5.78 43.46
C CYS K 45 71.94 5.10 43.23
N ARG K 46 70.85 5.82 43.45
CA ARG K 46 69.51 5.26 43.28
C ARG K 46 69.21 4.99 41.81
N TRP K 47 69.51 5.95 40.93
CA TRP K 47 69.22 5.75 39.52
C TRP K 47 70.21 4.82 38.84
N GLU K 48 71.37 4.57 39.46
CA GLU K 48 72.35 3.67 38.86
C GLU K 48 72.18 2.23 39.33
N GLU K 49 72.06 2.02 40.63
CA GLU K 49 71.98 0.65 41.16
C GLU K 49 70.61 0.03 40.96
N LYS K 50 69.55 0.84 40.91
CA LYS K 50 68.16 0.39 40.79
C LYS K 50 67.78 -0.59 41.89
N ASP K 51 68.26 -0.32 43.10
CA ASP K 51 68.08 -1.20 44.25
C ASP K 51 68.22 -0.40 45.53
N PRO K 52 67.16 -0.28 46.33
CA PRO K 52 67.27 0.53 47.56
C PRO K 52 68.21 -0.06 48.60
N ARG K 53 68.39 -1.38 48.59
CA ARG K 53 69.30 -2.04 49.52
C ARG K 53 70.75 -1.66 49.27
N ARG K 54 71.09 -1.23 48.07
CA ARG K 54 72.41 -0.71 47.75
C ARG K 54 72.53 0.80 47.97
N CYS K 55 71.44 1.47 48.35
CA CYS K 55 71.44 2.91 48.59
C CYS K 55 70.99 3.26 50.00
N LEU K 56 70.89 2.27 50.88
CA LEU K 56 70.47 2.50 52.27
C LEU K 56 71.42 3.46 52.99
N GLU K 57 72.73 3.29 52.81
CA GLU K 57 73.68 4.14 53.53
C GLU K 57 73.67 5.57 53.00
N GLU K 58 73.49 5.73 51.69
CA GLU K 58 73.37 7.08 51.13
C GLU K 58 72.10 7.76 51.64
N GLY K 59 71.00 7.02 51.77
CA GLY K 59 69.80 7.59 52.36
C GLY K 59 69.99 7.97 53.82
N LYS K 60 70.78 7.17 54.54
CA LYS K 60 71.12 7.51 55.93
C LYS K 60 71.91 8.81 56.01
N LEU K 61 72.86 8.99 55.10
CA LEU K 61 73.63 10.24 55.05
C LEU K 61 72.73 11.42 54.69
N VAL K 62 71.76 11.20 53.81
CA VAL K 62 70.79 12.24 53.46
C VAL K 62 69.99 12.67 54.69
N ASN K 63 69.55 11.70 55.49
CA ASN K 63 68.85 12.03 56.73
C ASN K 63 69.73 12.83 57.69
N GLN K 64 71.00 12.43 57.82
CA GLN K 64 71.90 13.14 58.73
C GLN K 64 72.11 14.59 58.29
N CYS K 65 72.31 14.80 56.99
CA CYS K 65 72.53 16.15 56.47
C CYS K 65 71.28 17.02 56.63
N ALA K 66 70.09 16.46 56.39
CA ALA K 66 68.87 17.23 56.57
C ALA K 66 68.64 17.59 58.03
N LEU K 67 68.94 16.66 58.94
CA LEU K 67 68.80 16.95 60.36
C LEU K 67 69.74 18.05 60.80
N GLU K 68 70.98 18.04 60.29
CA GLU K 68 71.90 19.11 60.64
C GLU K 68 71.49 20.44 60.03
N PHE K 69 70.88 20.42 58.85
CA PHE K 69 70.33 21.64 58.25
C PHE K 69 69.26 22.25 59.15
N PHE K 70 68.35 21.43 59.65
CA PHE K 70 67.29 21.96 60.49
C PHE K 70 67.79 22.38 61.86
N ARG K 71 68.82 21.69 62.38
CA ARG K 71 69.45 22.15 63.62
C ARG K 71 70.12 23.50 63.44
N GLN K 72 70.75 23.72 62.29
CA GLN K 72 71.37 25.02 62.02
C GLN K 72 70.32 26.11 61.83
N ILE K 73 69.17 25.76 61.25
CA ILE K 73 68.06 26.73 61.16
C ILE K 73 67.56 27.09 62.54
N LYS K 74 67.41 26.10 63.43
CA LYS K 74 66.86 26.33 64.76
C LYS K 74 67.78 27.19 65.63
N ARG K 75 69.08 27.18 65.37
CA ARG K 75 70.02 27.87 66.24
C ARG K 75 69.91 29.39 66.13
N HIS K 76 69.59 29.91 64.96
CA HIS K 76 69.68 31.34 64.69
C HIS K 76 68.38 31.97 64.24
N CYS K 77 67.57 31.27 63.45
CA CYS K 77 66.42 31.85 62.78
C CYS K 77 65.17 31.05 63.08
N ALA K 78 64.91 30.77 64.36
CA ALA K 78 63.75 29.96 64.72
C ALA K 78 62.45 30.74 64.54
N GLU K 79 62.41 31.99 64.98
CA GLU K 79 61.16 32.74 64.97
C GLU K 79 60.70 33.18 63.57
N PRO K 80 61.54 33.79 62.72
CA PRO K 80 61.03 34.13 61.37
C PRO K 80 60.67 32.90 60.54
N PHE K 81 61.43 31.81 60.70
CA PHE K 81 61.09 30.58 60.00
C PHE K 81 59.78 29.99 60.52
N THR K 82 59.54 30.11 61.83
CA THR K 82 58.28 29.63 62.40
C THR K 82 57.10 30.40 61.84
N GLU K 83 57.22 31.73 61.77
CA GLU K 83 56.14 32.53 61.18
C GLU K 83 55.95 32.20 59.71
N TYR K 84 57.05 32.00 58.97
CA TYR K 84 56.96 31.71 57.55
C TYR K 84 56.26 30.38 57.29
N TRP K 85 56.66 29.33 58.00
CA TRP K 85 56.00 28.05 57.74
C TRP K 85 54.59 28.03 58.31
N THR K 86 54.27 28.88 59.30
CA THR K 86 52.89 28.98 59.76
C THR K 86 52.00 29.57 58.67
N CYS K 87 52.41 30.68 58.06
CA CYS K 87 51.57 31.27 57.02
C CYS K 87 51.58 30.45 55.74
N ILE K 88 52.64 29.67 55.50
CA ILE K 88 52.59 28.68 54.42
C ILE K 88 51.56 27.61 54.73
N ASP K 89 51.54 27.14 55.99
CA ASP K 89 50.68 26.04 56.39
C ASP K 89 49.22 26.42 56.44
N TYR K 90 48.90 27.72 56.54
CA TYR K 90 47.48 28.09 56.52
C TYR K 90 46.82 27.80 55.17
N SER K 91 47.56 27.97 54.08
CA SER K 91 46.97 27.91 52.75
C SER K 91 46.56 26.47 52.38
N GLY K 92 45.47 26.38 51.62
CA GLY K 92 44.98 25.06 51.22
C GLY K 92 45.86 24.38 50.19
N LEU K 93 46.29 25.12 49.18
CA LEU K 93 47.21 24.58 48.18
C LEU K 93 48.67 24.82 48.56
N GLN K 94 48.92 25.45 49.71
CA GLN K 94 50.25 25.81 50.19
C GLN K 94 51.00 26.68 49.16
N LEU K 95 50.43 27.85 48.91
CA LEU K 95 51.00 28.74 47.92
C LEU K 95 52.23 29.46 48.47
N PHE K 96 53.17 29.73 47.58
CA PHE K 96 54.32 30.55 47.91
C PHE K 96 54.07 32.04 47.73
N ARG K 97 53.02 32.42 47.02
CA ARG K 97 52.75 33.82 46.71
C ARG K 97 51.90 34.51 47.76
N ARG K 98 51.34 33.78 48.71
CA ARG K 98 50.55 34.37 49.78
C ARG K 98 51.38 34.77 50.98
N CYS K 99 52.67 34.49 50.98
CA CYS K 99 53.54 34.71 52.14
C CYS K 99 54.85 35.34 51.72
N ARG K 100 54.80 36.37 50.87
CA ARG K 100 56.04 36.97 50.37
C ARG K 100 56.77 37.75 51.45
N LYS K 101 56.02 38.41 52.33
CA LYS K 101 56.62 39.28 53.32
C LYS K 101 57.42 38.50 54.35
N GLU K 102 56.82 37.45 54.91
CA GLU K 102 57.51 36.60 55.86
C GLU K 102 58.65 35.84 55.20
N GLN K 103 58.50 35.48 53.93
CA GLN K 103 59.58 34.86 53.18
C GLN K 103 60.78 35.79 53.07
N ALA K 104 60.54 37.07 52.77
CA ALA K 104 61.62 38.04 52.68
C ALA K 104 62.27 38.26 54.04
N GLN K 105 61.47 38.28 55.11
CA GLN K 105 62.01 38.42 56.46
C GLN K 105 62.90 37.23 56.82
N PHE K 106 62.45 36.02 56.53
CA PHE K 106 63.24 34.82 56.82
C PHE K 106 64.52 34.78 55.98
N ASP K 107 64.43 35.15 54.71
CA ASP K 107 65.61 35.16 53.84
C ASP K 107 66.63 36.18 54.32
N LYS K 108 66.18 37.38 54.70
CA LYS K 108 67.10 38.39 55.20
C LYS K 108 67.75 37.96 56.52
N CYS K 109 66.95 37.39 57.42
CA CYS K 109 67.48 36.92 58.70
C CYS K 109 68.54 35.84 58.50
N VAL K 110 68.26 34.87 57.61
CA VAL K 110 69.21 33.78 57.43
C VAL K 110 70.39 34.21 56.58
N LEU K 111 70.26 35.29 55.80
CA LEU K 111 71.41 35.80 55.06
C LEU K 111 72.38 36.52 55.97
N ASP K 112 71.87 37.36 56.88
CA ASP K 112 72.77 38.03 57.81
C ASP K 112 73.19 37.17 58.99
N LYS K 113 72.55 36.02 59.23
CA LYS K 113 73.02 35.19 60.33
C LYS K 113 73.89 34.01 59.87
N LEU K 114 73.58 33.43 58.71
CA LEU K 114 74.27 32.24 58.24
C LEU K 114 74.89 32.39 56.86
N GLY K 115 74.70 33.52 56.20
CA GLY K 115 75.29 33.72 54.89
C GLY K 115 74.66 32.93 53.77
N TRP K 116 73.40 32.54 53.91
CA TRP K 116 72.75 31.68 52.93
C TRP K 116 72.00 32.52 51.90
N VAL K 117 72.15 32.15 50.63
CA VAL K 117 71.48 32.80 49.52
C VAL K 117 70.55 31.80 48.86
N ARG K 118 69.28 32.17 48.68
CA ARG K 118 68.33 31.27 48.05
C ARG K 118 68.60 31.19 46.54
N PRO K 119 68.34 30.04 45.93
CA PRO K 119 68.52 29.93 44.48
C PRO K 119 67.48 30.73 43.70
N ASP K 120 67.83 31.09 42.48
CA ASP K 120 66.92 31.77 41.57
C ASP K 120 66.05 30.74 40.85
N LEU K 121 65.34 31.19 39.82
CA LEU K 121 64.49 30.29 39.05
C LEU K 121 65.32 29.44 38.11
N GLY K 122 65.03 28.13 38.07
CA GLY K 122 65.72 27.22 37.19
C GLY K 122 67.04 26.70 37.71
N GLU K 123 67.51 27.20 38.86
CA GLU K 123 68.79 26.75 39.37
C GLU K 123 68.68 25.36 39.98
N LEU K 124 67.63 25.12 40.78
CA LEU K 124 67.47 23.82 41.41
C LEU K 124 67.00 22.73 40.45
N SER K 125 66.61 23.10 39.23
CA SER K 125 66.22 22.14 38.22
C SER K 125 67.35 21.80 37.27
N LYS K 126 68.56 22.30 37.51
CA LYS K 126 69.69 22.01 36.66
C LYS K 126 70.14 20.56 36.83
N VAL K 127 70.78 20.02 35.80
CA VAL K 127 71.42 18.71 35.88
C VAL K 127 72.87 18.94 36.27
N THR K 128 73.29 18.37 37.39
CA THR K 128 74.62 18.57 37.92
C THR K 128 75.47 17.32 37.69
N LYS K 129 76.72 17.39 38.12
CA LYS K 129 77.64 16.27 38.04
C LYS K 129 78.13 15.90 39.43
N VAL K 130 78.34 14.60 39.65
CA VAL K 130 78.64 14.05 40.97
C VAL K 130 79.95 13.29 40.90
N LYS K 131 80.87 13.62 41.78
CA LYS K 131 82.11 12.87 41.95
C LYS K 131 81.92 11.87 43.09
N THR K 132 81.89 10.58 42.74
CA THR K 132 81.71 9.52 43.70
C THR K 132 82.84 8.51 43.56
N ASP K 133 82.98 7.64 44.57
CA ASP K 133 84.01 6.62 44.57
C ASP K 133 83.48 5.21 44.40
N ARG K 134 82.18 4.99 44.58
CA ARG K 134 81.64 3.65 44.37
C ARG K 134 81.64 3.33 42.87
N PRO K 135 81.97 2.09 42.50
CA PRO K 135 82.11 1.77 41.08
C PRO K 135 80.77 1.63 40.38
N LEU K 136 80.81 1.85 39.07
CA LEU K 136 79.61 1.77 38.26
C LEU K 136 79.13 0.32 38.18
N PRO K 137 77.82 0.08 38.32
CA PRO K 137 77.30 -1.28 38.15
C PRO K 137 77.38 -1.72 36.69
N GLU K 138 78.24 -2.71 36.41
CA GLU K 138 78.44 -3.15 35.03
C GLU K 138 77.25 -3.92 34.48
N ASN K 139 76.41 -4.48 35.36
CA ASN K 139 75.25 -5.26 34.92
C ASN K 139 74.13 -5.05 35.93
N PRO K 140 73.44 -3.91 35.85
CA PRO K 140 72.44 -3.59 36.88
C PRO K 140 71.11 -4.27 36.68
N TYR K 141 70.81 -4.75 35.47
CA TYR K 141 69.55 -5.43 35.21
C TYR K 141 69.60 -6.91 35.51
N HIS K 142 70.75 -7.42 35.95
CA HIS K 142 70.97 -8.85 36.23
C HIS K 142 70.65 -9.72 35.02
N SER K 143 70.95 -9.21 33.83
CA SER K 143 70.64 -9.93 32.61
C SER K 143 71.63 -11.06 32.38
N ARG K 144 71.14 -12.14 31.78
CA ARG K 144 71.98 -13.28 31.46
C ARG K 144 72.45 -13.17 30.02
N ALA K 145 73.08 -14.23 29.52
CA ALA K 145 73.69 -14.20 28.21
C ALA K 145 72.65 -14.17 27.10
N ARG K 146 72.84 -13.31 26.12
CA ARG K 146 71.93 -13.18 25.00
C ARG K 146 72.12 -14.33 24.02
N PRO K 147 71.05 -14.73 23.32
CA PRO K 147 71.19 -15.80 22.32
C PRO K 147 72.05 -15.36 21.14
N GLU K 148 72.75 -16.32 20.55
CA GLU K 148 73.62 -16.00 19.44
C GLU K 148 72.80 -15.75 18.18
N PRO K 149 73.15 -14.73 17.41
CA PRO K 149 72.39 -14.43 16.19
C PRO K 149 72.64 -15.47 15.11
N ASN K 150 71.70 -15.54 14.16
CA ASN K 150 71.84 -16.44 13.04
C ASN K 150 72.98 -15.97 12.13
N PRO K 151 73.62 -16.90 11.41
CA PRO K 151 74.59 -16.50 10.39
C PRO K 151 73.92 -15.70 9.28
N GLU K 152 74.63 -14.69 8.78
CA GLU K 152 74.09 -13.77 7.81
C GLU K 152 74.42 -14.24 6.39
N VAL K 153 74.09 -13.42 5.41
CA VAL K 153 74.36 -13.76 4.01
C VAL K 153 75.76 -13.29 3.63
N GLU K 154 76.50 -14.18 2.95
CA GLU K 154 77.83 -13.88 2.46
C GLU K 154 77.97 -14.41 1.05
N GLY K 155 78.71 -13.68 0.23
CA GLY K 155 79.04 -14.13 -1.11
C GLY K 155 78.19 -13.46 -2.18
N ASP K 156 78.70 -13.51 -3.41
CA ASP K 156 77.98 -12.96 -4.55
C ASP K 156 76.85 -13.88 -4.96
N LEU K 157 75.84 -13.27 -5.58
CA LEU K 157 74.66 -14.01 -6.04
C LEU K 157 74.95 -14.62 -7.41
N LYS K 158 74.62 -15.89 -7.56
CA LYS K 158 74.81 -16.66 -8.78
C LYS K 158 73.48 -17.12 -9.34
N PRO K 159 73.37 -17.35 -10.64
CA PRO K 159 72.10 -17.83 -11.20
C PRO K 159 71.77 -19.24 -10.72
N ALA K 160 70.47 -19.54 -10.74
CA ALA K 160 69.99 -20.83 -10.28
C ALA K 160 70.45 -21.94 -11.22
N ARG K 161 70.77 -23.09 -10.64
CA ARG K 161 71.21 -24.23 -11.43
C ARG K 161 70.02 -24.84 -12.13
N HIS K 162 70.07 -24.84 -13.46
CA HIS K 162 69.01 -25.37 -14.34
C HIS K 162 67.67 -24.67 -14.08
N GLY K 163 67.73 -23.39 -13.76
CA GLY K 163 66.53 -22.58 -13.72
C GLY K 163 65.68 -22.84 -12.50
N SER K 164 64.36 -22.90 -12.73
CA SER K 164 63.41 -22.98 -11.63
C SER K 164 63.37 -24.37 -11.00
N ARG K 165 63.66 -25.41 -11.79
CA ARG K 165 63.49 -26.81 -11.39
C ARG K 165 62.06 -27.09 -10.92
N LEU K 166 61.10 -26.53 -11.63
CA LEU K 166 59.68 -26.74 -11.34
C LEU K 166 59.09 -27.58 -12.46
N PHE K 167 58.94 -28.88 -12.20
CA PHE K 167 58.35 -29.87 -13.11
C PHE K 167 59.16 -29.86 -14.41
N PHE K 168 58.55 -29.59 -15.55
CA PHE K 168 59.21 -29.71 -16.85
C PHE K 168 59.85 -28.41 -17.33
N TRP K 169 59.75 -27.33 -16.58
CA TRP K 169 60.28 -26.06 -17.05
C TRP K 169 61.80 -26.05 -17.01
N THR K 170 62.42 -25.71 -18.13
CA THR K 170 63.86 -25.67 -18.24
C THR K 170 64.44 -24.30 -17.93
N MET K 171 63.61 -23.34 -17.53
CA MET K 171 64.10 -22.08 -17.00
C MET K 171 63.53 -21.80 -15.62
N SER L 1 77.19 -65.28 -51.34
CA SER L 1 77.81 -66.38 -50.62
C SER L 1 77.81 -66.12 -49.12
N TRP L 2 77.83 -67.20 -48.33
CA TRP L 2 77.85 -67.11 -46.88
C TRP L 2 79.03 -67.91 -46.35
N ASP L 3 79.15 -67.97 -45.04
CA ASP L 3 80.24 -68.68 -44.37
C ASP L 3 79.77 -70.08 -44.03
N LYS L 4 80.49 -71.08 -44.54
CA LYS L 4 80.07 -72.47 -44.40
C LYS L 4 80.46 -73.09 -43.06
N ASP L 5 81.08 -72.34 -42.16
CA ASP L 5 81.38 -72.87 -40.83
C ASP L 5 80.28 -72.55 -39.83
N VAL L 6 79.72 -71.35 -39.87
CA VAL L 6 78.60 -71.02 -39.01
C VAL L 6 77.34 -71.77 -39.45
N TYR L 7 77.15 -71.93 -40.75
CA TYR L 7 76.04 -72.71 -41.29
C TYR L 7 76.58 -73.97 -41.97
N PRO L 8 76.83 -75.03 -41.21
CA PRO L 8 77.46 -76.22 -41.80
C PRO L 8 76.51 -76.98 -42.69
N GLU L 9 77.10 -77.79 -43.56
CA GLU L 9 76.34 -78.61 -44.50
C GLU L 9 77.21 -79.76 -44.97
N PRO L 10 76.73 -81.00 -44.86
CA PRO L 10 77.54 -82.16 -45.28
C PRO L 10 77.70 -82.18 -46.80
N PRO L 11 78.75 -82.83 -47.31
CA PRO L 11 78.93 -82.91 -48.76
C PRO L 11 77.80 -83.67 -49.43
N ARG L 12 77.42 -83.23 -50.62
CA ARG L 12 76.34 -83.85 -51.36
C ARG L 12 76.85 -85.08 -52.09
N ARG L 13 76.10 -86.17 -51.98
CA ARG L 13 76.44 -87.45 -52.60
C ARG L 13 75.28 -87.86 -53.50
N THR L 14 75.42 -87.61 -54.80
CA THR L 14 74.29 -88.01 -55.63
C THR L 14 74.61 -89.29 -56.38
N PRO L 15 73.63 -90.19 -56.53
CA PRO L 15 73.87 -91.42 -57.29
C PRO L 15 73.91 -91.17 -58.78
N ALA L 16 74.59 -92.08 -59.48
CA ALA L 16 74.63 -92.02 -60.93
C ALA L 16 73.30 -92.49 -61.52
N PRO L 17 72.86 -91.90 -62.64
CA PRO L 17 71.60 -92.34 -63.25
C PRO L 17 71.80 -93.61 -64.06
N SER L 18 70.96 -94.61 -63.81
CA SER L 18 71.02 -95.89 -64.50
C SER L 18 69.72 -96.12 -65.25
N PRO L 19 69.67 -95.87 -66.56
CA PRO L 19 68.44 -96.10 -67.31
C PRO L 19 68.21 -97.57 -67.58
N GLN L 20 67.56 -98.26 -66.64
CA GLN L 20 67.25 -99.67 -66.83
C GLN L 20 66.28 -99.88 -67.99
N THR L 21 65.27 -99.05 -68.11
CA THR L 21 64.31 -99.16 -69.20
C THR L 21 64.80 -98.38 -70.42
N SER L 22 64.17 -98.66 -71.56
CA SER L 22 64.49 -97.97 -72.80
C SER L 22 63.61 -96.75 -73.05
N LEU L 23 62.61 -96.51 -72.21
CA LEU L 23 61.75 -95.35 -72.40
C LEU L 23 62.49 -94.08 -72.02
N PRO L 24 62.49 -93.05 -72.87
CA PRO L 24 63.18 -91.81 -72.52
C PRO L 24 62.43 -91.05 -71.43
N ASN L 25 63.13 -90.74 -70.35
CA ASN L 25 62.51 -89.95 -69.29
C ASN L 25 62.36 -88.51 -69.76
N PRO L 26 61.21 -87.88 -69.54
CA PRO L 26 61.04 -86.48 -69.98
C PRO L 26 61.81 -85.49 -69.15
N ILE L 27 62.35 -85.89 -67.99
CA ILE L 27 63.02 -84.94 -67.10
C ILE L 27 64.33 -84.46 -67.72
N THR L 28 65.06 -85.34 -68.41
CA THR L 28 66.30 -84.93 -69.05
C THR L 28 66.02 -83.94 -70.19
N TYR L 29 64.98 -84.19 -70.97
CA TYR L 29 64.62 -83.28 -72.05
C TYR L 29 64.15 -81.94 -71.49
N LEU L 30 63.39 -81.96 -70.40
CA LEU L 30 62.96 -80.72 -69.77
C LEU L 30 64.12 -79.96 -69.17
N THR L 31 65.13 -80.67 -68.64
CA THR L 31 66.32 -79.99 -68.12
C THR L 31 67.13 -79.36 -69.25
N LYS L 32 67.23 -80.05 -70.39
CA LYS L 32 67.89 -79.45 -71.56
C LYS L 32 67.15 -78.21 -72.02
N ALA L 33 65.82 -78.26 -72.05
CA ALA L 33 65.03 -77.11 -72.45
C ALA L 33 65.16 -75.97 -71.45
N PHE L 34 65.24 -76.30 -70.16
CA PHE L 34 65.41 -75.28 -69.13
C PHE L 34 66.76 -74.58 -69.24
N ASP L 35 67.82 -75.35 -69.52
CA ASP L 35 69.13 -74.73 -69.68
C ASP L 35 69.21 -73.92 -70.97
N LEU L 36 68.54 -74.35 -72.03
CA LEU L 36 68.60 -73.62 -73.29
C LEU L 36 67.78 -72.33 -73.22
N LEU L 37 66.56 -72.40 -72.68
CA LEU L 37 65.62 -71.29 -72.79
C LEU L 37 65.59 -70.38 -71.59
N VAL L 38 65.93 -70.86 -70.40
CA VAL L 38 65.76 -70.12 -69.16
C VAL L 38 67.10 -69.76 -68.53
N ASP L 39 68.00 -70.73 -68.40
CA ASP L 39 69.23 -70.49 -67.67
C ASP L 39 70.17 -69.57 -68.44
N ARG L 40 70.28 -69.77 -69.75
CA ARG L 40 71.18 -68.93 -70.55
C ARG L 40 70.79 -67.45 -70.59
N PRO L 41 69.54 -67.05 -70.85
CA PRO L 41 69.23 -65.61 -70.84
C PRO L 41 69.36 -64.98 -69.47
N VAL L 42 68.98 -65.69 -68.41
CA VAL L 42 69.11 -65.16 -67.06
C VAL L 42 70.58 -64.98 -66.70
N THR L 43 71.42 -65.94 -67.09
CA THR L 43 72.87 -65.82 -66.86
C THR L 43 73.45 -64.64 -67.62
N LEU L 44 73.01 -64.44 -68.87
CA LEU L 44 73.52 -63.32 -69.65
C LEU L 44 73.10 -61.97 -69.05
N VAL L 45 71.85 -61.89 -68.59
CA VAL L 45 71.35 -60.65 -67.99
C VAL L 45 72.09 -60.35 -66.68
N ARG L 46 72.31 -61.37 -65.86
CA ARG L 46 73.08 -61.18 -64.63
C ARG L 46 74.52 -60.79 -64.93
N GLU L 47 75.11 -61.34 -66.00
CA GLU L 47 76.45 -60.92 -66.40
C GLU L 47 76.49 -59.46 -66.77
N PHE L 48 75.50 -58.98 -67.51
CA PHE L 48 75.44 -57.57 -67.88
C PHE L 48 75.27 -56.69 -66.65
N ILE L 49 74.40 -57.10 -65.71
CA ILE L 49 74.17 -56.32 -64.50
C ILE L 49 75.41 -56.30 -63.63
N GLU L 50 76.12 -57.42 -63.52
CA GLU L 50 77.35 -57.46 -62.74
C GLU L 50 78.46 -56.64 -63.39
N ARG L 51 78.49 -56.59 -64.72
CA ARG L 51 79.42 -55.70 -65.40
C ARG L 51 79.12 -54.24 -65.09
N GLN L 52 77.83 -53.89 -65.05
CA GLN L 52 77.45 -52.54 -64.66
C GLN L 52 77.83 -52.25 -63.21
N HIS L 53 77.71 -53.25 -62.35
CA HIS L 53 78.05 -53.08 -60.94
C HIS L 53 79.55 -52.98 -60.72
N ALA L 54 80.35 -53.58 -61.60
CA ALA L 54 81.79 -53.57 -61.38
C ALA L 54 82.45 -52.28 -61.84
N LYS L 55 81.73 -51.40 -62.53
CA LYS L 55 82.31 -50.15 -62.99
C LYS L 55 82.61 -49.22 -61.82
N ASN L 56 81.69 -49.12 -60.87
CA ASN L 56 81.92 -48.38 -59.63
C ASN L 56 81.75 -49.30 -58.44
N LYS L 57 82.65 -49.20 -57.47
CA LYS L 57 82.65 -50.07 -56.31
C LYS L 57 82.76 -49.21 -55.06
N TYR L 58 81.85 -49.43 -54.12
CA TYR L 58 81.90 -48.78 -52.83
C TYR L 58 81.52 -49.80 -51.76
N TYR L 59 82.01 -49.57 -50.55
CA TYR L 59 81.93 -50.57 -49.50
C TYR L 59 81.09 -50.07 -48.34
N TYR L 60 80.45 -51.01 -47.66
CA TYR L 60 79.78 -50.75 -46.39
C TYR L 60 80.37 -51.66 -45.33
N TYR L 61 80.40 -51.16 -44.10
CA TYR L 61 81.13 -51.80 -43.02
C TYR L 61 80.18 -52.34 -41.96
N HIS L 62 80.69 -53.29 -41.18
CA HIS L 62 79.97 -53.83 -40.04
C HIS L 62 80.36 -53.03 -38.81
N ARG L 63 79.36 -52.55 -38.07
CA ARG L 63 79.63 -51.66 -36.95
C ARG L 63 80.25 -52.42 -35.78
N GLU L 64 81.34 -51.88 -35.25
CA GLU L 64 82.05 -52.47 -34.13
C GLU L 64 81.83 -51.63 -32.88
N PHE L 65 81.44 -52.28 -31.79
CA PHE L 65 81.21 -51.64 -30.51
C PHE L 65 82.26 -52.11 -29.52
N ARG L 66 83.03 -51.18 -28.96
CA ARG L 66 83.99 -51.55 -27.95
C ARG L 66 83.28 -51.84 -26.63
N ARG L 67 83.94 -52.65 -25.80
CA ARG L 67 83.34 -53.05 -24.52
C ARG L 67 83.49 -51.93 -23.50
N VAL L 68 82.38 -51.62 -22.83
CA VAL L 68 82.35 -50.65 -21.74
C VAL L 68 82.12 -51.44 -20.46
N PRO L 69 82.35 -50.87 -19.27
CA PRO L 69 82.03 -51.60 -18.04
C PRO L 69 80.55 -51.91 -17.92
N ASP L 70 80.25 -53.09 -17.37
CA ASP L 70 78.89 -53.58 -17.26
C ASP L 70 78.23 -53.03 -15.99
N ILE L 71 77.01 -53.50 -15.71
CA ILE L 71 76.23 -52.98 -14.58
C ILE L 71 76.78 -53.42 -13.24
N THR L 72 77.67 -54.42 -13.20
CA THR L 72 78.21 -54.87 -11.94
C THR L 72 79.19 -53.88 -11.32
N GLU L 73 79.81 -53.03 -12.14
CA GLU L 73 80.75 -52.03 -11.65
C GLU L 73 80.21 -50.61 -11.81
N CYS L 74 78.89 -50.45 -11.71
CA CYS L 74 78.24 -49.15 -11.75
C CYS L 74 77.69 -48.81 -10.38
N HIS L 75 77.92 -47.57 -9.94
CA HIS L 75 77.33 -47.12 -8.70
C HIS L 75 75.82 -46.99 -8.86
N GLU L 76 75.09 -47.21 -7.77
CA GLU L 76 73.64 -47.10 -7.82
C GLU L 76 73.23 -45.65 -8.04
N LYS L 77 72.20 -45.47 -8.89
CA LYS L 77 71.67 -44.17 -9.27
C LYS L 77 72.76 -43.28 -9.88
N ASP L 78 73.55 -43.83 -10.79
CA ASP L 78 74.57 -43.11 -11.55
C ASP L 78 74.23 -43.30 -13.03
N VAL L 79 73.49 -42.34 -13.59
CA VAL L 79 72.78 -42.56 -14.85
C VAL L 79 73.72 -42.72 -16.03
N LEU L 80 74.93 -42.17 -15.95
CA LEU L 80 75.84 -42.24 -17.10
C LEU L 80 76.38 -43.66 -17.29
N CYS L 81 77.04 -44.20 -16.27
CA CYS L 81 77.59 -45.54 -16.32
C CYS L 81 76.50 -46.59 -16.46
N MET L 82 75.39 -46.42 -15.76
CA MET L 82 74.26 -47.33 -15.89
C MET L 82 73.64 -47.25 -17.27
N PHE L 83 73.63 -46.07 -17.89
CA PHE L 83 73.11 -45.93 -19.24
C PHE L 83 73.96 -46.71 -20.23
N GLU L 84 75.29 -46.55 -20.14
CA GLU L 84 76.18 -47.28 -21.02
C GLU L 84 76.09 -48.80 -20.82
N ALA L 85 76.02 -49.23 -19.55
CA ALA L 85 75.90 -50.65 -19.25
C ALA L 85 74.58 -51.22 -19.76
N GLU L 86 73.49 -50.46 -19.63
CA GLU L 86 72.19 -50.91 -20.12
C GLU L 86 72.18 -51.03 -21.64
N MET L 87 72.78 -50.07 -22.34
CA MET L 87 72.84 -50.17 -23.79
C MET L 87 73.65 -51.38 -24.24
N GLN L 88 74.78 -51.63 -23.58
CA GLN L 88 75.58 -52.80 -23.91
C GLN L 88 74.82 -54.09 -23.65
N TRP L 89 74.10 -54.16 -22.53
CA TRP L 89 73.34 -55.37 -22.20
C TRP L 89 72.22 -55.60 -23.22
N LYS L 90 71.56 -54.54 -23.67
CA LYS L 90 70.51 -54.70 -24.66
C LYS L 90 71.07 -55.19 -26.00
N ARG L 91 72.25 -54.69 -26.39
CA ARG L 91 72.87 -55.18 -27.63
C ARG L 91 73.23 -56.66 -27.52
N ASP L 92 73.79 -57.08 -26.38
CA ASP L 92 74.09 -58.50 -26.21
C ASP L 92 72.83 -59.35 -26.14
N TYR L 93 71.72 -58.80 -25.62
CA TYR L 93 70.44 -59.50 -25.63
C TYR L 93 69.97 -59.77 -27.05
N LYS L 94 70.07 -58.76 -27.92
CA LYS L 94 69.70 -58.93 -29.32
C LYS L 94 70.58 -59.98 -30.01
N VAL L 95 71.89 -59.92 -29.74
CA VAL L 95 72.81 -60.86 -30.36
C VAL L 95 72.54 -62.29 -29.89
N ASP L 96 72.22 -62.47 -28.61
CA ASP L 96 71.90 -63.79 -28.09
C ASP L 96 70.62 -64.34 -28.71
N GLN L 97 69.62 -63.48 -28.92
CA GLN L 97 68.41 -63.90 -29.61
C GLN L 97 68.72 -64.41 -31.02
N GLU L 98 69.58 -63.68 -31.74
CA GLU L 98 69.90 -64.14 -33.09
C GLU L 98 70.79 -65.38 -33.09
N ILE L 99 71.57 -65.60 -32.04
CA ILE L 99 72.32 -66.86 -31.92
C ILE L 99 71.37 -68.04 -31.78
N VAL L 100 70.33 -67.88 -30.96
CA VAL L 100 69.33 -68.93 -30.82
C VAL L 100 68.60 -69.15 -32.14
N ASN L 101 68.38 -68.07 -32.90
CA ASN L 101 67.78 -68.21 -34.24
C ASN L 101 68.68 -69.02 -35.17
N ILE L 102 69.99 -68.79 -35.10
CA ILE L 102 70.93 -69.53 -35.94
C ILE L 102 70.89 -71.01 -35.62
N ILE L 103 70.88 -71.36 -34.33
CA ILE L 103 70.84 -72.77 -33.95
C ILE L 103 69.52 -73.42 -34.35
N GLN L 104 68.41 -72.68 -34.24
CA GLN L 104 67.12 -73.21 -34.67
C GLN L 104 67.10 -73.46 -36.17
N GLU L 105 67.70 -72.56 -36.95
CA GLU L 105 67.77 -72.76 -38.40
C GLU L 105 68.62 -73.98 -38.74
N ARG L 106 69.71 -74.20 -37.99
CA ARG L 106 70.52 -75.40 -38.15
C ARG L 106 69.70 -76.65 -37.90
N LEU L 107 68.90 -76.66 -36.82
CA LEU L 107 68.10 -77.82 -36.48
C LEU L 107 67.05 -78.12 -37.55
N LYS L 108 66.37 -77.08 -38.04
CA LYS L 108 65.36 -77.29 -39.08
C LYS L 108 65.99 -77.79 -40.37
N ALA L 109 67.18 -77.27 -40.72
CA ALA L 109 67.86 -77.73 -41.92
C ALA L 109 68.27 -79.19 -41.80
N CYS L 110 68.76 -79.60 -40.63
CA CYS L 110 69.12 -81.00 -40.43
C CYS L 110 67.89 -81.90 -40.55
N GLN L 111 66.77 -81.49 -39.94
CA GLN L 111 65.57 -82.31 -39.96
C GLN L 111 65.02 -82.47 -41.38
N GLN L 112 65.07 -81.42 -42.18
CA GLN L 112 64.62 -81.56 -43.56
C GLN L 112 65.62 -82.36 -44.39
N ARG L 113 66.91 -82.15 -44.17
CA ARG L 113 67.91 -82.72 -45.07
C ARG L 113 68.07 -84.22 -44.86
N GLU L 114 68.05 -84.67 -43.61
CA GLU L 114 68.32 -86.09 -43.35
C GLU L 114 67.19 -87.01 -43.79
N GLY L 115 66.01 -86.49 -44.09
CA GLY L 115 64.96 -87.34 -44.60
C GLY L 115 64.30 -88.14 -43.50
N GLU L 116 64.05 -89.42 -43.78
CA GLU L 116 63.33 -90.28 -42.86
C GLU L 116 64.21 -90.77 -41.71
N SER L 117 65.53 -90.68 -41.84
CA SER L 117 66.46 -91.08 -40.80
C SER L 117 66.91 -89.90 -39.95
N HIS L 118 66.03 -88.92 -39.75
CA HIS L 118 66.41 -87.70 -39.05
C HIS L 118 66.58 -87.91 -37.56
N ARG L 119 65.92 -88.91 -36.99
CA ARG L 119 66.00 -89.11 -35.55
C ARG L 119 67.37 -89.61 -35.12
N GLN L 120 68.09 -90.28 -36.02
CA GLN L 120 69.41 -90.80 -35.72
C GLN L 120 70.52 -89.84 -36.10
N ASN L 121 70.39 -89.16 -37.24
CA ASN L 121 71.48 -88.38 -37.78
C ASN L 121 71.51 -86.93 -37.30
N CYS L 122 70.51 -86.47 -36.57
CA CYS L 122 70.47 -85.11 -36.05
C CYS L 122 70.56 -85.10 -34.53
N ALA L 123 71.44 -85.93 -33.97
CA ALA L 123 71.64 -85.94 -32.53
C ALA L 123 72.46 -84.74 -32.08
N LYS L 124 73.50 -84.39 -32.84
CA LYS L 124 74.36 -83.28 -32.45
C LYS L 124 73.64 -81.94 -32.52
N GLU L 125 72.81 -81.75 -33.55
CA GLU L 125 72.04 -80.53 -33.67
C GLU L 125 71.02 -80.41 -32.54
N LEU L 126 70.40 -81.52 -32.16
CA LEU L 126 69.47 -81.52 -31.04
C LEU L 126 70.17 -81.20 -29.73
N GLN L 127 71.38 -81.73 -29.54
CA GLN L 127 72.15 -81.42 -28.33
C GLN L 127 72.55 -79.95 -28.28
N GLN L 128 73.00 -79.40 -29.41
CA GLN L 128 73.35 -77.98 -29.45
C GLN L 128 72.16 -77.10 -29.17
N PHE L 129 71.00 -77.45 -29.75
CA PHE L 129 69.78 -76.69 -29.52
C PHE L 129 69.36 -76.76 -28.06
N THR L 130 69.44 -77.93 -27.44
CA THR L 130 69.08 -78.07 -26.04
C THR L 130 70.00 -77.26 -25.14
N GLN L 131 71.30 -77.30 -25.40
CA GLN L 131 72.26 -76.55 -24.58
C GLN L 131 72.05 -75.05 -24.72
N VAL L 132 71.88 -74.56 -25.95
CA VAL L 132 71.75 -73.12 -26.15
C VAL L 132 70.40 -72.63 -25.64
N VAL L 133 69.36 -73.46 -25.69
CA VAL L 133 68.06 -73.07 -25.15
C VAL L 133 68.12 -73.03 -23.63
N LYS L 134 68.82 -73.98 -23.01
CA LYS L 134 68.98 -73.95 -21.55
C LYS L 134 69.74 -72.72 -21.11
N ALA L 135 70.80 -72.34 -21.84
CA ALA L 135 71.54 -71.13 -21.52
C ALA L 135 70.68 -69.88 -21.67
N TYR L 136 69.91 -69.80 -22.77
CA TYR L 136 69.04 -68.64 -22.99
C TYR L 136 67.97 -68.55 -21.91
N GLN L 137 67.39 -69.69 -21.52
CA GLN L 137 66.35 -69.69 -20.49
C GLN L 137 66.92 -69.28 -19.14
N ASP L 138 68.12 -69.75 -18.80
CA ASP L 138 68.74 -69.36 -17.55
C ASP L 138 69.20 -67.91 -17.56
N ARG L 139 69.41 -67.33 -18.73
CA ARG L 139 69.91 -65.97 -18.79
C ARG L 139 68.80 -64.92 -18.86
N TYR L 140 67.75 -65.15 -19.66
CA TYR L 140 66.83 -64.09 -20.02
C TYR L 140 65.35 -64.35 -19.73
N HIS L 141 64.97 -65.54 -19.28
CA HIS L 141 63.56 -65.84 -19.13
C HIS L 141 63.00 -65.21 -17.86
N ASP L 142 61.67 -65.02 -17.86
CA ASP L 142 60.89 -64.57 -16.71
C ASP L 142 61.33 -63.20 -16.21
N LEU L 143 61.62 -62.28 -17.13
CA LEU L 143 62.01 -60.93 -16.75
C LEU L 143 60.89 -59.92 -16.92
N GLY L 144 59.94 -60.16 -17.82
CA GLY L 144 58.85 -59.23 -18.03
C GLY L 144 59.11 -58.29 -19.18
N ALA L 145 58.08 -57.49 -19.49
CA ALA L 145 58.18 -56.53 -20.57
C ALA L 145 59.08 -55.36 -20.22
N HIS L 146 59.38 -55.17 -18.93
CA HIS L 146 60.24 -54.08 -18.46
C HIS L 146 61.61 -54.61 -18.07
N TYR L 147 62.16 -55.53 -18.86
CA TYR L 147 63.46 -56.12 -18.56
C TYR L 147 64.57 -55.08 -18.60
N SER L 148 65.56 -55.27 -17.75
CA SER L 148 66.73 -54.40 -17.71
C SER L 148 67.90 -55.21 -17.18
N ALA L 149 69.07 -54.58 -17.15
CA ALA L 149 70.27 -55.26 -16.66
C ALA L 149 70.19 -55.52 -15.17
N ARG L 150 69.50 -54.65 -14.42
CA ARG L 150 69.35 -54.88 -12.99
C ARG L 150 68.51 -56.10 -12.69
N LYS L 151 67.44 -56.31 -13.47
CA LYS L 151 66.61 -57.49 -13.31
C LYS L 151 67.40 -58.76 -13.60
N CYS L 152 68.21 -58.75 -14.65
CA CYS L 152 69.02 -59.92 -14.99
C CYS L 152 70.09 -60.18 -13.93
N LEU L 153 70.68 -59.11 -13.39
CA LEU L 153 71.65 -59.28 -12.31
C LEU L 153 70.99 -59.87 -11.07
N ALA L 154 69.78 -59.41 -10.74
CA ALA L 154 69.06 -59.96 -9.59
C ALA L 154 68.71 -61.42 -9.80
N LYS L 155 68.29 -61.78 -11.02
CA LYS L 155 67.96 -63.17 -11.30
C LYS L 155 69.19 -64.06 -11.21
N GLN L 156 70.33 -63.60 -11.74
CA GLN L 156 71.55 -64.39 -11.65
C GLN L 156 72.02 -64.52 -10.21
N LYS L 157 71.87 -63.46 -9.41
CA LYS L 157 72.25 -63.53 -8.00
C LYS L 157 71.38 -64.52 -7.24
N GLN L 158 70.07 -64.53 -7.52
CA GLN L 158 69.19 -65.50 -6.87
C GLN L 158 69.52 -66.92 -7.27
N ARG L 159 69.82 -67.15 -8.55
CA ARG L 159 70.19 -68.49 -9.00
C ARG L 159 71.51 -68.93 -8.38
N MET L 160 72.46 -68.02 -8.24
CA MET L 160 73.74 -68.37 -7.62
C MET L 160 73.58 -68.66 -6.13
N LEU L 161 72.69 -67.92 -5.45
CA LEU L 161 72.40 -68.24 -4.06
C LEU L 161 71.75 -69.62 -3.94
N ALA L 162 70.84 -69.96 -4.85
CA ALA L 162 70.22 -71.28 -4.83
C ALA L 162 71.24 -72.38 -5.08
N GLU L 163 72.16 -72.16 -6.03
CA GLU L 163 73.19 -73.16 -6.30
C GLU L 163 74.15 -73.33 -5.12
N ARG L 164 74.50 -72.22 -4.47
CA ARG L 164 75.38 -72.29 -3.30
C ARG L 164 74.70 -73.01 -2.14
N LYS L 165 73.41 -72.75 -1.92
CA LYS L 165 72.67 -73.47 -0.88
C LYS L 165 72.55 -74.95 -1.21
N ALA L 166 72.34 -75.28 -2.49
CA ALA L 166 72.22 -76.68 -2.89
C ALA L 166 73.54 -77.41 -2.73
N THR L 167 74.67 -76.76 -3.04
CA THR L 167 75.96 -77.42 -2.83
C THR L 167 76.39 -77.41 -1.37
N LYS L 168 75.81 -76.53 -0.55
CA LYS L 168 76.07 -76.60 0.88
C LYS L 168 75.29 -77.72 1.55
N GLU L 169 74.03 -77.92 1.15
CA GLU L 169 73.23 -78.97 1.76
C GLU L 169 73.59 -80.35 1.23
N ALA L 170 74.32 -80.44 0.12
CA ALA L 170 74.79 -81.70 -0.43
C ALA L 170 76.24 -81.98 -0.04
N ALA L 171 76.82 -81.18 0.84
CA ALA L 171 78.20 -81.37 1.27
C ALA L 171 78.25 -82.05 2.63
N LEU M 1 33.41 8.32 -24.09
CA LEU M 1 32.09 8.81 -24.50
C LEU M 1 32.09 10.33 -24.63
N GLN M 2 31.09 10.86 -25.32
CA GLN M 2 30.98 12.31 -25.45
C GLN M 2 30.58 12.96 -24.13
N TYR M 3 29.66 12.33 -23.40
CA TYR M 3 29.23 12.82 -22.09
C TYR M 3 29.50 11.74 -21.06
N GLY M 4 29.93 12.17 -19.87
CA GLY M 4 30.22 11.25 -18.80
C GLY M 4 30.35 11.96 -17.47
N PRO M 5 30.84 11.26 -16.46
CA PRO M 5 31.10 11.93 -15.17
C PRO M 5 32.15 13.02 -15.26
N LEU M 6 33.12 12.88 -16.17
CA LEU M 6 34.18 13.89 -16.28
C LEU M 6 33.64 15.22 -16.79
N ALA M 7 32.69 15.18 -17.73
CA ALA M 7 32.08 16.42 -18.20
C ALA M 7 31.24 17.07 -17.11
N TYR M 8 30.49 16.28 -16.36
CA TYR M 8 29.66 16.81 -15.27
C TYR M 8 30.51 17.39 -14.14
N ILE M 9 31.69 16.79 -13.90
CA ILE M 9 32.62 17.37 -12.94
C ILE M 9 33.13 18.72 -13.43
N LEU M 10 33.39 18.83 -14.73
CA LEU M 10 34.02 20.00 -15.33
C LEU M 10 33.03 21.12 -15.64
N GLY M 11 31.85 21.13 -15.02
CA GLY M 11 30.95 22.26 -15.12
C GLY M 11 29.77 22.07 -16.05
N GLU M 12 29.65 20.92 -16.72
CA GLU M 12 28.49 20.68 -17.57
C GLU M 12 27.26 20.43 -16.71
N LYS M 13 26.54 21.49 -16.38
CA LYS M 13 25.31 21.40 -15.61
C LYS M 13 24.12 21.63 -16.53
N THR M 14 23.17 20.70 -16.51
CA THR M 14 22.04 20.75 -17.43
C THR M 14 21.03 21.83 -17.06
N THR M 15 21.02 22.31 -15.82
CA THR M 15 20.08 23.37 -15.45
C THR M 15 20.50 24.71 -16.02
N LYS M 16 21.76 24.85 -16.45
CA LYS M 16 22.21 26.12 -17.02
C LYS M 16 21.60 26.35 -18.40
N LYS M 17 21.48 25.28 -19.20
CA LYS M 17 20.91 25.37 -20.53
C LYS M 17 19.40 25.16 -20.55
N MET M 18 18.78 24.94 -19.40
CA MET M 18 17.33 24.72 -19.31
C MET M 18 16.66 26.07 -19.14
N THR M 19 16.03 26.56 -20.21
CA THR M 19 15.30 27.80 -20.16
C THR M 19 13.85 27.53 -19.76
N GLU M 20 12.98 28.53 -19.89
CA GLU M 20 11.58 28.37 -19.56
C GLU M 20 10.76 27.77 -20.70
N ASN M 21 11.32 27.70 -21.91
CA ASN M 21 10.63 27.13 -23.05
C ASN M 21 10.93 25.65 -23.24
N SER M 22 11.74 25.06 -22.36
CA SER M 22 12.14 23.66 -22.47
C SER M 22 11.07 22.80 -21.81
N LYS M 23 10.06 22.42 -22.58
CA LYS M 23 8.97 21.59 -22.09
C LYS M 23 8.81 20.38 -23.02
N LEU M 24 8.31 19.30 -22.44
CA LEU M 24 8.01 18.07 -23.19
C LEU M 24 6.50 17.99 -23.39
N ILE M 25 6.06 18.04 -24.64
CA ILE M 25 4.65 18.12 -24.98
C ILE M 25 4.27 16.88 -25.77
N THR M 26 3.22 16.19 -25.31
CA THR M 26 2.74 14.97 -25.93
C THR M 26 1.33 15.18 -26.42
N VAL M 27 1.09 14.89 -27.70
CA VAL M 27 -0.22 15.07 -28.34
C VAL M 27 -0.84 13.71 -28.55
N ASP M 28 -2.10 13.57 -28.16
CA ASP M 28 -2.80 12.29 -28.20
C ASP M 28 -4.15 12.46 -28.89
N GLY M 29 -4.73 11.33 -29.26
CA GLY M 29 -6.04 11.34 -29.89
C GLY M 29 -6.33 10.00 -30.51
N ASN M 30 -7.45 9.95 -31.22
CA ASN M 30 -7.89 8.72 -31.87
C ASN M 30 -7.13 8.55 -33.19
N ILE M 31 -7.59 7.64 -34.05
CA ILE M 31 -6.81 7.24 -35.21
C ILE M 31 -6.70 8.38 -36.22
N CYS M 32 -7.80 9.05 -36.54
CA CYS M 32 -7.70 10.18 -37.45
C CYS M 32 -8.15 11.46 -36.76
N SER M 33 -7.65 11.69 -35.55
CA SER M 33 -8.04 12.85 -34.76
C SER M 33 -7.48 14.16 -35.29
N GLY M 34 -6.57 14.12 -36.26
CA GLY M 34 -5.98 15.35 -36.75
C GLY M 34 -5.02 15.97 -35.76
N LYS M 35 -4.41 15.16 -34.91
CA LYS M 35 -3.46 15.65 -33.93
C LYS M 35 -2.10 15.89 -34.53
N LYS M 37 -1.20 17.53 -37.45
CA LYS M 37 -0.97 18.88 -37.91
C LYS M 37 -1.05 19.85 -36.74
N LEU M 38 -1.79 19.47 -35.69
CA LEU M 38 -1.79 20.28 -34.48
C LEU M 38 -0.44 20.22 -33.79
N ALA M 39 0.17 19.04 -33.73
CA ALA M 39 1.52 18.91 -33.17
C ALA M 39 2.53 19.68 -34.01
N LYS M 40 2.39 19.64 -35.33
CA LYS M 40 3.27 20.39 -36.21
C LYS M 40 3.16 21.90 -35.97
N GLU M 41 1.92 22.41 -35.88
CA GLU M 41 1.72 23.84 -35.72
C GLU M 41 2.08 24.32 -34.32
N VAL M 42 1.95 23.46 -33.32
CA VAL M 42 2.47 23.79 -32.00
C VAL M 42 3.99 23.83 -32.03
N ALA M 43 4.62 22.86 -32.68
CA ALA M 43 6.07 22.80 -32.71
C ALA M 43 6.70 23.96 -33.48
N GLU M 44 6.00 24.50 -34.47
CA GLU M 44 6.53 25.63 -35.22
C GLU M 44 6.04 26.98 -34.67
N LYS M 45 5.39 26.99 -33.51
CA LYS M 45 5.01 28.24 -32.85
C LYS M 45 5.92 28.59 -31.68
N LEU M 46 6.18 27.64 -30.79
CA LEU M 46 7.15 27.84 -29.72
C LEU M 46 8.57 27.47 -30.13
N GLY M 47 8.78 27.06 -31.37
CA GLY M 47 10.11 26.69 -31.83
C GLY M 47 10.67 25.44 -31.18
N LEU M 48 9.83 24.43 -30.99
CA LEU M 48 10.26 23.17 -30.41
C LEU M 48 10.51 22.16 -31.52
N LYS M 49 11.38 21.19 -31.25
CA LYS M 49 11.65 20.15 -32.22
C LYS M 49 10.50 19.16 -32.26
N HIS M 50 10.02 18.87 -33.46
CA HIS M 50 8.93 17.93 -33.66
C HIS M 50 9.49 16.54 -33.93
N PHE M 51 9.00 15.56 -33.18
CA PHE M 51 9.26 14.16 -33.47
C PHE M 51 8.01 13.55 -34.06
N PRO M 52 8.01 13.15 -35.33
CA PRO M 52 6.84 12.46 -35.88
C PRO M 52 6.60 11.12 -35.21
N GLU M 53 5.38 10.62 -35.38
CA GLU M 53 4.95 9.42 -34.66
C GLU M 53 5.76 8.21 -35.08
N ALA M 54 6.22 7.45 -34.08
CA ALA M 54 7.10 6.31 -34.34
C ALA M 54 6.32 5.17 -34.97
N GLY M 55 6.86 4.62 -36.04
CA GLY M 55 6.26 3.46 -36.68
C GLY M 55 7.07 2.22 -36.44
N ILE M 56 6.98 1.26 -37.36
CA ILE M 56 7.79 0.06 -37.27
C ILE M 56 9.26 0.38 -37.57
N HIS M 57 9.51 1.27 -38.51
CA HIS M 57 10.85 1.55 -39.00
C HIS M 57 11.43 2.85 -38.44
N TYR M 58 11.16 3.15 -37.18
CA TYR M 58 11.76 4.33 -36.56
C TYR M 58 13.24 4.10 -36.24
N ALA M 59 13.56 2.93 -35.70
CA ALA M 59 14.96 2.63 -35.37
C ALA M 59 15.81 2.51 -36.62
N ASP M 60 15.22 2.13 -37.74
CA ASP M 60 15.93 2.14 -39.00
C ASP M 60 16.24 3.56 -39.45
N SER M 61 15.35 4.51 -39.11
CA SER M 61 15.61 5.91 -39.44
C SER M 61 16.67 6.51 -38.53
N THR M 62 16.78 6.02 -37.30
CA THR M 62 17.80 6.57 -36.40
C THR M 62 19.21 6.08 -36.69
N THR M 63 19.35 4.85 -37.17
CA THR M 63 20.66 4.23 -37.32
C THR M 63 20.97 3.98 -38.79
N GLY M 64 22.26 3.80 -39.08
CA GLY M 64 22.67 3.50 -40.44
C GLY M 64 22.49 4.69 -41.35
N ASP M 65 22.01 4.43 -42.56
CA ASP M 65 21.76 5.50 -43.52
C ASP M 65 20.41 6.17 -43.32
N GLY M 66 19.57 5.65 -42.44
CA GLY M 66 18.27 6.20 -42.21
C GLY M 66 17.18 5.68 -43.12
N LYS M 67 17.53 4.90 -44.14
CA LYS M 67 16.53 4.30 -45.01
C LYS M 67 15.85 3.13 -44.32
N PRO M 68 14.59 2.87 -44.63
CA PRO M 68 13.87 1.77 -43.97
C PRO M 68 14.39 0.41 -44.41
N LEU M 69 14.63 -0.45 -43.42
CA LEU M 69 15.07 -1.81 -43.61
C LEU M 69 13.92 -2.69 -44.10
N PRO M 70 14.21 -3.88 -44.63
CA PRO M 70 13.14 -4.83 -44.93
C PRO M 70 12.40 -5.26 -43.68
N VAL M 71 11.17 -5.74 -43.88
CA VAL M 71 10.29 -6.04 -42.75
C VAL M 71 10.75 -7.26 -41.97
N ARG M 72 11.59 -8.12 -42.55
CA ARG M 72 12.07 -9.28 -41.83
C ARG M 72 13.23 -8.95 -40.90
N PHE M 73 13.86 -7.79 -41.07
CA PHE M 73 14.92 -7.34 -40.17
C PHE M 73 14.43 -6.41 -39.09
N SER M 74 13.38 -5.64 -39.36
CA SER M 74 12.81 -4.73 -38.39
C SER M 74 11.32 -5.04 -38.23
N GLY M 75 10.91 -5.36 -37.03
CA GLY M 75 9.51 -5.60 -36.77
C GLY M 75 9.10 -7.05 -36.83
N ASN M 76 9.32 -7.69 -37.99
CA ASN M 76 8.76 -9.00 -38.31
C ASN M 76 7.25 -9.01 -38.13
N CYS M 77 6.61 -7.90 -38.51
CA CYS M 77 5.20 -7.69 -38.26
C CYS M 77 4.66 -6.70 -39.27
N SER M 78 3.35 -6.75 -39.48
CA SER M 78 2.69 -5.93 -40.47
C SER M 78 1.49 -5.24 -39.84
N LEU M 79 1.37 -3.94 -40.07
CA LEU M 79 0.18 -3.20 -39.65
C LEU M 79 -1.00 -3.49 -40.56
N GLU M 80 -0.74 -3.63 -41.86
CA GLU M 80 -1.79 -3.92 -42.82
C GLU M 80 -2.42 -5.28 -42.56
N LYS M 81 -1.60 -6.28 -42.22
CA LYS M 81 -2.13 -7.59 -41.89
C LYS M 81 -2.92 -7.55 -40.59
N PHE M 82 -2.55 -6.66 -39.66
CA PHE M 82 -3.34 -6.49 -38.45
C PHE M 82 -4.71 -5.88 -38.77
N TYR M 83 -4.74 -4.92 -39.70
CA TYR M 83 -6.02 -4.33 -40.08
C TYR M 83 -6.90 -5.32 -40.84
N ASP M 84 -6.30 -6.09 -41.74
CA ASP M 84 -7.08 -7.06 -42.52
C ASP M 84 -7.55 -8.22 -41.65
N ASP M 85 -6.64 -8.80 -40.87
CA ASP M 85 -6.94 -10.00 -40.08
C ASP M 85 -6.41 -9.79 -38.66
N PRO M 86 -7.20 -9.15 -37.79
CA PRO M 86 -6.72 -8.90 -36.42
C PRO M 86 -6.58 -10.16 -35.58
N LYS M 87 -7.34 -11.21 -35.90
CA LYS M 87 -7.32 -12.45 -35.13
C LYS M 87 -6.47 -13.53 -35.79
N SER M 88 -5.34 -13.13 -36.39
CA SER M 88 -4.49 -14.07 -37.10
C SER M 88 -3.87 -15.09 -36.16
N ASN M 89 -3.55 -16.26 -36.72
CA ASN M 89 -3.04 -17.35 -35.91
C ASN M 89 -1.58 -17.17 -35.51
N ASP M 90 -0.82 -16.37 -36.27
CA ASP M 90 0.61 -16.23 -36.00
C ASP M 90 0.91 -15.20 -34.93
N GLY M 91 -0.11 -14.59 -34.33
CA GLY M 91 0.10 -13.57 -33.33
C GLY M 91 0.74 -12.30 -33.83
N ASN M 92 0.27 -11.80 -34.99
CA ASN M 92 0.82 -10.57 -35.54
C ASN M 92 0.45 -9.36 -34.69
N SER M 93 -0.72 -9.38 -34.05
CA SER M 93 -1.22 -8.19 -33.36
C SER M 93 -0.36 -7.85 -32.15
N TYR M 94 -0.10 -8.81 -31.27
CA TYR M 94 0.72 -8.51 -30.10
C TYR M 94 2.17 -8.30 -30.48
N ARG M 95 2.68 -9.00 -31.50
CA ARG M 95 4.04 -8.76 -31.94
C ARG M 95 4.23 -7.35 -32.45
N LEU M 96 3.26 -6.86 -33.22
CA LEU M 96 3.28 -5.47 -33.67
C LEU M 96 3.17 -4.50 -32.50
N GLN M 97 2.31 -4.81 -31.53
CA GLN M 97 2.15 -3.92 -30.38
C GLN M 97 3.41 -3.85 -29.54
N ALA M 98 4.08 -4.98 -29.32
CA ALA M 98 5.32 -5.00 -28.57
C ALA M 98 6.44 -4.25 -29.30
N TRP M 99 6.55 -4.47 -30.61
CA TRP M 99 7.55 -3.74 -31.39
C TRP M 99 7.29 -2.25 -31.36
N LEU M 100 6.03 -1.85 -31.45
CA LEU M 100 5.71 -0.43 -31.43
C LEU M 100 5.96 0.19 -30.05
N TYR M 101 5.72 -0.57 -28.97
CA TYR M 101 6.07 -0.06 -27.65
C TYR M 101 7.57 0.12 -27.49
N ALA M 102 8.36 -0.82 -28.02
CA ALA M 102 9.81 -0.66 -27.98
C ALA M 102 10.27 0.54 -28.80
N SER M 103 9.67 0.76 -29.96
CA SER M 103 10.00 1.92 -30.78
C SER M 103 9.63 3.22 -30.08
N ARG M 104 8.48 3.25 -29.40
CA ARG M 104 8.08 4.44 -28.66
C ARG M 104 9.01 4.70 -27.49
N LEU M 105 9.48 3.64 -26.83
CA LEU M 105 10.46 3.79 -25.76
C LEU M 105 11.77 4.38 -26.28
N LEU M 106 12.21 3.91 -27.46
CA LEU M 106 13.42 4.46 -28.08
C LEU M 106 13.24 5.92 -28.45
N GLN M 107 12.05 6.28 -28.95
CA GLN M 107 11.79 7.67 -29.31
C GLN M 107 11.73 8.56 -28.08
N TYR M 108 11.18 8.05 -26.98
CA TYR M 108 11.15 8.80 -25.74
C TYR M 108 12.56 9.04 -25.21
N ALA M 109 13.42 8.02 -25.30
CA ALA M 109 14.81 8.18 -24.89
C ALA M 109 15.53 9.21 -25.75
N ASP M 110 15.28 9.19 -27.07
CA ASP M 110 15.88 10.18 -27.95
C ASP M 110 15.40 11.59 -27.63
N ALA M 111 14.10 11.74 -27.38
CA ALA M 111 13.54 13.04 -27.05
C ALA M 111 14.10 13.58 -25.75
N LEU M 112 14.21 12.72 -24.73
CA LEU M 112 14.78 13.16 -23.46
C LEU M 112 16.26 13.49 -23.59
N GLU M 113 16.99 12.74 -24.41
CA GLU M 113 18.40 13.06 -24.62
C GLU M 113 18.57 14.40 -25.30
N HIS M 114 17.75 14.70 -26.31
CA HIS M 114 17.82 15.99 -26.97
C HIS M 114 17.43 17.12 -26.03
N LEU M 115 16.39 16.90 -25.20
CA LEU M 115 15.95 17.92 -24.25
C LEU M 115 17.02 18.22 -23.21
N LEU M 116 17.62 17.18 -22.63
CA LEU M 116 18.60 17.37 -21.58
C LEU M 116 19.94 17.86 -22.11
N SER M 117 20.27 17.56 -23.36
CA SER M 117 21.57 17.96 -23.88
C SER M 117 21.56 19.30 -24.59
N THR M 118 20.44 19.70 -25.19
CA THR M 118 20.39 20.99 -25.88
C THR M 118 19.51 22.02 -25.19
N GLY M 119 18.71 21.63 -24.21
CA GLY M 119 17.85 22.57 -23.53
C GLY M 119 16.70 23.08 -24.35
N GLN M 120 16.30 22.37 -25.40
CA GLN M 120 15.23 22.78 -26.28
C GLN M 120 14.03 21.86 -26.11
N GLY M 121 12.83 22.44 -26.16
CA GLY M 121 11.62 21.65 -25.99
C GLY M 121 11.35 20.73 -27.17
N VAL M 122 10.57 19.69 -26.89
CA VAL M 122 10.30 18.62 -27.83
C VAL M 122 8.81 18.33 -27.84
N VAL M 123 8.21 18.28 -29.02
CA VAL M 123 6.82 17.88 -29.20
C VAL M 123 6.79 16.45 -29.69
N LEU M 124 6.04 15.60 -29.00
CA LEU M 124 5.92 14.19 -29.34
C LEU M 124 4.49 13.89 -29.78
N GLU M 125 4.33 12.72 -30.39
CA GLU M 125 3.01 12.21 -30.77
C GLU M 125 2.88 10.80 -30.21
N ARG M 126 1.98 10.63 -29.23
CA ARG M 126 1.61 9.34 -28.65
C ARG M 126 2.82 8.63 -28.04
N SER M 127 3.29 9.20 -26.94
CA SER M 127 4.43 8.66 -26.21
C SER M 127 4.05 7.34 -25.53
N ILE M 128 5.01 6.79 -24.76
CA ILE M 128 4.81 5.50 -24.12
C ILE M 128 3.72 5.51 -23.06
N TYR M 129 3.39 6.68 -22.52
CA TYR M 129 2.33 6.76 -21.53
C TYR M 129 0.95 6.58 -22.14
N SER M 130 0.81 6.82 -23.44
CA SER M 130 -0.44 6.63 -24.16
C SER M 130 -0.29 5.54 -25.22
N ASP M 131 0.41 4.46 -24.86
CA ASP M 131 0.55 3.31 -25.74
C ASP M 131 -0.28 2.13 -25.29
N PHE M 132 -0.56 2.00 -23.99
CA PHE M 132 -1.36 0.90 -23.49
C PHE M 132 -2.83 1.01 -23.86
N VAL M 133 -3.27 2.16 -24.38
CA VAL M 133 -4.65 2.32 -24.79
C VAL M 133 -4.98 1.37 -25.93
N PHE M 134 -4.07 1.25 -26.90
CA PHE M 134 -4.28 0.36 -28.03
C PHE M 134 -4.21 -1.10 -27.60
N LEU M 135 -3.36 -1.41 -26.62
CA LEU M 135 -3.30 -2.76 -26.08
C LEU M 135 -4.60 -3.13 -25.37
N GLU M 136 -5.14 -2.20 -24.58
CA GLU M 136 -6.40 -2.47 -23.89
C GLU M 136 -7.56 -2.61 -24.86
N ALA M 137 -7.57 -1.79 -25.92
CA ALA M 137 -8.60 -1.93 -26.94
C ALA M 137 -8.49 -3.25 -27.68
N MET M 138 -7.27 -3.69 -27.98
CA MET M 138 -7.07 -4.96 -28.65
C MET M 138 -7.48 -6.13 -27.76
N TYR M 139 -7.27 -6.00 -26.45
CA TYR M 139 -7.69 -7.06 -25.54
C TYR M 139 -9.21 -7.07 -25.40
N ARG M 140 -9.84 -5.91 -25.30
CA ARG M 140 -11.29 -5.82 -25.19
C ARG M 140 -11.99 -6.27 -26.46
N GLN M 141 -11.33 -6.19 -27.61
CA GLN M 141 -11.88 -6.71 -28.84
C GLN M 141 -11.60 -8.20 -29.03
N GLY M 142 -10.89 -8.83 -28.10
CA GLY M 142 -10.58 -10.24 -28.21
C GLY M 142 -9.50 -10.58 -29.20
N PHE M 143 -8.72 -9.60 -29.64
CA PHE M 143 -7.68 -9.87 -30.64
C PHE M 143 -6.49 -10.60 -30.02
N ILE M 144 -6.08 -10.18 -28.82
CA ILE M 144 -4.93 -10.76 -28.13
C ILE M 144 -5.43 -11.46 -26.87
N ARG M 145 -4.54 -12.23 -26.25
CA ARG M 145 -4.87 -13.04 -25.10
C ARG M 145 -4.47 -12.31 -23.81
N LYS M 146 -4.77 -12.95 -22.67
CA LYS M 146 -4.41 -12.39 -21.38
C LYS M 146 -2.90 -12.41 -21.16
N GLN M 147 -2.22 -13.44 -21.68
CA GLN M 147 -0.78 -13.56 -21.49
C GLN M 147 -0.03 -12.44 -22.18
N CYS M 148 -0.53 -11.97 -23.33
CA CYS M 148 0.07 -10.82 -24.00
C CYS M 148 -0.04 -9.57 -23.14
N VAL M 149 -1.19 -9.38 -22.49
CA VAL M 149 -1.38 -8.22 -21.61
C VAL M 149 -0.47 -8.32 -20.40
N ASP M 150 -0.29 -9.52 -19.85
CA ASP M 150 0.60 -9.69 -18.70
C ASP M 150 2.05 -9.41 -19.09
N HIS M 151 2.48 -9.90 -20.26
CA HIS M 151 3.82 -9.62 -20.74
C HIS M 151 4.06 -8.13 -20.97
N TYR M 152 3.07 -7.46 -21.57
CA TYR M 152 3.16 -6.02 -21.79
C TYR M 152 3.24 -5.28 -20.47
N ASN M 153 2.46 -5.70 -19.47
CA ASN M 153 2.48 -5.04 -18.18
C ASN M 153 3.81 -5.24 -17.47
N GLN M 154 4.41 -6.42 -17.60
CA GLN M 154 5.73 -6.65 -17.00
C GLN M 154 6.78 -5.75 -17.65
N VAL M 155 6.80 -5.69 -18.98
CA VAL M 155 7.79 -4.88 -19.69
C VAL M 155 7.60 -3.41 -19.36
N LYS M 156 6.35 -2.95 -19.34
CA LYS M 156 6.08 -1.55 -18.99
C LYS M 156 6.47 -1.24 -17.56
N LYS M 157 6.21 -2.17 -16.64
CA LYS M 157 6.54 -1.97 -15.23
C LYS M 157 8.04 -1.82 -15.03
N VAL M 158 8.84 -2.59 -15.77
CA VAL M 158 10.29 -2.46 -15.60
C VAL M 158 10.92 -1.43 -16.51
N THR M 159 10.18 -0.84 -17.45
CA THR M 159 10.77 0.17 -18.32
C THR M 159 10.34 1.60 -18.02
N VAL M 160 9.03 1.86 -17.82
CA VAL M 160 8.58 3.24 -17.75
C VAL M 160 8.88 3.87 -16.39
N CYS M 161 9.33 3.07 -15.43
CA CYS M 161 9.51 3.57 -14.06
C CYS M 161 10.69 4.52 -13.90
N GLU M 162 11.60 4.58 -14.88
CA GLU M 162 12.79 5.41 -14.77
C GLU M 162 12.81 6.54 -15.80
N TYR M 163 11.66 7.09 -16.13
CA TYR M 163 11.57 8.18 -17.10
C TYR M 163 10.62 9.24 -16.56
N LEU M 164 10.78 10.45 -17.08
CA LEU M 164 9.93 11.50 -16.56
C LEU M 164 8.74 11.73 -17.47
N PRO M 165 7.57 12.03 -16.92
CA PRO M 165 6.36 12.21 -17.74
C PRO M 165 6.43 13.49 -18.53
N PRO M 166 5.58 13.66 -19.54
CA PRO M 166 5.55 14.92 -20.29
C PRO M 166 5.10 16.08 -19.44
N HIS M 167 5.54 17.28 -19.82
CA HIS M 167 5.10 18.48 -19.13
C HIS M 167 3.62 18.75 -19.38
N VAL M 168 3.22 18.72 -20.65
CA VAL M 168 1.85 19.01 -21.06
C VAL M 168 1.36 17.88 -21.94
N VAL M 169 0.17 17.36 -21.65
CA VAL M 169 -0.48 16.37 -22.49
C VAL M 169 -1.67 17.03 -23.17
N ILE M 170 -1.71 17.00 -24.49
CA ILE M 170 -2.79 17.59 -25.26
C ILE M 170 -3.61 16.46 -25.86
N TYR M 171 -4.91 16.49 -25.62
CA TYR M 171 -5.82 15.49 -26.14
C TYR M 171 -6.83 16.15 -27.06
N VAL M 172 -7.12 15.49 -28.18
CA VAL M 172 -8.04 16.01 -29.19
C VAL M 172 -9.25 15.09 -29.22
N ASP M 173 -10.42 15.65 -28.96
CA ASP M 173 -11.66 14.87 -28.92
C ASP M 173 -12.30 14.86 -30.29
N VAL M 174 -12.31 13.70 -30.93
CA VAL M 174 -13.05 13.48 -32.16
C VAL M 174 -13.91 12.25 -31.94
N PRO M 175 -15.21 12.31 -32.20
CA PRO M 175 -16.06 11.13 -31.99
C PRO M 175 -15.71 10.02 -32.98
N VAL M 176 -16.16 8.81 -32.63
CA VAL M 176 -15.86 7.63 -33.44
C VAL M 176 -16.54 7.73 -34.81
N SER M 177 -17.72 8.34 -34.88
CA SER M 177 -18.39 8.54 -36.15
C SER M 177 -17.58 9.44 -37.09
N GLU M 178 -17.06 10.55 -36.57
CA GLU M 178 -16.22 11.42 -37.37
C GLU M 178 -14.89 10.76 -37.72
N VAL M 179 -14.37 9.92 -36.82
CA VAL M 179 -13.16 9.16 -37.11
C VAL M 179 -13.39 8.21 -38.27
N GLN M 180 -14.53 7.52 -38.27
CA GLN M 180 -14.85 6.60 -39.37
C GLN M 180 -15.08 7.36 -40.67
N SER M 181 -15.72 8.52 -40.62
CA SER M 181 -15.88 9.34 -41.82
C SER M 181 -14.54 9.77 -42.36
N ARG M 182 -13.61 10.14 -41.48
CA ARG M 182 -12.28 10.54 -41.92
C ARG M 182 -11.51 9.37 -42.51
N ILE M 183 -11.67 8.16 -41.97
CA ILE M 183 -10.88 7.06 -42.52
C ILE M 183 -11.46 6.55 -43.84
N GLN M 184 -12.77 6.68 -44.07
CA GLN M 184 -13.26 6.41 -45.41
C GLN M 184 -12.92 7.52 -46.39
N LYS M 185 -12.79 8.76 -45.91
CA LYS M 185 -12.38 9.83 -46.80
C LYS M 185 -10.89 9.74 -47.14
N LYS M 186 -10.09 9.12 -46.27
CA LYS M 186 -8.64 9.07 -46.45
C LYS M 186 -8.25 8.26 -47.69
N GLY M 187 -8.88 7.10 -47.89
CA GLY M 187 -8.61 6.29 -49.06
C GLY M 187 -7.66 5.13 -48.85
N ASN M 188 -7.20 4.90 -47.63
CA ASN M 188 -6.35 3.75 -47.35
C ASN M 188 -7.18 2.47 -47.42
N PRO M 189 -6.81 1.50 -48.26
CA PRO M 189 -7.69 0.33 -48.44
C PRO M 189 -7.76 -0.57 -47.23
N HIS M 190 -6.74 -0.59 -46.39
CA HIS M 190 -6.75 -1.41 -45.18
C HIS M 190 -7.34 -0.70 -43.98
N GLU M 191 -7.31 0.64 -43.97
CA GLU M 191 -7.85 1.38 -42.84
C GLU M 191 -9.37 1.38 -42.81
N MET M 192 -10.03 1.05 -43.92
CA MET M 192 -11.48 0.92 -43.93
C MET M 192 -11.96 -0.38 -43.30
N LYS M 193 -11.06 -1.30 -42.97
CA LYS M 193 -11.44 -2.53 -42.30
C LYS M 193 -11.62 -2.36 -40.80
N ILE M 194 -11.31 -1.19 -40.25
CA ILE M 194 -11.38 -0.99 -38.81
C ILE M 194 -12.84 -0.91 -38.38
N THR M 195 -13.21 -1.73 -37.41
CA THR M 195 -14.57 -1.73 -36.91
C THR M 195 -14.78 -0.57 -35.95
N SER M 196 -16.06 -0.24 -35.72
CA SER M 196 -16.39 0.85 -34.81
C SER M 196 -16.15 0.48 -33.36
N ALA M 197 -16.17 -0.81 -33.04
CA ALA M 197 -15.97 -1.24 -31.66
C ALA M 197 -14.54 -1.00 -31.20
N TYR M 198 -13.57 -1.18 -32.10
CA TYR M 198 -12.18 -0.93 -31.77
C TYR M 198 -11.94 0.55 -31.47
N LEU M 199 -12.48 1.43 -32.30
CA LEU M 199 -12.34 2.87 -32.07
C LEU M 199 -13.07 3.31 -30.82
N GLN M 200 -14.24 2.71 -30.56
CA GLN M 200 -14.99 3.04 -29.34
C GLN M 200 -14.22 2.61 -28.10
N ASP M 201 -13.57 1.44 -28.16
CA ASP M 201 -12.75 0.99 -27.05
C ASP M 201 -11.54 1.89 -26.85
N ILE M 202 -10.93 2.35 -27.95
CA ILE M 202 -9.80 3.29 -27.86
C ILE M 202 -10.24 4.58 -27.18
N GLU M 203 -11.40 5.10 -27.58
CA GLU M 203 -11.92 6.33 -26.96
C GLU M 203 -12.23 6.12 -25.49
N ASN M 204 -12.81 4.97 -25.14
CA ASN M 204 -13.14 4.69 -23.75
C ASN M 204 -11.90 4.58 -22.88
N VAL M 205 -10.85 3.92 -23.37
CA VAL M 205 -9.65 3.80 -22.54
C VAL M 205 -8.79 5.06 -22.56
N TYR M 206 -8.96 5.94 -23.55
CA TYR M 206 -8.39 7.28 -23.44
C TYR M 206 -9.09 8.09 -22.36
N LYS M 207 -10.42 8.09 -22.37
CA LYS M 207 -11.14 8.98 -21.47
C LYS M 207 -11.16 8.46 -20.04
N GLY M 208 -11.30 7.16 -19.85
CA GLY M 208 -11.53 6.61 -18.53
C GLY M 208 -10.34 5.99 -17.84
N THR M 209 -9.20 5.88 -18.50
CA THR M 209 -8.05 5.23 -17.87
C THR M 209 -6.80 6.09 -18.00
N PHE M 210 -6.69 6.84 -19.09
CA PHE M 210 -5.47 7.58 -19.40
C PHE M 210 -5.48 8.98 -18.80
N LEU M 211 -6.50 9.78 -19.14
CA LEU M 211 -6.58 11.13 -18.62
C LEU M 211 -6.72 11.23 -17.09
N PRO M 212 -7.54 10.41 -16.39
CA PRO M 212 -7.53 10.49 -14.93
C PRO M 212 -6.20 10.14 -14.29
N GLU M 213 -5.43 9.21 -14.86
CA GLU M 213 -4.14 8.87 -14.28
C GLU M 213 -3.02 9.81 -14.70
N MET M 214 -3.21 10.57 -15.77
CA MET M 214 -2.18 11.51 -16.21
C MET M 214 -2.42 12.93 -15.76
N SER M 215 -3.66 13.27 -15.35
CA SER M 215 -3.90 14.61 -14.82
C SER M 215 -3.28 14.81 -13.45
N GLU M 216 -2.92 13.72 -12.75
CA GLU M 216 -2.29 13.84 -11.44
C GLU M 216 -0.80 14.11 -11.56
N LYS M 217 -0.12 13.43 -12.47
CA LYS M 217 1.33 13.56 -12.62
C LYS M 217 1.74 14.61 -13.64
N CYS M 218 0.81 15.20 -14.37
CA CYS M 218 1.13 16.21 -15.37
C CYS M 218 -0.13 17.02 -15.64
N GLU M 219 -0.09 17.83 -16.70
CA GLU M 219 -1.17 18.75 -17.03
C GLU M 219 -1.80 18.35 -18.35
N VAL M 220 -3.13 18.30 -18.38
CA VAL M 220 -3.88 17.80 -19.52
C VAL M 220 -4.70 18.93 -20.09
N LEU M 221 -4.51 19.21 -21.38
CA LEU M 221 -5.35 20.12 -22.15
C LEU M 221 -6.17 19.30 -23.13
N GLN M 222 -7.47 19.54 -23.16
CA GLN M 222 -8.38 18.73 -23.97
C GLN M 222 -9.22 19.63 -24.85
N TYR M 223 -9.27 19.31 -26.14
CA TYR M 223 -9.94 20.14 -27.14
C TYR M 223 -10.84 19.28 -28.01
N SER M 224 -11.82 19.93 -28.62
CA SER M 224 -12.72 19.27 -29.56
C SER M 224 -12.08 19.27 -30.95
N ALA M 225 -12.82 18.83 -31.95
CA ALA M 225 -12.26 18.76 -33.30
C ALA M 225 -12.11 20.13 -33.94
N TRP M 226 -13.14 20.97 -33.84
CA TRP M 226 -13.14 22.24 -34.54
C TRP M 226 -12.28 23.28 -33.84
N GLU M 227 -12.20 23.26 -32.52
CA GLU M 227 -11.36 24.21 -31.80
C GLU M 227 -9.90 23.79 -31.74
N ALA M 228 -9.57 22.58 -32.19
CA ALA M 228 -8.18 22.17 -32.27
C ALA M 228 -7.45 22.79 -33.45
N GLU M 229 -8.19 23.30 -34.44
CA GLU M 229 -7.57 23.91 -35.61
C GLU M 229 -6.97 25.27 -35.30
N ASP M 230 -7.42 25.92 -34.23
CA ASP M 230 -6.87 27.22 -33.83
C ASP M 230 -5.65 26.96 -32.96
N ALA M 231 -4.47 26.93 -33.59
CA ALA M 231 -3.25 26.66 -32.87
C ALA M 231 -2.80 27.84 -32.02
N GLU M 232 -3.31 29.04 -32.30
CA GLU M 232 -2.98 30.20 -31.48
C GLU M 232 -3.59 30.09 -30.09
N LYS M 233 -4.83 29.59 -30.00
CA LYS M 233 -5.44 29.36 -28.71
C LYS M 233 -4.69 28.28 -27.93
N VAL M 234 -4.22 27.25 -28.62
CA VAL M 234 -3.49 26.18 -27.95
C VAL M 234 -2.13 26.68 -27.46
N VAL M 235 -1.43 27.47 -28.27
CA VAL M 235 -0.14 27.97 -27.82
C VAL M 235 -0.31 29.02 -26.72
N GLU M 236 -1.43 29.75 -26.72
CA GLU M 236 -1.74 30.66 -25.63
C GLU M 236 -2.02 29.89 -24.34
N ASP M 237 -2.74 28.78 -24.44
CA ASP M 237 -3.02 27.95 -23.27
C ASP M 237 -1.76 27.32 -22.72
N ILE M 238 -0.84 26.90 -23.60
CA ILE M 238 0.40 26.31 -23.15
C ILE M 238 1.28 27.36 -22.50
N GLN M 239 1.32 28.58 -23.06
CA GLN M 239 2.12 29.64 -22.47
C GLN M 239 1.56 30.17 -21.17
N TYR M 240 0.29 29.89 -20.87
CA TYR M 240 -0.36 30.40 -19.66
C TYR M 240 -0.69 29.28 -18.67
N LEU M 241 0.14 28.24 -18.62
CA LEU M 241 -0.04 27.18 -17.64
C LEU M 241 0.83 27.43 -16.41
N LYS M 242 0.40 26.88 -15.29
CA LYS M 242 1.12 27.02 -14.02
C LYS M 242 1.69 25.65 -13.67
N TYR M 243 2.98 25.47 -13.94
CA TYR M 243 3.63 24.18 -13.77
C TYR M 243 3.97 23.98 -12.29
N ASP M 244 3.15 23.17 -11.60
CA ASP M 244 3.38 22.89 -10.19
C ASP M 244 3.15 21.43 -9.84
N LYS M 245 2.90 20.56 -10.80
CA LYS M 245 2.64 19.16 -10.56
C LYS M 245 3.72 18.30 -11.19
N GLY M 246 3.80 17.05 -10.73
CA GLY M 246 4.66 16.08 -11.33
C GLY M 246 6.06 16.08 -10.74
N PRO M 247 6.86 15.09 -11.14
CA PRO M 247 8.22 14.99 -10.62
C PRO M 247 9.25 15.84 -11.36
N TRP M 248 8.83 16.71 -12.28
CA TRP M 248 9.78 17.59 -12.95
C TRP M 248 10.22 18.74 -12.06
N LEU M 249 9.47 19.03 -10.99
CA LEU M 249 9.80 20.17 -10.13
C LEU M 249 10.99 19.87 -9.23
N ASP M 250 11.05 18.67 -8.66
CA ASP M 250 12.12 18.30 -7.75
C ASP M 250 13.24 17.56 -8.49
N GLN M 251 13.79 18.24 -9.48
CA GLN M 251 14.88 17.70 -10.30
C GLN M 251 16.09 18.62 -10.15
N ASP M 252 17.11 18.13 -9.46
CA ASP M 252 18.36 18.86 -9.35
C ASP M 252 19.31 18.43 -10.46
N ASP M 253 20.58 18.81 -10.36
CA ASP M 253 21.53 18.49 -11.40
C ASP M 253 21.91 17.02 -11.38
N ARG M 254 22.00 16.43 -10.20
CA ARG M 254 22.41 15.03 -10.08
C ARG M 254 21.39 14.09 -10.71
N LYS M 255 20.11 14.32 -10.45
CA LYS M 255 19.07 13.46 -10.99
C LYS M 255 19.01 13.53 -12.51
N LEU M 256 19.11 14.74 -13.06
CA LEU M 256 19.08 14.88 -14.50
C LEU M 256 20.36 14.37 -15.14
N HIS M 257 21.48 14.43 -14.43
CA HIS M 257 22.71 13.83 -14.93
C HIS M 257 22.59 12.32 -15.02
N ASN M 258 21.98 11.69 -14.00
CA ASN M 258 21.74 10.25 -14.06
C ASN M 258 20.76 9.91 -15.18
N LEU M 259 19.72 10.73 -15.37
CA LEU M 259 18.78 10.48 -16.45
C LEU M 259 19.44 10.61 -17.81
N ARG M 260 20.30 11.61 -17.99
CA ARG M 260 21.01 11.77 -19.25
C ARG M 260 22.00 10.66 -19.50
N MET M 261 22.63 10.15 -18.44
CA MET M 261 23.49 8.98 -18.58
C MET M 261 22.69 7.75 -18.98
N LEU M 262 21.44 7.65 -18.51
CA LEU M 262 20.59 6.52 -18.89
C LEU M 262 20.16 6.62 -20.35
N VAL M 263 19.69 7.79 -20.78
CA VAL M 263 19.05 7.89 -22.09
C VAL M 263 20.03 7.93 -23.26
N GLN M 264 21.32 8.08 -23.01
CA GLN M 264 22.28 8.10 -24.10
C GLN M 264 22.89 6.74 -24.38
N ASP M 265 22.55 5.72 -23.59
CA ASP M 265 22.97 4.34 -23.82
C ASP M 265 21.75 3.57 -24.31
N LYS M 266 21.66 3.35 -25.62
CA LYS M 266 20.45 2.78 -26.20
C LYS M 266 20.32 1.29 -25.88
N LEU M 267 21.43 0.59 -25.68
CA LEU M 267 21.34 -0.80 -25.27
C LEU M 267 20.90 -0.94 -23.82
N GLU M 268 21.20 0.06 -23.00
CA GLU M 268 20.67 0.08 -21.63
C GLU M 268 19.22 0.52 -21.60
N VAL M 269 18.78 1.28 -22.60
CA VAL M 269 17.38 1.68 -22.69
C VAL M 269 16.51 0.46 -23.02
N LEU M 270 16.92 -0.32 -24.02
CA LEU M 270 16.15 -1.46 -24.50
C LEU M 270 16.57 -2.76 -23.85
N ASN M 271 17.07 -2.72 -22.61
CA ASN M 271 17.55 -3.93 -21.97
C ASN M 271 16.41 -4.87 -21.60
N TYR M 272 15.31 -4.32 -21.10
CA TYR M 272 14.25 -5.13 -20.54
C TYR M 272 13.12 -5.42 -21.52
N THR M 273 13.25 -5.01 -22.78
CA THR M 273 12.21 -5.33 -23.75
C THR M 273 12.27 -6.79 -24.13
N SER M 274 13.46 -7.37 -24.23
CA SER M 274 13.64 -8.78 -24.52
C SER M 274 13.93 -9.57 -23.25
N ILE M 275 12.96 -9.61 -22.34
CA ILE M 275 13.08 -10.42 -21.14
C ILE M 275 12.73 -11.86 -21.51
N PRO M 276 13.32 -12.86 -20.84
CA PRO M 276 13.01 -14.27 -21.18
C PRO M 276 11.66 -14.72 -20.63
N VAL M 277 10.59 -14.18 -21.20
CA VAL M 277 9.24 -14.66 -20.96
C VAL M 277 8.74 -15.23 -22.28
N PHE M 278 8.51 -16.54 -22.30
CA PHE M 278 8.29 -17.25 -23.56
C PHE M 278 6.80 -17.27 -23.87
N LEU M 279 6.37 -16.36 -24.69
CA LEU M 279 5.07 -16.25 -25.30
C LEU M 279 5.10 -16.82 -26.71
N PRO M 280 4.01 -17.46 -27.14
CA PRO M 280 3.99 -17.98 -28.53
C PRO M 280 4.08 -16.91 -29.59
N GLU M 281 3.71 -15.68 -29.27
CA GLU M 281 3.68 -14.61 -30.27
C GLU M 281 5.08 -14.08 -30.56
N VAL M 282 5.91 -13.91 -29.53
CA VAL M 282 7.16 -13.17 -29.67
C VAL M 282 8.39 -14.05 -29.60
N THR M 283 8.27 -15.32 -29.21
CA THR M 283 9.43 -16.20 -29.15
C THR M 283 9.78 -16.67 -30.54
N ILE M 284 11.03 -16.44 -30.95
CA ILE M 284 11.54 -16.87 -32.25
C ILE M 284 12.48 -18.04 -32.03
N GLY M 285 12.44 -19.01 -32.93
CA GLY M 285 13.26 -20.19 -32.80
C GLY M 285 14.73 -19.90 -33.02
N ALA M 286 15.56 -20.89 -32.70
CA ALA M 286 17.01 -20.72 -32.80
C ALA M 286 17.47 -20.64 -34.24
N HIS M 287 16.94 -21.52 -35.10
CA HIS M 287 17.36 -21.55 -36.50
C HIS M 287 16.93 -20.29 -37.24
N GLN M 288 15.70 -19.84 -37.00
CA GLN M 288 15.21 -18.62 -37.65
C GLN M 288 16.00 -17.40 -37.20
N SER M 289 16.27 -17.29 -35.89
CA SER M 289 17.02 -16.16 -35.38
C SER M 289 18.45 -16.16 -35.91
N ASP M 290 19.08 -17.35 -36.01
CA ASP M 290 20.42 -17.43 -36.58
C ASP M 290 20.42 -17.01 -38.05
N ARG M 291 19.45 -17.50 -38.81
CA ARG M 291 19.39 -17.15 -40.23
C ARG M 291 19.17 -15.67 -40.44
N VAL M 292 18.26 -15.06 -39.66
CA VAL M 292 17.96 -13.65 -39.81
C VAL M 292 19.13 -12.80 -39.35
N PHE M 293 19.82 -13.19 -38.28
CA PHE M 293 20.98 -12.43 -37.81
C PHE M 293 22.13 -12.49 -38.83
N GLN M 294 22.35 -13.66 -39.42
CA GLN M 294 23.41 -13.77 -40.42
C GLN M 294 23.04 -13.00 -41.68
N GLU M 295 21.75 -12.92 -42.01
CA GLU M 295 21.33 -12.07 -43.13
C GLU M 295 21.52 -10.59 -42.81
N PHE M 296 21.24 -10.20 -41.57
CA PHE M 296 21.32 -8.81 -41.17
C PHE M 296 22.75 -8.32 -41.13
N THR M 297 23.69 -9.19 -40.73
CA THR M 297 25.09 -8.80 -40.67
C THR M 297 25.63 -8.45 -42.05
N GLU M 298 25.18 -9.17 -43.08
CA GLU M 298 25.65 -8.98 -44.44
C GLU M 298 25.06 -7.75 -45.12
N LEU M 299 24.23 -6.96 -44.43
CA LEU M 299 23.70 -5.74 -44.99
C LEU M 299 24.81 -4.70 -45.15
N PRO M 300 24.67 -3.78 -46.11
CA PRO M 300 25.71 -2.76 -46.28
C PRO M 300 25.74 -1.77 -45.14
N GLY M 301 26.93 -1.58 -44.56
CA GLY M 301 27.09 -0.68 -43.44
C GLY M 301 26.70 -1.23 -42.10
N ARG M 302 26.48 -2.53 -41.98
CA ARG M 302 26.01 -3.13 -40.74
C ARG M 302 26.93 -4.20 -40.19
N LYS M 303 28.02 -4.53 -40.87
CA LYS M 303 28.85 -5.64 -40.42
C LYS M 303 29.65 -5.29 -39.18
N TYR M 304 30.20 -4.09 -39.13
CA TYR M 304 31.06 -3.65 -38.04
C TYR M 304 30.42 -2.46 -37.34
N ARG M 305 31.19 -1.81 -36.48
CA ARG M 305 30.78 -0.54 -35.89
C ARG M 305 30.62 0.53 -36.98
N ALA M 306 30.04 1.66 -36.57
CA ALA M 306 29.62 2.67 -37.53
C ALA M 306 30.80 3.26 -38.30
N GLY M 307 31.87 3.61 -37.60
CA GLY M 307 32.97 4.23 -38.30
C GLY M 307 33.92 3.29 -39.01
N TYR M 308 33.67 1.99 -38.98
CA TYR M 308 34.61 0.98 -39.42
C TYR M 308 34.03 0.11 -40.53
N ASN M 309 33.35 0.72 -41.49
CA ASN M 309 32.76 0.00 -42.61
C ASN M 309 33.46 0.45 -43.89
N GLU M 310 34.32 -0.42 -44.43
CA GLU M 310 35.08 -0.06 -45.61
C GLU M 310 34.21 -0.01 -46.86
N ASP M 311 33.22 -0.91 -46.97
CA ASP M 311 32.44 -1.02 -48.19
C ASP M 311 31.50 0.14 -48.42
N VAL M 312 31.29 1.01 -47.43
CA VAL M 312 30.46 2.18 -47.58
C VAL M 312 31.26 3.47 -47.66
N GLY M 313 32.59 3.37 -47.67
CA GLY M 313 33.41 4.55 -47.89
C GLY M 313 33.97 5.19 -46.64
N ASP M 314 34.58 4.40 -45.76
CA ASP M 314 35.24 4.91 -44.57
C ASP M 314 36.74 4.70 -44.70
N LYS M 315 37.51 5.69 -44.26
CA LYS M 315 38.96 5.69 -44.38
C LYS M 315 39.61 5.72 -43.00
N TRP M 316 40.93 5.57 -43.00
CA TRP M 316 41.77 5.61 -41.80
C TRP M 316 41.34 4.57 -40.77
N ILE M 317 40.96 3.38 -41.23
CA ILE M 317 40.56 2.32 -40.32
C ILE M 317 41.75 1.84 -39.50
N TRP M 318 42.93 1.74 -40.14
CA TRP M 318 44.12 1.27 -39.45
C TRP M 318 44.61 2.25 -38.39
N LEU M 319 44.22 3.52 -38.46
CA LEU M 319 44.50 4.48 -37.41
C LEU M 319 43.31 4.71 -36.50
N LYS M 320 42.25 3.92 -36.66
CA LYS M 320 41.09 4.02 -35.78
C LYS M 320 40.89 2.71 -35.03
N PRO N 1 49.51 -10.01 2.77
CA PRO N 1 50.70 -9.20 2.53
C PRO N 1 50.86 -8.10 3.55
N PHE N 2 52.08 -7.93 4.03
CA PHE N 2 52.44 -6.87 4.97
C PHE N 2 53.44 -5.98 4.26
N PHE N 3 52.93 -4.97 3.54
CA PHE N 3 53.78 -4.01 2.85
C PHE N 3 54.36 -3.04 3.89
N ASP N 4 55.65 -3.13 4.14
CA ASP N 4 56.31 -2.27 5.13
C ASP N 4 56.57 -0.92 4.48
N VAL N 5 55.50 -0.13 4.38
CA VAL N 5 55.59 1.21 3.81
C VAL N 5 56.39 2.13 4.73
N GLN N 6 56.23 1.96 6.05
CA GLN N 6 56.88 2.83 7.02
C GLN N 6 58.40 2.69 6.98
N LYS N 7 58.90 1.45 6.87
CA LYS N 7 60.34 1.26 6.83
C LYS N 7 60.92 1.70 5.49
N LYS N 8 60.17 1.52 4.41
CA LYS N 8 60.61 1.96 3.09
C LYS N 8 60.66 3.49 3.02
N LEU N 9 59.69 4.16 3.63
CA LEU N 9 59.58 5.62 3.53
C LEU N 9 60.27 6.33 4.69
N GLY N 10 60.57 5.64 5.78
CA GLY N 10 61.19 6.26 6.93
C GLY N 10 60.25 6.95 7.89
N VAL N 11 58.93 6.87 7.67
CA VAL N 11 57.97 7.51 8.55
C VAL N 11 57.73 6.62 9.76
N ASP N 12 57.11 7.17 10.80
CA ASP N 12 56.82 6.47 12.04
C ASP N 12 55.33 6.69 12.35
N LEU N 13 54.50 5.79 11.83
CA LEU N 13 53.06 5.99 11.92
C LEU N 13 52.45 5.32 13.15
N ASP N 14 52.92 4.15 13.54
CA ASP N 14 52.37 3.49 14.72
C ASP N 14 53.39 2.75 15.57
N HIS N 15 54.68 2.93 15.34
CA HIS N 15 55.67 2.22 16.15
C HIS N 15 55.79 2.75 17.57
N TRP N 16 55.36 3.99 17.82
CA TRP N 16 55.51 4.57 19.15
C TRP N 16 54.59 3.89 20.15
N MET N 17 53.40 3.50 19.73
CA MET N 17 52.45 2.79 20.57
C MET N 17 52.70 1.29 20.67
N THR N 18 53.51 0.72 19.79
CA THR N 18 53.42 -0.72 19.56
C THR N 18 53.96 -1.54 20.73
N ILE N 19 54.78 -0.95 21.59
CA ILE N 19 55.27 -1.64 22.79
C ILE N 19 55.17 -0.71 23.98
N GLN N 20 55.18 -1.32 25.16
CA GLN N 20 55.03 -0.60 26.42
C GLN N 20 56.33 0.01 26.89
N SER N 21 57.47 -0.60 26.53
CA SER N 21 58.78 -0.13 26.90
C SER N 21 59.34 0.94 25.97
N ALA N 22 58.49 1.62 25.20
CA ALA N 22 58.95 2.60 24.22
C ALA N 22 59.10 3.97 24.87
N GLU N 23 59.24 4.99 24.05
CA GLU N 23 59.38 6.37 24.52
C GLU N 23 58.03 6.89 24.97
N GLN N 24 57.87 7.08 26.28
CA GLN N 24 56.63 7.55 26.88
C GLN N 24 56.75 9.00 27.31
N PRO N 25 55.65 9.77 27.33
CA PRO N 25 55.75 11.20 27.69
C PRO N 25 56.11 11.39 29.15
N HIS N 26 56.89 12.45 29.39
CA HIS N 26 57.38 12.85 30.70
C HIS N 26 58.21 11.77 31.38
N ARG N 27 58.80 10.87 30.58
CA ARG N 27 59.64 9.76 31.05
C ARG N 27 58.94 8.91 32.10
N ILE N 28 57.65 8.65 31.89
CA ILE N 28 56.86 7.86 32.84
C ILE N 28 57.17 6.39 32.60
N PRO N 29 57.64 5.67 33.61
CA PRO N 29 57.90 4.24 33.43
C PRO N 29 56.64 3.41 33.65
N ALA N 30 56.63 2.24 33.03
CA ALA N 30 55.54 1.30 33.25
C ALA N 30 55.91 0.35 34.38
N ARG N 31 54.94 -0.48 34.77
CA ARG N 31 55.18 -1.42 35.86
C ARG N 31 56.16 -2.52 35.46
N CYS N 32 56.12 -2.94 34.20
CA CYS N 32 56.94 -4.05 33.74
C CYS N 32 57.89 -3.61 32.64
N HIS N 33 58.55 -2.47 32.85
CA HIS N 33 59.48 -1.95 31.85
C HIS N 33 60.71 -2.85 31.73
N ALA N 34 61.27 -3.26 32.87
CA ALA N 34 62.52 -4.03 32.86
C ALA N 34 62.33 -5.41 32.26
N PHE N 35 61.24 -6.09 32.63
CA PHE N 35 60.98 -7.43 32.11
C PHE N 35 60.75 -7.40 30.61
N GLU N 36 60.00 -6.42 30.13
CA GLU N 36 59.74 -6.30 28.70
C GLU N 36 61.01 -5.95 27.95
N LYS N 37 61.85 -5.09 28.52
CA LYS N 37 63.12 -4.77 27.89
C LYS N 37 64.01 -6.00 27.77
N GLU N 38 64.07 -6.82 28.83
CA GLU N 38 64.88 -8.03 28.77
C GLU N 38 64.33 -9.03 27.74
N TRP N 39 63.01 -9.17 27.67
CA TRP N 39 62.41 -10.09 26.70
C TRP N 39 62.65 -9.62 25.27
N ILE N 40 62.58 -8.31 25.02
CA ILE N 40 62.83 -7.80 23.68
C ILE N 40 64.30 -7.96 23.32
N GLU N 41 65.21 -7.71 24.26
CA GLU N 41 66.63 -7.88 23.99
C GLU N 41 66.99 -9.34 23.77
N CYS N 42 66.26 -10.28 24.36
CA CYS N 42 66.28 -11.66 23.87
C CYS N 42 65.83 -11.83 22.43
N ALA N 43 64.56 -11.55 22.17
CA ALA N 43 63.91 -12.03 20.96
C ALA N 43 64.36 -11.30 19.69
N HIS N 44 65.17 -10.26 19.81
CA HIS N 44 65.52 -9.46 18.64
C HIS N 44 66.49 -10.19 17.75
N GLY N 45 66.09 -10.43 16.50
CA GLY N 45 66.98 -10.90 15.47
C GLY N 45 67.16 -12.39 15.37
N ILE N 46 66.43 -13.18 16.16
CA ILE N 46 66.58 -14.64 16.14
C ILE N 46 65.34 -15.34 15.64
N GLY N 47 64.30 -14.61 15.25
CA GLY N 47 63.08 -15.21 14.76
C GLY N 47 62.20 -15.70 15.89
N SER N 48 60.96 -16.02 15.54
CA SER N 48 60.01 -16.47 16.56
C SER N 48 60.28 -17.91 16.99
N ILE N 49 60.76 -18.76 16.08
CA ILE N 49 60.94 -20.17 16.38
C ILE N 49 62.05 -20.36 17.42
N ARG N 50 63.15 -19.63 17.28
CA ARG N 50 64.22 -19.73 18.26
C ARG N 50 63.86 -19.02 19.55
N ALA N 51 63.16 -17.89 19.47
CA ALA N 51 62.81 -17.13 20.66
C ALA N 51 61.71 -17.78 21.47
N GLU N 52 60.95 -18.71 20.88
CA GLU N 52 59.94 -19.42 21.65
C GLU N 52 60.54 -20.46 22.59
N LYS N 53 61.82 -20.79 22.42
CA LYS N 53 62.45 -21.84 23.22
C LYS N 53 63.72 -21.40 23.92
N GLU N 54 64.45 -20.41 23.40
CA GLU N 54 65.82 -20.20 23.86
C GLU N 54 65.89 -19.53 25.22
N CYS N 55 65.25 -18.37 25.37
CA CYS N 55 65.24 -17.70 26.66
C CYS N 55 63.80 -17.44 27.10
N LYS N 56 63.02 -18.52 27.12
CA LYS N 56 61.64 -18.48 27.59
C LYS N 56 61.49 -17.99 29.02
N ILE N 57 62.54 -18.09 29.85
CA ILE N 57 62.42 -17.65 31.24
C ILE N 57 62.22 -16.14 31.34
N GLU N 58 62.74 -15.38 30.38
CA GLU N 58 62.47 -13.94 30.35
C GLU N 58 61.00 -13.67 30.05
N PHE N 59 60.40 -14.46 29.16
CA PHE N 59 58.98 -14.28 28.88
C PHE N 59 58.12 -14.74 30.05
N GLU N 60 58.54 -15.78 30.77
CA GLU N 60 57.82 -16.20 31.96
C GLU N 60 57.87 -15.11 33.04
N ASP N 61 59.03 -14.48 33.21
CA ASP N 61 59.13 -13.36 34.15
C ASP N 61 58.27 -12.18 33.72
N PHE N 62 58.24 -11.89 32.42
CA PHE N 62 57.41 -10.81 31.91
C PHE N 62 55.92 -11.09 32.13
N ARG N 63 55.50 -12.32 31.86
CA ARG N 63 54.09 -12.68 32.06
C ARG N 63 53.73 -12.67 33.54
N GLU N 64 54.67 -13.06 34.41
CA GLU N 64 54.43 -13.00 35.84
C GLU N 64 54.35 -11.57 36.34
N CYS N 65 55.10 -10.65 35.73
CA CYS N 65 54.92 -9.25 36.06
C CYS N 65 53.58 -8.73 35.57
N LEU N 66 53.16 -9.17 34.37
CA LEU N 66 51.93 -8.64 33.78
C LEU N 66 50.69 -9.08 34.54
N LEU N 67 50.56 -10.38 34.83
CA LEU N 67 49.31 -10.90 35.36
C LEU N 67 49.37 -11.30 36.83
N ARG N 68 50.54 -11.71 37.32
CA ARG N 68 50.80 -11.93 38.75
C ARG N 68 49.94 -13.04 39.34
N GLN N 69 49.90 -14.18 38.66
CA GLN N 69 49.13 -15.31 39.19
C GLN N 69 49.85 -15.99 40.35
N LYS N 70 51.19 -16.09 40.26
CA LYS N 70 51.93 -16.79 41.29
C LYS N 70 51.99 -16.00 42.58
N THR N 71 52.12 -14.68 42.49
CA THR N 71 52.10 -13.84 43.69
C THR N 71 50.74 -13.88 44.37
N MET N 72 49.67 -13.84 43.58
CA MET N 72 48.32 -13.95 44.13
C MET N 72 48.11 -15.30 44.79
N LYS N 73 48.60 -16.37 44.17
CA LYS N 73 48.46 -17.70 44.75
C LYS N 73 49.24 -17.83 46.05
N ARG N 74 50.45 -17.28 46.11
CA ARG N 74 51.25 -17.32 47.32
C ARG N 74 50.59 -16.53 48.45
N LEU N 75 50.05 -15.35 48.14
CA LEU N 75 49.34 -14.56 49.15
C LEU N 75 48.09 -15.29 49.62
N ASN N 76 47.38 -15.97 48.71
CA ASN N 76 46.20 -16.75 49.08
C ASN N 76 46.56 -17.88 50.03
N ALA N 77 47.65 -18.59 49.75
CA ALA N 77 48.07 -19.69 50.62
C ALA N 77 48.49 -19.19 52.00
N ILE N 78 49.23 -18.08 52.03
CA ILE N 78 49.68 -17.53 53.31
C ILE N 78 48.49 -17.08 54.15
N LYS N 79 47.54 -16.38 53.51
CA LYS N 79 46.36 -15.91 54.24
C LYS N 79 45.46 -17.05 54.67
N ARG N 80 45.36 -18.11 53.87
CA ARG N 80 44.55 -19.26 54.25
C ARG N 80 45.13 -19.98 55.46
N GLN N 81 46.46 -20.16 55.48
CA GLN N 81 47.09 -20.78 56.65
C GLN N 81 46.97 -19.89 57.87
N ARG N 82 47.08 -18.57 57.69
CA ARG N 82 46.89 -17.64 58.80
C ARG N 82 45.47 -17.72 59.36
N ASP N 83 44.48 -17.83 58.47
CA ASP N 83 43.09 -17.92 58.91
C ASP N 83 42.85 -19.21 59.68
N LYS N 84 43.41 -20.33 59.19
CA LYS N 84 43.25 -21.60 59.87
C LYS N 84 43.91 -21.57 61.26
N LEU N 85 45.11 -21.01 61.35
CA LEU N 85 45.80 -20.93 62.64
C LEU N 85 45.11 -19.98 63.60
N ILE N 86 44.51 -18.89 63.07
CA ILE N 86 43.79 -17.95 63.91
C ILE N 86 42.52 -18.60 64.46
N LYS N 87 41.79 -19.32 63.62
CA LYS N 87 40.56 -19.96 64.07
C LYS N 87 40.85 -21.08 65.07
N GLU N 88 41.89 -21.87 64.82
CA GLU N 88 42.23 -22.92 65.78
C GLU N 88 42.92 -22.37 67.03
N GLY N 89 43.37 -21.12 66.98
CA GLY N 89 43.76 -20.42 68.20
C GLY N 89 45.19 -20.57 68.64
N LYS N 90 46.12 -20.91 67.74
CA LYS N 90 47.52 -21.01 68.10
C LYS N 90 48.38 -19.92 67.47
N TYR N 91 47.77 -18.84 67.01
CA TYR N 91 48.51 -17.72 66.44
C TYR N 91 47.92 -16.42 66.92
N THR N 92 48.77 -15.52 67.43
CA THR N 92 48.36 -14.18 67.82
C THR N 92 48.99 -13.17 66.88
N PRO N 93 48.20 -12.28 66.27
CA PRO N 93 48.79 -11.31 65.35
C PRO N 93 49.65 -10.31 66.09
N PRO N 94 50.70 -9.79 65.46
CA PRO N 94 51.57 -8.83 66.12
C PRO N 94 50.91 -7.46 66.19
N PRO N 95 51.40 -6.57 67.06
CA PRO N 95 50.81 -5.22 67.12
C PRO N 95 50.91 -4.43 65.83
N HIS N 96 51.99 -4.58 65.07
CA HIS N 96 52.16 -3.77 63.88
C HIS N 96 51.28 -4.21 62.72
N HIS N 97 50.74 -5.42 62.77
CA HIS N 97 49.80 -5.90 61.77
C HIS N 97 48.35 -5.69 62.18
N SER N 98 48.10 -5.03 63.31
CA SER N 98 46.75 -4.72 63.76
C SER N 98 46.47 -3.23 63.83
N GLY N 99 47.38 -2.40 63.32
CA GLY N 99 47.17 -0.97 63.28
C GLY N 99 47.71 -0.18 64.45
N GLN N 100 48.68 -0.72 65.17
CA GLN N 100 49.27 -0.07 66.35
C GLN N 100 50.78 0.03 66.19
N GLU N 101 51.23 0.55 65.05
CA GLU N 101 52.65 0.57 64.74
C GLU N 101 53.27 1.97 64.73
N ASP N 102 52.50 3.02 64.42
CA ASP N 102 52.98 4.40 64.33
C ASP N 102 54.15 4.50 63.33
N LEU N 103 53.79 4.30 62.05
CA LEU N 103 54.72 4.12 60.93
C LEU N 103 55.80 5.20 60.84
N ARG N 104 56.90 4.87 60.16
CA ARG N 104 58.20 5.54 60.19
C ARG N 104 58.18 7.05 59.92
N PRO N 105 57.76 7.52 58.72
CA PRO N 105 58.17 8.89 58.41
C PRO N 105 57.31 9.96 59.05
N VAL O 1 35.78 41.04 -7.13
CA VAL O 1 36.75 40.69 -6.09
C VAL O 1 36.65 41.69 -4.94
N ALA O 2 36.45 42.96 -5.26
CA ALA O 2 36.31 44.00 -4.25
C ALA O 2 34.86 44.27 -3.88
N ALA O 3 33.96 44.31 -4.85
CA ALA O 3 32.54 44.47 -4.54
C ALA O 3 31.92 43.19 -4.00
N PHE O 4 32.52 42.04 -4.28
CA PHE O 4 32.04 40.78 -3.72
C PHE O 4 32.19 40.77 -2.20
N LEU O 5 33.32 41.26 -1.70
CA LEU O 5 33.53 41.34 -0.25
C LEU O 5 32.52 42.26 0.40
N LYS O 6 32.25 43.41 -0.22
CA LYS O 6 31.28 44.35 0.32
C LYS O 6 29.87 43.76 0.32
N ASN O 7 29.49 43.08 -0.76
CA ASN O 7 28.17 42.46 -0.82
C ASN O 7 28.02 41.35 0.21
N VAL O 8 29.04 40.49 0.34
CA VAL O 8 28.94 39.39 1.28
C VAL O 8 29.09 39.86 2.72
N TRP O 9 29.66 41.04 2.94
CA TRP O 9 29.74 41.61 4.29
C TRP O 9 28.47 42.38 4.64
N ALA O 10 27.75 42.87 3.64
CA ALA O 10 26.42 43.43 3.88
C ALA O 10 25.36 42.35 4.06
N LYS O 11 25.53 41.19 3.44
CA LYS O 11 24.49 40.16 3.43
C LYS O 11 24.67 39.13 4.54
N GLU O 12 25.79 38.38 4.54
CA GLU O 12 26.14 37.48 5.64
C GLU O 12 27.35 38.03 6.38
N PRO O 13 27.17 38.90 7.38
CA PRO O 13 28.34 39.35 8.14
C PRO O 13 28.88 38.32 9.10
N VAL O 14 28.04 37.38 9.55
CA VAL O 14 28.48 36.36 10.49
C VAL O 14 29.51 35.44 9.85
N LEU O 15 29.27 35.03 8.60
CA LEU O 15 30.23 34.17 7.91
C LEU O 15 31.50 34.93 7.57
N VAL O 16 31.39 36.22 7.24
CA VAL O 16 32.58 37.03 6.99
C VAL O 16 33.44 37.12 8.24
N ALA O 17 32.81 37.36 9.39
CA ALA O 17 33.55 37.42 10.65
C ALA O 17 34.17 36.07 10.99
N SER O 18 33.44 34.97 10.75
CA SER O 18 33.96 33.64 11.05
C SER O 18 35.18 33.33 10.19
N PHE O 19 35.10 33.60 8.88
CA PHE O 19 36.21 33.31 7.99
C PHE O 19 37.40 34.21 8.28
N ALA O 20 37.15 35.47 8.64
CA ALA O 20 38.25 36.38 8.97
C ALA O 20 38.96 35.94 10.24
N ILE O 21 38.20 35.54 11.27
CA ILE O 21 38.80 35.06 12.51
C ILE O 21 39.59 33.78 12.26
N ALA O 22 39.05 32.89 11.41
CA ALA O 22 39.75 31.65 11.07
C ALA O 22 41.06 31.94 10.34
N GLY O 23 41.05 32.87 9.40
CA GLY O 23 42.27 33.22 8.68
C GLY O 23 43.30 33.85 9.59
N LEU O 24 42.86 34.71 10.50
CA LEU O 24 43.78 35.28 11.49
C LEU O 24 44.39 34.20 12.36
N ALA O 25 43.57 33.26 12.82
CA ALA O 25 44.04 32.18 13.67
C ALA O 25 45.00 31.25 12.96
N VAL O 26 44.86 31.11 11.65
CA VAL O 26 45.73 30.18 10.93
C VAL O 26 46.99 30.84 10.37
N ILE O 27 47.02 32.16 10.19
CA ILE O 27 48.22 32.82 9.67
C ILE O 27 48.98 33.62 10.71
N LEU O 28 48.42 33.85 11.90
CA LEU O 28 49.15 34.65 12.88
C LEU O 28 50.24 33.91 13.67
N PRO O 29 50.05 32.66 14.15
CA PRO O 29 51.16 32.01 14.88
C PRO O 29 52.41 31.78 14.05
N THR O 30 52.30 31.64 12.73
CA THR O 30 53.49 31.53 11.89
C THR O 30 54.17 32.88 11.67
N LEU O 31 53.55 33.97 12.10
CA LEU O 31 54.08 35.31 11.86
C LEU O 31 54.56 36.01 13.13
N SER O 32 54.07 35.60 14.30
CA SER O 32 54.41 36.26 15.54
C SER O 32 55.81 35.86 16.00
N PRO O 33 56.54 36.78 16.64
CA PRO O 33 57.86 36.45 17.19
C PRO O 33 57.85 35.89 18.61
N TYR O 34 56.69 35.54 19.15
CA TYR O 34 56.60 35.02 20.52
C TYR O 34 56.34 33.53 20.59
N THR O 35 56.27 32.84 19.45
CA THR O 35 56.02 31.40 19.48
C THR O 35 57.22 30.64 20.05
N LYS O 36 58.43 31.09 19.75
CA LYS O 36 59.63 30.47 20.30
C LYS O 36 59.68 30.62 21.82
N TYR O 37 59.13 31.72 22.34
CA TYR O 37 59.05 31.90 23.79
C TYR O 37 58.12 30.86 24.40
N SER O 38 57.01 30.55 23.75
CA SER O 38 56.13 29.49 24.22
C SER O 38 56.83 28.14 24.19
N LEU O 39 57.60 27.89 23.13
CA LEU O 39 58.37 26.64 23.01
C LEU O 39 59.35 26.46 24.17
N MET O 40 60.18 27.47 24.42
CA MET O 40 61.18 27.32 25.47
C MET O 40 60.66 27.67 26.85
N ILE O 41 59.40 28.09 26.98
CA ILE O 41 58.77 28.11 28.29
C ILE O 41 58.23 26.73 28.62
N ASN O 42 57.60 26.08 27.65
CA ASN O 42 57.09 24.73 27.86
C ASN O 42 58.21 23.74 28.09
N ARG O 43 59.34 23.90 27.40
CA ARG O 43 60.42 22.93 27.57
C ARG O 43 61.29 23.21 28.78
N ALA O 44 61.12 24.34 29.46
CA ALA O 44 61.89 24.66 30.65
C ALA O 44 61.12 24.45 31.94
N THR O 45 59.98 23.77 31.88
CA THR O 45 59.21 23.49 33.09
C THR O 45 59.65 22.17 33.68
N PRO O 46 60.15 22.14 34.92
CA PRO O 46 60.74 20.93 35.52
C PRO O 46 59.74 19.95 36.13
N TYR O 47 59.18 19.09 35.29
CA TYR O 47 58.17 18.13 35.76
C TYR O 47 58.82 17.02 36.59
N ASN O 48 59.92 16.46 36.10
CA ASN O 48 60.57 15.31 36.73
C ASN O 48 61.98 15.68 37.17
N TYR O 49 62.65 14.74 37.82
CA TYR O 49 63.90 15.00 38.51
C TYR O 49 65.05 15.18 37.51
N PRO O 50 65.89 16.19 37.71
CA PRO O 50 67.13 16.29 36.94
C PRO O 50 68.22 15.37 37.46
N VAL O 51 68.23 14.14 36.97
CA VAL O 51 69.15 13.09 37.46
C VAL O 51 70.59 13.49 37.18
N PRO O 52 71.47 13.47 38.17
CA PRO O 52 72.86 13.88 37.94
C PRO O 52 73.64 12.86 37.13
N LEU O 53 74.74 13.33 36.56
CA LEU O 53 75.63 12.51 35.75
C LEU O 53 76.92 12.23 36.51
N ARG O 54 77.43 11.00 36.37
CA ARG O 54 78.66 10.63 37.05
C ARG O 54 79.84 11.35 36.43
N ASP O 55 80.65 12.01 37.26
CA ASP O 55 81.73 12.85 36.79
C ASP O 55 82.90 11.98 36.36
N ASP O 56 83.04 11.77 35.05
CA ASP O 56 84.19 11.04 34.56
C ASP O 56 85.44 11.92 34.57
N GLY O 57 85.28 13.22 34.36
CA GLY O 57 86.41 14.12 34.32
C GLY O 57 86.31 15.20 33.27
N ASN O 58 85.59 14.93 32.17
CA ASN O 58 85.45 15.89 31.08
C ASN O 58 84.00 16.29 30.93
N MET O 59 83.55 17.21 31.80
CA MET O 59 82.33 17.97 31.60
C MET O 59 82.53 19.39 32.14
N PRO O 60 83.15 20.27 31.35
CA PRO O 60 83.26 21.66 31.79
C PRO O 60 81.94 22.41 31.79
N ASP O 61 81.00 22.01 30.94
CA ASP O 61 79.73 22.71 30.83
C ASP O 61 78.78 22.37 31.96
N VAL O 62 78.80 21.12 32.42
CA VAL O 62 77.86 20.66 33.45
C VAL O 62 78.29 21.21 34.80
N PRO O 63 77.43 21.92 35.52
CA PRO O 63 77.82 22.48 36.80
C PRO O 63 77.92 21.41 37.88
N SER O 64 78.70 21.70 38.91
CA SER O 64 78.78 20.85 40.08
C SER O 64 77.88 21.32 41.21
N HIS O 65 77.13 22.41 41.00
CA HIS O 65 76.23 22.96 42.00
C HIS O 65 75.20 23.81 41.26
N PRO O 66 73.98 23.95 41.79
CA PRO O 66 72.97 24.78 41.13
C PRO O 66 73.36 26.24 41.00
N GLN O 67 74.12 26.78 41.95
CA GLN O 67 74.50 28.19 41.91
C GLN O 67 75.76 28.45 41.10
N ASP O 68 76.31 27.41 40.46
CA ASP O 68 77.46 27.59 39.60
C ASP O 68 77.07 28.35 38.34
N PRO O 69 78.00 29.13 37.77
CA PRO O 69 77.65 29.95 36.59
C PRO O 69 77.25 29.15 35.36
N GLN O 70 77.84 27.98 35.14
CA GLN O 70 77.53 27.21 33.95
C GLN O 70 76.20 26.49 34.10
N GLY O 71 75.49 26.36 32.99
CA GLY O 71 74.18 25.75 32.98
C GLY O 71 73.14 26.63 32.32
N PRO O 72 71.95 26.08 32.08
CA PRO O 72 70.89 26.88 31.47
C PRO O 72 70.39 27.98 32.40
N SER O 73 69.96 29.09 31.81
CA SER O 73 69.55 30.27 32.54
C SER O 73 68.13 30.66 32.16
N LEU O 74 67.36 31.12 33.14
CA LEU O 74 66.01 31.61 32.91
C LEU O 74 65.88 33.10 33.20
N GLU O 75 66.96 33.87 32.94
CA GLU O 75 66.87 35.31 33.08
C GLU O 75 65.98 35.91 32.00
N TRP O 76 65.95 35.31 30.81
CA TRP O 76 65.05 35.75 29.76
C TRP O 76 63.59 35.56 30.17
N LEU O 77 63.31 34.52 30.96
CA LEU O 77 61.94 34.32 31.44
C LEU O 77 61.61 35.31 32.55
N LYS O 78 62.58 35.61 33.40
CA LYS O 78 62.35 36.56 34.49
C LYS O 78 62.14 37.98 33.95
N ARG O 79 62.80 38.33 32.84
CA ARG O 79 62.60 39.66 32.27
C ARG O 79 61.47 39.67 31.24
N LEU O 80 61.62 38.88 30.17
CA LEU O 80 60.72 38.85 29.01
C LEU O 80 60.45 40.23 28.43
N SER P 1 9.45 -69.08 -80.97
CA SER P 1 8.24 -68.27 -80.88
C SER P 1 7.00 -69.13 -80.76
N LYS P 2 6.24 -69.23 -81.85
CA LYS P 2 5.02 -70.02 -81.87
C LYS P 2 5.36 -71.50 -81.97
N MET P 3 4.74 -72.30 -81.10
CA MET P 3 4.94 -73.74 -81.06
C MET P 3 3.60 -74.44 -81.20
N GLU P 4 3.60 -75.58 -81.89
CA GLU P 4 2.39 -76.35 -82.15
C GLU P 4 2.36 -77.58 -81.26
N LEU P 5 1.29 -77.72 -80.49
CA LEU P 5 1.08 -78.86 -79.62
C LEU P 5 0.62 -80.07 -80.42
N PRO P 6 0.89 -81.29 -79.95
CA PRO P 6 0.40 -82.48 -80.66
C PRO P 6 -1.10 -82.68 -80.48
N ASP P 7 -1.63 -83.77 -81.04
CA ASP P 7 -3.04 -84.07 -80.89
C ASP P 7 -3.33 -84.53 -79.47
N TYR P 8 -4.59 -84.39 -79.06
CA TYR P 8 -5.02 -84.80 -77.73
C TYR P 8 -5.83 -86.10 -77.76
N LYS P 9 -6.30 -86.53 -78.93
CA LYS P 9 -7.01 -87.79 -79.04
C LYS P 9 -6.09 -88.99 -78.82
N GLN P 10 -4.78 -88.82 -79.01
CA GLN P 10 -3.85 -89.93 -78.98
C GLN P 10 -3.47 -90.36 -77.58
N TRP P 11 -3.85 -89.62 -76.55
CA TRP P 11 -3.54 -90.00 -75.16
C TRP P 11 -4.65 -90.91 -74.66
N LYS P 12 -4.45 -92.20 -74.86
CA LYS P 12 -5.38 -93.22 -74.40
C LYS P 12 -4.68 -94.08 -73.34
N ILE P 13 -5.39 -94.35 -72.24
CA ILE P 13 -4.79 -95.01 -71.08
C ILE P 13 -4.69 -96.52 -71.23
N GLU P 14 -5.03 -97.07 -72.39
CA GLU P 14 -5.02 -98.51 -72.56
C GLU P 14 -3.61 -99.02 -72.81
N GLY P 15 -3.27 -100.16 -72.18
CA GLY P 15 -1.94 -100.70 -72.25
C GLY P 15 -0.97 -100.13 -71.24
N THR P 16 -1.41 -99.21 -70.41
CA THR P 16 -0.61 -98.55 -69.38
C THR P 16 -1.07 -98.99 -67.99
N PRO P 17 -0.26 -98.77 -66.95
CA PRO P 17 -0.73 -99.05 -65.59
C PRO P 17 -1.93 -98.23 -65.14
N LEU P 18 -2.21 -97.10 -65.82
CA LEU P 18 -3.41 -96.34 -65.51
C LEU P 18 -4.67 -97.14 -65.80
N GLU P 19 -4.63 -98.05 -66.77
CA GLU P 19 -5.75 -98.96 -66.98
C GLU P 19 -5.93 -99.91 -65.80
N THR P 20 -4.84 -100.37 -65.19
CA THR P 20 -4.94 -101.18 -63.98
C THR P 20 -5.54 -100.38 -62.84
N VAL P 21 -5.16 -99.11 -62.70
CA VAL P 21 -5.77 -98.26 -61.68
C VAL P 21 -7.25 -98.06 -61.97
N GLN P 22 -7.60 -97.93 -63.24
CA GLN P 22 -9.00 -97.81 -63.65
C GLN P 22 -9.81 -99.04 -63.26
N GLU P 23 -9.28 -100.23 -63.51
CA GLU P 23 -10.07 -101.42 -63.17
C GLU P 23 -10.11 -101.67 -61.67
N LYS P 24 -9.06 -101.29 -60.93
CA LYS P 24 -9.13 -101.38 -59.47
C LYS P 24 -10.20 -100.45 -58.91
N LEU P 25 -10.25 -99.21 -59.42
CA LEU P 25 -11.27 -98.27 -58.96
C LEU P 25 -12.67 -98.68 -59.42
N ALA P 26 -12.77 -99.30 -60.60
CA ALA P 26 -14.05 -99.80 -61.07
C ALA P 26 -14.54 -100.95 -60.21
N ALA P 27 -13.62 -101.79 -59.74
CA ALA P 27 -13.98 -102.81 -58.76
C ALA P 27 -14.46 -102.16 -57.47
N ARG P 28 -13.81 -101.09 -57.04
CA ARG P 28 -14.31 -100.39 -55.86
C ARG P 28 -15.56 -99.57 -56.17
N GLY P 29 -15.61 -98.92 -57.34
CA GLY P 29 -16.77 -98.14 -57.70
C GLY P 29 -16.47 -96.67 -57.92
N LEU P 30 -15.20 -96.34 -58.17
CA LEU P 30 -14.74 -94.97 -58.35
C LEU P 30 -14.14 -94.80 -59.73
N ARG P 31 -13.78 -93.56 -60.06
CA ARG P 31 -13.17 -93.24 -61.34
C ARG P 31 -12.09 -92.19 -61.15
N ASP P 32 -11.08 -92.23 -62.02
CA ASP P 32 -10.11 -91.14 -62.14
C ASP P 32 -10.36 -90.35 -63.41
N PRO P 33 -10.77 -89.08 -63.31
CA PRO P 33 -10.97 -88.28 -64.52
C PRO P 33 -9.68 -87.74 -65.12
N TRP P 34 -8.59 -87.73 -64.36
CA TRP P 34 -7.32 -87.19 -64.82
C TRP P 34 -6.40 -88.26 -65.36
N GLY P 35 -6.90 -89.46 -65.61
CA GLY P 35 -6.05 -90.53 -66.09
C GLY P 35 -5.51 -90.29 -67.48
N ARG P 36 -6.29 -89.63 -68.34
CA ARG P 36 -5.82 -89.33 -69.69
C ARG P 36 -4.80 -88.21 -69.69
N ASN P 37 -4.69 -87.44 -68.60
CA ASN P 37 -3.70 -86.37 -68.54
C ASN P 37 -2.31 -86.93 -68.31
N GLU P 38 -2.20 -87.99 -67.50
CA GLU P 38 -0.90 -88.58 -67.18
C GLU P 38 -0.49 -89.66 -68.16
N ALA P 39 -1.27 -89.89 -69.22
CA ALA P 39 -1.05 -91.02 -70.10
C ALA P 39 0.12 -90.83 -71.05
N TRP P 40 0.73 -89.65 -71.10
CA TRP P 40 1.85 -89.43 -71.99
C TRP P 40 3.14 -90.04 -71.47
N ARG P 41 3.29 -90.13 -70.15
CA ARG P 41 4.52 -90.66 -69.58
C ARG P 41 4.67 -92.15 -69.78
N TYR P 42 3.59 -92.86 -70.12
CA TYR P 42 3.63 -94.30 -70.31
C TYR P 42 3.62 -94.71 -71.77
N MET P 43 3.67 -93.77 -72.70
CA MET P 43 3.63 -94.11 -74.12
C MET P 43 4.69 -93.33 -74.87
N GLY P 44 5.06 -93.85 -76.03
CA GLY P 44 6.03 -93.21 -76.90
C GLY P 44 7.45 -93.60 -76.61
N GLY P 45 8.36 -92.63 -76.60
CA GLY P 45 9.74 -92.91 -76.29
C GLY P 45 10.00 -93.18 -74.82
N PHE P 46 9.06 -92.86 -73.94
CA PHE P 46 9.20 -93.10 -72.52
C PHE P 46 8.71 -94.46 -72.08
N ALA P 47 8.22 -95.28 -73.00
CA ALA P 47 7.78 -96.62 -72.64
C ALA P 47 8.98 -97.53 -72.43
N ASN P 48 8.70 -98.67 -71.79
CA ASN P 48 9.58 -99.84 -71.55
C ASN P 48 11.04 -99.44 -71.28
N ASN P 49 11.24 -98.68 -70.21
CA ASN P 49 12.58 -98.34 -69.78
C ASN P 49 13.29 -99.57 -69.21
N VAL P 50 14.62 -99.46 -69.11
CA VAL P 50 15.44 -100.57 -68.64
C VAL P 50 15.25 -100.75 -67.14
N SER P 51 15.70 -101.90 -66.63
CA SER P 51 15.69 -102.16 -65.20
C SER P 51 17.00 -101.65 -64.60
N PHE P 52 17.24 -101.95 -63.33
CA PHE P 52 18.47 -101.51 -62.67
C PHE P 52 19.67 -102.29 -63.18
N VAL P 53 19.52 -103.61 -63.31
CA VAL P 53 20.62 -104.45 -63.76
C VAL P 53 20.96 -104.15 -65.20
N GLY P 54 19.96 -103.88 -66.03
CA GLY P 54 20.22 -103.44 -67.39
C GLY P 54 20.84 -102.05 -67.47
N ALA P 55 20.61 -101.22 -66.45
CA ALA P 55 21.25 -99.91 -66.42
C ALA P 55 22.71 -100.03 -66.05
N LEU P 56 23.04 -100.90 -65.08
CA LEU P 56 24.44 -101.10 -64.74
C LEU P 56 25.21 -101.80 -65.85
N LEU P 57 24.54 -102.66 -66.61
CA LEU P 57 25.18 -103.43 -67.68
C LEU P 57 25.12 -102.72 -69.02
N LYS P 58 25.07 -101.38 -69.03
CA LYS P 58 25.04 -100.65 -70.28
C LYS P 58 26.39 -100.75 -70.99
N GLY P 59 26.35 -101.12 -72.26
CA GLY P 59 27.58 -101.28 -73.01
C GLY P 59 28.43 -102.46 -72.62
N PHE P 60 27.83 -103.48 -71.97
CA PHE P 60 28.60 -104.65 -71.56
C PHE P 60 28.96 -105.51 -72.77
N LYS P 61 28.14 -105.51 -73.81
CA LYS P 61 28.39 -106.36 -74.97
C LYS P 61 29.65 -105.91 -75.71
N TRP P 62 29.75 -104.63 -76.01
CA TRP P 62 30.92 -104.14 -76.74
C TRP P 62 32.18 -104.17 -75.87
N GLY P 63 32.04 -103.90 -74.57
CA GLY P 63 33.17 -104.05 -73.68
C GLY P 63 33.69 -105.47 -73.61
N PHE P 64 32.77 -106.44 -73.53
CA PHE P 64 33.17 -107.85 -73.49
C PHE P 64 33.81 -108.28 -74.80
N ALA P 65 33.26 -107.81 -75.93
CA ALA P 65 33.84 -108.15 -77.23
C ALA P 65 35.24 -107.58 -77.38
N ALA P 66 35.43 -106.31 -76.97
CA ALA P 66 36.76 -105.71 -77.03
C ALA P 66 37.73 -106.41 -76.09
N PHE P 67 37.26 -106.85 -74.93
CA PHE P 67 38.11 -107.59 -74.00
C PHE P 67 38.55 -108.92 -74.60
N VAL P 68 37.62 -109.63 -75.26
CA VAL P 68 37.96 -110.91 -75.88
C VAL P 68 38.97 -110.71 -77.01
N VAL P 69 38.75 -109.68 -77.83
CA VAL P 69 39.67 -109.37 -78.93
C VAL P 69 41.05 -109.02 -78.39
N ALA P 70 41.12 -108.20 -77.35
CA ALA P 70 42.39 -107.78 -76.78
C ALA P 70 43.12 -108.96 -76.12
N VAL P 71 42.38 -109.85 -75.45
CA VAL P 71 43.00 -111.01 -74.83
C VAL P 71 43.54 -111.97 -75.89
N GLY P 72 42.80 -112.16 -76.99
CA GLY P 72 43.33 -112.96 -78.08
C GLY P 72 44.54 -112.35 -78.73
N ALA P 73 44.54 -111.02 -78.87
CA ALA P 73 45.70 -110.33 -79.44
C ALA P 73 46.92 -110.43 -78.54
N GLU P 74 46.72 -110.35 -77.22
CA GLU P 74 47.84 -110.53 -76.30
C GLU P 74 48.31 -111.98 -76.27
N TYR P 75 47.40 -112.93 -76.47
CA TYR P 75 47.78 -114.33 -76.56
C TYR P 75 48.65 -114.58 -77.78
N TYR P 76 48.28 -114.00 -78.93
CA TYR P 76 49.08 -114.17 -80.14
C TYR P 76 50.36 -113.36 -80.09
N LEU P 77 50.37 -112.24 -79.36
CA LEU P 77 51.54 -111.37 -79.36
C LEU P 77 52.69 -111.93 -78.53
N GLU P 78 52.39 -112.77 -77.55
CA GLU P 78 53.44 -113.34 -76.72
C GLU P 78 54.21 -114.45 -77.41
N SER P 79 53.72 -114.94 -78.54
CA SER P 79 54.41 -115.99 -79.28
C SER P 79 55.15 -115.40 -80.48
N MET Q 1 57.87 -17.65 3.89
CA MET Q 1 58.99 -18.57 3.73
C MET Q 1 60.31 -17.79 3.73
N MET Q 2 60.41 -16.79 2.86
CA MET Q 2 61.62 -16.00 2.69
C MET Q 2 61.44 -14.57 3.18
N THR Q 3 60.54 -14.35 4.14
CA THR Q 3 60.29 -13.01 4.65
C THR Q 3 61.45 -12.50 5.48
N GLY Q 4 62.19 -13.40 6.14
CA GLY Q 4 63.41 -12.99 6.81
C GLY Q 4 64.46 -12.47 5.84
N ARG Q 5 64.51 -13.04 4.64
CA ARG Q 5 65.36 -12.48 3.59
C ARG Q 5 64.82 -11.14 3.11
N GLN Q 6 63.53 -11.08 2.79
CA GLN Q 6 62.92 -9.83 2.35
C GLN Q 6 62.28 -9.07 3.50
N ALA Q 7 63.03 -8.90 4.58
CA ALA Q 7 62.58 -8.12 5.73
C ALA Q 7 63.52 -6.99 6.10
N ARG Q 8 64.82 -7.13 5.88
CA ARG Q 8 65.76 -6.05 6.17
C ARG Q 8 65.70 -4.92 5.15
N ALA Q 9 65.25 -5.20 3.93
CA ALA Q 9 65.15 -4.21 2.87
C ALA Q 9 63.79 -4.36 2.20
N PRO Q 10 62.74 -3.83 2.81
CA PRO Q 10 61.39 -4.13 2.34
C PRO Q 10 60.98 -3.27 1.16
N LEU Q 11 59.95 -3.76 0.46
CA LEU Q 11 59.27 -3.06 -0.63
C LEU Q 11 60.23 -2.68 -1.76
N GLN Q 12 61.14 -3.59 -2.07
CA GLN Q 12 62.07 -3.40 -3.19
C GLN Q 12 61.75 -4.45 -4.24
N PHE Q 13 61.48 -3.98 -5.46
CA PHE Q 13 61.21 -4.90 -6.56
C PHE Q 13 62.44 -5.71 -6.90
N LEU Q 14 63.59 -5.07 -7.00
CA LEU Q 14 64.85 -5.72 -7.31
C LEU Q 14 65.95 -5.11 -6.47
N PRO Q 15 66.44 -5.81 -5.46
CA PRO Q 15 67.52 -5.28 -4.63
C PRO Q 15 68.82 -5.15 -5.41
N ASP Q 16 69.81 -4.54 -4.76
CA ASP Q 16 71.08 -4.26 -5.41
C ASP Q 16 71.88 -5.53 -5.70
N GLU Q 17 71.57 -6.63 -5.01
CA GLU Q 17 72.23 -7.89 -5.31
C GLU Q 17 71.75 -8.51 -6.62
N ALA Q 18 70.60 -8.07 -7.13
CA ALA Q 18 70.07 -8.60 -8.38
C ALA Q 18 70.88 -8.17 -9.59
N ARG Q 19 71.62 -7.07 -9.49
CA ARG Q 19 72.38 -6.57 -10.63
C ARG Q 19 73.62 -7.40 -10.94
N SER Q 20 74.00 -8.33 -10.05
CA SER Q 20 75.10 -9.24 -10.31
C SER Q 20 74.70 -10.41 -11.20
N LEU Q 21 73.45 -10.57 -11.50
CA LEU Q 21 72.85 -11.63 -12.28
C LEU Q 21 72.72 -11.23 -13.75
N PRO Q 22 72.77 -12.19 -14.67
CA PRO Q 22 72.57 -11.86 -16.07
C PRO Q 22 71.13 -11.48 -16.36
N PRO Q 23 70.91 -10.38 -17.07
CA PRO Q 23 69.54 -9.99 -17.39
C PRO Q 23 68.96 -10.90 -18.45
N PRO Q 24 67.63 -11.05 -18.50
CA PRO Q 24 67.03 -11.85 -19.57
C PRO Q 24 67.25 -11.20 -20.93
N LYS Q 25 67.42 -12.04 -21.93
CA LYS Q 25 67.58 -11.53 -23.28
C LYS Q 25 66.26 -10.97 -23.79
N LEU Q 26 66.34 -10.06 -24.76
CA LEU Q 26 65.14 -9.57 -25.41
C LEU Q 26 64.56 -10.58 -26.39
N THR Q 27 65.31 -11.62 -26.73
CA THR Q 27 64.80 -12.76 -27.48
C THR Q 27 64.43 -13.92 -26.57
N ASP Q 28 64.04 -13.63 -25.34
CA ASP Q 28 63.61 -14.67 -24.41
C ASP Q 28 62.30 -15.28 -24.89
N PRO Q 29 62.18 -16.61 -24.90
CA PRO Q 29 60.90 -17.23 -25.30
C PRO Q 29 59.73 -16.87 -24.41
N ARG Q 30 59.97 -16.68 -23.11
CA ARG Q 30 58.91 -16.22 -22.22
C ARG Q 30 58.47 -14.81 -22.57
N LEU Q 31 59.42 -13.94 -22.91
CA LEU Q 31 59.09 -12.58 -23.33
C LEU Q 31 58.32 -12.57 -24.63
N ALA Q 32 58.70 -13.44 -25.57
CA ALA Q 32 57.96 -13.55 -26.82
C ALA Q 32 56.54 -14.06 -26.58
N TYR Q 33 56.38 -15.01 -25.65
CA TYR Q 33 55.04 -15.50 -25.32
C TYR Q 33 54.20 -14.42 -24.67
N ILE Q 34 54.81 -13.58 -23.83
CA ILE Q 34 54.08 -12.47 -23.22
C ILE Q 34 53.68 -11.43 -24.27
N GLY Q 35 54.55 -11.18 -25.25
CA GLY Q 35 54.16 -10.33 -26.36
C GLY Q 35 53.03 -10.91 -27.17
N PHE Q 36 53.02 -12.23 -27.35
CA PHE Q 36 51.90 -12.87 -28.02
C PHE Q 36 50.61 -12.74 -27.21
N LEU Q 37 50.72 -12.81 -25.88
CA LEU Q 37 49.56 -12.54 -25.01
C LEU Q 37 49.05 -11.13 -25.22
N GLY Q 38 49.95 -10.16 -25.33
CA GLY Q 38 49.53 -8.79 -25.60
C GLY Q 38 48.84 -8.63 -26.95
N TYR Q 39 49.37 -9.31 -27.98
CA TYR Q 39 48.74 -9.28 -29.29
C TYR Q 39 47.35 -9.90 -29.25
N CYS Q 40 47.20 -11.02 -28.54
CA CYS Q 40 45.90 -11.66 -28.41
C CYS Q 40 44.90 -10.76 -27.69
N SER Q 41 45.35 -10.05 -26.66
CA SER Q 41 44.47 -9.11 -25.97
C SER Q 41 44.06 -7.95 -26.87
N GLY Q 42 44.99 -7.48 -27.71
CA GLY Q 42 44.63 -6.45 -28.68
C GLY Q 42 43.59 -6.92 -29.68
N LEU Q 43 43.73 -8.17 -30.15
CA LEU Q 43 42.74 -8.72 -31.07
C LEU Q 43 41.38 -8.90 -30.40
N ILE Q 44 41.36 -9.32 -29.14
CA ILE Q 44 40.09 -9.43 -28.41
C ILE Q 44 39.47 -8.05 -28.22
N ASP Q 45 40.30 -7.04 -27.95
CA ASP Q 45 39.82 -5.67 -27.80
C ASP Q 45 39.19 -5.17 -29.10
N ASN Q 46 39.78 -5.52 -30.24
CA ASN Q 46 39.15 -5.22 -31.52
C ASN Q 46 37.85 -5.98 -31.69
N ALA Q 47 37.80 -7.23 -31.21
CA ALA Q 47 36.66 -8.09 -31.50
C ALA Q 47 35.43 -7.71 -30.69
N ILE Q 48 35.61 -7.37 -29.41
CA ILE Q 48 34.45 -7.09 -28.56
C ILE Q 48 33.79 -5.77 -28.89
N ARG Q 49 34.48 -4.88 -29.57
CA ARG Q 49 33.94 -3.58 -29.96
C ARG Q 49 33.50 -3.54 -31.40
N ARG Q 50 33.39 -4.70 -32.06
CA ARG Q 50 32.89 -4.85 -33.43
C ARG Q 50 33.70 -4.00 -34.42
N ARG Q 51 35.00 -4.13 -34.33
CA ARG Q 51 35.94 -3.56 -35.28
C ARG Q 51 36.52 -4.69 -36.13
N PRO Q 52 37.06 -4.38 -37.31
CA PRO Q 52 37.84 -5.39 -38.04
C PRO Q 52 39.05 -5.82 -37.22
N VAL Q 53 39.16 -7.13 -37.00
CA VAL Q 53 40.05 -7.65 -35.96
C VAL Q 53 41.52 -7.41 -36.32
N LEU Q 54 41.91 -7.74 -37.55
CA LEU Q 54 43.31 -7.67 -37.92
C LEU Q 54 43.70 -6.37 -38.59
N SER Q 55 42.79 -5.41 -38.71
CA SER Q 55 43.08 -4.18 -39.43
C SER Q 55 42.89 -2.92 -38.62
N ALA Q 56 41.89 -2.87 -37.75
CA ALA Q 56 41.55 -1.63 -37.06
C ALA Q 56 42.54 -1.33 -35.95
N GLY Q 57 43.02 -0.09 -35.91
CA GLY Q 57 43.81 0.42 -34.81
C GLY Q 57 45.12 -0.29 -34.59
N LEU Q 58 46.08 -0.14 -35.50
CA LEU Q 58 47.37 -0.80 -35.33
C LEU Q 58 48.16 -0.16 -34.20
N HIS Q 59 47.94 1.12 -33.92
CA HIS Q 59 48.62 1.76 -32.79
C HIS Q 59 48.18 1.15 -31.47
N ARG Q 60 46.90 0.80 -31.36
CA ARG Q 60 46.39 0.17 -30.14
C ARG Q 60 47.04 -1.19 -29.91
N GLN Q 61 47.15 -2.00 -30.96
CA GLN Q 61 47.77 -3.32 -30.83
C GLN Q 61 49.26 -3.22 -30.54
N PHE Q 62 49.92 -2.22 -31.14
CA PHE Q 62 51.33 -2.00 -30.84
C PHE Q 62 51.54 -1.59 -29.39
N LEU Q 63 50.68 -0.72 -28.86
CA LEU Q 63 50.80 -0.35 -27.45
C LEU Q 63 50.50 -1.53 -26.53
N TYR Q 64 49.55 -2.40 -26.92
CA TYR Q 64 49.28 -3.60 -26.15
C TYR Q 64 50.52 -4.49 -26.06
N ILE Q 65 51.16 -4.76 -27.21
CA ILE Q 65 52.34 -5.61 -27.25
C ILE Q 65 53.48 -4.98 -26.45
N THR Q 66 53.68 -3.66 -26.61
CA THR Q 66 54.77 -2.97 -25.91
C THR Q 66 54.56 -3.00 -24.39
N SER Q 67 53.34 -2.75 -23.92
CA SER Q 67 53.08 -2.77 -22.49
C SER Q 67 53.29 -4.15 -21.90
N PHE Q 68 52.81 -5.17 -22.60
CA PHE Q 68 53.00 -6.54 -22.12
C PHE Q 68 54.48 -6.91 -22.07
N VAL Q 69 55.25 -6.50 -23.08
CA VAL Q 69 56.67 -6.81 -23.10
C VAL Q 69 57.41 -6.12 -21.95
N PHE Q 70 57.07 -4.85 -21.69
CA PHE Q 70 57.69 -4.10 -20.61
C PHE Q 70 57.44 -4.75 -19.24
N VAL Q 71 56.17 -4.99 -18.93
CA VAL Q 71 55.82 -5.55 -17.63
C VAL Q 71 56.37 -6.96 -17.49
N GLY Q 72 56.32 -7.75 -18.57
CA GLY Q 72 56.85 -9.10 -18.52
C GLY Q 72 58.35 -9.14 -18.34
N TYR Q 73 59.08 -8.19 -18.93
CA TYR Q 73 60.53 -8.14 -18.74
C TYR Q 73 60.88 -7.90 -17.28
N TYR Q 74 60.19 -6.96 -16.65
CA TYR Q 74 60.53 -6.70 -15.25
C TYR Q 74 60.12 -7.86 -14.35
N LEU Q 75 58.98 -8.50 -14.64
CA LEU Q 75 58.56 -9.66 -13.86
C LEU Q 75 59.55 -10.82 -14.02
N LEU Q 76 60.08 -11.01 -15.23
CA LEU Q 76 61.07 -12.07 -15.45
C LEU Q 76 62.36 -11.79 -14.70
N LYS Q 77 62.78 -10.52 -14.66
CA LYS Q 77 63.96 -10.15 -13.88
C LYS Q 77 63.78 -10.52 -12.41
N ARG Q 78 62.61 -10.18 -11.85
CA ARG Q 78 62.35 -10.51 -10.45
C ARG Q 78 62.30 -12.02 -10.22
N GLN Q 79 61.71 -12.77 -11.15
CA GLN Q 79 61.61 -14.22 -11.00
C GLN Q 79 62.98 -14.88 -10.98
N ASP Q 80 63.85 -14.47 -11.91
CA ASP Q 80 65.20 -15.02 -11.96
C ASP Q 80 65.98 -14.67 -10.70
N TYR Q 81 65.81 -13.44 -10.20
CA TYR Q 81 66.47 -13.04 -8.96
C TYR Q 81 66.03 -13.90 -7.78
N MET Q 82 64.72 -14.18 -7.70
CA MET Q 82 64.25 -14.90 -6.52
C MET Q 82 64.65 -16.37 -6.55
N TYR Q 83 64.70 -16.98 -7.73
CA TYR Q 83 65.23 -18.34 -7.81
C TYR Q 83 66.73 -18.37 -7.49
N ALA Q 84 67.46 -17.32 -7.89
CA ALA Q 84 68.88 -17.23 -7.53
C ALA Q 84 69.07 -17.15 -6.03
N VAL Q 85 68.23 -16.36 -5.35
CA VAL Q 85 68.28 -16.24 -3.90
C VAL Q 85 67.96 -17.58 -3.23
N ARG Q 86 66.97 -18.29 -3.77
CA ARG Q 86 66.61 -19.62 -3.25
C ARG Q 86 67.80 -20.57 -3.29
N ASP Q 87 68.48 -20.64 -4.45
CA ASP Q 87 69.63 -21.52 -4.56
C ASP Q 87 70.78 -21.09 -3.66
N HIS Q 88 71.00 -19.78 -3.54
CA HIS Q 88 72.09 -19.26 -2.71
C HIS Q 88 71.89 -19.63 -1.25
N ASP Q 89 70.67 -19.42 -0.74
CA ASP Q 89 70.36 -19.78 0.64
C ASP Q 89 70.47 -21.28 0.87
N MET Q 90 70.00 -22.08 -0.09
CA MET Q 90 70.07 -23.53 0.02
C MET Q 90 71.51 -24.02 0.13
N PHE Q 91 72.38 -23.50 -0.73
CA PHE Q 91 73.78 -23.96 -0.73
C PHE Q 91 74.52 -23.46 0.51
N SER Q 92 74.24 -22.24 0.95
CA SER Q 92 74.88 -21.73 2.16
C SER Q 92 74.47 -22.54 3.38
N TYR Q 93 73.19 -22.92 3.48
CA TYR Q 93 72.74 -23.73 4.60
C TYR Q 93 73.28 -25.15 4.53
N ILE Q 94 73.42 -25.70 3.33
CA ILE Q 94 74.01 -27.04 3.19
C ILE Q 94 75.47 -27.02 3.63
N LYS Q 95 76.21 -26.00 3.21
CA LYS Q 95 77.62 -25.92 3.56
C LYS Q 95 77.82 -25.63 5.05
N SER Q 96 76.92 -24.86 5.66
CA SER Q 96 77.10 -24.49 7.05
C SER Q 96 76.73 -25.59 8.04
N HIS Q 97 76.05 -26.64 7.60
CA HIS Q 97 75.58 -27.72 8.47
C HIS Q 97 76.03 -29.05 7.88
N PRO Q 98 77.31 -29.40 8.01
CA PRO Q 98 77.78 -30.66 7.42
C PRO Q 98 77.35 -31.89 8.19
N GLU Q 99 76.95 -31.74 9.46
CA GLU Q 99 76.54 -32.89 10.24
C GLU Q 99 75.19 -33.43 9.77
N ASP Q 100 74.30 -32.54 9.33
CA ASP Q 100 72.97 -32.94 8.89
C ASP Q 100 72.92 -33.43 7.46
N PHE Q 101 73.98 -33.21 6.67
CA PHE Q 101 74.02 -33.64 5.29
C PHE Q 101 75.28 -34.48 5.08
N PRO Q 102 75.27 -35.73 5.54
CA PRO Q 102 76.45 -36.58 5.40
C PRO Q 102 76.61 -37.07 3.97
N GLU Q 103 77.82 -37.50 3.66
CA GLU Q 103 78.10 -38.07 2.36
C GLU Q 103 77.60 -39.50 2.32
N LYS Q 104 76.73 -39.80 1.36
CA LYS Q 104 76.17 -41.14 1.24
C LYS Q 104 77.23 -42.13 0.77
N ASP Q 105 77.34 -43.26 1.46
CA ASP Q 105 78.29 -44.29 1.07
C ASP Q 105 77.80 -45.01 -0.18
N LYS Q 106 78.23 -44.54 -1.34
CA LYS Q 106 77.80 -45.15 -2.60
C LYS Q 106 78.46 -46.52 -2.78
N LYS Q 107 77.65 -47.49 -3.21
CA LYS Q 107 78.11 -48.85 -3.41
C LYS Q 107 77.77 -49.29 -4.83
N THR Q 108 78.67 -50.05 -5.44
CA THR Q 108 78.42 -50.57 -6.76
C THR Q 108 77.42 -51.72 -6.68
N TYR Q 109 76.91 -52.12 -7.85
CA TYR Q 109 75.86 -53.13 -7.90
C TYR Q 109 76.36 -54.54 -7.63
N ARG Q 110 77.67 -54.76 -7.57
CA ARG Q 110 78.17 -56.08 -7.23
C ARG Q 110 78.00 -56.38 -5.75
N GLU Q 111 77.82 -55.37 -4.90
CA GLU Q 111 77.64 -55.58 -3.47
C GLU Q 111 76.19 -55.48 -3.03
N VAL Q 112 75.37 -54.69 -3.71
CA VAL Q 112 73.99 -54.52 -3.28
C VAL Q 112 73.17 -55.76 -3.67
N PHE Q 113 72.07 -55.96 -2.95
CA PHE Q 113 71.20 -57.11 -3.16
C PHE Q 113 69.79 -56.63 -3.42
N GLU Q 114 69.21 -57.08 -4.52
CA GLU Q 114 67.84 -56.76 -4.89
C GLU Q 114 67.08 -58.05 -5.08
N GLU Q 115 65.90 -58.14 -4.48
CA GLU Q 115 65.06 -59.32 -4.65
C GLU Q 115 64.53 -59.39 -6.08
N PHE Q 116 64.43 -60.61 -6.60
CA PHE Q 116 63.95 -60.84 -7.95
C PHE Q 116 62.54 -61.39 -7.91
N HIS Q 117 61.64 -60.76 -8.65
CA HIS Q 117 60.25 -61.19 -8.75
C HIS Q 117 59.96 -61.62 -10.17
N PRO Q 118 59.87 -62.92 -10.45
CA PRO Q 118 59.71 -63.36 -11.84
C PRO Q 118 58.33 -63.08 -12.39
N VAL Q 119 58.28 -62.75 -13.68
CA VAL Q 119 57.05 -62.45 -14.37
C VAL Q 119 56.73 -63.66 -15.24
N ARG Q 120 55.83 -64.51 -14.77
CA ARG Q 120 55.51 -65.75 -15.46
C ARG Q 120 54.00 -65.99 -15.51
N SER R 1 -6.00 -93.37 -30.63
CA SER R 1 -6.13 -92.27 -31.57
C SER R 1 -4.77 -91.86 -32.12
N PHE R 2 -4.60 -90.59 -32.36
CA PHE R 2 -3.34 -90.02 -32.80
C PHE R 2 -2.67 -89.27 -31.64
N PRO R 3 -1.34 -89.28 -31.59
CA PRO R 3 -0.64 -88.58 -30.50
C PRO R 3 -0.85 -87.08 -30.58
N LYS R 4 -1.31 -86.49 -29.47
CA LYS R 4 -1.64 -85.08 -29.45
C LYS R 4 -0.38 -84.23 -29.56
N TYR R 5 -0.45 -83.19 -30.40
CA TYR R 5 0.67 -82.29 -30.59
C TYR R 5 0.79 -81.38 -29.37
N GLU R 6 1.83 -81.59 -28.58
CA GLU R 6 2.10 -80.71 -27.45
C GLU R 6 2.97 -79.54 -27.90
N PRO R 7 2.52 -78.30 -27.72
CA PRO R 7 3.36 -77.16 -28.10
C PRO R 7 4.47 -76.92 -27.09
N SER R 8 5.52 -76.28 -27.57
CA SER R 8 6.65 -75.89 -26.75
C SER R 8 6.95 -74.42 -26.99
N ARG R 9 7.98 -73.92 -26.30
CA ARG R 9 8.37 -72.53 -26.48
C ARG R 9 8.96 -72.31 -27.87
N LEU R 10 9.67 -73.31 -28.40
CA LEU R 10 10.34 -73.21 -29.68
C LEU R 10 9.61 -73.96 -30.79
N ALA R 11 8.40 -74.43 -30.54
CA ALA R 11 7.60 -75.11 -31.56
C ALA R 11 6.14 -74.80 -31.24
N SER R 12 5.60 -73.77 -31.90
CA SER R 12 4.26 -73.29 -31.58
C SER R 12 3.20 -74.26 -32.08
N LEU R 13 2.00 -74.11 -31.54
CA LEU R 13 0.87 -74.90 -32.01
C LEU R 13 0.45 -74.43 -33.40
N PRO R 14 0.18 -75.35 -34.32
CA PRO R 14 -0.26 -74.96 -35.66
C PRO R 14 -1.63 -74.31 -35.64
N THR R 15 -1.87 -73.47 -36.64
CA THR R 15 -3.14 -72.76 -36.71
C THR R 15 -4.30 -73.68 -37.06
N THR R 16 -4.03 -74.86 -37.63
CA THR R 16 -5.07 -75.80 -37.97
C THR R 16 -5.39 -76.76 -36.82
N LEU R 17 -4.63 -76.73 -35.74
CA LEU R 17 -4.92 -77.51 -34.54
C LEU R 17 -5.41 -76.67 -33.39
N ASP R 18 -5.55 -75.36 -33.58
CA ASP R 18 -6.01 -74.47 -32.53
C ASP R 18 -7.53 -74.57 -32.41
N PRO R 19 -8.07 -74.90 -31.23
CA PRO R 19 -9.54 -74.96 -31.09
C PRO R 19 -10.21 -73.60 -31.19
N ALA R 20 -9.49 -72.50 -30.97
CA ALA R 20 -10.08 -71.17 -31.06
C ALA R 20 -10.12 -70.64 -32.48
N GLU R 21 -9.59 -71.37 -33.46
CA GLU R 21 -9.66 -70.93 -34.84
C GLU R 21 -11.06 -71.11 -35.40
N TYR R 22 -11.71 -72.21 -35.06
CA TYR R 22 -13.02 -72.58 -35.60
C TYR R 22 -14.18 -71.85 -34.91
N ASP R 23 -13.91 -70.78 -34.20
CA ASP R 23 -14.94 -70.06 -33.47
C ASP R 23 -15.68 -69.19 -34.49
N ILE R 24 -17.01 -69.25 -34.45
CA ILE R 24 -17.88 -68.52 -35.36
C ILE R 24 -18.72 -67.46 -34.67
N SER R 25 -18.53 -67.26 -33.36
CA SER R 25 -19.35 -66.33 -32.60
C SER R 25 -19.12 -64.89 -33.04
N SER R 26 -20.16 -64.07 -32.88
CA SER R 26 -20.17 -62.71 -33.43
C SER R 26 -19.14 -61.80 -32.78
N GLU R 27 -18.74 -62.07 -31.54
CA GLU R 27 -17.70 -61.25 -30.90
C GLU R 27 -16.36 -61.42 -31.62
N THR R 28 -16.02 -62.65 -32.01
CA THR R 28 -14.77 -62.88 -32.72
C THR R 28 -14.82 -62.31 -34.13
N ARG R 29 -15.99 -62.38 -34.78
CA ARG R 29 -16.13 -61.76 -36.09
C ARG R 29 -15.99 -60.25 -36.01
N LYS R 30 -16.56 -59.63 -34.96
CA LYS R 30 -16.40 -58.20 -34.76
C LYS R 30 -14.94 -57.83 -34.50
N ALA R 31 -14.24 -58.65 -33.71
CA ALA R 31 -12.84 -58.40 -33.44
C ALA R 31 -12.00 -58.51 -34.71
N GLN R 32 -12.28 -59.51 -35.53
CA GLN R 32 -11.52 -59.67 -36.78
C GLN R 32 -11.81 -58.54 -37.75
N ALA R 33 -13.06 -58.07 -37.80
CA ALA R 33 -13.39 -56.92 -38.63
C ALA R 33 -12.68 -55.66 -38.16
N GLU R 34 -12.60 -55.46 -36.84
CA GLU R 34 -11.90 -54.29 -36.31
C GLU R 34 -10.41 -54.35 -36.61
N ARG R 35 -9.80 -55.53 -36.48
CA ARG R 35 -8.38 -55.68 -36.80
C ARG R 35 -8.11 -55.43 -38.28
N LEU R 36 -9.00 -55.93 -39.15
CA LEU R 36 -8.87 -55.68 -40.58
C LEU R 36 -9.03 -54.20 -40.90
N ALA R 37 -9.93 -53.52 -40.19
CA ALA R 37 -10.10 -52.09 -40.41
C ALA R 37 -8.85 -51.30 -40.02
N ILE R 38 -8.24 -51.65 -38.88
CA ILE R 38 -7.00 -50.97 -38.47
C ILE R 38 -5.89 -51.21 -39.48
N ARG R 39 -5.75 -52.47 -39.92
CA ARG R 39 -4.70 -52.80 -40.88
C ARG R 39 -4.92 -52.08 -42.22
N SER R 40 -6.17 -52.02 -42.68
CA SER R 40 -6.46 -51.36 -43.95
C SER R 40 -6.25 -49.86 -43.87
N ARG R 41 -6.59 -49.23 -42.74
CA ARG R 41 -6.33 -47.81 -42.58
C ARG R 41 -4.84 -47.49 -42.58
N LEU R 42 -4.05 -48.31 -41.89
CA LEU R 42 -2.61 -48.09 -41.88
C LEU R 42 -2.00 -48.32 -43.25
N LYS R 43 -2.48 -49.34 -43.97
CA LYS R 43 -2.00 -49.60 -45.32
C LYS R 43 -2.36 -48.46 -46.27
N ARG R 44 -3.55 -47.88 -46.10
CA ARG R 44 -3.93 -46.74 -46.92
C ARG R 44 -3.02 -45.54 -46.67
N GLU R 45 -2.68 -45.30 -45.40
CA GLU R 45 -1.74 -44.22 -45.08
C GLU R 45 -0.38 -44.45 -45.74
N TYR R 46 0.14 -45.68 -45.61
CA TYR R 46 1.44 -46.00 -46.18
C TYR R 46 1.44 -45.87 -47.69
N GLN R 47 0.40 -46.35 -48.36
CA GLN R 47 0.37 -46.32 -49.82
C GLN R 47 0.11 -44.91 -50.33
N LEU R 48 -0.58 -44.07 -49.56
CA LEU R 48 -0.68 -42.67 -49.94
C LEU R 48 0.67 -41.98 -49.87
N GLN R 49 1.45 -42.26 -48.82
CA GLN R 49 2.78 -41.67 -48.75
C GLN R 49 3.77 -42.32 -49.70
N TYR R 50 3.46 -43.51 -50.21
CA TYR R 50 4.40 -44.32 -50.97
C TYR R 50 4.35 -44.03 -52.46
N ASN R 51 3.17 -43.76 -53.00
CA ASN R 51 2.97 -43.61 -54.43
C ASN R 51 2.99 -42.15 -54.88
N ASP R 52 3.38 -41.24 -53.99
CA ASP R 52 3.47 -39.82 -54.33
C ASP R 52 4.59 -39.59 -55.33
N PRO R 53 4.31 -39.04 -56.52
CA PRO R 53 5.40 -38.79 -57.47
C PRO R 53 6.35 -37.68 -57.04
N SER R 54 5.89 -36.76 -56.20
CA SER R 54 6.70 -35.63 -55.76
C SER R 54 7.51 -35.92 -54.51
N ARG R 55 7.49 -37.14 -54.00
CA ARG R 55 8.23 -37.49 -52.81
C ARG R 55 9.55 -38.16 -53.19
N ARG R 56 10.64 -37.70 -52.57
CA ARG R 56 11.95 -38.32 -52.74
C ARG R 56 12.63 -38.31 -51.37
N GLY R 57 12.49 -39.40 -50.63
CA GLY R 57 13.03 -39.49 -49.29
C GLY R 57 12.70 -40.79 -48.61
N VAL R 58 12.36 -40.73 -47.33
CA VAL R 58 12.06 -41.91 -46.53
C VAL R 58 10.66 -41.73 -45.94
N VAL R 59 9.77 -42.70 -46.21
CA VAL R 59 8.47 -42.71 -45.56
C VAL R 59 8.69 -43.14 -44.11
N GLU R 60 8.64 -42.18 -43.19
CA GLU R 60 9.01 -42.46 -41.81
C GLU R 60 7.97 -43.34 -41.14
N ASP R 61 8.45 -44.34 -40.40
CA ASP R 61 7.58 -45.29 -39.72
C ASP R 61 7.62 -44.99 -38.24
N PRO R 62 6.54 -44.46 -37.66
CA PRO R 62 6.53 -44.19 -36.21
C PRO R 62 6.63 -45.46 -35.37
N ALA R 63 6.23 -46.61 -35.90
CA ALA R 63 6.36 -47.85 -35.15
C ALA R 63 7.82 -48.22 -34.94
N LEU R 64 8.67 -47.99 -35.94
CA LEU R 64 10.08 -48.32 -35.81
C LEU R 64 10.78 -47.38 -34.83
N ILE R 65 10.45 -46.09 -34.88
CA ILE R 65 11.00 -45.13 -33.91
C ILE R 65 10.53 -45.47 -32.51
N ARG R 66 9.25 -45.86 -32.38
CA ARG R 66 8.71 -46.30 -31.10
C ARG R 66 9.46 -47.51 -30.57
N TRP R 67 9.74 -48.47 -31.45
CA TRP R 67 10.46 -49.68 -31.06
C TRP R 67 11.88 -49.37 -30.61
N THR R 68 12.59 -48.49 -31.33
CA THR R 68 13.95 -48.18 -30.94
C THR R 68 14.01 -47.37 -29.65
N CYS R 69 13.07 -46.44 -29.48
CA CYS R 69 13.04 -45.67 -28.24
C CYS R 69 12.68 -46.56 -27.05
N ALA R 70 11.80 -47.55 -27.26
CA ALA R 70 11.49 -48.47 -26.18
C ALA R 70 12.67 -49.39 -25.87
N ARG R 71 13.41 -49.80 -26.89
CA ARG R 71 14.54 -50.69 -26.67
C ARG R 71 15.70 -49.98 -26.00
N SER R 72 15.83 -48.67 -26.21
CA SER R 72 17.01 -47.95 -25.75
C SER R 72 16.71 -46.99 -24.60
N ALA R 73 15.79 -46.04 -24.79
CA ALA R 73 15.70 -44.87 -23.92
C ALA R 73 14.54 -44.91 -22.95
N ASN R 74 14.01 -46.10 -22.64
CA ASN R 74 12.93 -46.23 -21.67
C ASN R 74 13.27 -47.16 -20.51
N VAL R 75 14.36 -47.92 -20.61
CA VAL R 75 14.66 -48.98 -19.67
C VAL R 75 14.92 -48.42 -18.27
N TYR R 76 15.71 -47.35 -18.17
CA TYR R 76 15.98 -46.83 -16.85
C TYR R 76 14.84 -46.01 -16.23
N PRO R 77 14.09 -45.19 -16.98
CA PRO R 77 12.88 -44.60 -16.37
C PRO R 77 11.86 -45.63 -15.91
N ASN R 78 11.74 -46.77 -16.60
CA ASN R 78 10.78 -47.78 -16.17
C ASN R 78 11.42 -48.89 -15.34
N PHE R 79 12.58 -48.62 -14.73
CA PHE R 79 13.24 -49.57 -13.85
C PHE R 79 13.00 -49.20 -12.40
N ARG R 80 12.57 -50.18 -11.61
CA ARG R 80 12.42 -50.05 -10.18
C ARG R 80 13.24 -51.13 -9.48
N PRO R 81 14.14 -50.78 -8.57
CA PRO R 81 14.92 -51.80 -7.85
C PRO R 81 14.04 -52.55 -6.88
N ASN R 82 13.89 -53.85 -7.10
CA ASN R 82 13.12 -54.72 -6.22
C ASN R 82 13.92 -56.00 -6.01
N THR R 83 13.25 -57.02 -5.47
CA THR R 83 13.93 -58.29 -5.20
C THR R 83 14.37 -58.98 -6.47
N LYS R 84 13.52 -58.97 -7.50
CA LYS R 84 13.83 -59.69 -8.73
C LYS R 84 14.99 -59.05 -9.48
N THR R 85 14.95 -57.73 -9.64
CA THR R 85 16.00 -57.03 -10.38
C THR R 85 17.33 -57.11 -9.65
N SER R 86 17.34 -56.93 -8.33
CA SER R 86 18.58 -57.02 -7.57
C SER R 86 19.13 -58.44 -7.57
N LEU R 87 18.25 -59.43 -7.45
CA LEU R 87 18.69 -60.82 -7.48
C LEU R 87 19.29 -61.20 -8.83
N LEU R 88 18.65 -60.81 -9.92
CA LEU R 88 19.18 -61.10 -11.24
C LEU R 88 20.48 -60.34 -11.50
N GLY R 89 20.57 -59.09 -11.02
CA GLY R 89 21.80 -58.34 -11.18
C GLY R 89 22.96 -58.94 -10.41
N ALA R 90 22.71 -59.40 -9.19
CA ALA R 90 23.77 -60.05 -8.43
C ALA R 90 24.13 -61.40 -9.01
N LEU R 91 23.17 -62.10 -9.62
CA LEU R 91 23.47 -63.40 -10.22
C LEU R 91 24.30 -63.25 -11.49
N PHE R 92 23.92 -62.31 -12.36
CA PHE R 92 24.56 -62.18 -13.66
C PHE R 92 25.71 -61.18 -13.68
N GLY R 93 25.88 -60.40 -12.63
CA GLY R 93 26.93 -59.38 -12.63
C GLY R 93 28.18 -59.78 -11.87
N ILE R 94 28.02 -60.30 -10.66
CA ILE R 94 29.16 -60.70 -9.83
C ILE R 94 29.33 -62.20 -9.74
N GLY R 95 28.39 -62.99 -10.25
CA GLY R 95 28.52 -64.42 -10.27
C GLY R 95 29.65 -64.92 -11.14
N PRO R 96 29.56 -64.68 -12.46
CA PRO R 96 30.64 -65.11 -13.36
C PRO R 96 31.99 -64.50 -13.04
N LEU R 97 32.04 -63.26 -12.55
CA LEU R 97 33.32 -62.65 -12.20
C LEU R 97 34.00 -63.40 -11.06
N ILE R 98 33.24 -63.74 -10.02
CA ILE R 98 33.78 -64.49 -8.89
C ILE R 98 34.18 -65.90 -9.33
N PHE R 99 33.35 -66.54 -10.16
CA PHE R 99 33.63 -67.90 -10.61
C PHE R 99 34.94 -67.96 -11.41
N TRP R 100 35.08 -67.06 -12.39
CA TRP R 100 36.29 -67.03 -13.20
C TRP R 100 37.50 -66.60 -12.40
N TYR R 101 37.32 -65.71 -11.41
CA TYR R 101 38.43 -65.32 -10.55
C TYR R 101 38.96 -66.50 -9.77
N TYR R 102 38.06 -67.30 -9.19
CA TYR R 102 38.52 -68.44 -8.41
C TYR R 102 39.14 -69.51 -9.29
N VAL R 103 38.60 -69.71 -10.49
CA VAL R 103 39.17 -70.68 -11.43
C VAL R 103 40.60 -70.28 -11.81
N PHE R 104 40.78 -69.03 -12.23
CA PHE R 104 42.09 -68.58 -12.70
C PHE R 104 43.09 -68.50 -11.55
N LYS R 105 42.64 -68.08 -10.37
CA LYS R 105 43.52 -68.02 -9.21
C LYS R 105 44.01 -69.40 -8.81
N THR R 106 43.10 -70.39 -8.81
CA THR R 106 43.51 -71.76 -8.48
C THR R 106 44.49 -72.32 -9.51
N ASP R 107 44.22 -72.10 -10.79
CA ASP R 107 45.11 -72.60 -11.84
C ASP R 107 46.49 -71.96 -11.76
N ARG R 108 46.54 -70.64 -11.56
CA ARG R 108 47.83 -69.97 -11.50
C ARG R 108 48.59 -70.30 -10.23
N ASP R 109 47.88 -70.52 -9.11
CA ASP R 109 48.54 -70.97 -7.89
C ASP R 109 49.16 -72.35 -8.08
N ARG R 110 48.43 -73.27 -8.71
CA ARG R 110 48.96 -74.60 -8.97
C ARG R 110 50.16 -74.55 -9.89
N LYS R 111 50.10 -73.75 -10.96
CA LYS R 111 51.21 -73.64 -11.89
C LYS R 111 52.44 -73.01 -11.23
N GLU R 112 52.24 -71.94 -10.46
CA GLU R 112 53.37 -71.28 -9.81
C GLU R 112 53.96 -72.13 -8.70
N LYS R 113 53.16 -73.00 -8.08
CA LYS R 113 53.73 -73.89 -7.07
C LYS R 113 54.51 -75.03 -7.73
N LEU R 114 54.02 -75.53 -8.86
CA LEU R 114 54.73 -76.58 -9.58
C LEU R 114 56.03 -76.08 -10.20
N ILE R 115 56.06 -74.81 -10.63
CA ILE R 115 57.25 -74.26 -11.27
C ILE R 115 58.40 -74.15 -10.27
N GLN R 116 58.12 -73.66 -9.07
CA GLN R 116 59.17 -73.40 -8.09
C GLN R 116 59.78 -74.66 -7.51
N GLU R 117 59.12 -75.81 -7.63
CA GLU R 117 59.73 -77.07 -7.24
C GLU R 117 60.49 -77.74 -8.38
N GLY R 118 60.41 -77.19 -9.59
CA GLY R 118 61.00 -77.83 -10.75
C GLY R 118 60.31 -79.11 -11.15
N LYS R 119 58.99 -79.18 -10.99
CA LYS R 119 58.21 -80.34 -11.42
C LYS R 119 57.54 -80.11 -12.77
N LEU R 120 57.49 -78.88 -13.25
CA LEU R 120 56.83 -78.56 -14.51
C LEU R 120 57.86 -78.51 -15.64
N ASP R 121 57.60 -79.24 -16.71
CA ASP R 121 58.53 -79.32 -17.83
C ASP R 121 58.51 -78.01 -18.59
N ARG R 122 59.61 -77.28 -18.52
CA ARG R 122 59.76 -75.99 -19.17
C ARG R 122 61.04 -75.96 -19.97
N THR R 123 61.30 -77.06 -20.71
CA THR R 123 62.61 -77.27 -21.31
C THR R 123 62.87 -76.29 -22.45
N PHE R 124 61.92 -76.16 -23.37
CA PHE R 124 62.08 -75.34 -24.55
C PHE R 124 61.28 -74.05 -24.49
N ASN R 125 60.77 -73.69 -23.31
CA ASN R 125 59.95 -72.49 -23.16
C ASN R 125 60.87 -71.30 -22.97
N ILE R 126 61.04 -70.51 -24.04
CA ILE R 126 61.77 -69.25 -23.95
C ILE R 126 60.96 -68.14 -24.59
N SER R 127 59.73 -68.44 -24.97
CA SER R 127 58.79 -67.45 -25.50
C SER R 127 57.66 -67.27 -24.51
N TYR R 128 57.39 -66.03 -24.14
CA TYR R 128 56.35 -65.74 -23.15
C TYR R 128 55.78 -64.35 -23.36
N VAL S 6 -26.95 79.69 26.27
CA VAL S 6 -26.89 78.24 26.40
C VAL S 6 -25.51 77.81 26.88
N LYS S 7 -25.46 76.69 27.60
CA LYS S 7 -24.21 76.13 28.09
C LYS S 7 -24.04 74.72 27.54
N GLN S 8 -22.89 74.46 26.96
CA GLN S 8 -22.66 73.21 26.25
C GLN S 8 -21.18 72.87 26.36
N ASP S 9 -20.87 71.59 26.12
CA ASP S 9 -19.48 71.16 26.09
C ASP S 9 -18.90 71.52 24.73
N MET S 10 -17.98 72.47 24.71
CA MET S 10 -17.49 73.11 23.49
C MET S 10 -15.97 73.22 23.55
N PRO S 11 -15.31 73.30 22.40
CA PRO S 11 -13.88 73.63 22.39
C PRO S 11 -13.67 75.10 22.70
N PRO S 12 -12.48 75.50 23.15
CA PRO S 12 -12.21 76.91 23.39
C PRO S 12 -12.11 77.70 22.08
N VAL S 13 -12.01 79.01 22.24
CA VAL S 13 -11.98 79.92 21.08
C VAL S 13 -10.70 79.72 20.28
N GLY S 14 -9.57 79.63 20.96
CA GLY S 14 -8.30 79.37 20.31
C GLY S 14 -8.01 77.91 20.02
N GLY S 15 -8.95 77.03 20.33
CA GLY S 15 -8.72 75.62 20.15
C GLY S 15 -7.79 75.07 21.23
N TYR S 16 -7.44 73.80 21.05
CA TYR S 16 -6.56 73.13 21.99
C TYR S 16 -5.11 73.25 21.52
N GLY S 17 -4.20 72.72 22.33
CA GLY S 17 -2.80 72.79 22.01
C GLY S 17 -2.38 71.74 21.00
N PRO S 18 -1.08 71.69 20.74
CA PRO S 18 -0.56 70.68 19.81
C PRO S 18 -0.67 69.27 20.35
N ILE S 19 -0.88 68.33 19.42
CA ILE S 19 -0.96 66.90 19.69
C ILE S 19 -0.12 66.19 18.64
N ASP S 20 0.89 65.43 19.08
CA ASP S 20 1.76 64.77 18.13
C ASP S 20 1.10 63.54 17.53
N TYR S 21 1.44 63.24 16.27
CA TYR S 21 0.99 62.00 15.65
C TYR S 21 2.06 61.35 14.77
N LYS S 22 3.32 61.77 14.87
CA LYS S 22 4.37 61.22 14.04
C LYS S 22 5.22 60.22 14.83
N ARG S 23 5.95 59.39 14.09
CA ARG S 23 6.88 58.46 14.72
C ARG S 23 8.05 59.21 15.33
N ASN S 24 8.49 58.76 16.50
CA ASN S 24 9.58 59.40 17.24
C ASN S 24 10.53 58.33 17.77
N LEU S 25 11.64 58.14 17.07
CA LEU S 25 12.69 57.20 17.46
C LEU S 25 13.99 57.98 17.65
N PRO S 26 14.64 57.88 18.81
CA PRO S 26 15.71 58.84 19.13
C PRO S 26 16.99 58.70 18.31
N ARG S 27 17.30 57.50 17.81
CA ARG S 27 18.52 57.20 17.05
C ARG S 27 19.76 57.55 17.89
N ARG S 28 19.92 56.82 18.98
CA ARG S 28 20.98 57.04 19.95
C ARG S 28 22.06 55.98 19.81
N GLY S 29 23.20 56.23 20.47
CA GLY S 29 24.30 55.29 20.46
C GLY S 29 25.38 55.68 19.46
N LEU S 30 26.47 54.91 19.51
CA LEU S 30 27.63 55.18 18.68
C LEU S 30 27.42 54.61 17.27
N SER S 31 28.41 54.83 16.40
CA SER S 31 28.38 54.32 15.04
C SER S 31 28.83 52.86 15.02
N GLY S 32 28.85 52.28 13.82
CA GLY S 32 29.41 50.94 13.66
C GLY S 32 30.90 50.89 13.91
N TYR S 33 31.63 51.87 13.36
CA TYR S 33 33.08 51.93 13.55
C TYR S 33 33.43 52.11 15.02
N SER S 34 32.70 52.97 15.71
CA SER S 34 32.99 53.24 17.12
C SER S 34 32.77 52.01 17.99
N MET S 35 31.66 51.29 17.77
CA MET S 35 31.39 50.10 18.58
C MET S 35 32.36 48.97 18.25
N PHE S 36 32.73 48.84 16.98
CA PHE S 36 33.74 47.84 16.63
C PHE S 36 35.08 48.17 17.26
N ALA S 37 35.46 49.46 17.27
CA ALA S 37 36.70 49.87 17.91
C ALA S 37 36.66 49.62 19.41
N VAL S 38 35.50 49.85 20.05
CA VAL S 38 35.36 49.61 21.48
C VAL S 38 35.54 48.12 21.79
N GLY S 39 34.90 47.26 20.99
CA GLY S 39 35.03 45.83 21.18
C GLY S 39 36.45 45.34 20.99
N ILE S 40 37.13 45.85 19.95
CA ILE S 40 38.51 45.43 19.68
C ILE S 40 39.44 45.92 20.78
N GLY S 41 39.22 47.13 21.28
CA GLY S 41 40.03 47.62 22.39
C GLY S 41 39.84 46.81 23.66
N ALA S 42 38.60 46.41 23.95
CA ALA S 42 38.36 45.54 25.09
C ALA S 42 39.05 44.20 24.94
N LEU S 43 39.01 43.63 23.72
CA LEU S 43 39.70 42.37 23.46
C LEU S 43 41.20 42.51 23.65
N LEU S 44 41.79 43.61 23.17
CA LEU S 44 43.23 43.80 23.30
C LEU S 44 43.64 43.98 24.75
N PHE S 45 42.86 44.72 25.53
CA PHE S 45 43.15 44.88 26.95
C PHE S 45 43.08 43.54 27.68
N GLY S 46 42.05 42.73 27.36
CA GLY S 46 41.94 41.42 27.98
C GLY S 46 43.09 40.50 27.64
N TYR S 47 43.50 40.49 26.36
CA TYR S 47 44.62 39.64 25.93
C TYR S 47 45.92 40.07 26.59
N TRP S 48 46.13 41.39 26.72
CA TRP S 48 47.33 41.89 27.36
C TRP S 48 47.40 41.49 28.84
N SER S 49 46.29 41.68 29.56
CA SER S 49 46.27 41.31 30.98
C SER S 49 46.44 39.82 31.17
N MET S 50 45.80 39.01 30.31
CA MET S 50 45.93 37.56 30.39
C MET S 50 47.37 37.13 30.10
N MET S 51 48.03 37.80 29.16
CA MET S 51 49.41 37.46 28.83
C MET S 51 50.34 37.71 30.00
N ARG S 52 50.22 38.88 30.62
CA ARG S 52 51.09 39.21 31.75
C ARG S 52 50.84 38.27 32.94
N TRP S 53 49.57 38.07 33.27
CA TRP S 53 49.25 37.23 34.43
C TRP S 53 49.59 35.77 34.19
N ASN S 54 49.47 35.29 32.96
CA ASN S 54 49.83 33.89 32.70
C ASN S 54 51.34 33.69 32.69
N ARG S 55 52.12 34.68 32.24
CA ARG S 55 53.57 34.57 32.36
C ARG S 55 54.00 34.53 33.82
N GLU S 56 53.39 35.37 34.66
CA GLU S 56 53.70 35.34 36.09
C GLU S 56 53.29 34.00 36.70
N ARG S 57 52.15 33.45 36.29
CA ARG S 57 51.72 32.16 36.81
C ARG S 57 52.68 31.04 36.40
N ARG S 58 53.21 31.10 35.18
CA ARG S 58 54.20 30.12 34.75
C ARG S 58 55.46 30.19 35.60
N ARG S 59 55.92 31.41 35.91
CA ARG S 59 57.09 31.56 36.76
C ARG S 59 56.84 31.01 38.16
N LEU S 60 55.64 31.25 38.70
CA LEU S 60 55.30 30.71 40.02
C LEU S 60 55.26 29.19 40.01
N GLN S 61 54.72 28.60 38.94
CA GLN S 61 54.67 27.15 38.81
C GLN S 61 56.07 26.55 38.74
N ILE S 62 56.98 27.21 38.01
CA ILE S 62 58.36 26.73 37.92
C ILE S 62 59.03 26.78 39.29
N GLU S 63 58.77 27.84 40.06
CA GLU S 63 59.31 27.93 41.41
C GLU S 63 58.80 26.80 42.31
N ASP S 64 57.49 26.51 42.22
CA ASP S 64 56.90 25.45 43.03
C ASP S 64 57.48 24.08 42.65
N PHE S 65 57.63 23.83 41.35
CA PHE S 65 58.18 22.56 40.88
C PHE S 65 59.61 22.38 41.33
N GLU S 66 60.40 23.45 41.30
CA GLU S 66 61.80 23.31 41.71
C GLU S 66 61.92 23.16 43.23
N ALA S 67 60.97 23.71 43.99
CA ALA S 67 60.93 23.41 45.42
C ALA S 67 60.65 21.93 45.68
N ARG S 68 59.71 21.35 44.91
CA ARG S 68 59.43 19.93 45.03
C ARG S 68 60.63 19.08 44.65
N ILE S 69 61.35 19.49 43.61
CA ILE S 69 62.55 18.78 43.16
C ILE S 69 63.63 18.82 44.24
N ALA S 70 63.79 19.97 44.90
CA ALA S 70 64.74 20.05 46.00
C ALA S 70 64.33 19.16 47.16
N LEU S 71 63.02 19.05 47.42
CA LEU S 71 62.57 18.27 48.56
C LEU S 71 62.74 16.77 48.36
N MET S 72 62.30 16.25 47.21
CA MET S 72 61.99 14.83 47.07
C MET S 72 63.09 13.74 47.22
N PRO S 73 64.40 14.03 47.15
CA PRO S 73 65.37 12.99 47.57
C PRO S 73 65.17 12.43 48.97
N LEU S 74 64.84 13.29 49.94
CA LEU S 74 64.58 12.83 51.30
C LEU S 74 63.34 11.93 51.35
N LEU S 75 62.30 12.31 50.63
CA LEU S 75 61.09 11.48 50.57
C LEU S 75 61.37 10.14 49.91
N GLN S 76 62.23 10.13 48.89
CA GLN S 76 62.61 8.88 48.25
C GLN S 76 63.33 7.94 49.22
N ALA S 77 64.26 8.49 50.00
CA ALA S 77 64.97 7.69 50.99
C ALA S 77 64.02 7.15 52.04
N GLU S 78 63.09 7.99 52.52
CA GLU S 78 62.13 7.55 53.53
C GLU S 78 61.21 6.47 52.99
N LYS S 79 60.76 6.61 51.74
CA LYS S 79 59.87 5.62 51.14
C LYS S 79 60.59 4.28 50.97
N ASP S 80 61.86 4.30 50.56
CA ASP S 80 62.61 3.07 50.41
C ASP S 80 62.79 2.36 51.75
N ARG S 81 63.13 3.12 52.80
CA ARG S 81 63.29 2.50 54.11
C ARG S 81 61.97 1.94 54.64
N ARG S 82 60.86 2.66 54.38
CA ARG S 82 59.56 2.20 54.84
C ARG S 82 59.13 0.91 54.14
N VAL S 83 59.30 0.83 52.82
CA VAL S 83 58.87 -0.38 52.13
C VAL S 83 59.78 -1.55 52.48
N LEU S 84 61.07 -1.30 52.73
CA LEU S 84 61.94 -2.39 53.17
C LEU S 84 61.54 -2.90 54.55
N GLN S 85 61.15 -1.99 55.45
CA GLN S 85 60.67 -2.43 56.76
C GLN S 85 59.39 -3.24 56.64
N MET S 86 58.47 -2.82 55.77
CA MET S 86 57.23 -3.57 55.58
C MET S 86 57.50 -4.97 55.05
N LEU S 87 58.40 -5.09 54.07
CA LEU S 87 58.74 -6.40 53.52
C LEU S 87 59.40 -7.29 54.57
N ARG S 88 60.29 -6.71 55.39
CA ARG S 88 60.96 -7.50 56.43
C ARG S 88 59.97 -8.02 57.47
N GLU S 89 59.03 -7.16 57.88
CA GLU S 89 58.03 -7.59 58.87
C GLU S 89 57.13 -8.67 58.32
N ASN S 90 56.70 -8.52 57.05
CA ASN S 90 55.86 -9.54 56.44
C ASN S 90 56.62 -10.86 56.27
N LEU S 91 57.91 -10.80 55.94
CA LEU S 91 58.72 -12.01 55.82
C LEU S 91 58.87 -12.71 57.17
N GLU S 92 59.08 -11.95 58.25
CA GLU S 92 59.20 -12.56 59.57
C GLU S 92 57.89 -13.21 60.01
N GLU S 93 56.76 -12.55 59.75
CA GLU S 93 55.49 -13.17 60.12
C GLU S 93 55.16 -14.37 59.24
N GLU S 94 55.60 -14.36 57.98
CA GLU S 94 55.44 -15.54 57.13
C GLU S 94 56.28 -16.70 57.66
N ALA S 95 57.48 -16.40 58.17
CA ALA S 95 58.30 -17.43 58.79
C ALA S 95 57.62 -17.99 60.04
N THR S 96 56.92 -17.14 60.78
CA THR S 96 56.20 -17.61 61.96
C THR S 96 54.98 -18.46 61.58
N ILE S 97 54.27 -18.09 60.51
CA ILE S 97 53.03 -18.76 60.13
C ILE S 97 53.32 -20.01 59.31
N MET S 98 54.04 -19.85 58.20
CA MET S 98 54.19 -20.89 57.20
C MET S 98 55.24 -21.90 57.67
N LYS S 99 54.85 -22.71 58.65
CA LYS S 99 55.74 -23.69 59.25
C LYS S 99 55.23 -25.12 59.14
N ASP S 100 53.93 -25.34 59.24
CA ASP S 100 53.39 -26.69 59.22
C ASP S 100 53.42 -27.31 57.84
N VAL S 101 53.37 -26.49 56.79
CA VAL S 101 53.25 -27.01 55.43
C VAL S 101 54.58 -27.60 54.97
N PRO S 102 54.60 -28.82 54.46
CA PRO S 102 55.83 -29.35 53.87
C PRO S 102 56.13 -28.73 52.53
N GLY S 103 57.42 -28.58 52.25
CA GLY S 103 57.88 -28.01 51.00
C GLY S 103 57.55 -26.55 50.80
N TRP S 104 57.72 -25.74 51.84
CA TRP S 104 57.49 -24.30 51.75
C TRP S 104 58.78 -23.58 52.14
N LYS S 105 59.25 -22.69 51.27
CA LYS S 105 60.45 -21.92 51.51
C LYS S 105 60.07 -20.49 51.86
N VAL S 106 60.56 -19.99 52.99
CA VAL S 106 60.21 -18.66 53.46
C VAL S 106 60.98 -17.64 52.65
N GLY S 107 60.25 -16.69 52.05
CA GLY S 107 60.89 -15.65 51.29
C GLY S 107 61.37 -16.07 49.92
N GLU S 108 60.68 -17.02 49.28
CA GLU S 108 61.04 -17.44 47.94
C GLU S 108 60.48 -16.45 46.92
N SER S 109 61.34 -15.89 46.08
CA SER S 109 60.89 -15.00 45.02
C SER S 109 60.15 -15.79 43.96
N VAL S 110 59.17 -15.15 43.33
CA VAL S 110 58.40 -15.82 42.29
C VAL S 110 59.06 -15.69 40.92
N PHE S 111 59.99 -14.76 40.75
CA PHE S 111 60.65 -14.52 39.47
C PHE S 111 61.92 -15.34 39.37
N HIS S 112 62.35 -15.58 38.12
CA HIS S 112 63.57 -16.34 37.86
C HIS S 112 64.83 -15.49 37.96
N THR S 113 64.69 -14.20 38.22
CA THR S 113 65.82 -13.29 38.27
C THR S 113 66.01 -12.74 39.68
N THR S 114 67.21 -12.24 39.94
CA THR S 114 67.55 -11.62 41.22
C THR S 114 67.48 -10.11 41.17
N ARG S 115 67.01 -9.54 40.07
CA ARG S 115 66.81 -8.10 39.99
C ARG S 115 65.70 -7.67 40.93
N TRP S 116 65.85 -6.48 41.52
CA TRP S 116 64.83 -5.97 42.43
C TRP S 116 63.58 -5.61 41.65
N VAL S 117 62.43 -6.07 42.13
CA VAL S 117 61.13 -5.78 41.55
C VAL S 117 60.33 -4.97 42.56
N THR S 118 59.62 -3.96 42.07
CA THR S 118 58.82 -3.11 42.93
C THR S 118 57.70 -3.94 43.56
N PRO S 119 57.55 -3.93 44.88
CA PRO S 119 56.56 -4.80 45.52
C PRO S 119 55.13 -4.41 45.17
N MET S 120 54.27 -5.42 45.12
CA MET S 120 52.85 -5.20 44.96
C MET S 120 52.28 -4.52 46.19
N MET S 121 51.08 -3.94 46.02
CA MET S 121 50.39 -3.38 47.17
C MET S 121 49.89 -4.49 48.09
N GLY S 122 49.48 -5.62 47.51
CA GLY S 122 49.10 -6.77 48.31
C GLY S 122 50.26 -7.45 49.00
N GLU S 123 51.49 -7.21 48.54
CA GLU S 123 52.65 -7.75 49.23
C GLU S 123 52.97 -6.99 50.50
N LEU S 124 52.66 -5.69 50.54
CA LEU S 124 52.96 -4.86 51.71
C LEU S 124 51.81 -4.89 52.72
N TYR S 125 50.62 -4.51 52.27
CA TYR S 125 49.47 -4.35 53.15
C TYR S 125 48.59 -5.59 53.21
N GLY S 126 49.06 -6.72 52.69
CA GLY S 126 48.23 -7.92 52.67
C GLY S 126 48.04 -8.57 54.02
N LEU S 127 48.92 -8.29 54.97
CA LEU S 127 48.87 -8.90 56.30
C LEU S 127 48.36 -7.92 57.36
N ARG S 128 47.75 -6.83 56.96
CA ARG S 128 47.30 -5.78 57.86
C ARG S 128 45.78 -5.67 57.83
N THR S 129 45.26 -4.75 58.64
CA THR S 129 43.83 -4.57 58.78
C THR S 129 43.24 -3.89 57.56
N GLY S 130 41.91 -3.98 57.43
CA GLY S 130 41.22 -3.45 56.27
C GLY S 130 41.17 -1.93 56.21
N GLU S 131 41.29 -1.26 57.35
CA GLU S 131 41.26 0.20 57.36
C GLU S 131 42.50 0.79 56.71
N GLU S 132 43.67 0.22 56.99
CA GLU S 132 44.89 0.68 56.35
C GLU S 132 44.90 0.35 54.87
N ILE S 133 44.31 -0.79 54.49
CA ILE S 133 44.19 -1.14 53.08
C ILE S 133 43.31 -0.12 52.35
N LEU S 134 42.17 0.23 52.95
CA LEU S 134 41.28 1.23 52.35
C LEU S 134 41.96 2.60 52.28
N SER S 135 42.70 2.97 53.33
CA SER S 135 43.35 4.27 53.35
C SER S 135 44.54 4.35 52.41
N SER S 136 45.15 3.22 52.07
CA SER S 136 46.30 3.24 51.18
C SER S 136 45.90 3.12 49.71
N THR S 137 45.05 2.13 49.38
CA THR S 137 44.75 1.91 47.97
C THR S 137 43.70 2.87 47.43
N TYR S 138 42.54 2.98 48.09
CA TYR S 138 41.48 3.85 47.61
C TYR S 138 41.49 5.21 48.29
N GLY S 139 42.53 5.52 49.08
CA GLY S 139 42.55 6.77 49.81
C GLY S 139 42.66 7.99 48.92
N PHE S 140 43.51 7.93 47.91
CA PHE S 140 43.71 9.09 47.04
C PHE S 140 42.53 9.30 46.11
N ILE S 141 41.98 8.22 45.56
CA ILE S 141 40.87 8.34 44.62
C ILE S 141 39.63 8.88 45.32
N TRP S 142 39.34 8.37 46.52
CA TRP S 142 38.14 8.77 47.23
C TRP S 142 38.25 10.13 47.90
N TYR S 143 39.42 10.76 47.88
CA TYR S 143 39.61 12.02 48.61
C TYR S 143 38.95 13.15 47.85
N THR S 144 37.66 13.33 48.11
CA THR S 144 36.86 14.48 47.67
C THR S 144 36.87 14.69 46.15
N SER T 2 -16.71 -67.90 -54.76
CA SER T 2 -17.03 -67.27 -56.03
C SER T 2 -15.82 -66.55 -56.62
N GLY T 3 -16.01 -65.92 -57.76
CA GLY T 3 -14.94 -65.24 -58.47
C GLY T 3 -14.77 -63.81 -58.01
N TYR T 4 -14.18 -63.00 -58.88
CA TYR T 4 -13.95 -61.61 -58.57
C TYR T 4 -15.26 -60.82 -58.60
N THR T 5 -15.26 -59.70 -57.90
CA THR T 5 -16.31 -58.71 -58.06
C THR T 5 -16.13 -57.99 -59.40
N PRO T 6 -17.17 -57.35 -59.92
CA PRO T 6 -16.99 -56.52 -61.12
C PRO T 6 -15.99 -55.39 -60.96
N ASP T 7 -15.91 -54.79 -59.76
CA ASP T 7 -14.90 -53.75 -59.53
C ASP T 7 -13.50 -54.34 -59.51
N GLU T 8 -13.34 -55.51 -58.90
CA GLU T 8 -12.05 -56.19 -58.92
C GLU T 8 -11.66 -56.57 -60.33
N LYS T 9 -12.63 -57.03 -61.14
CA LYS T 9 -12.36 -57.36 -62.53
C LYS T 9 -11.93 -56.14 -63.33
N LEU T 10 -12.62 -55.01 -63.13
CA LEU T 10 -12.27 -53.80 -63.86
C LEU T 10 -10.88 -53.29 -63.48
N ARG T 11 -10.59 -53.28 -62.18
CA ARG T 11 -9.27 -52.84 -61.74
C ARG T 11 -8.17 -53.76 -62.26
N LEU T 12 -8.41 -55.07 -62.23
CA LEU T 12 -7.42 -56.01 -62.76
C LEU T 12 -7.21 -55.82 -64.25
N GLN T 13 -8.29 -55.57 -65.01
CA GLN T 13 -8.16 -55.35 -66.44
C GLN T 13 -7.34 -54.11 -66.74
N GLN T 14 -7.64 -53.00 -66.07
CA GLN T 14 -6.92 -51.76 -66.34
C GLN T 14 -5.46 -51.86 -65.91
N LEU T 15 -5.19 -52.49 -64.77
CA LEU T 15 -3.82 -52.68 -64.32
C LEU T 15 -3.05 -53.58 -65.26
N ARG T 16 -3.69 -54.62 -65.80
CA ARG T 16 -3.03 -55.51 -66.73
C ARG T 16 -2.70 -54.80 -68.03
N GLU T 17 -3.61 -53.94 -68.51
CA GLU T 17 -3.34 -53.17 -69.72
C GLU T 17 -2.15 -52.24 -69.53
N LEU T 18 -2.11 -51.53 -68.39
CA LEU T 18 -0.99 -50.64 -68.12
C LEU T 18 0.31 -51.42 -67.96
N ARG T 19 0.25 -52.58 -67.31
CA ARG T 19 1.44 -53.41 -67.12
C ARG T 19 1.97 -53.91 -68.45
N ARG T 20 1.09 -54.31 -69.36
CA ARG T 20 1.55 -54.79 -70.66
C ARG T 20 2.13 -53.66 -71.49
N ARG T 21 1.57 -52.45 -71.40
CA ARG T 21 2.17 -51.31 -72.08
C ARG T 21 3.54 -50.98 -71.53
N TRP T 22 3.70 -51.03 -70.20
CA TRP T 22 4.99 -50.77 -69.57
C TRP T 22 6.02 -51.83 -69.96
N LEU T 23 5.60 -53.09 -70.01
CA LEU T 23 6.52 -54.16 -70.39
C LEU T 23 6.90 -54.07 -71.86
N LYS T 24 5.97 -53.64 -72.72
CA LYS T 24 6.30 -53.41 -74.13
C LYS T 24 7.30 -52.28 -74.26
N ASP T 25 7.16 -51.23 -73.46
CA ASP T 25 8.06 -50.08 -73.54
C ASP T 25 9.47 -50.38 -73.05
N GLN T 26 9.70 -51.55 -72.44
CA GLN T 26 11.02 -51.92 -71.97
C GLN T 26 11.89 -52.53 -73.07
N GLU T 27 11.36 -52.69 -74.27
CA GLU T 27 12.12 -53.27 -75.37
C GLU T 27 13.17 -52.28 -75.87
N LEU T 28 14.14 -52.80 -76.61
CA LEU T 28 15.26 -52.00 -77.10
C LEU T 28 15.06 -51.65 -78.57
N SER T 29 15.37 -50.39 -78.90
CA SER T 29 15.37 -49.96 -80.28
C SER T 29 16.52 -50.63 -81.03
N PRO T 30 16.40 -50.80 -82.35
CA PRO T 30 17.52 -51.38 -83.12
C PRO T 30 18.80 -50.56 -83.08
N ARG T 31 18.71 -49.25 -82.87
CA ARG T 31 19.92 -48.43 -82.77
C ARG T 31 20.52 -48.44 -81.38
N GLU T 32 19.83 -48.98 -80.38
CA GLU T 32 20.35 -48.97 -79.02
C GLU T 32 21.09 -50.29 -78.73
N PRO T 33 22.18 -50.25 -77.95
CA PRO T 33 22.82 -49.07 -77.35
C PRO T 33 23.69 -48.29 -78.32
N VAL T 34 23.72 -46.97 -78.15
CA VAL T 34 24.49 -46.09 -79.03
C VAL T 34 25.90 -46.06 -78.45
N LEU T 35 26.72 -47.00 -78.90
CA LEU T 35 28.08 -47.11 -78.38
C LEU T 35 28.95 -45.96 -78.88
N PRO T 36 29.75 -45.36 -78.00
CA PRO T 36 30.68 -44.33 -78.46
C PRO T 36 31.79 -44.94 -79.28
N PRO T 37 32.39 -44.18 -80.19
CA PRO T 37 33.55 -44.69 -80.94
C PRO T 37 34.74 -44.89 -79.99
N ARG T 38 35.11 -46.15 -79.80
CA ARG T 38 36.20 -46.49 -78.89
C ARG T 38 37.55 -46.40 -79.60
N ARG T 66 52.01 -63.83 -83.04
CA ARG T 66 51.34 -63.40 -81.81
C ARG T 66 50.21 -64.35 -81.44
N HIS T 67 50.18 -65.51 -82.10
CA HIS T 67 49.18 -66.52 -81.77
C HIS T 67 49.40 -67.11 -80.38
N SER T 68 50.66 -67.29 -79.98
CA SER T 68 51.05 -67.99 -78.76
C SER T 68 51.64 -67.04 -77.72
N ILE T 69 51.04 -65.86 -77.56
CA ILE T 69 51.54 -64.92 -76.55
C ILE T 69 51.23 -65.37 -75.14
N PHE T 70 50.24 -66.25 -74.95
CA PHE T 70 49.95 -66.73 -73.60
C PHE T 70 51.07 -67.60 -73.06
N ALA T 71 51.68 -68.42 -73.91
CA ALA T 71 52.81 -69.22 -73.48
C ALA T 71 54.07 -68.39 -73.27
N PHE T 72 54.07 -67.13 -73.70
CA PHE T 72 55.20 -66.23 -73.53
C PHE T 72 54.99 -65.23 -72.40
N THR T 73 53.86 -64.53 -72.40
CA THR T 73 53.61 -63.51 -71.39
C THR T 73 53.24 -64.11 -70.04
N HIS T 74 52.61 -65.27 -70.02
CA HIS T 74 52.13 -65.84 -68.76
C HIS T 74 52.98 -66.99 -68.24
N VAL T 75 53.90 -67.52 -69.05
CA VAL T 75 54.74 -68.61 -68.56
C VAL T 75 56.21 -68.20 -68.63
N LEU T 76 56.68 -67.83 -69.82
CA LEU T 76 58.12 -67.67 -70.03
C LEU T 76 58.67 -66.47 -69.27
N ILE T 77 58.01 -65.32 -69.32
CA ILE T 77 58.47 -64.15 -68.58
C ILE T 77 58.44 -64.37 -67.06
N PRO T 78 57.37 -64.91 -66.45
CA PRO T 78 57.47 -65.23 -65.02
C PRO T 78 58.49 -66.31 -64.70
N VAL T 79 58.72 -67.26 -65.60
CA VAL T 79 59.75 -68.27 -65.35
C VAL T 79 61.13 -67.61 -65.33
N TRP T 80 61.39 -66.68 -66.26
CA TRP T 80 62.65 -65.94 -66.26
C TRP T 80 62.83 -65.14 -64.98
N ILE T 81 61.78 -64.43 -64.57
CA ILE T 81 61.87 -63.59 -63.37
C ILE T 81 62.07 -64.45 -62.12
N ILE T 82 61.33 -65.56 -62.01
CA ILE T 82 61.42 -66.40 -60.83
C ILE T 82 62.76 -67.13 -60.78
N HIS T 83 63.27 -67.57 -61.93
CA HIS T 83 64.56 -68.21 -61.94
C HIS T 83 65.67 -67.23 -61.57
N TYR T 84 65.57 -65.99 -62.05
CA TYR T 84 66.53 -64.96 -61.64
C TYR T 84 66.48 -64.72 -60.14
N TYR T 85 65.27 -64.58 -59.61
CA TYR T 85 65.08 -64.29 -58.18
C TYR T 85 65.58 -65.43 -57.31
N LEU T 86 65.36 -66.67 -57.75
CA LEU T 86 65.79 -67.81 -56.97
C LEU T 86 67.28 -68.07 -57.08
N LYS T 87 67.86 -67.82 -58.25
CA LYS T 87 69.27 -68.09 -58.45
C LYS T 87 70.16 -67.07 -57.76
N TYR T 88 69.81 -65.79 -57.87
CA TYR T 88 70.73 -64.75 -57.43
C TYR T 88 70.30 -64.04 -56.16
N HIS T 89 69.17 -64.40 -55.56
CA HIS T 89 68.74 -63.77 -54.33
C HIS T 89 68.25 -64.72 -53.25
N VAL T 90 67.83 -65.93 -53.60
CA VAL T 90 67.36 -66.89 -52.61
C VAL T 90 68.41 -67.95 -52.32
N THR T 91 69.06 -68.49 -53.36
CA THR T 91 70.14 -69.46 -53.15
C THR T 91 71.40 -68.82 -52.61
N THR T 92 71.49 -67.49 -52.57
CA THR T 92 72.64 -66.83 -51.98
C THR T 92 72.59 -66.91 -50.46
N LYS T 93 71.43 -66.69 -49.87
CA LYS T 93 71.29 -66.77 -48.42
C LYS T 93 71.29 -68.23 -47.95
N PRO T 94 71.81 -68.50 -46.76
CA PRO T 94 71.91 -69.88 -46.29
C PRO T 94 70.58 -70.43 -45.80
N TYR T 95 70.40 -71.73 -46.05
CA TYR T 95 69.24 -72.51 -45.58
C TYR T 95 67.92 -71.93 -46.08
N THR T 96 67.91 -71.46 -47.32
CA THR T 96 66.67 -70.99 -47.92
C THR T 96 65.97 -72.07 -48.71
N ILE T 97 66.70 -72.78 -49.57
CA ILE T 97 66.15 -73.94 -50.25
C ILE T 97 66.84 -75.18 -49.68
N VAL T 98 66.22 -75.78 -48.67
CA VAL T 98 66.74 -77.01 -48.08
C VAL T 98 66.09 -78.18 -48.81
N GLU T 99 66.92 -79.01 -49.44
CA GLU T 99 66.45 -80.11 -50.25
C GLU T 99 66.89 -81.41 -49.61
N LYS T 100 65.97 -82.37 -49.55
CA LYS T 100 66.27 -83.68 -48.99
C LYS T 100 67.37 -84.35 -49.78
N LYS T 101 68.32 -84.96 -49.07
CA LYS T 101 69.44 -85.60 -49.74
C LYS T 101 68.95 -86.83 -50.51
N PRO T 102 69.57 -87.13 -51.65
CA PRO T 102 69.05 -88.20 -52.50
C PRO T 102 69.17 -89.57 -51.86
N ARG T 103 68.22 -90.42 -52.22
CA ARG T 103 68.13 -91.77 -51.68
C ARG T 103 69.17 -92.65 -52.35
N ILE T 104 69.92 -93.40 -51.55
CA ILE T 104 71.09 -94.14 -52.01
C ILE T 104 70.84 -95.63 -51.78
N PHE T 105 71.01 -96.42 -52.83
CA PHE T 105 70.85 -97.86 -52.80
C PHE T 105 72.19 -98.55 -53.01
N PRO T 106 72.33 -99.80 -52.57
CA PRO T 106 73.55 -100.56 -52.90
C PRO T 106 73.68 -100.77 -54.40
N GLY T 107 74.92 -100.73 -54.87
CA GLY T 107 75.19 -100.81 -56.30
C GLY T 107 75.26 -99.47 -57.00
N ASP T 108 75.01 -98.37 -56.32
CA ASP T 108 75.05 -97.05 -56.93
C ASP T 108 76.49 -96.57 -57.06
N THR T 109 76.66 -95.39 -57.66
CA THR T 109 77.97 -94.80 -57.87
C THR T 109 77.85 -93.30 -57.65
N ILE T 110 78.66 -92.77 -56.74
CA ILE T 110 78.59 -91.36 -56.37
C ILE T 110 79.21 -90.53 -57.48
N LEU T 111 78.55 -89.43 -57.86
CA LEU T 111 79.14 -88.53 -58.86
C LEU T 111 80.38 -87.83 -58.34
N GLU T 112 80.29 -87.25 -57.13
CA GLU T 112 81.33 -86.33 -56.66
C GLU T 112 82.59 -87.09 -56.26
N THR T 113 82.45 -88.18 -55.50
CA THR T 113 83.59 -88.94 -55.06
C THR T 113 84.01 -90.02 -56.04
N GLY T 114 83.09 -90.50 -56.87
CA GLY T 114 83.40 -91.56 -57.81
C GLY T 114 83.36 -92.96 -57.23
N GLU T 115 83.09 -93.09 -55.93
CA GLU T 115 83.13 -94.39 -55.29
C GLU T 115 81.93 -95.24 -55.69
N VAL T 116 82.09 -96.55 -55.55
CA VAL T 116 81.05 -97.52 -55.86
C VAL T 116 80.57 -98.13 -54.56
N ILE T 117 79.29 -97.97 -54.27
CA ILE T 117 78.71 -98.50 -53.04
C ILE T 117 78.57 -100.02 -53.18
N PRO T 118 79.04 -100.80 -52.19
CA PRO T 118 79.10 -102.25 -52.39
C PRO T 118 77.71 -102.87 -52.46
N PRO T 119 77.54 -103.93 -53.23
CA PRO T 119 76.25 -104.62 -53.27
C PRO T 119 75.98 -105.37 -51.98
N MET T 120 74.70 -105.64 -51.75
CA MET T 120 74.27 -106.25 -50.50
C MET T 120 74.56 -107.75 -50.51
N LYS T 121 74.23 -108.40 -49.40
CA LYS T 121 74.58 -109.79 -49.18
C LYS T 121 73.75 -110.71 -50.07
N GLU T 122 74.14 -111.98 -50.10
CA GLU T 122 73.42 -112.98 -50.87
C GLU T 122 72.05 -113.26 -50.25
N PHE T 123 71.10 -113.60 -51.10
CA PHE T 123 69.77 -113.82 -50.53
C PHE T 123 69.55 -115.30 -50.22
N PRO T 124 68.97 -115.62 -49.07
CA PRO T 124 68.59 -117.00 -48.76
C PRO T 124 67.24 -117.39 -49.36
N ASP T 125 67.29 -117.80 -50.63
CA ASP T 125 66.12 -117.85 -51.49
C ASP T 125 65.06 -118.83 -51.00
N GLN T 126 63.80 -118.43 -51.15
CA GLN T 126 62.66 -119.19 -50.66
C GLN T 126 61.61 -119.47 -51.71
N HIS T 127 61.66 -118.82 -52.87
CA HIS T 127 60.62 -118.91 -53.86
C HIS T 127 61.20 -119.09 -55.26
N GLY U 1 37.94 -115.05 -36.35
CA GLY U 1 37.73 -114.32 -35.11
C GLY U 1 37.13 -115.16 -34.01
N ALA U 2 37.35 -116.48 -34.09
CA ALA U 2 36.86 -117.37 -33.05
C ALA U 2 37.60 -117.15 -31.73
N HIS U 3 38.86 -116.70 -31.80
CA HIS U 3 39.64 -116.42 -30.61
C HIS U 3 39.08 -115.23 -29.84
N LEU U 4 38.41 -114.30 -30.53
CA LEU U 4 37.75 -113.19 -29.85
C LEU U 4 36.66 -113.71 -28.91
N ALA U 5 35.84 -114.64 -29.40
CA ALA U 5 34.81 -115.24 -28.57
C ALA U 5 35.41 -116.16 -27.52
N ARG U 6 36.52 -116.84 -27.85
CA ARG U 6 37.14 -117.73 -26.88
C ARG U 6 37.79 -116.98 -25.74
N ARG U 7 38.21 -115.74 -25.97
CA ARG U 7 38.79 -114.93 -24.90
C ARG U 7 37.72 -114.15 -24.14
N TYR U 8 36.78 -113.55 -24.85
CA TYR U 8 35.79 -112.69 -24.20
C TYR U 8 34.62 -113.49 -23.66
N LEU U 9 33.93 -114.23 -24.53
CA LEU U 9 32.84 -115.07 -24.06
C LEU U 9 33.34 -116.32 -23.35
N GLY U 10 34.53 -116.80 -23.69
CA GLY U 10 35.09 -117.96 -23.04
C GLY U 10 35.87 -117.60 -21.80
N ASP U 11 37.04 -118.19 -21.62
CA ASP U 11 37.91 -117.85 -20.49
C ASP U 11 39.23 -117.25 -20.96
N ALA U 12 39.79 -116.39 -20.12
CA ALA U 12 41.02 -115.68 -20.43
C ALA U 12 42.27 -116.38 -19.90
N SER U 13 42.11 -117.52 -19.23
CA SER U 13 43.29 -118.24 -18.75
C SER U 13 43.98 -118.99 -19.88
N VAL U 14 43.23 -119.40 -20.90
CA VAL U 14 43.79 -120.11 -22.03
C VAL U 14 44.24 -119.16 -23.13
N GLU U 15 43.43 -118.18 -23.47
CA GLU U 15 43.76 -117.27 -24.56
C GLU U 15 44.81 -116.26 -24.11
N PRO U 16 45.92 -116.14 -24.82
CA PRO U 16 46.95 -115.18 -24.42
C PRO U 16 46.57 -113.75 -24.73
N GLU U 17 47.06 -112.85 -23.89
CA GLU U 17 46.93 -111.42 -24.19
C GLU U 17 47.87 -111.05 -25.32
N PRO U 18 47.42 -110.24 -26.27
CA PRO U 18 48.33 -109.83 -27.36
C PRO U 18 49.29 -108.75 -26.92
N LEU U 19 48.91 -107.97 -25.91
CA LEU U 19 49.73 -106.84 -25.47
C LEU U 19 50.96 -107.28 -24.70
N ARG U 20 50.92 -108.48 -24.11
CA ARG U 20 52.06 -109.03 -23.38
C ARG U 20 52.31 -110.45 -23.88
N MET U 21 53.23 -110.58 -24.83
CA MET U 21 53.46 -111.86 -25.49
C MET U 21 54.85 -111.84 -26.10
N PRO U 22 55.61 -112.94 -26.04
CA PRO U 22 55.30 -114.19 -25.34
C PRO U 22 55.61 -114.13 -23.85
N THR U 23 54.94 -114.96 -23.06
CA THR U 23 55.20 -115.06 -21.63
C THR U 23 55.99 -116.30 -21.27
N PHE U 24 56.62 -116.94 -22.24
CA PHE U 24 57.42 -118.14 -22.01
C PHE U 24 58.82 -117.95 -22.58
N PRO U 25 59.82 -118.62 -22.00
CA PRO U 25 61.16 -118.54 -22.57
C PRO U 25 61.19 -119.15 -23.96
N PRO U 26 62.03 -118.62 -24.85
CA PRO U 26 62.08 -119.17 -26.22
C PRO U 26 62.81 -120.50 -26.31
N ASP U 27 63.50 -120.91 -25.25
CA ASP U 27 64.14 -122.22 -25.21
C ASP U 27 63.20 -123.29 -24.64
N TYR U 28 62.02 -122.90 -24.17
CA TYR U 28 61.05 -123.85 -23.61
C TYR U 28 60.50 -124.71 -24.74
N GLY U 29 60.89 -125.98 -24.75
CA GLY U 29 60.45 -126.89 -25.78
C GLY U 29 61.16 -126.76 -27.11
N PHE U 30 62.16 -125.89 -27.22
CA PHE U 30 62.90 -125.64 -28.45
C PHE U 30 64.39 -125.82 -28.20
N PRO U 31 64.90 -127.04 -28.32
CA PRO U 31 66.36 -127.21 -28.24
C PRO U 31 67.06 -126.60 -29.45
N GLU U 32 68.26 -126.07 -29.18
CA GLU U 32 69.16 -125.41 -30.14
C GLU U 32 68.42 -124.51 -31.14
N ARG U 33 67.53 -123.68 -30.61
CA ARG U 33 66.81 -122.72 -31.45
C ARG U 33 67.74 -121.62 -31.92
N LYS U 34 67.68 -121.29 -33.19
CA LYS U 34 68.53 -120.28 -33.79
C LYS U 34 67.78 -118.95 -33.93
N GLU U 35 68.53 -117.89 -34.16
CA GLU U 35 67.96 -116.57 -34.34
C GLU U 35 67.60 -116.32 -35.80
N ARG U 36 66.86 -115.25 -36.03
CA ARG U 36 66.62 -114.77 -37.38
C ARG U 36 67.85 -114.04 -37.90
N GLU U 37 68.01 -114.06 -39.22
CA GLU U 37 69.16 -113.47 -39.87
C GLU U 37 68.76 -112.20 -40.60
N MET U 38 69.48 -111.12 -40.34
CA MET U 38 69.24 -109.83 -40.99
C MET U 38 70.20 -109.70 -42.16
N VAL U 39 69.64 -109.52 -43.35
CA VAL U 39 70.45 -109.39 -44.56
C VAL U 39 70.88 -107.94 -44.78
N ALA U 40 69.97 -106.99 -44.59
CA ALA U 40 70.27 -105.60 -44.85
C ALA U 40 71.11 -105.00 -43.72
N THR U 41 72.21 -104.34 -44.09
CA THR U 41 73.07 -103.68 -43.12
C THR U 41 72.34 -102.49 -42.52
N GLN U 42 72.73 -102.13 -41.30
CA GLN U 42 72.17 -100.95 -40.64
C GLN U 42 72.46 -99.69 -41.44
N GLN U 43 73.66 -99.60 -42.03
CA GLN U 43 73.97 -98.47 -42.89
C GLN U 43 73.19 -98.52 -44.19
N GLU U 44 72.93 -99.73 -44.70
CA GLU U 44 72.21 -99.87 -45.96
C GLU U 44 70.76 -99.42 -45.82
N MET U 45 70.13 -99.75 -44.69
CA MET U 45 68.79 -99.23 -44.42
C MET U 45 68.83 -97.76 -44.06
N ASN U 46 69.93 -97.31 -43.43
CA ASN U 46 70.04 -95.93 -42.99
C ASN U 46 70.14 -94.98 -44.17
N ASP U 47 70.96 -95.29 -45.17
CA ASP U 47 71.16 -94.41 -46.31
C ASP U 47 70.13 -94.58 -47.41
N ALA U 48 69.31 -95.64 -47.36
CA ALA U 48 68.18 -95.77 -48.26
C ALA U 48 66.93 -95.10 -47.73
N GLN U 49 66.99 -94.56 -46.50
CA GLN U 49 65.94 -93.74 -45.91
C GLN U 49 64.60 -94.48 -45.84
N LEU U 50 64.66 -95.73 -45.38
CA LEU U 50 63.43 -96.46 -45.15
C LEU U 50 62.71 -95.93 -43.91
N VAL U 51 61.40 -96.06 -43.91
CA VAL U 51 60.60 -95.70 -42.75
C VAL U 51 60.93 -96.65 -41.60
N LEU U 52 60.93 -96.14 -40.37
CA LEU U 52 61.36 -96.92 -39.22
C LEU U 52 60.45 -98.11 -38.96
N GLN U 53 59.17 -98.01 -39.30
CA GLN U 53 58.29 -99.16 -39.22
C GLN U 53 58.43 -100.08 -40.43
N GLN U 54 59.18 -99.65 -41.44
CA GLN U 54 59.41 -100.42 -42.65
C GLN U 54 60.75 -101.14 -42.65
N ARG U 55 61.55 -100.98 -41.59
CA ARG U 55 62.86 -101.61 -41.48
C ARG U 55 62.77 -102.91 -40.70
N ASP U 56 61.89 -103.80 -41.15
CA ASP U 56 61.72 -105.08 -40.49
C ASP U 56 62.73 -106.08 -41.04
N TYR U 57 62.54 -107.36 -40.74
CA TYR U 57 63.51 -108.40 -41.06
C TYR U 57 63.56 -108.76 -42.55
N CYS U 58 62.88 -108.02 -43.42
CA CYS U 58 62.88 -108.30 -44.85
C CYS U 58 62.98 -107.01 -45.64
N ALA U 59 63.89 -106.13 -45.24
CA ALA U 59 64.04 -104.85 -45.93
C ALA U 59 64.92 -104.95 -47.17
N HIS U 60 65.63 -106.06 -47.36
CA HIS U 60 66.46 -106.21 -48.56
C HIS U 60 65.61 -106.27 -49.83
N TYR U 61 64.49 -106.99 -49.76
CA TYR U 61 63.56 -106.99 -50.89
C TYR U 61 62.96 -105.62 -51.12
N LEU U 62 62.71 -104.86 -50.04
CA LEU U 62 62.19 -103.51 -50.18
C LEU U 62 63.19 -102.58 -50.86
N ILE U 63 64.48 -102.70 -50.50
CA ILE U 63 65.52 -101.89 -51.13
C ILE U 63 65.64 -102.25 -52.61
N ARG U 64 65.57 -103.54 -52.93
CA ARG U 64 65.60 -103.98 -54.33
C ARG U 64 64.40 -103.43 -55.10
N PHE U 65 63.22 -103.45 -54.48
CA PHE U 65 62.02 -102.91 -55.13
C PHE U 65 62.12 -101.41 -55.35
N LEU U 66 62.68 -100.68 -54.38
CA LEU U 66 62.82 -99.23 -54.54
C LEU U 66 63.82 -98.88 -55.63
N LYS U 67 64.92 -99.64 -55.72
CA LYS U 67 65.86 -99.42 -56.81
C LYS U 67 65.23 -99.74 -58.17
N CYS U 68 64.41 -100.80 -58.23
CA CYS U 68 63.71 -101.13 -59.46
C CYS U 68 62.70 -100.05 -59.84
N LYS U 69 62.04 -99.46 -58.84
CA LYS U 69 61.10 -98.37 -59.11
C LYS U 69 61.82 -97.12 -59.61
N ARG U 70 62.97 -96.81 -59.03
CA ARG U 70 63.70 -95.61 -59.45
C ARG U 70 64.30 -95.77 -60.83
N ASP U 71 64.85 -96.94 -61.14
CA ASP U 71 65.58 -97.12 -62.39
C ASP U 71 64.67 -97.37 -63.59
N SER U 72 63.39 -97.63 -63.38
CA SER U 72 62.49 -97.97 -64.47
C SER U 72 61.60 -96.82 -64.90
N PHE U 73 61.90 -95.61 -64.46
CA PHE U 73 61.11 -94.45 -64.85
C PHE U 73 61.29 -94.18 -66.34
N PRO U 74 60.21 -93.82 -67.06
CA PRO U 74 58.82 -93.61 -66.62
C PRO U 74 57.92 -94.82 -66.71
N ASN U 75 58.46 -96.01 -66.94
CA ASN U 75 57.62 -97.20 -66.99
C ASN U 75 57.16 -97.58 -65.59
N PHE U 76 55.98 -97.11 -65.20
CA PHE U 76 55.51 -97.34 -63.84
C PHE U 76 54.91 -98.73 -63.63
N LEU U 77 54.73 -99.50 -64.70
CA LEU U 77 54.28 -100.88 -64.59
C LEU U 77 55.39 -101.86 -64.94
N ALA U 78 56.65 -101.42 -64.84
CA ALA U 78 57.76 -102.18 -65.42
C ALA U 78 58.02 -103.46 -64.64
N CYS U 79 58.14 -103.37 -63.33
CA CYS U 79 58.53 -104.52 -62.52
C CYS U 79 57.57 -104.72 -61.36
N LYS U 80 56.83 -105.83 -61.41
CA LYS U 80 56.02 -106.30 -60.31
C LYS U 80 56.64 -107.51 -59.63
N HIS U 81 57.75 -108.02 -60.16
CA HIS U 81 58.40 -109.18 -59.57
C HIS U 81 59.02 -108.84 -58.23
N GLU U 82 59.70 -107.70 -58.12
CA GLU U 82 60.30 -107.31 -56.84
C GLU U 82 59.23 -106.99 -55.82
N GLN U 83 58.14 -106.36 -56.24
CA GLN U 83 57.02 -106.10 -55.35
C GLN U 83 56.39 -107.41 -54.87
N HIS U 84 56.25 -108.39 -55.76
CA HIS U 84 55.70 -109.67 -55.36
C HIS U 84 56.63 -110.42 -54.43
N ASP U 85 57.94 -110.32 -54.65
CA ASP U 85 58.90 -110.97 -53.75
C ASP U 85 58.85 -110.36 -52.35
N TRP U 86 58.79 -109.02 -52.28
CA TRP U 86 58.68 -108.35 -50.99
C TRP U 86 57.37 -108.72 -50.30
N ASP U 87 56.27 -108.79 -51.05
CA ASP U 87 54.99 -109.15 -50.47
C ASP U 87 54.98 -110.60 -49.99
N TYR U 88 55.64 -111.50 -50.73
CA TYR U 88 55.70 -112.89 -50.30
C TYR U 88 56.52 -113.04 -49.02
N CYS U 89 57.63 -112.30 -48.92
CA CYS U 89 58.41 -112.39 -47.70
C CYS U 89 57.68 -111.75 -46.52
N GLU U 90 56.88 -110.71 -46.79
CA GLU U 90 55.97 -110.18 -45.79
C GLU U 90 54.98 -111.24 -45.32
N HIS U 91 54.44 -112.01 -46.26
CA HIS U 91 53.50 -113.08 -45.91
C HIS U 91 54.17 -114.14 -45.06
N LEU U 92 55.44 -114.44 -45.35
CA LEU U 92 56.18 -115.41 -44.54
C LEU U 92 56.39 -114.88 -43.12
N ASP U 93 56.72 -113.59 -42.98
CA ASP U 93 56.86 -113.02 -41.64
C ASP U 93 55.54 -113.04 -40.88
N TYR U 94 54.42 -112.77 -41.57
CA TYR U 94 53.12 -112.84 -40.90
C TYR U 94 52.79 -114.27 -40.47
N VAL U 95 53.18 -115.25 -41.28
CA VAL U 95 52.99 -116.65 -40.90
C VAL U 95 53.83 -116.99 -39.67
N LYS U 96 55.04 -116.41 -39.59
CA LYS U 96 55.86 -116.58 -38.38
C LYS U 96 55.17 -116.02 -37.15
N ARG U 97 54.57 -114.84 -37.28
CA ARG U 97 53.86 -114.25 -36.14
C ARG U 97 52.64 -115.08 -35.73
N MET U 98 51.91 -115.62 -36.70
CA MET U 98 50.79 -116.50 -36.40
C MET U 98 51.25 -117.77 -35.70
N LYS U 99 52.39 -118.31 -36.11
CA LYS U 99 52.97 -119.47 -35.46
C LYS U 99 53.33 -119.17 -34.02
N GLU U 100 53.89 -117.98 -33.78
CA GLU U 100 54.21 -117.58 -32.40
C GLU U 100 52.97 -117.49 -31.54
N PHE U 101 51.89 -116.91 -32.07
CA PHE U 101 50.65 -116.81 -31.30
C PHE U 101 50.06 -118.19 -30.99
N GLU U 102 50.07 -119.08 -31.98
CA GLU U 102 49.52 -120.42 -31.76
C GLU U 102 50.38 -121.20 -30.77
N ARG U 103 51.69 -121.01 -30.81
CA ARG U 103 52.58 -121.63 -29.84
C ARG U 103 52.30 -121.15 -28.42
N GLU U 104 52.08 -119.84 -28.27
CA GLU U 104 51.75 -119.30 -26.95
C GLU U 104 50.41 -119.84 -26.44
N ARG U 105 49.42 -119.95 -27.33
CA ARG U 105 48.12 -120.48 -26.94
C ARG U 105 48.23 -121.93 -26.49
N ARG U 106 49.00 -122.74 -27.22
CA ARG U 106 49.13 -124.15 -26.86
C ARG U 106 49.91 -124.32 -25.57
N LEU U 107 50.93 -123.49 -25.35
CA LEU U 107 51.68 -123.54 -24.09
C LEU U 107 50.81 -123.15 -22.91
N LEU U 108 49.95 -122.14 -23.09
CA LEU U 108 49.04 -121.75 -22.01
C LEU U 108 48.03 -122.85 -21.71
N GLN U 109 47.51 -123.51 -22.76
CA GLN U 109 46.60 -124.63 -22.56
C GLN U 109 47.28 -125.79 -21.83
N ARG U 110 48.53 -126.07 -22.20
CA ARG U 110 49.27 -127.15 -21.55
C ARG U 110 49.53 -126.84 -20.09
N LYS U 111 49.88 -125.59 -19.78
CA LYS U 111 50.08 -125.20 -18.39
C LYS U 111 48.78 -125.29 -17.59
N LYS U 112 47.66 -124.89 -18.19
CA LYS U 112 46.36 -125.02 -17.51
C LYS U 112 46.03 -126.47 -17.22
N ARG U 113 46.28 -127.37 -18.19
CA ARG U 113 46.04 -128.79 -17.97
C ARG U 113 46.97 -129.35 -16.90
N ARG U 114 48.21 -128.87 -16.84
CA ARG U 114 49.14 -129.30 -15.81
C ARG U 114 48.68 -128.88 -14.42
N GLU U 115 48.21 -127.64 -14.27
CA GLU U 115 47.67 -127.22 -12.98
C GLU U 115 46.39 -127.94 -12.63
N GLN U 116 45.56 -128.28 -13.62
CA GLN U 116 44.36 -129.06 -13.35
C GLN U 116 44.72 -130.46 -12.85
N ARG U 117 45.73 -131.09 -13.45
CA ARG U 117 46.18 -132.39 -12.96
C ARG U 117 46.78 -132.27 -11.56
N GLU U 118 47.57 -131.22 -11.32
CA GLU U 118 48.16 -131.01 -10.01
C GLU U 118 47.09 -130.80 -8.94
N ALA U 119 45.99 -130.13 -9.30
CA ALA U 119 44.85 -130.06 -8.40
C ALA U 119 44.15 -131.39 -8.26
N ASP U 120 44.17 -132.22 -9.31
CA ASP U 120 43.52 -133.53 -9.25
C ASP U 120 44.20 -134.44 -8.24
N MET U 121 45.53 -134.46 -8.19
CA MET U 121 46.16 -135.16 -7.07
C MET U 121 46.22 -134.29 -5.82
N ALA U 122 46.91 -133.15 -5.89
CA ALA U 122 47.05 -132.28 -4.74
C ALA U 122 46.18 -131.04 -4.88
N ALA V 1 -7.33 -66.32 -41.46
CA ALA V 1 -6.06 -65.98 -40.83
C ALA V 1 -5.62 -64.57 -41.22
N PHE V 2 -4.78 -64.48 -42.25
CA PHE V 2 -4.23 -63.21 -42.71
C PHE V 2 -4.66 -63.00 -44.16
N LEU V 3 -5.65 -62.15 -44.36
CA LEU V 3 -6.22 -61.90 -45.67
C LEU V 3 -6.28 -60.41 -45.93
N PRO V 4 -5.99 -59.96 -47.16
CA PRO V 4 -6.09 -58.52 -47.44
C PRO V 4 -7.52 -58.02 -47.56
N SER V 5 -8.40 -58.77 -48.20
CA SER V 5 -9.74 -58.29 -48.50
C SER V 5 -10.81 -58.83 -47.57
N ALA V 6 -10.53 -59.89 -46.82
CA ALA V 6 -11.49 -60.48 -45.89
C ALA V 6 -10.91 -60.51 -44.48
N ALA V 7 -11.80 -60.54 -43.50
CA ALA V 7 -11.38 -60.59 -42.11
C ALA V 7 -11.31 -62.00 -41.55
N TYR V 8 -11.75 -63.00 -42.31
CA TYR V 8 -11.84 -64.37 -41.79
C TYR V 8 -11.77 -65.34 -42.97
N LEU V 9 -11.72 -66.62 -42.62
CA LEU V 9 -11.75 -67.70 -43.59
C LEU V 9 -13.05 -68.47 -43.41
N THR V 10 -13.78 -68.67 -44.50
CA THR V 10 -15.05 -69.38 -44.41
C THR V 10 -14.81 -70.87 -44.19
N HIS V 11 -15.90 -71.58 -43.90
CA HIS V 11 -15.82 -73.02 -43.72
C HIS V 11 -15.44 -73.73 -45.00
N GLN V 12 -16.03 -73.31 -46.12
CA GLN V 12 -15.74 -73.93 -47.41
C GLN V 12 -14.29 -73.67 -47.82
N GLN V 13 -13.78 -72.48 -47.53
CA GLN V 13 -12.38 -72.18 -47.81
C GLN V 13 -11.46 -73.08 -47.00
N LYS V 14 -11.78 -73.31 -45.73
CA LYS V 14 -10.98 -74.21 -44.89
C LYS V 14 -11.00 -75.62 -45.44
N VAL V 15 -12.17 -76.09 -45.88
CA VAL V 15 -12.28 -77.44 -46.43
C VAL V 15 -11.46 -77.57 -47.71
N LEU V 16 -11.52 -76.56 -48.59
CA LEU V 16 -10.77 -76.61 -49.84
C LEU V 16 -9.27 -76.56 -49.61
N GLN V 17 -8.83 -75.73 -48.66
CA GLN V 17 -7.40 -75.64 -48.35
C GLN V 17 -6.90 -76.95 -47.75
N LEU V 18 -7.70 -77.57 -46.88
CA LEU V 18 -7.36 -78.89 -46.35
C LEU V 18 -7.27 -79.93 -47.45
N TYR V 19 -8.21 -79.89 -48.41
CA TYR V 19 -8.21 -80.84 -49.51
C TYR V 19 -6.96 -80.71 -50.36
N LYS V 20 -6.57 -79.47 -50.67
CA LYS V 20 -5.38 -79.26 -51.48
C LYS V 20 -4.11 -79.68 -50.74
N ARG V 21 -4.00 -79.35 -49.45
CA ARG V 21 -2.83 -79.75 -48.68
C ARG V 21 -2.74 -81.26 -48.56
N ALA V 22 -3.86 -81.93 -48.30
CA ALA V 22 -3.86 -83.38 -48.17
C ALA V 22 -3.50 -84.06 -49.48
N LEU V 23 -3.99 -83.53 -50.61
CA LEU V 23 -3.65 -84.13 -51.89
C LEU V 23 -2.18 -83.91 -52.25
N ARG V 24 -1.63 -82.74 -51.92
CA ARG V 24 -0.21 -82.50 -52.17
C ARG V 24 0.67 -83.40 -51.31
N HIS V 25 0.32 -83.58 -50.03
CA HIS V 25 1.11 -84.45 -49.18
C HIS V 25 0.97 -85.91 -49.58
N LEU V 26 -0.21 -86.32 -50.04
CA LEU V 26 -0.39 -87.68 -50.54
C LEU V 26 0.42 -87.90 -51.82
N GLU V 27 0.55 -86.87 -52.66
CA GLU V 27 1.43 -86.98 -53.81
C GLU V 27 2.88 -87.11 -53.38
N SER V 28 3.26 -86.42 -52.30
CA SER V 28 4.62 -86.54 -51.79
C SER V 28 4.89 -87.94 -51.25
N ARG V 29 3.91 -88.57 -50.59
CA ARG V 29 4.13 -89.92 -50.06
C ARG V 29 4.12 -90.99 -51.17
N CYS V 30 3.53 -90.69 -52.32
CA CYS V 30 3.14 -91.70 -53.32
C CYS V 30 3.73 -91.33 -54.68
N VAL V 31 5.05 -91.17 -54.72
CA VAL V 31 5.82 -90.51 -55.80
C VAL V 31 5.49 -90.95 -57.22
N HIS V 32 4.88 -92.12 -57.40
CA HIS V 32 4.56 -92.61 -58.72
C HIS V 32 3.17 -92.12 -59.15
N ARG V 33 2.97 -92.00 -60.46
CA ARG V 33 1.77 -91.33 -60.96
C ARG V 33 0.52 -92.19 -60.80
N ASP V 34 0.61 -93.48 -61.11
CA ASP V 34 -0.56 -94.35 -61.00
C ASP V 34 -0.98 -94.57 -59.56
N LYS V 35 0.01 -94.77 -58.67
CA LYS V 35 -0.27 -94.93 -57.24
C LYS V 35 -0.90 -93.67 -56.66
N TYR V 36 -0.39 -92.50 -57.06
CA TYR V 36 -0.97 -91.25 -56.60
C TYR V 36 -2.38 -91.08 -57.15
N ARG V 37 -2.63 -91.50 -58.39
CA ARG V 37 -3.97 -91.40 -58.97
C ARG V 37 -4.97 -92.25 -58.20
N TYR V 38 -4.58 -93.48 -57.86
CA TYR V 38 -5.45 -94.37 -57.08
C TYR V 38 -5.75 -93.80 -55.71
N PHE V 39 -4.72 -93.36 -54.99
CA PHE V 39 -4.97 -92.87 -53.64
C PHE V 39 -5.63 -91.49 -53.64
N ALA V 40 -5.44 -90.71 -54.70
CA ALA V 40 -6.17 -89.46 -54.84
C ALA V 40 -7.65 -89.71 -55.06
N CYS V 41 -8.00 -90.76 -55.81
CA CYS V 41 -9.41 -91.09 -55.97
C CYS V 41 -10.01 -91.59 -54.66
N LEU V 42 -9.23 -92.35 -53.88
CA LEU V 42 -9.73 -92.76 -52.57
C LEU V 42 -9.96 -91.56 -51.65
N LEU V 43 -9.04 -90.60 -51.66
CA LEU V 43 -9.20 -89.40 -50.84
C LEU V 43 -10.38 -88.56 -51.32
N ARG V 44 -10.59 -88.49 -52.64
CA ARG V 44 -11.72 -87.75 -53.18
C ARG V 44 -13.04 -88.42 -52.79
N ALA V 45 -13.08 -89.75 -52.77
CA ALA V 45 -14.26 -90.46 -52.29
C ALA V 45 -14.52 -90.19 -50.82
N ARG V 46 -13.46 -90.15 -50.00
CA ARG V 46 -13.61 -89.83 -48.59
C ARG V 46 -14.15 -88.41 -48.40
N PHE V 47 -13.69 -87.48 -49.22
CA PHE V 47 -14.16 -86.10 -49.11
C PHE V 47 -15.59 -85.95 -49.62
N ASP V 48 -15.99 -86.74 -50.61
CA ASP V 48 -17.34 -86.66 -51.15
C ASP V 48 -18.35 -87.42 -50.32
N GLU V 49 -17.90 -88.29 -49.42
CA GLU V 49 -18.85 -89.03 -48.58
C GLU V 49 -19.58 -88.10 -47.62
N HIS V 50 -18.89 -87.12 -47.04
CA HIS V 50 -19.48 -86.19 -46.09
C HIS V 50 -19.76 -84.82 -46.71
N LYS V 51 -19.99 -84.76 -48.02
CA LYS V 51 -20.19 -83.47 -48.67
C LYS V 51 -21.55 -82.88 -48.30
N ASN V 52 -22.59 -83.71 -48.24
CA ASN V 52 -23.94 -83.24 -47.98
C ASN V 52 -24.25 -83.44 -46.50
N GLU V 53 -23.69 -82.55 -45.67
CA GLU V 53 -23.97 -82.54 -44.24
C GLU V 53 -24.38 -81.13 -43.85
N LYS V 54 -25.59 -81.01 -43.28
CA LYS V 54 -26.15 -79.70 -42.94
C LYS V 54 -25.92 -79.30 -41.49
N ASP V 55 -25.57 -80.24 -40.62
CA ASP V 55 -25.26 -79.91 -39.24
C ASP V 55 -23.94 -79.15 -39.18
N MET V 56 -23.98 -77.93 -38.64
CA MET V 56 -22.78 -77.11 -38.61
C MET V 56 -21.78 -77.61 -37.57
N VAL V 57 -22.27 -78.04 -36.41
CA VAL V 57 -21.36 -78.55 -35.38
C VAL V 57 -20.74 -79.88 -35.81
N LYS V 58 -21.50 -80.71 -36.53
CA LYS V 58 -20.96 -81.99 -36.99
C LYS V 58 -19.95 -81.77 -38.10
N ALA V 59 -20.22 -80.83 -39.01
CA ALA V 59 -19.25 -80.50 -40.05
C ALA V 59 -18.00 -79.89 -39.46
N THR V 60 -18.14 -79.07 -38.42
CA THR V 60 -16.98 -78.50 -37.74
C THR V 60 -16.14 -79.57 -37.07
N GLN V 61 -16.79 -80.54 -36.42
CA GLN V 61 -16.05 -81.63 -35.77
C GLN V 61 -15.39 -82.52 -36.81
N LEU V 62 -16.05 -82.75 -37.95
CA LEU V 62 -15.43 -83.51 -39.04
C LEU V 62 -14.20 -82.78 -39.57
N LEU V 63 -14.28 -81.46 -39.72
CA LEU V 63 -13.13 -80.69 -40.17
C LEU V 63 -11.99 -80.75 -39.16
N ARG V 64 -12.31 -80.66 -37.86
CA ARG V 64 -11.27 -80.70 -36.84
C ARG V 64 -10.58 -82.07 -36.80
N GLU V 65 -11.35 -83.15 -36.87
CA GLU V 65 -10.72 -84.47 -36.86
C GLU V 65 -9.98 -84.74 -38.16
N ALA V 66 -10.42 -84.14 -39.27
CA ALA V 66 -9.67 -84.26 -40.52
C ALA V 66 -8.33 -83.54 -40.43
N GLU V 67 -8.30 -82.37 -39.79
CA GLU V 67 -7.02 -81.66 -39.60
C GLU V 67 -6.09 -82.44 -38.68
N LYS V 68 -6.63 -83.05 -37.62
CA LYS V 68 -5.81 -83.90 -36.76
C LYS V 68 -5.26 -85.10 -37.54
N GLU V 69 -6.10 -85.70 -38.39
CA GLU V 69 -5.67 -86.83 -39.21
C GLU V 69 -4.58 -86.43 -40.19
N PHE V 70 -4.70 -85.24 -40.78
CA PHE V 70 -3.65 -84.76 -41.68
C PHE V 70 -2.36 -84.50 -40.93
N TRP V 71 -2.44 -83.91 -39.73
CA TRP V 71 -1.22 -83.63 -38.99
C TRP V 71 -0.52 -84.90 -38.51
N HIS V 72 -1.29 -85.96 -38.25
CA HIS V 72 -0.64 -87.22 -37.89
C HIS V 72 0.06 -87.86 -39.09
N GLY V 73 -0.47 -87.66 -40.30
CA GLY V 73 0.06 -88.35 -41.45
C GLY V 73 0.69 -87.49 -42.53
N GLN V 74 1.26 -86.35 -42.15
CA GLN V 74 1.92 -85.49 -43.11
C GLN V 74 3.33 -86.01 -43.42
N HIS V 75 3.84 -85.58 -44.57
CA HIS V 75 5.21 -85.90 -44.93
C HIS V 75 6.18 -85.07 -44.08
N PRO V 76 7.29 -85.66 -43.63
CA PRO V 76 8.32 -84.85 -42.95
C PRO V 76 8.88 -83.73 -43.81
N GLN V 77 9.05 -83.95 -45.11
CA GLN V 77 9.35 -82.85 -46.01
C GLN V 77 8.60 -83.03 -47.32
N PRO V 78 7.53 -82.28 -47.54
CA PRO V 78 6.75 -82.45 -48.76
C PRO V 78 7.45 -81.79 -49.95
N TYR V 79 6.85 -81.95 -51.12
CA TYR V 79 7.39 -81.38 -52.34
C TYR V 79 6.98 -79.92 -52.43
N ILE V 80 7.97 -79.03 -52.43
CA ILE V 80 7.77 -77.61 -52.62
C ILE V 80 8.25 -77.23 -54.00
N PHE V 81 7.47 -76.40 -54.69
CA PHE V 81 7.88 -75.90 -56.00
C PHE V 81 9.14 -75.04 -55.85
N PRO V 82 9.98 -75.00 -56.90
CA PRO V 82 11.24 -74.23 -56.79
C PRO V 82 11.07 -72.75 -56.50
N GLU V 83 10.03 -72.10 -57.03
CA GLU V 83 9.81 -70.69 -56.75
C GLU V 83 8.84 -70.46 -55.59
N SER V 84 8.19 -71.50 -55.10
CA SER V 84 7.31 -71.36 -53.95
C SER V 84 8.13 -71.07 -52.71
N PRO V 85 7.56 -70.36 -51.73
CA PRO V 85 8.29 -70.10 -50.48
C PRO V 85 8.69 -71.38 -49.77
N GLY V 86 9.93 -71.40 -49.29
CA GLY V 86 10.55 -72.61 -48.84
C GLY V 86 11.20 -73.43 -49.93
N GLY V 87 11.11 -73.00 -51.19
CA GLY V 87 11.71 -73.72 -52.29
C GLY V 87 13.20 -73.48 -52.39
N THR V 88 13.82 -74.19 -53.33
CA THR V 88 15.26 -74.08 -53.51
C THR V 88 15.64 -72.81 -54.25
N SER V 89 14.79 -72.31 -55.14
CA SER V 89 15.06 -71.08 -55.87
C SER V 89 14.11 -69.96 -55.49
N TYR V 90 13.46 -70.07 -54.33
CA TYR V 90 12.63 -68.98 -53.83
C TYR V 90 13.50 -67.78 -53.49
N GLU V 91 12.98 -66.59 -53.84
CA GLU V 91 13.62 -65.28 -53.72
C GLU V 91 15.09 -65.27 -54.14
N ARG V 92 15.40 -66.02 -55.21
CA ARG V 92 16.77 -66.10 -55.70
C ARG V 92 17.16 -64.85 -56.48
N TYR V 93 16.23 -64.30 -57.25
CA TYR V 93 16.52 -63.17 -58.14
C TYR V 93 16.26 -61.82 -57.49
N GLU V 94 16.09 -61.76 -56.18
CA GLU V 94 15.85 -60.48 -55.50
C GLU V 94 17.08 -59.58 -55.52
N CYS V 95 18.26 -60.14 -55.73
CA CYS V 95 19.45 -59.32 -55.84
C CYS V 95 19.53 -58.59 -57.17
N TYR V 96 18.80 -59.04 -58.19
CA TYR V 96 18.82 -58.43 -59.50
C TYR V 96 17.61 -57.52 -59.75
N LYS V 97 16.69 -57.40 -58.78
CA LYS V 97 15.49 -56.60 -58.97
C LYS V 97 15.78 -55.17 -58.51
N VAL V 98 16.48 -54.45 -59.37
CA VAL V 98 16.79 -53.04 -59.11
C VAL V 98 15.54 -52.22 -59.38
N PRO V 99 15.12 -51.36 -58.45
CA PRO V 99 13.94 -50.54 -58.68
C PRO V 99 14.18 -49.48 -59.75
N GLU V 100 13.08 -49.00 -60.33
CA GLU V 100 13.15 -48.13 -61.49
C GLU V 100 13.53 -46.69 -61.15
N TRP V 101 13.53 -46.30 -59.88
CA TRP V 101 13.90 -44.93 -59.56
C TRP V 101 15.40 -44.70 -59.61
N CYS V 102 16.20 -45.77 -59.75
CA CYS V 102 17.64 -45.63 -59.88
C CYS V 102 18.05 -45.09 -61.24
N LEU V 103 17.16 -45.09 -62.24
CA LEU V 103 17.51 -44.55 -63.55
C LEU V 103 17.55 -43.04 -63.56
N ASP V 104 16.99 -42.39 -62.54
CA ASP V 104 17.03 -40.93 -62.47
C ASP V 104 18.38 -40.41 -62.01
N ASP V 105 19.24 -41.27 -61.47
CA ASP V 105 20.56 -40.87 -61.00
C ASP V 105 21.66 -41.20 -62.00
N TRP V 106 21.30 -41.65 -63.20
CA TRP V 106 22.30 -41.97 -64.21
C TRP V 106 22.95 -40.71 -64.75
N HIS V 107 24.23 -40.83 -65.10
CA HIS V 107 24.94 -39.73 -65.73
C HIS V 107 24.38 -39.50 -67.14
N PRO V 108 24.39 -38.26 -67.62
CA PRO V 108 23.94 -38.01 -68.99
C PRO V 108 24.79 -38.66 -70.06
N SER V 109 26.05 -39.00 -69.76
CA SER V 109 26.88 -39.69 -70.74
C SER V 109 26.38 -41.10 -71.01
N GLU V 110 25.95 -41.81 -69.97
CA GLU V 110 25.36 -43.13 -70.15
C GLU V 110 23.86 -43.09 -70.40
N LYS V 111 23.22 -41.93 -70.25
CA LYS V 111 21.83 -41.78 -70.65
C LYS V 111 21.69 -41.64 -72.16
N ALA V 112 22.76 -41.24 -72.85
CA ALA V 112 22.73 -41.08 -74.29
C ALA V 112 22.78 -42.39 -75.05
N MET V 113 23.08 -43.50 -74.37
CA MET V 113 23.09 -44.80 -75.02
C MET V 113 21.70 -45.30 -75.34
N TYR V 114 20.67 -44.81 -74.64
CA TYR V 114 19.29 -45.24 -74.85
C TYR V 114 18.42 -44.00 -74.96
N PRO V 115 18.41 -43.35 -76.12
CA PRO V 115 17.61 -42.12 -76.26
C PRO V 115 16.10 -42.36 -76.26
N ASP V 116 15.66 -43.35 -77.04
CA ASP V 116 14.23 -43.60 -77.17
C ASP V 116 13.64 -44.17 -75.89
N TYR V 117 14.40 -45.02 -75.20
CA TYR V 117 13.93 -45.58 -73.93
C TYR V 117 13.75 -44.48 -72.89
N PHE V 118 14.68 -43.53 -72.83
CA PHE V 118 14.56 -42.47 -71.85
C PHE V 118 13.49 -41.45 -72.24
N ALA V 119 13.23 -41.29 -73.54
CA ALA V 119 12.08 -40.49 -73.96
C ALA V 119 10.76 -41.13 -73.53
N LYS V 120 10.64 -42.45 -73.69
CA LYS V 120 9.45 -43.16 -73.23
C LYS V 120 9.33 -43.10 -71.70
N ARG V 121 10.45 -43.17 -71.00
CA ARG V 121 10.42 -43.03 -69.55
C ARG V 121 9.94 -41.64 -69.14
N GLU V 122 10.37 -40.60 -69.86
CA GLU V 122 9.94 -39.26 -69.55
C GLU V 122 8.44 -39.07 -69.77
N GLN V 123 7.90 -39.64 -70.86
CA GLN V 123 6.46 -39.48 -71.06
C GLN V 123 5.65 -40.33 -70.08
N TRP V 124 6.19 -41.47 -69.64
CA TRP V 124 5.54 -42.24 -68.58
C TRP V 124 5.49 -41.46 -67.27
N LYS V 125 6.60 -40.81 -66.91
CA LYS V 125 6.63 -40.02 -65.69
C LYS V 125 5.71 -38.80 -65.79
N LYS V 126 5.61 -38.20 -66.98
CA LYS V 126 4.66 -37.11 -67.18
C LYS V 126 3.24 -37.57 -66.98
N LEU V 127 2.89 -38.76 -67.50
CA LEU V 127 1.55 -39.30 -67.31
C LEU V 127 1.27 -39.57 -65.83
N ARG V 128 2.25 -40.11 -65.10
CA ARG V 128 2.04 -40.41 -63.69
C ARG V 128 1.82 -39.14 -62.87
N ARG V 129 2.66 -38.13 -63.08
CA ARG V 129 2.51 -36.89 -62.33
C ARG V 129 1.28 -36.10 -62.77
N GLU V 130 0.77 -36.33 -63.97
CA GLU V 130 -0.49 -35.70 -64.35
C GLU V 130 -1.69 -36.39 -63.72
N SER V 131 -1.63 -37.72 -63.57
CA SER V 131 -2.78 -38.47 -63.08
C SER V 131 -2.85 -38.60 -61.56
N TRP V 132 -1.79 -38.23 -60.84
CA TRP V 132 -1.76 -38.48 -59.39
C TRP V 132 -2.85 -37.74 -58.63
N GLU V 133 -3.03 -36.45 -58.94
CA GLU V 133 -4.00 -35.65 -58.20
C GLU V 133 -5.44 -36.12 -58.47
N ARG V 134 -5.73 -36.49 -59.71
CA ARG V 134 -7.03 -37.03 -60.05
C ARG V 134 -7.30 -38.33 -59.30
N GLU V 135 -6.29 -39.21 -59.23
CA GLU V 135 -6.53 -40.50 -58.59
C GLU V 135 -6.65 -40.36 -57.07
N VAL V 136 -5.93 -39.41 -56.46
CA VAL V 136 -6.07 -39.23 -55.02
C VAL V 136 -7.40 -38.53 -54.71
N LYS V 137 -7.91 -37.71 -55.63
CA LYS V 137 -9.23 -37.12 -55.44
C LYS V 137 -10.32 -38.15 -55.57
N GLN V 138 -10.15 -39.11 -56.49
CA GLN V 138 -11.10 -40.23 -56.59
C GLN V 138 -11.07 -41.08 -55.32
N LEU V 139 -9.88 -41.36 -54.80
CA LEU V 139 -9.78 -42.20 -53.61
C LEU V 139 -10.32 -41.50 -52.37
N GLN V 140 -10.24 -40.15 -52.33
CA GLN V 140 -10.68 -39.42 -51.14
C GLN V 140 -12.19 -39.50 -50.95
N GLU V 141 -12.95 -39.45 -52.03
CA GLU V 141 -14.40 -39.45 -51.93
C GLU V 141 -15.02 -40.84 -51.92
N GLU V 142 -14.23 -41.88 -52.14
CA GLU V 142 -14.77 -43.24 -52.14
C GLU V 142 -14.56 -43.96 -50.82
N THR V 143 -13.61 -43.51 -50.01
CA THR V 143 -13.40 -44.10 -48.69
C THR V 143 -14.54 -43.68 -47.77
N PRO V 144 -15.22 -44.61 -47.11
CA PRO V 144 -16.25 -44.22 -46.14
C PRO V 144 -15.62 -43.56 -44.92
N VAL V 145 -16.46 -42.80 -44.20
CA VAL V 145 -16.00 -42.14 -42.99
C VAL V 145 -15.69 -43.17 -41.92
N GLY V 146 -14.53 -43.03 -41.28
CA GLY V 146 -14.02 -44.05 -40.39
C GLY V 146 -12.92 -44.91 -40.96
N GLY V 147 -12.42 -44.59 -42.15
CA GLY V 147 -11.36 -45.36 -42.75
C GLY V 147 -11.91 -46.49 -43.61
N PRO V 148 -11.07 -47.02 -44.49
CA PRO V 148 -11.49 -48.17 -45.30
C PRO V 148 -11.67 -49.41 -44.44
N ARG V 149 -12.59 -50.29 -44.87
CA ARG V 149 -12.87 -51.50 -44.11
C ARG V 149 -12.00 -52.66 -44.55
N THR V 150 -11.71 -52.75 -45.84
CA THR V 150 -10.81 -53.74 -46.42
C THR V 150 -9.67 -53.02 -47.15
N GLU V 151 -8.79 -53.80 -47.76
CA GLU V 151 -7.65 -53.25 -48.48
C GLU V 151 -7.84 -53.20 -49.98
N ALA V 152 -9.04 -53.51 -50.47
CA ALA V 152 -9.29 -53.45 -51.91
C ALA V 152 -9.38 -52.00 -52.37
N LEU V 153 -8.79 -51.72 -53.53
CA LEU V 153 -8.80 -50.40 -54.15
C LEU V 153 -9.87 -50.34 -55.23
N PRO V 154 -10.45 -49.17 -55.48
CA PRO V 154 -11.45 -49.05 -56.54
C PRO V 154 -10.79 -48.89 -57.90
N PRO V 155 -11.48 -49.21 -58.98
CA PRO V 155 -10.96 -48.93 -60.32
C PRO V 155 -11.26 -47.49 -60.71
N ALA V 156 -10.89 -47.16 -61.94
CA ALA V 156 -11.19 -45.84 -62.48
C ALA V 156 -12.60 -45.85 -63.04
N ARG V 157 -13.46 -44.99 -62.49
CA ARG V 157 -14.86 -45.00 -62.87
C ARG V 157 -15.11 -44.39 -64.25
N LYS V 158 -14.47 -43.26 -64.55
CA LYS V 158 -14.74 -42.56 -65.78
C LYS V 158 -13.60 -42.78 -66.78
N GLN V 159 -13.69 -42.11 -67.92
CA GLN V 159 -12.76 -42.34 -69.02
C GLN V 159 -11.60 -41.34 -68.96
N GLY V 160 -10.41 -41.83 -69.27
CA GLY V 160 -9.23 -40.99 -69.33
C GLY V 160 -8.27 -41.20 -68.19
N ASP V 161 -8.79 -41.38 -66.98
CA ASP V 161 -7.95 -41.51 -65.80
C ASP V 161 -7.63 -42.98 -65.51
N LEU V 162 -6.50 -43.19 -64.89
CA LEU V 162 -5.93 -44.47 -64.51
C LEU V 162 -6.42 -44.88 -63.13
N PRO V 163 -6.35 -46.17 -62.78
CA PRO V 163 -6.79 -46.58 -61.45
C PRO V 163 -5.90 -45.97 -60.38
N PRO V 164 -6.47 -45.67 -59.21
CA PRO V 164 -5.66 -45.08 -58.14
C PRO V 164 -4.63 -46.05 -57.59
N LEU V 165 -3.46 -45.49 -57.24
CA LEU V 165 -2.32 -46.23 -56.69
C LEU V 165 -1.88 -47.35 -57.64
N TRP V 166 -1.40 -46.95 -58.81
CA TRP V 166 -1.08 -47.87 -59.88
C TRP V 166 0.40 -47.95 -60.22
N TRP V 167 1.21 -47.00 -59.76
CA TRP V 167 2.57 -46.87 -60.29
C TRP V 167 3.48 -48.01 -59.85
N HIS V 168 3.49 -48.32 -58.57
CA HIS V 168 4.46 -49.28 -58.05
C HIS V 168 4.03 -50.72 -58.25
N ILE V 169 2.83 -50.97 -58.75
CA ILE V 169 2.39 -52.31 -59.12
C ILE V 169 2.31 -52.51 -60.62
N VAL V 170 2.51 -51.47 -61.41
CA VAL V 170 2.69 -51.59 -62.85
C VAL V 170 4.16 -51.61 -63.21
N THR V 171 4.97 -50.75 -62.58
CA THR V 171 6.39 -50.67 -62.86
C THR V 171 7.23 -51.59 -61.99
N ARG V 172 6.65 -52.68 -61.48
CA ARG V 172 7.42 -53.62 -60.69
C ARG V 172 8.39 -54.40 -61.59
N PRO V 173 9.52 -54.85 -61.04
CA PRO V 173 10.50 -55.57 -61.88
C PRO V 173 9.97 -56.91 -62.34
N ARG V 174 10.54 -57.38 -63.45
CA ARG V 174 10.15 -58.66 -64.01
C ARG V 174 10.64 -59.79 -63.11
N GLU V 175 10.09 -60.99 -63.35
CA GLU V 175 10.49 -62.14 -62.56
C GLU V 175 11.92 -62.58 -62.88
N ARG V 176 12.36 -62.38 -64.12
CA ARG V 176 13.73 -62.70 -64.54
C ARG V 176 14.32 -61.45 -65.18
N PRO V 177 14.89 -60.55 -64.38
CA PRO V 177 15.47 -59.30 -64.90
C PRO V 177 16.75 -59.53 -65.70
N ALA W 1 22.37 -76.42 -85.88
CA ALA W 1 21.48 -75.63 -85.02
C ALA W 1 21.27 -76.32 -83.68
N HIS W 2 20.46 -75.70 -82.82
CA HIS W 2 20.20 -76.22 -81.50
C HIS W 2 19.10 -77.28 -81.56
N ILE W 3 18.58 -77.66 -80.39
CA ILE W 3 17.56 -78.68 -80.25
C ILE W 3 16.23 -77.98 -80.03
N GLU W 4 15.24 -78.30 -80.85
CA GLU W 4 13.91 -77.71 -80.67
C GLU W 4 13.17 -78.42 -79.55
N PRO W 5 12.66 -77.69 -78.56
CA PRO W 5 11.93 -78.34 -77.46
C PRO W 5 10.62 -78.95 -77.94
N ARG W 6 10.29 -80.10 -77.34
CA ARG W 6 9.09 -80.84 -77.70
C ARG W 6 8.09 -80.80 -76.54
N TYR W 7 6.82 -80.82 -76.90
CA TYR W 7 5.74 -80.82 -75.92
C TYR W 7 5.23 -82.24 -75.76
N ARG W 8 5.33 -82.76 -74.53
CA ARG W 8 4.71 -84.02 -74.11
C ARG W 8 5.25 -85.22 -74.88
N GLN W 9 6.50 -85.14 -75.34
CA GLN W 9 7.07 -86.17 -76.20
C GLN W 9 8.53 -86.37 -75.85
N PHE W 10 9.09 -87.49 -76.31
CA PHE W 10 10.49 -87.81 -76.07
C PHE W 10 11.38 -86.80 -76.79
N PRO W 11 12.39 -86.24 -76.12
CA PRO W 11 13.15 -85.14 -76.71
C PRO W 11 14.10 -85.61 -77.81
N GLN W 12 14.52 -84.65 -78.62
CA GLN W 12 15.43 -84.94 -79.73
C GLN W 12 16.81 -85.27 -79.21
N LEU W 13 17.46 -86.24 -79.85
CA LEU W 13 18.78 -86.71 -79.45
C LEU W 13 19.77 -86.56 -80.59
N THR W 14 20.99 -86.17 -80.25
CA THR W 14 22.09 -86.17 -81.20
C THR W 14 22.71 -87.57 -81.25
N ARG W 15 23.19 -87.96 -82.43
CA ARG W 15 23.88 -89.24 -82.54
C ARG W 15 25.23 -89.20 -81.82
N SER W 16 25.83 -88.01 -81.73
CA SER W 16 27.14 -87.88 -81.11
C SER W 16 27.11 -88.23 -79.62
N GLN W 17 26.08 -87.76 -78.90
CA GLN W 17 26.03 -88.02 -77.47
C GLN W 17 25.72 -89.47 -77.17
N VAL W 18 24.88 -90.12 -77.98
CA VAL W 18 24.61 -91.54 -77.81
C VAL W 18 25.88 -92.35 -78.06
N ILE W 19 26.63 -91.98 -79.10
CA ILE W 19 27.88 -92.67 -79.41
C ILE W 19 28.88 -92.49 -78.28
N GLN W 20 28.99 -91.26 -77.75
CA GLN W 20 29.93 -91.00 -76.67
C GLN W 20 29.58 -91.77 -75.40
N ALA W 21 28.28 -91.79 -75.04
CA ALA W 21 27.85 -92.51 -73.85
C ALA W 21 28.09 -94.01 -73.98
N GLU W 22 27.75 -94.58 -75.14
CA GLU W 22 27.96 -96.01 -75.34
C GLU W 22 29.45 -96.34 -75.35
N PHE W 23 30.27 -95.49 -75.95
CA PHE W 23 31.71 -95.72 -75.98
C PHE W 23 32.31 -95.70 -74.59
N PHE W 24 31.87 -94.76 -73.75
CA PHE W 24 32.46 -94.67 -72.41
C PHE W 24 31.97 -95.77 -71.49
N SER W 25 30.71 -96.21 -71.63
CA SER W 25 30.25 -97.37 -70.89
C SER W 25 31.01 -98.63 -71.30
N ALA W 26 31.24 -98.80 -72.61
CA ALA W 26 32.00 -99.94 -73.09
C ALA W 26 33.45 -99.88 -72.62
N THR W 27 34.03 -98.68 -72.57
CA THR W 27 35.39 -98.51 -72.05
C THR W 27 35.47 -98.91 -70.58
N MET W 28 34.47 -98.51 -69.78
CA MET W 28 34.46 -98.89 -68.36
C MET W 28 34.36 -100.40 -68.19
N TRP W 29 33.48 -101.05 -68.95
CA TRP W 29 33.34 -102.49 -68.78
C TRP W 29 34.54 -103.25 -69.33
N PHE W 30 35.15 -102.76 -70.41
CA PHE W 30 36.39 -103.36 -70.91
C PHE W 30 37.50 -103.24 -69.88
N TRP W 31 37.61 -102.08 -69.23
CA TRP W 31 38.65 -101.88 -68.23
C TRP W 31 38.46 -102.80 -67.03
N ILE W 32 37.22 -102.96 -66.59
CA ILE W 32 36.94 -103.84 -65.45
C ILE W 32 37.28 -105.29 -65.81
N LEU W 33 36.84 -105.74 -66.99
CA LEU W 33 37.12 -107.11 -67.40
C LEU W 33 38.62 -107.35 -67.61
N TRP W 34 39.32 -106.36 -68.17
CA TRP W 34 40.76 -106.48 -68.40
C TRP W 34 41.52 -106.58 -67.08
N ARG W 35 41.20 -105.70 -66.13
CA ARG W 35 41.90 -105.71 -64.86
C ARG W 35 41.54 -106.93 -64.03
N PHE W 36 40.32 -107.46 -64.16
CA PHE W 36 40.01 -108.69 -63.47
C PHE W 36 40.67 -109.89 -64.12
N TRP W 37 40.85 -109.87 -65.44
CA TRP W 37 41.56 -110.94 -66.10
C TRP W 37 43.04 -110.94 -65.74
N HIS W 38 43.61 -109.76 -65.53
CA HIS W 38 45.04 -109.67 -65.24
C HIS W 38 45.33 -109.81 -63.75
N ASP W 39 44.76 -108.95 -62.92
CA ASP W 39 45.12 -108.97 -61.50
C ASP W 39 44.44 -110.13 -60.77
N SER W 40 43.11 -110.05 -60.63
CA SER W 40 42.27 -111.07 -59.95
C SER W 40 42.76 -111.42 -58.56
N ASP W 41 43.56 -110.57 -57.92
CA ASP W 41 44.19 -110.91 -56.65
C ASP W 41 43.89 -109.84 -55.62
N ALA W 42 43.78 -108.59 -56.08
CA ALA W 42 43.41 -107.50 -55.19
C ALA W 42 41.96 -107.60 -54.74
N VAL W 43 41.14 -108.38 -55.44
CA VAL W 43 39.78 -108.64 -55.04
C VAL W 43 39.62 -110.01 -54.41
N LEU W 44 40.30 -111.02 -54.94
CA LEU W 44 40.07 -112.40 -54.54
C LEU W 44 40.94 -112.88 -53.39
N GLY W 45 42.21 -112.49 -53.37
CA GLY W 45 43.12 -112.93 -52.33
C GLY W 45 44.52 -113.20 -52.84
N HIS W 46 45.54 -112.72 -52.13
CA HIS W 46 46.90 -112.78 -52.62
C HIS W 46 47.60 -114.08 -52.26
N PHE W 47 47.56 -114.47 -50.99
CA PHE W 47 48.29 -115.61 -50.48
C PHE W 47 47.37 -116.53 -49.71
N PRO W 48 47.65 -117.83 -49.67
CA PRO W 48 46.83 -118.74 -48.88
C PRO W 48 46.94 -118.48 -47.39
N TYR W 49 45.83 -118.69 -46.70
CA TYR W 49 45.77 -118.46 -45.26
C TYR W 49 45.89 -119.79 -44.54
N PRO W 50 46.97 -120.02 -43.79
CA PRO W 50 47.14 -121.32 -43.12
C PRO W 50 46.36 -121.37 -41.81
N ASP W 51 45.55 -122.40 -41.65
CA ASP W 51 44.80 -122.58 -40.41
C ASP W 51 45.75 -123.03 -39.32
N PRO W 52 45.76 -122.38 -38.16
CA PRO W 52 46.73 -122.73 -37.11
C PRO W 52 46.38 -124.00 -36.36
N SER W 53 45.19 -124.56 -36.53
CA SER W 53 44.84 -125.80 -35.86
C SER W 53 45.53 -127.01 -36.48
N GLN W 54 46.02 -126.88 -37.71
CA GLN W 54 46.63 -127.99 -38.42
C GLN W 54 48.14 -128.05 -38.23
N TRP W 55 48.71 -127.15 -37.44
CA TRP W 55 50.15 -127.16 -37.20
C TRP W 55 50.48 -128.20 -36.15
N THR W 56 51.46 -129.06 -36.44
CA THR W 56 51.88 -130.08 -35.49
C THR W 56 52.59 -129.43 -34.31
N ASP W 57 52.46 -130.06 -33.15
CA ASP W 57 53.07 -129.54 -31.93
C ASP W 57 54.58 -129.70 -31.91
N GLU W 58 55.15 -130.49 -32.83
CA GLU W 58 56.60 -130.64 -32.87
C GLU W 58 57.27 -129.38 -33.42
N GLU W 59 56.74 -128.84 -34.52
CA GLU W 59 57.33 -127.65 -35.12
C GLU W 59 57.05 -126.40 -34.32
N LEU W 60 56.03 -126.41 -33.47
CA LEU W 60 55.79 -125.33 -32.52
C LEU W 60 56.53 -125.54 -31.21
N GLY W 61 57.19 -126.67 -31.01
CA GLY W 61 57.95 -126.91 -29.80
C GLY W 61 57.08 -127.01 -28.56
N ILE W 62 56.20 -127.99 -28.54
CA ILE W 62 55.34 -128.26 -27.39
C ILE W 62 55.87 -129.51 -26.69
N PRO W 63 56.28 -129.43 -25.43
CA PRO W 63 56.83 -130.61 -24.77
C PRO W 63 55.71 -131.49 -24.22
N PRO W 64 55.72 -132.78 -24.53
CA PRO W 64 54.73 -133.69 -23.94
C PRO W 64 55.08 -134.07 -22.51
N ASP W 65 54.38 -133.51 -21.54
CA ASP W 65 54.62 -133.81 -20.14
C ASP W 65 53.31 -133.93 -19.36
N ILE X 1 7.20 -36.13 -35.44
CA ILE X 1 7.09 -36.94 -34.22
C ILE X 1 6.78 -36.03 -33.03
N THR X 2 6.35 -36.63 -31.92
CA THR X 2 6.08 -35.88 -30.70
C THR X 2 6.37 -36.78 -29.51
N LYS X 3 6.26 -36.19 -28.32
CA LYS X 3 6.50 -36.94 -27.08
C LYS X 3 5.30 -37.76 -26.65
N ASP X 4 4.15 -37.59 -27.29
CA ASP X 4 2.97 -38.37 -26.96
C ASP X 4 2.79 -39.59 -27.87
N MET X 5 3.71 -39.81 -28.80
CA MET X 5 3.75 -41.03 -29.60
C MET X 5 4.80 -42.00 -29.12
N LEU X 6 5.73 -41.57 -28.30
CA LEU X 6 6.78 -42.41 -27.74
C LEU X 6 6.20 -43.30 -26.64
N PRO X 7 6.89 -44.40 -26.30
CA PRO X 7 6.44 -45.24 -25.20
C PRO X 7 6.52 -44.53 -23.85
N GLY X 8 5.75 -45.02 -22.90
CA GLY X 8 5.70 -44.44 -21.58
C GLY X 8 5.73 -45.48 -20.48
N PRO X 9 5.34 -45.09 -19.29
CA PRO X 9 5.35 -46.01 -18.14
C PRO X 9 4.14 -46.95 -18.17
N TYR X 10 4.12 -47.86 -17.21
CA TYR X 10 3.08 -48.90 -17.15
C TYR X 10 1.73 -48.26 -16.88
N PRO X 11 0.71 -48.56 -17.69
CA PRO X 11 -0.61 -47.97 -17.45
C PRO X 11 -1.34 -48.66 -16.31
N LYS X 12 -1.96 -47.86 -15.45
CA LYS X 12 -2.70 -48.39 -14.30
C LYS X 12 -4.21 -48.35 -14.52
N THR X 13 -4.74 -47.17 -14.79
CA THR X 13 -6.16 -47.03 -15.03
C THR X 13 -6.51 -47.54 -16.42
N PRO X 14 -7.77 -47.94 -16.65
CA PRO X 14 -8.17 -48.31 -18.02
C PRO X 14 -8.14 -47.18 -19.03
N GLU X 15 -8.17 -45.92 -18.58
CA GLU X 15 -8.13 -44.80 -19.51
C GLU X 15 -6.76 -44.69 -20.20
N GLU X 16 -5.68 -44.74 -19.41
CA GLU X 16 -4.36 -44.69 -20.01
C GLU X 16 -4.03 -45.98 -20.75
N ARG X 17 -4.62 -47.09 -20.33
CA ARG X 17 -4.46 -48.33 -21.10
C ARG X 17 -5.12 -48.21 -22.48
N ALA X 18 -6.31 -47.61 -22.54
CA ALA X 18 -6.96 -47.40 -23.83
C ALA X 18 -6.19 -46.40 -24.68
N ALA X 19 -5.64 -45.35 -24.05
CA ALA X 19 -4.83 -44.38 -24.77
C ALA X 19 -3.57 -45.03 -25.34
N ALA X 20 -2.92 -45.90 -24.57
CA ALA X 20 -1.74 -46.61 -25.05
C ALA X 20 -2.09 -47.57 -26.16
N ALA X 21 -3.23 -48.26 -26.05
CA ALA X 21 -3.65 -49.18 -27.10
C ALA X 21 -3.91 -48.44 -28.40
N LYS X 22 -4.51 -47.24 -28.31
CA LYS X 22 -4.66 -46.41 -29.50
C LYS X 22 -3.31 -45.92 -30.01
N LYS X 23 -2.36 -45.66 -29.11
CA LYS X 23 -1.04 -45.17 -29.52
C LYS X 23 -0.29 -46.20 -30.36
N TYR X 24 -0.32 -47.46 -29.95
CA TYR X 24 0.42 -48.51 -30.62
C TYR X 24 -0.35 -49.11 -31.80
N ASN X 25 -1.53 -48.56 -32.11
CA ASN X 25 -2.39 -48.98 -33.22
C ASN X 25 -2.83 -50.44 -33.06
N MET X 26 -3.52 -50.70 -31.95
CA MET X 26 -4.07 -52.02 -31.70
C MET X 26 -5.32 -51.89 -30.84
N ARG X 27 -6.16 -52.92 -30.88
CA ARG X 27 -7.38 -52.91 -30.12
C ARG X 27 -7.09 -53.00 -28.62
N VAL X 28 -8.00 -52.40 -27.83
CA VAL X 28 -7.81 -52.35 -26.38
C VAL X 28 -7.90 -53.74 -25.77
N GLU X 29 -8.76 -54.60 -26.32
CA GLU X 29 -8.90 -55.95 -25.80
C GLU X 29 -7.68 -56.80 -26.11
N ASP X 30 -7.02 -56.56 -27.24
CA ASP X 30 -5.84 -57.32 -27.64
C ASP X 30 -4.54 -56.72 -27.14
N TYR X 31 -4.59 -55.57 -26.47
CA TYR X 31 -3.38 -54.90 -26.00
C TYR X 31 -3.06 -55.36 -24.59
N GLU X 32 -1.92 -56.03 -24.43
CA GLU X 32 -1.44 -56.46 -23.12
C GLU X 32 -0.03 -55.95 -22.94
N PRO X 33 0.22 -55.06 -21.99
CA PRO X 33 1.59 -54.66 -21.68
C PRO X 33 2.31 -55.75 -20.90
N TYR X 34 3.64 -55.59 -20.82
CA TYR X 34 4.44 -56.50 -20.01
C TYR X 34 4.10 -56.29 -18.53
N PRO X 35 4.20 -57.35 -17.72
CA PRO X 35 3.92 -57.21 -16.29
C PRO X 35 4.90 -56.27 -15.61
N ASP X 36 4.39 -55.55 -14.60
CA ASP X 36 5.14 -54.47 -13.97
C ASP X 36 6.00 -55.03 -12.84
N ASP X 37 7.10 -55.65 -13.23
CA ASP X 37 8.07 -56.17 -12.27
C ASP X 37 9.33 -55.33 -12.19
N GLY X 38 9.37 -54.18 -12.87
CA GLY X 38 10.52 -53.31 -12.82
C GLY X 38 11.64 -53.65 -13.77
N MET X 39 11.40 -54.51 -14.76
CA MET X 39 12.44 -54.86 -15.72
C MET X 39 12.77 -53.72 -16.68
N GLY X 40 11.86 -52.76 -16.85
CA GLY X 40 12.10 -51.64 -17.72
C GLY X 40 11.34 -51.63 -19.02
N TYR X 41 10.30 -52.45 -19.16
CA TYR X 41 9.59 -52.53 -20.43
C TYR X 41 8.72 -51.31 -20.67
N GLY X 42 8.04 -50.83 -19.63
CA GLY X 42 7.11 -49.73 -19.79
C GLY X 42 5.77 -50.22 -20.24
N ASP X 43 5.10 -49.48 -21.13
CA ASP X 43 3.80 -49.86 -21.64
C ASP X 43 3.87 -50.52 -23.00
N TYR X 44 5.06 -50.96 -23.41
CA TYR X 44 5.23 -51.58 -24.72
C TYR X 44 4.44 -52.88 -24.78
N PRO X 45 3.71 -53.13 -25.87
CA PRO X 45 2.81 -54.29 -25.90
C PRO X 45 3.56 -55.60 -25.92
N LYS X 46 2.94 -56.61 -25.33
CA LYS X 46 3.48 -57.96 -25.32
C LYS X 46 2.83 -58.72 -26.47
N LEU X 47 3.49 -58.75 -27.59
CA LEU X 47 3.05 -59.46 -28.78
C LEU X 47 3.32 -60.96 -28.60
N PRO X 48 2.63 -61.84 -29.36
CA PRO X 48 2.61 -63.27 -29.00
C PRO X 48 3.89 -64.08 -29.18
N ASP X 49 5.03 -63.43 -29.42
CA ASP X 49 6.37 -64.07 -29.39
C ASP X 49 6.50 -65.17 -30.43
N ARG X 50 6.17 -64.85 -31.67
CA ARG X 50 6.29 -65.78 -32.79
C ARG X 50 7.26 -65.22 -33.81
N SER X 51 8.03 -66.10 -34.43
CA SER X 51 9.00 -65.69 -35.42
C SER X 51 8.30 -65.23 -36.69
N GLN X 52 9.04 -64.50 -37.54
CA GLN X 52 8.50 -64.03 -38.80
C GLN X 52 8.30 -65.15 -39.81
N GLN X 53 8.88 -66.33 -39.58
CA GLN X 53 8.68 -67.46 -40.48
C GLN X 53 7.25 -67.97 -40.44
N GLU X 54 6.55 -67.77 -39.33
CA GLU X 54 5.17 -68.23 -39.19
C GLU X 54 4.17 -67.33 -39.89
N ARG X 55 4.60 -66.18 -40.41
CA ARG X 55 3.71 -65.30 -41.14
C ARG X 55 3.31 -65.92 -42.48
N ASP X 56 2.24 -65.40 -43.05
CA ASP X 56 1.80 -65.85 -44.38
C ASP X 56 2.79 -65.37 -45.43
N PRO X 57 3.42 -66.27 -46.20
CA PRO X 57 4.36 -65.81 -47.22
C PRO X 57 3.70 -65.27 -48.47
N TRP X 58 2.44 -65.57 -48.70
CA TRP X 58 1.75 -65.12 -49.91
C TRP X 58 1.07 -63.77 -49.74
N TYR X 59 1.00 -63.23 -48.52
CA TYR X 59 0.43 -61.91 -48.30
C TYR X 59 1.37 -60.84 -48.85
N ASP X 60 0.78 -59.74 -49.28
CA ASP X 60 1.55 -58.61 -49.81
C ASP X 60 1.96 -57.71 -48.67
N TRP X 61 3.09 -58.02 -48.04
CA TRP X 61 3.60 -57.22 -46.95
C TRP X 61 4.26 -55.95 -47.48
N ASP X 62 4.26 -54.91 -46.64
CA ASP X 62 4.98 -53.69 -46.99
C ASP X 62 6.48 -53.94 -47.02
N HIS X 63 6.99 -54.71 -46.06
CA HIS X 63 8.37 -55.17 -46.06
C HIS X 63 8.35 -56.67 -46.31
N PRO X 64 8.65 -57.13 -47.54
CA PRO X 64 8.42 -58.54 -47.86
C PRO X 64 9.42 -59.49 -47.22
N ASP X 65 10.68 -59.08 -47.10
CA ASP X 65 11.69 -59.95 -46.52
C ASP X 65 11.44 -60.15 -45.03
N LEU X 66 11.08 -59.09 -44.31
CA LEU X 66 10.82 -59.19 -42.89
C LEU X 66 9.41 -59.68 -42.59
N ARG X 67 8.53 -59.72 -43.60
CA ARG X 67 7.11 -60.03 -43.45
C ARG X 67 6.47 -59.13 -42.40
N LEU X 68 6.64 -57.82 -42.61
CA LEU X 68 6.25 -56.80 -41.65
C LEU X 68 5.46 -55.72 -42.38
N ASN X 69 4.51 -55.12 -41.67
CA ASN X 69 3.65 -54.11 -42.24
C ASN X 69 3.98 -52.74 -41.66
N TRP X 70 3.77 -51.70 -42.47
CA TRP X 70 4.04 -50.33 -42.06
C TRP X 70 3.02 -49.89 -41.02
N GLY X 71 3.50 -49.37 -39.90
CA GLY X 71 2.64 -48.89 -38.83
C GLY X 71 2.22 -49.94 -37.83
N GLU X 72 2.40 -51.21 -38.15
CA GLU X 72 2.06 -52.30 -37.24
C GLU X 72 2.97 -52.26 -36.02
N PRO X 73 2.46 -52.60 -34.83
CA PRO X 73 3.33 -52.68 -33.66
C PRO X 73 4.40 -53.75 -33.84
N MET X 74 5.64 -53.35 -33.56
CA MET X 74 6.82 -54.15 -33.80
C MET X 74 7.19 -54.88 -32.52
N HIS X 75 7.49 -56.17 -32.64
CA HIS X 75 7.74 -57.01 -31.47
C HIS X 75 9.02 -56.57 -30.77
N TRP X 76 9.09 -56.85 -29.46
CA TRP X 76 10.24 -56.43 -28.67
C TRP X 76 11.52 -57.14 -29.11
N ASP X 77 11.41 -58.37 -29.60
CA ASP X 77 12.54 -59.15 -30.03
C ASP X 77 12.49 -59.42 -31.53
N LEU X 78 12.15 -58.40 -32.32
CA LEU X 78 11.99 -58.62 -33.75
C LEU X 78 13.32 -58.90 -34.43
N ASP X 79 14.40 -58.28 -33.95
CA ASP X 79 15.71 -58.54 -34.51
C ASP X 79 16.23 -59.93 -34.18
N MET X 80 15.58 -60.62 -33.25
CA MET X 80 15.89 -61.99 -32.89
C MET X 80 14.98 -62.98 -33.61
N TYR X 81 13.77 -62.57 -33.96
CA TYR X 81 12.79 -63.43 -34.62
C TYR X 81 12.72 -63.20 -36.13
N ILE X 82 13.79 -62.72 -36.74
CA ILE X 82 13.84 -62.55 -38.18
C ILE X 82 14.06 -63.90 -38.83
N ARG X 83 13.91 -63.96 -40.16
CA ARG X 83 14.09 -65.22 -40.88
C ARG X 83 15.54 -65.67 -40.93
N ASN X 84 16.49 -64.81 -40.58
CA ASN X 84 17.90 -65.20 -40.50
C ASN X 84 18.27 -65.82 -39.17
N ARG X 85 17.34 -65.90 -38.23
CA ARG X 85 17.62 -66.23 -36.84
C ARG X 85 16.54 -67.19 -36.36
N VAL X 86 16.37 -67.26 -35.03
CA VAL X 86 15.54 -68.23 -34.30
C VAL X 86 14.18 -68.47 -34.92
N ASP X 87 13.85 -69.73 -35.17
CA ASP X 87 12.59 -70.14 -35.77
C ASP X 87 11.70 -70.77 -34.71
N THR X 88 10.39 -70.54 -34.84
CA THR X 88 9.41 -71.07 -33.91
C THR X 88 8.28 -71.78 -34.65
N SER X 89 8.50 -72.18 -35.89
CA SER X 89 7.48 -72.87 -36.67
C SER X 89 7.21 -74.25 -36.07
N PRO X 90 5.98 -74.76 -36.20
CA PRO X 90 5.68 -76.10 -35.70
C PRO X 90 6.46 -77.18 -36.43
N THR X 91 6.76 -78.25 -35.70
CA THR X 91 7.54 -79.37 -36.18
C THR X 91 6.66 -80.59 -36.41
N PRO X 92 7.02 -81.48 -37.34
CA PRO X 92 6.24 -82.71 -37.53
C PRO X 92 6.25 -83.64 -36.33
N VAL X 93 7.24 -83.54 -35.45
CA VAL X 93 7.34 -84.39 -34.27
C VAL X 93 7.32 -83.50 -33.04
N ASN X 94 6.75 -84.01 -31.95
CA ASN X 94 6.72 -83.27 -30.69
C ASN X 94 8.14 -83.04 -30.18
N TRP X 95 8.37 -81.85 -29.62
CA TRP X 95 9.72 -81.40 -29.25
C TRP X 95 10.36 -82.32 -28.22
N ASN X 96 9.58 -82.76 -27.24
CA ASN X 96 10.09 -83.66 -26.21
C ASN X 96 10.55 -84.98 -26.82
N LEU X 97 9.81 -85.49 -27.80
CA LEU X 97 10.17 -86.77 -28.40
C LEU X 97 11.48 -86.66 -29.19
N MET X 98 11.66 -85.57 -29.94
CA MET X 98 12.93 -85.37 -30.63
C MET X 98 14.08 -85.22 -29.66
N CYS X 99 13.87 -84.51 -28.55
CA CYS X 99 14.93 -84.35 -27.55
C CYS X 99 15.32 -85.70 -26.96
N LYS X 100 14.34 -86.51 -26.55
CA LYS X 100 14.66 -87.79 -25.93
C LYS X 100 15.27 -88.76 -26.93
N HIS X 101 14.81 -88.73 -28.18
CA HIS X 101 15.35 -89.64 -29.19
C HIS X 101 16.80 -89.29 -29.53
N LEU X 102 17.10 -88.01 -29.72
CA LEU X 102 18.47 -87.61 -30.01
C LEU X 102 19.39 -87.88 -28.84
N PHE X 103 18.95 -87.57 -27.62
CA PHE X 103 19.79 -87.82 -26.44
C PHE X 103 20.03 -89.31 -26.23
N GLY X 104 19.00 -90.14 -26.42
CA GLY X 104 19.18 -91.57 -26.28
C GLY X 104 20.11 -92.15 -27.32
N PHE X 105 20.03 -91.63 -28.56
CA PHE X 105 20.93 -92.10 -29.61
C PHE X 105 22.37 -91.76 -29.29
N VAL X 106 22.63 -90.52 -28.87
CA VAL X 106 23.99 -90.08 -28.57
C VAL X 106 24.55 -90.86 -27.37
N ALA X 107 23.74 -91.04 -26.33
CA ALA X 107 24.19 -91.77 -25.14
C ALA X 107 24.46 -93.24 -25.47
N PHE X 108 23.61 -93.86 -26.28
CA PHE X 108 23.83 -95.26 -26.64
C PHE X 108 25.09 -95.43 -27.49
N MET X 109 25.32 -94.50 -28.42
CA MET X 109 26.54 -94.56 -29.22
C MET X 109 27.79 -94.39 -28.37
N LEU X 110 27.75 -93.46 -27.42
CA LEU X 110 28.91 -93.28 -26.53
C LEU X 110 29.15 -94.51 -25.66
N PHE X 111 28.07 -95.12 -25.14
CA PHE X 111 28.22 -96.31 -24.32
C PHE X 111 28.79 -97.48 -25.12
N MET X 112 28.33 -97.65 -26.36
CA MET X 112 28.85 -98.77 -27.15
C MET X 112 30.27 -98.51 -27.63
N PHE X 113 30.64 -97.25 -27.84
CA PHE X 113 32.03 -96.93 -28.14
C PHE X 113 32.93 -97.27 -26.95
N TRP X 114 32.46 -96.96 -25.73
CA TRP X 114 33.21 -97.33 -24.54
C TRP X 114 33.34 -98.83 -24.39
N VAL X 115 32.26 -99.57 -24.67
CA VAL X 115 32.29 -101.03 -24.57
C VAL X 115 33.26 -101.61 -25.59
N GLY X 116 33.24 -101.10 -26.82
CA GLY X 116 34.17 -101.57 -27.83
C GLY X 116 35.62 -101.21 -27.53
N GLU X 117 35.85 -100.07 -26.87
CA GLU X 117 37.19 -99.75 -26.40
C GLU X 117 37.64 -100.75 -25.34
N THR X 118 36.72 -101.16 -24.45
CA THR X 118 37.07 -102.14 -23.42
C THR X 118 37.42 -103.50 -24.02
N TYR X 119 36.65 -103.96 -24.99
CA TYR X 119 36.86 -105.26 -25.63
C TYR X 119 37.17 -105.06 -27.10
N PRO X 120 38.43 -104.85 -27.46
CA PRO X 120 38.77 -104.57 -28.86
C PRO X 120 38.89 -105.85 -29.67
N THR X 121 39.04 -105.66 -30.97
CA THR X 121 39.37 -106.75 -31.89
C THR X 121 40.86 -106.74 -32.20
N TYR X 122 41.36 -107.89 -32.59
CA TYR X 122 42.74 -108.05 -33.01
C TYR X 122 42.83 -109.30 -33.88
N GLN X 123 44.04 -109.71 -34.20
CA GLN X 123 44.30 -110.87 -35.03
C GLN X 123 45.16 -111.85 -34.26
N PRO X 124 45.07 -113.15 -34.58
CA PRO X 124 45.90 -114.13 -33.84
C PRO X 124 47.36 -114.09 -34.28
N VAL X 125 48.05 -113.02 -33.91
CA VAL X 125 49.46 -112.84 -34.24
C VAL X 125 50.20 -112.35 -33.01
N GLY X 126 51.51 -112.60 -33.01
CA GLY X 126 52.37 -112.11 -31.98
C GLY X 126 52.85 -110.70 -32.30
N PRO X 127 53.77 -110.18 -31.51
CA PRO X 127 54.30 -108.85 -31.78
C PRO X 127 55.20 -108.84 -33.00
N LYS X 128 55.24 -107.69 -33.66
CA LYS X 128 56.15 -107.50 -34.79
C LYS X 128 57.59 -107.45 -34.29
N GLN X 129 58.49 -108.09 -35.02
CA GLN X 129 59.89 -108.21 -34.64
C GLN X 129 60.76 -107.32 -35.53
N TYR X 130 61.64 -106.55 -34.90
CA TYR X 130 62.56 -105.67 -35.60
C TYR X 130 63.99 -106.00 -35.22
N PRO X 131 64.93 -105.92 -36.16
CA PRO X 131 66.32 -106.30 -35.88
C PRO X 131 67.06 -105.20 -35.15
N TYR X 132 68.32 -105.50 -34.81
CA TYR X 132 69.28 -104.56 -34.21
C TYR X 132 68.77 -103.98 -32.90
N ASN X 133 68.45 -104.88 -31.96
CA ASN X 133 67.93 -104.54 -30.63
C ASN X 133 66.69 -103.67 -30.71
N ASN X 134 65.69 -104.15 -31.48
CA ASN X 134 64.42 -103.46 -31.72
C ASN X 134 64.64 -102.06 -32.30
N LEU X 135 65.66 -101.95 -33.17
CA LEU X 135 66.10 -100.69 -33.77
C LEU X 135 66.41 -99.64 -32.69
N TYR X 136 67.41 -99.96 -31.87
CA TYR X 136 67.77 -99.07 -30.77
C TYR X 136 68.37 -97.77 -31.25
N LEU X 137 69.35 -97.84 -32.15
CA LEU X 137 70.01 -96.63 -32.61
C LEU X 137 69.13 -95.83 -33.56
N GLU X 138 68.24 -96.50 -34.29
CA GLU X 138 67.37 -95.79 -35.21
C GLU X 138 66.29 -95.02 -34.47
N ARG X 139 65.95 -95.45 -33.26
CA ARG X 139 64.88 -94.82 -32.48
C ARG X 139 65.37 -93.65 -31.65
N GLY X 140 66.65 -93.29 -31.75
CA GLY X 140 67.18 -92.13 -31.06
C GLY X 140 67.95 -92.41 -29.80
N GLY X 141 68.20 -93.68 -29.47
CA GLY X 141 69.04 -93.97 -28.31
C GLY X 141 70.49 -93.62 -28.60
N ASP X 142 71.18 -93.17 -27.56
CA ASP X 142 72.56 -92.74 -27.73
C ASP X 142 73.46 -93.96 -27.87
N PRO X 143 74.51 -93.88 -28.71
CA PRO X 143 75.33 -95.07 -28.96
C PRO X 143 76.39 -95.33 -27.90
N ASN X 144 76.71 -94.36 -27.04
CA ASN X 144 77.77 -94.57 -26.06
C ASN X 144 77.37 -95.56 -24.98
N LYS X 145 76.08 -95.66 -24.68
CA LYS X 145 75.59 -96.72 -23.81
C LYS X 145 75.36 -97.98 -24.61
N GLU X 146 74.98 -99.06 -23.92
CA GLU X 146 74.68 -100.32 -24.57
C GLU X 146 73.33 -100.82 -24.06
N PRO X 147 72.39 -101.12 -24.94
CA PRO X 147 71.06 -101.55 -24.49
C PRO X 147 71.04 -103.03 -24.16
N GLU X 148 69.95 -103.43 -23.51
CA GLU X 148 69.69 -104.84 -23.27
C GLU X 148 69.36 -105.53 -24.59
N PRO X 149 70.01 -106.65 -24.91
CA PRO X 149 69.85 -107.24 -26.25
C PRO X 149 68.49 -107.88 -26.43
N VAL X 150 67.75 -107.43 -27.44
CA VAL X 150 66.47 -108.02 -27.80
C VAL X 150 66.73 -109.03 -28.91
N VAL X 151 66.51 -110.31 -28.61
CA VAL X 151 66.86 -111.40 -29.51
C VAL X 151 65.58 -112.07 -29.99
N HIS X 152 65.43 -112.19 -31.30
CA HIS X 152 64.28 -112.83 -31.91
C HIS X 152 64.74 -114.11 -32.59
N TYR X 153 64.13 -115.22 -32.21
CA TYR X 153 64.49 -116.53 -32.73
C TYR X 153 63.53 -116.94 -33.84
N GLU X 154 63.85 -118.05 -34.50
CA GLU X 154 63.04 -118.54 -35.59
C GLU X 154 61.96 -119.49 -35.08
N ILE X 155 60.90 -119.63 -35.87
CA ILE X 155 59.80 -120.52 -35.54
C ILE X 155 59.07 -120.95 -36.80
N THR Y 1 -3.74 -23.49 -29.86
CA THR Y 1 -2.89 -22.35 -30.18
C THR Y 1 -1.79 -22.75 -31.13
N LEU Y 2 -1.00 -21.78 -31.58
CA LEU Y 2 0.12 -22.03 -32.48
C LEU Y 2 1.44 -21.72 -31.77
N ARG Y 3 2.43 -22.57 -32.00
CA ARG Y 3 3.68 -22.56 -31.24
C ARG Y 3 4.59 -21.42 -31.69
N TRP Y 4 5.84 -21.46 -31.25
CA TRP Y 4 6.77 -20.36 -31.49
C TRP Y 4 7.17 -20.32 -32.97
N GLN Y 5 7.68 -19.17 -33.39
CA GLN Y 5 8.02 -18.95 -34.79
C GLN Y 5 9.36 -19.62 -35.10
N GLU Y 6 9.34 -20.52 -36.08
CA GLU Y 6 10.52 -21.31 -36.40
C GLU Y 6 10.41 -21.79 -37.84
N ASP Y 7 11.51 -21.72 -38.58
CA ASP Y 7 11.52 -22.22 -39.94
C ASP Y 7 11.35 -23.74 -39.96
N PRO Y 8 10.68 -24.26 -40.98
CA PRO Y 8 10.59 -25.71 -41.13
C PRO Y 8 11.93 -26.31 -41.53
N GLU Y 9 11.99 -27.63 -41.47
CA GLU Y 9 13.21 -28.34 -41.81
C GLU Y 9 13.49 -28.18 -43.30
N PRO Y 10 14.65 -27.69 -43.70
CA PRO Y 10 14.92 -27.50 -45.13
C PRO Y 10 15.09 -28.83 -45.83
N GLU Y 11 14.75 -28.83 -47.13
CA GLU Y 11 14.90 -30.04 -47.92
C GLU Y 11 16.37 -30.30 -48.19
N ASP Y 12 16.74 -31.58 -48.19
CA ASP Y 12 18.11 -31.97 -48.44
C ASP Y 12 18.51 -31.66 -49.87
N GLU Y 13 19.71 -31.12 -50.03
CA GLU Y 13 20.20 -30.73 -51.34
C GLU Y 13 20.90 -31.90 -52.01
N ASN Y 14 20.48 -32.21 -53.22
CA ASN Y 14 21.13 -33.21 -54.06
C ASN Y 14 22.28 -32.54 -54.80
N LEU Y 15 23.50 -32.98 -54.53
CA LEU Y 15 24.65 -32.39 -55.20
C LEU Y 15 24.76 -32.82 -56.65
N TYR Y 16 24.14 -33.94 -57.03
CA TYR Y 16 24.19 -34.42 -58.39
C TYR Y 16 23.16 -33.76 -59.30
N GLU Y 17 22.27 -32.95 -58.75
CA GLU Y 17 21.23 -32.31 -59.56
C GLU Y 17 21.81 -31.21 -60.43
N LYS Y 18 22.38 -30.19 -59.80
CA LYS Y 18 22.94 -29.07 -60.54
C LYS Y 18 24.29 -29.39 -61.17
N ASN Y 19 24.97 -30.43 -60.67
CA ASN Y 19 26.30 -30.79 -61.17
C ASN Y 19 26.37 -32.30 -61.28
N PRO Y 20 26.08 -32.86 -62.45
CA PRO Y 20 26.18 -34.32 -62.60
C PRO Y 20 27.59 -34.86 -62.55
N ASP Y 21 28.61 -34.00 -62.71
CA ASP Y 21 30.00 -34.41 -62.62
C ASP Y 21 30.61 -34.13 -61.26
N SER Y 22 29.78 -34.08 -60.22
CA SER Y 22 30.27 -33.73 -58.89
C SER Y 22 31.09 -34.86 -58.28
N HIS Y 23 32.19 -34.50 -57.63
CA HIS Y 23 32.90 -35.44 -56.78
C HIS Y 23 32.45 -35.36 -55.33
N GLY Y 24 31.48 -34.51 -55.04
CA GLY Y 24 30.97 -34.38 -53.68
C GLY Y 24 31.78 -33.49 -52.78
N TYR Y 25 32.74 -32.74 -53.32
CA TYR Y 25 33.60 -31.92 -52.48
C TYR Y 25 33.02 -30.52 -52.25
N ASP Y 26 32.58 -29.85 -53.32
CA ASP Y 26 32.08 -28.50 -53.17
C ASP Y 26 30.98 -28.26 -54.20
N LYS Y 27 30.18 -27.23 -53.95
CA LYS Y 27 29.08 -26.90 -54.84
C LYS Y 27 29.56 -26.19 -56.10
N ASP Y 28 30.58 -25.36 -55.98
CA ASP Y 28 31.21 -24.80 -57.17
C ASP Y 28 31.99 -25.91 -57.88
N PRO Y 29 31.76 -26.11 -59.18
CA PRO Y 29 32.48 -27.19 -59.89
C PRO Y 29 33.99 -27.04 -59.91
N ALA Y 30 34.52 -25.81 -60.00
CA ALA Y 30 35.96 -25.62 -60.05
C ALA Y 30 36.61 -25.95 -58.72
N VAL Y 31 36.02 -25.50 -57.61
CA VAL Y 31 36.54 -25.80 -56.29
C VAL Y 31 36.44 -27.30 -56.02
N ASP Y 32 35.38 -27.93 -56.52
CA ASP Y 32 35.15 -29.34 -56.29
C ASP Y 32 36.21 -30.17 -57.03
N VAL Y 33 36.44 -29.85 -58.30
CA VAL Y 33 37.42 -30.61 -59.08
C VAL Y 33 38.84 -30.35 -58.57
N TRP Y 34 39.11 -29.14 -58.08
CA TRP Y 34 40.44 -28.87 -57.54
C TRP Y 34 40.66 -29.57 -56.21
N ASN Y 35 39.62 -29.66 -55.38
CA ASN Y 35 39.73 -30.44 -54.15
C ASN Y 35 39.95 -31.91 -54.44
N MET Y 36 39.29 -32.44 -55.47
CA MET Y 36 39.52 -33.83 -55.85
C MET Y 36 40.96 -34.03 -56.31
N ARG Y 37 41.48 -33.12 -57.13
CA ARG Y 37 42.86 -33.22 -57.60
C ARG Y 37 43.85 -33.13 -56.45
N VAL Y 38 43.59 -32.23 -55.50
CA VAL Y 38 44.50 -32.06 -54.36
C VAL Y 38 44.53 -33.31 -53.50
N VAL Y 39 43.35 -33.86 -53.19
CA VAL Y 39 43.29 -35.04 -52.33
C VAL Y 39 43.92 -36.25 -53.03
N PHE Y 40 43.60 -36.46 -54.30
CA PHE Y 40 44.11 -37.61 -55.03
C PHE Y 40 45.61 -37.51 -55.29
N PHE Y 41 46.15 -36.30 -55.52
CA PHE Y 41 47.58 -36.16 -55.74
C PHE Y 41 48.34 -36.26 -54.43
N PHE Y 42 48.05 -35.38 -53.48
CA PHE Y 42 48.85 -35.34 -52.25
C PHE Y 42 48.54 -36.49 -51.31
N GLY Y 43 47.49 -37.27 -51.56
CA GLY Y 43 47.20 -38.39 -50.69
C GLY Y 43 47.76 -39.70 -51.21
N PHE Y 44 47.51 -40.00 -52.48
CA PHE Y 44 47.92 -41.27 -53.05
C PHE Y 44 49.27 -41.18 -53.75
N SER Y 45 49.47 -40.15 -54.59
CA SER Y 45 50.69 -40.08 -55.35
C SER Y 45 51.88 -39.66 -54.49
N ILE Y 46 51.64 -38.89 -53.43
CA ILE Y 46 52.74 -38.34 -52.66
C ILE Y 46 52.91 -39.12 -51.35
N VAL Y 47 51.87 -39.19 -50.54
CA VAL Y 47 52.03 -39.76 -49.21
C VAL Y 47 52.11 -41.27 -49.26
N LEU Y 48 51.18 -41.92 -49.95
CA LEU Y 48 51.13 -43.38 -49.93
C LEU Y 48 52.32 -44.00 -50.67
N VAL Y 49 52.60 -43.54 -51.89
CA VAL Y 49 53.62 -44.17 -52.71
C VAL Y 49 55.02 -43.89 -52.15
N LEU Y 50 55.33 -42.62 -51.90
CA LEU Y 50 56.65 -42.30 -51.39
C LEU Y 50 56.80 -42.71 -49.94
N GLY Y 51 55.70 -42.78 -49.18
CA GLY Y 51 55.76 -43.33 -47.84
C GLY Y 51 56.08 -44.81 -47.82
N SER Y 52 55.47 -45.58 -48.72
CA SER Y 52 55.80 -46.99 -48.85
C SER Y 52 57.24 -47.19 -49.30
N THR Y 53 57.70 -46.35 -50.23
CA THR Y 53 59.09 -46.42 -50.66
C THR Y 53 60.06 -46.07 -49.52
N PHE Y 54 59.69 -45.09 -48.70
CA PHE Y 54 60.51 -44.72 -47.55
C PHE Y 54 60.57 -45.84 -46.52
N VAL Y 55 59.43 -46.46 -46.21
CA VAL Y 55 59.41 -47.53 -45.22
C VAL Y 55 60.15 -48.76 -45.74
N ALA Y 56 60.06 -49.01 -47.05
CA ALA Y 56 60.71 -50.19 -47.63
C ALA Y 56 62.23 -50.11 -47.53
N TYR Y 57 62.80 -48.92 -47.60
CA TYR Y 57 64.25 -48.75 -47.61
C TYR Y 57 64.75 -48.06 -46.34
N LEU Y 58 64.18 -48.44 -45.20
CA LEU Y 58 64.62 -47.89 -43.93
C LEU Y 58 66.01 -48.43 -43.60
N PRO Y 59 66.94 -47.60 -43.15
CA PRO Y 59 68.30 -48.06 -42.93
C PRO Y 59 68.45 -48.93 -41.68
N ASP Y 60 68.15 -50.22 -41.83
CA ASP Y 60 68.36 -51.24 -40.78
C ASP Y 60 67.60 -50.88 -39.51
N TYR Y 61 66.28 -50.94 -39.63
CA TYR Y 61 65.37 -50.57 -38.55
C TYR Y 61 65.61 -51.44 -37.32
N ARG Y 62 66.00 -50.80 -36.22
CA ARG Y 62 66.20 -51.42 -34.91
C ARG Y 62 67.27 -52.52 -34.94
N MET Y 63 68.26 -52.35 -35.81
CA MET Y 63 69.55 -53.05 -35.76
C MET Y 63 69.43 -54.57 -35.89
N GLN Y 64 68.37 -55.04 -36.54
CA GLN Y 64 68.12 -56.49 -36.63
C GLN Y 64 69.16 -57.16 -37.51
N GLU Y 65 69.46 -56.58 -38.68
CA GLU Y 65 70.42 -57.16 -39.60
C GLU Y 65 71.83 -57.12 -39.02
N TRP Y 66 72.17 -56.03 -38.31
CA TRP Y 66 73.45 -55.96 -37.61
C TRP Y 66 73.53 -57.03 -36.54
N ALA Y 67 72.43 -57.27 -35.81
CA ALA Y 67 72.43 -58.29 -34.78
C ALA Y 67 72.64 -59.67 -35.39
N ARG Y 68 72.05 -59.93 -36.55
CA ARG Y 68 72.26 -61.21 -37.22
C ARG Y 68 73.72 -61.38 -37.66
N ARG Y 69 74.32 -60.31 -38.21
CA ARG Y 69 75.71 -60.39 -38.64
C ARG Y 69 76.65 -60.60 -37.45
N GLU Y 70 76.41 -59.90 -36.35
CA GLU Y 70 77.24 -60.05 -35.16
C GLU Y 70 77.05 -61.43 -34.53
N ALA Y 71 75.84 -61.98 -34.58
CA ALA Y 71 75.60 -63.32 -34.08
C ALA Y 71 76.34 -64.35 -34.92
N GLU Y 72 76.38 -64.15 -36.24
CA GLU Y 72 77.17 -65.03 -37.11
C GLU Y 72 78.65 -64.98 -36.74
N ARG Y 73 79.18 -63.77 -36.52
CA ARG Y 73 80.58 -63.62 -36.16
C ARG Y 73 80.89 -64.30 -34.82
N LEU Y 74 80.02 -64.09 -33.83
CA LEU Y 74 80.26 -64.64 -32.50
C LEU Y 74 80.11 -66.16 -32.49
N VAL Y 75 79.14 -66.70 -33.24
CA VAL Y 75 78.97 -68.15 -33.31
C VAL Y 75 80.17 -68.79 -33.99
N LYS Y 76 80.68 -68.18 -35.07
CA LYS Y 76 81.87 -68.71 -35.73
C LYS Y 76 83.08 -68.67 -34.79
N TYR Y 77 83.27 -67.57 -34.08
CA TYR Y 77 84.41 -67.43 -33.17
C TYR Y 77 84.34 -68.43 -32.03
N ARG Y 78 83.15 -68.63 -31.46
CA ARG Y 78 83.02 -69.56 -30.34
C ARG Y 78 83.05 -71.01 -30.78
N GLU Y 79 82.57 -71.31 -31.99
CA GLU Y 79 82.61 -72.68 -32.49
C GLU Y 79 84.02 -73.08 -32.88
N ALA Y 80 84.84 -72.12 -33.32
CA ALA Y 80 86.20 -72.45 -33.75
C ALA Y 80 87.08 -72.87 -32.58
N HIS Y 81 86.88 -72.28 -31.40
CA HIS Y 81 87.75 -72.53 -30.26
C HIS Y 81 87.17 -73.51 -29.24
N GLY Y 82 86.06 -74.16 -29.56
CA GLY Y 82 85.47 -75.11 -28.64
C GLY Y 82 84.72 -74.50 -27.48
N LEU Y 83 84.53 -73.19 -27.48
CA LEU Y 83 83.81 -72.53 -26.40
C LEU Y 83 82.33 -72.89 -26.45
N PRO Y 84 81.65 -72.89 -25.30
CA PRO Y 84 80.19 -72.99 -25.31
C PRO Y 84 79.58 -71.76 -25.95
N LEU Y 85 78.50 -71.97 -26.70
CA LEU Y 85 77.93 -70.87 -27.49
C LEU Y 85 77.26 -69.83 -26.60
N MET Y 86 76.71 -70.24 -25.47
CA MET Y 86 76.13 -69.30 -24.52
C MET Y 86 76.23 -69.88 -23.12
N GLU Y 87 76.44 -69.02 -22.14
CA GLU Y 87 76.57 -69.43 -20.75
C GLU Y 87 75.28 -69.12 -19.99
N SER Y 88 75.10 -69.82 -18.87
CA SER Y 88 73.89 -69.64 -18.07
C SER Y 88 73.89 -68.33 -17.30
N ASN Y 89 75.05 -67.68 -17.16
CA ASN Y 89 75.17 -66.44 -16.40
C ASN Y 89 75.61 -65.32 -17.32
N CYS Y 90 74.86 -64.21 -17.28
CA CYS Y 90 75.15 -63.08 -18.14
C CYS Y 90 76.39 -62.33 -17.69
N PHE Y 91 76.59 -62.24 -16.38
CA PHE Y 91 77.73 -61.56 -15.80
C PHE Y 91 78.66 -62.58 -15.15
N ASP Y 92 79.92 -62.21 -15.03
CA ASP Y 92 80.92 -63.10 -14.45
C ASP Y 92 80.64 -63.32 -12.97
N PRO Y 93 80.59 -64.57 -12.50
CA PRO Y 93 80.45 -64.80 -11.05
C PRO Y 93 81.63 -64.33 -10.24
N SER Y 94 82.79 -64.13 -10.85
CA SER Y 94 83.95 -63.64 -10.11
C SER Y 94 83.77 -62.22 -9.62
N LYS Y 95 83.11 -61.37 -10.40
CA LYS Y 95 82.90 -59.97 -10.06
C LYS Y 95 81.56 -59.73 -9.37
N ILE Y 96 81.01 -60.75 -8.71
CA ILE Y 96 79.74 -60.64 -8.01
C ILE Y 96 79.92 -61.15 -6.59
N GLN Y 97 79.55 -60.32 -5.61
CA GLN Y 97 79.64 -60.68 -4.21
C GLN Y 97 78.25 -61.08 -3.72
N LEU Y 98 78.05 -62.37 -3.47
CA LEU Y 98 76.79 -62.84 -2.94
C LEU Y 98 76.66 -62.45 -1.47
N PRO Y 99 75.44 -62.21 -1.00
CA PRO Y 99 75.26 -61.92 0.43
C PRO Y 99 75.61 -63.12 1.29
N GLU Y 100 76.28 -62.85 2.41
CA GLU Y 100 76.70 -63.93 3.29
C GLU Y 100 75.52 -64.41 4.12
N ASP Y 101 75.36 -65.73 4.20
CA ASP Y 101 74.29 -66.31 4.99
C ASP Y 101 74.81 -67.53 5.75
N LYS Z 1 28.70 11.15 -47.69
CA LYS Z 1 28.30 10.60 -46.42
C LYS Z 1 27.31 9.46 -46.60
N PHE Z 2 27.48 8.41 -45.79
CA PHE Z 2 26.55 7.28 -45.79
C PHE Z 2 25.55 7.35 -44.65
N TYR Z 3 25.97 7.76 -43.46
CA TYR Z 3 25.16 7.68 -42.27
C TYR Z 3 24.32 8.94 -42.10
N ILE Z 4 23.20 8.78 -41.39
CA ILE Z 4 22.34 9.93 -41.09
C ILE Z 4 22.91 10.71 -39.89
N GLN Z 5 23.63 10.05 -38.99
CA GLN Z 5 24.28 10.69 -37.87
C GLN Z 5 25.77 10.41 -37.96
N GLU Z 6 26.58 11.45 -37.74
CA GLU Z 6 28.03 11.30 -37.79
C GLU Z 6 28.48 10.40 -36.65
N PRO Z 7 29.17 9.29 -36.93
CA PRO Z 7 29.59 8.41 -35.84
C PRO Z 7 30.65 9.08 -34.98
N PRO Z 8 30.71 8.76 -33.69
CA PRO Z 8 31.76 9.33 -32.83
C PRO Z 8 33.16 8.93 -33.24
N HIS Z 9 33.32 7.81 -33.94
CA HIS Z 9 34.59 7.36 -34.48
C HIS Z 9 34.64 7.52 -35.99
N GLY Z 10 34.04 8.60 -36.50
CA GLY Z 10 34.08 8.84 -37.94
C GLY Z 10 35.43 9.33 -38.42
N SER Z 11 36.18 10.00 -37.55
CA SER Z 11 37.52 10.45 -37.83
C SER Z 11 38.43 10.05 -36.67
N PRO Z 12 39.68 9.69 -36.94
CA PRO Z 12 40.57 9.26 -35.85
C PRO Z 12 40.90 10.41 -34.91
N ASN Z 13 40.93 10.09 -33.62
CA ASN Z 13 41.37 11.03 -32.60
C ASN Z 13 42.88 11.17 -32.72
N TRP Z 14 43.33 12.23 -33.42
CA TRP Z 14 44.75 12.38 -33.71
C TRP Z 14 45.56 12.63 -32.45
N LEU Z 15 44.97 13.27 -31.44
CA LEU Z 15 45.65 13.43 -30.16
C LEU Z 15 45.92 12.07 -29.51
N LYS Z 16 44.92 11.20 -29.52
CA LYS Z 16 45.08 9.89 -28.90
C LYS Z 16 46.05 9.01 -29.70
N VAL Z 17 46.01 9.13 -31.03
CA VAL Z 17 46.94 8.38 -31.88
C VAL Z 17 48.38 8.83 -31.61
N GLY Z 18 48.60 10.15 -31.53
CA GLY Z 18 49.92 10.65 -31.22
C GLY Z 18 50.41 10.24 -29.84
N LEU Z 19 49.51 10.28 -28.85
CA LEU Z 19 49.88 9.87 -27.50
C LEU Z 19 50.22 8.38 -27.46
N THR Z 20 49.46 7.55 -28.18
CA THR Z 20 49.73 6.11 -28.21
C THR Z 20 51.08 5.82 -28.84
N LEU Z 21 51.36 6.42 -29.99
CA LEU Z 21 52.63 6.15 -30.67
C LEU Z 21 53.81 6.71 -29.88
N GLY Z 22 53.65 7.88 -29.27
CA GLY Z 22 54.72 8.44 -28.46
C GLY Z 22 55.00 7.62 -27.21
N THR Z 23 53.95 7.15 -26.55
CA THR Z 23 54.14 6.31 -25.36
C THR Z 23 54.80 4.99 -25.73
N SER Z 24 54.40 4.39 -26.85
CA SER Z 24 55.01 3.13 -27.27
C SER Z 24 56.49 3.31 -27.60
N ALA Z 25 56.83 4.38 -28.32
CA ALA Z 25 58.24 4.64 -28.65
C ALA Z 25 59.05 4.91 -27.38
N PHE Z 26 58.48 5.68 -26.45
CA PHE Z 26 59.15 5.97 -25.19
C PHE Z 26 59.40 4.71 -24.38
N LEU Z 27 58.39 3.82 -24.32
CA LEU Z 27 58.55 2.56 -23.60
C LEU Z 27 59.61 1.68 -24.24
N TRP Z 28 59.65 1.63 -25.58
CA TRP Z 28 60.63 0.77 -26.24
C TRP Z 28 62.05 1.29 -26.03
N ILE Z 29 62.27 2.60 -26.15
CA ILE Z 29 63.62 3.12 -25.93
C ILE Z 29 64.01 3.02 -24.46
N TYR Z 30 63.06 3.15 -23.53
CA TYR Z 30 63.38 2.99 -22.12
C TYR Z 30 63.76 1.55 -21.80
N LEU Z 31 63.04 0.58 -22.38
CA LEU Z 31 63.38 -0.82 -22.16
C LEU Z 31 64.73 -1.17 -22.75
N ILE Z 32 65.04 -0.65 -23.94
CA ILE Z 32 66.33 -0.92 -24.57
C ILE Z 32 67.46 -0.33 -23.73
N LYS Z 33 67.29 0.90 -23.26
CA LYS Z 33 68.31 1.53 -22.42
C LYS Z 33 68.50 0.78 -21.10
N GLN Z 34 67.40 0.35 -20.47
CA GLN Z 34 67.49 -0.39 -19.22
C GLN Z 34 68.20 -1.72 -19.41
N HIS Z 35 67.89 -2.43 -20.50
CA HIS Z 35 68.56 -3.70 -20.78
C HIS Z 35 70.05 -3.49 -21.03
N ASN Z 36 70.40 -2.40 -21.73
CA ASN Z 36 71.81 -2.14 -22.03
C ASN Z 36 72.60 -1.84 -20.77
N GLU Z 37 72.09 -0.98 -19.90
CA GLU Z 37 72.81 -0.72 -18.65
C GLU Z 37 72.79 -1.92 -17.71
N ASP Z 38 71.75 -2.75 -17.77
CA ASP Z 38 71.73 -3.96 -16.95
C ASP Z 38 72.83 -4.93 -17.37
N VAL Z 39 72.97 -5.16 -18.69
CA VAL Z 39 74.02 -6.08 -19.12
C VAL Z 39 75.40 -5.46 -18.92
N LEU Z 40 75.52 -4.13 -18.98
CA LEU Z 40 76.79 -3.49 -18.70
C LEU Z 40 77.20 -3.65 -17.25
N GLU Z 41 76.25 -3.46 -16.31
CA GLU Z 41 76.57 -3.65 -14.90
C GLU Z 41 76.83 -5.11 -14.56
N TYR Z 42 76.14 -6.03 -15.23
CA TYR Z 42 76.41 -7.45 -15.02
C TYR Z 42 77.84 -7.78 -15.45
N LYS Z 43 78.26 -7.30 -16.61
CA LYS Z 43 79.63 -7.56 -17.07
C LYS Z 43 80.65 -6.82 -16.23
N ARG Z 44 80.28 -5.69 -15.63
CA ARG Z 44 81.22 -4.98 -14.77
C ARG Z 44 81.41 -5.71 -13.45
N ARG Z 45 80.32 -6.18 -12.84
CA ARG Z 45 80.40 -6.85 -11.56
C ARG Z 45 81.07 -8.22 -11.69
N ASN Z 46 80.72 -8.96 -12.74
CA ASN Z 46 81.29 -10.30 -12.89
C ASN Z 46 82.70 -10.28 -13.47
N GLY Z 47 83.18 -9.13 -13.94
CA GLY Z 47 84.49 -9.05 -14.55
C GLY Z 47 84.57 -9.69 -15.92
N LEU Z 48 83.44 -9.90 -16.58
CA LEU Z 48 83.41 -10.52 -17.90
C LEU Z 48 83.51 -9.42 -18.96
N GLU Z 49 84.71 -8.86 -19.08
CA GLU Z 49 84.93 -7.73 -19.98
C GLU Z 49 86.23 -7.90 -20.77
N ARG AA 1 53.77 -11.86 -53.50
CA ARG AA 1 53.33 -13.19 -53.88
C ARG AA 1 51.81 -13.32 -53.73
N ASP AA 2 51.18 -14.03 -54.65
CA ASP AA 2 49.75 -14.30 -54.57
C ASP AA 2 49.45 -15.65 -53.94
N HIS AA 3 50.47 -16.38 -53.49
CA HIS AA 3 50.31 -17.70 -52.88
C HIS AA 3 51.16 -17.81 -51.63
N TRP AA 4 51.18 -16.75 -50.82
CA TRP AA 4 51.95 -16.80 -49.57
C TRP AA 4 51.29 -17.70 -48.54
N ILE AA 5 49.96 -17.85 -48.62
CA ILE AA 5 49.26 -18.74 -47.72
C ILE AA 5 49.64 -20.20 -47.95
N HIS AA 6 50.20 -20.51 -49.10
CA HIS AA 6 50.71 -21.84 -49.37
C HIS AA 6 52.16 -22.01 -48.95
N VAL AA 7 52.82 -20.94 -48.50
CA VAL AA 7 54.17 -21.04 -47.98
C VAL AA 7 54.24 -20.66 -46.50
N LEU AA 8 53.10 -20.46 -45.84
CA LEU AA 8 53.10 -20.35 -44.38
C LEU AA 8 53.62 -21.61 -43.70
N VAL AA 9 53.15 -22.79 -44.12
CA VAL AA 9 53.45 -24.03 -43.40
C VAL AA 9 54.85 -24.60 -43.68
N PRO AA 10 55.34 -24.69 -44.94
CA PRO AA 10 56.71 -25.20 -45.13
C PRO AA 10 57.80 -24.36 -44.48
N VAL AA 11 57.64 -23.03 -44.43
CA VAL AA 11 58.62 -22.24 -43.70
C VAL AA 11 58.50 -22.48 -42.19
N GLY AA 12 57.32 -22.87 -41.71
CA GLY AA 12 57.20 -23.29 -40.33
C GLY AA 12 57.97 -24.57 -40.07
N PHE AA 13 57.91 -25.52 -41.00
CA PHE AA 13 58.69 -26.75 -40.87
C PHE AA 13 60.19 -26.47 -40.92
N VAL AA 14 60.61 -25.58 -41.81
CA VAL AA 14 62.03 -25.22 -41.91
C VAL AA 14 62.51 -24.53 -40.63
N PHE AA 15 61.70 -23.63 -40.09
CA PHE AA 15 62.05 -22.94 -38.85
C PHE AA 15 62.10 -23.92 -37.67
N GLY AA 16 61.19 -24.88 -37.63
CA GLY AA 16 61.23 -25.89 -36.58
C GLY AA 16 62.46 -26.78 -36.68
N TYR AA 17 62.87 -27.13 -37.91
CA TYR AA 17 64.10 -27.89 -38.10
C TYR AA 17 65.32 -27.09 -37.65
N TYR AA 18 65.34 -25.79 -37.95
CA TYR AA 18 66.45 -24.94 -37.54
C TYR AA 18 66.53 -24.83 -36.02
N LEU AA 19 65.38 -24.70 -35.35
CA LEU AA 19 65.38 -24.68 -33.89
C LEU AA 19 65.80 -26.01 -33.30
N ASP AA 20 65.45 -27.12 -33.95
CA ASP AA 20 65.91 -28.44 -33.51
C ASP AA 20 67.42 -28.54 -33.59
N ARG AA 21 68.01 -28.05 -34.68
CA ARG AA 21 69.46 -28.07 -34.82
C ARG AA 21 70.13 -27.18 -33.78
N LYS AA 22 69.56 -26.01 -33.52
CA LYS AA 22 70.11 -25.11 -32.50
C LYS AA 22 70.10 -25.76 -31.12
N ASN AA 23 68.99 -26.41 -30.77
CA ASN AA 23 68.92 -27.08 -29.47
C ASN AA 23 69.86 -28.28 -29.39
N ASP AA 24 70.04 -28.98 -30.51
CA ASP AA 24 70.99 -30.10 -30.53
C ASP AA 24 72.40 -29.62 -30.28
N GLU AA 25 72.76 -28.46 -30.85
CA GLU AA 25 74.04 -27.83 -30.54
C GLU AA 25 74.10 -27.42 -29.08
N LYS AA 26 72.98 -26.97 -28.51
CA LYS AA 26 72.94 -26.59 -27.10
C LYS AA 26 73.16 -27.78 -26.18
N LEU AA 27 72.79 -28.99 -26.60
CA LEU AA 27 72.91 -30.18 -25.76
C LEU AA 27 74.18 -30.97 -26.05
N ALA AA 28 75.29 -30.29 -26.34
CA ALA AA 28 76.52 -30.95 -26.79
C ALA AA 28 77.57 -31.04 -25.69
N ALA AA 29 77.14 -31.31 -24.45
CA ALA AA 29 78.07 -31.31 -23.33
C ALA AA 29 78.95 -32.54 -23.32
N PHE AA 30 78.50 -33.65 -23.90
CA PHE AA 30 79.25 -34.89 -23.89
C PHE AA 30 79.71 -35.31 -25.28
N ARG AA 31 79.92 -34.34 -26.17
CA ARG AA 31 80.38 -34.65 -27.51
C ARG AA 31 81.81 -35.14 -27.46
N ASN AA 32 82.06 -36.32 -28.05
CA ASN AA 32 83.36 -36.98 -28.08
C ASN AA 32 83.90 -37.28 -26.67
N LYS AA 33 83.01 -37.53 -25.72
CA LYS AA 33 83.41 -37.89 -24.38
C LYS AA 33 82.80 -39.21 -23.91
N SER AA 34 81.86 -39.78 -24.66
CA SER AA 34 81.22 -41.02 -24.24
C SER AA 34 82.19 -42.18 -24.32
N LEU AA 35 82.02 -43.14 -23.41
CA LEU AA 35 82.95 -44.27 -23.32
C LEU AA 35 82.83 -45.20 -24.52
N LEU AA 36 81.75 -45.12 -25.29
CA LEU AA 36 81.58 -45.99 -26.45
C LEU AA 36 82.11 -45.37 -27.73
N TYR AA 37 82.04 -44.04 -27.88
CA TYR AA 37 82.39 -43.38 -29.13
C TYR AA 37 83.54 -42.40 -28.97
N LYS AA 38 84.35 -42.54 -27.94
CA LYS AA 38 85.50 -41.65 -27.75
C LYS AA 38 86.60 -42.03 -28.72
N ARG AA 39 87.09 -41.04 -29.47
CA ARG AA 39 88.11 -41.30 -30.46
C ARG AA 39 88.92 -40.03 -30.69
N GLU AA 40 90.09 -40.21 -31.32
CA GLU AA 40 90.93 -39.08 -31.67
C GLU AA 40 90.36 -38.37 -32.89
N LEU AA 41 90.46 -37.04 -32.87
CA LEU AA 41 89.87 -36.25 -33.96
C LEU AA 41 90.72 -36.37 -35.21
N LYS AA 42 90.06 -36.68 -36.33
CA LYS AA 42 90.73 -36.65 -37.61
C LYS AA 42 91.05 -35.19 -37.97
N PRO AA 43 92.19 -34.94 -38.62
CA PRO AA 43 92.55 -33.55 -38.95
C PRO AA 43 91.60 -32.93 -39.96
N GLN AA 44 91.69 -31.60 -40.05
CA GLN AA 44 90.78 -30.74 -40.82
C GLN AA 44 89.34 -30.86 -40.32
N GLU AA 45 89.16 -31.11 -39.03
CA GLU AA 45 87.87 -30.94 -38.38
C GLU AA 45 88.09 -30.67 -36.90
N GLU AA 46 87.07 -30.10 -36.27
CA GLU AA 46 87.14 -29.68 -34.88
C GLU AA 46 86.16 -30.37 -33.96
N VAL AA 47 85.02 -30.86 -34.48
CA VAL AA 47 84.02 -31.53 -33.65
C VAL AA 47 83.58 -32.81 -34.35
N THR AA 48 83.10 -33.77 -33.56
CA THR AA 48 82.61 -35.02 -34.11
C THR AA 48 81.31 -34.81 -34.88
N TRP AA 49 80.40 -34.01 -34.34
CA TRP AA 49 79.13 -33.72 -34.99
C TRP AA 49 78.70 -32.30 -34.62
N LYS AA 50 77.75 -31.79 -35.40
CA LYS AA 50 77.24 -30.44 -35.18
C LYS AA 50 75.80 -30.47 -34.69
N MET BA 1 7.01 51.47 45.59
CA MET BA 1 6.96 51.09 44.19
C MET BA 1 7.91 49.95 43.88
N TRP BA 2 8.91 50.23 43.04
CA TRP BA 2 9.82 49.20 42.56
C TRP BA 2 10.69 48.62 43.66
N PHE BA 3 10.86 49.30 44.79
CA PHE BA 3 11.70 48.77 45.86
C PHE BA 3 11.00 47.70 46.69
N GLU BA 4 9.82 47.26 46.28
CA GLU BA 4 9.11 46.20 46.98
C GLU BA 4 9.48 44.81 46.49
N VAL BA 5 10.25 44.69 45.40
CA VAL BA 5 10.82 43.39 45.03
C VAL BA 5 11.99 43.02 45.92
N LEU BA 6 12.52 43.97 46.67
CA LEU BA 6 13.72 43.84 47.49
C LEU BA 6 13.61 42.84 48.65
N PRO BA 7 12.48 42.67 49.35
CA PRO BA 7 12.42 41.59 50.34
C PRO BA 7 12.62 40.19 49.76
N GLY BA 8 12.03 39.90 48.60
CA GLY BA 8 12.23 38.60 47.98
C GLY BA 8 13.66 38.38 47.51
N ILE BA 9 14.26 39.41 46.90
CA ILE BA 9 15.64 39.32 46.48
C ILE BA 9 16.56 39.19 47.68
N ALA BA 10 16.23 39.84 48.80
CA ALA BA 10 17.03 39.71 50.01
C ALA BA 10 16.95 38.30 50.59
N VAL BA 11 15.77 37.69 50.58
CA VAL BA 11 15.64 36.32 51.07
C VAL BA 11 16.40 35.36 50.16
N MET BA 12 16.33 35.57 48.85
CA MET BA 12 17.11 34.76 47.91
C MET BA 12 18.61 34.95 48.11
N GLY BA 13 19.04 36.19 48.37
CA GLY BA 13 20.45 36.43 48.59
C GLY BA 13 20.96 35.80 49.87
N VAL BA 14 20.12 35.79 50.91
CA VAL BA 14 20.49 35.10 52.15
C VAL BA 14 20.61 33.60 51.90
N CYS BA 15 19.64 33.03 51.18
CA CYS BA 15 19.68 31.59 50.91
C CYS BA 15 20.80 31.21 49.94
N LEU BA 16 21.32 32.15 49.17
CA LEU BA 16 22.49 31.84 48.35
C LEU BA 16 23.80 32.11 49.07
N PHE BA 17 23.80 33.02 50.05
CA PHE BA 17 24.99 33.25 50.87
C PHE BA 17 25.21 32.12 51.87
N ILE BA 18 24.13 31.45 52.29
CA ILE BA 18 24.25 30.42 53.33
C ILE BA 18 25.17 29.26 52.95
N PRO BA 19 25.05 28.61 51.76
CA PRO BA 19 25.86 27.41 51.54
C PRO BA 19 27.36 27.66 51.47
N GLY BA 20 27.78 28.75 50.84
CA GLY BA 20 29.20 29.04 50.76
C GLY BA 20 29.82 29.37 52.10
N MET BA 21 29.11 30.18 52.90
CA MET BA 21 29.59 30.50 54.24
C MET BA 21 29.65 29.27 55.13
N ALA BA 22 28.62 28.42 55.04
CA ALA BA 22 28.61 27.18 55.81
C ALA BA 22 29.76 26.27 55.40
N THR BA 23 30.02 26.16 54.10
CA THR BA 23 31.11 25.30 53.62
C THR BA 23 32.47 25.82 54.08
N ALA BA 24 32.70 27.14 53.98
CA ALA BA 24 33.96 27.70 54.43
C ALA BA 24 34.16 27.54 55.94
N ARG BA 25 33.10 27.77 56.72
CA ARG BA 25 33.20 27.64 58.16
C ARG BA 25 33.40 26.18 58.59
N ILE BA 26 32.76 25.24 57.89
CA ILE BA 26 32.94 23.83 58.21
C ILE BA 26 34.35 23.38 57.86
N HIS BA 27 34.88 23.81 56.70
CA HIS BA 27 36.24 23.43 56.33
C HIS BA 27 37.26 24.02 57.28
N ARG BA 28 37.07 25.27 57.71
CA ARG BA 28 38.00 25.87 58.67
C ARG BA 28 37.89 25.21 60.03
N PHE BA 29 36.68 24.86 60.47
CA PHE BA 29 36.51 24.25 61.79
C PHE BA 29 37.07 22.84 61.82
N SER BA 30 36.79 22.05 60.78
CA SER BA 30 37.17 20.64 60.80
C SER BA 30 38.64 20.40 60.52
N ASN BA 31 39.37 21.42 60.03
CA ASN BA 31 40.77 21.27 59.68
C ASN BA 31 41.68 22.10 60.59
N GLY BA 32 41.28 22.29 61.84
CA GLY BA 32 42.12 22.96 62.81
C GLY BA 32 42.40 24.42 62.54
N GLY BA 33 41.39 25.16 62.11
CA GLY BA 33 41.57 26.58 61.86
C GLY BA 33 42.34 26.93 60.60
N ARG BA 34 42.41 26.01 59.64
CA ARG BA 34 43.08 26.25 58.38
C ARG BA 34 42.18 25.82 57.23
N GLU BA 35 42.60 26.14 56.01
CA GLU BA 35 41.85 25.74 54.84
C GLU BA 35 41.92 24.23 54.66
N LYS BA 36 40.93 23.68 53.97
CA LYS BA 36 40.98 22.28 53.60
C LYS BA 36 42.06 22.08 52.55
N ARG BA 37 42.97 21.15 52.80
CA ARG BA 37 44.10 20.97 51.91
C ARG BA 37 43.68 20.30 50.62
N VAL BA 38 44.15 20.85 49.51
CA VAL BA 38 43.82 20.36 48.19
C VAL BA 38 44.83 19.28 47.79
N ALA BA 39 44.32 18.12 47.36
CA ALA BA 39 45.16 17.02 46.90
C ALA BA 39 44.63 16.59 45.54
N HIS BA 40 45.07 17.28 44.50
CA HIS BA 40 44.69 16.95 43.14
C HIS BA 40 45.61 15.94 42.50
N TYR BA 41 46.85 15.84 42.96
CA TYR BA 41 47.85 14.96 42.39
C TYR BA 41 48.44 14.09 43.48
N SER BA 42 49.04 12.97 43.07
CA SER BA 42 49.50 11.97 44.03
C SER BA 42 50.67 12.44 44.88
N TYR BA 43 51.44 13.43 44.42
CA TYR BA 43 52.51 13.98 45.26
C TYR BA 43 51.94 14.74 46.46
N GLN BA 44 50.89 15.53 46.22
CA GLN BA 44 50.25 16.25 47.31
C GLN BA 44 49.58 15.29 48.29
N TRP BA 45 49.03 14.20 47.78
CA TRP BA 45 48.47 13.17 48.65
C TRP BA 45 49.56 12.46 49.45
N TYR BA 46 50.72 12.24 48.83
CA TYR BA 46 51.82 11.62 49.56
C TYR BA 46 52.30 12.54 50.67
N LEU BA 47 52.34 13.85 50.42
CA LEU BA 47 52.67 14.79 51.48
C LEU BA 47 51.62 14.80 52.57
N MET BA 48 50.34 14.69 52.19
CA MET BA 48 49.24 14.56 53.15
C MET BA 48 49.45 13.37 54.07
N GLU BA 49 49.70 12.20 53.49
CA GLU BA 49 49.84 10.98 54.28
C GLU BA 49 51.12 10.99 55.10
N ARG BA 50 52.20 11.58 54.58
CA ARG BA 50 53.41 11.71 55.36
C ARG BA 50 53.18 12.62 56.57
N ASP BA 51 52.42 13.70 56.39
CA ASP BA 51 52.20 14.62 57.50
C ASP BA 51 51.28 13.94 58.53
N ARG BA 52 50.31 13.16 58.05
CA ARG BA 52 49.46 12.40 58.97
C ARG BA 52 50.27 11.38 59.77
N ARG BA 53 51.23 10.72 59.12
CA ARG BA 53 52.06 9.75 59.81
C ARG BA 53 53.04 10.42 60.77
N VAL BA 54 53.49 11.64 60.45
CA VAL BA 54 54.47 12.30 61.31
C VAL BA 54 53.80 13.08 62.43
N SER BA 55 52.47 13.27 62.36
CA SER BA 55 51.77 14.02 63.39
C SER BA 55 51.81 13.31 64.73
N GLY BA 56 51.73 11.99 64.74
CA GLY BA 56 51.66 11.23 65.97
C GLY BA 56 50.28 11.17 66.57
N VAL BA 57 49.28 11.82 65.96
CA VAL BA 57 47.91 11.79 66.42
C VAL BA 57 46.99 11.11 65.41
N ASN BA 58 47.54 10.66 64.27
CA ASN BA 58 46.77 10.18 63.12
C ASN BA 58 45.77 11.23 62.67
N ARG BA 59 46.28 12.42 62.38
CA ARG BA 59 45.42 13.56 62.09
C ARG BA 59 46.26 14.53 61.27
N TYR BA 60 45.89 14.74 60.01
CA TYR BA 60 46.79 15.39 59.07
C TYR BA 60 46.95 16.89 59.28
N TYR BA 61 46.09 17.54 60.05
CA TYR BA 61 46.20 18.97 60.24
C TYR BA 61 46.92 19.36 61.52
N VAL BA 62 47.40 18.39 62.28
CA VAL BA 62 48.21 18.66 63.46
C VAL BA 62 49.65 18.69 62.98
N SER BA 63 50.13 19.87 62.61
CA SER BA 63 51.43 20.04 61.99
C SER BA 63 52.46 20.41 63.05
N LYS BA 64 53.58 19.71 63.05
CA LYS BA 64 54.65 19.89 64.01
C LYS BA 64 55.89 20.40 63.30
N GLY BA 65 56.53 21.40 63.88
CA GLY BA 65 57.67 22.04 63.24
C GLY BA 65 59.00 21.77 63.91
N LEU BA 66 59.70 22.85 64.30
CA LEU BA 66 61.05 22.73 64.84
C LEU BA 66 61.09 22.20 66.27
N GLU BA 67 59.94 22.02 66.91
CA GLU BA 67 59.90 21.46 68.25
C GLU BA 67 60.15 19.96 68.28
N ASN BA 68 60.16 19.29 67.13
CA ASN BA 68 60.30 17.84 67.10
C ASN BA 68 61.74 17.39 66.85
N ILE BA 69 62.52 18.15 66.08
CA ILE BA 69 63.89 17.73 65.81
C ILE BA 69 64.75 17.95 67.04
N ASP BA 70 65.79 17.12 67.17
CA ASP BA 70 66.68 17.19 68.32
C ASP BA 70 67.57 18.42 68.28
N LYS CA 1 -73.39 109.05 -12.40
CA LYS CA 1 -73.31 109.53 -11.03
C LYS CA 1 -72.09 108.96 -10.32
N THR CA 2 -71.19 109.84 -9.89
CA THR CA 2 -69.98 109.45 -9.19
C THR CA 2 -70.06 109.66 -7.68
N SER CA 3 -70.66 110.76 -7.24
CA SER CA 3 -70.82 111.03 -5.82
C SER CA 3 -72.14 110.50 -5.31
N PHE CA 4 -72.13 109.96 -4.09
CA PHE CA 4 -73.31 109.38 -3.49
C PHE CA 4 -73.47 109.90 -2.07
N GLY CA 5 -74.70 109.91 -1.60
CA GLY CA 5 -75.05 110.45 -0.30
C GLY CA 5 -76.05 111.58 -0.43
N SER CA 6 -76.33 112.20 0.71
CA SER CA 6 -77.31 113.30 0.84
C SER CA 6 -78.68 112.89 0.31
N LEU CA 7 -79.20 111.82 0.87
CA LEU CA 7 -80.49 111.28 0.45
C LEU CA 7 -81.62 112.18 0.88
N LYS CA 8 -82.57 112.41 -0.02
CA LYS CA 8 -83.73 113.21 0.30
C LYS CA 8 -84.71 112.39 1.15
N ASP CA 9 -85.61 113.11 1.83
CA ASP CA 9 -86.58 112.45 2.70
C ASP CA 9 -87.67 111.74 1.92
N GLU CA 10 -87.90 112.11 0.67
CA GLU CA 10 -88.93 111.44 -0.12
C GLU CA 10 -88.48 110.08 -0.62
N ASP CA 11 -87.19 109.80 -0.63
CA ASP CA 11 -86.66 108.53 -1.09
C ASP CA 11 -86.39 107.54 0.03
N ARG CA 12 -86.70 107.90 1.26
CA ARG CA 12 -86.44 107.02 2.40
C ARG CA 12 -87.53 105.97 2.53
N ILE CA 13 -87.13 104.71 2.55
CA ILE CA 13 -88.08 103.61 2.74
C ILE CA 13 -88.61 103.63 4.18
N PHE CA 14 -87.70 103.75 5.15
CA PHE CA 14 -88.06 103.61 6.56
C PHE CA 14 -88.42 104.97 7.15
N THR CA 15 -89.59 105.46 6.74
CA THR CA 15 -90.18 106.59 7.44
C THR CA 15 -90.68 106.13 8.80
N ASN CA 16 -90.85 107.10 9.71
CA ASN CA 16 -91.16 106.84 11.12
C ASN CA 16 -90.12 105.91 11.75
N LEU CA 17 -88.85 106.13 11.41
CA LEU CA 17 -87.79 105.35 12.03
C LEU CA 17 -87.58 105.77 13.48
N TYR CA 18 -87.69 107.06 13.76
CA TYR CA 18 -87.45 107.59 15.08
C TYR CA 18 -88.66 107.50 16.00
N GLY CA 19 -89.79 107.00 15.50
CA GLY CA 19 -90.97 106.85 16.33
C GLY CA 19 -91.75 108.11 16.59
N ARG CA 20 -91.60 109.13 15.73
CA ARG CA 20 -92.31 110.38 15.95
C ARG CA 20 -93.74 110.36 15.42
N HIS CA 21 -94.12 109.33 14.68
CA HIS CA 21 -95.48 109.18 14.18
C HIS CA 21 -96.11 107.92 14.78
N ASP CA 22 -97.37 107.68 14.41
CA ASP CA 22 -98.09 106.53 14.93
C ASP CA 22 -97.55 105.24 14.33
N TRP CA 23 -97.23 104.28 15.19
CA TRP CA 23 -96.72 102.99 14.73
C TRP CA 23 -97.83 101.98 14.47
N ARG CA 24 -99.06 102.29 14.84
CA ARG CA 24 -100.17 101.36 14.67
C ARG CA 24 -100.68 101.41 13.23
N LEU CA 25 -101.77 100.70 12.95
CA LEU CA 25 -102.21 100.51 11.57
C LEU CA 25 -102.73 101.80 10.96
N LYS CA 26 -103.44 102.61 11.74
CA LYS CA 26 -104.01 103.85 11.22
C LYS CA 26 -102.93 104.83 10.80
N GLY CA 27 -101.86 104.95 11.59
CA GLY CA 27 -100.77 105.83 11.22
C GLY CA 27 -99.91 105.27 10.12
N ALA CA 28 -99.75 103.94 10.07
CA ALA CA 28 -98.93 103.33 9.04
C ALA CA 28 -99.63 103.36 7.68
N GLN CA 29 -100.96 103.22 7.68
CA GLN CA 29 -101.69 103.25 6.43
C GLN CA 29 -101.70 104.62 5.78
N SER CA 30 -101.54 105.68 6.57
CA SER CA 30 -101.43 107.02 6.03
C SER CA 30 -100.04 107.35 5.52
N ARG CA 31 -99.07 106.46 5.74
CA ARG CA 31 -97.70 106.65 5.27
C ARG CA 31 -97.38 105.79 4.06
N GLY CA 32 -98.40 105.16 3.45
CA GLY CA 32 -98.20 104.37 2.25
C GLY CA 32 -98.19 102.87 2.47
N ASP CA 33 -98.18 102.41 3.71
CA ASP CA 33 -98.17 100.98 3.97
C ASP CA 33 -99.52 100.34 3.68
N TRP CA 34 -99.48 99.06 3.33
CA TRP CA 34 -100.64 98.23 3.01
C TRP CA 34 -101.47 98.84 1.87
N TYR CA 35 -100.79 99.40 0.88
CA TYR CA 35 -101.44 100.10 -0.23
C TYR CA 35 -101.30 99.26 -1.48
N LYS CA 36 -102.44 98.95 -2.11
CA LYS CA 36 -102.51 98.18 -3.36
C LYS CA 36 -101.85 96.81 -3.24
N THR CA 37 -101.91 96.20 -2.06
CA THR CA 37 -101.24 94.92 -1.84
C THR CA 37 -101.92 93.80 -2.63
N LYS CA 38 -103.22 93.93 -2.87
CA LYS CA 38 -103.93 92.92 -3.66
C LYS CA 38 -103.37 92.84 -5.07
N GLU CA 39 -102.94 93.97 -5.64
CA GLU CA 39 -102.36 93.97 -6.98
C GLU CA 39 -101.04 93.20 -7.02
N ILE CA 40 -100.16 93.41 -6.03
CA ILE CA 40 -98.90 92.68 -6.01
C ILE CA 40 -99.14 91.20 -5.74
N LEU CA 41 -100.11 90.87 -4.89
CA LEU CA 41 -100.39 89.46 -4.63
C LEU CA 41 -101.03 88.78 -5.83
N LEU CA 42 -101.74 89.53 -6.67
CA LEU CA 42 -102.38 88.97 -7.86
C LEU CA 42 -101.50 89.04 -9.10
N LYS CA 43 -100.37 89.73 -9.05
CA LYS CA 43 -99.49 89.81 -10.22
C LYS CA 43 -98.56 88.62 -10.33
N GLY CA 44 -98.59 87.68 -9.39
CA GLY CA 44 -97.84 86.45 -9.51
C GLY CA 44 -96.54 86.47 -8.73
N PRO CA 45 -95.96 85.28 -8.53
CA PRO CA 45 -94.69 85.19 -7.80
C PRO CA 45 -93.49 85.60 -8.64
N ASP CA 46 -93.53 85.22 -9.92
CA ASP CA 46 -92.41 85.49 -10.80
C ASP CA 46 -92.24 86.98 -11.09
N TRP CA 47 -93.34 87.72 -11.15
CA TRP CA 47 -93.26 89.16 -11.31
C TRP CA 47 -92.61 89.82 -10.10
N ILE CA 48 -92.96 89.36 -8.90
CA ILE CA 48 -92.34 89.88 -7.68
C ILE CA 48 -90.84 89.56 -7.66
N LEU CA 49 -90.48 88.34 -8.05
CA LEU CA 49 -89.07 87.97 -8.11
C LEU CA 49 -88.32 88.80 -9.14
N GLY CA 50 -88.94 89.08 -10.28
CA GLY CA 50 -88.30 89.92 -11.27
C GLY CA 50 -88.13 91.36 -10.80
N GLU CA 51 -89.13 91.89 -10.09
CA GLU CA 51 -89.00 93.22 -9.52
C GLU CA 51 -87.91 93.27 -8.46
N VAL CA 52 -87.76 92.19 -7.70
CA VAL CA 52 -86.72 92.14 -6.67
C VAL CA 52 -85.33 92.07 -7.31
N LYS CA 53 -85.15 91.19 -8.28
CA LYS CA 53 -83.83 91.00 -8.87
C LYS CA 53 -83.46 92.05 -9.89
N THR CA 54 -84.42 92.87 -10.34
CA THR CA 54 -84.06 94.01 -11.17
C THR CA 54 -83.49 95.15 -10.34
N SER CA 55 -83.97 95.29 -9.10
CA SER CA 55 -83.44 96.33 -8.21
C SER CA 55 -82.03 96.02 -7.73
N GLY CA 56 -81.59 94.77 -7.83
CA GLY CA 56 -80.26 94.41 -7.39
C GLY CA 56 -80.07 94.44 -5.89
N LEU CA 57 -81.14 94.22 -5.13
CA LEU CA 57 -81.05 94.24 -3.68
C LEU CA 57 -80.23 93.06 -3.18
N ARG CA 58 -79.24 93.34 -2.33
CA ARG CA 58 -78.44 92.32 -1.70
C ARG CA 58 -78.85 92.17 -0.24
N GLY CA 59 -78.56 91.00 0.32
CA GLY CA 59 -78.98 90.67 1.67
C GLY CA 59 -78.39 91.57 2.74
N ARG CA 60 -79.25 92.13 3.58
CA ARG CA 60 -78.83 93.08 4.60
C ARG CA 60 -78.37 92.40 5.88
N GLY CA 61 -78.40 91.07 5.93
CA GLY CA 61 -77.95 90.38 7.13
C GLY CA 61 -76.46 90.55 7.38
N GLY CA 62 -75.67 90.61 6.32
CA GLY CA 62 -74.25 90.82 6.46
C GLY CA 62 -73.45 90.02 5.45
N ALA CA 63 -74.06 88.95 4.93
CA ALA CA 63 -73.40 88.16 3.90
C ALA CA 63 -73.42 88.85 2.54
N GLY CA 64 -74.43 89.68 2.28
CA GLY CA 64 -74.49 90.39 1.02
C GLY CA 64 -74.83 89.53 -0.17
N PHE CA 65 -75.50 88.40 0.03
CA PHE CA 65 -75.94 87.58 -1.08
C PHE CA 65 -77.06 88.29 -1.85
N PRO CA 66 -77.12 88.10 -3.17
CA PRO CA 66 -78.25 88.64 -3.93
C PRO CA 66 -79.57 88.03 -3.48
N THR CA 67 -80.60 88.87 -3.40
CA THR CA 67 -81.86 88.46 -2.80
C THR CA 67 -82.76 87.77 -3.82
N GLY CA 68 -82.72 88.20 -5.08
CA GLY CA 68 -83.60 87.62 -6.08
C GLY CA 68 -83.33 86.14 -6.35
N LEU CA 69 -82.06 85.78 -6.50
CA LEU CA 69 -81.69 84.38 -6.70
C LEU CA 69 -82.02 83.54 -5.47
N LYS CA 70 -81.72 84.07 -4.29
CA LYS CA 70 -81.96 83.36 -3.04
C LYS CA 70 -83.45 83.10 -2.85
N TRP CA 71 -84.29 84.06 -3.20
CA TRP CA 71 -85.73 83.88 -3.08
C TRP CA 71 -86.28 83.00 -4.18
N SER CA 72 -85.68 83.04 -5.37
CA SER CA 72 -86.13 82.20 -6.47
C SER CA 72 -85.64 80.76 -6.35
N PHE CA 73 -84.77 80.47 -5.38
CA PHE CA 73 -84.40 79.08 -5.12
C PHE CA 73 -85.59 78.24 -4.65
N MET CA 74 -86.62 78.86 -4.08
CA MET CA 74 -87.80 78.12 -3.67
C MET CA 74 -88.96 78.24 -4.66
N ASN CA 75 -88.72 78.80 -5.84
CA ASN CA 75 -89.75 78.88 -6.87
C ASN CA 75 -89.77 77.57 -7.67
N LYS CA 76 -90.20 76.52 -6.98
CA LYS CA 76 -90.28 75.17 -7.54
C LYS CA 76 -91.61 74.57 -7.10
N PRO CA 77 -92.14 73.61 -7.87
CA PRO CA 77 -93.37 72.92 -7.45
C PRO CA 77 -93.18 72.17 -6.14
N SER CA 78 -94.21 72.20 -5.31
CA SER CA 78 -94.16 71.55 -4.01
C SER CA 78 -94.36 70.04 -4.15
N ASP CA 79 -93.78 69.30 -3.20
CA ASP CA 79 -93.84 67.85 -3.18
C ASP CA 79 -94.60 67.37 -1.95
N GLY CA 80 -95.67 68.08 -1.59
CA GLY CA 80 -96.48 67.72 -0.46
C GLY CA 80 -96.10 68.37 0.85
N ARG CA 81 -94.89 68.88 0.95
CA ARG CA 81 -94.49 69.59 2.14
C ARG CA 81 -94.80 71.08 2.00
N PRO CA 82 -95.18 71.74 3.09
CA PRO CA 82 -95.39 73.18 3.03
C PRO CA 82 -94.06 73.92 2.91
N LYS CA 83 -94.16 75.20 2.58
CA LYS CA 83 -92.98 76.05 2.45
C LYS CA 83 -93.09 77.20 3.44
N TYR CA 84 -91.94 77.62 3.97
CA TYR CA 84 -91.92 78.58 5.05
C TYR CA 84 -90.93 79.71 4.76
N LEU CA 85 -91.36 80.93 5.09
CA LEU CA 85 -90.50 82.10 5.10
C LEU CA 85 -90.21 82.44 6.55
N VAL CA 86 -88.93 82.52 6.90
CA VAL CA 86 -88.50 82.73 8.27
C VAL CA 86 -87.67 84.00 8.33
N VAL CA 87 -88.07 84.92 9.21
CA VAL CA 87 -87.45 86.24 9.31
C VAL CA 87 -86.49 86.24 10.49
N ASN CA 88 -85.24 86.59 10.23
CA ASN CA 88 -84.19 86.63 11.23
C ASN CA 88 -84.24 87.99 11.93
N ALA CA 89 -84.83 88.03 13.12
CA ALA CA 89 -84.88 89.23 13.92
C ALA CA 89 -84.07 89.09 15.21
N ASP CA 90 -83.01 88.27 15.16
CA ASP CA 90 -82.18 88.06 16.34
C ASP CA 90 -81.36 89.30 16.66
N GLU CA 91 -80.52 89.73 15.71
CA GLU CA 91 -79.71 90.95 15.82
C GLU CA 91 -78.79 90.93 17.04
N GLY CA 92 -78.03 89.86 17.18
CA GLY CA 92 -77.08 89.74 18.26
C GLY CA 92 -75.72 90.33 18.01
N GLU CA 93 -75.47 90.85 16.82
CA GLU CA 93 -74.17 91.40 16.49
C GLU CA 93 -73.97 92.73 17.21
N PRO CA 94 -72.88 92.90 17.96
CA PRO CA 94 -72.66 94.16 18.67
C PRO CA 94 -72.46 95.31 17.70
N GLY CA 95 -72.99 96.49 18.08
CA GLY CA 95 -73.03 97.64 17.22
C GLY CA 95 -74.26 97.73 16.35
N THR CA 96 -75.01 96.64 16.19
CA THR CA 96 -76.16 96.58 15.30
C THR CA 96 -77.44 96.67 16.13
N CYS CA 97 -78.24 97.70 15.86
CA CYS CA 97 -79.52 97.88 16.54
C CYS CA 97 -80.59 98.41 15.59
N LYS CA 98 -80.43 98.16 14.29
CA LYS CA 98 -81.40 98.67 13.32
C LYS CA 98 -82.70 97.87 13.32
N ASP CA 99 -82.61 96.54 13.44
CA ASP CA 99 -83.79 95.70 13.38
C ASP CA 99 -84.71 95.94 14.57
N ARG CA 100 -84.14 96.32 15.72
CA ARG CA 100 -84.96 96.70 16.86
C ARG CA 100 -85.80 97.92 16.53
N GLU CA 101 -85.21 98.91 15.86
CA GLU CA 101 -85.97 100.09 15.44
C GLU CA 101 -87.03 99.74 14.42
N ILE CA 102 -86.71 98.87 13.46
CA ILE CA 102 -87.68 98.49 12.42
C ILE CA 102 -88.87 97.76 13.05
N ILE CA 103 -88.60 96.85 13.98
CA ILE CA 103 -89.68 96.11 14.62
C ILE CA 103 -90.50 97.03 15.52
N ARG CA 104 -89.84 97.89 16.29
CA ARG CA 104 -90.54 98.68 17.29
C ARG CA 104 -91.35 99.80 16.68
N HIS CA 105 -90.90 100.36 15.55
CA HIS CA 105 -91.54 101.55 15.01
C HIS CA 105 -92.30 101.32 13.71
N ASP CA 106 -91.90 100.35 12.89
CA ASP CA 106 -92.60 100.03 11.64
C ASP CA 106 -92.89 98.53 11.59
N PRO CA 107 -93.83 98.04 12.40
CA PRO CA 107 -94.10 96.60 12.38
C PRO CA 107 -94.95 96.20 11.18
N HIS CA 108 -95.84 97.09 10.75
CA HIS CA 108 -96.71 96.77 9.62
C HIS CA 108 -95.93 96.68 8.32
N LYS CA 109 -94.84 97.42 8.19
CA LYS CA 109 -93.95 97.26 7.05
C LYS CA 109 -93.34 95.86 7.04
N LEU CA 110 -92.94 95.36 8.20
CA LEU CA 110 -92.41 94.01 8.30
C LEU CA 110 -93.46 92.96 7.98
N VAL CA 111 -94.71 93.18 8.43
CA VAL CA 111 -95.78 92.22 8.15
C VAL CA 111 -96.11 92.20 6.66
N GLU CA 112 -96.18 93.38 6.02
CA GLU CA 112 -96.43 93.43 4.59
C GLU CA 112 -95.28 92.82 3.80
N GLY CA 113 -94.04 93.01 4.27
CA GLY CA 113 -92.91 92.35 3.64
C GLY CA 113 -92.98 90.84 3.76
N CYS CA 114 -93.43 90.35 4.92
CA CYS CA 114 -93.63 88.92 5.11
C CYS CA 114 -94.66 88.38 4.13
N LEU CA 115 -95.78 89.09 3.98
CA LEU CA 115 -96.83 88.64 3.07
C LEU CA 115 -96.38 88.65 1.62
N VAL CA 116 -95.70 89.72 1.19
CA VAL CA 116 -95.23 89.82 -0.19
C VAL CA 116 -94.16 88.78 -0.47
N GLY CA 117 -93.22 88.59 0.47
CA GLY CA 117 -92.20 87.57 0.28
C GLY CA 117 -92.78 86.17 0.26
N GLY CA 118 -93.77 85.89 1.11
CA GLY CA 118 -94.41 84.59 1.11
C GLY CA 118 -95.18 84.33 -0.16
N ARG CA 119 -95.81 85.37 -0.73
CA ARG CA 119 -96.44 85.21 -2.03
C ARG CA 119 -95.40 84.99 -3.13
N ALA CA 120 -94.21 85.58 -2.99
CA ALA CA 120 -93.20 85.47 -4.02
C ALA CA 120 -92.65 84.06 -4.15
N MET CA 121 -92.69 83.28 -3.07
CA MET CA 121 -92.12 81.93 -3.09
C MET CA 121 -93.10 80.88 -2.59
N GLY CA 122 -94.39 81.19 -2.54
CA GLY CA 122 -95.40 80.21 -2.20
C GLY CA 122 -95.35 79.69 -0.79
N ALA CA 123 -95.01 80.55 0.18
CA ALA CA 123 -94.89 80.12 1.56
C ALA CA 123 -96.27 79.93 2.18
N ARG CA 124 -96.40 78.90 3.02
CA ARG CA 124 -97.65 78.66 3.71
C ARG CA 124 -97.85 79.62 4.88
N ALA CA 125 -96.79 80.00 5.55
CA ALA CA 125 -96.87 80.85 6.72
C ALA CA 125 -95.59 81.66 6.84
N ALA CA 126 -95.45 82.39 7.95
CA ALA CA 126 -94.25 83.15 8.25
C ALA CA 126 -93.92 83.00 9.72
N TYR CA 127 -92.65 82.75 10.02
CA TYR CA 127 -92.18 82.60 11.39
C TYR CA 127 -91.15 83.70 11.65
N ILE CA 128 -91.51 84.66 12.48
CA ILE CA 128 -90.61 85.75 12.86
C ILE CA 128 -89.90 85.35 14.14
N TYR CA 129 -88.58 85.27 14.09
CA TYR CA 129 -87.78 84.86 15.25
C TYR CA 129 -87.13 86.11 15.83
N ILE CA 130 -87.80 86.71 16.79
CA ILE CA 130 -87.29 87.91 17.42
C ILE CA 130 -86.36 87.52 18.55
N ARG CA 131 -85.52 88.46 18.96
CA ARG CA 131 -84.60 88.25 20.07
C ARG CA 131 -85.39 88.06 21.37
N GLY CA 132 -84.88 87.19 22.24
CA GLY CA 132 -85.57 86.93 23.50
C GLY CA 132 -85.54 88.11 24.44
N GLU CA 133 -84.54 88.98 24.31
CA GLU CA 133 -84.45 90.16 25.16
C GLU CA 133 -85.41 91.27 24.72
N PHE CA 134 -85.88 91.23 23.48
CA PHE CA 134 -86.76 92.28 22.96
C PHE CA 134 -88.21 91.91 23.28
N TYR CA 135 -88.58 92.03 24.56
CA TYR CA 135 -89.93 91.68 24.96
C TYR CA 135 -90.94 92.73 24.49
N ASN CA 136 -90.61 94.00 24.69
CA ASN CA 136 -91.54 95.08 24.30
C ASN CA 136 -91.68 95.16 22.79
N GLU CA 137 -90.59 94.94 22.06
CA GLU CA 137 -90.65 94.93 20.60
C GLU CA 137 -91.48 93.76 20.10
N ALA CA 138 -91.34 92.60 20.72
CA ALA CA 138 -92.15 91.44 20.36
C ALA CA 138 -93.62 91.68 20.65
N SER CA 139 -93.93 92.34 21.76
CA SER CA 139 -95.32 92.63 22.08
C SER CA 139 -95.91 93.65 21.12
N ASN CA 140 -95.12 94.65 20.71
CA ASN CA 140 -95.56 95.60 19.70
C ASN CA 140 -95.84 94.90 18.37
N LEU CA 141 -94.96 93.97 17.99
CA LEU CA 141 -95.17 93.21 16.77
C LEU CA 141 -96.42 92.35 16.85
N GLN CA 142 -96.69 91.76 18.02
CA GLN CA 142 -97.89 90.97 18.19
C GLN CA 142 -99.15 91.83 18.12
N VAL CA 143 -99.09 93.04 18.68
CA VAL CA 143 -100.22 93.97 18.59
C VAL CA 143 -100.50 94.33 17.13
N ALA CA 144 -99.44 94.62 16.37
CA ALA CA 144 -99.62 94.98 14.96
C ALA CA 144 -100.11 93.80 14.14
N ILE CA 145 -99.65 92.59 14.45
CA ILE CA 145 -100.13 91.40 13.75
C ILE CA 145 -101.60 91.15 14.05
N ARG CA 146 -102.02 91.37 15.30
CA ARG CA 146 -103.42 91.27 15.66
C ARG CA 146 -104.27 92.30 14.91
N GLU CA 147 -103.75 93.53 14.79
CA GLU CA 147 -104.47 94.56 14.04
C GLU CA 147 -104.57 94.21 12.56
N ALA CA 148 -103.54 93.59 11.99
CA ALA CA 148 -103.60 93.18 10.60
C ALA CA 148 -104.57 92.02 10.40
N TYR CA 149 -104.59 91.08 11.34
CA TYR CA 149 -105.51 89.95 11.26
C TYR CA 149 -106.95 90.41 11.36
N GLU CA 150 -107.24 91.32 12.29
CA GLU CA 150 -108.60 91.81 12.48
C GLU CA 150 -109.08 92.65 11.31
N ALA CA 151 -108.18 93.24 10.54
CA ALA CA 151 -108.55 94.04 9.38
C ALA CA 151 -108.62 93.25 8.08
N GLY CA 152 -108.35 91.95 8.13
CA GLY CA 152 -108.42 91.12 6.95
C GLY CA 152 -107.23 91.20 6.03
N LEU CA 153 -106.14 91.85 6.45
CA LEU CA 153 -104.97 91.96 5.61
C LEU CA 153 -104.18 90.67 5.53
N ILE CA 154 -104.19 89.85 6.59
CA ILE CA 154 -103.54 88.55 6.58
C ILE CA 154 -104.53 87.51 7.09
N GLY CA 155 -104.17 86.25 6.90
CA GLY CA 155 -105.03 85.16 7.32
C GLY CA 155 -105.71 84.48 6.15
N LYS CA 156 -106.94 84.03 6.36
CA LYS CA 156 -107.73 83.48 5.27
C LYS CA 156 -108.11 84.60 4.31
N ASN CA 157 -107.84 84.37 3.01
CA ASN CA 157 -108.09 85.33 1.94
C ASN CA 157 -107.41 86.67 2.25
N ALA CA 158 -106.08 86.62 2.29
CA ALA CA 158 -105.30 87.77 2.70
C ALA CA 158 -105.39 88.88 1.66
N CYS CA 159 -105.78 90.07 2.11
CA CYS CA 159 -105.95 91.27 1.29
C CYS CA 159 -106.96 91.08 0.16
N GLY CA 160 -107.87 90.11 0.30
CA GLY CA 160 -108.83 89.83 -0.74
C GLY CA 160 -108.28 89.21 -1.98
N SER CA 161 -107.09 88.62 -1.91
CA SER CA 161 -106.39 88.08 -3.08
C SER CA 161 -106.52 86.57 -3.23
N GLY CA 162 -107.28 85.92 -2.34
CA GLY CA 162 -107.41 84.47 -2.42
C GLY CA 162 -106.22 83.69 -1.92
N TYR CA 163 -105.24 84.35 -1.29
CA TYR CA 163 -104.04 83.70 -0.80
C TYR CA 163 -104.09 83.58 0.72
N ASP CA 164 -103.72 82.42 1.23
CA ASP CA 164 -103.81 82.11 2.65
C ASP CA 164 -102.42 82.20 3.26
N PHE CA 165 -102.28 83.03 4.30
CA PHE CA 165 -100.97 83.29 4.88
C PHE CA 165 -101.10 83.63 6.35
N ASP CA 166 -100.28 82.99 7.17
CA ASP CA 166 -100.25 83.23 8.61
C ASP CA 166 -98.88 83.77 9.02
N VAL CA 167 -98.87 84.63 10.02
CA VAL CA 167 -97.63 85.19 10.56
C VAL CA 167 -97.53 84.80 12.03
N PHE CA 168 -96.41 84.19 12.41
CA PHE CA 168 -96.14 83.75 13.75
C PHE CA 168 -94.92 84.46 14.30
N VAL CA 169 -94.87 84.65 15.61
CA VAL CA 169 -93.74 85.25 16.29
C VAL CA 169 -93.21 84.25 17.30
N VAL CA 170 -91.92 83.95 17.21
CA VAL CA 170 -91.24 83.03 18.12
C VAL CA 170 -90.15 83.81 18.84
N ARG CA 171 -90.17 83.77 20.16
CA ARG CA 171 -89.20 84.50 20.96
C ARG CA 171 -88.01 83.60 21.28
N GLY CA 172 -86.81 84.16 21.15
CA GLY CA 172 -85.59 83.44 21.45
C GLY CA 172 -85.35 83.34 22.94
N ALA CA 173 -84.15 82.86 23.29
CA ALA CA 173 -83.81 82.70 24.70
C ALA CA 173 -82.39 83.15 24.99
N GLY CA 174 -81.90 84.15 24.27
CA GLY CA 174 -80.61 84.73 24.58
C GLY CA 174 -79.42 83.92 24.12
N ALA CA 175 -79.27 83.77 22.81
CA ALA CA 175 -78.12 83.09 22.22
C ALA CA 175 -77.75 83.80 20.93
N TYR CA 176 -76.53 84.30 20.85
CA TYR CA 176 -76.08 85.00 19.65
C TYR CA 176 -75.94 84.07 18.46
N ILE CA 177 -75.56 82.81 18.71
CA ILE CA 177 -75.41 81.84 17.64
C ILE CA 177 -76.74 81.51 16.97
N CYS CA 178 -77.86 81.75 17.66
CA CYS CA 178 -79.16 81.52 17.05
C CYS CA 178 -79.50 82.49 15.94
N GLY CA 179 -78.70 83.55 15.75
CA GLY CA 179 -78.87 84.40 14.60
C GLY CA 179 -78.45 83.77 13.29
N GLU CA 180 -77.59 82.74 13.35
CA GLU CA 180 -77.26 81.97 12.16
C GLU CA 180 -78.50 81.24 11.67
N GLU CA 181 -78.66 81.18 10.35
CA GLU CA 181 -79.92 80.74 9.76
C GLU CA 181 -80.22 79.28 10.06
N THR CA 182 -79.23 78.40 9.95
CA THR CA 182 -79.46 76.99 10.27
C THR CA 182 -79.60 76.77 11.76
N ALA CA 183 -78.84 77.53 12.56
CA ALA CA 183 -79.02 77.48 14.01
C ALA CA 183 -80.36 78.07 14.42
N LEU CA 184 -80.84 79.10 13.71
CA LEU CA 184 -82.17 79.62 13.94
C LEU CA 184 -83.23 78.56 13.64
N ILE CA 185 -83.04 77.83 12.54
CA ILE CA 185 -83.98 76.78 12.17
C ILE CA 185 -84.00 75.68 13.24
N GLU CA 186 -82.83 75.30 13.74
CA GLU CA 186 -82.75 74.30 14.80
C GLU CA 186 -83.35 74.81 16.11
N SER CA 187 -83.23 76.12 16.39
CA SER CA 187 -83.80 76.66 17.62
C SER CA 187 -85.32 76.79 17.54
N ILE CA 188 -85.87 77.01 16.35
CA ILE CA 188 -87.32 77.03 16.21
C ILE CA 188 -87.90 75.65 16.50
N GLU CA 189 -87.21 74.60 16.03
CA GLU CA 189 -87.62 73.21 16.22
C GLU CA 189 -87.44 72.71 17.64
N GLY CA 190 -87.09 73.53 18.63
CA GLY CA 190 -87.01 73.07 20.00
C GLY CA 190 -85.71 72.39 20.38
N LYS CA 191 -84.69 72.47 19.53
CA LYS CA 191 -83.38 71.91 19.83
C LYS CA 191 -82.43 73.01 20.28
N GLN CA 192 -81.21 72.62 20.60
CA GLN CA 192 -80.16 73.59 20.87
C GLN CA 192 -79.82 74.34 19.60
N GLY CA 193 -79.49 75.61 19.75
CA GLY CA 193 -79.20 76.45 18.59
C GLY CA 193 -77.85 76.18 17.97
N LYS CA 194 -77.65 74.98 17.44
CA LYS CA 194 -76.41 74.62 16.80
C LYS CA 194 -76.60 74.57 15.30
N PRO CA 195 -75.73 75.21 14.52
CA PRO CA 195 -75.93 75.27 13.07
C PRO CA 195 -75.76 73.91 12.41
N ARG CA 196 -76.43 73.75 11.27
CA ARG CA 196 -76.32 72.55 10.47
C ARG CA 196 -75.17 72.67 9.47
N LEU CA 197 -74.94 71.61 8.72
CA LEU CA 197 -73.97 71.61 7.64
C LEU CA 197 -74.70 71.76 6.32
N LYS CA 198 -74.13 72.55 5.42
CA LYS CA 198 -74.68 72.73 4.09
C LYS CA 198 -73.79 72.07 3.07
N PRO CA 199 -74.31 71.30 2.10
CA PRO CA 199 -75.71 70.92 1.84
C PRO CA 199 -76.24 69.90 2.84
N PRO CA 200 -77.58 69.81 3.02
CA PRO CA 200 -78.68 70.48 2.34
C PRO CA 200 -78.86 71.94 2.71
N PHE CA 201 -79.20 72.74 1.70
CA PHE CA 201 -79.51 74.14 1.90
C PHE CA 201 -80.92 74.27 2.45
N PRO CA 202 -81.23 75.39 3.12
CA PRO CA 202 -82.57 75.55 3.69
C PRO CA 202 -83.70 75.53 2.67
N ALA CA 203 -83.43 75.82 1.40
CA ALA CA 203 -84.45 75.71 0.37
C ALA CA 203 -84.82 74.26 0.09
N ASP CA 204 -83.96 73.30 0.44
CA ASP CA 204 -84.27 71.88 0.28
C ASP CA 204 -84.80 71.30 1.59
N VAL CA 205 -84.04 71.43 2.67
CA VAL CA 205 -84.45 70.99 4.00
C VAL CA 205 -84.24 72.16 4.96
N GLY CA 206 -85.33 72.63 5.54
CA GLY CA 206 -85.25 73.76 6.46
C GLY CA 206 -85.94 73.50 7.78
N VAL CA 207 -86.90 74.34 8.15
CA VAL CA 207 -87.59 74.17 9.41
C VAL CA 207 -88.60 73.03 9.28
N PHE CA 208 -88.58 72.12 10.25
CA PHE CA 208 -89.36 70.88 10.26
C PHE CA 208 -89.06 69.98 9.06
N GLY CA 209 -87.94 70.20 8.37
CA GLY CA 209 -87.65 69.48 7.15
C GLY CA 209 -88.34 70.00 5.91
N CYS CA 210 -89.11 71.07 6.04
CA CYS CA 210 -89.80 71.70 4.93
C CYS CA 210 -88.87 72.65 4.18
N PRO CA 211 -89.19 73.01 2.94
CA PRO CA 211 -88.46 74.11 2.29
C PRO CA 211 -88.64 75.42 3.04
N THR CA 212 -87.53 76.14 3.21
CA THR CA 212 -87.50 77.32 4.07
C THR CA 212 -86.57 78.35 3.47
N THR CA 213 -86.95 79.62 3.57
CA THR CA 213 -86.07 80.72 3.19
C THR CA 213 -85.92 81.67 4.36
N VAL CA 214 -84.68 81.89 4.78
CA VAL CA 214 -84.37 82.74 5.92
C VAL CA 214 -83.92 84.10 5.40
N ALA CA 215 -84.61 85.15 5.83
CA ALA CA 215 -84.34 86.49 5.33
C ALA CA 215 -84.29 87.48 6.49
N ASN CA 216 -83.48 88.51 6.33
CA ASN CA 216 -83.33 89.54 7.35
C ASN CA 216 -84.57 90.43 7.41
N VAL CA 217 -84.71 91.16 8.52
CA VAL CA 217 -85.80 92.10 8.68
C VAL CA 217 -85.68 93.24 7.68
N GLU CA 218 -84.46 93.77 7.50
CA GLU CA 218 -84.27 94.92 6.63
C GLU CA 218 -84.52 94.56 5.17
N THR CA 219 -84.10 93.37 4.74
CA THR CA 219 -84.32 92.96 3.37
C THR CA 219 -85.73 92.48 3.11
N VAL CA 220 -86.54 92.31 4.15
CA VAL CA 220 -87.94 91.94 3.98
C VAL CA 220 -88.84 93.17 4.03
N ALA CA 221 -88.55 94.10 4.93
CA ALA CA 221 -89.37 95.29 5.09
C ALA CA 221 -89.31 96.23 3.89
N VAL CA 222 -88.24 96.13 3.07
CA VAL CA 222 -88.13 96.98 1.90
C VAL CA 222 -88.82 96.41 0.67
N SER CA 223 -89.16 95.12 0.69
CA SER CA 223 -89.74 94.48 -0.50
C SER CA 223 -91.09 95.06 -0.96
N PRO CA 224 -92.06 95.40 -0.10
CA PRO CA 224 -93.25 96.09 -0.63
C PRO CA 224 -92.93 97.42 -1.29
N THR CA 225 -91.97 98.17 -0.75
CA THR CA 225 -91.54 99.40 -1.38
C THR CA 225 -90.86 99.14 -2.72
N ILE CA 226 -90.15 98.02 -2.84
CA ILE CA 226 -89.55 97.65 -4.12
C ILE CA 226 -90.63 97.34 -5.15
N CYS CA 227 -91.62 96.54 -4.76
CA CYS CA 227 -92.66 96.15 -5.70
C CYS CA 227 -93.58 97.31 -6.04
N ARG CA 228 -93.72 98.28 -5.13
CA ARG CA 228 -94.59 99.42 -5.34
C ARG CA 228 -93.92 100.52 -6.15
N ARG CA 229 -92.76 101.00 -5.69
CA ARG CA 229 -92.07 102.09 -6.40
C ARG CA 229 -91.41 101.60 -7.67
N GLY CA 230 -90.83 100.40 -7.65
CA GLY CA 230 -90.18 99.87 -8.82
C GLY CA 230 -88.73 99.50 -8.57
N GLY CA 231 -88.19 98.58 -9.37
CA GLY CA 231 -86.81 98.17 -9.20
C GLY CA 231 -85.81 99.20 -9.67
N ALA CA 232 -86.17 99.97 -10.70
CA ALA CA 232 -85.25 100.98 -11.23
C ALA CA 232 -85.05 102.12 -10.24
N TRP CA 233 -86.08 102.44 -9.45
CA TRP CA 233 -85.95 103.47 -8.42
C TRP CA 233 -84.95 103.06 -7.35
N PHE CA 234 -85.00 101.80 -6.91
CA PHE CA 234 -84.03 101.31 -5.94
C PHE CA 234 -82.64 101.21 -6.56
N ALA CA 235 -82.55 100.79 -7.81
CA ALA CA 235 -81.27 100.68 -8.47
C ALA CA 235 -80.65 102.02 -8.85
N SER CA 236 -81.42 103.10 -8.79
CA SER CA 236 -80.89 104.42 -9.11
C SER CA 236 -79.92 104.93 -8.05
N PHE CA 237 -79.94 104.37 -6.85
CA PHE CA 237 -79.00 104.75 -5.81
C PHE CA 237 -77.87 103.74 -5.72
N GLY CA 238 -76.70 104.22 -5.31
CA GLY CA 238 -75.55 103.35 -5.14
C GLY CA 238 -74.87 103.02 -6.45
N ARG CA 239 -73.77 102.28 -6.32
CA ARG CA 239 -72.94 101.91 -7.46
C ARG CA 239 -73.50 100.65 -8.11
N GLU CA 240 -72.74 100.07 -9.03
CA GLU CA 240 -73.13 98.79 -9.61
C GLU CA 240 -72.99 97.68 -8.59
N ARG CA 241 -74.02 96.83 -8.50
CA ARG CA 241 -74.14 95.74 -7.53
C ARG CA 241 -74.06 96.22 -6.08
N ASN CA 242 -74.36 97.49 -5.84
CA ASN CA 242 -74.42 98.06 -4.50
C ASN CA 242 -75.62 98.98 -4.39
N SER CA 243 -76.75 98.54 -4.94
CA SER CA 243 -77.88 99.42 -5.15
C SER CA 243 -78.68 99.63 -3.88
N GLY CA 244 -79.30 100.80 -3.78
CA GLY CA 244 -80.31 101.06 -2.78
C GLY CA 244 -79.82 101.89 -1.61
N THR CA 245 -80.58 101.82 -0.53
CA THR CA 245 -80.29 102.52 0.70
C THR CA 245 -79.92 101.51 1.79
N LYS CA 246 -79.48 102.03 2.93
CA LYS CA 246 -78.98 101.19 4.00
C LYS CA 246 -79.12 101.94 5.31
N LEU CA 247 -79.44 101.20 6.37
CA LEU CA 247 -79.51 101.76 7.71
C LEU CA 247 -78.17 101.60 8.40
N PHE CA 248 -77.62 102.70 8.89
CA PHE CA 248 -76.34 102.73 9.57
C PHE CA 248 -76.55 103.06 11.04
N ASN CA 249 -75.84 102.32 11.90
CA ASN CA 249 -75.79 102.60 13.33
C ASN CA 249 -74.40 103.10 13.65
N ILE CA 250 -74.26 104.39 13.93
CA ILE CA 250 -72.99 104.98 14.29
C ILE CA 250 -72.92 105.06 15.80
N SER CA 251 -71.88 104.45 16.38
CA SER CA 251 -71.75 104.38 17.81
C SER CA 251 -70.27 104.36 18.20
N GLY CA 252 -70.03 104.41 19.50
CA GLY CA 252 -68.68 104.42 20.02
C GLY CA 252 -68.28 105.80 20.50
N HIS CA 253 -67.06 106.21 20.18
CA HIS CA 253 -66.55 107.52 20.60
C HIS CA 253 -66.91 108.56 19.53
N VAL CA 254 -68.20 108.88 19.50
CA VAL CA 254 -68.76 109.81 18.53
C VAL CA 254 -69.66 110.77 19.29
N ASN CA 255 -69.93 111.93 18.70
CA ASN CA 255 -70.67 112.96 19.41
C ASN CA 255 -72.13 112.59 19.57
N ASN CA 256 -72.77 112.13 18.50
CA ASN CA 256 -74.19 111.78 18.51
C ASN CA 256 -74.36 110.38 17.96
N PRO CA 257 -74.33 109.35 18.81
CA PRO CA 257 -74.56 107.99 18.32
C PRO CA 257 -76.01 107.81 17.90
N CYS CA 258 -76.22 107.33 16.69
CA CYS CA 258 -77.57 107.33 16.14
C CYS CA 258 -77.72 106.30 15.04
N THR CA 259 -78.98 106.01 14.71
CA THR CA 259 -79.35 105.15 13.60
C THR CA 259 -79.98 106.03 12.52
N VAL CA 260 -79.48 105.91 11.29
CA VAL CA 260 -79.93 106.79 10.21
C VAL CA 260 -79.86 106.05 8.89
N GLU CA 261 -80.82 106.31 8.01
CA GLU CA 261 -80.80 105.75 6.67
C GLU CA 261 -79.99 106.63 5.73
N GLU CA 262 -79.29 106.01 4.80
CA GLU CA 262 -78.44 106.76 3.87
C GLU CA 262 -78.26 105.94 2.60
N GLU CA 263 -77.77 106.62 1.56
CA GLU CA 263 -77.44 105.95 0.31
C GLU CA 263 -76.29 104.96 0.53
N MET CA 264 -76.26 103.92 -0.32
CA MET CA 264 -75.37 102.79 -0.06
C MET CA 264 -73.90 103.15 -0.25
N SER CA 265 -73.59 104.00 -1.23
CA SER CA 265 -72.20 104.33 -1.55
C SER CA 265 -71.75 105.63 -0.92
N VAL CA 266 -72.25 105.95 0.27
CA VAL CA 266 -71.88 107.20 0.95
C VAL CA 266 -70.46 107.08 1.48
N PRO CA 267 -69.65 108.14 1.44
CA PRO CA 267 -68.36 108.10 2.12
C PRO CA 267 -68.52 108.00 3.63
N LEU CA 268 -67.58 107.30 4.26
CA LEU CA 268 -67.63 107.11 5.71
C LEU CA 268 -67.39 108.42 6.45
N LYS CA 269 -66.43 109.22 5.96
CA LYS CA 269 -66.15 110.51 6.59
C LYS CA 269 -67.34 111.45 6.49
N GLU CA 270 -67.98 111.50 5.31
CA GLU CA 270 -69.16 112.34 5.14
C GLU CA 270 -70.31 111.88 6.02
N LEU CA 271 -70.52 110.56 6.12
CA LEU CA 271 -71.57 110.00 6.96
C LEU CA 271 -71.36 110.36 8.42
N ILE CA 272 -70.13 110.17 8.92
CA ILE CA 272 -69.82 110.44 10.32
C ILE CA 272 -69.95 111.93 10.62
N GLU CA 273 -69.37 112.77 9.75
CA GLU CA 273 -69.37 114.20 10.02
C GLU CA 273 -70.72 114.85 9.79
N LYS CA 274 -71.62 114.20 9.04
CA LYS CA 274 -72.94 114.78 8.79
C LYS CA 274 -73.97 114.29 9.79
N HIS CA 275 -74.16 112.98 9.88
CA HIS CA 275 -75.29 112.48 10.65
C HIS CA 275 -74.98 112.36 12.14
N ALA CA 276 -73.78 111.93 12.49
CA ALA CA 276 -73.43 111.69 13.88
C ALA CA 276 -72.75 112.86 14.56
N GLY CA 277 -72.59 113.98 13.85
CA GLY CA 277 -71.97 115.16 14.45
C GLY CA 277 -70.46 115.07 14.63
N GLY CA 278 -69.80 114.14 13.96
CA GLY CA 278 -68.37 114.00 14.06
C GLY CA 278 -67.93 113.24 15.30
N VAL CA 279 -66.69 112.79 15.27
CA VAL CA 279 -66.15 112.02 16.39
C VAL CA 279 -65.68 113.00 17.45
N THR CA 280 -65.41 112.50 18.65
CA THR CA 280 -65.00 113.36 19.76
C THR CA 280 -63.59 113.89 19.51
N GLY CA 281 -63.41 115.20 19.69
CA GLY CA 281 -62.11 115.81 19.49
C GLY CA 281 -61.75 116.09 18.05
N GLY CA 282 -62.72 116.08 17.14
CA GLY CA 282 -62.46 116.39 15.75
C GLY CA 282 -61.94 115.18 15.00
N TRP CA 283 -61.91 115.33 13.67
CA TRP CA 283 -61.56 114.22 12.79
C TRP CA 283 -60.12 113.76 12.98
N ASP CA 284 -59.24 114.65 13.43
CA ASP CA 284 -57.85 114.26 13.67
C ASP CA 284 -57.68 113.39 14.91
N ASN CA 285 -58.71 113.29 15.76
CA ASN CA 285 -58.67 112.42 16.92
C ASN CA 285 -59.12 111.01 16.62
N LEU CA 286 -59.45 110.69 15.37
CA LEU CA 286 -59.87 109.35 15.02
C LEU CA 286 -58.69 108.40 15.06
N LEU CA 287 -58.89 107.21 15.61
CA LEU CA 287 -57.87 106.19 15.66
C LEU CA 287 -58.22 104.93 14.87
N ALA CA 288 -59.44 104.43 15.01
CA ALA CA 288 -59.84 103.24 14.27
C ALA CA 288 -61.34 103.20 14.13
N VAL CA 289 -61.80 102.52 13.08
CA VAL CA 289 -63.23 102.34 12.82
C VAL CA 289 -63.47 100.89 12.45
N ILE CA 290 -64.44 100.26 13.11
CA ILE CA 290 -64.93 98.95 12.72
C ILE CA 290 -66.22 99.17 11.93
N PRO CA 291 -66.25 98.87 10.63
CA PRO CA 291 -67.37 99.34 9.79
C PRO CA 291 -68.60 98.46 9.84
N GLY CA 292 -68.44 97.19 10.19
CA GLY CA 292 -69.55 96.27 10.10
C GLY CA 292 -69.83 95.46 11.35
N GLY CA 293 -69.72 96.08 12.51
CA GLY CA 293 -69.89 95.36 13.74
C GLY CA 293 -68.67 94.52 14.05
N SER CA 294 -68.82 93.65 15.04
CA SER CA 294 -67.69 92.89 15.56
C SER CA 294 -67.21 91.79 14.62
N SER CA 295 -67.93 91.51 13.54
CA SER CA 295 -67.55 90.43 12.64
C SER CA 295 -66.65 90.90 11.50
N THR CA 296 -66.28 92.19 11.47
CA THR CA 296 -65.49 92.71 10.37
C THR CA 296 -64.15 93.24 10.88
N PRO CA 297 -63.10 93.15 10.08
CA PRO CA 297 -61.83 93.75 10.48
C PRO CA 297 -61.92 95.27 10.53
N LEU CA 298 -61.15 95.85 11.44
CA LEU CA 298 -61.12 97.29 11.62
C LEU CA 298 -60.17 97.95 10.63
N ILE CA 299 -60.34 99.26 10.46
CA ILE CA 299 -59.46 100.02 9.57
C ILE CA 299 -58.96 101.26 10.32
N PRO CA 300 -57.73 101.69 10.08
CA PRO CA 300 -57.19 102.86 10.78
C PRO CA 300 -57.68 104.15 10.15
N LYS CA 301 -57.15 105.26 10.67
CA LYS CA 301 -57.60 106.58 10.23
C LYS CA 301 -57.23 106.87 8.77
N SER CA 302 -56.11 106.31 8.31
CA SER CA 302 -55.64 106.61 6.96
C SER CA 302 -56.48 105.95 5.87
N VAL CA 303 -57.30 104.96 6.22
CA VAL CA 303 -58.15 104.31 5.23
C VAL CA 303 -59.55 104.91 5.21
N CYS CA 304 -60.06 105.32 6.38
CA CYS CA 304 -61.40 105.88 6.49
C CYS CA 304 -61.54 107.24 5.81
N GLU CA 305 -60.44 107.88 5.42
CA GLU CA 305 -60.52 109.15 4.73
C GLU CA 305 -61.14 109.00 3.34
N THR CA 306 -60.71 107.99 2.59
CA THR CA 306 -61.12 107.84 1.20
C THR CA 306 -61.82 106.50 0.95
N VAL CA 307 -62.76 106.12 1.82
CA VAL CA 307 -63.44 104.84 1.67
C VAL CA 307 -64.94 105.10 1.54
N LEU CA 308 -65.62 104.17 0.89
CA LEU CA 308 -67.06 104.23 0.67
C LEU CA 308 -67.72 103.03 1.34
N MET CA 309 -68.88 103.26 1.95
CA MET CA 309 -69.53 102.24 2.76
C MET CA 309 -70.46 101.35 1.96
N ASP CA 310 -69.98 100.80 0.86
CA ASP CA 310 -70.71 99.76 0.15
C ASP CA 310 -69.96 98.44 0.29
N PHE CA 311 -70.44 97.40 -0.39
CA PHE CA 311 -69.83 96.09 -0.26
C PHE CA 311 -68.46 96.04 -0.93
N ASP CA 312 -68.36 96.54 -2.16
CA ASP CA 312 -67.17 96.31 -2.97
C ASP CA 312 -65.98 97.13 -2.47
N ALA CA 313 -66.18 98.41 -2.17
CA ALA CA 313 -65.07 99.25 -1.74
C ALA CA 313 -64.56 98.85 -0.37
N LEU CA 314 -65.45 98.39 0.51
CA LEU CA 314 -65.00 97.89 1.80
C LEU CA 314 -64.35 96.52 1.69
N ILE CA 315 -64.77 95.70 0.72
CA ILE CA 315 -64.07 94.45 0.45
C ILE CA 315 -62.65 94.74 -0.03
N GLN CA 316 -62.49 95.75 -0.90
CA GLN CA 316 -61.18 96.13 -1.39
C GLN CA 316 -60.32 96.81 -0.33
N ALA CA 317 -60.90 97.22 0.80
CA ALA CA 317 -60.14 97.73 1.94
C ALA CA 317 -59.82 96.64 2.96
N GLN CA 318 -59.76 95.38 2.49
CA GLN CA 318 -59.61 94.15 3.30
C GLN CA 318 -60.40 94.20 4.61
N THR CA 319 -61.69 94.51 4.47
CA THR CA 319 -62.67 94.37 5.53
C THR CA 319 -64.01 94.07 4.86
N GLY CA 320 -65.12 94.27 5.57
CA GLY CA 320 -66.42 94.00 5.01
C GLY CA 320 -67.43 95.04 5.43
N LEU CA 321 -68.51 95.13 4.66
CA LEU CA 321 -69.61 96.02 5.02
C LEU CA 321 -70.33 95.52 6.26
N GLY CA 322 -70.52 94.20 6.36
CA GLY CA 322 -71.14 93.63 7.54
C GLY CA 322 -72.60 94.03 7.66
N THR CA 323 -72.99 94.42 8.86
CA THR CA 323 -74.33 94.88 9.15
C THR CA 323 -74.45 96.40 9.13
N ALA CA 324 -73.45 97.08 8.57
CA ALA CA 324 -73.37 98.55 8.51
C ALA CA 324 -73.47 99.17 9.91
N ALA CA 325 -72.65 98.65 10.82
CA ALA CA 325 -72.57 99.14 12.20
C ALA CA 325 -71.19 99.76 12.39
N VAL CA 326 -71.14 101.08 12.42
CA VAL CA 326 -69.87 101.81 12.47
C VAL CA 326 -69.53 102.09 13.92
N ILE CA 327 -68.54 101.38 14.44
CA ILE CA 327 -68.05 101.60 15.80
C ILE CA 327 -66.76 102.40 15.70
N VAL CA 328 -66.71 103.53 16.39
CA VAL CA 328 -65.61 104.50 16.25
C VAL CA 328 -64.81 104.53 17.54
N MET CA 329 -63.49 104.36 17.43
CA MET CA 329 -62.58 104.47 18.57
C MET CA 329 -61.58 105.58 18.32
N ASP CA 330 -61.46 106.50 19.27
CA ASP CA 330 -60.55 107.63 19.16
C ASP CA 330 -59.21 107.28 19.79
N ARG CA 331 -58.33 108.27 19.93
CA ARG CA 331 -56.96 108.02 20.38
C ARG CA 331 -56.88 107.74 21.88
N SER CA 332 -57.95 107.96 22.64
CA SER CA 332 -57.97 107.64 24.06
C SER CA 332 -58.45 106.22 24.34
N THR CA 333 -58.30 105.32 23.37
CA THR CA 333 -58.83 103.96 23.45
C THR CA 333 -57.68 102.96 23.40
N ASP CA 334 -57.69 102.01 24.32
CA ASP CA 334 -56.82 100.84 24.20
C ASP CA 334 -57.43 99.90 23.16
N ILE CA 335 -56.81 99.83 21.98
CA ILE CA 335 -57.34 99.00 20.91
C ILE CA 335 -57.22 97.53 21.27
N VAL CA 336 -56.13 97.15 21.92
CA VAL CA 336 -55.92 95.76 22.31
C VAL CA 336 -56.98 95.32 23.30
N LYS CA 337 -57.36 96.19 24.23
CA LYS CA 337 -58.42 95.85 25.19
C LYS CA 337 -59.77 95.73 24.50
N ALA CA 338 -60.04 96.57 23.50
CA ALA CA 338 -61.30 96.49 22.76
C ALA CA 338 -61.40 95.19 21.97
N ILE CA 339 -60.34 94.83 21.26
CA ILE CA 339 -60.35 93.58 20.52
C ILE CA 339 -60.38 92.38 21.46
N ALA CA 340 -59.73 92.48 22.62
CA ALA CA 340 -59.80 91.41 23.61
C ALA CA 340 -61.21 91.23 24.15
N ARG CA 341 -61.93 92.33 24.38
CA ARG CA 341 -63.32 92.24 24.80
C ARG CA 341 -64.17 91.62 23.69
N LEU CA 342 -63.87 91.93 22.43
CA LEU CA 342 -64.59 91.30 21.32
C LEU CA 342 -64.36 89.80 21.28
N ILE CA 343 -63.12 89.36 21.46
CA ILE CA 343 -62.82 87.93 21.46
C ILE CA 343 -63.44 87.25 22.67
N GLU CA 344 -63.49 87.94 23.81
CA GLU CA 344 -64.19 87.40 24.97
C GLU CA 344 -65.68 87.24 24.71
N PHE CA 345 -66.27 88.19 23.99
CA PHE CA 345 -67.67 88.06 23.58
C PHE CA 345 -67.87 86.86 22.67
N TYR CA 346 -66.94 86.65 21.74
CA TYR CA 346 -67.07 85.52 20.82
C TYR CA 346 -66.86 84.19 21.54
N LYS CA 347 -66.02 84.17 22.57
CA LYS CA 347 -65.86 82.95 23.36
C LYS CA 347 -67.10 82.66 24.18
N HIS CA 348 -67.72 83.71 24.74
CA HIS CA 348 -68.95 83.50 25.49
C HIS CA 348 -70.11 83.10 24.58
N GLU CA 349 -70.14 83.61 23.35
CA GLU CA 349 -71.20 83.31 22.40
C GLU CA 349 -70.64 82.41 21.32
N SER CA 350 -70.64 81.11 21.60
CA SER CA 350 -70.11 80.10 20.68
C SER CA 350 -70.75 78.78 21.05
N CYS CA 351 -71.36 78.11 20.07
CA CYS CA 351 -72.19 76.96 20.40
C CYS CA 351 -71.34 75.75 20.79
N GLY CA 352 -70.08 75.71 20.39
CA GLY CA 352 -69.19 74.65 20.82
C GLY CA 352 -69.39 73.32 20.13
N GLN CA 353 -70.17 73.27 19.04
CA GLN CA 353 -70.41 72.01 18.37
C GLN CA 353 -69.16 71.50 17.66
N CYS CA 354 -68.51 72.36 16.89
CA CYS CA 354 -67.42 71.94 16.04
C CYS CA 354 -66.08 72.34 16.63
N THR CA 355 -65.08 71.47 16.42
CA THR CA 355 -63.82 71.53 17.15
C THR CA 355 -63.03 72.84 17.01
N PRO CA 356 -62.77 73.39 15.81
CA PRO CA 356 -61.81 74.50 15.73
C PRO CA 356 -62.25 75.75 16.45
N CYS CA 357 -63.52 76.17 16.32
CA CYS CA 357 -63.98 77.32 17.08
C CYS CA 357 -64.00 77.02 18.58
N ARG CA 358 -64.52 75.85 18.97
CA ARG CA 358 -64.68 75.51 20.38
C ARG CA 358 -63.36 75.54 21.14
N GLU CA 359 -62.29 75.06 20.53
CA GLU CA 359 -61.01 75.12 21.22
C GLU CA 359 -60.25 76.41 20.91
N GLY CA 360 -60.16 76.77 19.64
CA GLY CA 360 -59.31 77.87 19.23
C GLY CA 360 -59.77 79.22 19.70
N VAL CA 361 -61.09 79.46 19.81
CA VAL CA 361 -61.54 80.79 20.21
C VAL CA 361 -61.19 81.04 21.67
N ASP CA 362 -61.29 80.02 22.53
CA ASP CA 362 -60.80 80.14 23.89
C ASP CA 362 -59.29 80.32 23.92
N TRP CA 363 -58.58 79.64 23.02
CA TRP CA 363 -57.13 79.83 22.90
C TRP CA 363 -56.78 81.29 22.56
N MET CA 364 -57.51 81.86 21.59
CA MET CA 364 -57.28 83.27 21.23
C MET CA 364 -57.67 84.19 22.37
N ASN CA 365 -58.70 83.83 23.15
CA ASN CA 365 -59.06 84.65 24.29
C ASN CA 365 -57.95 84.71 25.32
N LYS CA 366 -57.33 83.56 25.62
CA LYS CA 366 -56.22 83.55 26.55
C LYS CA 366 -55.01 84.32 26.01
N VAL CA 367 -54.73 84.15 24.72
CA VAL CA 367 -53.59 84.84 24.11
C VAL CA 367 -53.79 86.35 24.11
N MET CA 368 -54.99 86.82 23.78
CA MET CA 368 -55.24 88.26 23.79
C MET CA 368 -55.33 88.83 25.20
N ALA CA 369 -55.72 88.02 26.19
CA ALA CA 369 -55.61 88.48 27.56
C ALA CA 369 -54.15 88.72 27.95
N ARG CA 370 -53.27 87.79 27.58
CA ARG CA 370 -51.85 88.00 27.84
C ARG CA 370 -51.28 89.15 26.98
N PHE CA 371 -51.86 89.40 25.81
CA PHE CA 371 -51.44 90.52 24.99
C PHE CA 371 -51.83 91.85 25.64
N VAL CA 372 -53.02 91.92 26.21
CA VAL CA 372 -53.45 93.11 26.94
C VAL CA 372 -52.54 93.35 28.13
N ARG CA 373 -52.22 92.29 28.88
CA ARG CA 373 -51.25 92.44 29.97
C ARG CA 373 -49.83 92.68 29.45
N GLY CA 374 -49.54 92.30 28.21
CA GLY CA 374 -48.20 92.45 27.66
C GLY CA 374 -47.25 91.32 27.96
N ASP CA 375 -47.74 90.21 28.52
CA ASP CA 375 -46.89 89.09 28.93
C ASP CA 375 -46.74 88.09 27.79
N ALA CA 376 -45.98 88.49 26.77
CA ALA CA 376 -45.78 87.65 25.59
C ALA CA 376 -44.52 88.10 24.86
N ARG CA 377 -44.34 87.59 23.65
CA ARG CA 377 -43.22 87.89 22.76
C ARG CA 377 -43.75 87.92 21.34
N PRO CA 378 -43.05 88.60 20.41
CA PRO CA 378 -43.56 88.68 19.03
C PRO CA 378 -43.72 87.35 18.31
N ALA CA 379 -42.98 86.32 18.73
CA ALA CA 379 -43.21 84.97 18.21
C ALA CA 379 -44.64 84.52 18.51
N GLU CA 380 -45.19 84.93 19.66
CA GLU CA 380 -46.58 84.63 19.95
C GLU CA 380 -47.54 85.45 19.09
N ILE CA 381 -47.11 86.62 18.62
CA ILE CA 381 -47.94 87.39 17.69
C ILE CA 381 -48.08 86.64 16.37
N ASP CA 382 -46.96 86.15 15.83
CA ASP CA 382 -47.05 85.34 14.62
C ASP CA 382 -47.78 84.02 14.86
N SER CA 383 -47.63 83.44 16.04
CA SER CA 383 -48.36 82.23 16.38
C SER CA 383 -49.86 82.49 16.43
N LEU CA 384 -50.28 83.64 16.96
CA LEU CA 384 -51.69 83.98 16.99
C LEU CA 384 -52.22 84.21 15.58
N TRP CA 385 -51.41 84.81 14.70
CA TRP CA 385 -51.81 84.94 13.30
C TRP CA 385 -52.03 83.57 12.67
N GLU CA 386 -51.13 82.62 12.92
CA GLU CA 386 -51.28 81.28 12.36
C GLU CA 386 -52.50 80.56 12.94
N ILE CA 387 -52.77 80.75 14.23
CA ILE CA 387 -53.94 80.13 14.85
C ILE CA 387 -55.24 80.69 14.26
N SER CA 388 -55.28 82.01 14.06
CA SER CA 388 -56.44 82.63 13.43
C SER CA 388 -56.64 82.14 12.01
N LYS CA 389 -55.54 81.93 11.27
CA LYS CA 389 -55.66 81.34 9.94
C LYS CA 389 -56.14 79.89 9.99
N GLN CA 390 -55.77 79.17 11.05
CA GLN CA 390 -56.21 77.78 11.18
C GLN CA 390 -57.69 77.69 11.50
N ILE CA 391 -58.22 78.63 12.28
CA ILE CA 391 -59.64 78.59 12.62
C ILE CA 391 -60.50 78.90 11.41
N GLU CA 392 -60.12 79.92 10.64
CA GLU CA 392 -60.95 80.43 9.55
C GLU CA 392 -61.05 79.44 8.41
N GLY CA 393 -62.28 79.17 7.97
CA GLY CA 393 -62.53 78.30 6.85
C GLY CA 393 -62.60 76.82 7.17
N HIS CA 394 -62.41 76.44 8.43
CA HIS CA 394 -62.45 75.04 8.83
C HIS CA 394 -63.60 74.74 9.78
N THR CA 395 -64.58 75.63 9.86
CA THR CA 395 -65.67 75.53 10.82
C THR CA 395 -66.99 75.26 10.11
N ILE CA 396 -67.97 74.83 10.91
CA ILE CA 396 -69.29 74.56 10.37
C ILE CA 396 -69.97 75.86 9.94
N CYS CA 397 -69.96 76.86 10.81
CA CYS CA 397 -70.64 78.12 10.57
C CYS CA 397 -69.61 79.23 10.47
N ALA CA 398 -70.09 80.46 10.37
CA ALA CA 398 -69.23 81.61 10.13
C ALA CA 398 -68.93 82.41 11.40
N LEU CA 399 -69.19 81.84 12.57
CA LEU CA 399 -68.74 82.49 13.80
C LEU CA 399 -67.24 82.35 13.98
N GLY CA 400 -66.66 81.25 13.50
CA GLY CA 400 -65.21 81.09 13.57
C GLY CA 400 -64.48 82.11 12.71
N ASP CA 401 -64.98 82.36 11.51
CA ASP CA 401 -64.42 83.42 10.68
C ASP CA 401 -64.63 84.79 11.33
N GLY CA 402 -65.79 84.99 11.95
CA GLY CA 402 -66.07 86.24 12.61
C GLY CA 402 -65.28 86.47 13.88
N ALA CA 403 -64.70 85.41 14.43
CA ALA CA 403 -63.77 85.57 15.55
C ALA CA 403 -62.33 85.65 15.10
N ALA CA 404 -62.01 85.06 13.95
CA ALA CA 404 -60.64 85.15 13.43
C ALA CA 404 -60.34 86.50 12.81
N TRP CA 405 -61.33 87.10 12.14
CA TRP CA 405 -61.09 88.33 11.39
C TRP CA 405 -60.67 89.55 12.23
N PRO CA 406 -61.31 89.88 13.37
CA PRO CA 406 -60.87 91.08 14.11
C PRO CA 406 -59.45 90.99 14.63
N VAL CA 407 -59.00 89.80 15.03
CA VAL CA 407 -57.61 89.65 15.47
C VAL CA 407 -56.67 89.87 14.29
N GLN CA 408 -57.02 89.35 13.11
CA GLN CA 408 -56.17 89.56 11.94
C GLN CA 408 -56.07 91.03 11.58
N GLY CA 409 -57.20 91.75 11.65
CA GLY CA 409 -57.15 93.18 11.40
C GLY CA 409 -56.32 93.93 12.42
N LEU CA 410 -56.48 93.59 13.70
CA LEU CA 410 -55.71 94.24 14.75
C LEU CA 410 -54.22 93.99 14.60
N ILE CA 411 -53.83 92.74 14.32
CA ILE CA 411 -52.42 92.41 14.09
C ILE CA 411 -51.88 93.22 12.92
N ARG CA 412 -52.60 93.17 11.80
CA ARG CA 412 -52.13 93.78 10.55
C ARG CA 412 -51.97 95.28 10.67
N HIS CA 413 -52.85 95.95 11.41
CA HIS CA 413 -52.81 97.39 11.47
C HIS CA 413 -52.15 97.95 12.73
N PHE CA 414 -51.90 97.14 13.75
CA PHE CA 414 -51.36 97.65 15.00
C PHE CA 414 -50.33 96.71 15.61
N ARG CA 415 -49.57 95.98 14.79
CA ARG CA 415 -48.43 95.25 15.32
C ARG CA 415 -47.41 96.10 16.09
N PRO CA 416 -47.00 97.31 15.66
CA PRO CA 416 -46.06 98.08 16.50
C PRO CA 416 -46.56 98.42 17.89
N GLU CA 417 -47.86 98.69 18.03
CA GLU CA 417 -48.40 99.00 19.36
C GLU CA 417 -48.33 97.79 20.28
N LEU CA 418 -48.69 96.62 19.76
CA LEU CA 418 -48.59 95.39 20.55
C LEU CA 418 -47.15 95.10 20.93
N GLU CA 419 -46.22 95.26 19.99
CA GLU CA 419 -44.81 94.99 20.28
C GLU CA 419 -44.26 95.95 21.32
N GLU CA 420 -44.64 97.23 21.24
CA GLU CA 420 -44.25 98.20 22.25
C GLU CA 420 -44.82 97.82 23.62
N ARG CA 421 -46.05 97.32 23.64
CA ARG CA 421 -46.67 96.90 24.89
C ARG CA 421 -45.89 95.76 25.54
N MET CA 422 -45.56 94.72 24.76
CA MET CA 422 -44.86 93.59 25.39
C MET CA 422 -43.43 93.94 25.76
N GLN CA 423 -42.76 94.79 24.96
CA GLN CA 423 -41.39 95.15 25.33
C GLN CA 423 -41.36 96.06 26.55
N ARG CA 424 -42.37 96.91 26.74
CA ARG CA 424 -42.40 97.72 27.95
C ARG CA 424 -42.78 96.89 29.17
N PHE CA 425 -43.61 95.85 28.99
CA PHE CA 425 -43.87 94.92 30.09
C PHE CA 425 -42.61 94.15 30.47
N ALA CA 426 -41.85 93.71 29.46
CA ALA CA 426 -40.62 92.96 29.75
C ALA CA 426 -39.58 93.83 30.42
N GLN CA 427 -39.43 95.08 29.99
CA GLN CA 427 -38.44 95.95 30.61
C GLN CA 427 -38.90 96.54 31.94
N GLN CA 428 -40.20 96.50 32.24
CA GLN CA 428 -40.67 96.96 33.54
C GLN CA 428 -40.70 95.85 34.57
N HIS CA 429 -41.07 94.63 34.17
CA HIS CA 429 -41.27 93.53 35.10
C HIS CA 429 -40.01 92.70 35.31
N GLN CA 430 -38.89 93.08 34.72
CA GLN CA 430 -37.64 92.35 34.90
C GLN CA 430 -36.50 93.28 35.30
N ALA DA 1 -72.83 78.57 38.06
CA ALA DA 1 -72.32 78.43 36.71
C ALA DA 1 -71.91 76.98 36.43
N LEU DA 2 -72.51 76.05 37.16
CA LEU DA 2 -72.24 74.63 37.00
C LEU DA 2 -73.30 74.00 36.11
N PHE DA 3 -72.85 73.23 35.12
CA PHE DA 3 -73.76 72.58 34.18
C PHE DA 3 -74.08 71.14 34.57
N VAL DA 4 -73.87 70.79 35.84
CA VAL DA 4 -74.36 69.55 36.40
C VAL DA 4 -75.29 69.90 37.54
N HIS DA 5 -76.21 68.99 37.85
CA HIS DA 5 -77.22 69.22 38.87
C HIS DA 5 -76.98 68.26 40.03
N ARG DA 6 -77.03 68.79 41.25
CA ARG DA 6 -76.94 67.99 42.46
C ARG DA 6 -78.19 68.23 43.30
N ASP DA 7 -78.73 67.14 43.85
CA ASP DA 7 -80.00 67.21 44.56
C ASP DA 7 -79.84 67.93 45.89
N THR DA 8 -80.71 68.91 46.13
CA THR DA 8 -80.76 69.70 47.35
C THR DA 8 -82.19 69.69 47.86
N PRO DA 9 -82.39 69.97 49.15
CA PRO DA 9 -83.78 70.16 49.63
C PRO DA 9 -84.53 71.27 48.94
N LYS DA 10 -83.84 72.34 48.54
CA LYS DA 10 -84.50 73.42 47.83
C LYS DA 10 -84.80 73.05 46.38
N ASN DA 11 -83.95 72.23 45.76
CA ASN DA 11 -84.08 71.87 44.35
C ASN DA 11 -83.93 70.36 44.23
N ASN DA 12 -85.05 69.66 44.17
CA ASN DA 12 -85.11 68.21 44.02
C ASN DA 12 -86.25 67.89 43.06
N PRO DA 13 -86.28 66.69 42.49
CA PRO DA 13 -87.41 66.32 41.64
C PRO DA 13 -88.75 66.28 42.36
N GLU DA 14 -88.77 66.25 43.68
CA GLU DA 14 -90.00 66.27 44.46
C GLU DA 14 -90.45 67.67 44.83
N THR DA 15 -89.77 68.71 44.33
CA THR DA 15 -90.22 70.08 44.56
C THR DA 15 -91.55 70.29 43.85
N PRO DA 16 -92.55 70.86 44.53
CA PRO DA 16 -93.87 71.02 43.89
C PRO DA 16 -93.85 72.08 42.81
N PHE DA 17 -94.44 71.75 41.66
CA PHE DA 17 -94.61 72.70 40.57
C PHE DA 17 -95.73 72.20 39.66
N ASP DA 18 -96.61 73.10 39.27
CA ASP DA 18 -97.63 72.82 38.27
C ASP DA 18 -98.13 74.14 37.70
N PHE DA 19 -98.56 74.10 36.45
CA PHE DA 19 -99.04 75.29 35.77
C PHE DA 19 -100.45 75.65 36.22
N THR DA 20 -100.74 76.95 36.22
CA THR DA 20 -102.09 77.42 36.44
C THR DA 20 -102.95 77.10 35.21
N PRO DA 21 -104.27 76.99 35.38
CA PRO DA 21 -105.15 76.68 34.22
C PRO DA 21 -105.08 77.69 33.09
N GLU DA 22 -104.93 78.98 33.40
CA GLU DA 22 -104.71 79.98 32.36
C GLU DA 22 -103.40 79.73 31.63
N ASN DA 23 -102.37 79.33 32.36
CA ASN DA 23 -101.12 78.95 31.72
C ASN DA 23 -101.27 77.67 30.92
N TYR DA 24 -102.18 76.78 31.31
CA TYR DA 24 -102.49 75.62 30.49
C TYR DA 24 -103.12 76.03 29.17
N LYS DA 25 -104.02 77.01 29.20
CA LYS DA 25 -104.61 77.51 27.95
C LYS DA 25 -103.56 78.19 27.07
N ARG DA 26 -102.64 78.94 27.69
CA ARG DA 26 -101.54 79.54 26.93
C ARG DA 26 -100.65 78.48 26.32
N ILE DA 27 -100.39 77.39 27.05
CA ILE DA 27 -99.61 76.28 26.53
C ILE DA 27 -100.33 75.64 25.35
N GLU DA 28 -101.66 75.53 25.43
CA GLU DA 28 -102.44 75.00 24.32
C GLU DA 28 -102.31 75.88 23.08
N ALA DA 29 -102.35 77.20 23.27
CA ALA DA 29 -102.15 78.12 22.13
C ALA DA 29 -100.75 77.98 21.53
N ILE DA 30 -99.74 77.86 22.38
CA ILE DA 30 -98.36 77.71 21.91
C ILE DA 30 -98.21 76.43 21.10
N VAL DA 31 -98.80 75.34 21.59
CA VAL DA 31 -98.75 74.07 20.88
C VAL DA 31 -99.48 74.17 19.54
N LYS DA 32 -100.63 74.85 19.53
CA LYS DA 32 -101.38 75.03 18.29
C LYS DA 32 -100.67 75.94 17.30
N ASN DA 33 -99.66 76.69 17.73
CA ASN DA 33 -98.86 77.46 16.77
C ASN DA 33 -97.97 76.60 15.88
N TYR DA 34 -97.83 75.31 16.17
CA TYR DA 34 -96.85 74.47 15.49
C TYR DA 34 -97.52 73.34 14.72
N PRO DA 35 -96.88 72.81 13.67
CA PRO DA 35 -97.48 71.71 12.92
C PRO DA 35 -97.60 70.44 13.74
N GLU DA 36 -98.56 69.60 13.36
CA GLU DA 36 -98.73 68.31 14.00
C GLU DA 36 -97.55 67.40 13.66
N GLY DA 37 -97.16 66.58 14.63
CA GLY DA 37 -95.98 65.76 14.49
C GLY DA 37 -94.69 66.45 14.87
N HIS DA 38 -94.74 67.73 15.21
CA HIS DA 38 -93.58 68.50 15.63
C HIS DA 38 -93.93 69.29 16.88
N LYS DA 39 -94.53 68.60 17.86
CA LYS DA 39 -94.90 69.21 19.13
C LYS DA 39 -93.68 69.62 19.95
N ALA DA 40 -92.52 69.04 19.69
CA ALA DA 40 -91.30 69.35 20.43
C ALA DA 40 -90.75 70.73 20.10
N ALA DA 41 -91.25 71.40 19.07
CA ALA DA 41 -90.81 72.75 18.76
C ALA DA 41 -91.30 73.77 19.79
N ALA DA 42 -92.23 73.39 20.65
CA ALA DA 42 -92.75 74.27 21.68
C ALA DA 42 -92.04 74.09 23.02
N VAL DA 43 -90.84 73.50 23.03
CA VAL DA 43 -90.11 73.35 24.28
C VAL DA 43 -89.65 74.71 24.79
N LEU DA 44 -89.14 75.55 23.90
CA LEU DA 44 -88.63 76.87 24.30
C LEU DA 44 -89.70 77.79 24.89
N PRO DA 45 -90.86 78.03 24.25
CA PRO DA 45 -91.80 78.99 24.85
C PRO DA 45 -92.49 78.46 26.10
N VAL DA 46 -92.76 77.16 26.19
CA VAL DA 46 -93.39 76.61 27.39
C VAL DA 46 -92.43 76.66 28.57
N LEU DA 47 -91.14 76.39 28.33
CA LEU DA 47 -90.15 76.53 29.39
C LEU DA 47 -89.99 77.98 29.82
N ASP DA 48 -90.04 78.92 28.87
CA ASP DA 48 -90.01 80.33 29.22
C ASP DA 48 -91.24 80.73 30.03
N LEU DA 49 -92.41 80.17 29.69
CA LEU DA 49 -93.62 80.45 30.45
C LEU DA 49 -93.53 79.89 31.86
N ALA DA 50 -92.92 78.72 32.01
CA ALA DA 50 -92.72 78.14 33.34
C ALA DA 50 -91.79 79.03 34.17
N GLN DA 51 -90.72 79.54 33.56
CA GLN DA 51 -89.84 80.45 34.27
C GLN DA 51 -90.55 81.76 34.61
N ARG DA 52 -91.43 82.24 33.72
CA ARG DA 52 -92.19 83.45 33.99
C ARG DA 52 -93.15 83.26 35.15
N GLN DA 53 -93.77 82.09 35.24
CA GLN DA 53 -94.67 81.79 36.36
C GLN DA 53 -93.90 81.65 37.66
N ASN DA 54 -92.77 80.94 37.64
CA ASN DA 54 -92.08 80.60 38.88
C ASN DA 54 -91.02 81.63 39.28
N GLY DA 55 -90.36 82.26 38.31
CA GLY DA 55 -89.23 83.12 38.58
C GLY DA 55 -87.89 82.46 38.37
N TRP DA 56 -87.84 81.13 38.41
CA TRP DA 56 -86.63 80.37 38.12
C TRP DA 56 -87.05 78.96 37.76
N LEU DA 57 -86.08 78.15 37.35
CA LEU DA 57 -86.34 76.79 36.88
C LEU DA 57 -85.70 75.77 37.79
N PRO DA 58 -86.42 75.19 38.73
CA PRO DA 58 -85.93 74.02 39.47
C PRO DA 58 -86.06 72.80 38.56
N ILE DA 59 -85.58 71.66 39.04
CA ILE DA 59 -85.88 70.47 38.25
C ILE DA 59 -87.20 69.91 38.76
N SER DA 60 -88.26 70.65 38.46
CA SER DA 60 -89.64 70.18 38.41
C SER DA 60 -90.41 70.77 37.26
N ALA DA 61 -90.02 71.95 36.78
CA ALA DA 61 -90.59 72.53 35.58
C ALA DA 61 -90.04 71.87 34.34
N MET DA 62 -88.79 71.43 34.38
CA MET DA 62 -88.20 70.72 33.24
C MET DA 62 -88.89 69.38 33.04
N ASN DA 63 -89.13 68.65 34.12
CA ASN DA 63 -89.84 67.38 34.03
C ASN DA 63 -91.30 67.59 33.66
N LYS DA 64 -91.91 68.67 34.14
CA LYS DA 64 -93.29 68.96 33.76
C LYS DA 64 -93.41 69.29 32.29
N VAL DA 65 -92.46 70.05 31.74
CA VAL DA 65 -92.44 70.36 30.32
C VAL DA 65 -92.22 69.09 29.51
N ALA DA 66 -91.32 68.21 29.97
CA ALA DA 66 -91.10 66.94 29.29
C ALA DA 66 -92.35 66.06 29.34
N GLU DA 67 -93.12 66.14 30.42
CA GLU DA 67 -94.32 65.33 30.54
C GLU DA 67 -95.45 65.85 29.66
N ILE DA 68 -95.67 67.16 29.63
CA ILE DA 68 -96.80 67.69 28.86
C ILE DA 68 -96.50 67.86 27.38
N LEU DA 69 -95.25 67.66 26.95
CA LEU DA 69 -94.90 67.71 25.54
C LEU DA 69 -94.45 66.37 25.00
N GLN DA 70 -94.39 65.33 25.85
CA GLN DA 70 -94.01 63.97 25.47
C GLN DA 70 -92.61 63.92 24.84
N VAL DA 71 -91.68 64.68 25.41
CA VAL DA 71 -90.29 64.69 24.95
C VAL DA 71 -89.44 64.10 26.07
N PRO DA 72 -88.25 63.56 25.78
CA PRO DA 72 -87.39 63.10 26.85
C PRO DA 72 -86.93 64.25 27.72
N PRO DA 73 -86.75 64.02 29.03
CA PRO DA 73 -86.27 65.09 29.91
C PRO DA 73 -84.87 65.56 29.59
N MET DA 74 -84.04 64.74 28.96
CA MET DA 74 -82.68 65.14 28.62
C MET DA 74 -82.68 66.29 27.61
N ARG DA 75 -83.63 66.28 26.68
CA ARG DA 75 -83.74 67.37 25.72
C ARG DA 75 -84.12 68.68 26.39
N VAL DA 76 -85.00 68.61 27.40
CA VAL DA 76 -85.34 69.81 28.16
C VAL DA 76 -84.15 70.29 28.98
N TYR DA 77 -83.34 69.36 29.50
CA TYR DA 77 -82.13 69.75 30.21
C TYR DA 77 -81.14 70.44 29.27
N GLU DA 78 -80.99 69.92 28.05
CA GLU DA 78 -80.11 70.55 27.06
C GLU DA 78 -80.60 71.95 26.71
N VAL DA 79 -81.91 72.10 26.52
CA VAL DA 79 -82.48 73.40 26.16
C VAL DA 79 -82.28 74.40 27.30
N ALA DA 80 -82.49 73.96 28.55
CA ALA DA 80 -82.34 74.86 29.68
C ALA DA 80 -80.89 75.25 29.90
N THR DA 81 -79.95 74.33 29.69
CA THR DA 81 -78.55 74.65 29.94
C THR DA 81 -77.89 75.40 28.80
N PHE DA 82 -78.40 75.28 27.57
CA PHE DA 82 -77.75 75.95 26.44
C PHE DA 82 -77.97 77.46 26.49
N TYR DA 83 -79.20 77.89 26.75
CA TYR DA 83 -79.57 79.29 26.64
C TYR DA 83 -79.38 80.00 27.98
N THR DA 84 -78.95 81.26 27.91
CA THR DA 84 -78.56 81.99 29.11
C THR DA 84 -79.73 82.72 29.77
N MET DA 85 -80.87 82.86 29.09
CA MET DA 85 -81.99 83.56 29.71
C MET DA 85 -82.67 82.71 30.77
N TYR DA 86 -82.55 81.39 30.68
CA TYR DA 86 -83.17 80.52 31.66
C TYR DA 86 -82.34 80.49 32.93
N ASN DA 87 -82.98 80.68 34.07
CA ASN DA 87 -82.32 80.68 35.37
C ASN DA 87 -82.53 79.34 36.05
N ARG DA 88 -81.44 78.62 36.29
CA ARG DA 88 -81.51 77.36 37.03
C ARG DA 88 -81.24 77.56 38.51
N LYS DA 89 -81.03 78.80 38.96
CA LYS DA 89 -80.88 79.16 40.35
C LYS DA 89 -81.82 80.30 40.68
N PRO DA 90 -82.32 80.37 41.92
CA PRO DA 90 -83.29 81.43 42.25
C PRO DA 90 -82.67 82.81 42.32
N VAL DA 91 -82.98 83.64 41.33
CA VAL DA 91 -82.50 85.02 41.29
C VAL DA 91 -83.47 85.91 42.06
N GLY DA 92 -83.06 87.14 42.35
CA GLY DA 92 -83.88 88.06 43.08
C GLY DA 92 -85.05 88.57 42.24
N LYS DA 93 -85.83 89.45 42.87
CA LYS DA 93 -87.03 89.97 42.23
C LYS DA 93 -86.69 90.87 41.05
N TYR DA 94 -85.60 91.63 41.14
CA TYR DA 94 -85.14 92.50 40.06
C TYR DA 94 -83.77 92.00 39.62
N HIS DA 95 -83.70 91.51 38.38
CA HIS DA 95 -82.48 90.94 37.82
C HIS DA 95 -81.84 91.97 36.91
N ILE DA 96 -80.84 92.67 37.43
CA ILE DA 96 -80.17 93.72 36.67
C ILE DA 96 -79.06 93.09 35.82
N GLN DA 97 -79.06 93.41 34.53
CA GLN DA 97 -78.07 92.91 33.59
C GLN DA 97 -77.39 94.11 32.93
N VAL DA 98 -76.08 94.22 33.09
CA VAL DA 98 -75.31 95.35 32.59
C VAL DA 98 -74.47 94.86 31.41
N CYS DA 99 -74.63 95.51 30.27
CA CYS DA 99 -73.89 95.14 29.07
C CYS DA 99 -72.50 95.77 29.10
N THR DA 100 -71.48 94.94 28.93
CA THR DA 100 -70.09 95.40 28.95
C THR DA 100 -69.36 95.02 27.66
N THR DA 101 -70.07 94.90 26.56
CA THR DA 101 -69.42 94.65 25.29
C THR DA 101 -68.76 95.96 24.82
N THR DA 102 -67.89 95.85 23.81
CA THR DA 102 -67.03 96.97 23.42
C THR DA 102 -67.78 98.26 23.03
N PRO DA 103 -68.87 98.26 22.25
CA PRO DA 103 -69.57 99.53 22.02
C PRO DA 103 -70.16 100.16 23.28
N CYS DA 104 -70.50 99.35 24.29
CA CYS DA 104 -70.92 99.88 25.57
C CYS DA 104 -69.73 100.17 26.48
N MET DA 105 -68.64 99.43 26.33
CA MET DA 105 -67.44 99.67 27.11
C MET DA 105 -66.79 101.00 26.73
N LEU DA 106 -66.90 101.39 25.46
CA LEU DA 106 -66.34 102.66 25.01
C LEU DA 106 -67.05 103.85 25.62
N ARG DA 107 -68.32 103.68 25.99
CA ARG DA 107 -69.11 104.75 26.60
C ARG DA 107 -69.21 104.60 28.11
N ASN DA 108 -68.19 103.99 28.73
CA ASN DA 108 -67.98 103.98 30.18
C ASN DA 108 -69.11 103.24 30.91
N SER DA 109 -69.28 101.97 30.57
CA SER DA 109 -70.25 101.13 31.27
C SER DA 109 -69.73 100.60 32.60
N ASP DA 110 -68.41 100.52 32.77
CA ASP DA 110 -67.87 100.04 34.03
C ASP DA 110 -68.11 101.03 35.16
N SER DA 111 -68.23 102.32 34.83
CA SER DA 111 -68.65 103.31 35.83
C SER DA 111 -70.05 103.02 36.33
N ILE DA 112 -70.96 102.63 35.43
CA ILE DA 112 -72.30 102.22 35.82
C ILE DA 112 -72.26 100.97 36.67
N LEU DA 113 -71.39 100.01 36.29
CA LEU DA 113 -71.28 98.77 37.04
C LEU DA 113 -70.81 99.00 38.47
N GLU DA 114 -69.77 99.84 38.63
CA GLU DA 114 -69.30 100.13 39.99
C GLU DA 114 -70.27 101.03 40.75
N ALA DA 115 -71.05 101.85 40.04
CA ALA DA 115 -72.10 102.62 40.70
C ALA DA 115 -73.16 101.71 41.31
N ILE DA 116 -73.59 100.71 40.54
CA ILE DA 116 -74.54 99.73 41.04
C ILE DA 116 -73.92 98.93 42.19
N GLN DA 117 -72.63 98.60 42.06
CA GLN DA 117 -71.96 97.81 43.08
C GLN DA 117 -71.88 98.56 44.42
N LYS DA 118 -71.54 99.84 44.40
CA LYS DA 118 -71.49 100.55 45.68
C LYS DA 118 -72.86 100.99 46.16
N LYS DA 119 -73.85 101.07 45.28
CA LYS DA 119 -75.21 101.36 45.75
C LYS DA 119 -75.84 100.15 46.41
N LEU DA 120 -75.62 98.96 45.87
CA LEU DA 120 -76.21 97.75 46.42
C LEU DA 120 -75.33 97.05 47.44
N GLY DA 121 -74.03 97.36 47.47
CA GLY DA 121 -73.16 96.70 48.41
C GLY DA 121 -72.82 95.27 48.06
N ILE DA 122 -72.90 94.90 46.79
CA ILE DA 122 -72.61 93.55 46.32
C ILE DA 122 -71.59 93.63 45.19
N LYS DA 123 -71.31 92.48 44.58
CA LYS DA 123 -70.50 92.45 43.37
C LYS DA 123 -71.22 91.70 42.27
N VAL DA 124 -70.57 91.52 41.13
CA VAL DA 124 -71.21 90.87 39.99
C VAL DA 124 -71.41 89.38 40.28
N GLY DA 125 -72.59 88.88 39.95
CA GLY DA 125 -72.92 87.49 40.18
C GLY DA 125 -73.47 87.18 41.55
N GLU DA 126 -73.64 88.18 42.41
CA GLU DA 126 -74.15 87.98 43.75
C GLU DA 126 -75.55 88.56 43.88
N THR DA 127 -76.21 88.19 44.98
CA THR DA 127 -77.58 88.57 45.27
C THR DA 127 -77.59 89.33 46.59
N THR DA 128 -78.45 90.34 46.69
CA THR DA 128 -78.60 91.09 47.93
C THR DA 128 -79.18 90.19 49.02
N PRO DA 129 -78.81 90.44 50.30
CA PRO DA 129 -79.30 89.57 51.38
C PRO DA 129 -80.80 89.60 51.58
N ASP DA 130 -81.48 90.65 51.16
CA ASP DA 130 -82.94 90.73 51.26
C ASP DA 130 -83.65 90.17 50.05
N LYS DA 131 -82.90 89.58 49.10
CA LYS DA 131 -83.44 88.89 47.92
C LYS DA 131 -84.29 89.82 47.04
N LEU DA 132 -83.77 91.02 46.80
CA LEU DA 132 -84.45 91.97 45.93
C LEU DA 132 -83.70 92.29 44.66
N PHE DA 133 -82.38 92.13 44.62
CA PHE DA 133 -81.61 92.51 43.46
C PHE DA 133 -80.60 91.43 43.12
N THR DA 134 -80.33 91.26 41.83
CA THR DA 134 -79.26 90.42 41.34
C THR DA 134 -78.51 91.18 40.26
N LEU DA 135 -77.18 91.22 40.37
CA LEU DA 135 -76.34 91.98 39.45
C LEU DA 135 -75.42 91.02 38.72
N ILE DA 136 -75.61 90.89 37.41
CA ILE DA 136 -74.71 90.13 36.56
C ILE DA 136 -74.32 90.99 35.36
N GLU DA 137 -73.36 90.50 34.60
CA GLU DA 137 -72.78 91.22 33.47
C GLU DA 137 -73.01 90.41 32.20
N VAL DA 138 -73.56 91.05 31.17
CA VAL DA 138 -74.00 90.34 29.97
C VAL DA 138 -73.29 90.86 28.73
N GLU DA 139 -73.63 90.26 27.58
CA GLU DA 139 -73.09 90.67 26.29
C GLU DA 139 -74.00 91.73 25.69
N CYS DA 140 -73.86 91.99 24.40
CA CYS DA 140 -74.60 93.06 23.74
C CYS DA 140 -76.10 92.79 23.77
N LEU DA 141 -76.89 93.86 23.93
CA LEU DA 141 -78.33 93.76 24.07
C LEU DA 141 -79.08 94.50 22.97
N GLY DA 142 -78.41 94.88 21.89
CA GLY DA 142 -79.09 95.53 20.79
C GLY DA 142 -79.49 96.95 21.05
N ALA DA 143 -78.77 97.66 21.92
CA ALA DA 143 -79.00 99.07 22.20
C ALA DA 143 -77.69 99.82 22.19
N CYS DA 144 -76.88 99.55 21.16
CA CYS DA 144 -75.49 100.00 21.16
C CYS DA 144 -75.36 101.50 20.90
N VAL DA 145 -76.26 102.08 20.11
CA VAL DA 145 -76.24 103.53 19.95
C VAL DA 145 -76.80 104.26 21.14
N ASN DA 146 -77.47 103.55 22.05
CA ASN DA 146 -77.93 104.12 23.31
C ASN DA 146 -77.06 103.68 24.48
N ALA DA 147 -75.80 103.36 24.20
CA ALA DA 147 -74.87 102.96 25.24
C ALA DA 147 -74.55 104.16 26.13
N PRO DA 148 -74.26 103.92 27.42
CA PRO DA 148 -74.33 102.67 28.18
C PRO DA 148 -75.75 102.38 28.64
N MET DA 149 -76.09 101.11 28.85
CA MET DA 149 -77.46 100.73 29.16
C MET DA 149 -77.47 99.48 30.01
N VAL DA 150 -78.58 99.28 30.72
CA VAL DA 150 -78.84 98.07 31.49
C VAL DA 150 -80.22 97.55 31.12
N GLN DA 151 -80.48 96.32 31.53
CA GLN DA 151 -81.79 95.70 31.36
C GLN DA 151 -82.25 95.15 32.71
N ILE DA 152 -83.40 95.60 33.17
CA ILE DA 152 -84.01 95.09 34.40
C ILE DA 152 -85.28 94.37 33.99
N ASN DA 153 -85.28 93.04 34.13
CA ASN DA 153 -86.34 92.15 33.67
C ASN DA 153 -86.63 92.39 32.19
N ASP DA 154 -87.84 92.81 31.87
CA ASP DA 154 -88.18 93.05 30.47
C ASP DA 154 -87.77 94.43 29.99
N ASN DA 155 -87.45 95.33 30.90
CA ASN DA 155 -87.29 96.74 30.54
C ASN DA 155 -85.84 97.10 30.26
N TYR DA 156 -85.66 98.02 29.30
CA TYR DA 156 -84.36 98.56 28.92
C TYR DA 156 -84.23 99.96 29.47
N TYR DA 157 -83.12 100.24 30.15
CA TYR DA 157 -82.82 101.58 30.64
C TYR DA 157 -81.52 102.03 29.97
N GLU DA 158 -81.61 103.05 29.13
CA GLU DA 158 -80.55 103.41 28.21
C GLU DA 158 -80.03 104.81 28.49
N ASP DA 159 -78.86 105.10 27.92
CA ASP DA 159 -78.18 106.39 28.03
C ASP DA 159 -77.95 106.79 29.49
N LEU DA 160 -77.59 105.81 30.32
CA LEU DA 160 -77.54 106.02 31.75
C LEU DA 160 -76.22 106.65 32.18
N THR DA 161 -76.29 107.44 33.22
CA THR DA 161 -75.16 107.94 33.99
C THR DA 161 -75.19 107.28 35.36
N PRO DA 162 -74.11 107.42 36.16
CA PRO DA 162 -74.18 106.90 37.54
C PRO DA 162 -75.32 107.49 38.37
N LYS DA 163 -75.60 108.77 38.22
CA LYS DA 163 -76.73 109.38 38.92
C LYS DA 163 -78.05 108.78 38.45
N ASP DA 164 -78.19 108.55 37.13
CA ASP DA 164 -79.43 108.01 36.60
C ASP DA 164 -79.67 106.58 37.06
N ILE DA 165 -78.63 105.74 37.04
CA ILE DA 165 -78.83 104.36 37.47
C ILE DA 165 -79.01 104.29 38.99
N GLU DA 166 -78.40 105.22 39.74
CA GLU DA 166 -78.69 105.29 41.17
C GLU DA 166 -80.13 105.68 41.42
N GLU DA 167 -80.67 106.61 40.62
CA GLU DA 167 -82.06 106.99 40.73
C GLU DA 167 -82.99 105.83 40.40
N ILE DA 168 -82.62 105.05 39.37
CA ILE DA 168 -83.42 103.88 38.98
C ILE DA 168 -83.45 102.86 40.12
N ILE DA 169 -82.30 102.60 40.73
CA ILE DA 169 -82.23 101.63 41.82
C ILE DA 169 -83.01 102.12 43.03
N ASP DA 170 -82.90 103.41 43.36
CA ASP DA 170 -83.63 103.96 44.50
C ASP DA 170 -85.14 103.92 44.27
N GLU DA 171 -85.58 104.20 43.04
CA GLU DA 171 -87.00 104.14 42.75
C GLU DA 171 -87.50 102.70 42.73
N LEU DA 172 -86.65 101.75 42.31
CA LEU DA 172 -87.05 100.34 42.34
C LEU DA 172 -87.13 99.82 43.76
N LYS DA 173 -86.30 100.32 44.67
CA LYS DA 173 -86.39 99.92 46.07
C LYS DA 173 -87.67 100.45 46.71
N ALA DA 174 -88.23 101.53 46.18
CA ALA DA 174 -89.48 102.08 46.70
C ALA DA 174 -90.71 101.38 46.16
N GLY DA 175 -90.55 100.50 45.18
CA GLY DA 175 -91.65 99.73 44.65
C GLY DA 175 -92.25 100.24 43.36
N LYS DA 176 -91.84 101.41 42.88
CA LYS DA 176 -92.36 101.98 41.65
C LYS DA 176 -91.45 101.62 40.48
N ILE DA 177 -92.06 101.22 39.38
CA ILE DA 177 -91.34 100.85 38.17
C ILE DA 177 -91.08 102.08 37.30
N PRO DA 178 -89.85 102.33 36.90
CA PRO DA 178 -89.54 103.53 36.11
C PRO DA 178 -89.94 103.32 34.65
N LYS DA 179 -89.72 104.37 33.86
CA LYS DA 179 -90.05 104.33 32.44
C LYS DA 179 -88.92 103.64 31.68
N PRO DA 180 -89.19 102.59 30.93
CA PRO DA 180 -88.13 101.93 30.16
C PRO DA 180 -87.71 102.73 28.94
N GLY DA 181 -86.83 103.72 29.13
CA GLY DA 181 -86.36 104.51 28.03
C GLY DA 181 -85.04 105.20 28.33
N PRO DA 182 -84.46 105.82 27.31
CA PRO DA 182 -83.26 106.65 27.53
C PRO DA 182 -83.54 107.80 28.47
N ARG DA 183 -82.57 108.10 29.33
CA ARG DA 183 -82.69 109.18 30.30
C ARG DA 183 -82.12 110.50 29.78
N SER DA 184 -81.58 110.52 28.58
CA SER DA 184 -81.06 111.74 27.99
C SER DA 184 -82.21 112.52 27.33
N GLY DA 185 -81.86 113.55 26.55
CA GLY DA 185 -82.88 114.35 25.91
C GLY DA 185 -83.60 113.65 24.77
N ARG DA 186 -82.91 112.76 24.07
CA ARG DA 186 -83.51 112.07 22.94
C ARG DA 186 -84.51 111.02 23.42
N PHE DA 187 -85.38 110.61 22.51
CA PHE DA 187 -86.47 109.70 22.88
C PHE DA 187 -86.09 108.24 22.65
N SER DA 188 -85.82 107.86 21.40
CA SER DA 188 -85.43 106.47 21.14
C SER DA 188 -84.03 106.34 20.53
N CYS DA 189 -83.81 106.86 19.33
CA CYS DA 189 -82.52 106.66 18.66
C CYS DA 189 -82.08 107.86 17.84
N GLU DA 190 -82.78 108.98 17.91
CA GLU DA 190 -82.45 110.14 17.10
C GLU DA 190 -81.15 110.78 17.59
N PRO DA 191 -80.46 111.52 16.71
CA PRO DA 191 -79.31 112.29 17.17
C PRO DA 191 -79.71 113.32 18.22
N ALA DA 192 -78.80 113.55 19.17
CA ALA DA 192 -79.07 114.51 20.23
C ALA DA 192 -79.16 115.93 19.71
N GLY DA 193 -78.41 116.25 18.66
CA GLY DA 193 -78.46 117.58 18.08
C GLY DA 193 -79.52 117.73 17.01
N GLY DA 194 -80.76 117.41 17.35
CA GLY DA 194 -81.86 117.56 16.42
C GLY DA 194 -81.94 116.41 15.43
N LEU DA 195 -82.96 116.48 14.58
CA LEU DA 195 -83.18 115.46 13.57
C LEU DA 195 -82.40 115.83 12.32
N THR DA 196 -81.36 115.05 12.02
CA THR DA 196 -80.60 115.24 10.79
C THR DA 196 -81.27 114.57 9.60
N SER DA 197 -82.34 113.82 9.82
CA SER DA 197 -83.07 113.15 8.75
C SER DA 197 -84.51 112.96 9.20
N LEU DA 198 -85.36 112.62 8.23
CA LEU DA 198 -86.79 112.37 8.45
C LEU DA 198 -87.49 113.57 9.08
N THR DA 199 -87.05 114.77 8.69
CA THR DA 199 -87.61 116.00 9.24
C THR DA 199 -88.86 116.46 8.52
N GLU DA 200 -89.15 115.92 7.35
CA GLU DA 200 -90.31 116.25 6.54
C GLU DA 200 -91.47 115.33 6.88
N PRO DA 201 -92.70 115.77 6.68
CA PRO DA 201 -93.85 114.86 6.79
C PRO DA 201 -93.81 113.80 5.71
N PRO DA 202 -94.20 112.57 6.01
CA PRO DA 202 -94.20 111.51 4.98
C PRO DA 202 -95.24 111.79 3.91
N LYS DA 203 -94.93 111.31 2.69
CA LYS DA 203 -95.70 111.72 1.53
C LYS DA 203 -97.08 111.06 1.49
N GLY DA 204 -97.18 109.83 1.96
CA GLY DA 204 -98.47 109.18 2.05
C GLY DA 204 -98.71 108.15 0.97
N PRO DA 205 -99.95 107.64 0.90
CA PRO DA 205 -100.24 106.56 -0.05
C PRO DA 205 -100.23 107.03 -1.49
N GLY DA 206 -99.84 106.14 -2.38
CA GLY DA 206 -99.84 106.43 -3.80
C GLY DA 206 -98.70 107.30 -4.27
N PHE DA 207 -97.68 107.53 -3.45
CA PHE DA 207 -96.56 108.37 -3.83
C PHE DA 207 -95.49 107.51 -4.50
N GLY DA 208 -95.11 107.88 -5.71
CA GLY DA 208 -94.06 107.16 -6.41
C GLY DA 208 -94.43 105.80 -6.92
N VAL DA 209 -95.72 105.52 -7.08
CA VAL DA 209 -96.16 104.22 -7.58
C VAL DA 209 -95.82 104.11 -9.05
N GLN DA 210 -95.25 102.97 -9.43
CA GLN DA 210 -94.95 102.72 -10.84
C GLN DA 210 -96.24 102.47 -11.61
N ALA DA 211 -96.18 102.68 -12.92
CA ALA DA 211 -97.33 102.44 -13.76
C ALA DA 211 -97.60 100.94 -13.90
N GLY DA 212 -98.84 100.60 -14.20
CA GLY DA 212 -99.23 99.22 -14.37
C GLY DA 212 -99.43 98.44 -13.08
N LEU DA 213 -99.52 99.11 -11.94
CA LEU DA 213 -99.71 98.42 -10.68
C LEU DA 213 -100.95 98.93 -9.95
N SER EA 1 -77.35 52.40 -16.16
CA SER EA 1 -76.81 52.62 -14.82
C SER EA 1 -76.90 54.09 -14.43
N ASN EA 2 -77.11 54.33 -13.13
CA ASN EA 2 -77.20 55.67 -12.59
C ASN EA 2 -75.91 56.17 -11.99
N LEU EA 3 -74.82 55.41 -12.13
CA LEU EA 3 -73.57 55.76 -11.47
C LEU EA 3 -72.93 56.97 -12.14
N ILE EA 4 -72.28 57.80 -11.33
CA ILE EA 4 -71.54 58.95 -11.81
C ILE EA 4 -70.05 58.68 -11.63
N GLU EA 5 -69.24 59.54 -12.23
CA GLU EA 5 -67.79 59.38 -12.22
C GLU EA 5 -67.15 60.49 -11.42
N VAL EA 6 -66.30 60.11 -10.46
CA VAL EA 6 -65.49 61.07 -9.72
C VAL EA 6 -64.04 60.62 -9.81
N PHE EA 7 -63.14 61.46 -9.30
CA PHE EA 7 -61.72 61.18 -9.33
C PHE EA 7 -61.15 61.33 -7.93
N VAL EA 8 -60.41 60.32 -7.49
CA VAL EA 8 -59.67 60.37 -6.23
C VAL EA 8 -58.20 60.34 -6.59
N ASP EA 9 -57.50 61.45 -6.31
CA ASP EA 9 -56.09 61.64 -6.65
C ASP EA 9 -55.82 61.41 -8.13
N GLY EA 10 -56.79 61.80 -8.97
CA GLY EA 10 -56.70 61.61 -10.39
C GLY EA 10 -57.14 60.26 -10.91
N GLN EA 11 -57.52 59.33 -10.03
CA GLN EA 11 -57.95 58.00 -10.42
C GLN EA 11 -59.47 57.97 -10.53
N SER EA 12 -59.98 57.53 -11.67
CA SER EA 12 -61.42 57.52 -11.90
C SER EA 12 -62.10 56.41 -11.11
N VAL EA 13 -63.29 56.70 -10.62
CA VAL EA 13 -64.07 55.72 -9.88
C VAL EA 13 -65.56 56.04 -10.07
N MET EA 14 -66.33 54.99 -10.35
CA MET EA 14 -67.77 55.10 -10.52
C MET EA 14 -68.45 54.92 -9.17
N VAL EA 15 -69.26 55.90 -8.78
CA VAL EA 15 -69.94 55.87 -7.49
C VAL EA 15 -71.43 56.08 -7.70
N GLU EA 16 -72.21 55.54 -6.78
CA GLU EA 16 -73.64 55.74 -6.77
C GLU EA 16 -73.98 57.17 -6.38
N PRO EA 17 -75.10 57.71 -6.86
CA PRO EA 17 -75.58 58.99 -6.31
C PRO EA 17 -75.89 58.88 -4.83
N GLY EA 18 -75.59 59.94 -4.10
CA GLY EA 18 -75.72 59.93 -2.66
C GLY EA 18 -74.47 59.49 -1.92
N THR EA 19 -73.45 59.04 -2.63
CA THR EA 19 -72.20 58.66 -1.99
C THR EA 19 -71.48 59.90 -1.48
N THR EA 20 -70.84 59.76 -0.33
CA THR EA 20 -70.08 60.86 0.25
C THR EA 20 -68.66 60.87 -0.31
N VAL EA 21 -67.92 61.91 0.03
CA VAL EA 21 -66.50 61.98 -0.35
C VAL EA 21 -65.72 60.89 0.36
N LEU EA 22 -66.07 60.62 1.61
CA LEU EA 22 -65.36 59.62 2.41
C LEU EA 22 -65.51 58.22 1.82
N GLN EA 23 -66.72 57.87 1.40
CA GLN EA 23 -66.93 56.54 0.83
C GLN EA 23 -66.29 56.40 -0.53
N ALA EA 24 -66.27 57.49 -1.32
CA ALA EA 24 -65.58 57.47 -2.60
C ALA EA 24 -64.08 57.28 -2.43
N CYS EA 25 -63.49 57.95 -1.43
CA CYS EA 25 -62.09 57.73 -1.13
C CYS EA 25 -61.84 56.34 -0.58
N GLU EA 26 -62.79 55.79 0.17
CA GLU EA 26 -62.68 54.42 0.65
C GLU EA 26 -62.78 53.41 -0.48
N LYS EA 27 -63.40 53.77 -1.60
CA LYS EA 27 -63.57 52.84 -2.71
C LYS EA 27 -62.25 52.50 -3.39
N VAL EA 28 -61.24 53.37 -3.31
CA VAL EA 28 -59.94 53.12 -3.91
C VAL EA 28 -58.90 52.73 -2.86
N GLY EA 29 -59.32 52.52 -1.62
CA GLY EA 29 -58.41 52.08 -0.58
C GLY EA 29 -57.81 53.17 0.27
N MET EA 30 -58.33 54.38 0.22
CA MET EA 30 -57.85 55.49 1.04
C MET EA 30 -58.82 55.71 2.19
N GLN EA 31 -58.31 55.70 3.41
CA GLN EA 31 -59.12 55.87 4.60
C GLN EA 31 -58.86 57.26 5.17
N ILE EA 32 -59.78 58.18 4.92
CA ILE EA 32 -59.69 59.54 5.46
C ILE EA 32 -59.87 59.48 6.98
N PRO EA 33 -59.06 60.19 7.76
CA PRO EA 33 -59.21 60.15 9.22
C PRO EA 33 -60.55 60.71 9.69
N ARG EA 34 -61.04 60.12 10.77
CA ARG EA 34 -62.32 60.52 11.35
C ARG EA 34 -62.20 60.48 12.86
N PHE EA 35 -63.08 61.22 13.53
CA PHE EA 35 -63.18 61.11 14.97
C PHE EA 35 -64.64 60.99 15.40
N CYS EA 36 -65.56 61.52 14.61
CA CYS EA 36 -66.98 61.47 14.93
C CYS EA 36 -67.78 60.61 13.99
N TYR EA 37 -67.32 60.41 12.76
CA TYR EA 37 -68.06 59.60 11.81
C TYR EA 37 -67.99 58.14 12.19
N HIS EA 38 -69.14 57.50 12.23
CA HIS EA 38 -69.24 56.06 12.37
C HIS EA 38 -70.18 55.54 11.30
N GLU EA 39 -69.82 54.41 10.70
CA GLU EA 39 -70.60 53.89 9.57
C GLU EA 39 -71.95 53.35 10.00
N ARG EA 40 -72.15 53.09 11.30
CA ARG EA 40 -73.42 52.60 11.80
C ARG EA 40 -74.14 53.66 12.63
N LEU EA 41 -73.74 54.92 12.51
CA LEU EA 41 -74.37 56.02 13.22
C LEU EA 41 -74.69 57.12 12.22
N SER EA 42 -75.51 58.07 12.66
CA SER EA 42 -75.83 59.21 11.83
C SER EA 42 -74.62 60.13 11.68
N VAL EA 43 -74.65 60.95 10.63
CA VAL EA 43 -73.55 61.85 10.35
C VAL EA 43 -73.72 63.12 11.18
N ALA EA 44 -72.71 63.43 11.99
CA ALA EA 44 -72.69 64.65 12.79
C ALA EA 44 -71.82 65.74 12.18
N GLY EA 45 -70.63 65.38 11.73
CA GLY EA 45 -69.75 66.32 11.07
C GLY EA 45 -69.22 67.45 11.91
N ASN EA 46 -68.79 67.18 13.14
CA ASN EA 46 -68.33 68.24 14.03
C ASN EA 46 -66.86 68.13 14.39
N CYS EA 47 -66.22 66.98 14.22
CA CYS EA 47 -64.82 66.87 14.61
C CYS EA 47 -63.89 67.58 13.64
N ARG EA 48 -64.32 67.72 12.38
CA ARG EA 48 -63.62 68.42 11.30
C ARG EA 48 -62.26 67.81 10.97
N MET EA 49 -62.01 66.55 11.35
CA MET EA 49 -60.77 65.89 10.98
C MET EA 49 -60.78 65.46 9.52
N CYS EA 50 -61.95 65.18 8.95
CA CYS EA 50 -62.07 64.66 7.60
C CYS EA 50 -62.04 65.73 6.53
N LEU EA 51 -61.56 66.93 6.85
CA LEU EA 51 -61.55 68.04 5.91
C LEU EA 51 -60.59 67.74 4.77
N VAL EA 52 -61.13 67.46 3.58
CA VAL EA 52 -60.35 67.19 2.40
C VAL EA 52 -60.57 68.33 1.42
N GLU EA 53 -59.63 68.48 0.49
CA GLU EA 53 -59.69 69.54 -0.50
C GLU EA 53 -60.20 69.00 -1.83
N ILE EA 54 -61.20 69.66 -2.39
CA ILE EA 54 -61.62 69.41 -3.76
C ILE EA 54 -60.90 70.39 -4.65
N GLU EA 55 -60.32 69.90 -5.74
CA GLU EA 55 -59.56 70.77 -6.62
C GLU EA 55 -60.49 71.74 -7.35
N LYS EA 56 -59.92 72.88 -7.77
CA LYS EA 56 -60.65 73.99 -8.37
C LYS EA 56 -61.77 74.48 -7.47
N ALA EA 57 -61.50 74.52 -6.17
CA ALA EA 57 -62.47 74.95 -5.16
C ALA EA 57 -61.73 75.52 -3.97
N PRO EA 58 -61.95 76.79 -3.63
CA PRO EA 58 -61.14 77.43 -2.58
C PRO EA 58 -61.65 77.20 -1.17
N LYS EA 59 -62.05 75.98 -0.85
CA LYS EA 59 -62.53 75.67 0.49
C LYS EA 59 -62.50 74.17 0.69
N VAL EA 60 -61.98 73.74 1.82
CA VAL EA 60 -62.02 72.33 2.19
C VAL EA 60 -63.41 71.95 2.64
N VAL EA 61 -63.83 70.73 2.31
CA VAL EA 61 -65.16 70.25 2.66
C VAL EA 61 -65.01 69.07 3.62
N ALA EA 62 -66.07 68.84 4.41
CA ALA EA 62 -66.10 67.71 5.33
C ALA EA 62 -66.46 66.46 4.54
N ALA EA 63 -65.51 65.54 4.42
CA ALA EA 63 -65.70 64.37 3.57
C ALA EA 63 -66.74 63.41 4.10
N CYS EA 64 -67.02 63.43 5.41
CA CYS EA 64 -68.00 62.50 5.97
C CYS EA 64 -69.42 62.88 5.63
N ALA EA 65 -69.68 64.13 5.26
CA ALA EA 65 -71.03 64.59 4.99
C ALA EA 65 -71.24 65.16 3.59
N MET EA 66 -70.18 65.46 2.86
CA MET EA 66 -70.31 66.08 1.55
C MET EA 66 -70.62 65.02 0.50
N PRO EA 67 -71.72 65.13 -0.23
CA PRO EA 67 -71.91 64.26 -1.40
C PRO EA 67 -71.05 64.72 -2.57
N VAL EA 68 -70.68 63.76 -3.40
CA VAL EA 68 -69.86 64.05 -4.58
C VAL EA 68 -70.77 64.26 -5.78
N MET EA 69 -70.52 65.32 -6.53
CA MET EA 69 -71.11 65.45 -7.86
C MET EA 69 -70.07 65.11 -8.92
N LYS EA 70 -70.53 64.94 -10.15
CA LYS EA 70 -69.70 64.42 -11.22
C LYS EA 70 -68.58 65.39 -11.58
N GLY EA 71 -67.47 64.84 -12.02
CA GLY EA 71 -66.32 65.62 -12.40
C GLY EA 71 -65.46 66.10 -11.26
N TRP EA 72 -65.78 65.75 -10.02
CA TRP EA 72 -65.01 66.21 -8.87
C TRP EA 72 -63.70 65.45 -8.77
N ASN EA 73 -62.63 66.17 -8.41
CA ASN EA 73 -61.33 65.59 -8.15
C ASN EA 73 -61.01 65.80 -6.68
N ILE EA 74 -60.75 64.71 -5.96
CA ILE EA 74 -60.49 64.76 -4.53
C ILE EA 74 -58.99 64.62 -4.32
N LEU EA 75 -58.41 65.53 -3.57
CA LEU EA 75 -56.98 65.57 -3.29
C LEU EA 75 -56.77 65.18 -1.83
N THR EA 76 -56.54 63.89 -1.59
CA THR EA 76 -56.43 63.39 -0.23
C THR EA 76 -55.07 63.64 0.40
N ASN EA 77 -54.04 63.94 -0.40
CA ASN EA 77 -52.70 64.14 0.11
C ASN EA 77 -52.10 65.44 -0.39
N SER EA 78 -52.92 66.46 -0.60
CA SER EA 78 -52.39 67.74 -1.03
C SER EA 78 -51.85 68.50 0.18
N GLU EA 79 -51.32 69.70 -0.07
CA GLU EA 79 -50.69 70.46 1.01
C GLU EA 79 -51.73 71.03 1.97
N LYS EA 80 -52.82 71.59 1.44
CA LYS EA 80 -53.79 72.24 2.32
C LYS EA 80 -54.68 71.23 3.05
N THR EA 81 -54.87 70.04 2.49
CA THR EA 81 -55.52 68.97 3.25
C THR EA 81 -54.68 68.60 4.47
N LYS EA 82 -53.36 68.47 4.30
CA LYS EA 82 -52.48 68.18 5.42
C LYS EA 82 -52.43 69.34 6.40
N LYS EA 83 -52.49 70.58 5.91
CA LYS EA 83 -52.52 71.73 6.80
C LYS EA 83 -53.79 71.75 7.64
N ALA EA 84 -54.94 71.43 7.03
CA ALA EA 84 -56.19 71.35 7.77
C ALA EA 84 -56.14 70.24 8.81
N ARG EA 85 -55.58 69.08 8.45
CA ARG EA 85 -55.45 67.98 9.40
C ARG EA 85 -54.56 68.37 10.58
N GLU EA 86 -53.45 69.04 10.31
CA GLU EA 86 -52.55 69.46 11.38
C GLU EA 86 -53.21 70.48 12.29
N GLY EA 87 -53.95 71.44 11.73
CA GLY EA 87 -54.63 72.41 12.56
C GLY EA 87 -55.70 71.80 13.43
N VAL EA 88 -56.50 70.89 12.87
CA VAL EA 88 -57.55 70.25 13.66
C VAL EA 88 -56.96 69.35 14.73
N MET EA 89 -55.85 68.67 14.43
CA MET EA 89 -55.19 67.84 15.44
C MET EA 89 -54.62 68.70 16.56
N GLU EA 90 -54.06 69.87 16.22
CA GLU EA 90 -53.55 70.79 17.23
C GLU EA 90 -54.68 71.29 18.14
N PHE EA 91 -55.83 71.61 17.56
CA PHE EA 91 -56.95 72.06 18.36
C PHE EA 91 -57.52 70.94 19.22
N LEU EA 92 -57.50 69.70 18.73
CA LEU EA 92 -57.97 68.58 19.54
C LEU EA 92 -57.03 68.30 20.70
N LEU EA 93 -55.73 68.43 20.49
CA LEU EA 93 -54.76 68.14 21.52
C LEU EA 93 -54.43 69.36 22.39
N ALA EA 94 -55.08 70.50 22.15
CA ALA EA 94 -54.82 71.68 22.97
C ALA EA 94 -55.25 71.47 24.42
N ASN EA 95 -56.43 70.93 24.64
CA ASN EA 95 -56.99 70.79 25.99
C ASN EA 95 -57.01 69.36 26.49
N HIS EA 96 -56.39 68.44 25.77
CA HIS EA 96 -56.38 67.04 26.19
C HIS EA 96 -55.47 66.86 27.39
N PRO EA 97 -55.85 66.00 28.35
CA PRO EA 97 -55.01 65.80 29.52
C PRO EA 97 -53.82 64.90 29.23
N LEU EA 98 -52.73 65.15 29.96
CA LEU EA 98 -51.50 64.37 29.81
C LEU EA 98 -51.60 63.09 30.64
N ASP EA 99 -52.53 62.23 30.22
CA ASP EA 99 -52.87 61.05 31.01
C ASP EA 99 -52.58 59.75 30.27
N CYS EA 100 -51.75 59.80 29.22
CA CYS EA 100 -51.51 58.61 28.41
C CYS EA 100 -50.93 57.42 29.19
N PRO EA 101 -49.95 57.55 30.10
CA PRO EA 101 -49.53 56.37 30.85
C PRO EA 101 -50.58 55.83 31.81
N ILE EA 102 -51.51 56.64 32.29
CA ILE EA 102 -52.50 56.18 33.27
C ILE EA 102 -53.86 55.90 32.64
N CYS EA 103 -53.94 55.82 31.32
CA CYS EA 103 -55.20 55.67 30.62
C CYS EA 103 -55.20 54.37 29.82
N ASP EA 104 -56.34 53.66 29.87
CA ASP EA 104 -56.43 52.34 29.28
C ASP EA 104 -56.49 52.36 27.76
N GLN EA 105 -56.73 53.51 27.15
CA GLN EA 105 -56.77 53.58 25.69
C GLN EA 105 -55.39 53.60 25.07
N GLY EA 106 -54.33 53.79 25.86
CA GLY EA 106 -52.97 53.85 25.35
C GLY EA 106 -52.53 52.58 24.65
N GLY EA 107 -52.00 52.72 23.45
CA GLY EA 107 -51.68 51.59 22.61
C GLY EA 107 -52.78 51.19 21.64
N GLU EA 108 -54.01 51.60 21.90
CA GLU EA 108 -55.12 51.40 20.98
C GLU EA 108 -55.95 52.66 20.82
N CYS EA 109 -55.35 53.82 21.05
CA CYS EA 109 -56.05 55.09 20.99
C CYS EA 109 -56.07 55.58 19.54
N ASP EA 110 -57.26 55.96 19.07
CA ASP EA 110 -57.35 56.56 17.75
C ASP EA 110 -56.69 57.93 17.72
N LEU EA 111 -56.84 58.69 18.82
CA LEU EA 111 -56.25 60.03 18.90
C LEU EA 111 -54.73 59.95 18.84
N GLN EA 112 -54.13 59.02 19.57
CA GLN EA 112 -52.69 58.81 19.50
C GLN EA 112 -52.25 58.41 18.10
N ASP EA 113 -52.97 57.47 17.48
CA ASP EA 113 -52.55 56.90 16.21
C ASP EA 113 -52.60 57.94 15.09
N GLN EA 114 -53.73 58.63 14.93
CA GLN EA 114 -53.77 59.62 13.86
C GLN EA 114 -53.36 61.00 14.32
N SER EA 115 -52.80 61.12 15.53
CA SER EA 115 -51.95 62.26 15.83
C SER EA 115 -50.52 61.98 15.42
N MET EA 116 -50.06 60.75 15.59
CA MET EA 116 -48.75 60.37 15.10
C MET EA 116 -48.70 60.32 13.58
N MET EA 117 -49.81 59.95 12.94
CA MET EA 117 -49.78 59.74 11.49
C MET EA 117 -50.07 61.02 10.72
N PHE EA 118 -50.99 61.85 11.20
CA PHE EA 118 -51.45 63.02 10.46
C PHE EA 118 -51.16 64.35 11.12
N GLY EA 119 -50.88 64.38 12.43
CA GLY EA 119 -50.67 65.62 13.14
C GLY EA 119 -49.22 66.07 13.12
N SER EA 120 -48.97 67.15 13.86
CA SER EA 120 -47.62 67.70 13.99
C SER EA 120 -46.87 66.91 15.06
N ASP EA 121 -45.71 67.41 15.47
CA ASP EA 121 -44.87 66.71 16.42
C ASP EA 121 -44.62 67.48 17.72
N ARG EA 122 -45.12 68.71 17.84
CA ARG EA 122 -44.88 69.49 19.04
C ARG EA 122 -46.07 70.39 19.31
N SER EA 123 -46.04 71.04 20.48
CA SER EA 123 -47.16 71.81 21.00
C SER EA 123 -46.78 73.28 21.11
N ARG EA 124 -47.67 74.15 20.65
CA ARG EA 124 -47.52 75.60 20.82
C ARG EA 124 -48.40 76.13 21.94
N PHE EA 125 -49.10 75.28 22.66
CA PHE EA 125 -50.04 75.70 23.69
C PHE EA 125 -49.26 76.14 24.93
N LEU EA 126 -49.34 77.43 25.26
CA LEU EA 126 -48.63 77.99 26.41
C LEU EA 126 -49.59 78.44 27.51
N GLU EA 127 -50.80 77.90 27.53
CA GLU EA 127 -51.80 78.25 28.52
C GLU EA 127 -52.10 77.05 29.42
N GLY EA 128 -53.11 77.20 30.26
CA GLY EA 128 -53.54 76.11 31.13
C GLY EA 128 -54.72 75.37 30.55
N LYS EA 129 -54.75 74.06 30.80
CA LYS EA 129 -55.82 73.22 30.28
C LYS EA 129 -57.05 73.28 31.18
N ARG EA 130 -58.15 72.75 30.67
CA ARG EA 130 -59.39 72.66 31.41
C ARG EA 130 -59.48 71.33 32.14
N ALA EA 131 -60.39 71.28 33.12
CA ALA EA 131 -60.66 70.05 33.86
C ALA EA 131 -62.16 69.89 33.98
N VAL EA 132 -62.64 68.68 33.70
CA VAL EA 132 -64.06 68.38 33.68
C VAL EA 132 -64.38 67.42 34.81
N GLU EA 133 -65.48 67.69 35.52
CA GLU EA 133 -65.91 66.84 36.62
C GLU EA 133 -66.39 65.49 36.11
N ASP EA 134 -65.91 64.41 36.74
CA ASP EA 134 -66.28 63.08 36.32
C ASP EA 134 -67.72 62.75 36.73
N LYS EA 135 -68.31 61.80 36.02
CA LYS EA 135 -69.70 61.41 36.20
C LYS EA 135 -69.79 59.93 36.55
N ASN EA 136 -70.95 59.53 37.04
CA ASN EA 136 -71.22 58.14 37.39
C ASN EA 136 -72.45 57.68 36.62
N ILE EA 137 -72.25 56.74 35.69
CA ILE EA 137 -73.34 56.23 34.87
C ILE EA 137 -73.54 54.74 35.04
N GLY EA 138 -72.90 54.13 36.03
CA GLY EA 138 -73.10 52.72 36.30
C GLY EA 138 -71.84 52.02 36.74
N PRO EA 139 -71.98 50.78 37.20
CA PRO EA 139 -70.80 49.99 37.59
C PRO EA 139 -70.07 49.36 36.41
N LEU EA 140 -70.55 49.53 35.19
CA LEU EA 140 -69.93 48.94 34.02
C LEU EA 140 -68.97 49.88 33.31
N VAL EA 141 -69.33 51.15 33.15
CA VAL EA 141 -68.56 52.10 32.37
C VAL EA 141 -67.91 53.08 33.32
N LYS EA 142 -66.57 53.11 33.30
CA LYS EA 142 -65.82 54.13 34.03
C LYS EA 142 -65.73 55.38 33.18
N THR EA 143 -66.08 56.51 33.79
CA THR EA 143 -66.22 57.79 33.10
C THR EA 143 -65.13 58.74 33.59
N ILE EA 144 -64.32 59.24 32.65
CA ILE EA 144 -63.35 60.29 32.90
C ILE EA 144 -63.52 61.30 31.78
N MET EA 145 -64.29 62.36 32.04
CA MET EA 145 -64.69 63.30 31.01
C MET EA 145 -63.67 64.40 30.75
N THR EA 146 -62.54 64.40 31.44
CA THR EA 146 -61.46 65.30 31.06
C THR EA 146 -60.87 64.90 29.73
N ARG EA 147 -60.93 63.60 29.39
CA ARG EA 147 -60.38 63.09 28.15
C ARG EA 147 -61.35 63.16 26.98
N CYS EA 148 -62.59 63.55 27.20
CA CYS EA 148 -63.59 63.55 26.12
C CYS EA 148 -63.28 64.65 25.12
N ILE EA 149 -63.51 64.34 23.84
CA ILE EA 149 -63.28 65.28 22.75
C ILE EA 149 -64.58 65.80 22.16
N GLN EA 150 -65.71 65.55 22.84
CA GLN EA 150 -67.04 66.02 22.42
C GLN EA 150 -67.39 65.55 21.01
N CYS EA 151 -67.08 64.29 20.72
CA CYS EA 151 -67.35 63.72 19.41
C CYS EA 151 -68.82 63.35 19.22
N THR EA 152 -69.59 63.28 20.30
CA THR EA 152 -71.04 63.03 20.30
C THR EA 152 -71.40 61.70 19.65
N ARG EA 153 -70.53 60.69 19.75
CA ARG EA 153 -70.95 59.34 19.42
C ARG EA 153 -71.81 58.74 20.52
N CYS EA 154 -71.63 59.23 21.75
CA CYS EA 154 -72.43 58.80 22.90
C CYS EA 154 -73.92 58.97 22.62
N ILE EA 155 -74.30 60.20 22.29
CA ILE EA 155 -75.71 60.54 22.14
C ILE EA 155 -76.29 59.88 20.92
N ARG EA 156 -75.53 59.84 19.81
CA ARG EA 156 -76.02 59.23 18.59
C ARG EA 156 -76.24 57.73 18.77
N PHE EA 157 -75.33 57.06 19.49
CA PHE EA 157 -75.55 55.64 19.77
C PHE EA 157 -76.72 55.42 20.70
N ALA EA 158 -76.77 56.16 21.81
CA ALA EA 158 -77.80 55.94 22.81
C ALA EA 158 -79.19 56.34 22.32
N SER EA 159 -79.27 57.17 21.29
CA SER EA 159 -80.55 57.59 20.76
C SER EA 159 -80.99 56.81 19.53
N GLU EA 160 -80.06 56.39 18.68
CA GLU EA 160 -80.43 55.76 17.42
C GLU EA 160 -80.32 54.25 17.44
N ILE EA 161 -79.58 53.66 18.38
CA ILE EA 161 -79.40 52.21 18.38
C ILE EA 161 -79.94 51.63 19.68
N ALA EA 162 -79.44 52.11 20.81
CA ALA EA 162 -79.95 51.64 22.10
C ALA EA 162 -81.34 52.19 22.37
N GLY EA 163 -81.67 53.36 21.83
CA GLY EA 163 -82.98 53.95 21.99
C GLY EA 163 -83.30 54.37 23.41
N VAL EA 164 -82.32 54.90 24.13
CA VAL EA 164 -82.48 55.27 25.53
C VAL EA 164 -82.72 56.75 25.70
N ASP EA 165 -81.98 57.58 24.95
CA ASP EA 165 -82.10 59.04 24.98
C ASP EA 165 -81.83 59.61 26.38
N ASP EA 166 -80.84 59.05 27.07
CA ASP EA 166 -80.44 59.53 28.39
C ASP EA 166 -79.19 60.40 28.34
N LEU EA 167 -78.32 60.20 27.37
CA LEU EA 167 -77.10 60.99 27.24
C LEU EA 167 -77.38 62.24 26.43
N GLY EA 168 -76.63 63.30 26.72
CA GLY EA 168 -76.80 64.54 26.00
C GLY EA 168 -75.64 65.47 26.22
N THR EA 169 -75.80 66.69 25.73
CA THR EA 169 -74.78 67.73 25.83
C THR EA 169 -75.34 68.91 26.58
N THR EA 170 -74.69 69.28 27.68
CA THR EA 170 -75.11 70.42 28.48
C THR EA 170 -74.00 71.45 28.52
N GLY EA 171 -74.34 72.70 28.20
CA GLY EA 171 -73.41 73.80 28.26
C GLY EA 171 -73.29 74.50 26.91
N ARG EA 172 -72.33 75.41 26.85
CA ARG EA 172 -72.07 76.18 25.63
C ARG EA 172 -70.60 76.54 25.59
N GLY EA 173 -70.03 76.54 24.39
CA GLY EA 173 -68.63 76.90 24.24
C GLY EA 173 -67.71 75.82 24.75
N ASN EA 174 -66.57 76.25 25.31
CA ASN EA 174 -65.61 75.32 25.86
C ASN EA 174 -66.11 74.63 27.12
N ASP EA 175 -67.12 75.19 27.78
CA ASP EA 175 -67.71 74.59 28.98
C ASP EA 175 -68.76 73.55 28.65
N MET EA 176 -68.99 73.26 27.38
CA MET EA 176 -69.95 72.22 27.00
C MET EA 176 -69.42 70.84 27.40
N GLN EA 177 -70.30 70.05 28.01
CA GLN EA 177 -69.95 68.74 28.54
C GLN EA 177 -70.93 67.70 28.03
N VAL EA 178 -70.49 66.45 28.00
CA VAL EA 178 -71.33 65.32 27.62
C VAL EA 178 -71.70 64.58 28.90
N GLY EA 179 -73.00 64.41 29.13
CA GLY EA 179 -73.44 63.74 30.33
C GLY EA 179 -74.96 63.62 30.36
N THR EA 180 -75.46 63.18 31.52
CA THR EA 180 -76.88 63.00 31.71
C THR EA 180 -77.52 64.10 32.54
N TYR EA 181 -76.72 65.02 33.10
CA TYR EA 181 -77.12 66.22 33.84
C TYR EA 181 -77.69 65.90 35.21
N ILE EA 182 -77.96 64.62 35.50
CA ILE EA 182 -78.41 64.19 36.81
C ILE EA 182 -77.69 62.90 37.15
N GLU EA 183 -77.83 62.47 38.40
CA GLU EA 183 -77.24 61.22 38.84
C GLU EA 183 -78.14 60.08 38.35
N LYS EA 184 -77.97 59.74 37.08
CA LYS EA 184 -78.72 58.68 36.44
C LYS EA 184 -77.77 57.61 35.94
N MET EA 185 -78.14 56.35 36.14
CA MET EA 185 -77.33 55.23 35.69
C MET EA 185 -77.77 54.83 34.30
N PHE EA 186 -76.89 54.98 33.32
CA PHE EA 186 -77.14 54.53 31.95
C PHE EA 186 -76.99 53.01 31.94
N MET EA 187 -78.06 52.33 32.32
CA MET EA 187 -78.07 50.87 32.45
C MET EA 187 -79.00 50.32 31.37
N SER EA 188 -78.40 49.77 30.32
CA SER EA 188 -79.13 49.11 29.25
C SER EA 188 -78.50 47.75 29.00
N GLU EA 189 -79.02 47.04 28.01
CA GLU EA 189 -78.43 45.77 27.59
C GLU EA 189 -77.34 45.95 26.55
N LEU EA 190 -77.09 47.18 26.11
CA LEU EA 190 -76.07 47.48 25.10
C LEU EA 190 -75.18 48.63 25.57
N SER EA 191 -74.82 48.62 26.85
CA SER EA 191 -74.09 49.76 27.41
C SER EA 191 -72.60 49.74 27.05
N GLY EA 192 -71.98 48.57 26.94
CA GLY EA 192 -70.55 48.50 26.68
C GLY EA 192 -70.15 48.92 25.28
N ASN EA 193 -71.10 49.02 24.36
CA ASN EA 193 -70.75 49.48 23.03
C ASN EA 193 -70.40 50.96 23.03
N ILE EA 194 -70.83 51.72 24.04
CA ILE EA 194 -70.35 53.09 24.17
C ILE EA 194 -68.90 53.12 24.65
N ILE EA 195 -68.44 52.07 25.33
CA ILE EA 195 -67.00 51.94 25.58
C ILE EA 195 -66.30 51.61 24.27
N ASP EA 196 -66.92 50.77 23.45
CA ASP EA 196 -66.29 50.36 22.20
C ASP EA 196 -66.14 51.52 21.22
N ILE EA 197 -67.15 52.38 21.10
CA ILE EA 197 -67.15 53.41 20.06
C ILE EA 197 -66.49 54.71 20.52
N CYS EA 198 -66.13 54.83 21.78
CA CYS EA 198 -65.42 56.03 22.22
C CYS EA 198 -64.02 56.03 21.64
N PRO EA 199 -63.65 57.03 20.84
CA PRO EA 199 -62.31 57.02 20.24
C PRO EA 199 -61.20 57.32 21.21
N VAL EA 200 -61.51 57.88 22.38
CA VAL EA 200 -60.52 58.23 23.38
C VAL EA 200 -60.78 57.41 24.64
N GLY EA 201 -59.99 57.63 25.67
CA GLY EA 201 -60.14 56.87 26.89
C GLY EA 201 -61.12 57.49 27.87
N ALA EA 202 -62.10 58.22 27.35
CA ALA EA 202 -63.06 58.90 28.21
C ALA EA 202 -64.04 57.91 28.84
N LEU EA 203 -64.45 56.90 28.08
CA LEU EA 203 -65.29 55.82 28.59
C LEU EA 203 -64.50 54.53 28.51
N THR EA 204 -64.31 53.87 29.65
CA THR EA 204 -63.53 52.64 29.69
C THR EA 204 -64.29 51.56 30.43
N SER EA 205 -63.83 50.32 30.29
CA SER EA 205 -64.46 49.19 30.95
C SER EA 205 -63.94 49.09 32.37
N LYS EA 206 -64.84 49.26 33.34
CA LYS EA 206 -64.45 49.17 34.75
C LYS EA 206 -63.92 47.80 35.19
N PRO EA 207 -64.51 46.65 34.82
CA PRO EA 207 -63.85 45.38 35.18
C PRO EA 207 -62.48 45.19 34.54
N TYR EA 208 -62.27 45.71 33.34
CA TYR EA 208 -60.99 45.58 32.64
C TYR EA 208 -59.96 46.59 33.12
N ALA EA 209 -60.36 47.53 33.98
CA ALA EA 209 -59.54 48.69 34.29
C ALA EA 209 -58.21 48.31 34.92
N PHE EA 210 -57.14 48.91 34.40
CA PHE EA 210 -55.78 48.82 34.92
C PHE EA 210 -55.22 47.41 34.90
N THR EA 211 -55.68 46.55 33.98
CA THR EA 211 -55.26 45.16 34.02
C THR EA 211 -54.24 44.80 32.94
N ALA EA 212 -54.44 45.24 31.70
CA ALA EA 212 -53.56 44.85 30.62
C ALA EA 212 -53.32 46.05 29.72
N ARG EA 213 -52.51 45.84 28.69
CA ARG EA 213 -52.24 46.81 27.65
C ARG EA 213 -52.46 46.12 26.31
N PRO EA 214 -52.96 46.84 25.31
CA PRO EA 214 -53.44 46.16 24.09
C PRO EA 214 -52.38 45.47 23.26
N TRP EA 215 -51.11 45.89 23.36
CA TRP EA 215 -50.10 45.29 22.49
C TRP EA 215 -49.70 43.90 22.94
N GLU EA 216 -49.90 43.55 24.21
CA GLU EA 216 -49.43 42.30 24.76
C GLU EA 216 -50.50 41.22 24.84
N THR EA 217 -51.71 41.50 24.35
CA THR EA 217 -52.81 40.57 24.44
C THR EA 217 -52.92 39.75 23.17
N ARG EA 218 -53.02 38.43 23.32
CA ARG EA 218 -53.23 37.54 22.20
C ARG EA 218 -54.71 37.42 21.91
N LYS EA 219 -55.09 37.53 20.64
CA LYS EA 219 -56.47 37.60 20.23
C LYS EA 219 -56.89 36.27 19.61
N THR EA 220 -58.00 35.72 20.09
CA THR EA 220 -58.56 34.48 19.56
C THR EA 220 -59.99 34.74 19.15
N GLU EA 221 -60.31 34.48 17.88
CA GLU EA 221 -61.65 34.72 17.36
C GLU EA 221 -62.53 33.53 17.70
N SER EA 222 -63.60 33.76 18.46
CA SER EA 222 -64.49 32.70 18.91
C SER EA 222 -65.93 33.17 18.76
N ILE EA 223 -66.86 32.35 19.25
CA ILE EA 223 -68.29 32.59 19.12
C ILE EA 223 -68.88 32.66 20.52
N ASP EA 224 -69.70 33.67 20.77
CA ASP EA 224 -70.40 33.77 22.04
C ASP EA 224 -71.48 32.71 22.15
N VAL EA 225 -71.60 32.12 23.34
CA VAL EA 225 -72.60 31.12 23.64
C VAL EA 225 -73.55 31.56 24.74
N MET EA 226 -73.51 32.86 25.10
CA MET EA 226 -74.31 33.34 26.20
C MET EA 226 -75.80 33.36 25.87
N ASP EA 227 -76.15 33.45 24.59
CA ASP EA 227 -77.52 33.36 24.12
C ASP EA 227 -77.52 32.61 22.80
N ALA EA 228 -78.66 32.63 22.11
CA ALA EA 228 -78.82 31.89 20.86
C ALA EA 228 -78.65 32.77 19.64
N VAL EA 229 -78.21 34.01 19.80
CA VAL EA 229 -77.94 34.86 18.65
C VAL EA 229 -76.70 34.38 17.91
N GLY EA 230 -75.67 33.96 18.63
CA GLY EA 230 -74.45 33.49 18.02
C GLY EA 230 -73.53 34.63 17.62
N SER EA 231 -73.32 35.56 18.54
CA SER EA 231 -72.46 36.71 18.27
C SER EA 231 -71.00 36.27 18.15
N ASN EA 232 -70.28 36.85 17.21
CA ASN EA 232 -68.87 36.58 17.05
C ASN EA 232 -68.08 37.53 17.95
N ILE EA 233 -67.14 36.98 18.71
CA ILE EA 233 -66.36 37.75 19.66
C ILE EA 233 -64.88 37.45 19.44
N VAL EA 234 -64.05 38.30 20.01
CA VAL EA 234 -62.62 38.09 20.10
C VAL EA 234 -62.26 38.07 21.57
N VAL EA 235 -61.68 36.97 22.01
CA VAL EA 235 -61.21 36.84 23.39
C VAL EA 235 -59.73 37.24 23.40
N SER EA 236 -59.41 38.30 24.13
CA SER EA 236 -58.02 38.73 24.26
C SER EA 236 -57.51 38.25 25.60
N THR EA 237 -56.45 37.45 25.56
CA THR EA 237 -55.80 36.87 26.72
C THR EA 237 -54.41 37.45 26.89
N ARG EA 238 -53.76 37.06 27.98
CA ARG EA 238 -52.40 37.52 28.26
C ARG EA 238 -51.77 36.49 29.20
N THR EA 239 -50.76 35.79 28.70
CA THR EA 239 -50.04 34.75 29.44
C THR EA 239 -50.98 33.68 29.99
N GLY EA 240 -51.89 33.23 29.13
CA GLY EA 240 -52.77 32.14 29.48
C GLY EA 240 -53.93 32.48 30.38
N GLU EA 241 -54.26 33.76 30.52
CA GLU EA 241 -55.39 34.19 31.34
C GLU EA 241 -56.29 35.08 30.50
N VAL EA 242 -57.59 34.80 30.53
CA VAL EA 242 -58.56 35.55 29.74
C VAL EA 242 -58.68 36.96 30.33
N MET EA 243 -58.38 37.97 29.52
CA MET EA 243 -58.39 39.36 29.98
C MET EA 243 -59.68 40.08 29.62
N ARG EA 244 -60.07 40.10 28.35
CA ARG EA 244 -61.30 40.80 28.00
C ARG EA 244 -61.92 40.19 26.75
N ILE EA 245 -63.16 40.58 26.49
CA ILE EA 245 -63.92 40.12 25.34
C ILE EA 245 -64.36 41.33 24.54
N LEU EA 246 -64.04 41.35 23.25
CA LEU EA 246 -64.43 42.39 22.32
C LEU EA 246 -65.38 41.82 21.27
N PRO EA 247 -66.21 42.65 20.66
CA PRO EA 247 -67.02 42.15 19.54
C PRO EA 247 -66.17 41.89 18.32
N ARG EA 248 -66.61 40.93 17.51
CA ARG EA 248 -66.13 40.78 16.16
C ARG EA 248 -67.17 41.36 15.22
N MET EA 249 -66.78 41.50 13.96
CA MET EA 249 -67.65 42.06 12.94
C MET EA 249 -68.28 40.91 12.15
N HIS EA 250 -69.60 40.89 12.11
CA HIS EA 250 -70.33 39.99 11.22
C HIS EA 250 -71.60 40.71 10.80
N GLU EA 251 -71.70 41.07 9.52
CA GLU EA 251 -72.77 41.94 9.04
C GLU EA 251 -74.15 41.29 9.09
N ASP EA 252 -74.23 39.99 9.32
CA ASP EA 252 -75.52 39.30 9.31
C ASP EA 252 -75.98 38.85 10.69
N ILE EA 253 -75.20 39.07 11.75
CA ILE EA 253 -75.63 38.68 13.08
C ILE EA 253 -75.62 39.85 14.06
N ASN EA 254 -74.43 40.38 14.35
CA ASN EA 254 -74.22 41.24 15.50
C ASN EA 254 -73.35 42.43 15.14
N GLU EA 255 -73.73 43.14 14.07
CA GLU EA 255 -72.84 43.79 13.10
C GLU EA 255 -71.50 44.27 13.65
N GLU EA 256 -71.51 45.06 14.72
CA GLU EA 256 -70.30 45.23 15.51
C GLU EA 256 -70.59 45.35 17.00
N TRP EA 257 -71.80 45.05 17.44
CA TRP EA 257 -72.18 45.17 18.84
C TRP EA 257 -72.32 43.80 19.49
N ILE EA 258 -72.24 43.79 20.81
CA ILE EA 258 -72.56 42.63 21.64
C ILE EA 258 -73.37 43.13 22.84
N SER EA 259 -73.93 42.18 23.58
CA SER EA 259 -74.67 42.51 24.79
C SER EA 259 -73.71 42.58 25.99
N ASP EA 260 -74.21 43.14 27.09
CA ASP EA 260 -73.36 43.34 28.27
C ASP EA 260 -73.05 42.03 28.97
N LYS EA 261 -73.96 41.07 28.93
CA LYS EA 261 -73.70 39.76 29.53
C LYS EA 261 -72.55 39.06 28.84
N THR EA 262 -72.53 39.12 27.50
CA THR EA 262 -71.42 38.59 26.72
C THR EA 262 -70.11 39.30 27.08
N ARG EA 263 -70.17 40.62 27.22
CA ARG EA 263 -68.97 41.40 27.48
C ARG EA 263 -68.43 41.20 28.89
N PHE EA 264 -69.26 40.81 29.86
CA PHE EA 264 -68.79 40.80 31.25
C PHE EA 264 -69.10 39.49 31.99
N ALA EA 265 -69.29 38.38 31.30
CA ALA EA 265 -69.43 37.11 32.00
C ALA EA 265 -68.11 36.38 32.28
N TYR EA 266 -66.97 36.90 31.82
CA TYR EA 266 -65.72 36.17 31.97
C TYR EA 266 -65.23 36.14 33.41
N ASP EA 267 -65.53 37.18 34.20
CA ASP EA 267 -65.11 37.19 35.59
C ASP EA 267 -65.82 36.12 36.40
N GLY EA 268 -67.02 35.72 35.97
CA GLY EA 268 -67.64 34.53 36.53
C GLY EA 268 -67.17 33.26 35.88
N LEU EA 269 -66.68 33.34 34.65
CA LEU EA 269 -66.02 32.18 34.05
C LEU EA 269 -64.75 31.79 34.79
N LYS EA 270 -64.11 32.71 35.51
CA LYS EA 270 -62.94 32.39 36.30
C LYS EA 270 -63.24 32.23 37.79
N ARG EA 271 -64.46 31.79 38.13
CA ARG EA 271 -64.84 31.59 39.53
C ARG EA 271 -65.75 30.38 39.64
N GLN EA 272 -65.74 29.75 40.82
CA GLN EA 272 -66.60 28.61 41.16
C GLN EA 272 -66.43 27.45 40.18
N ARG EA 273 -65.20 27.21 39.75
CA ARG EA 273 -64.95 26.23 38.71
C ARG EA 273 -64.79 24.84 39.31
N LEU EA 274 -64.99 23.83 38.46
CA LEU EA 274 -64.72 22.45 38.79
C LEU EA 274 -63.38 22.06 38.18
N THR EA 275 -62.43 21.65 39.03
CA THR EA 275 -61.08 21.38 38.59
C THR EA 275 -60.61 19.95 38.87
N GLU EA 276 -61.43 19.11 39.49
CA GLU EA 276 -60.96 17.80 39.89
C GLU EA 276 -62.15 16.87 40.03
N PRO EA 277 -62.04 15.61 39.57
CA PRO EA 277 -63.16 14.67 39.75
C PRO EA 277 -63.45 14.40 41.22
N MET EA 278 -64.73 14.31 41.54
CA MET EA 278 -65.20 14.11 42.91
C MET EA 278 -66.09 12.88 42.98
N VAL EA 279 -66.01 12.16 44.09
CA VAL EA 279 -66.87 11.03 44.38
C VAL EA 279 -67.35 11.13 45.82
N ARG EA 280 -68.49 10.50 46.09
CA ARG EA 280 -69.01 10.45 47.45
C ARG EA 280 -68.21 9.47 48.28
N ASN EA 281 -67.84 9.87 49.49
CA ASN EA 281 -67.20 8.96 50.42
C ASN EA 281 -68.26 8.22 51.23
N GLU EA 282 -67.86 7.52 52.29
CA GLU EA 282 -68.78 6.75 53.09
C GLU EA 282 -69.63 7.61 54.02
N LYS EA 283 -69.30 8.89 54.18
CA LYS EA 283 -70.15 9.82 54.91
C LYS EA 283 -71.08 10.59 53.99
N GLY EA 284 -71.02 10.37 52.68
CA GLY EA 284 -71.88 11.07 51.76
C GLY EA 284 -71.40 12.44 51.35
N LEU EA 285 -70.10 12.70 51.42
CA LEU EA 285 -69.53 13.99 51.07
C LEU EA 285 -68.67 13.85 49.81
N LEU EA 286 -68.70 14.89 48.97
CA LEU EA 286 -67.94 14.87 47.72
C LEU EA 286 -66.48 15.15 48.03
N THR EA 287 -65.61 14.16 47.81
CA THR EA 287 -64.19 14.30 48.00
C THR EA 287 -63.47 14.11 46.67
N HIS EA 288 -62.28 14.70 46.59
CA HIS EA 288 -61.47 14.64 45.38
C HIS EA 288 -61.01 13.21 45.13
N THR EA 289 -60.81 12.90 43.85
CA THR EA 289 -60.29 11.60 43.44
C THR EA 289 -59.64 11.75 42.08
N THR EA 290 -58.99 10.67 41.63
CA THR EA 290 -58.34 10.67 40.34
C THR EA 290 -59.35 10.42 39.23
N TRP EA 291 -58.89 10.53 37.99
CA TRP EA 291 -59.77 10.30 36.85
C TRP EA 291 -60.15 8.83 36.72
N GLU EA 292 -59.22 7.94 37.02
CA GLU EA 292 -59.45 6.51 36.84
C GLU EA 292 -60.56 6.01 37.75
N ASP EA 293 -60.56 6.46 39.01
CA ASP EA 293 -61.55 6.00 39.97
C ASP EA 293 -62.96 6.44 39.58
N ALA EA 294 -63.12 7.71 39.24
CA ALA EA 294 -64.44 8.23 38.87
C ALA EA 294 -64.94 7.60 37.58
N LEU EA 295 -64.07 7.49 36.57
CA LEU EA 295 -64.48 6.88 35.31
C LEU EA 295 -64.83 5.40 35.49
N SER EA 296 -64.07 4.68 36.33
CA SER EA 296 -64.36 3.28 36.58
C SER EA 296 -65.68 3.11 37.32
N ARG EA 297 -65.97 3.97 38.29
CA ARG EA 297 -67.23 3.87 39.02
C ARG EA 297 -68.42 4.17 38.12
N VAL EA 298 -68.30 5.22 37.28
CA VAL EA 298 -69.41 5.56 36.37
C VAL EA 298 -69.61 4.46 35.34
N ALA EA 299 -68.52 3.91 34.79
CA ALA EA 299 -68.66 2.85 33.80
C ALA EA 299 -69.22 1.58 34.42
N GLY EA 300 -68.82 1.26 35.65
CA GLY EA 300 -69.35 0.08 36.31
C GLY EA 300 -70.82 0.19 36.62
N MET EA 301 -71.27 1.40 37.01
CA MET EA 301 -72.71 1.57 37.21
C MET EA 301 -73.46 1.59 35.87
N LEU EA 302 -72.83 2.09 34.81
CA LEU EA 302 -73.45 2.12 33.50
C LEU EA 302 -73.61 0.72 32.90
N GLN EA 303 -72.69 -0.19 33.23
CA GLN EA 303 -72.74 -1.53 32.66
C GLN EA 303 -73.96 -2.31 33.13
N SER EA 304 -74.44 -2.05 34.34
CA SER EA 304 -75.61 -2.75 34.85
C SER EA 304 -76.92 -2.19 34.33
N CYS EA 305 -76.92 -0.98 33.77
CA CYS EA 305 -78.12 -0.37 33.26
C CYS EA 305 -78.33 -0.76 31.80
N GLN EA 306 -79.59 -0.85 31.39
CA GLN EA 306 -79.93 -1.19 30.01
C GLN EA 306 -81.38 -0.79 29.76
N GLY EA 307 -81.62 -0.09 28.66
CA GLY EA 307 -82.96 0.30 28.29
C GLY EA 307 -83.27 1.71 28.77
N ASN EA 308 -84.45 1.87 29.39
CA ASN EA 308 -84.84 3.15 29.94
C ASN EA 308 -84.33 3.35 31.36
N ASP EA 309 -83.36 2.55 31.79
CA ASP EA 309 -82.76 2.73 33.11
C ASP EA 309 -81.70 3.80 33.13
N VAL EA 310 -81.32 4.35 31.98
CA VAL EA 310 -80.32 5.41 31.90
C VAL EA 310 -80.87 6.52 31.01
N ALA EA 311 -80.73 7.77 31.47
CA ALA EA 311 -81.21 8.93 30.73
C ALA EA 311 -80.15 10.01 30.79
N ALA EA 312 -80.40 11.12 30.09
CA ALA EA 312 -79.45 12.22 30.05
C ALA EA 312 -80.18 13.53 29.82
N ILE EA 313 -79.72 14.58 30.47
CA ILE EA 313 -80.26 15.93 30.32
C ILE EA 313 -79.13 16.84 29.85
N ALA EA 314 -79.42 17.64 28.82
CA ALA EA 314 -78.45 18.56 28.26
C ALA EA 314 -78.72 19.97 28.76
N GLY EA 315 -77.66 20.66 29.18
CA GLY EA 315 -77.78 22.02 29.66
C GLY EA 315 -77.81 23.03 28.53
N GLY EA 316 -77.68 24.29 28.91
CA GLY EA 316 -77.74 25.38 27.96
C GLY EA 316 -76.44 25.81 27.35
N LEU EA 317 -75.32 25.22 27.75
CA LEU EA 317 -73.99 25.60 27.27
C LEU EA 317 -73.21 24.38 26.82
N VAL EA 318 -73.84 23.54 26.00
CA VAL EA 318 -73.29 22.25 25.61
C VAL EA 318 -73.01 22.28 24.12
N ASP EA 319 -71.81 21.86 23.72
CA ASP EA 319 -71.44 21.81 22.32
C ASP EA 319 -72.10 20.63 21.62
N ALA EA 320 -72.03 20.64 20.29
CA ALA EA 320 -72.61 19.56 19.51
C ALA EA 320 -71.81 18.27 19.63
N GLU EA 321 -70.48 18.38 19.80
CA GLU EA 321 -69.64 17.19 19.88
C GLU EA 321 -69.95 16.38 21.14
N ALA EA 322 -70.11 17.05 22.27
CA ALA EA 322 -70.47 16.35 23.50
C ALA EA 322 -71.87 15.75 23.42
N LEU EA 323 -72.78 16.46 22.75
CA LEU EA 323 -74.13 15.94 22.56
C LEU EA 323 -74.13 14.66 21.74
N ILE EA 324 -73.37 14.64 20.65
CA ILE EA 324 -73.36 13.44 19.82
C ILE EA 324 -72.56 12.32 20.49
N ALA EA 325 -71.56 12.66 21.32
CA ALA EA 325 -70.84 11.63 22.07
C ALA EA 325 -71.75 10.98 23.10
N LEU EA 326 -72.52 11.78 23.82
CA LEU EA 326 -73.44 11.22 24.81
C LEU EA 326 -74.57 10.44 24.14
N LYS EA 327 -75.04 10.90 22.97
CA LYS EA 327 -76.06 10.17 22.26
C LYS EA 327 -75.55 8.81 21.78
N ASP EA 328 -74.32 8.76 21.25
CA ASP EA 328 -73.76 7.49 20.81
C ASP EA 328 -73.50 6.56 22.00
N LEU EA 329 -73.01 7.10 23.10
CA LEU EA 329 -72.75 6.27 24.29
C LEU EA 329 -74.05 5.69 24.85
N LEU EA 330 -75.10 6.51 24.93
CA LEU EA 330 -76.36 6.01 25.46
C LEU EA 330 -77.06 5.08 24.47
N ASN EA 331 -76.83 5.27 23.16
CA ASN EA 331 -77.40 4.37 22.18
C ASN EA 331 -76.68 3.03 22.16
N ARG EA 332 -75.40 3.00 22.57
CA ARG EA 332 -74.69 1.73 22.69
C ARG EA 332 -75.28 0.86 23.79
N VAL EA 333 -75.94 1.48 24.78
CA VAL EA 333 -76.62 0.73 25.83
C VAL EA 333 -78.11 0.58 25.54
N ASP EA 334 -78.53 0.94 24.32
CA ASP EA 334 -79.93 0.88 23.86
C ASP EA 334 -80.84 1.75 24.74
N SER EA 335 -80.56 3.05 24.72
CA SER EA 335 -81.36 4.03 25.42
C SER EA 335 -81.61 5.21 24.49
N ASP EA 336 -82.85 5.67 24.45
CA ASP EA 336 -83.22 6.82 23.63
C ASP EA 336 -83.70 8.00 24.46
N THR EA 337 -83.54 7.94 25.78
CA THR EA 337 -84.01 9.00 26.67
C THR EA 337 -82.93 10.07 26.81
N LEU EA 338 -82.77 10.83 25.73
CA LEU EA 338 -81.86 11.98 25.72
C LEU EA 338 -82.70 13.24 25.65
N CYS EA 339 -82.61 14.05 26.70
CA CYS EA 339 -83.54 15.16 26.91
C CYS EA 339 -82.78 16.47 26.98
N THR EA 340 -83.51 17.55 26.70
CA THR EA 340 -83.03 18.91 26.86
C THR EA 340 -83.90 19.62 27.88
N GLU EA 341 -83.32 20.61 28.56
CA GLU EA 341 -84.06 21.34 29.59
C GLU EA 341 -85.13 22.23 28.98
N GLU EA 342 -84.82 22.92 27.89
CA GLU EA 342 -85.79 23.80 27.25
C GLU EA 342 -86.82 22.97 26.49
N VAL EA 343 -88.09 23.27 26.72
CA VAL EA 343 -89.19 22.46 26.22
C VAL EA 343 -89.62 22.96 24.85
N PHE EA 344 -89.74 22.04 23.91
CA PHE EA 344 -90.32 22.30 22.60
C PHE EA 344 -91.41 21.26 22.34
N PRO EA 345 -92.56 21.67 21.79
CA PRO EA 345 -93.66 20.73 21.62
C PRO EA 345 -93.39 19.74 20.49
N THR EA 346 -93.63 18.46 20.76
CA THR EA 346 -93.43 17.39 19.80
C THR EA 346 -94.70 16.97 19.10
N ALA EA 347 -95.80 17.68 19.33
CA ALA EA 347 -97.06 17.35 18.66
C ALA EA 347 -96.98 17.74 17.19
N GLY EA 348 -97.49 16.86 16.33
CA GLY EA 348 -97.49 17.13 14.90
C GLY EA 348 -96.19 16.71 14.27
N ALA EA 349 -95.60 17.62 13.48
CA ALA EA 349 -94.34 17.31 12.81
C ALA EA 349 -93.19 17.18 13.80
N GLY EA 350 -93.21 17.93 14.88
CA GLY EA 350 -92.18 17.81 15.89
C GLY EA 350 -90.86 18.37 15.42
N THR EA 351 -89.78 17.75 15.91
CA THR EA 351 -88.43 18.16 15.55
C THR EA 351 -87.90 17.45 14.33
N ASP EA 352 -88.78 16.89 13.50
CA ASP EA 352 -88.35 16.20 12.28
C ASP EA 352 -87.94 17.21 11.21
N LEU EA 353 -88.88 18.05 10.79
CA LEU EA 353 -88.56 19.12 9.86
C LEU EA 353 -87.86 20.24 10.59
N ARG EA 354 -86.85 20.83 9.96
CA ARG EA 354 -86.13 21.94 10.57
C ARG EA 354 -86.84 23.27 10.42
N SER EA 355 -87.97 23.30 9.71
CA SER EA 355 -88.64 24.56 9.45
C SER EA 355 -89.46 25.06 10.62
N ASN EA 356 -89.85 24.20 11.56
CA ASN EA 356 -90.74 24.62 12.62
C ASN EA 356 -90.04 24.82 13.96
N TYR EA 357 -88.70 24.80 13.98
CA TYR EA 357 -88.01 25.25 15.18
C TYR EA 357 -86.82 26.16 14.86
N LEU EA 358 -86.83 26.80 13.71
CA LEU EA 358 -85.76 27.70 13.31
C LEU EA 358 -86.30 29.10 13.09
N LEU EA 359 -85.42 30.09 13.24
CA LEU EA 359 -85.71 31.44 12.77
C LEU EA 359 -85.59 31.43 11.25
N ASN EA 360 -86.68 31.15 10.56
CA ASN EA 360 -86.61 30.72 9.17
C ASN EA 360 -86.26 31.85 8.22
N THR EA 361 -86.41 33.11 8.62
CA THR EA 361 -86.16 34.17 7.65
C THR EA 361 -84.67 34.44 7.52
N THR EA 362 -84.09 35.09 8.54
CA THR EA 362 -82.66 35.24 8.88
C THR EA 362 -82.71 36.18 10.09
N ILE EA 363 -81.60 36.28 10.82
CA ILE EA 363 -81.44 37.43 11.72
C ILE EA 363 -81.39 38.71 10.90
N ALA EA 364 -80.68 38.68 9.78
CA ALA EA 364 -80.58 39.83 8.90
C ALA EA 364 -81.76 39.97 7.95
N GLY EA 365 -82.73 39.07 8.01
CA GLY EA 365 -83.90 39.18 7.17
C GLY EA 365 -84.98 40.10 7.69
N VAL EA 366 -84.79 40.66 8.89
CA VAL EA 366 -85.76 41.61 9.44
C VAL EA 366 -85.69 42.93 8.68
N GLU EA 367 -84.56 43.20 8.02
CA GLU EA 367 -84.41 44.41 7.22
C GLU EA 367 -85.35 44.43 6.03
N GLU EA 368 -85.70 43.26 5.50
CA GLU EA 368 -86.56 43.17 4.33
C GLU EA 368 -88.04 43.13 4.66
N ALA EA 369 -88.41 42.93 5.92
CA ALA EA 369 -89.81 42.82 6.28
C ALA EA 369 -90.45 44.20 6.37
N ASP EA 370 -91.78 44.21 6.43
CA ASP EA 370 -92.51 45.45 6.68
C ASP EA 370 -93.46 45.37 7.85
N VAL EA 371 -93.98 44.18 8.20
CA VAL EA 371 -94.83 43.99 9.36
C VAL EA 371 -94.27 42.82 10.16
N VAL EA 372 -93.97 43.06 11.42
CA VAL EA 372 -93.40 42.06 12.31
C VAL EA 372 -94.31 41.90 13.51
N LEU EA 373 -94.72 40.66 13.78
CA LEU EA 373 -95.59 40.35 14.92
C LEU EA 373 -94.82 39.46 15.88
N LEU EA 374 -94.71 39.91 17.14
CA LEU EA 374 -94.01 39.18 18.18
C LEU EA 374 -95.05 38.61 19.14
N VAL EA 375 -94.90 37.34 19.49
CA VAL EA 375 -95.90 36.62 20.28
C VAL EA 375 -95.24 36.08 21.54
N GLY EA 376 -95.69 36.55 22.69
CA GLY EA 376 -95.37 35.93 23.97
C GLY EA 376 -93.91 35.93 24.36
N THR EA 377 -93.19 37.00 24.04
CA THR EA 377 -91.77 37.05 24.34
C THR EA 377 -91.33 38.48 24.57
N ASN EA 378 -90.18 38.62 25.22
CA ASN EA 378 -89.50 39.90 25.40
C ASN EA 378 -88.18 39.80 24.65
N PRO EA 379 -88.14 40.23 23.39
CA PRO EA 379 -86.89 40.10 22.61
C PRO EA 379 -85.79 41.03 23.06
N ARG EA 380 -86.08 42.02 23.91
CA ARG EA 380 -85.03 42.90 24.40
C ARG EA 380 -84.04 42.16 25.29
N PHE EA 381 -84.50 41.19 26.07
CA PHE EA 381 -83.64 40.47 26.99
C PHE EA 381 -83.34 39.05 26.58
N GLU EA 382 -84.21 38.40 25.80
CA GLU EA 382 -83.91 37.05 25.34
C GLU EA 382 -82.85 37.07 24.24
N ALA EA 383 -82.95 38.02 23.32
CA ALA EA 383 -81.98 38.14 22.22
C ALA EA 383 -81.78 39.61 21.91
N PRO EA 384 -80.91 40.29 22.66
CA PRO EA 384 -80.79 41.75 22.55
C PRO EA 384 -80.38 42.25 21.17
N LEU EA 385 -79.54 41.51 20.45
CA LEU EA 385 -79.15 41.97 19.13
C LEU EA 385 -80.23 41.75 18.08
N PHE EA 386 -81.10 40.76 18.31
CA PHE EA 386 -82.31 40.65 17.47
C PHE EA 386 -83.21 41.85 17.66
N ASN EA 387 -83.37 42.31 18.91
CA ASN EA 387 -84.12 43.52 19.17
C ASN EA 387 -83.43 44.75 18.58
N ALA EA 388 -82.10 44.77 18.57
CA ALA EA 388 -81.38 45.86 17.92
C ALA EA 388 -81.64 45.88 16.43
N ARG EA 389 -81.69 44.71 15.79
CA ARG EA 389 -82.01 44.64 14.36
C ARG EA 389 -83.44 45.09 14.10
N ILE EA 390 -84.38 44.70 14.98
CA ILE EA 390 -85.77 45.13 14.82
C ILE EA 390 -85.88 46.64 14.97
N ARG EA 391 -85.15 47.22 15.93
CA ARG EA 391 -85.15 48.67 16.09
C ARG EA 391 -84.53 49.38 14.89
N LYS EA 392 -83.46 48.81 14.32
CA LYS EA 392 -82.85 49.39 13.13
C LYS EA 392 -83.82 49.39 11.95
N SER EA 393 -84.55 48.29 11.77
CA SER EA 393 -85.56 48.24 10.72
C SER EA 393 -86.73 49.17 11.01
N TRP EA 394 -87.05 49.36 12.29
CA TRP EA 394 -88.11 50.29 12.69
C TRP EA 394 -87.71 51.73 12.37
N LEU EA 395 -86.43 52.05 12.56
CA LEU EA 395 -85.95 53.41 12.34
C LEU EA 395 -85.77 53.72 10.86
N HIS EA 396 -85.02 52.88 10.15
CA HIS EA 396 -84.66 53.21 8.77
C HIS EA 396 -85.70 52.73 7.76
N ASN EA 397 -86.21 51.52 7.93
CA ASN EA 397 -87.11 50.93 6.96
C ASN EA 397 -88.58 51.15 7.28
N ASP EA 398 -88.87 51.84 8.38
CA ASP EA 398 -90.23 52.15 8.83
C ASP EA 398 -91.05 50.88 9.03
N LEU EA 399 -90.57 50.02 9.92
CA LEU EA 399 -91.23 48.76 10.22
C LEU EA 399 -92.49 49.01 11.04
N LYS EA 400 -93.43 48.08 10.94
CA LYS EA 400 -94.62 48.06 11.78
C LYS EA 400 -94.53 46.85 12.71
N VAL EA 401 -94.47 47.11 14.01
CA VAL EA 401 -94.28 46.08 15.03
C VAL EA 401 -95.51 46.03 15.91
N ALA EA 402 -96.02 44.82 16.14
CA ALA EA 402 -97.09 44.58 17.10
C ALA EA 402 -96.70 43.43 18.00
N LEU EA 403 -97.19 43.45 19.24
CA LEU EA 403 -96.78 42.50 20.24
C LEU EA 403 -98.00 41.91 20.94
N ILE EA 404 -97.98 40.60 21.17
CA ILE EA 404 -99.00 39.91 21.94
C ILE EA 404 -98.33 39.37 23.19
N GLY EA 405 -98.70 39.91 24.34
CA GLY EA 405 -98.08 39.56 25.59
C GLY EA 405 -98.09 40.75 26.54
N SER EA 406 -97.23 40.68 27.55
CA SER EA 406 -97.14 41.75 28.53
C SER EA 406 -96.51 42.99 27.89
N PRO EA 407 -97.02 44.19 28.20
CA PRO EA 407 -96.48 45.40 27.57
C PRO EA 407 -95.11 45.78 28.13
N VAL EA 408 -94.07 45.11 27.65
CA VAL EA 408 -92.71 45.38 28.08
C VAL EA 408 -92.15 46.54 27.25
N ASP EA 409 -91.02 47.10 27.71
CA ASP EA 409 -90.34 48.16 26.99
C ASP EA 409 -89.38 47.56 25.97
N LEU EA 410 -89.48 48.01 24.73
CA LEU EA 410 -88.67 47.47 23.64
C LEU EA 410 -87.81 48.52 22.95
N THR EA 411 -87.73 49.74 23.51
CA THR EA 411 -87.00 50.89 22.97
C THR EA 411 -87.51 51.31 21.59
N TYR EA 412 -88.75 50.96 21.26
CA TYR EA 412 -89.47 51.54 20.12
C TYR EA 412 -90.95 51.38 20.40
N ARG EA 413 -91.76 52.11 19.65
CA ARG EA 413 -93.20 52.10 19.84
C ARG EA 413 -93.83 50.99 19.00
N TYR EA 414 -94.68 50.18 19.62
CA TYR EA 414 -95.37 49.10 18.94
C TYR EA 414 -96.87 49.19 19.24
N ASP EA 415 -97.62 48.24 18.71
CA ASP EA 415 -99.05 48.14 18.93
C ASP EA 415 -99.32 46.93 19.83
N HIS EA 416 -99.68 47.19 21.07
CA HIS EA 416 -99.93 46.13 22.04
C HIS EA 416 -101.33 45.58 21.83
N LEU EA 417 -101.44 44.47 21.11
CA LEU EA 417 -102.74 43.88 20.83
C LEU EA 417 -103.37 43.27 22.08
N GLY EA 418 -102.56 42.84 23.02
CA GLY EA 418 -103.04 42.26 24.25
C GLY EA 418 -102.10 41.18 24.74
N ASP EA 419 -102.62 40.31 25.61
CA ASP EA 419 -101.82 39.22 26.14
C ASP EA 419 -102.59 37.90 26.21
N SER EA 420 -103.70 37.79 25.54
CA SER EA 420 -104.42 36.53 25.60
C SER EA 420 -104.19 35.72 24.33
N PRO EA 421 -104.12 34.39 24.44
CA PRO EA 421 -104.04 33.55 23.23
C PRO EA 421 -105.30 33.58 22.37
N LYS EA 422 -106.43 34.01 22.93
CA LYS EA 422 -107.64 34.17 22.13
C LYS EA 422 -107.46 35.24 21.07
N ILE EA 423 -106.55 36.20 21.29
CA ILE EA 423 -106.21 37.15 20.23
C ILE EA 423 -105.50 36.44 19.08
N LEU EA 424 -104.65 35.45 19.41
CA LEU EA 424 -104.03 34.65 18.36
C LEU EA 424 -105.07 33.84 17.61
N GLN EA 425 -106.07 33.32 18.32
CA GLN EA 425 -107.17 32.64 17.63
C GLN EA 425 -107.99 33.60 16.77
N ASP EA 426 -108.12 34.85 17.21
CA ASP EA 426 -108.90 35.84 16.47
C ASP EA 426 -108.18 36.37 15.25
N ILE EA 427 -106.83 36.39 15.27
CA ILE EA 427 -106.07 36.88 14.12
C ILE EA 427 -106.30 35.96 12.91
N ALA EA 428 -106.25 34.64 13.14
CA ALA EA 428 -106.44 33.69 12.05
C ALA EA 428 -107.90 33.61 11.59
N SER EA 429 -108.85 34.04 12.41
CA SER EA 429 -110.25 34.02 12.03
C SER EA 429 -110.66 35.26 11.24
N GLY EA 430 -109.77 36.23 11.10
CA GLY EA 430 -110.07 37.42 10.32
C GLY EA 430 -110.95 38.45 10.99
N SER EA 431 -111.21 38.30 12.29
CA SER EA 431 -112.08 39.21 13.01
C SER EA 431 -111.32 40.36 13.67
N HIS EA 432 -110.07 40.60 13.26
CA HIS EA 432 -109.23 41.62 13.83
C HIS EA 432 -108.72 42.56 12.74
N PRO EA 433 -108.55 43.85 13.04
CA PRO EA 433 -107.93 44.75 12.06
C PRO EA 433 -106.50 44.38 11.72
N PHE EA 434 -105.77 43.81 12.68
CA PHE EA 434 -104.40 43.38 12.41
C PHE EA 434 -104.37 42.19 11.45
N SER EA 435 -105.45 41.43 11.34
CA SER EA 435 -105.53 40.41 10.29
C SER EA 435 -105.51 41.05 8.92
N GLN EA 436 -106.25 42.15 8.76
CA GLN EA 436 -106.22 42.88 7.49
C GLN EA 436 -104.85 43.51 7.25
N VAL EA 437 -104.20 43.99 8.31
CA VAL EA 437 -102.86 44.55 8.17
C VAL EA 437 -101.87 43.48 7.71
N LEU EA 438 -101.97 42.27 8.29
CA LEU EA 438 -101.11 41.17 7.88
C LEU EA 438 -101.41 40.73 6.45
N GLN EA 439 -102.68 40.77 6.04
CA GLN EA 439 -103.02 40.43 4.68
C GLN EA 439 -102.49 41.45 3.68
N GLU EA 440 -102.46 42.72 4.08
CA GLU EA 440 -101.93 43.77 3.21
C GLU EA 440 -100.41 43.87 3.28
N ALA EA 441 -99.75 43.10 4.14
CA ALA EA 441 -98.31 43.16 4.27
C ALA EA 441 -97.64 42.43 3.12
N LYS EA 442 -96.66 43.07 2.50
CA LYS EA 442 -95.93 42.44 1.40
C LYS EA 442 -94.93 41.41 1.91
N LYS EA 443 -94.25 41.70 3.01
CA LYS EA 443 -93.26 40.80 3.60
C LYS EA 443 -93.57 40.62 5.07
N PRO EA 444 -94.59 39.83 5.40
CA PRO EA 444 -94.95 39.63 6.81
C PRO EA 444 -93.94 38.74 7.52
N MET EA 445 -93.96 38.81 8.84
CA MET EA 445 -93.01 38.06 9.66
C MET EA 445 -93.63 37.85 11.03
N VAL EA 446 -93.86 36.60 11.39
CA VAL EA 446 -94.45 36.25 12.68
C VAL EA 446 -93.38 35.53 13.50
N VAL EA 447 -93.11 36.05 14.69
CA VAL EA 447 -92.05 35.54 15.54
C VAL EA 447 -92.67 35.02 16.82
N LEU EA 448 -92.38 33.77 17.16
CA LEU EA 448 -92.84 33.15 18.39
C LEU EA 448 -91.65 32.89 19.29
N GLY EA 449 -91.76 33.33 20.55
CA GLY EA 449 -90.66 33.16 21.48
C GLY EA 449 -90.60 31.75 22.03
N SER EA 450 -89.39 31.32 22.38
CA SER EA 450 -89.22 30.00 22.98
C SER EA 450 -89.78 29.96 24.39
N SER EA 451 -89.79 31.10 25.08
CA SER EA 451 -90.33 31.15 26.44
C SER EA 451 -91.84 31.01 26.47
N ALA EA 452 -92.52 31.32 25.36
CA ALA EA 452 -93.96 31.08 25.28
C ALA EA 452 -94.30 29.61 25.09
N LEU EA 453 -93.33 28.80 24.66
CA LEU EA 453 -93.53 27.37 24.45
C LEU EA 453 -93.26 26.55 25.71
N GLN EA 454 -92.79 27.17 26.78
CA GLN EA 454 -92.55 26.45 28.03
C GLN EA 454 -93.83 26.18 28.80
N ARG EA 455 -94.95 26.75 28.38
CA ARG EA 455 -96.22 26.54 29.07
C ARG EA 455 -96.78 25.16 28.74
N ASN EA 456 -97.80 24.77 29.51
CA ASN EA 456 -98.47 23.49 29.29
C ASN EA 456 -99.29 23.48 28.00
N ASP EA 457 -99.70 24.64 27.50
CA ASP EA 457 -100.41 24.75 26.23
C ASP EA 457 -99.51 25.31 25.15
N GLY EA 458 -98.22 24.95 25.19
CA GLY EA 458 -97.29 25.43 24.19
C GLY EA 458 -97.57 24.91 22.80
N ALA EA 459 -98.03 23.65 22.71
CA ALA EA 459 -98.35 23.06 21.41
C ALA EA 459 -99.52 23.78 20.75
N ALA EA 460 -100.52 24.17 21.54
CA ALA EA 460 -101.65 24.91 20.99
C ALA EA 460 -101.24 26.29 20.52
N ILE EA 461 -100.34 26.95 21.26
CA ILE EA 461 -99.84 28.25 20.84
C ILE EA 461 -99.04 28.14 19.54
N LEU EA 462 -98.19 27.11 19.44
CA LEU EA 462 -97.44 26.89 18.21
C LEU EA 462 -98.37 26.58 17.04
N ALA EA 463 -99.41 25.79 17.28
CA ALA EA 463 -100.37 25.47 16.23
C ALA EA 463 -101.12 26.71 15.76
N ALA EA 464 -101.52 27.59 16.70
CA ALA EA 464 -102.21 28.81 16.33
C ALA EA 464 -101.33 29.76 15.55
N VAL EA 465 -100.08 29.93 15.97
CA VAL EA 465 -99.17 30.83 15.28
C VAL EA 465 -98.83 30.30 13.90
N SER EA 466 -98.63 28.98 13.78
CA SER EA 466 -98.39 28.37 12.48
C SER EA 466 -99.62 28.45 11.59
N ASN EA 467 -100.82 28.39 12.18
CA ASN EA 467 -102.04 28.59 11.42
C ASN EA 467 -102.11 29.99 10.84
N ILE EA 468 -101.75 31.00 11.63
CA ILE EA 468 -101.69 32.37 11.14
C ILE EA 468 -100.67 32.49 10.01
N ALA EA 469 -99.49 31.89 10.21
CA ALA EA 469 -98.41 32.01 9.24
C ALA EA 469 -98.75 31.34 7.91
N GLN EA 470 -99.41 30.18 7.96
CA GLN EA 470 -99.79 29.50 6.72
C GLN EA 470 -101.06 30.08 6.09
N LYS EA 471 -101.91 30.75 6.87
CA LYS EA 471 -103.00 31.49 6.25
C LYS EA 471 -102.48 32.70 5.50
N ILE EA 472 -101.46 33.37 6.04
CA ILE EA 472 -100.90 34.53 5.36
C ILE EA 472 -100.06 34.11 4.16
N ARG EA 473 -99.19 33.11 4.35
CA ARG EA 473 -98.19 32.79 3.34
C ARG EA 473 -98.80 32.16 2.10
N THR EA 474 -99.80 31.30 2.27
CA THR EA 474 -100.43 30.65 1.12
C THR EA 474 -101.30 31.63 0.35
N SER EA 475 -102.13 32.40 1.06
CA SER EA 475 -103.14 33.21 0.39
C SER EA 475 -102.61 34.54 -0.09
N SER EA 476 -101.95 35.30 0.79
CA SER EA 476 -101.60 36.69 0.53
C SER EA 476 -100.44 36.79 -0.46
N GLY EA 477 -100.04 38.02 -0.75
CA GLY EA 477 -99.02 38.30 -1.75
C GLY EA 477 -97.61 38.01 -1.28
N VAL EA 478 -97.29 36.73 -1.13
CA VAL EA 478 -95.94 36.27 -0.79
C VAL EA 478 -95.44 35.43 -1.94
N THR EA 479 -94.21 35.70 -2.40
CA THR EA 479 -93.67 35.02 -3.58
C THR EA 479 -93.49 33.53 -3.35
N GLY EA 480 -92.95 33.15 -2.20
CA GLY EA 480 -92.69 31.75 -1.91
C GLY EA 480 -91.32 31.52 -1.33
N ASP EA 481 -90.36 32.35 -1.72
CA ASP EA 481 -89.03 32.30 -1.11
C ASP EA 481 -88.97 33.11 0.17
N TRP EA 482 -90.04 33.80 0.54
CA TRP EA 482 -90.12 34.54 1.79
C TRP EA 482 -90.76 33.67 2.85
N LYS EA 483 -90.05 33.49 3.97
CA LYS EA 483 -90.52 32.65 5.07
C LYS EA 483 -91.16 33.51 6.14
N VAL EA 484 -92.37 33.15 6.54
CA VAL EA 484 -93.14 33.93 7.50
C VAL EA 484 -93.00 33.35 8.91
N MET EA 485 -93.13 32.04 9.06
CA MET EA 485 -93.02 31.41 10.36
C MET EA 485 -91.60 31.52 10.91
N ASN EA 486 -91.48 31.88 12.19
CA ASN EA 486 -90.20 32.03 12.84
C ASN EA 486 -90.33 31.63 14.30
N ILE EA 487 -89.24 31.15 14.88
CA ILE EA 487 -89.16 30.84 16.30
C ILE EA 487 -87.85 31.40 16.83
N LEU EA 488 -87.92 32.20 17.89
CA LEU EA 488 -86.74 32.81 18.49
C LEU EA 488 -86.34 31.99 19.71
N HIS EA 489 -85.09 31.53 19.72
CA HIS EA 489 -84.57 30.70 20.80
C HIS EA 489 -83.71 31.53 21.74
N ARG EA 490 -83.56 31.03 22.96
CA ARG EA 490 -82.77 31.70 23.98
C ARG EA 490 -81.67 30.83 24.57
N ILE EA 491 -81.50 29.60 24.09
CA ILE EA 491 -80.51 28.66 24.60
C ILE EA 491 -79.55 28.33 23.48
N ALA EA 492 -78.25 28.43 23.77
CA ALA EA 492 -77.25 28.24 22.72
C ALA EA 492 -77.18 26.80 22.24
N SER EA 493 -77.49 25.84 23.10
CA SER EA 493 -77.38 24.43 22.76
C SER EA 493 -78.67 23.82 22.24
N GLN EA 494 -79.73 24.62 22.10
CA GLN EA 494 -81.04 24.03 21.81
C GLN EA 494 -81.15 23.55 20.37
N VAL EA 495 -80.68 24.36 19.41
CA VAL EA 495 -80.85 24.01 18.01
C VAL EA 495 -79.97 22.83 17.62
N ALA EA 496 -78.73 22.79 18.15
CA ALA EA 496 -77.85 21.67 17.88
C ALA EA 496 -78.39 20.38 18.49
N ALA EA 497 -78.99 20.48 19.68
CA ALA EA 497 -79.60 19.30 20.30
C ALA EA 497 -80.81 18.83 19.52
N LEU EA 498 -81.62 19.76 19.02
CA LEU EA 498 -82.80 19.37 18.24
C LEU EA 498 -82.43 18.80 16.88
N ASP EA 499 -81.30 19.22 16.33
CA ASP EA 499 -80.87 18.68 15.05
C ASP EA 499 -80.34 17.26 15.20
N LEU EA 500 -79.64 16.97 16.29
CA LEU EA 500 -79.04 15.67 16.50
C LEU EA 500 -80.03 14.60 16.91
N GLY EA 501 -81.27 14.97 17.23
CA GLY EA 501 -82.29 14.02 17.59
C GLY EA 501 -82.62 13.92 19.06
N TYR EA 502 -82.23 14.90 19.86
CA TYR EA 502 -82.62 14.90 21.26
C TYR EA 502 -84.10 15.18 21.40
N LYS EA 503 -84.74 14.51 22.35
CA LYS EA 503 -86.14 14.77 22.63
C LYS EA 503 -86.26 16.01 23.50
N PRO EA 504 -86.97 17.05 23.07
CA PRO EA 504 -87.05 18.28 23.87
C PRO EA 504 -87.92 18.09 25.10
N GLY EA 505 -87.49 18.68 26.21
CA GLY EA 505 -88.21 18.58 27.45
C GLY EA 505 -87.81 17.34 28.25
N VAL EA 506 -88.09 17.40 29.54
CA VAL EA 506 -87.78 16.29 30.45
C VAL EA 506 -89.02 15.48 30.80
N GLU EA 507 -90.05 15.52 29.94
CA GLU EA 507 -91.26 14.75 30.21
C GLU EA 507 -91.02 13.25 30.07
N ALA EA 508 -90.09 12.85 29.21
CA ALA EA 508 -89.78 11.44 29.03
C ALA EA 508 -89.17 10.84 30.29
N ILE EA 509 -88.31 11.60 30.97
CA ILE EA 509 -87.76 11.14 32.25
C ILE EA 509 -88.83 11.08 33.31
N ARG EA 510 -89.71 12.09 33.34
CA ARG EA 510 -90.79 12.11 34.33
C ARG EA 510 -91.81 11.01 34.12
N LYS EA 511 -91.92 10.48 32.89
CA LYS EA 511 -92.83 9.37 32.65
C LYS EA 511 -92.33 8.09 33.32
N ASN EA 512 -91.15 7.62 32.90
CA ASN EA 512 -90.49 6.48 33.54
C ASN EA 512 -89.12 6.91 34.05
N PRO EA 513 -88.97 7.15 35.35
CA PRO EA 513 -87.69 7.66 35.87
C PRO EA 513 -86.61 6.60 35.82
N PRO EA 514 -85.38 6.99 35.51
CA PRO EA 514 -84.28 6.04 35.39
C PRO EA 514 -83.56 5.85 36.72
N LYS EA 515 -82.71 4.83 36.75
CA LYS EA 515 -81.86 4.58 37.92
C LYS EA 515 -80.42 5.04 37.70
N MET EA 516 -80.13 5.71 36.59
CA MET EA 516 -78.84 6.35 36.36
C MET EA 516 -79.07 7.56 35.50
N LEU EA 517 -78.69 8.74 35.99
CA LEU EA 517 -78.97 10.00 35.30
C LEU EA 517 -77.66 10.69 34.93
N PHE EA 518 -77.56 11.13 33.69
CA PHE EA 518 -76.43 11.91 33.21
C PHE EA 518 -76.85 13.37 33.12
N LEU EA 519 -76.00 14.25 33.65
CA LEU EA 519 -76.25 15.69 33.58
C LEU EA 519 -75.08 16.35 32.86
N LEU EA 520 -75.33 16.84 31.66
CA LEU EA 520 -74.33 17.58 30.89
C LEU EA 520 -74.58 19.07 31.09
N GLY EA 521 -74.14 19.58 32.23
CA GLY EA 521 -74.33 20.98 32.53
C GLY EA 521 -75.77 21.38 32.75
N ALA EA 522 -76.63 20.44 33.13
CA ALA EA 522 -78.05 20.71 33.33
C ALA EA 522 -78.23 21.35 34.71
N ASP EA 523 -77.99 22.66 34.77
CA ASP EA 523 -78.07 23.42 36.00
C ASP EA 523 -79.39 24.16 36.15
N GLY EA 524 -80.36 23.88 35.29
CA GLY EA 524 -81.66 24.52 35.41
C GLY EA 524 -82.54 23.97 36.50
N GLY EA 525 -82.15 22.85 37.11
CA GLY EA 525 -82.94 22.27 38.18
C GLY EA 525 -84.26 21.70 37.76
N CYS EA 526 -84.39 21.29 36.50
CA CYS EA 526 -85.65 20.74 36.01
C CYS EA 526 -85.96 19.40 36.68
N VAL EA 527 -84.95 18.57 36.87
CA VAL EA 527 -85.12 17.26 37.50
C VAL EA 527 -84.26 17.24 38.76
N THR EA 528 -84.89 17.07 39.91
CA THR EA 528 -84.21 16.96 41.19
C THR EA 528 -84.35 15.54 41.71
N ARG EA 529 -83.86 15.33 42.93
CA ARG EA 529 -83.84 13.99 43.52
C ARG EA 529 -85.21 13.56 44.05
N GLN EA 530 -86.19 14.46 44.10
CA GLN EA 530 -87.52 14.07 44.54
C GLN EA 530 -88.25 13.27 43.46
N ASP EA 531 -88.10 13.66 42.20
CA ASP EA 531 -88.74 12.92 41.11
C ASP EA 531 -88.08 11.58 40.90
N LEU EA 532 -86.76 11.52 41.07
CA LEU EA 532 -86.00 10.31 40.81
C LEU EA 532 -86.27 9.27 41.88
N PRO EA 533 -85.98 7.98 41.60
CA PRO EA 533 -86.10 6.95 42.65
C PRO EA 533 -85.14 7.13 43.81
N LYS EA 534 -85.23 6.24 44.80
CA LYS EA 534 -84.58 6.45 46.09
C LYS EA 534 -83.07 6.42 45.97
N ASP EA 535 -82.52 5.51 45.16
CA ASP EA 535 -81.08 5.41 44.97
C ASP EA 535 -80.79 5.57 43.48
N CYS EA 536 -80.65 6.82 43.05
CA CYS EA 536 -80.34 7.15 41.68
C CYS EA 536 -78.90 7.60 41.58
N PHE EA 537 -78.19 7.10 40.56
CA PHE EA 537 -76.79 7.44 40.36
C PHE EA 537 -76.73 8.63 39.41
N ILE EA 538 -76.52 9.81 39.96
CA ILE EA 538 -76.47 11.04 39.19
C ILE EA 538 -75.01 11.38 38.92
N VAL EA 539 -74.67 11.54 37.64
CA VAL EA 539 -73.34 11.93 37.22
C VAL EA 539 -73.44 13.30 36.57
N TYR EA 540 -72.70 14.27 37.11
CA TYR EA 540 -72.74 15.63 36.60
C TYR EA 540 -71.45 15.92 35.84
N GLN EA 541 -71.58 16.55 34.68
CA GLN EA 541 -70.44 16.91 33.86
C GLN EA 541 -70.60 18.37 33.45
N GLY EA 542 -69.69 19.21 33.91
CA GLY EA 542 -69.76 20.62 33.57
C GLY EA 542 -68.55 21.36 34.10
N HIS EA 543 -68.63 22.69 34.01
CA HIS EA 543 -67.53 23.54 34.45
C HIS EA 543 -67.82 24.30 35.73
N HIS EA 544 -69.08 24.51 36.07
CA HIS EA 544 -69.45 25.29 37.25
C HIS EA 544 -70.29 24.44 38.18
N GLY EA 545 -70.04 24.56 39.47
CA GLY EA 545 -70.90 23.92 40.45
C GLY EA 545 -71.98 24.86 40.92
N ASP EA 546 -73.17 24.76 40.32
CA ASP EA 546 -74.24 25.71 40.62
C ASP EA 546 -75.47 25.03 41.23
N VAL EA 547 -76.09 24.09 40.52
CA VAL EA 547 -77.33 23.47 40.98
C VAL EA 547 -77.19 21.95 40.94
N GLY EA 548 -76.81 21.42 39.78
CA GLY EA 548 -76.73 19.98 39.61
C GLY EA 548 -75.55 19.33 40.28
N ALA EA 549 -74.51 20.08 40.60
CA ALA EA 549 -73.31 19.52 41.22
C ALA EA 549 -73.48 19.10 42.69
N PRO EA 550 -74.20 19.84 43.55
CA PRO EA 550 -74.40 19.30 44.92
C PRO EA 550 -75.18 18.00 44.98
N ILE EA 551 -76.12 17.77 44.06
CA ILE EA 551 -76.94 16.56 44.11
C ILE EA 551 -76.32 15.40 43.34
N ALA EA 552 -75.13 15.58 42.79
CA ALA EA 552 -74.51 14.54 41.99
C ALA EA 552 -73.81 13.50 42.86
N ASP EA 553 -73.53 12.35 42.27
CA ASP EA 553 -72.73 11.31 42.90
C ASP EA 553 -71.31 11.28 42.39
N VAL EA 554 -71.10 11.52 41.10
CA VAL EA 554 -69.78 11.68 40.52
C VAL EA 554 -69.77 12.99 39.74
N ILE EA 555 -68.77 13.82 40.00
CA ILE EA 555 -68.61 15.11 39.33
C ILE EA 555 -67.44 15.00 38.37
N LEU EA 556 -67.69 15.22 37.09
CA LEU EA 556 -66.65 15.18 36.06
C LEU EA 556 -66.39 16.58 35.55
N PRO EA 557 -65.22 17.17 35.83
CA PRO EA 557 -64.98 18.56 35.43
C PRO EA 557 -64.79 18.68 33.92
N GLY EA 558 -65.60 19.53 33.29
CA GLY EA 558 -65.53 19.77 31.87
C GLY EA 558 -64.84 21.07 31.54
N ALA EA 559 -65.02 21.52 30.31
CA ALA EA 559 -64.39 22.73 29.81
C ALA EA 559 -65.45 23.75 29.41
N ALA EA 560 -65.10 25.03 29.54
CA ALA EA 560 -65.99 26.10 29.15
C ALA EA 560 -65.87 26.35 27.65
N TYR EA 561 -66.59 27.35 27.15
CA TYR EA 561 -66.56 27.65 25.73
C TYR EA 561 -65.28 28.34 25.28
N THR EA 562 -64.56 28.97 26.21
CA THR EA 562 -63.28 29.59 25.89
C THR EA 562 -62.12 28.62 25.99
N GLU EA 563 -62.38 27.38 26.38
CA GLU EA 563 -61.32 26.42 26.66
C GLU EA 563 -61.34 25.22 25.71
N LYS EA 564 -62.17 25.24 24.68
CA LYS EA 564 -62.24 24.13 23.75
C LYS EA 564 -62.73 24.63 22.39
N SER EA 565 -62.34 23.91 21.34
CA SER EA 565 -62.90 24.13 20.02
C SER EA 565 -64.22 23.36 19.93
N ALA EA 566 -65.30 24.08 19.66
CA ALA EA 566 -66.62 23.50 19.82
C ALA EA 566 -67.55 24.00 18.72
N THR EA 567 -68.61 23.24 18.46
CA THR EA 567 -69.57 23.57 17.43
C THR EA 567 -70.89 24.01 18.07
N TYR EA 568 -71.36 25.19 17.71
CA TYR EA 568 -72.60 25.75 18.23
C TYR EA 568 -73.47 26.23 17.09
N VAL EA 569 -74.77 25.97 17.18
CA VAL EA 569 -75.74 26.41 16.19
C VAL EA 569 -76.62 27.47 16.82
N ASN EA 570 -76.76 28.60 16.14
CA ASN EA 570 -77.56 29.69 16.68
C ASN EA 570 -79.03 29.48 16.31
N THR EA 571 -79.86 30.48 16.55
CA THR EA 571 -81.31 30.32 16.41
C THR EA 571 -81.78 30.31 14.97
N GLU EA 572 -80.91 30.63 14.01
CA GLU EA 572 -81.27 30.62 12.60
C GLU EA 572 -80.70 29.43 11.86
N GLY EA 573 -80.12 28.47 12.56
CA GLY EA 573 -79.57 27.28 11.94
C GLY EA 573 -78.14 27.38 11.47
N ARG EA 574 -77.51 28.54 11.63
CA ARG EA 574 -76.13 28.71 11.20
C ARG EA 574 -75.20 28.04 12.21
N ALA EA 575 -74.27 27.23 11.70
CA ALA EA 575 -73.28 26.58 12.55
C ALA EA 575 -72.02 27.41 12.63
N GLN EA 576 -71.37 27.35 13.79
CA GLN EA 576 -70.16 28.13 14.03
C GLN EA 576 -69.25 27.33 14.96
N GLN EA 577 -67.97 27.68 14.96
CA GLN EA 577 -67.00 27.00 15.79
C GLN EA 577 -66.26 27.99 16.67
N THR EA 578 -66.03 27.60 17.91
CA THR EA 578 -65.26 28.37 18.87
C THR EA 578 -63.88 27.74 19.00
N LYS EA 579 -62.85 28.59 18.92
CA LYS EA 579 -61.47 28.15 19.02
C LYS EA 579 -61.01 28.15 20.48
N VAL EA 580 -59.86 27.52 20.70
CA VAL EA 580 -59.30 27.40 22.04
C VAL EA 580 -58.56 28.69 22.39
N ALA EA 581 -58.95 29.32 23.49
CA ALA EA 581 -58.28 30.51 23.99
C ALA EA 581 -57.34 30.19 25.14
N VAL EA 582 -57.83 29.49 26.17
CA VAL EA 582 -57.01 29.01 27.27
C VAL EA 582 -57.27 27.52 27.44
N MET EA 583 -56.62 26.93 28.42
CA MET EA 583 -56.84 25.52 28.69
C MET EA 583 -57.63 25.35 29.97
N PRO EA 584 -58.38 24.25 30.11
CA PRO EA 584 -59.17 24.03 31.33
C PRO EA 584 -58.30 23.95 32.56
N PRO EA 585 -58.77 24.48 33.69
CA PRO EA 585 -57.93 24.54 34.89
C PRO EA 585 -57.91 23.21 35.63
N GLY EA 586 -56.76 22.91 36.21
CA GLY EA 586 -56.63 21.72 37.04
C GLY EA 586 -56.70 20.45 36.20
N LEU EA 587 -57.53 19.52 36.64
CA LEU EA 587 -57.70 18.23 35.97
C LEU EA 587 -58.90 18.21 35.04
N ALA EA 588 -59.44 19.38 34.69
CA ALA EA 588 -60.59 19.43 33.80
C ALA EA 588 -60.18 19.12 32.37
N ARG EA 589 -61.06 18.45 31.64
CA ARG EA 589 -60.78 18.00 30.28
C ARG EA 589 -61.91 18.43 29.36
N GLU EA 590 -61.73 18.15 28.07
CA GLU EA 590 -62.79 18.38 27.09
C GLU EA 590 -63.91 17.38 27.28
N ASP EA 591 -65.13 17.80 26.94
CA ASP EA 591 -66.33 17.03 27.29
C ASP EA 591 -66.42 15.73 26.48
N TRP EA 592 -66.25 15.83 25.16
CA TRP EA 592 -66.36 14.63 24.33
C TRP EA 592 -65.20 13.67 24.60
N LYS EA 593 -64.04 14.19 25.00
CA LYS EA 593 -62.95 13.33 25.40
C LYS EA 593 -63.30 12.54 26.66
N ILE EA 594 -63.99 13.19 27.60
CA ILE EA 594 -64.46 12.49 28.81
C ILE EA 594 -65.44 11.40 28.44
N ILE EA 595 -66.39 11.69 27.56
CA ILE EA 595 -67.40 10.69 27.19
C ILE EA 595 -66.77 9.54 26.40
N ARG EA 596 -65.79 9.84 25.54
CA ARG EA 596 -65.11 8.80 24.80
C ARG EA 596 -64.27 7.91 25.72
N ALA EA 597 -63.58 8.50 26.70
CA ALA EA 597 -62.83 7.70 27.66
C ALA EA 597 -63.76 6.85 28.52
N LEU EA 598 -64.92 7.39 28.89
CA LEU EA 598 -65.90 6.62 29.64
C LEU EA 598 -66.42 5.45 28.81
N SER EA 599 -66.60 5.66 27.52
CA SER EA 599 -66.98 4.56 26.63
C SER EA 599 -65.89 3.51 26.55
N GLU EA 600 -64.63 3.94 26.53
CA GLU EA 600 -63.51 3.00 26.44
C GLU EA 600 -63.38 2.16 27.70
N ILE EA 601 -63.63 2.78 28.86
CA ILE EA 601 -63.52 2.04 30.13
C ILE EA 601 -64.61 0.97 30.22
N ALA EA 602 -65.82 1.30 29.78
CA ALA EA 602 -66.96 0.38 29.89
C ALA EA 602 -66.95 -0.72 28.84
N GLY EA 603 -66.03 -0.69 27.88
CA GLY EA 603 -66.01 -1.70 26.85
C GLY EA 603 -66.95 -1.45 25.69
N MET EA 604 -67.42 -0.21 25.52
CA MET EA 604 -68.34 0.18 24.46
C MET EA 604 -67.75 1.35 23.67
N THR EA 605 -66.52 1.17 23.21
CA THR EA 605 -65.72 2.25 22.62
C THR EA 605 -66.39 2.84 21.38
N LEU EA 606 -66.53 4.16 21.39
CA LEU EA 606 -67.07 4.91 20.27
C LEU EA 606 -66.03 5.01 19.15
N PRO EA 607 -66.46 5.01 17.89
CA PRO EA 607 -65.53 4.99 16.76
C PRO EA 607 -65.01 6.36 16.33
N TYR EA 608 -64.48 7.12 17.29
CA TYR EA 608 -63.79 8.36 16.96
C TYR EA 608 -62.79 8.68 18.07
N ASP EA 609 -61.60 9.10 17.67
CA ASP EA 609 -60.50 9.36 18.60
C ASP EA 609 -60.09 10.82 18.64
N THR EA 610 -60.13 11.52 17.51
CA THR EA 610 -59.74 12.92 17.45
C THR EA 610 -60.98 13.77 17.20
N LEU EA 611 -60.76 15.09 17.15
CA LEU EA 611 -61.86 16.03 16.96
C LEU EA 611 -62.45 15.93 15.56
N ASP EA 612 -61.60 15.69 14.55
CA ASP EA 612 -62.07 15.63 13.18
C ASP EA 612 -62.94 14.42 12.93
N GLN EA 613 -62.66 13.29 13.57
CA GLN EA 613 -63.52 12.12 13.41
C GLN EA 613 -64.86 12.32 14.10
N VAL EA 614 -64.87 13.03 15.23
CA VAL EA 614 -66.14 13.41 15.87
C VAL EA 614 -66.95 14.30 14.94
N ARG EA 615 -66.30 15.23 14.26
CA ARG EA 615 -67.02 16.08 13.33
C ARG EA 615 -67.47 15.33 12.08
N ASN EA 616 -66.74 14.28 11.69
CA ASN EA 616 -67.21 13.40 10.62
C ASN EA 616 -68.48 12.67 11.02
N ARG EA 617 -68.52 12.17 12.26
CA ARG EA 617 -69.75 11.56 12.77
C ARG EA 617 -70.89 12.59 12.86
N LEU EA 618 -70.56 13.82 13.22
CA LEU EA 618 -71.54 14.90 13.26
C LEU EA 618 -72.11 15.18 11.89
N GLU EA 619 -71.27 15.17 10.86
CA GLU EA 619 -71.75 15.28 9.48
C GLU EA 619 -72.61 14.09 9.09
N GLU EA 620 -72.29 12.91 9.60
CA GLU EA 620 -73.12 11.73 9.32
C GLU EA 620 -74.52 11.89 9.90
N VAL EA 621 -74.62 12.43 11.11
CA VAL EA 621 -75.94 12.55 11.74
C VAL EA 621 -76.77 13.64 11.07
N SER EA 622 -76.16 14.79 10.81
CA SER EA 622 -76.84 15.87 10.09
C SER EA 622 -75.79 16.69 9.36
N PRO EA 623 -75.90 16.84 8.04
CA PRO EA 623 -74.80 17.43 7.26
C PRO EA 623 -74.62 18.92 7.48
N ASN EA 624 -75.60 19.63 8.03
CA ASN EA 624 -75.51 21.08 8.15
C ASN EA 624 -74.71 21.52 9.36
N LEU EA 625 -74.29 20.61 10.23
CA LEU EA 625 -73.56 20.98 11.43
C LEU EA 625 -72.07 21.21 11.18
N VAL EA 626 -71.53 20.80 10.04
CA VAL EA 626 -70.11 20.92 9.76
C VAL EA 626 -69.83 21.98 8.71
N ARG EA 627 -70.83 22.71 8.25
CA ARG EA 627 -70.64 23.81 7.31
C ARG EA 627 -70.79 25.12 8.08
N TYR EA 628 -69.66 25.69 8.45
CA TYR EA 628 -69.65 26.87 9.31
C TYR EA 628 -69.91 28.14 8.51
N ASP EA 629 -70.55 29.10 9.18
CA ASP EA 629 -70.88 30.42 8.62
C ASP EA 629 -71.74 30.30 7.36
N ASP EA 630 -72.62 29.30 7.31
CA ASP EA 630 -73.56 29.14 6.21
C ASP EA 630 -74.95 28.89 6.77
N VAL EA 631 -75.94 29.54 6.19
CA VAL EA 631 -77.33 29.38 6.58
C VAL EA 631 -78.03 28.53 5.53
N GLU EA 632 -78.57 27.39 5.95
CA GLU EA 632 -79.27 26.48 5.05
C GLU EA 632 -80.77 26.69 5.16
N GLY EA 633 -81.43 26.67 4.01
CA GLY EA 633 -82.87 26.85 3.99
C GLY EA 633 -83.61 25.65 4.54
N ALA EA 634 -84.89 25.88 4.87
CA ALA EA 634 -85.76 24.83 5.37
C ALA EA 634 -87.13 25.02 4.73
N ASN EA 635 -87.50 24.11 3.83
CA ASN EA 635 -88.78 24.14 3.16
C ASN EA 635 -89.78 23.26 3.94
N TYR EA 636 -90.89 22.91 3.29
CA TYR EA 636 -91.92 21.99 3.81
C TYR EA 636 -92.65 22.58 5.01
N PHE EA 637 -93.08 23.83 4.86
CA PHE EA 637 -93.96 24.44 5.86
C PHE EA 637 -95.36 23.85 5.79
N GLN EA 638 -95.82 23.52 4.59
CA GLN EA 638 -97.16 22.99 4.41
C GLN EA 638 -97.31 21.63 5.07
N GLN EA 639 -96.27 20.80 5.03
CA GLN EA 639 -96.32 19.48 5.65
C GLN EA 639 -96.41 19.58 7.16
N ALA EA 640 -95.63 20.49 7.76
CA ALA EA 640 -95.70 20.70 9.20
C ALA EA 640 -97.04 21.29 9.60
N SER EA 641 -97.59 22.18 8.77
CA SER EA 641 -98.91 22.73 9.04
C SER EA 641 -99.99 21.65 8.99
N GLU EA 642 -99.90 20.74 8.02
CA GLU EA 642 -100.88 19.66 7.91
C GLU EA 642 -100.75 18.68 9.06
N LEU EA 643 -99.52 18.42 9.51
CA LEU EA 643 -99.32 17.50 10.62
C LEU EA 643 -99.76 18.11 11.95
N SER EA 644 -99.56 19.41 12.14
CA SER EA 644 -99.89 20.05 13.42
C SER EA 644 -101.39 20.21 13.63
N LYS EA 645 -102.20 20.03 12.59
CA LYS EA 645 -103.64 20.25 12.67
C LYS EA 645 -104.39 19.01 13.17
N LEU EA 646 -103.69 17.92 13.48
CA LEU EA 646 -104.35 16.69 13.88
C LEU EA 646 -104.88 16.76 15.31
N VAL EA 647 -103.98 16.95 16.28
CA VAL EA 647 -104.35 16.98 17.68
C VAL EA 647 -104.73 18.40 18.07
N ASN EA 648 -105.93 18.57 18.62
CA ASN EA 648 -106.44 19.88 18.99
C ASN EA 648 -106.21 20.09 20.48
N GLN EA 649 -105.04 20.62 20.82
CA GLN EA 649 -104.76 21.00 22.20
C GLN EA 649 -105.54 22.26 22.56
N GLN EA 650 -106.14 22.26 23.74
CA GLN EA 650 -106.95 23.38 24.18
C GLN EA 650 -106.08 24.48 24.77
N LEU EA 651 -106.32 25.72 24.35
CA LEU EA 651 -105.60 26.86 24.90
C LEU EA 651 -106.06 27.16 26.32
N LEU EA 652 -105.13 27.64 27.14
CA LEU EA 652 -105.44 28.01 28.51
C LEU EA 652 -105.83 29.48 28.60
N ALA EA 653 -106.26 29.89 29.79
CA ALA EA 653 -106.67 31.25 30.04
C ALA EA 653 -105.57 32.13 30.59
N ASP EA 654 -104.37 31.59 30.79
CA ASP EA 654 -103.29 32.37 31.37
C ASP EA 654 -102.75 33.38 30.34
N PRO EA 655 -102.49 34.62 30.76
CA PRO EA 655 -101.87 35.58 29.85
C PRO EA 655 -100.43 35.25 29.56
N LEU EA 656 -99.97 35.67 28.39
CA LEU EA 656 -98.60 35.41 27.94
C LEU EA 656 -97.67 36.40 28.63
N VAL EA 657 -96.95 35.91 29.64
CA VAL EA 657 -96.05 36.73 30.45
C VAL EA 657 -94.62 36.25 30.18
N PRO EA 658 -93.73 37.10 29.68
CA PRO EA 658 -92.34 36.71 29.57
C PRO EA 658 -91.69 36.58 30.93
N PRO EA 659 -90.70 35.70 31.09
CA PRO EA 659 -90.05 35.56 32.40
C PRO EA 659 -89.11 36.71 32.74
N GLN EA 660 -88.71 37.52 31.77
CA GLN EA 660 -87.78 38.62 31.97
C GLN EA 660 -88.53 39.92 31.69
N LEU EA 661 -89.11 40.51 32.73
CA LEU EA 661 -89.91 41.70 32.57
C LEU EA 661 -89.11 42.99 32.68
N THR EA 662 -88.05 43.01 33.49
CA THR EA 662 -87.23 44.20 33.67
C THR EA 662 -85.77 43.85 33.44
N ILE EA 663 -84.90 44.87 33.59
CA ILE EA 663 -83.47 44.68 33.39
C ILE EA 663 -82.87 43.86 34.52
N LYS EA 664 -83.53 43.77 35.68
CA LYS EA 664 -83.01 43.01 36.80
C LYS EA 664 -82.94 41.52 36.51
N ASP EA 665 -83.95 40.99 35.81
CA ASP EA 665 -83.99 39.57 35.48
C ASP EA 665 -83.07 39.20 34.33
N PHE EA 666 -82.49 40.18 33.63
CA PHE EA 666 -81.68 39.88 32.46
C PHE EA 666 -80.29 39.36 32.82
N TYR EA 667 -79.71 39.84 33.92
CA TYR EA 667 -78.28 39.62 34.15
C TYR EA 667 -77.97 38.19 34.59
N MET EA 668 -78.77 37.62 35.47
CA MET EA 668 -78.51 36.29 36.02
C MET EA 668 -79.40 35.28 35.30
N THR EA 669 -78.81 34.53 34.39
CA THR EA 669 -79.55 33.50 33.66
C THR EA 669 -79.00 32.10 33.86
N ASP EA 670 -77.70 31.90 33.64
CA ASP EA 670 -77.10 30.57 33.69
C ASP EA 670 -76.00 30.54 34.75
N SER EA 671 -75.24 29.43 34.75
CA SER EA 671 -74.23 29.22 35.77
C SER EA 671 -73.04 30.16 35.61
N ILE EA 672 -72.71 30.56 34.38
CA ILE EA 672 -71.62 31.49 34.17
C ILE EA 672 -71.99 32.88 34.68
N SER EA 673 -73.21 33.33 34.41
CA SER EA 673 -73.65 34.64 34.86
C SER EA 673 -73.86 34.67 36.37
N ARG EA 674 -74.34 33.57 36.95
CA ARG EA 674 -74.61 33.53 38.37
C ARG EA 674 -73.34 33.53 39.21
N ALA EA 675 -72.21 33.13 38.65
CA ALA EA 675 -70.94 33.14 39.35
C ALA EA 675 -70.15 34.41 39.13
N SER EA 676 -70.74 35.40 38.45
CA SER EA 676 -70.05 36.64 38.12
C SER EA 676 -70.31 37.70 39.17
N GLN EA 677 -69.24 38.31 39.66
CA GLN EA 677 -69.39 39.42 40.59
C GLN EA 677 -69.85 40.69 39.89
N THR EA 678 -69.51 40.85 38.61
CA THR EA 678 -69.98 42.00 37.85
C THR EA 678 -71.48 41.97 37.65
N MET EA 679 -72.04 40.78 37.40
CA MET EA 679 -73.49 40.64 37.33
C MET EA 679 -74.15 40.95 38.66
N ALA EA 680 -73.53 40.54 39.77
CA ALA EA 680 -74.07 40.86 41.08
C ALA EA 680 -74.06 42.37 41.31
N LYS EA 681 -72.99 43.04 40.89
CA LYS EA 681 -72.92 44.49 41.00
C LYS EA 681 -73.97 45.17 40.12
N CYS EA 682 -74.20 44.64 38.92
CA CYS EA 682 -75.21 45.21 38.04
C CYS EA 682 -76.61 45.04 38.61
N VAL EA 683 -76.91 43.87 39.17
CA VAL EA 683 -78.22 43.63 39.78
C VAL EA 683 -78.41 44.54 41.00
N LYS EA 684 -77.36 44.68 41.83
CA LYS EA 684 -77.43 45.57 42.97
C LYS EA 684 -77.59 47.02 42.55
N ALA EA 685 -77.00 47.41 41.43
CA ALA EA 685 -77.11 48.79 40.96
C ALA EA 685 -78.50 49.07 40.41
N VAL EA 686 -79.10 48.11 39.69
CA VAL EA 686 -80.42 48.36 39.11
C VAL EA 686 -81.55 48.10 40.10
N THR EA 687 -81.29 47.45 41.23
CA THR EA 687 -82.35 47.22 42.21
C THR EA 687 -82.44 48.32 43.25
N GLU EA 688 -81.33 48.97 43.59
CA GLU EA 688 -81.33 50.03 44.60
C GLU EA 688 -82.02 51.28 44.07
N ALA FA 34 16.40 -33.88 -39.25
CA ALA FA 34 17.47 -33.96 -40.24
C ALA FA 34 18.55 -32.93 -39.94
N ARG FA 35 18.13 -31.80 -39.35
CA ARG FA 35 19.06 -30.75 -38.97
C ARG FA 35 19.44 -30.90 -37.51
N GLN FA 36 20.27 -29.98 -37.03
CA GLN FA 36 20.73 -30.02 -35.65
C GLN FA 36 19.61 -29.66 -34.69
N TRP FA 37 19.58 -30.34 -33.55
CA TRP FA 37 18.59 -30.04 -32.53
C TRP FA 37 19.05 -28.87 -31.68
N GLN FA 38 18.18 -27.88 -31.54
CA GLN FA 38 18.42 -26.72 -30.69
C GLN FA 38 17.31 -26.61 -29.66
N PRO FA 39 17.61 -26.09 -28.46
CA PRO FA 39 16.65 -26.19 -27.35
C PRO FA 39 15.34 -25.47 -27.60
N ASP FA 40 14.27 -26.06 -27.09
CA ASP FA 40 12.92 -25.54 -27.29
C ASP FA 40 12.57 -24.59 -26.15
N VAL FA 41 11.28 -24.24 -26.07
CA VAL FA 41 10.80 -23.38 -24.99
C VAL FA 41 10.86 -24.11 -23.66
N GLU FA 42 10.61 -25.43 -23.67
CA GLU FA 42 10.59 -26.21 -22.44
C GLU FA 42 11.98 -26.29 -21.79
N TRP FA 43 13.03 -26.39 -22.61
CA TRP FA 43 14.40 -26.46 -22.09
C TRP FA 43 14.76 -25.20 -21.34
N ALA FA 44 14.55 -24.05 -21.96
CA ALA FA 44 14.85 -22.78 -21.31
C ALA FA 44 13.91 -22.52 -20.13
N GLU FA 45 12.65 -22.95 -20.23
CA GLU FA 45 11.72 -22.77 -19.13
C GLU FA 45 12.10 -23.60 -17.92
N GLN FA 46 12.65 -24.79 -18.14
CA GLN FA 46 13.25 -25.55 -17.05
C GLN FA 46 14.45 -24.81 -16.47
N TYR FA 47 15.27 -24.21 -17.34
CA TYR FA 47 16.48 -23.54 -16.84
C TYR FA 47 16.21 -22.19 -16.20
N GLY FA 48 14.99 -21.66 -16.29
CA GLY FA 48 14.77 -20.30 -15.85
C GLY FA 48 13.98 -20.10 -14.58
N GLY FA 49 14.01 -21.06 -13.65
CA GLY FA 49 13.30 -20.93 -12.40
C GLY FA 49 14.06 -20.13 -11.36
N ALA FA 50 13.42 -19.97 -10.21
CA ALA FA 50 14.09 -19.35 -9.06
C ALA FA 50 15.18 -20.28 -8.51
N VAL FA 51 14.92 -21.57 -8.49
CA VAL FA 51 15.88 -22.57 -8.03
C VAL FA 51 15.87 -23.71 -9.04
N MET FA 52 17.00 -24.42 -9.10
CA MET FA 52 17.16 -25.46 -10.13
C MET FA 52 16.36 -26.72 -9.81
N TYR FA 53 16.37 -27.16 -8.55
CA TYR FA 53 15.63 -28.34 -8.12
C TYR FA 53 14.58 -27.90 -7.11
N PRO FA 54 13.35 -27.63 -7.56
CA PRO FA 54 12.30 -27.19 -6.62
C PRO FA 54 11.86 -28.32 -5.71
N THR FA 55 11.74 -28.02 -4.43
CA THR FA 55 11.28 -28.96 -3.41
C THR FA 55 9.99 -28.43 -2.79
N LYS FA 56 9.51 -29.11 -1.75
CA LYS FA 56 8.31 -28.66 -1.05
C LYS FA 56 8.59 -27.40 -0.24
N GLU FA 57 9.79 -27.29 0.33
CA GLU FA 57 10.17 -26.07 1.04
C GLU FA 57 10.29 -24.89 0.08
N THR FA 58 10.88 -25.12 -1.10
CA THR FA 58 11.08 -24.07 -2.09
C THR FA 58 9.94 -24.00 -3.08
N ALA FA 59 8.72 -23.87 -2.58
CA ALA FA 59 7.52 -23.77 -3.42
C ALA FA 59 6.95 -22.36 -3.49
N HIS FA 60 7.11 -21.56 -2.44
CA HIS FA 60 6.66 -20.18 -2.43
C HIS FA 60 7.74 -19.21 -2.90
N TRP FA 61 8.89 -19.73 -3.35
CA TRP FA 61 10.03 -18.90 -3.72
C TRP FA 61 9.79 -18.30 -5.09
N LYS FA 62 9.37 -17.03 -5.11
CA LYS FA 62 9.22 -16.31 -6.35
C LYS FA 62 10.60 -15.93 -6.90
N PRO FA 63 10.71 -15.69 -8.21
CA PRO FA 63 11.94 -15.10 -8.75
C PRO FA 63 12.07 -13.64 -8.35
N PRO FA 64 13.29 -13.10 -8.33
CA PRO FA 64 13.48 -11.68 -8.06
C PRO FA 64 12.94 -10.83 -9.20
N PRO FA 65 12.64 -9.55 -8.95
CA PRO FA 65 12.17 -8.67 -10.03
C PRO FA 65 13.23 -8.45 -11.09
N TRP FA 66 12.76 -8.11 -12.29
CA TRP FA 66 13.65 -7.90 -13.43
C TRP FA 66 14.59 -6.71 -13.21
N ASN FA 67 14.07 -5.61 -12.66
CA ASN FA 67 14.90 -4.46 -12.33
C ASN FA 67 15.38 -4.51 -10.89
N ASP FA 68 15.10 -5.61 -10.17
CA ASP FA 68 15.47 -5.80 -8.76
C ASP FA 68 14.90 -4.70 -7.88
N VAL FA 69 13.69 -4.26 -8.19
CA VAL FA 69 13.03 -3.18 -7.44
C VAL FA 69 11.73 -3.73 -6.88
N ASP FA 70 11.61 -3.71 -5.57
CA ASP FA 70 10.34 -4.08 -4.95
C ASP FA 70 9.48 -2.84 -4.75
N PRO FA 71 8.16 -3.00 -4.80
CA PRO FA 71 7.28 -1.86 -4.56
C PRO FA 71 7.40 -1.38 -3.13
N PRO FA 72 7.18 -0.08 -2.89
CA PRO FA 72 7.43 0.49 -1.55
C PRO FA 72 6.36 0.22 -0.52
N LYS FA 73 5.46 -0.75 -0.76
CA LYS FA 73 4.39 -1.15 0.14
C LYS FA 73 3.46 0.02 0.50
N SER FA 78 0.45 9.40 2.74
CA SER FA 78 -0.47 10.23 3.50
C SER FA 78 0.29 11.29 4.30
N ASN FA 79 -0.41 11.92 5.23
CA ASN FA 79 0.19 12.94 6.09
C ASN FA 79 -0.61 13.02 7.37
N LEU FA 80 -0.03 13.69 8.37
CA LEU FA 80 -0.65 13.80 9.68
C LEU FA 80 -1.90 14.66 9.62
N THR FA 81 -2.87 14.33 10.48
CA THR FA 81 -4.09 15.11 10.60
C THR FA 81 -4.31 15.43 12.08
N LEU FA 82 -4.51 16.72 12.37
CA LEU FA 82 -4.68 17.20 13.73
C LEU FA 82 -6.04 17.88 13.85
N ASN FA 83 -6.67 17.70 15.00
CA ASN FA 83 -7.99 18.26 15.28
C ASN FA 83 -7.84 19.20 16.46
N PHE FA 84 -7.47 20.44 16.19
CA PHE FA 84 -7.31 21.45 17.24
C PHE FA 84 -8.71 21.88 17.67
N GLY FA 85 -9.15 21.36 18.82
CA GLY FA 85 -10.48 21.64 19.29
C GLY FA 85 -10.61 23.01 19.89
N PRO FA 86 -11.78 23.29 20.45
CA PRO FA 86 -12.04 24.62 21.01
C PRO FA 86 -11.51 24.79 22.42
N GLN FA 87 -10.66 23.87 22.88
CA GLN FA 87 -10.12 23.90 24.24
C GLN FA 87 -9.15 25.07 24.44
N GLY FA 93 -11.27 34.95 20.42
CA GLY FA 93 -12.47 34.16 20.65
C GLY FA 93 -12.19 32.67 20.76
N VAL FA 94 -13.05 31.86 20.16
CA VAL FA 94 -12.87 30.42 20.12
C VAL FA 94 -13.02 29.96 18.67
N LEU FA 95 -12.37 28.85 18.35
CA LEU FA 95 -12.26 28.40 16.96
C LEU FA 95 -11.83 26.94 16.96
N ARG FA 96 -12.40 26.16 16.05
CA ARG FA 96 -11.93 24.80 15.84
C ARG FA 96 -11.13 24.78 14.53
N LEU FA 97 -10.10 23.95 14.48
CA LEU FA 97 -9.27 23.86 13.28
C LEU FA 97 -9.01 22.40 12.97
N VAL FA 98 -9.08 22.06 11.68
CA VAL FA 98 -8.71 20.74 11.20
C VAL FA 98 -7.52 20.94 10.28
N MET FA 99 -6.35 20.45 10.70
CA MET FA 99 -5.12 20.71 9.99
C MET FA 99 -4.59 19.43 9.37
N GLU FA 100 -4.36 19.47 8.07
CA GLU FA 100 -3.64 18.40 7.38
C GLU FA 100 -2.20 18.87 7.25
N LEU FA 101 -1.31 18.27 8.04
CA LEU FA 101 0.06 18.68 8.21
C LEU FA 101 0.99 17.62 7.62
N SER FA 102 2.08 18.09 7.01
CA SER FA 102 3.04 17.20 6.36
C SER FA 102 4.39 17.30 7.02
N GLY FA 103 4.42 17.24 8.35
CA GLY FA 103 5.65 17.43 9.09
C GLY FA 103 5.68 18.77 9.77
N GLU FA 104 6.44 19.70 9.22
CA GLU FA 104 6.43 21.08 9.68
C GLU FA 104 5.60 21.99 8.78
N MET FA 105 5.20 21.51 7.60
CA MET FA 105 4.56 22.34 6.59
C MET FA 105 3.07 22.03 6.53
N VAL FA 106 2.25 23.07 6.55
CA VAL FA 106 0.80 22.92 6.56
C VAL FA 106 0.31 22.68 5.13
N ARG FA 107 -0.42 21.60 4.93
CA ARG FA 107 -1.00 21.30 3.62
C ARG FA 107 -2.45 21.75 3.49
N LYS FA 108 -3.25 21.60 4.55
CA LYS FA 108 -4.65 22.04 4.49
C LYS FA 108 -5.08 22.62 5.82
N CYS FA 109 -5.86 23.71 5.75
CA CYS FA 109 -6.45 24.35 6.90
C CYS FA 109 -7.96 24.38 6.74
N ASP FA 110 -8.68 23.79 7.70
CA ASP FA 110 -10.14 23.80 7.67
C ASP FA 110 -10.65 24.46 8.93
N PRO FA 111 -11.01 25.73 8.89
CA PRO FA 111 -11.52 26.41 10.09
C PRO FA 111 -12.99 26.08 10.33
N HIS FA 112 -13.26 25.34 11.39
CA HIS FA 112 -14.61 25.05 11.81
C HIS FA 112 -15.08 26.12 12.78
N ILE FA 113 -16.15 26.82 12.38
CA ILE FA 113 -16.74 27.92 13.12
C ILE FA 113 -18.19 27.57 13.43
N GLY FA 114 -18.90 28.50 14.05
CA GLY FA 114 -20.25 28.24 14.49
C GLY FA 114 -20.38 27.99 15.96
N LEU FA 115 -19.27 28.04 16.71
CA LEU FA 115 -19.32 27.86 18.14
C LEU FA 115 -19.86 29.08 18.86
N LEU FA 116 -20.01 30.22 18.17
CA LEU FA 116 -20.63 31.41 18.74
C LEU FA 116 -21.79 31.90 17.87
N HIS FA 117 -22.41 31.01 17.11
CA HIS FA 117 -23.58 31.41 16.34
C HIS FA 117 -24.78 31.53 17.26
N GLY FA 119 -27.47 33.40 16.59
CA GLY FA 119 -28.68 33.59 15.81
C GLY FA 119 -29.20 35.00 16.01
N THR FA 120 -28.34 35.97 15.71
CA THR FA 120 -28.66 37.36 15.97
C THR FA 120 -29.72 37.88 15.00
N GLU FA 121 -29.65 37.46 13.74
CA GLU FA 121 -30.48 38.05 12.71
C GLU FA 121 -31.95 37.72 12.89
N LYS FA 122 -32.27 36.50 13.30
CA LYS FA 122 -33.66 36.15 13.56
C LYS FA 122 -34.23 36.93 14.73
N LEU FA 123 -33.43 37.09 15.79
CA LEU FA 123 -33.85 37.89 16.94
C LEU FA 123 -34.03 39.35 16.57
N ILE FA 124 -33.22 39.86 15.64
CA ILE FA 124 -33.41 41.21 15.13
C ILE FA 124 -34.73 41.30 14.38
N GLU FA 125 -35.03 40.28 13.56
CA GLU FA 125 -36.29 40.25 12.83
C GLU FA 125 -37.50 40.19 13.75
N TYR FA 126 -37.33 39.73 15.00
CA TYR FA 126 -38.44 39.65 15.94
C TYR FA 126 -38.60 40.88 16.82
N LYS FA 127 -37.81 41.94 16.60
CA LYS FA 127 -37.84 43.12 17.46
C LYS FA 127 -37.87 44.37 16.61
N THR FA 128 -38.07 45.52 17.26
CA THR FA 128 -38.07 46.80 16.56
C THR FA 128 -36.63 47.27 16.35
N TYR FA 129 -36.48 48.46 15.76
CA TYR FA 129 -35.16 48.96 15.42
C TYR FA 129 -34.37 49.39 16.65
N LEU FA 130 -35.03 50.13 17.55
CA LEU FA 130 -34.38 50.55 18.79
C LEU FA 130 -34.01 49.35 19.65
N GLN FA 131 -34.85 48.31 19.64
CA GLN FA 131 -34.50 47.09 20.36
C GLN FA 131 -33.41 46.31 19.66
N ALA FA 132 -33.26 46.46 18.35
CA ALA FA 132 -32.24 45.73 17.63
C ALA FA 132 -30.89 46.42 17.62
N LEU FA 133 -30.82 47.66 18.08
CA LEU FA 133 -29.53 48.35 18.17
C LEU FA 133 -28.51 47.68 19.09
N PRO FA 134 -28.83 47.21 20.32
CA PRO FA 134 -27.79 46.54 21.12
C PRO FA 134 -27.30 45.22 20.54
N TYR FA 135 -28.07 44.57 19.66
CA TYR FA 135 -27.56 43.42 18.92
C TYR FA 135 -26.37 43.83 18.08
N PHE FA 136 -26.43 45.01 17.47
CA PHE FA 136 -25.28 45.53 16.73
C PHE FA 136 -24.20 46.01 17.67
N ASP FA 137 -24.57 46.40 18.90
CA ASP FA 137 -23.56 46.71 19.90
C ASP FA 137 -22.71 45.49 20.22
N ARG FA 138 -23.33 44.31 20.27
CA ARG FA 138 -22.65 43.09 20.71
C ARG FA 138 -22.10 42.24 19.57
N LEU FA 139 -22.10 42.75 18.34
CA LEU FA 139 -21.61 41.95 17.21
C LEU FA 139 -20.09 41.84 17.23
N ASP FA 140 -19.42 42.96 17.08
CA ASP FA 140 -17.96 43.04 17.21
C ASP FA 140 -17.70 43.72 18.54
N TYR FA 141 -17.31 42.93 19.54
CA TYR FA 141 -17.23 43.46 20.90
C TYR FA 141 -15.94 44.21 21.18
N VAL FA 142 -15.22 44.65 20.15
CA VAL FA 142 -14.14 45.62 20.30
C VAL FA 142 -14.34 46.85 19.44
N SER FA 143 -15.42 46.91 18.66
CA SER FA 143 -15.69 47.98 17.71
C SER FA 143 -17.13 48.44 17.81
N MET FA 144 -17.55 48.77 19.04
CA MET FA 144 -18.97 48.93 19.35
C MET FA 144 -19.60 50.10 18.60
N MET FA 145 -18.99 51.28 18.70
CA MET FA 145 -19.61 52.49 18.16
C MET FA 145 -19.59 52.49 16.64
N CYS FA 146 -18.63 51.79 16.02
CA CYS FA 146 -18.62 51.67 14.57
C CYS FA 146 -19.81 50.85 14.06
N ASN FA 147 -20.12 49.74 14.74
CA ASN FA 147 -21.27 48.95 14.36
C ASN FA 147 -22.57 49.70 14.61
N GLU FA 148 -22.64 50.43 15.73
CA GLU FA 148 -23.78 51.29 15.99
C GLU FA 148 -23.96 52.33 14.90
N GLN FA 149 -22.85 52.93 14.46
CA GLN FA 149 -22.91 53.95 13.42
C GLN FA 149 -23.36 53.38 12.08
N ALA FA 150 -22.91 52.16 11.75
CA ALA FA 150 -23.35 51.54 10.50
C ALA FA 150 -24.85 51.25 10.53
N TYR FA 151 -25.35 50.73 11.65
CA TYR FA 151 -26.79 50.50 11.77
C TYR FA 151 -27.58 51.79 11.70
N SER FA 152 -27.10 52.83 12.39
CA SER FA 152 -27.79 54.11 12.39
C SER FA 152 -27.79 54.74 11.00
N LEU FA 153 -26.68 54.61 10.28
CA LEU FA 153 -26.61 55.14 8.93
C LEU FA 153 -27.58 54.43 8.00
N ALA FA 154 -27.69 53.10 8.11
CA ALA FA 154 -28.64 52.37 7.27
C ALA FA 154 -30.09 52.76 7.59
N VAL FA 155 -30.43 52.87 8.87
CA VAL FA 155 -31.80 53.22 9.24
C VAL FA 155 -32.12 54.65 8.84
N GLU FA 156 -31.15 55.57 8.97
CA GLU FA 156 -31.37 56.94 8.55
C GLU FA 156 -31.48 57.07 7.03
N LYS FA 157 -30.75 56.23 6.30
CA LYS FA 157 -30.90 56.19 4.85
C LYS FA 157 -32.29 55.72 4.46
N LEU FA 158 -32.81 54.71 5.17
CA LEU FA 158 -34.16 54.24 4.84
C LEU FA 158 -35.23 55.20 5.32
N LEU FA 159 -34.96 55.99 6.35
CA LEU FA 159 -35.92 56.92 6.92
C LEU FA 159 -35.91 58.28 6.25
N ASN FA 160 -34.96 58.52 5.33
CA ASN FA 160 -34.82 59.79 4.60
C ASN FA 160 -34.65 60.98 5.53
N ILE FA 161 -33.81 60.82 6.56
CA ILE FA 161 -33.50 61.90 7.49
C ILE FA 161 -31.99 61.97 7.65
N GLN FA 162 -31.53 63.12 8.16
CA GLN FA 162 -30.10 63.29 8.43
C GLN FA 162 -29.91 63.87 9.83
N PRO FA 163 -28.84 63.47 10.51
CA PRO FA 163 -28.60 63.93 11.87
C PRO FA 163 -28.10 65.36 11.89
N PRO FA 164 -28.19 66.05 13.02
CA PRO FA 164 -27.60 67.39 13.15
C PRO FA 164 -26.09 67.33 13.10
N PRO FA 165 -25.42 68.45 12.75
CA PRO FA 165 -23.96 68.42 12.60
C PRO FA 165 -23.18 68.05 13.85
N ARG FA 166 -23.66 68.47 15.04
CA ARG FA 166 -22.94 68.14 16.27
C ARG FA 166 -22.96 66.64 16.53
N ALA FA 167 -24.09 65.99 16.25
CA ALA FA 167 -24.17 64.54 16.36
C ALA FA 167 -23.21 63.86 15.40
N GLN FA 168 -23.07 64.42 14.19
CA GLN FA 168 -22.13 63.87 13.22
C GLN FA 168 -20.68 63.98 13.69
N TRP FA 169 -20.32 65.13 14.27
CA TRP FA 169 -18.96 65.30 14.77
C TRP FA 169 -18.69 64.39 15.97
N ILE FA 170 -19.69 64.23 16.85
CA ILE FA 170 -19.57 63.30 17.97
C ILE FA 170 -19.40 61.87 17.46
N ARG FA 171 -20.17 61.51 16.43
CA ARG FA 171 -20.07 60.17 15.85
C ARG FA 171 -18.70 59.90 15.28
N VAL FA 172 -18.12 60.87 14.58
CA VAL FA 172 -16.79 60.66 13.98
C VAL FA 172 -15.72 60.61 15.06
N LEU FA 173 -15.83 61.46 16.09
CA LEU FA 173 -14.86 61.44 17.18
C LEU FA 173 -14.87 60.11 17.93
N PHE FA 174 -16.06 59.60 18.23
CA PHE FA 174 -16.12 58.31 18.92
C PHE FA 174 -15.82 57.13 18.00
N GLY FA 175 -16.03 57.28 16.69
CA GLY FA 175 -15.56 56.27 15.77
C GLY FA 175 -14.04 56.18 15.74
N GLU FA 176 -13.37 57.32 15.86
CA GLU FA 176 -11.90 57.29 15.89
C GLU FA 176 -11.38 56.75 17.21
N ILE FA 177 -12.05 57.08 18.32
CA ILE FA 177 -11.68 56.46 19.60
C ILE FA 177 -11.88 54.95 19.54
N THR FA 178 -12.96 54.51 18.89
CA THR FA 178 -13.21 53.09 18.70
C THR FA 178 -12.13 52.44 17.84
N ARG FA 179 -11.66 53.16 16.82
CA ARG FA 179 -10.56 52.66 16.00
C ARG FA 179 -9.29 52.48 16.81
N LEU FA 180 -9.01 53.43 17.71
CA LEU FA 180 -7.85 53.30 18.59
C LEU FA 180 -7.98 52.07 19.49
N LEU FA 181 -9.17 51.85 20.04
CA LEU FA 181 -9.40 50.67 20.89
C LEU FA 181 -9.19 49.38 20.12
N ASN FA 182 -9.75 49.31 18.91
CA ASN FA 182 -9.66 48.09 18.10
C ASN FA 182 -8.23 47.81 17.68
N HIS FA 183 -7.49 48.84 17.27
CA HIS FA 183 -6.12 48.62 16.84
C HIS FA 183 -5.22 48.22 18.01
N ILE FA 184 -5.47 48.82 19.19
CA ILE FA 184 -4.73 48.42 20.39
C ILE FA 184 -4.97 46.95 20.69
N MET FA 185 -6.24 46.53 20.70
CA MET FA 185 -6.57 45.15 21.00
C MET FA 185 -5.97 44.19 19.99
N ALA FA 186 -6.07 44.53 18.70
CA ALA FA 186 -5.59 43.64 17.64
C ALA FA 186 -4.08 43.47 17.71
N VAL FA 187 -3.33 44.58 17.78
CA VAL FA 187 -1.87 44.48 17.78
C VAL FA 187 -1.35 43.81 19.04
N THR FA 188 -1.91 44.18 20.20
CA THR FA 188 -1.42 43.61 21.45
C THR FA 188 -1.76 42.13 21.59
N THR FA 189 -2.95 41.71 21.15
CA THR FA 189 -3.28 40.30 21.20
C THR FA 189 -2.49 39.50 20.18
N HIS FA 190 -2.17 40.10 19.02
CA HIS FA 190 -1.31 39.45 18.04
C HIS FA 190 0.08 39.21 18.62
N ALA FA 191 0.64 40.22 19.30
CA ALA FA 191 1.95 40.07 19.92
C ALA FA 191 1.90 39.08 21.08
N LEU FA 192 0.79 39.05 21.83
CA LEU FA 192 0.65 38.11 22.93
C LEU FA 192 0.58 36.68 22.43
N ASP FA 193 -0.10 36.45 21.31
CA ASP FA 193 -0.15 35.11 20.74
C ASP FA 193 1.22 34.70 20.18
N ILE FA 194 1.94 35.65 19.58
CA ILE FA 194 3.29 35.34 19.11
C ILE FA 194 4.24 35.14 20.30
N GLY FA 195 4.10 35.94 21.34
CA GLY FA 195 4.88 35.70 22.55
C GLY FA 195 5.31 36.90 23.37
N ALA FA 196 5.12 38.12 22.86
CA ALA FA 196 5.46 39.32 23.61
C ALA FA 196 4.27 39.78 24.43
N MET FA 197 4.48 39.95 25.74
CA MET FA 197 3.37 40.20 26.66
C MET FA 197 3.36 41.58 27.30
N THR FA 198 4.48 42.30 27.30
CA THR FA 198 4.52 43.64 27.90
C THR FA 198 3.60 44.66 27.23
N PRO FA 199 3.57 44.83 25.88
CA PRO FA 199 2.69 45.87 25.32
C PRO FA 199 1.22 45.62 25.53
N PHE FA 200 0.82 44.38 25.83
CA PHE FA 200 -0.57 44.09 26.15
C PHE FA 200 -1.03 44.91 27.36
N PHE FA 201 -0.27 44.83 28.46
CA PHE FA 201 -0.58 45.63 29.64
C PHE FA 201 -0.36 47.12 29.38
N TRP FA 202 0.72 47.44 28.67
CA TRP FA 202 1.10 48.84 28.45
C TRP FA 202 0.02 49.60 27.71
N MET FA 203 -0.57 49.01 26.68
CA MET FA 203 -1.66 49.65 25.97
C MET FA 203 -3.03 49.36 26.57
N PHE FA 204 -3.16 48.33 27.41
CA PHE FA 204 -4.45 48.11 28.03
C PHE FA 204 -4.75 49.15 29.11
N GLU FA 205 -3.72 49.78 29.66
CA GLU FA 205 -3.98 50.94 30.53
C GLU FA 205 -4.70 52.07 29.76
N GLU FA 206 -4.19 52.41 28.57
CA GLU FA 206 -4.86 53.42 27.75
C GLU FA 206 -6.23 52.94 27.27
N ARG FA 207 -6.37 51.63 27.05
CA ARG FA 207 -7.67 51.07 26.73
C ARG FA 207 -8.67 51.29 27.86
N GLU FA 208 -8.22 51.15 29.11
CA GLU FA 208 -9.08 51.44 30.26
C GLU FA 208 -9.46 52.91 30.29
N LYS FA 209 -8.53 53.79 29.92
CA LYS FA 209 -8.85 55.22 29.86
C LYS FA 209 -9.93 55.52 28.80
N MET FA 210 -9.83 54.90 27.64
CA MET FA 210 -10.86 55.10 26.61
C MET FA 210 -12.21 54.51 27.07
N PHE FA 211 -12.18 53.40 27.80
CA PHE FA 211 -13.40 52.86 28.38
C PHE FA 211 -14.00 53.84 29.38
N GLU FA 212 -13.16 54.57 30.11
CA GLU FA 212 -13.67 55.61 31.00
C GLU FA 212 -14.36 56.72 30.22
N PHE FA 213 -13.83 57.07 29.05
CA PHE FA 213 -14.51 58.06 28.19
C PHE FA 213 -15.89 57.55 27.78
N TYR FA 214 -15.96 56.28 27.35
CA TYR FA 214 -17.23 55.67 26.95
C TYR FA 214 -18.23 55.68 28.10
N GLU FA 215 -17.77 55.33 29.31
CA GLU FA 215 -18.66 55.28 30.45
C GLU FA 215 -19.12 56.67 30.85
N ARG FA 216 -18.27 57.67 30.72
CA ARG FA 216 -18.66 59.04 31.04
C ARG FA 216 -19.69 59.57 30.06
N VAL FA 217 -19.62 59.16 28.80
CA VAL FA 217 -20.57 59.68 27.83
C VAL FA 217 -21.85 58.87 27.75
N SER FA 218 -21.85 57.60 28.14
CA SER FA 218 -23.02 56.77 27.93
C SER FA 218 -23.50 56.05 29.19
N GLY FA 219 -22.59 55.74 30.09
CA GLY FA 219 -22.91 55.00 31.29
C GLY FA 219 -22.52 53.54 31.26
N ALA FA 220 -22.03 53.04 30.13
CA ALA FA 220 -21.55 51.68 30.02
C ALA FA 220 -20.16 51.70 29.44
N ARG FA 221 -19.30 50.80 29.94
CA ARG FA 221 -17.90 50.82 29.54
C ARG FA 221 -17.72 50.28 28.12
N MET FA 222 -18.42 49.21 27.77
CA MET FA 222 -18.25 48.59 26.47
C MET FA 222 -19.46 48.79 25.57
N HIS FA 223 -20.62 48.30 25.97
CA HIS FA 223 -21.81 48.34 25.11
C HIS FA 223 -22.57 49.60 25.44
N ALA FA 224 -22.19 50.69 24.77
CA ALA FA 224 -22.72 52.00 25.11
C ALA FA 224 -24.18 52.15 24.72
N ALA FA 225 -24.56 51.61 23.55
CA ALA FA 225 -25.85 51.86 22.90
C ALA FA 225 -26.10 53.36 22.76
N TYR FA 226 -25.06 54.06 22.33
CA TYR FA 226 -25.03 55.52 22.29
C TYR FA 226 -25.44 56.09 20.94
N VAL FA 227 -24.81 55.61 19.87
CA VAL FA 227 -25.16 56.07 18.52
C VAL FA 227 -26.46 55.41 18.09
N ARG FA 228 -27.49 56.20 17.89
CA ARG FA 228 -28.84 55.75 17.57
C ARG FA 228 -29.30 56.41 16.28
N PRO FA 229 -30.26 55.80 15.57
CA PRO FA 229 -30.79 56.43 14.34
C PRO FA 229 -31.41 57.79 14.61
N GLY FA 230 -30.80 58.84 14.08
CA GLY FA 230 -31.20 60.20 14.36
C GLY FA 230 -30.17 61.03 15.10
N GLY FA 231 -29.03 60.46 15.48
CA GLY FA 231 -28.01 61.20 16.18
C GLY FA 231 -27.36 60.41 17.29
N VAL FA 232 -27.35 60.97 18.49
CA VAL FA 232 -26.84 60.29 19.68
C VAL FA 232 -27.87 60.47 20.79
N HIS FA 233 -27.81 59.59 21.79
CA HIS FA 233 -28.84 59.59 22.82
C HIS FA 233 -28.70 60.76 23.77
N GLN FA 234 -27.47 61.07 24.19
CA GLN FA 234 -27.24 62.10 25.20
C GLN FA 234 -26.09 62.98 24.76
N ASP FA 235 -26.12 64.23 25.20
CA ASP FA 235 -25.05 65.17 24.88
C ASP FA 235 -23.81 64.87 25.72
N LEU FA 236 -22.68 65.38 25.25
CA LEU FA 236 -21.43 65.19 25.99
C LEU FA 236 -21.48 65.98 27.29
N PRO FA 237 -21.10 65.40 28.42
CA PRO FA 237 -21.03 66.17 29.66
C PRO FA 237 -19.88 67.15 29.63
N LEU FA 238 -19.98 68.18 30.46
CA LEU FA 238 -18.99 69.23 30.49
C LEU FA 238 -17.67 68.70 31.03
N GLY FA 239 -16.57 69.10 30.40
CA GLY FA 239 -15.24 68.68 30.81
C GLY FA 239 -14.77 67.37 30.23
N LEU FA 240 -15.53 66.76 29.31
CA LEU FA 240 -15.09 65.52 28.71
C LEU FA 240 -13.98 65.74 27.70
N MET FA 241 -14.12 66.77 26.87
CA MET FA 241 -13.19 66.97 25.78
C MET FA 241 -11.82 67.42 26.24
N ASP FA 242 -11.71 68.02 27.43
CA ASP FA 242 -10.40 68.30 27.99
C ASP FA 242 -9.65 67.02 28.33
N ASP FA 243 -10.36 66.04 28.90
CA ASP FA 243 -9.74 64.74 29.18
C ASP FA 243 -9.39 64.02 27.89
N ILE FA 244 -10.24 64.13 26.87
CA ILE FA 244 -9.92 63.55 25.57
C ILE FA 244 -8.67 64.19 24.99
N TYR FA 245 -8.53 65.51 25.15
CA TYR FA 245 -7.36 66.22 24.65
C TYR FA 245 -6.08 65.78 25.36
N GLU FA 246 -6.13 65.63 26.69
CA GLU FA 246 -4.95 65.18 27.43
C GLU FA 246 -4.55 63.76 27.04
N PHE FA 247 -5.53 62.87 26.92
CA PHE FA 247 -5.25 61.49 26.54
C PHE FA 247 -4.65 61.42 25.14
N SER FA 248 -5.19 62.17 24.19
CA SER FA 248 -4.64 62.17 22.85
C SER FA 248 -3.27 62.84 22.80
N LYS FA 249 -3.01 63.74 23.74
CA LYS FA 249 -1.69 64.37 23.81
C LYS FA 249 -0.62 63.37 24.22
N ASN FA 250 -0.95 62.43 25.12
CA ASN FA 250 0.04 61.43 25.53
C ASN FA 250 0.05 60.17 24.67
N PHE FA 251 -0.98 59.95 23.86
CA PHE FA 251 -1.05 58.71 23.08
C PHE FA 251 0.03 58.61 22.02
N SER FA 252 0.60 59.73 21.57
CA SER FA 252 1.70 59.66 20.61
C SER FA 252 2.91 58.96 21.21
N LEU FA 253 3.26 59.31 22.45
CA LEU FA 253 4.36 58.64 23.13
C LEU FA 253 4.02 57.19 23.43
N ARG FA 254 2.74 56.88 23.70
CA ARG FA 254 2.37 55.48 23.89
C ARG FA 254 2.58 54.65 22.61
N ILE FA 255 2.18 55.19 21.45
CA ILE FA 255 2.40 54.49 20.19
C ILE FA 255 3.90 54.38 19.92
N ASP FA 256 4.66 55.42 20.25
CA ASP FA 256 6.10 55.39 20.04
C ASP FA 256 6.78 54.31 20.86
N GLU FA 257 6.32 54.09 22.09
CA GLU FA 257 6.94 53.06 22.91
C GLU FA 257 6.55 51.67 22.45
N LEU FA 258 5.31 51.47 22.00
CA LEU FA 258 4.94 50.17 21.42
C LEU FA 258 5.75 49.88 20.16
N GLU FA 259 5.94 50.89 19.30
CA GLU FA 259 6.74 50.74 18.11
C GLU FA 259 8.20 50.48 18.43
N GLU FA 260 8.71 51.08 19.51
CA GLU FA 260 10.07 50.80 19.94
C GLU FA 260 10.23 49.34 20.38
N MET FA 261 9.23 48.81 21.07
CA MET FA 261 9.31 47.42 21.51
C MET FA 261 9.17 46.45 20.35
N LEU FA 262 8.35 46.77 19.35
CA LEU FA 262 7.97 45.78 18.36
C LEU FA 262 8.62 45.93 16.99
N THR FA 263 8.72 47.15 16.45
CA THR FA 263 8.96 47.30 15.02
C THR FA 263 10.37 46.87 14.60
N ASN FA 264 11.39 47.34 15.31
CA ASN FA 264 12.75 47.11 14.87
C ASN FA 264 13.34 45.81 15.40
N ASN FA 265 12.58 45.05 16.18
CA ASN FA 265 13.07 43.79 16.71
C ASN FA 265 13.26 42.78 15.60
N ARG FA 266 14.39 42.06 15.64
CA ARG FA 266 14.63 41.05 14.62
C ARG FA 266 13.79 39.80 14.86
N ILE FA 267 13.50 39.48 16.12
CA ILE FA 267 12.67 38.31 16.41
C ILE FA 267 11.22 38.55 15.99
N TRP FA 268 10.74 39.78 16.16
CA TRP FA 268 9.38 40.10 15.73
C TRP FA 268 9.27 40.10 14.22
N ARG FA 269 10.20 40.75 13.53
CA ARG FA 269 10.11 40.82 12.09
C ARG FA 269 10.43 39.49 11.43
N ASN FA 270 11.15 38.59 12.11
CA ASN FA 270 11.36 37.27 11.55
C ASN FA 270 10.08 36.45 11.49
N ARG FA 271 9.09 36.76 12.33
CA ARG FA 271 7.81 36.08 12.31
C ARG FA 271 6.81 36.72 11.37
N THR FA 272 7.16 37.82 10.70
CA THR FA 272 6.17 38.56 9.93
C THR FA 272 6.62 39.03 8.56
N VAL FA 273 7.91 38.91 8.18
CA VAL FA 273 8.38 39.56 6.96
C VAL FA 273 7.85 38.87 5.70
N ASP FA 274 7.77 37.55 5.69
CA ASP FA 274 7.32 36.85 4.50
C ASP FA 274 6.24 35.84 4.83
N ILE FA 275 5.27 36.26 5.63
CA ILE FA 275 4.20 35.38 6.09
C ILE FA 275 2.88 35.88 5.52
N GLY FA 276 2.14 34.99 4.87
CA GLY FA 276 0.83 35.31 4.34
C GLY FA 276 0.80 36.36 3.26
N VAL FA 277 1.67 36.25 2.27
CA VAL FA 277 1.71 37.22 1.19
C VAL FA 277 0.47 37.05 0.32
N VAL FA 278 -0.25 38.15 0.08
CA VAL FA 278 -1.48 38.15 -0.71
C VAL FA 278 -1.28 39.05 -1.91
N THR FA 279 -1.62 38.54 -3.09
CA THR FA 279 -1.61 39.41 -4.26
C THR FA 279 -2.87 40.26 -4.27
N ALA FA 280 -2.83 41.33 -5.07
CA ALA FA 280 -3.94 42.28 -5.07
C ALA FA 280 -5.20 41.71 -5.71
N GLU FA 281 -5.04 40.98 -6.81
CA GLU FA 281 -6.21 40.42 -7.49
C GLU FA 281 -6.83 39.30 -6.66
N ASP FA 282 -6.02 38.49 -5.98
CA ASP FA 282 -6.57 37.48 -5.10
C ASP FA 282 -7.22 38.11 -3.87
N ALA FA 283 -6.70 39.22 -3.39
CA ALA FA 283 -7.34 39.93 -2.29
C ALA FA 283 -8.70 40.48 -2.72
N LEU FA 284 -8.80 40.96 -3.95
CA LEU FA 284 -10.07 41.47 -4.44
C LEU FA 284 -11.07 40.34 -4.69
N ASN FA 285 -10.61 39.21 -5.23
CA ASN FA 285 -11.52 38.12 -5.54
C ASN FA 285 -12.03 37.41 -4.29
N TYR FA 286 -11.22 37.36 -3.24
CA TYR FA 286 -11.63 36.65 -2.03
C TYR FA 286 -12.50 37.50 -1.11
N GLY FA 287 -12.80 38.73 -1.49
CA GLY FA 287 -13.68 39.56 -0.70
C GLY FA 287 -13.03 40.26 0.46
N PHE FA 288 -11.71 40.42 0.43
CA PHE FA 288 -11.01 41.10 1.51
C PHE FA 288 -11.31 42.59 1.48
N SER FA 289 -11.13 43.23 2.63
CA SER FA 289 -11.39 44.66 2.74
C SER FA 289 -10.54 45.24 3.85
N GLY FA 290 -10.32 46.55 3.76
CA GLY FA 290 -9.64 47.25 4.83
C GLY FA 290 -8.15 47.08 4.77
N VAL FA 291 -7.56 46.69 5.90
CA VAL FA 291 -6.11 46.58 6.01
C VAL FA 291 -5.59 45.44 5.15
N MET FA 292 -6.38 44.40 4.94
CA MET FA 292 -5.97 43.30 4.07
C MET FA 292 -5.87 43.73 2.62
N LEU FA 293 -6.75 44.64 2.19
CA LEU FA 293 -6.60 45.22 0.85
C LEU FA 293 -5.45 46.22 0.80
N ARG FA 294 -5.28 47.01 1.86
CA ARG FA 294 -4.31 48.08 1.84
C ARG FA 294 -2.87 47.56 1.94
N GLY FA 295 -2.68 46.40 2.56
CA GLY FA 295 -1.35 45.84 2.68
C GLY FA 295 -0.77 45.34 1.39
N SER FA 296 -1.62 45.03 0.41
CA SER FA 296 -1.18 44.59 -0.90
C SER FA 296 -0.95 45.75 -1.88
N GLY FA 297 -1.20 46.98 -1.44
CA GLY FA 297 -1.01 48.13 -2.29
C GLY FA 297 -2.26 48.70 -2.91
N ILE FA 298 -3.43 48.10 -2.68
CA ILE FA 298 -4.66 48.61 -3.25
C ILE FA 298 -5.07 49.86 -2.48
N GLN FA 299 -5.18 50.98 -3.18
CA GLN FA 299 -5.54 52.26 -2.56
C GLN FA 299 -7.05 52.34 -2.49
N TRP FA 300 -7.60 51.85 -1.38
CA TRP FA 300 -9.03 51.87 -1.14
C TRP FA 300 -9.30 52.17 0.32
N ASP FA 301 -10.26 53.07 0.55
CA ASP FA 301 -10.68 53.44 1.89
C ASP FA 301 -12.08 54.00 1.80
N LEU FA 302 -13.01 53.46 2.59
CA LEU FA 302 -14.39 53.91 2.51
C LEU FA 302 -14.59 55.29 3.11
N ARG FA 303 -13.70 55.73 4.00
CA ARG FA 303 -13.79 57.09 4.52
C ARG FA 303 -13.29 58.12 3.52
N LYS FA 304 -12.56 57.69 2.50
CA LYS FA 304 -12.04 58.57 1.47
C LYS FA 304 -12.80 58.49 0.16
N THR FA 305 -13.31 57.31 -0.19
CA THR FA 305 -13.97 57.09 -1.48
C THR FA 305 -15.49 57.25 -1.41
N GLN FA 306 -16.12 56.74 -0.37
CA GLN FA 306 -17.57 56.87 -0.17
C GLN FA 306 -17.83 57.40 1.23
N PRO FA 307 -17.55 58.68 1.47
CA PRO FA 307 -17.50 59.19 2.84
C PRO FA 307 -18.88 59.29 3.48
N TYR FA 308 -18.86 59.32 4.80
CA TYR FA 308 -20.05 59.51 5.62
C TYR FA 308 -19.76 60.72 6.50
N ASP FA 309 -20.56 60.88 7.56
CA ASP FA 309 -21.10 62.16 8.03
C ASP FA 309 -20.24 63.41 7.86
N VAL FA 310 -19.09 63.49 8.50
CA VAL FA 310 -18.22 64.65 8.29
C VAL FA 310 -16.80 64.17 8.04
N TYR FA 311 -16.66 62.95 7.53
CA TYR FA 311 -15.33 62.42 7.23
C TYR FA 311 -14.68 63.07 6.03
N ASP FA 312 -15.44 63.82 5.22
CA ASP FA 312 -14.87 64.59 4.12
C ASP FA 312 -14.39 65.97 4.56
N GLN FA 313 -14.67 66.39 5.78
CA GLN FA 313 -14.19 67.66 6.30
C GLN FA 313 -12.91 67.53 7.11
N VAL FA 314 -12.40 66.32 7.30
CA VAL FA 314 -11.18 66.10 8.08
C VAL FA 314 -10.10 65.61 7.13
N GLU FA 315 -8.86 65.95 7.46
CA GLU FA 315 -7.70 65.63 6.64
C GLU FA 315 -6.88 64.54 7.32
N PHE FA 316 -6.58 63.49 6.59
CA PHE FA 316 -5.75 62.41 7.10
C PHE FA 316 -5.17 61.64 5.93
N ASP FA 317 -4.14 60.85 6.22
CA ASP FA 317 -3.49 59.99 5.24
C ASP FA 317 -3.94 58.55 5.41
N VAL FA 318 -3.66 57.73 4.41
CA VAL FA 318 -4.04 56.34 4.38
C VAL FA 318 -2.78 55.50 4.19
N PRO FA 319 -2.40 54.66 5.15
CA PRO FA 319 -1.20 53.84 4.96
C PRO FA 319 -1.40 52.78 3.89
N ILE FA 320 -0.41 52.64 3.02
CA ILE FA 320 -0.45 51.71 1.90
C ILE FA 320 0.78 50.80 1.98
N GLY FA 321 0.54 49.50 2.08
CA GLY FA 321 1.63 48.55 2.12
C GLY FA 321 2.23 48.30 0.74
N SER FA 322 3.24 47.44 0.71
CA SER FA 322 3.94 47.14 -0.53
C SER FA 322 4.19 45.66 -0.78
N ARG FA 323 4.15 44.81 0.24
CA ARG FA 323 4.48 43.40 0.07
C ARG FA 323 3.38 42.44 0.47
N GLY FA 324 2.31 42.89 1.11
CA GLY FA 324 1.22 42.01 1.45
C GLY FA 324 1.46 41.07 2.60
N ASP FA 325 2.54 41.25 3.35
CA ASP FA 325 2.88 40.36 4.45
C ASP FA 325 2.19 40.81 5.74
N CYS FA 326 2.51 40.13 6.84
CA CYS FA 326 1.99 40.54 8.14
C CYS FA 326 2.69 41.78 8.68
N TYR FA 327 3.97 41.95 8.35
CA TYR FA 327 4.71 43.12 8.82
C TYR FA 327 4.14 44.41 8.25
N ASP FA 328 3.79 44.42 6.96
CA ASP FA 328 3.21 45.60 6.35
C ASP FA 328 1.82 45.89 6.92
N ARG FA 329 1.05 44.85 7.23
CA ARG FA 329 -0.26 45.07 7.83
C ARG FA 329 -0.14 45.61 9.25
N TYR FA 330 0.86 45.15 10.01
CA TYR FA 330 1.10 45.69 11.34
C TYR FA 330 1.52 47.15 11.27
N LEU FA 331 2.38 47.49 10.31
CA LEU FA 331 2.77 48.88 10.11
C LEU FA 331 1.58 49.74 9.70
N CYS FA 332 0.68 49.17 8.88
CA CYS FA 332 -0.53 49.89 8.49
C CYS FA 332 -1.42 50.16 9.68
N ARG FA 333 -1.54 49.19 10.60
CA ARG FA 333 -2.36 49.41 11.79
C ARG FA 333 -1.76 50.47 12.70
N VAL FA 334 -0.43 50.48 12.85
CA VAL FA 334 0.21 51.50 13.67
C VAL FA 334 0.01 52.89 13.05
N GLU FA 335 0.18 52.99 11.74
CA GLU FA 335 -0.05 54.29 11.09
C GLU FA 335 -1.52 54.69 11.14
N GLU FA 336 -2.44 53.73 11.14
CA GLU FA 336 -3.85 54.06 11.30
C GLU FA 336 -4.15 54.58 12.70
N MET FA 337 -3.43 54.08 13.71
CA MET FA 337 -3.51 54.67 15.05
C MET FA 337 -3.10 56.14 15.03
N ARG FA 338 -1.97 56.42 14.35
CA ARG FA 338 -1.49 57.81 14.28
C ARG FA 338 -2.49 58.72 13.56
N GLN FA 339 -3.05 58.24 12.45
CA GLN FA 339 -4.02 59.05 11.71
C GLN FA 339 -5.32 59.21 12.48
N SER FA 340 -5.69 58.22 13.29
CA SER FA 340 -6.85 58.37 14.16
C SER FA 340 -6.62 59.45 15.20
N ILE FA 341 -5.41 59.53 15.75
CA ILE FA 341 -5.07 60.62 16.67
C ILE FA 341 -5.19 61.97 15.98
N ARG FA 342 -4.73 62.04 14.73
CA ARG FA 342 -4.83 63.28 13.95
C ARG FA 342 -6.29 63.70 13.76
N ILE FA 343 -7.15 62.76 13.36
CA ILE FA 343 -8.57 63.05 13.18
C ILE FA 343 -9.23 63.42 14.50
N ILE FA 344 -8.79 62.81 15.60
CA ILE FA 344 -9.33 63.13 16.93
C ILE FA 344 -9.03 64.58 17.29
N SER FA 345 -7.80 65.04 17.03
CA SER FA 345 -7.46 66.43 17.30
C SER FA 345 -8.27 67.38 16.42
N GLN FA 346 -8.47 67.02 15.15
CA GLN FA 346 -9.27 67.87 14.26
C GLN FA 346 -10.73 67.91 14.69
N CYS FA 347 -11.27 66.80 15.18
CA CYS FA 347 -12.65 66.77 15.66
C CYS FA 347 -12.81 67.56 16.95
N LEU FA 348 -11.79 67.54 17.81
CA LEU FA 348 -11.82 68.36 19.01
C LEU FA 348 -11.83 69.84 18.66
N ASN FA 349 -11.03 70.25 17.67
CA ASN FA 349 -10.93 71.67 17.37
C ASN FA 349 -12.10 72.21 16.57
N LYS FA 350 -12.99 71.35 16.04
CA LYS FA 350 -14.05 71.79 15.14
C LYS FA 350 -15.42 71.36 15.62
N MET FA 351 -15.62 71.19 16.92
CA MET FA 351 -16.92 70.77 17.42
C MET FA 351 -17.90 71.92 17.35
N PRO FA 352 -19.03 71.78 16.68
CA PRO FA 352 -19.99 72.88 16.58
C PRO FA 352 -21.02 72.82 17.69
N PRO FA 353 -21.69 73.93 17.96
CA PRO FA 353 -22.82 73.88 18.89
C PRO FA 353 -24.07 73.34 18.21
N GLY FA 354 -25.09 73.10 19.01
CA GLY FA 354 -26.38 72.67 18.51
C GLY FA 354 -26.91 71.46 19.23
N GLU FA 355 -28.05 70.98 18.76
CA GLU FA 355 -28.70 69.83 19.36
C GLU FA 355 -28.04 68.54 18.89
N ILE FA 356 -28.48 67.44 19.48
CA ILE FA 356 -27.84 66.14 19.26
C ILE FA 356 -28.74 65.14 18.56
N LYS FA 357 -30.05 65.24 18.65
CA LYS FA 357 -30.95 64.37 17.93
C LYS FA 357 -31.59 65.14 16.78
N VAL FA 358 -32.12 64.39 15.82
CA VAL FA 358 -32.88 65.03 14.77
C VAL FA 358 -34.18 65.58 15.37
N ASP FA 359 -34.64 66.70 14.83
CA ASP FA 359 -35.81 67.36 15.40
C ASP FA 359 -37.13 66.77 14.90
N ASP FA 360 -37.08 65.77 14.03
CA ASP FA 360 -38.26 65.01 13.67
C ASP FA 360 -38.66 64.17 14.88
N ALA FA 361 -39.63 64.66 15.65
CA ALA FA 361 -40.02 63.98 16.89
C ALA FA 361 -40.84 62.73 16.66
N LYS FA 362 -41.19 62.43 15.41
CA LYS FA 362 -41.76 61.14 15.06
C LYS FA 362 -40.68 60.10 14.78
N VAL FA 363 -39.40 60.47 14.89
CA VAL FA 363 -38.29 59.55 14.80
C VAL FA 363 -37.47 59.54 16.09
N SER FA 364 -37.02 60.71 16.52
CA SER FA 364 -36.27 60.79 17.77
C SER FA 364 -37.20 61.20 18.91
N PRO FA 365 -37.05 60.58 20.09
CA PRO FA 365 -37.92 60.93 21.21
C PRO FA 365 -37.63 62.33 21.70
N PRO FA 366 -38.63 63.02 22.24
CA PRO FA 366 -38.42 64.39 22.73
C PRO FA 366 -37.70 64.39 24.06
N LYS FA 367 -37.40 65.60 24.54
CA LYS FA 367 -36.75 65.76 25.84
C LYS FA 367 -37.71 65.39 26.95
N ARG FA 368 -37.15 65.00 28.09
CA ARG FA 368 -37.96 64.64 29.24
C ARG FA 368 -38.65 65.83 29.86
N ALA FA 369 -38.12 67.04 29.66
CA ALA FA 369 -38.77 68.23 30.21
C ALA FA 369 -40.02 68.59 29.42
N GLU FA 370 -39.95 68.50 28.09
CA GLU FA 370 -41.10 68.79 27.25
C GLU FA 370 -42.06 67.63 27.13
N MET FA 371 -41.63 66.42 27.50
CA MET FA 371 -42.54 65.27 27.50
C MET FA 371 -43.55 65.37 28.63
N LYS FA 372 -43.16 65.92 29.77
CA LYS FA 372 -44.02 66.03 30.93
C LYS FA 372 -44.85 67.32 30.92
N THR FA 373 -44.80 68.09 29.86
CA THR FA 373 -45.55 69.33 29.73
C THR FA 373 -46.44 69.38 28.50
N SER FA 374 -45.97 68.89 27.37
CA SER FA 374 -46.71 68.97 26.11
C SER FA 374 -47.45 67.66 25.84
N MET FA 375 -48.63 67.78 25.23
CA MET FA 375 -49.42 66.59 24.91
C MET FA 375 -48.84 65.84 23.72
N GLU FA 376 -48.42 66.56 22.69
CA GLU FA 376 -47.85 65.94 21.50
C GLU FA 376 -46.56 65.19 21.84
N SER FA 377 -45.73 65.79 22.70
CA SER FA 377 -44.49 65.14 23.10
C SER FA 377 -44.76 63.89 23.92
N LEU FA 378 -45.78 63.91 24.78
CA LEU FA 378 -46.12 62.73 25.56
C LEU FA 378 -46.63 61.60 24.66
N ILE FA 379 -47.49 61.94 23.70
CA ILE FA 379 -47.99 60.94 22.76
C ILE FA 379 -46.85 60.36 21.94
N HIS FA 380 -45.93 61.21 21.48
CA HIS FA 380 -44.81 60.74 20.68
C HIS FA 380 -43.86 59.88 21.50
N HIS FA 381 -43.64 60.22 22.77
CA HIS FA 381 -42.81 59.41 23.65
C HIS FA 381 -43.43 58.03 23.86
N PHE FA 382 -44.74 58.00 24.12
CA PHE FA 382 -45.46 56.74 24.30
C PHE FA 382 -45.34 55.86 23.06
N LYS FA 383 -45.62 56.42 21.88
CA LYS FA 383 -45.62 55.60 20.68
C LYS FA 383 -44.21 55.22 20.24
N LEU FA 384 -43.21 56.06 20.51
CA LEU FA 384 -41.85 55.73 20.12
C LEU FA 384 -41.23 54.71 21.05
N TYR FA 385 -41.65 54.66 22.31
CA TYR FA 385 -41.11 53.67 23.23
C TYR FA 385 -42.00 52.45 23.39
N THR FA 386 -43.14 52.38 22.70
CA THR FA 386 -43.91 51.14 22.65
C THR FA 386 -43.90 50.52 21.25
N GLU FA 387 -44.34 51.26 20.24
CA GLU FA 387 -44.40 50.75 18.88
C GLU FA 387 -43.14 51.05 18.09
N GLY FA 388 -42.59 52.24 18.24
CA GLY FA 388 -41.43 52.66 17.48
C GLY FA 388 -41.81 53.28 16.15
N TYR FA 389 -40.84 53.93 15.54
CA TYR FA 389 -41.08 54.60 14.28
C TYR FA 389 -41.21 53.60 13.15
N GLN FA 390 -42.06 53.93 12.18
CA GLN FA 390 -42.23 53.13 10.98
C GLN FA 390 -41.20 53.54 9.95
N VAL FA 391 -40.57 52.54 9.33
CA VAL FA 391 -39.58 52.78 8.27
C VAL FA 391 -40.29 52.53 6.95
N PRO FA 392 -40.11 53.38 5.93
CA PRO FA 392 -40.75 53.14 4.65
C PRO FA 392 -40.22 51.88 4.01
N PRO FA 393 -41.05 51.19 3.22
CA PRO FA 393 -40.62 49.91 2.63
C PRO FA 393 -39.44 50.07 1.68
N GLY FA 394 -38.57 49.08 1.68
CA GLY FA 394 -37.41 49.10 0.81
C GLY FA 394 -36.26 48.33 1.42
N ALA FA 395 -35.26 48.09 0.58
CA ALA FA 395 -34.05 47.39 0.97
C ALA FA 395 -32.85 48.28 0.68
N THR FA 396 -31.91 48.31 1.62
CA THR FA 396 -30.70 49.11 1.46
C THR FA 396 -29.50 48.30 1.88
N TYR FA 397 -28.35 48.65 1.31
CA TYR FA 397 -27.07 48.10 1.73
C TYR FA 397 -26.17 49.28 2.09
N THR FA 398 -25.81 49.39 3.36
CA THR FA 398 -24.99 50.50 3.84
C THR FA 398 -23.73 49.92 4.47
N ALA FA 399 -22.57 50.34 3.97
CA ALA FA 399 -21.29 49.82 4.42
C ALA FA 399 -20.39 50.96 4.85
N ILE FA 400 -19.69 50.76 5.98
CA ILE FA 400 -18.76 51.74 6.52
C ILE FA 400 -17.39 51.10 6.67
N GLU FA 401 -16.39 51.95 6.97
CA GLU FA 401 -15.02 51.49 7.20
C GLU FA 401 -14.82 51.30 8.70
N ALA FA 402 -15.25 50.13 9.17
CA ALA FA 402 -14.93 49.71 10.53
C ALA FA 402 -13.44 49.38 10.61
N PRO FA 403 -12.86 49.37 11.82
CA PRO FA 403 -11.42 49.08 11.92
C PRO FA 403 -11.02 47.70 11.44
N LYS FA 404 -11.94 46.75 11.36
CA LYS FA 404 -11.63 45.45 10.79
C LYS FA 404 -11.89 45.36 9.30
N GLY FA 405 -12.49 46.39 8.70
CA GLY FA 405 -12.73 46.38 7.27
C GLY FA 405 -14.07 46.96 6.89
N GLU FA 406 -14.62 46.51 5.75
CA GLU FA 406 -15.92 47.00 5.30
C GLU FA 406 -17.01 46.29 6.08
N PHE FA 407 -17.68 47.02 6.97
CA PHE FA 407 -18.78 46.48 7.76
C PHE FA 407 -20.09 46.94 7.13
N GLY FA 408 -20.90 45.99 6.70
CA GLY FA 408 -22.11 46.29 5.95
C GLY FA 408 -23.36 45.78 6.63
N VAL FA 409 -24.45 46.50 6.44
CA VAL FA 409 -25.78 46.07 6.85
C VAL FA 409 -26.67 46.06 5.61
N TYR FA 410 -27.30 44.93 5.35
CA TYR FA 410 -28.34 44.82 4.33
C TYR FA 410 -29.68 44.76 5.06
N LEU FA 411 -30.43 45.86 5.00
CA LEU FA 411 -31.65 46.03 5.77
C LEU FA 411 -32.85 46.03 4.84
N VAL FA 412 -33.79 45.12 5.09
CA VAL FA 412 -35.01 44.99 4.32
C VAL FA 412 -36.17 45.28 5.24
N SER FA 413 -36.94 46.33 4.92
CA SER FA 413 -38.08 46.74 5.71
C SER FA 413 -39.34 46.67 4.88
N ASP FA 414 -40.41 46.14 5.48
CA ASP FA 414 -41.68 45.93 4.80
C ASP FA 414 -42.69 47.03 5.11
N GLY FA 415 -42.27 48.10 5.75
CA GLY FA 415 -43.15 49.21 6.07
C GLY FA 415 -43.61 49.26 7.51
N SER FA 416 -43.41 48.20 8.28
CA SER FA 416 -43.81 48.16 9.68
C SER FA 416 -42.70 48.74 10.54
N SER FA 417 -42.83 48.60 11.85
CA SER FA 417 -41.83 49.12 12.78
C SER FA 417 -40.76 48.10 13.13
N ARG FA 418 -40.78 46.92 12.50
CA ARG FA 418 -39.77 45.89 12.72
C ARG FA 418 -39.18 45.48 11.39
N PRO FA 419 -37.88 45.19 11.34
CA PRO FA 419 -37.25 44.84 10.05
C PRO FA 419 -37.69 43.48 9.57
N TYR FA 420 -37.85 43.36 8.25
CA TYR FA 420 -38.12 42.06 7.67
C TYR FA 420 -36.86 41.21 7.57
N ARG FA 421 -35.72 41.83 7.25
CA ARG FA 421 -34.48 41.08 7.13
C ARG FA 421 -33.33 42.00 7.50
N CYS FA 422 -32.33 41.45 8.18
CA CYS FA 422 -31.14 42.22 8.53
C CYS FA 422 -29.93 41.31 8.36
N LYS FA 423 -29.26 41.40 7.22
CA LYS FA 423 -28.02 40.67 6.99
C LYS FA 423 -26.85 41.53 7.43
N ILE FA 424 -25.91 40.93 8.16
CA ILE FA 424 -24.72 41.63 8.62
C ILE FA 424 -23.54 41.09 7.84
N LYS FA 425 -22.91 41.93 7.03
CA LYS FA 425 -21.70 41.57 6.32
C LYS FA 425 -20.51 41.99 7.16
N ALA FA 426 -19.71 41.02 7.58
CA ALA FA 426 -18.54 41.22 8.42
C ALA FA 426 -17.28 40.85 7.65
N PRO FA 427 -16.18 41.59 7.86
CA PRO FA 427 -14.95 41.28 7.11
C PRO FA 427 -14.25 40.03 7.61
N GLY FA 428 -14.46 39.67 8.88
CA GLY FA 428 -13.84 38.47 9.42
C GLY FA 428 -14.29 37.21 8.74
N PHE FA 429 -15.52 37.20 8.21
CA PHE FA 429 -16.03 36.09 7.43
C PHE FA 429 -15.16 35.83 6.20
N ALA FA 430 -14.93 36.87 5.40
CA ALA FA 430 -14.12 36.73 4.20
C ALA FA 430 -12.67 36.44 4.51
N HIS FA 431 -12.14 37.05 5.59
CA HIS FA 431 -10.74 36.81 5.95
C HIS FA 431 -10.53 35.38 6.42
N LEU FA 432 -11.45 34.85 7.24
CA LEU FA 432 -11.35 33.45 7.64
C LEU FA 432 -11.57 32.51 6.48
N ALA FA 433 -12.37 32.91 5.49
CA ALA FA 433 -12.50 32.12 4.27
C ALA FA 433 -11.17 32.07 3.52
N GLY FA 434 -10.46 33.19 3.46
CA GLY FA 434 -9.18 33.23 2.77
C GLY FA 434 -8.01 32.67 3.55
N LEU FA 435 -8.23 32.34 4.83
CA LEU FA 435 -7.18 31.76 5.69
C LEU FA 435 -6.56 30.50 5.09
N ASP FA 436 -7.34 29.70 4.35
CA ASP FA 436 -6.77 28.52 3.70
C ASP FA 436 -5.74 28.90 2.65
N LYS FA 437 -6.01 29.93 1.86
CA LYS FA 437 -5.02 30.38 0.89
C LYS FA 437 -3.84 31.06 1.56
N MET FA 438 -4.07 31.75 2.67
CA MET FA 438 -2.98 32.42 3.38
C MET FA 438 -1.95 31.42 3.90
N SER FA 439 -2.40 30.33 4.50
CA SER FA 439 -1.54 29.46 5.30
C SER FA 439 -1.08 28.24 4.53
N LYS FA 440 -0.79 28.39 3.24
CA LYS FA 440 -0.39 27.26 2.40
C LYS FA 440 1.11 27.30 2.21
N GLY FA 441 1.78 26.22 2.62
CA GLY FA 441 3.23 26.19 2.59
C GLY FA 441 3.91 26.88 3.74
N HIS FA 442 3.26 26.94 4.89
CA HIS FA 442 3.79 27.59 6.09
C HIS FA 442 3.80 26.61 7.25
N MET FA 443 4.27 27.08 8.40
CA MET FA 443 4.36 26.26 9.59
C MET FA 443 3.15 26.49 10.49
N LEU FA 444 3.12 25.79 11.61
CA LEU FA 444 2.02 25.92 12.57
C LEU FA 444 2.06 27.29 13.26
N ALA FA 445 3.25 27.74 13.65
CA ALA FA 445 3.39 29.06 14.23
C ALA FA 445 3.09 30.15 13.22
N ASP FA 446 3.44 29.94 11.96
CA ASP FA 446 3.02 30.86 10.92
C ASP FA 446 1.51 30.86 10.75
N VAL FA 447 0.86 29.73 10.99
CA VAL FA 447 -0.61 29.68 10.95
C VAL FA 447 -1.20 30.54 12.04
N VAL FA 448 -0.65 30.46 13.26
CA VAL FA 448 -1.21 31.29 14.34
C VAL FA 448 -0.89 32.77 14.11
N ALA FA 449 0.25 33.08 13.47
CA ALA FA 449 0.54 34.48 13.13
C ALA FA 449 -0.39 34.99 12.04
N ILE FA 450 -0.75 34.13 11.08
CA ILE FA 450 -1.68 34.51 10.03
C ILE FA 450 -3.07 34.73 10.61
N ILE FA 451 -3.48 33.89 11.57
CA ILE FA 451 -4.75 34.10 12.26
C ILE FA 451 -4.74 35.42 13.01
N GLY FA 452 -3.60 35.75 13.64
CA GLY FA 452 -3.49 37.02 14.34
C GLY FA 452 -3.55 38.23 13.42
N THR FA 453 -2.90 38.15 12.25
CA THR FA 453 -2.82 39.33 11.39
C THR FA 453 -4.12 39.66 10.69
N GLN FA 454 -5.08 38.73 10.69
CA GLN FA 454 -6.45 39.05 10.34
C GLN FA 454 -7.18 39.41 11.62
N ASP FA 455 -7.77 40.59 11.67
CA ASP FA 455 -8.51 40.98 12.87
C ASP FA 455 -9.79 40.17 12.94
N ILE FA 456 -9.74 39.04 13.64
CA ILE FA 456 -10.84 38.09 13.69
C ILE FA 456 -11.46 38.15 15.07
N VAL FA 457 -12.70 38.61 15.14
CA VAL FA 457 -13.54 38.47 16.32
C VAL FA 457 -14.69 37.56 15.91
N PHE FA 458 -14.86 36.46 16.62
CA PHE FA 458 -15.79 35.43 16.16
C PHE FA 458 -17.24 35.78 16.45
N GLY FA 459 -17.49 36.83 17.24
CA GLY FA 459 -18.84 37.35 17.35
C GLY FA 459 -19.35 37.89 16.03
N GLU FA 460 -18.48 38.57 15.28
CA GLU FA 460 -18.86 39.03 13.95
C GLU FA 460 -18.78 37.93 12.91
N VAL FA 461 -18.03 36.86 13.17
CA VAL FA 461 -17.88 35.80 12.19
C VAL FA 461 -19.09 34.87 12.22
N ASP FA 462 -19.40 34.33 13.40
CA ASP FA 462 -20.53 33.41 13.51
C ASP FA 462 -21.86 34.15 13.55
N ARG FA 463 -21.90 35.33 14.15
CA ARG FA 463 -23.10 36.16 14.31
C ARG FA 463 -24.25 35.43 15.01
N THR GA 1 -37.11 72.06 3.95
CA THR GA 1 -36.67 70.68 4.07
C THR GA 1 -35.16 70.60 4.24
N ARG GA 2 -34.55 71.68 4.67
CA ARG GA 2 -33.10 71.71 4.76
C ARG GA 2 -32.53 70.92 5.95
N PRO GA 3 -32.87 71.23 7.23
CA PRO GA 3 -32.06 70.67 8.32
C PRO GA 3 -32.30 69.19 8.61
N THR GA 4 -33.56 68.75 8.61
CA THR GA 4 -33.91 67.44 9.12
C THR GA 4 -34.28 66.43 8.03
N VAL GA 5 -34.07 66.76 6.76
CA VAL GA 5 -34.40 65.87 5.66
C VAL GA 5 -33.12 65.53 4.91
N ARG GA 6 -32.98 64.25 4.55
CA ARG GA 6 -31.78 63.79 3.86
C ARG GA 6 -31.71 64.40 2.46
N PRO GA 7 -30.60 65.05 2.09
CA PRO GA 7 -30.51 65.65 0.76
C PRO GA 7 -30.48 64.60 -0.33
N ARG GA 8 -31.03 64.96 -1.47
CA ARG GA 8 -31.21 64.02 -2.57
C ARG GA 8 -30.08 64.17 -3.59
N ASN GA 9 -29.58 63.04 -4.08
CA ASN GA 9 -28.58 63.01 -5.12
C ASN GA 9 -29.26 62.69 -6.44
N ASP GA 10 -29.07 63.54 -7.44
CA ASP GA 10 -29.70 63.36 -8.73
C ASP GA 10 -28.74 62.99 -9.84
N VAL GA 11 -27.48 63.44 -9.76
CA VAL GA 11 -26.47 63.04 -10.73
C VAL GA 11 -26.20 61.55 -10.63
N ALA GA 12 -26.09 61.04 -9.40
CA ALA GA 12 -25.90 59.60 -9.20
C ALA GA 12 -27.13 58.81 -9.67
N HIS GA 13 -28.33 59.37 -9.45
CA HIS GA 13 -29.54 58.72 -9.92
C HIS GA 13 -29.57 58.62 -11.44
N LYS GA 14 -29.18 59.70 -12.13
CA LYS GA 14 -29.13 59.69 -13.59
C LYS GA 14 -28.09 58.71 -14.11
N GLN GA 15 -26.91 58.69 -13.48
CA GLN GA 15 -25.86 57.77 -13.91
C GLN GA 15 -26.26 56.32 -13.68
N LEU GA 16 -26.91 56.02 -12.55
CA LEU GA 16 -27.31 54.65 -12.27
C LEU GA 16 -28.46 54.22 -13.18
N SER GA 17 -29.36 55.13 -13.53
CA SER GA 17 -30.40 54.80 -14.51
C SER GA 17 -29.81 54.51 -15.87
N ALA GA 18 -28.82 55.31 -16.30
CA ALA GA 18 -28.18 55.07 -17.59
C ALA GA 18 -27.42 53.75 -17.61
N PHE GA 19 -26.73 53.42 -16.51
CA PHE GA 19 -26.03 52.13 -16.47
C PHE GA 19 -26.98 50.95 -16.37
N GLY GA 20 -28.13 51.13 -15.71
CA GLY GA 20 -29.13 50.08 -15.70
C GLY GA 20 -29.70 49.82 -17.09
N GLU GA 21 -29.96 50.89 -17.85
CA GLU GA 21 -30.35 50.73 -19.25
C GLU GA 21 -29.27 50.01 -20.05
N TYR GA 22 -28.01 50.38 -19.81
CA TYR GA 22 -26.88 49.77 -20.51
C TYR GA 22 -26.81 48.27 -20.26
N VAL GA 23 -26.93 47.86 -18.99
CA VAL GA 23 -26.86 46.44 -18.65
C VAL GA 23 -28.06 45.68 -19.19
N ALA GA 24 -29.27 46.22 -19.00
CA ALA GA 24 -30.48 45.54 -19.45
C ALA GA 24 -30.56 45.45 -20.97
N GLU GA 25 -29.86 46.31 -21.69
CA GLU GA 25 -29.81 46.24 -23.13
C GLU GA 25 -28.71 45.31 -23.63
N ILE GA 26 -27.59 45.21 -22.91
CA ILE GA 26 -26.53 44.28 -23.30
C ILE GA 26 -26.98 42.83 -23.06
N LEU GA 27 -27.68 42.57 -21.96
CA LEU GA 27 -28.11 41.22 -21.59
C LEU GA 27 -29.63 41.16 -21.51
N PRO GA 28 -30.34 41.06 -22.65
CA PRO GA 28 -31.78 40.90 -22.59
C PRO GA 28 -32.22 39.47 -22.33
N LYS GA 29 -31.31 38.50 -22.38
CA LYS GA 29 -31.70 37.10 -22.25
C LYS GA 29 -32.05 36.73 -20.82
N TYR GA 30 -31.49 37.44 -19.84
CA TYR GA 30 -31.70 37.09 -18.44
C TYR GA 30 -32.29 38.21 -17.60
N VAL GA 31 -32.09 39.47 -17.98
CA VAL GA 31 -32.53 40.58 -17.16
C VAL GA 31 -34.04 40.73 -17.27
N GLN GA 32 -34.73 40.72 -16.13
CA GLN GA 32 -36.17 40.86 -16.07
C GLN GA 32 -36.63 42.21 -15.57
N GLN GA 33 -35.89 42.83 -14.66
CA GLN GA 33 -36.27 44.14 -14.13
C GLN GA 33 -35.02 44.92 -13.78
N VAL GA 34 -35.10 46.24 -13.91
CA VAL GA 34 -34.05 47.14 -13.48
C VAL GA 34 -34.71 48.30 -12.75
N GLN GA 35 -34.29 48.57 -11.53
CA GLN GA 35 -34.86 49.70 -10.79
C GLN GA 35 -33.77 50.44 -10.04
N VAL GA 36 -34.03 51.72 -9.79
CA VAL GA 36 -33.13 52.58 -9.03
C VAL GA 36 -33.94 53.18 -7.89
N SER GA 37 -33.45 53.03 -6.66
CA SER GA 37 -34.22 53.41 -5.49
C SER GA 37 -34.18 54.93 -5.27
N CYS GA 38 -34.84 55.37 -4.20
CA CYS GA 38 -34.84 56.78 -3.85
C CYS GA 38 -33.46 57.25 -3.42
N PHE GA 39 -32.74 56.42 -2.66
CA PHE GA 39 -31.39 56.75 -2.19
C PHE GA 39 -30.30 56.28 -3.13
N SER GA 40 -30.61 56.18 -4.43
CA SER GA 40 -29.64 55.94 -5.50
C SER GA 40 -28.92 54.60 -5.35
N GLU GA 41 -29.71 53.52 -5.39
CA GLU GA 41 -29.16 52.18 -5.40
C GLU GA 41 -29.80 51.40 -6.55
N LEU GA 42 -28.95 50.75 -7.36
CA LEU GA 42 -29.38 50.09 -8.58
C LEU GA 42 -29.56 48.60 -8.33
N GLU GA 43 -30.76 48.08 -8.59
CA GLU GA 43 -31.07 46.67 -8.43
C GLU GA 43 -31.48 46.09 -9.77
N ILE GA 44 -30.83 44.99 -10.13
CA ILE GA 44 -31.08 44.30 -11.39
C ILE GA 44 -31.60 42.92 -11.06
N CYS GA 45 -32.87 42.68 -11.35
CA CYS GA 45 -33.52 41.41 -11.09
C CYS GA 45 -33.47 40.57 -12.35
N ILE GA 46 -32.87 39.39 -12.26
CA ILE GA 46 -32.55 38.56 -13.42
C ILE GA 46 -33.16 37.17 -13.24
N HIS GA 47 -33.19 36.41 -14.33
CA HIS GA 47 -33.59 35.02 -14.30
C HIS GA 47 -32.50 34.18 -13.63
N PRO GA 48 -32.89 33.13 -12.89
CA PRO GA 48 -31.88 32.30 -12.21
C PRO GA 48 -30.93 31.56 -13.13
N ASP GA 49 -31.29 31.33 -14.39
CA ASP GA 49 -30.39 30.61 -15.29
C ASP GA 49 -29.20 31.45 -15.71
N GLY GA 50 -29.31 32.77 -15.62
CA GLY GA 50 -28.22 33.63 -16.05
C GLY GA 50 -27.43 34.24 -14.93
N VAL GA 51 -27.24 33.48 -13.84
CA VAL GA 51 -26.45 33.98 -12.72
C VAL GA 51 -24.98 34.06 -13.10
N ILE GA 52 -24.45 32.99 -13.70
CA ILE GA 52 -23.05 33.00 -14.14
C ILE GA 52 -22.78 34.02 -15.25
N PRO GA 53 -23.57 34.10 -16.34
CA PRO GA 53 -23.23 35.12 -17.37
C PRO GA 53 -23.33 36.56 -16.91
N VAL GA 54 -24.37 36.90 -16.13
CA VAL GA 54 -24.52 38.28 -15.67
C VAL GA 54 -23.39 38.68 -14.73
N LEU GA 55 -23.04 37.79 -13.80
CA LEU GA 55 -21.97 38.09 -12.86
C LEU GA 55 -20.62 38.14 -13.54
N THR GA 56 -20.38 37.25 -14.51
CA THR GA 56 -19.11 37.28 -15.25
C THR GA 56 -19.00 38.54 -16.10
N PHE GA 57 -20.10 38.97 -16.72
CA PHE GA 57 -20.10 40.23 -17.46
C PHE GA 57 -19.81 41.40 -16.54
N LEU GA 58 -20.46 41.44 -15.38
CA LEU GA 58 -20.25 42.57 -14.47
C LEU GA 58 -18.86 42.55 -13.86
N ARG GA 59 -18.25 41.37 -13.74
CA ARG GA 59 -16.89 41.28 -13.23
C ARG GA 59 -15.86 41.68 -14.28
N ASP GA 60 -16.09 41.32 -15.55
CA ASP GA 60 -15.03 41.39 -16.54
C ASP GA 60 -15.18 42.49 -17.57
N HIS GA 61 -16.33 43.17 -17.65
CA HIS GA 61 -16.48 44.21 -18.66
C HIS GA 61 -15.65 45.43 -18.31
N SER GA 62 -15.15 46.10 -19.36
CA SER GA 62 -14.32 47.29 -19.15
C SER GA 62 -15.14 48.45 -18.60
N ASN GA 63 -16.43 48.48 -18.87
CA ASN GA 63 -17.30 49.52 -18.35
C ASN GA 63 -18.01 49.12 -17.06
N ALA GA 64 -17.74 47.93 -16.53
CA ALA GA 64 -18.33 47.51 -15.26
C ALA GA 64 -17.29 47.33 -14.16
N GLN GA 65 -16.37 46.39 -14.34
CA GLN GA 65 -15.24 46.15 -13.42
C GLN GA 65 -15.68 45.98 -11.96
N PHE GA 66 -16.73 45.19 -11.75
CA PHE GA 66 -17.24 44.94 -10.40
C PHE GA 66 -16.43 43.80 -9.78
N LYS GA 67 -15.23 44.14 -9.33
CA LYS GA 67 -14.28 43.12 -8.91
C LYS GA 67 -14.53 42.59 -7.51
N SER GA 68 -15.29 43.29 -6.68
CA SER GA 68 -15.48 42.88 -5.29
C SER GA 68 -16.89 42.35 -5.09
N LEU GA 69 -17.01 41.21 -4.40
CA LEU GA 69 -18.30 40.70 -3.95
C LEU GA 69 -18.41 41.01 -2.46
N ALA GA 70 -19.28 41.95 -2.11
CA ALA GA 70 -19.38 42.37 -0.72
C ALA GA 70 -20.17 41.35 0.10
N ASP GA 71 -21.39 41.05 -0.31
CA ASP GA 71 -22.28 40.24 0.50
C ASP GA 71 -23.15 39.39 -0.40
N LEU GA 72 -23.44 38.17 0.05
CA LEU GA 72 -24.37 37.27 -0.64
C LEU GA 72 -25.39 36.79 0.36
N THR GA 73 -26.68 37.00 0.06
CA THR GA 73 -27.75 36.80 1.01
C THR GA 73 -28.93 36.10 0.34
N ALA GA 74 -29.70 35.36 1.13
CA ALA GA 74 -31.02 34.90 0.73
C ALA GA 74 -32.05 35.52 1.65
N VAL GA 75 -33.24 35.79 1.11
CA VAL GA 75 -34.36 36.35 1.86
C VAL GA 75 -35.54 35.40 1.69
N ASP GA 76 -36.23 35.11 2.78
CA ASP GA 76 -37.36 34.18 2.77
C ASP GA 76 -38.67 34.97 2.76
N ILE GA 77 -39.39 34.88 1.65
CA ILE GA 77 -40.70 35.49 1.49
C ILE GA 77 -41.71 34.39 1.19
N PRO GA 78 -42.45 33.91 2.19
CA PRO GA 78 -43.25 32.70 2.01
C PRO GA 78 -44.43 32.82 1.07
N THR GA 79 -44.94 34.04 0.81
CA THR GA 79 -46.12 34.15 -0.03
C THR GA 79 -45.80 33.94 -1.51
N ARG GA 80 -44.56 34.11 -1.93
CA ARG GA 80 -44.19 33.84 -3.30
C ARG GA 80 -43.99 32.35 -3.51
N GLN GA 81 -44.28 31.88 -4.72
CA GLN GA 81 -44.08 30.47 -5.02
C GLN GA 81 -42.59 30.14 -5.18
N ASN GA 82 -41.79 31.13 -5.57
CA ASN GA 82 -40.33 31.04 -5.50
C ASN GA 82 -39.95 31.87 -4.27
N ARG GA 83 -39.97 31.24 -3.10
CA ARG GA 83 -39.95 31.97 -1.85
C ARG GA 83 -38.59 32.55 -1.50
N PHE GA 84 -37.51 32.03 -2.10
CA PHE GA 84 -36.16 32.46 -1.75
C PHE GA 84 -35.65 33.46 -2.77
N GLU GA 85 -35.20 34.61 -2.30
CA GLU GA 85 -34.64 35.66 -3.14
C GLU GA 85 -33.15 35.78 -2.81
N ILE GA 86 -32.31 35.46 -3.79
CA ILE GA 86 -30.86 35.44 -3.61
C ILE GA 86 -30.29 36.76 -4.12
N VAL GA 87 -29.53 37.44 -3.26
CA VAL GA 87 -29.10 38.81 -3.49
C VAL GA 87 -27.58 38.85 -3.52
N TYR GA 88 -27.00 39.36 -4.59
CA TYR GA 88 -25.58 39.59 -4.73
C TYR GA 88 -25.31 41.07 -4.65
N ASN GA 89 -24.38 41.47 -3.79
CA ASN GA 89 -23.95 42.86 -3.70
C ASN GA 89 -22.54 42.95 -4.24
N LEU GA 90 -22.34 43.79 -5.25
CA LEU GA 90 -21.04 43.93 -5.90
C LEU GA 90 -20.53 45.35 -5.75
N LEU GA 91 -19.21 45.47 -5.66
CA LEU GA 91 -18.53 46.75 -5.52
C LEU GA 91 -17.48 46.87 -6.62
N SER GA 92 -17.48 48.03 -7.29
CA SER GA 92 -16.55 48.36 -8.36
C SER GA 92 -15.61 49.45 -7.86
N LEU GA 93 -14.34 49.09 -7.68
CA LEU GA 93 -13.32 50.01 -7.22
C LEU GA 93 -12.86 50.96 -8.32
N ARG GA 94 -12.95 50.53 -9.58
CA ARG GA 94 -12.53 51.37 -10.70
C ARG GA 94 -13.45 52.59 -10.84
N PHE GA 95 -14.75 52.38 -10.74
CA PHE GA 95 -15.72 53.44 -10.92
C PHE GA 95 -16.35 53.91 -9.61
N ASN GA 96 -15.95 53.31 -8.48
CA ASN GA 96 -16.44 53.66 -7.15
C ASN GA 96 -17.96 53.54 -7.07
N SER GA 97 -18.45 52.32 -7.33
CA SER GA 97 -19.88 52.12 -7.43
C SER GA 97 -20.27 50.79 -6.77
N ARG GA 98 -21.57 50.61 -6.58
CA ARG GA 98 -22.12 49.38 -6.03
C ARG GA 98 -23.35 48.99 -6.83
N ILE GA 99 -23.55 47.68 -6.97
CA ILE GA 99 -24.69 47.15 -7.70
C ILE GA 99 -25.29 45.98 -6.92
N ARG GA 100 -26.56 45.69 -7.23
CA ARG GA 100 -27.29 44.61 -6.60
C ARG GA 100 -27.92 43.75 -7.68
N VAL GA 101 -27.66 42.45 -7.63
CA VAL GA 101 -28.18 41.49 -8.59
C VAL GA 101 -29.06 40.50 -7.84
N LYS GA 102 -30.32 40.39 -8.22
CA LYS GA 102 -31.27 39.56 -7.50
C LYS GA 102 -31.79 38.45 -8.39
N THR GA 103 -31.95 37.27 -7.82
CA THR GA 103 -32.56 36.13 -8.49
C THR GA 103 -33.48 35.42 -7.51
N TYR GA 104 -34.16 34.39 -7.98
CA TYR GA 104 -35.16 33.70 -7.17
C TYR GA 104 -35.04 32.19 -7.35
N THR GA 105 -35.38 31.46 -6.29
CA THR GA 105 -35.53 30.01 -6.35
C THR GA 105 -36.42 29.55 -5.21
N ASP GA 106 -37.00 28.37 -5.37
CA ASP GA 106 -37.78 27.72 -4.34
C ASP GA 106 -36.94 26.67 -3.62
N GLU GA 107 -37.60 25.83 -2.84
CA GLU GA 107 -36.90 24.85 -2.01
C GLU GA 107 -36.20 23.77 -2.83
N LEU GA 108 -36.84 23.33 -3.92
CA LEU GA 108 -36.35 22.14 -4.62
C LEU GA 108 -35.49 22.46 -5.84
N THR GA 109 -35.47 23.69 -6.31
CA THR GA 109 -34.66 23.99 -7.50
C THR GA 109 -33.27 24.46 -7.08
N PRO GA 110 -32.21 23.85 -7.59
CA PRO GA 110 -30.86 24.31 -7.28
C PRO GA 110 -30.49 25.57 -8.07
N VAL GA 111 -29.51 26.29 -7.54
CA VAL GA 111 -28.96 27.48 -8.17
C VAL GA 111 -27.52 27.18 -8.56
N GLU GA 112 -27.08 27.73 -9.69
CA GLU GA 112 -25.70 27.53 -10.10
C GLU GA 112 -24.77 28.32 -9.19
N SER GA 113 -23.72 27.66 -8.70
CA SER GA 113 -22.79 28.29 -7.77
C SER GA 113 -21.89 29.29 -8.50
N SER GA 114 -21.58 30.39 -7.81
CA SER GA 114 -20.76 31.45 -8.36
C SER GA 114 -19.37 31.48 -7.73
N VAL GA 115 -18.86 30.31 -7.33
CA VAL GA 115 -17.48 30.23 -6.85
C VAL GA 115 -16.50 30.47 -7.99
N SER GA 116 -16.86 30.04 -9.20
CA SER GA 116 -16.00 30.21 -10.36
C SER GA 116 -15.83 31.67 -10.79
N VAL GA 117 -16.63 32.59 -10.25
CA VAL GA 117 -16.47 34.01 -10.51
C VAL GA 117 -15.83 34.68 -9.30
N TYR GA 118 -16.52 34.64 -8.16
CA TYR GA 118 -16.04 35.25 -6.93
C TYR GA 118 -15.77 34.16 -5.90
N LYS GA 119 -14.62 34.26 -5.22
CA LYS GA 119 -14.21 33.21 -4.30
C LYS GA 119 -14.82 33.35 -2.91
N ALA GA 120 -15.42 34.51 -2.58
CA ALA GA 120 -16.12 34.64 -1.31
C ALA GA 120 -17.44 33.89 -1.32
N ALA GA 121 -17.96 33.59 -2.51
CA ALA GA 121 -19.22 32.89 -2.66
C ALA GA 121 -19.18 31.50 -2.06
N ASN GA 122 -18.00 30.91 -1.89
CA ASN GA 122 -17.82 29.60 -1.26
C ASN GA 122 -18.46 29.59 0.13
N TRP GA 123 -17.90 30.36 1.04
CA TRP GA 123 -18.45 30.41 2.39
C TRP GA 123 -19.80 31.10 2.43
N TYR GA 124 -20.04 32.08 1.55
CA TYR GA 124 -21.33 32.79 1.62
C TYR GA 124 -22.50 31.89 1.26
N GLU GA 125 -22.39 31.13 0.17
CA GLU GA 125 -23.51 30.26 -0.17
C GLU GA 125 -23.48 28.94 0.56
N ARG GA 126 -22.36 28.58 1.18
CA ARG GA 126 -22.40 27.52 2.18
C ARG GA 126 -23.26 27.93 3.37
N GLU GA 127 -23.12 29.18 3.83
CA GLU GA 127 -23.99 29.70 4.88
C GLU GA 127 -25.45 29.79 4.40
N ILE GA 128 -25.66 30.17 3.14
CA ILE GA 128 -27.02 30.25 2.61
C ILE GA 128 -27.68 28.88 2.59
N TRP GA 129 -26.94 27.84 2.17
CA TRP GA 129 -27.47 26.48 2.23
C TRP GA 129 -27.76 26.07 3.68
N ASP GA 130 -26.89 26.46 4.60
CA ASP GA 130 -27.08 26.09 6.00
C ASP GA 130 -28.34 26.73 6.59
N MET GA 131 -28.60 27.99 6.25
CA MET GA 131 -29.69 28.72 6.88
C MET GA 131 -31.02 28.67 6.15
N PHE GA 132 -31.02 28.48 4.84
CA PHE GA 132 -32.26 28.49 4.07
C PHE GA 132 -32.52 27.20 3.31
N GLY GA 133 -31.55 26.27 3.27
CA GLY GA 133 -31.77 25.04 2.56
C GLY GA 133 -31.75 25.14 1.06
N VAL GA 134 -31.13 26.18 0.53
CA VAL GA 134 -31.03 26.39 -0.91
C VAL GA 134 -29.81 25.64 -1.42
N PHE GA 135 -30.03 24.65 -2.28
CA PHE GA 135 -28.93 23.87 -2.83
C PHE GA 135 -28.24 24.64 -3.94
N PHE GA 136 -26.90 24.57 -3.95
CA PHE GA 136 -26.09 25.24 -4.95
C PHE GA 136 -25.36 24.17 -5.76
N ALA GA 137 -25.73 24.03 -7.03
CA ALA GA 137 -25.11 23.03 -7.89
C ALA GA 137 -23.68 23.44 -8.23
N ASN GA 138 -22.84 22.42 -8.46
CA ASN GA 138 -21.43 22.58 -8.81
C ASN GA 138 -20.65 23.35 -7.75
N HIS GA 139 -20.83 22.96 -6.51
CA HIS GA 139 -20.09 23.54 -5.41
C HIS GA 139 -18.88 22.67 -5.07
N PRO GA 140 -17.76 23.28 -4.67
CA PRO GA 140 -16.61 22.45 -4.26
C PRO GA 140 -16.85 21.63 -3.01
N ASP GA 141 -17.29 22.27 -1.92
CA ASP GA 141 -17.45 21.59 -0.63
C ASP GA 141 -18.61 22.24 0.09
N LEU GA 142 -19.80 21.67 -0.06
CA LEU GA 142 -21.03 22.22 0.49
C LEU GA 142 -21.45 21.40 1.70
N ARG GA 143 -21.43 22.02 2.87
CA ARG GA 143 -21.90 21.41 4.10
C ARG GA 143 -22.47 22.52 4.97
N ARG GA 144 -22.66 22.24 6.26
CA ARG GA 144 -23.09 23.27 7.19
C ARG GA 144 -21.88 24.06 7.68
N ILE GA 145 -22.13 25.32 8.04
CA ILE GA 145 -21.04 26.18 8.49
C ILE GA 145 -21.31 26.86 9.83
N LEU GA 146 -22.55 27.01 10.28
CA LEU GA 146 -22.78 27.75 11.51
C LEU GA 146 -23.64 26.96 12.49
N THR GA 147 -24.50 26.09 12.01
CA THR GA 147 -25.38 25.36 12.89
C THR GA 147 -24.65 24.22 13.59
N ASP GA 148 -25.36 23.57 14.50
CA ASP GA 148 -24.83 22.42 15.23
C ASP GA 148 -24.66 21.23 14.27
N TYR GA 149 -23.80 20.29 14.68
CA TYR GA 149 -23.41 19.21 13.78
C TYR GA 149 -24.55 18.26 13.48
N GLY GA 150 -25.50 18.11 14.40
CA GLY GA 150 -26.62 17.23 14.16
C GLY GA 150 -27.93 17.96 13.95
N PHE GA 151 -27.85 19.25 13.62
CA PHE GA 151 -29.04 20.09 13.56
C PHE GA 151 -29.92 19.71 12.39
N GLU GA 152 -31.23 19.64 12.63
CA GLU GA 152 -32.22 19.33 11.62
C GLU GA 152 -33.12 20.54 11.41
N GLY GA 153 -33.22 21.00 10.18
CA GLY GA 153 -34.03 22.15 9.85
C GLY GA 153 -33.17 23.38 9.58
N HIS GA 154 -33.74 24.30 8.82
CA HIS GA 154 -33.04 25.51 8.42
C HIS GA 154 -33.59 26.70 9.18
N PRO GA 155 -32.81 27.33 10.05
CA PRO GA 155 -33.40 28.25 11.05
C PRO GA 155 -33.79 29.61 10.51
N PHE GA 156 -33.20 30.08 9.42
CA PHE GA 156 -33.53 31.41 8.95
C PHE GA 156 -34.78 31.45 8.08
N ARG GA 157 -35.38 30.29 7.80
CA ARG GA 157 -36.70 30.27 7.19
C ARG GA 157 -37.72 30.81 8.16
N LYS GA 158 -38.81 31.35 7.61
CA LYS GA 158 -39.79 32.04 8.45
C LYS GA 158 -40.83 31.11 9.06
N ASP GA 159 -40.92 29.86 8.63
CA ASP GA 159 -41.77 28.89 9.29
C ASP GA 159 -41.06 28.17 10.44
N PHE GA 160 -39.76 28.32 10.54
CA PHE GA 160 -39.00 27.82 11.69
C PHE GA 160 -39.22 28.74 12.88
N PRO GA 161 -39.58 28.21 14.04
CA PRO GA 161 -39.82 29.07 15.21
C PRO GA 161 -38.54 29.70 15.73
N LEU GA 162 -38.71 30.74 16.53
CA LEU GA 162 -37.56 31.47 17.08
C LEU GA 162 -36.71 30.58 17.96
N SER GA 163 -37.27 30.12 19.07
CA SER GA 163 -36.69 28.98 19.76
C SER GA 163 -36.95 27.73 18.94
N GLY GA 164 -35.99 26.83 18.90
CA GLY GA 164 -36.04 25.70 18.00
C GLY GA 164 -37.00 24.61 18.44
N TYR GA 165 -36.66 23.37 18.10
CA TYR GA 165 -37.43 22.23 18.54
C TYR GA 165 -36.74 21.42 19.63
N VAL GA 166 -35.43 21.60 19.83
CA VAL GA 166 -34.68 20.85 20.81
C VAL GA 166 -33.83 21.81 21.64
N GLU GA 167 -33.43 21.33 22.81
CA GLU GA 167 -32.55 22.07 23.72
C GLU GA 167 -31.60 21.10 24.39
N LEU GA 168 -30.46 21.61 24.82
CA LEU GA 168 -29.39 20.78 25.37
C LEU GA 168 -29.34 20.89 26.89
N ARG GA 169 -29.07 19.76 27.53
CA ARG GA 169 -28.81 19.75 28.97
C ARG GA 169 -27.91 18.57 29.30
N TYR GA 170 -27.21 18.66 30.42
CA TYR GA 170 -26.31 17.60 30.82
C TYR GA 170 -27.02 16.59 31.70
N ASP GA 171 -27.00 15.33 31.30
CA ASP GA 171 -27.62 14.24 32.04
C ASP GA 171 -26.54 13.41 32.70
N ASP GA 172 -26.69 13.17 34.00
CA ASP GA 172 -25.72 12.46 34.80
C ASP GA 172 -25.84 10.95 34.69
N GLU GA 173 -27.04 10.44 34.35
CA GLU GA 173 -27.22 9.00 34.21
C GLU GA 173 -26.43 8.46 33.04
N VAL GA 174 -26.47 9.15 31.88
CA VAL GA 174 -25.67 8.76 30.74
C VAL GA 174 -24.34 9.50 30.67
N LYS GA 175 -24.10 10.42 31.62
CA LYS GA 175 -22.85 11.20 31.70
C LYS GA 175 -22.57 11.94 30.40
N ARG GA 176 -23.60 12.61 29.87
CA ARG GA 176 -23.49 13.13 28.52
C ARG GA 176 -24.40 14.33 28.35
N VAL GA 177 -24.08 15.16 27.36
CA VAL GA 177 -24.97 16.24 26.97
C VAL GA 177 -26.01 15.69 26.00
N VAL GA 178 -27.29 15.91 26.31
CA VAL GA 178 -28.38 15.32 25.57
C VAL GA 178 -29.32 16.41 25.08
N ALA GA 179 -30.04 16.09 24.00
CA ALA GA 179 -31.00 16.97 23.39
C ALA GA 179 -32.41 16.48 23.70
N GLU GA 180 -33.27 17.38 24.12
CA GLU GA 180 -34.61 17.09 24.58
C GLU GA 180 -35.58 18.06 23.92
N PRO GA 181 -36.87 17.72 23.87
CA PRO GA 181 -37.85 18.69 23.35
C PRO GA 181 -37.89 19.96 24.17
N VAL GA 182 -38.06 21.08 23.47
CA VAL GA 182 -37.87 22.40 24.07
C VAL GA 182 -39.05 22.73 24.99
N GLU GA 183 -38.73 23.21 26.19
CA GLU GA 183 -39.70 23.69 27.16
C GLU GA 183 -39.14 24.95 27.79
N LEU GA 184 -39.91 26.03 27.76
CA LEU GA 184 -39.45 27.31 28.27
C LEU GA 184 -40.08 27.62 29.61
N ALA GA 185 -39.26 28.10 30.55
CA ALA GA 185 -39.79 28.54 31.84
C ALA GA 185 -40.70 29.74 31.68
N GLN GA 186 -40.34 30.66 30.80
CA GLN GA 186 -41.21 31.77 30.42
C GLN GA 186 -41.32 31.79 28.91
N GLU GA 187 -42.56 31.73 28.41
CA GLU GA 187 -42.80 31.79 26.98
C GLU GA 187 -42.43 33.16 26.43
N PHE GA 188 -41.89 33.18 25.22
CA PHE GA 188 -41.59 34.43 24.54
C PHE GA 188 -42.90 35.14 24.21
N ARG GA 189 -43.07 36.34 24.76
CA ARG GA 189 -44.32 37.07 24.61
C ARG GA 189 -44.36 37.76 23.25
N LYS GA 190 -45.42 37.54 22.50
CA LYS GA 190 -45.59 38.14 21.19
C LYS GA 190 -46.31 39.47 21.34
N PHE GA 191 -45.79 40.51 20.66
CA PHE GA 191 -46.34 41.85 20.74
C PHE GA 191 -46.93 42.24 19.39
N ASP GA 192 -48.16 42.75 19.41
CA ASP GA 192 -48.84 43.23 18.21
C ASP GA 192 -48.65 44.74 18.16
N LEU GA 193 -47.57 45.18 17.53
CA LEU GA 193 -47.19 46.58 17.52
C LEU GA 193 -47.62 47.31 16.27
N ASN GA 194 -48.27 46.64 15.32
CA ASN GA 194 -48.61 47.27 14.06
C ASN GA 194 -49.76 48.25 14.25
N SER GA 195 -49.58 49.47 13.76
CA SER GA 195 -50.62 50.47 13.84
C SER GA 195 -51.71 50.18 12.83
N PRO GA 196 -52.97 50.40 13.17
CA PRO GA 196 -54.07 50.18 12.22
C PRO GA 196 -54.28 51.31 11.23
N TRP GA 197 -53.39 52.28 11.18
CA TRP GA 197 -53.51 53.42 10.27
C TRP GA 197 -52.37 53.41 9.27
N GLU GA 198 -52.66 53.85 8.06
CA GLU GA 198 -51.66 53.82 7.00
C GLU GA 198 -50.64 54.93 7.22
N ALA GA 199 -49.36 54.58 7.09
CA ALA GA 199 -48.28 55.50 7.37
C ALA GA 199 -47.81 56.24 6.12
N PHE GA 200 -47.54 55.49 5.05
CA PHE GA 200 -46.97 56.04 3.83
C PHE GA 200 -47.93 55.85 2.66
N PRO GA 201 -48.63 56.90 2.24
CA PRO GA 201 -49.55 56.76 1.09
C PRO GA 201 -48.85 56.49 -0.23
N ALA GA 202 -47.56 56.80 -0.35
CA ALA GA 202 -46.86 56.59 -1.61
C ALA GA 202 -46.63 55.12 -1.91
N TYR GA 203 -46.65 54.26 -0.89
CA TYR GA 203 -46.49 52.83 -1.05
C TYR GA 203 -47.83 52.09 -1.02
N ARG GA 204 -48.92 52.78 -1.28
CA ARG GA 204 -50.25 52.18 -1.16
C ARG GA 204 -50.48 51.17 -2.28
N GLN GA 205 -50.93 49.98 -1.91
CA GLN GA 205 -51.23 48.97 -2.91
C GLN GA 205 -52.64 49.15 -3.44
N PRO GA 206 -52.86 48.92 -4.74
CA PRO GA 206 -54.21 49.04 -5.28
C PRO GA 206 -55.10 47.93 -4.74
N PRO GA 207 -56.39 48.19 -4.60
CA PRO GA 207 -57.31 47.15 -4.12
C PRO GA 207 -57.57 46.11 -5.21
N GLU GA 208 -58.08 44.97 -4.76
CA GLU GA 208 -58.39 43.87 -5.68
C GLU GA 208 -59.66 44.17 -6.48
N SER HA 1 -12.51 19.43 72.53
CA SER HA 1 -11.33 18.67 72.91
C SER HA 1 -10.13 19.07 72.05
N ARG HA 2 -9.08 18.24 72.10
CA ARG HA 2 -7.87 18.54 71.34
C ARG HA 2 -8.06 18.26 69.86
N GLY HA 3 -8.77 17.19 69.51
CA GLY HA 3 -8.90 16.80 68.12
C GLY HA 3 -9.68 17.79 67.30
N GLU HA 4 -10.74 18.36 67.88
CA GLU HA 4 -11.53 19.39 67.18
C GLU HA 4 -10.69 20.64 66.96
N TYR HA 5 -9.87 21.03 67.93
CA TYR HA 5 -8.97 22.17 67.75
C TYR HA 5 -7.95 21.90 66.65
N VAL HA 6 -7.40 20.69 66.62
CA VAL HA 6 -6.39 20.34 65.61
C VAL HA 6 -7.01 20.38 64.21
N VAL HA 7 -8.19 19.78 64.04
CA VAL HA 7 -8.80 19.76 62.72
C VAL HA 7 -9.28 21.15 62.31
N ALA HA 8 -9.68 21.98 63.28
CA ALA HA 8 -10.05 23.35 62.95
C ALA HA 8 -8.85 24.15 62.44
N LYS HA 9 -7.71 24.03 63.12
CA LYS HA 9 -6.53 24.75 62.67
C LYS HA 9 -6.02 24.23 61.33
N LEU HA 10 -6.06 22.92 61.12
CA LEU HA 10 -5.65 22.35 59.83
C LEU HA 10 -6.60 22.78 58.72
N ASP HA 11 -7.90 22.87 59.01
CA ASP HA 11 -8.87 23.34 58.04
C ASP HA 11 -8.60 24.80 57.66
N ASP HA 12 -8.29 25.63 58.65
CA ASP HA 12 -7.91 27.01 58.37
C ASP HA 12 -6.66 27.09 57.50
N LEU HA 13 -5.69 26.23 57.77
CA LEU HA 13 -4.46 26.24 56.98
C LEU HA 13 -4.72 25.84 55.52
N ILE HA 14 -5.46 24.76 55.30
CA ILE HA 14 -5.69 24.31 53.92
C ILE HA 14 -6.63 25.27 53.19
N ASN HA 15 -7.58 25.89 53.89
CA ASN HA 15 -8.44 26.87 53.23
C ASN HA 15 -7.69 28.14 52.89
N TRP HA 16 -6.75 28.55 53.73
CA TRP HA 16 -5.90 29.70 53.40
C TRP HA 16 -5.01 29.38 52.21
N ALA HA 17 -4.48 28.17 52.14
CA ALA HA 17 -3.65 27.79 51.00
C ALA HA 17 -4.46 27.73 49.71
N ARG HA 18 -5.68 27.20 49.77
CA ARG HA 18 -6.47 27.05 48.56
C ARG HA 18 -7.02 28.39 48.08
N ARG HA 19 -7.48 29.24 49.00
CA ARG HA 19 -8.13 30.48 48.60
C ARG HA 19 -7.14 31.57 48.18
N SER HA 20 -5.86 31.45 48.53
CA SER HA 20 -4.87 32.47 48.23
C SER HA 20 -4.00 32.11 47.04
N SER HA 21 -4.31 31.03 46.35
CA SER HA 21 -3.56 30.64 45.16
C SER HA 21 -4.51 30.12 44.09
N LEU HA 22 -5.60 30.84 43.86
CA LEU HA 22 -6.60 30.42 42.87
C LEU HA 22 -6.06 30.62 41.47
N TRP HA 23 -5.82 29.53 40.75
CA TRP HA 23 -5.32 29.61 39.39
C TRP HA 23 -6.49 29.48 38.44
N PRO HA 24 -6.84 30.52 37.69
CA PRO HA 24 -8.02 30.45 36.83
C PRO HA 24 -7.72 30.04 35.39
N MET HA 25 -8.69 29.35 34.81
CA MET HA 25 -8.79 29.22 33.37
C MET HA 25 -10.00 30.00 32.89
N THR HA 26 -9.89 30.57 31.72
CA THR HA 26 -10.91 31.46 31.18
C THR HA 26 -11.37 30.96 29.82
N PHE HA 27 -12.67 30.84 29.64
CA PHE HA 27 -13.24 30.48 28.36
C PHE HA 27 -13.49 31.77 27.59
N GLY HA 28 -12.64 32.05 26.62
CA GLY HA 28 -12.74 33.27 25.85
C GLY HA 28 -13.80 33.21 24.79
N LEU HA 29 -15.07 33.24 25.20
CA LEU HA 29 -16.16 33.03 24.26
C LEU HA 29 -16.60 34.33 23.59
N ALA HA 30 -16.81 35.39 24.38
CA ALA HA 30 -17.51 36.57 23.88
C ALA HA 30 -17.00 37.80 24.64
N CYS HA 31 -17.84 38.84 24.70
CA CYS HA 31 -17.49 40.18 25.17
C CYS HA 31 -16.87 40.13 26.56
N CYS HA 32 -17.45 39.28 27.40
CA CYS HA 32 -17.08 39.19 28.80
C CYS HA 32 -15.65 38.70 28.97
N ALA HA 33 -15.10 38.00 27.97
CA ALA HA 33 -13.68 37.67 27.98
C ALA HA 33 -12.81 38.91 27.77
N VAL HA 34 -13.27 39.87 26.96
CA VAL HA 34 -12.55 41.13 26.84
C VAL HA 34 -12.58 41.88 28.17
N GLU HA 35 -13.70 41.82 28.87
CA GLU HA 35 -13.70 42.45 30.19
C GLU HA 35 -12.84 41.69 31.20
N MET HA 36 -12.72 40.37 31.08
CA MET HA 36 -11.78 39.61 31.91
C MET HA 36 -10.35 40.05 31.64
N MET HA 37 -10.00 40.22 30.36
CA MET HA 37 -8.69 40.74 29.98
C MET HA 37 -8.47 42.13 30.58
N HIS HA 38 -9.53 42.93 30.65
CA HIS HA 38 -9.40 44.24 31.28
C HIS HA 38 -9.28 44.17 32.79
N MET HA 39 -9.75 43.09 33.41
CA MET HA 39 -9.46 42.94 34.83
C MET HA 39 -8.03 42.46 35.06
N ALA HA 40 -7.47 41.71 34.11
CA ALA HA 40 -6.05 41.36 34.18
C ALA HA 40 -5.12 42.51 33.79
N ALA HA 41 -5.66 43.69 33.49
CA ALA HA 41 -4.88 44.86 33.13
C ALA HA 41 -4.13 45.40 34.35
N PRO HA 42 -3.18 46.34 34.17
CA PRO HA 42 -2.48 46.88 35.34
C PRO HA 42 -3.35 47.55 36.39
N ARG HA 43 -4.51 48.10 36.03
CA ARG HA 43 -5.29 48.86 37.01
C ARG HA 43 -5.86 47.96 38.09
N TYR HA 44 -6.40 46.80 37.73
CA TYR HA 44 -7.02 45.93 38.71
C TYR HA 44 -6.14 44.78 39.16
N ASP HA 45 -5.29 44.25 38.28
CA ASP HA 45 -4.15 43.41 38.66
C ASP HA 45 -4.60 42.14 39.38
N MET HA 46 -5.21 41.23 38.61
CA MET HA 46 -5.62 39.94 39.16
C MET HA 46 -4.45 39.16 39.77
N ASP HA 47 -3.22 39.40 39.29
CA ASP HA 47 -2.08 38.62 39.77
C ASP HA 47 -1.72 38.94 41.21
N ARG HA 48 -1.98 40.16 41.67
CA ARG HA 48 -1.56 40.55 43.02
C ARG HA 48 -2.35 39.85 44.12
N PHE HA 49 -3.48 39.24 43.78
CA PHE HA 49 -4.26 38.46 44.73
C PHE HA 49 -3.83 37.01 44.78
N GLY HA 50 -2.76 36.65 44.08
CA GLY HA 50 -2.39 35.26 43.93
C GLY HA 50 -3.12 34.55 42.81
N VAL HA 51 -3.83 35.29 41.98
CA VAL HA 51 -4.68 34.74 40.93
C VAL HA 51 -3.95 34.98 39.61
N VAL HA 52 -3.29 33.94 39.09
CA VAL HA 52 -2.41 34.07 37.93
C VAL HA 52 -3.19 34.37 36.66
N PHE HA 53 -2.49 34.72 35.59
CA PHE HA 53 -3.10 35.08 34.33
C PHE HA 53 -2.97 33.91 33.36
N ARG HA 54 -4.12 33.32 32.99
CA ARG HA 54 -4.24 32.29 31.96
C ARG HA 54 -3.40 31.05 32.29
N ALA HA 55 -3.83 30.37 33.35
CA ALA HA 55 -3.22 29.09 33.72
C ALA HA 55 -3.75 27.98 32.82
N SER HA 56 -3.05 26.85 32.85
CA SER HA 56 -3.42 25.71 32.04
C SER HA 56 -4.70 25.06 32.56
N PRO HA 57 -5.50 24.45 31.68
CA PRO HA 57 -6.72 23.75 32.14
C PRO HA 57 -6.44 22.54 33.01
N ARG HA 58 -5.25 21.95 32.91
CA ARG HA 58 -4.90 20.74 33.63
C ARG HA 58 -4.39 21.03 35.04
N GLN HA 59 -4.26 22.29 35.41
CA GLN HA 59 -3.76 22.64 36.72
C GLN HA 59 -4.51 23.80 37.36
N SER HA 60 -5.57 24.30 36.73
CA SER HA 60 -6.35 25.41 37.24
C SER HA 60 -7.26 24.94 38.38
N ASP HA 61 -7.73 25.90 39.17
CA ASP HA 61 -8.65 25.63 40.27
C ASP HA 61 -10.05 26.16 39.98
N VAL HA 62 -10.16 27.40 39.53
CA VAL HA 62 -11.43 28.02 39.22
C VAL HA 62 -11.55 28.16 37.71
N MET HA 63 -12.72 27.83 37.16
CA MET HA 63 -12.99 27.95 35.75
C MET HA 63 -14.01 29.06 35.54
N ILE HA 64 -13.68 30.03 34.71
CA ILE HA 64 -14.52 31.19 34.47
C ILE HA 64 -15.18 31.04 33.11
N VAL HA 65 -16.51 31.11 33.07
CA VAL HA 65 -17.26 31.00 31.83
C VAL HA 65 -17.71 32.41 31.45
N ALA HA 66 -16.96 33.06 30.57
CA ALA HA 66 -17.20 34.45 30.20
C ALA HA 66 -17.65 34.50 28.75
N GLY HA 67 -18.95 34.49 28.53
CA GLY HA 67 -19.49 34.60 27.20
C GLY HA 67 -20.72 33.73 27.05
N THR HA 68 -21.14 33.56 25.80
CA THR HA 68 -22.32 32.79 25.47
C THR HA 68 -21.96 31.35 25.22
N LEU HA 69 -22.68 30.43 25.83
CA LEU HA 69 -22.47 29.00 25.65
C LEU HA 69 -23.50 28.51 24.64
N THR HA 70 -23.06 28.30 23.40
CA THR HA 70 -23.95 27.86 22.34
C THR HA 70 -24.13 26.35 22.40
N ASN HA 71 -24.99 25.83 21.52
CA ASN HA 71 -25.21 24.39 21.49
C ASN HA 71 -24.02 23.65 20.90
N LYS HA 72 -23.29 24.28 20.00
CA LYS HA 72 -22.11 23.67 19.40
C LYS HA 72 -20.90 23.66 20.34
N MET HA 73 -20.95 24.41 21.43
CA MET HA 73 -19.84 24.58 22.34
C MET HA 73 -20.03 23.87 23.67
N ALA HA 74 -21.27 23.51 24.02
CA ALA HA 74 -21.53 22.92 25.33
C ALA HA 74 -20.83 21.59 25.61
N PRO HA 75 -20.80 20.59 24.71
CA PRO HA 75 -20.03 19.37 25.03
C PRO HA 75 -18.55 19.61 25.23
N ALA HA 76 -17.95 20.58 24.51
CA ALA HA 76 -16.56 20.92 24.75
C ALA HA 76 -16.37 21.54 26.13
N LEU HA 77 -17.33 22.35 26.57
CA LEU HA 77 -17.26 22.92 27.91
C LEU HA 77 -17.35 21.83 28.98
N ARG HA 78 -18.24 20.86 28.78
CA ARG HA 78 -18.33 19.76 29.74
C ARG HA 78 -17.07 18.91 29.74
N LYS HA 79 -16.49 18.68 28.57
CA LYS HA 79 -15.26 17.90 28.48
C LYS HA 79 -14.10 18.61 29.17
N VAL HA 80 -14.01 19.93 29.05
CA VAL HA 80 -12.96 20.67 29.74
C VAL HA 80 -13.21 20.66 31.24
N TYR HA 81 -14.47 20.79 31.66
CA TYR HA 81 -14.79 20.76 33.08
C TYR HA 81 -14.48 19.42 33.72
N ASP HA 82 -14.68 18.33 33.00
CA ASP HA 82 -14.46 17.00 33.56
C ASP HA 82 -13.00 16.68 33.79
N GLN HA 83 -12.09 17.32 33.05
CA GLN HA 83 -10.67 17.04 33.16
C GLN HA 83 -9.98 17.83 34.26
N MET HA 84 -10.67 18.79 34.86
CA MET HA 84 -10.06 19.61 35.90
C MET HA 84 -9.89 18.80 37.18
N PRO HA 85 -8.76 18.91 37.86
CA PRO HA 85 -8.59 18.22 39.14
C PRO HA 85 -9.36 18.93 40.24
N GLU HA 86 -9.83 18.14 41.20
CA GLU HA 86 -10.49 18.72 42.36
C GLU HA 86 -9.47 19.31 43.32
N PRO HA 87 -9.83 20.33 44.11
CA PRO HA 87 -11.10 21.08 44.18
C PRO HA 87 -11.28 22.06 43.04
N ARG HA 88 -12.39 21.93 42.32
CA ARG HA 88 -12.67 22.77 41.16
C ARG HA 88 -13.88 23.64 41.44
N TYR HA 89 -13.84 24.87 40.95
CA TYR HA 89 -14.88 25.85 41.14
C TYR HA 89 -15.22 26.49 39.80
N VAL HA 90 -16.47 26.94 39.66
CA VAL HA 90 -16.94 27.55 38.42
C VAL HA 90 -17.54 28.90 38.75
N VAL HA 91 -17.11 29.93 38.02
CA VAL HA 91 -17.66 31.27 38.12
C VAL HA 91 -18.33 31.61 36.80
N SER HA 92 -19.61 32.00 36.87
CA SER HA 92 -20.36 32.41 35.69
C SER HA 92 -20.32 33.93 35.57
N MET HA 93 -19.84 34.41 34.43
CA MET HA 93 -19.66 35.83 34.18
C MET HA 93 -20.68 36.30 33.15
N GLY HA 94 -21.44 37.33 33.50
CA GLY HA 94 -22.32 37.97 32.55
C GLY HA 94 -23.62 37.21 32.35
N SER HA 95 -24.56 37.91 31.70
CA SER HA 95 -25.92 37.37 31.57
C SER HA 95 -25.98 36.16 30.65
N CYS HA 96 -25.11 36.11 29.64
CA CYS HA 96 -25.11 34.99 28.70
C CYS HA 96 -24.79 33.68 29.39
N ALA HA 97 -23.84 33.70 30.32
CA ALA HA 97 -23.54 32.52 31.10
C ALA HA 97 -24.47 32.34 32.30
N ASN HA 98 -25.08 33.43 32.78
CA ASN HA 98 -25.98 33.31 33.92
C ASN HA 98 -27.29 32.65 33.51
N GLY HA 99 -27.99 33.23 32.54
CA GLY HA 99 -29.26 32.69 32.14
C GLY HA 99 -29.57 32.76 30.65
N GLY HA 100 -28.60 33.18 29.85
CA GLY HA 100 -28.82 33.32 28.43
C GLY HA 100 -28.74 34.76 27.96
N GLY HA 101 -29.31 35.66 28.73
CA GLY HA 101 -29.13 37.08 28.47
C GLY HA 101 -29.94 37.55 27.29
N TYR HA 102 -29.26 38.25 26.37
CA TYR HA 102 -29.92 38.80 25.19
C TYR HA 102 -30.46 37.70 24.28
N TYR HA 103 -29.75 36.59 24.20
CA TYR HA 103 -30.07 35.50 23.29
C TYR HA 103 -30.75 34.33 24.01
N HIS HA 104 -31.60 34.64 24.99
CA HIS HA 104 -32.23 33.59 25.79
C HIS HA 104 -33.19 32.77 24.97
N TYR HA 105 -33.95 33.40 24.08
CA TYR HA 105 -34.96 32.72 23.29
C TYR HA 105 -34.43 32.26 21.95
N SER HA 106 -33.12 32.18 21.79
CA SER HA 106 -32.53 31.74 20.54
C SER HA 106 -32.60 30.22 20.43
N TYR HA 107 -32.49 29.74 19.19
CA TYR HA 107 -32.57 28.31 18.90
C TYR HA 107 -31.27 27.58 19.15
N SER HA 108 -30.16 28.30 19.33
CA SER HA 108 -28.84 27.68 19.38
C SER HA 108 -28.03 28.14 20.59
N VAL HA 109 -28.69 28.61 21.64
CA VAL HA 109 -28.02 29.13 22.82
C VAL HA 109 -28.52 28.35 24.04
N VAL HA 110 -27.58 27.83 24.83
CA VAL HA 110 -27.95 27.17 26.07
C VAL HA 110 -28.37 28.22 27.08
N ARG HA 111 -29.54 28.03 27.68
CA ARG HA 111 -30.10 29.02 28.60
C ARG HA 111 -29.44 28.88 29.97
N GLY HA 112 -28.22 29.40 30.05
CA GLY HA 112 -27.45 29.34 31.28
C GLY HA 112 -26.43 28.23 31.28
N CYS HA 113 -25.23 28.49 31.79
CA CYS HA 113 -24.21 27.46 31.87
C CYS HA 113 -24.42 26.52 33.04
N ASP HA 114 -25.38 26.80 33.92
CA ASP HA 114 -25.69 25.90 35.02
C ASP HA 114 -26.48 24.68 34.59
N ARG HA 115 -26.93 24.63 33.33
CA ARG HA 115 -27.52 23.42 32.78
C ARG HA 115 -26.47 22.40 32.36
N ILE HA 116 -25.20 22.78 32.34
CA ILE HA 116 -24.11 21.89 31.94
C ILE HA 116 -23.20 21.58 33.11
N VAL HA 117 -22.76 22.61 33.83
CA VAL HA 117 -21.80 22.44 34.93
C VAL HA 117 -22.40 23.02 36.20
N PRO HA 118 -22.00 22.53 37.37
CA PRO HA 118 -22.37 23.23 38.62
C PRO HA 118 -21.65 24.56 38.74
N VAL HA 119 -22.36 25.58 39.17
CA VAL HA 119 -21.86 26.94 39.24
C VAL HA 119 -21.92 27.42 40.68
N ASP HA 120 -20.82 28.03 41.16
CA ASP HA 120 -20.73 28.53 42.52
C ASP HA 120 -21.06 30.01 42.63
N ILE HA 121 -20.45 30.85 41.80
CA ILE HA 121 -20.60 32.30 41.88
C ILE HA 121 -21.20 32.80 40.57
N TYR HA 122 -22.25 33.60 40.68
CA TYR HA 122 -22.89 34.24 39.54
C TYR HA 122 -22.56 35.72 39.55
N VAL HA 123 -21.92 36.20 38.50
CA VAL HA 123 -21.53 37.60 38.38
C VAL HA 123 -22.50 38.27 37.40
N PRO HA 124 -23.38 39.14 37.84
CA PRO HA 124 -24.33 39.78 36.93
C PRO HA 124 -23.77 41.03 36.25
N GLY HA 125 -24.26 41.26 35.05
CA GLY HA 125 -23.80 42.38 34.25
C GLY HA 125 -23.80 41.99 32.78
N CYS HA 126 -23.65 43.01 31.93
CA CYS HA 126 -23.54 42.80 30.49
C CYS HA 126 -22.77 43.95 29.86
N PRO HA 127 -21.43 43.88 29.88
CA PRO HA 127 -20.61 42.96 30.68
C PRO HA 127 -20.51 43.48 32.10
N PRO HA 128 -20.35 42.60 33.08
CA PRO HA 128 -20.00 43.07 34.41
C PRO HA 128 -18.63 43.72 34.34
N THR HA 129 -18.44 44.80 35.08
CA THR HA 129 -17.19 45.53 35.02
C THR HA 129 -16.07 44.69 35.63
N ALA HA 130 -14.83 45.13 35.39
CA ALA HA 130 -13.67 44.46 35.99
C ALA HA 130 -13.74 44.50 37.50
N GLU HA 131 -14.28 45.59 38.06
CA GLU HA 131 -14.57 45.68 39.48
C GLU HA 131 -15.53 44.58 39.92
N ALA HA 132 -16.56 44.31 39.12
CA ALA HA 132 -17.56 43.31 39.49
C ALA HA 132 -16.99 41.90 39.44
N LEU HA 133 -16.18 41.58 38.43
CA LEU HA 133 -15.56 40.27 38.39
C LEU HA 133 -14.53 40.10 39.51
N LEU HA 134 -13.82 41.18 39.84
CA LEU HA 134 -12.91 41.12 40.97
C LEU HA 134 -13.66 40.88 42.27
N TYR HA 135 -14.82 41.52 42.44
CA TYR HA 135 -15.67 41.28 43.59
C TYR HA 135 -16.16 39.84 43.63
N GLY HA 136 -16.52 39.28 42.47
CA GLY HA 136 -16.93 37.89 42.42
C GLY HA 136 -15.81 36.92 42.80
N ILE HA 137 -14.59 37.22 42.35
CA ILE HA 137 -13.43 36.40 42.70
C ILE HA 137 -13.17 36.46 44.20
N LEU HA 138 -13.24 37.66 44.78
CA LEU HA 138 -13.02 37.79 46.22
C LEU HA 138 -14.14 37.14 47.02
N GLN HA 139 -15.37 37.17 46.52
CA GLN HA 139 -16.46 36.46 47.17
C GLN HA 139 -16.28 34.95 47.09
N LEU HA 140 -15.72 34.46 45.98
CA LEU HA 140 -15.35 33.05 45.90
C LEU HA 140 -14.28 32.70 46.92
N GLN HA 141 -13.32 33.60 47.13
CA GLN HA 141 -12.31 33.39 48.16
C GLN HA 141 -12.93 33.33 49.55
N LYS HA 142 -13.91 34.19 49.81
CA LYS HA 142 -14.65 34.15 51.08
C LYS HA 142 -15.40 32.83 51.23
N LYS HA 143 -15.99 32.34 50.14
CA LYS HA 143 -16.69 31.06 50.18
C LYS HA 143 -15.74 29.90 50.48
N ILE HA 144 -14.55 29.92 49.88
CA ILE HA 144 -13.55 28.90 50.16
C ILE HA 144 -13.06 28.99 51.61
N LYS HA 145 -12.98 30.20 52.16
CA LYS HA 145 -12.47 30.38 53.51
C LYS HA 145 -13.35 29.69 54.55
N ARG HA 146 -14.67 29.77 54.40
CA ARG HA 146 -15.57 29.20 55.38
C ARG HA 146 -15.94 27.75 55.09
N GLU HA 147 -15.11 27.02 54.35
CA GLU HA 147 -15.32 25.60 54.17
C GLU HA 147 -14.94 24.84 55.43
N LYS HA 148 -15.55 23.68 55.62
CA LYS HA 148 -15.42 22.90 56.85
C LYS HA 148 -15.18 21.43 56.54
N ARG HA 149 -14.22 21.14 55.66
CA ARG HA 149 -14.04 19.76 55.19
C ARG HA 149 -13.53 18.84 56.29
N LEU HA 150 -12.48 19.28 57.00
CA LEU HA 150 -11.87 18.41 58.00
C LEU HA 150 -12.75 18.25 59.23
N ARG HA 151 -13.49 19.30 59.60
CA ARG HA 151 -14.46 19.17 60.69
C ARG HA 151 -15.56 18.18 60.34
N ILE HA 152 -16.04 18.23 59.10
CA ILE HA 152 -17.06 17.28 58.65
C ILE HA 152 -16.51 15.86 58.64
N TRP HA 153 -15.25 15.69 58.21
CA TRP HA 153 -14.62 14.39 58.23
C TRP HA 153 -14.45 13.86 59.65
N TYR HA 154 -14.10 14.73 60.60
CA TYR HA 154 -13.93 14.31 61.99
C TYR HA 154 -15.27 13.93 62.61
N ARG HA 155 -16.33 14.68 62.30
CA ARG HA 155 -17.64 14.41 62.90
C ARG HA 155 -18.32 13.17 62.34
N ARG HA 156 -17.92 12.71 61.16
CA ARG HA 156 -18.56 11.56 60.53
C ARG HA 156 -17.87 10.26 60.93
N THR IA 1 -2.79 62.16 0.83
CA THR IA 1 -3.99 61.34 0.85
C THR IA 1 -3.64 59.90 1.16
N TYR IA 2 -2.39 59.51 0.87
CA TYR IA 2 -1.89 58.21 1.26
C TYR IA 2 -0.38 58.30 1.46
N LYS IA 3 0.16 57.35 2.21
CA LYS IA 3 1.59 57.31 2.48
C LYS IA 3 2.09 55.88 2.36
N TYR IA 4 3.40 55.75 2.12
CA TYR IA 4 4.02 54.48 1.75
C TYR IA 4 4.76 53.90 2.95
N VAL IA 5 4.05 53.17 3.80
CA VAL IA 5 4.71 52.46 4.88
C VAL IA 5 5.57 51.35 4.29
N ASN IA 6 6.83 51.27 4.75
CA ASN IA 6 7.80 50.26 4.34
C ASN IA 6 8.08 50.30 2.83
N LEU IA 7 8.58 51.44 2.38
CA LEU IA 7 9.12 51.58 1.03
C LEU IA 7 10.43 52.35 1.07
N ARG IA 8 11.24 52.11 2.09
CA ARG IA 8 12.52 52.78 2.24
C ARG IA 8 13.61 51.85 1.76
N GLU IA 9 14.30 52.23 0.70
CA GLU IA 9 15.39 51.42 0.19
C GLU IA 9 16.59 51.53 1.12
N PRO IA 10 17.34 50.45 1.31
CA PRO IA 10 18.55 50.53 2.14
C PRO IA 10 19.72 51.08 1.36
N SER IA 11 20.49 51.96 2.00
CA SER IA 11 21.68 52.53 1.38
C SER IA 11 22.76 51.46 1.28
N MET IA 12 23.54 51.53 0.21
CA MET IA 12 24.56 50.53 -0.06
C MET IA 12 25.99 51.07 0.04
N ASP IA 13 26.19 52.20 0.70
CA ASP IA 13 27.55 52.65 0.94
C ASP IA 13 28.14 51.92 2.15
N MET IA 14 29.44 52.14 2.37
CA MET IA 14 30.14 51.38 3.40
C MET IA 14 29.72 51.79 4.81
N LYS IA 15 29.32 53.04 4.98
CA LYS IA 15 28.86 53.50 6.29
C LYS IA 15 27.59 52.77 6.72
N SER IA 16 26.57 52.75 5.86
CA SER IA 16 25.32 52.09 6.19
C SER IA 16 25.51 50.59 6.32
N VAL IA 17 26.35 50.00 5.47
CA VAL IA 17 26.60 48.57 5.51
C VAL IA 17 27.29 48.18 6.81
N THR IA 18 28.30 48.95 7.23
CA THR IA 18 28.97 48.65 8.50
C THR IA 18 28.07 48.92 9.69
N ASP IA 19 27.18 49.92 9.60
CA ASP IA 19 26.24 50.15 10.68
C ASP IA 19 25.28 48.97 10.84
N ARG IA 20 24.74 48.47 9.72
CA ARG IA 20 23.84 47.33 9.78
C ARG IA 20 24.56 46.07 10.25
N ALA IA 21 25.81 45.87 9.83
CA ALA IA 21 26.55 44.68 10.25
C ALA IA 21 26.95 44.75 11.71
N ALA IA 22 27.28 45.94 12.22
CA ALA IA 22 27.55 46.08 13.64
C ALA IA 22 26.29 45.88 14.46
N GLN IA 23 25.15 46.35 13.96
CA GLN IA 23 23.88 46.10 14.62
C GLN IA 23 23.56 44.60 14.65
N THR IA 24 23.92 43.89 13.58
CA THR IA 24 23.75 42.43 13.56
C THR IA 24 24.66 41.74 14.57
N LEU IA 25 25.94 42.09 14.58
CA LEU IA 25 26.91 41.34 15.37
C LEU IA 25 26.85 41.68 16.86
N LEU IA 26 26.51 42.90 17.22
CA LEU IA 26 26.56 43.33 18.61
C LEU IA 26 25.18 43.45 19.26
N TRP IA 27 24.10 43.22 18.49
CA TRP IA 27 22.71 43.17 18.98
C TRP IA 27 22.26 44.50 19.61
N THR IA 28 22.23 45.55 18.78
CA THR IA 28 21.93 46.89 19.28
C THR IA 28 20.46 47.07 19.63
N GLU IA 29 19.56 46.67 18.74
CA GLU IA 29 18.13 46.89 18.99
C GLU IA 29 17.60 45.99 20.09
N LEU IA 30 18.24 44.84 20.33
CA LEU IA 30 17.88 44.03 21.49
C LEU IA 30 18.22 44.76 22.78
N ILE IA 31 19.36 45.44 22.82
CA ILE IA 31 19.72 46.25 23.97
C ILE IA 31 18.75 47.41 24.13
N ARG IA 32 18.28 47.97 23.00
CA ARG IA 32 17.27 49.04 23.07
C ARG IA 32 15.99 48.56 23.74
N GLY IA 33 15.50 47.39 23.33
CA GLY IA 33 14.29 46.85 23.93
C GLY IA 33 14.46 46.50 25.40
N LEU IA 34 15.61 45.91 25.75
CA LEU IA 34 15.91 45.62 27.14
C LEU IA 34 15.95 46.88 27.99
N GLY IA 35 16.63 47.92 27.49
CA GLY IA 35 16.75 49.15 28.24
C GLY IA 35 15.41 49.85 28.42
N MET IA 36 14.54 49.76 27.43
CA MET IA 36 13.28 50.48 27.58
C MET IA 36 12.35 49.72 28.54
N THR IA 37 12.38 48.39 28.50
CA THR IA 37 11.62 47.63 29.50
C THR IA 37 12.16 47.87 30.91
N LEU IA 38 13.48 48.06 31.03
CA LEU IA 38 14.07 48.47 32.31
C LEU IA 38 13.57 49.83 32.75
N SER IA 39 13.45 50.77 31.82
CA SER IA 39 12.91 52.09 32.16
C SER IA 39 11.47 51.99 32.60
N TYR IA 40 10.73 51.04 32.04
CA TYR IA 40 9.34 50.85 32.43
C TYR IA 40 9.22 50.13 33.76
N LEU IA 41 10.29 49.48 34.21
CA LEU IA 41 10.29 48.88 35.55
C LEU IA 41 10.27 49.93 36.65
N PHE IA 42 10.97 51.05 36.46
CA PHE IA 42 11.17 52.06 37.50
C PHE IA 42 10.07 53.12 37.51
N ARG IA 43 8.89 52.81 37.02
CA ARG IA 43 7.75 53.71 37.07
C ARG IA 43 6.77 53.25 38.14
N GLU IA 44 5.98 54.18 38.64
CA GLU IA 44 4.95 53.84 39.61
C GLU IA 44 3.84 53.07 38.90
N PRO IA 45 3.47 51.88 39.37
CA PRO IA 45 2.43 51.10 38.70
C PRO IA 45 1.06 51.74 38.85
N ALA IA 46 0.18 51.42 37.90
CA ALA IA 46 -1.15 51.99 37.84
C ALA IA 46 -2.17 51.17 38.63
N THR IA 47 -1.73 50.33 39.54
CA THR IA 47 -2.63 49.43 40.24
C THR IA 47 -3.27 50.13 41.44
N ILE IA 48 -4.59 50.05 41.52
CA ILE IA 48 -5.33 50.58 42.66
C ILE IA 48 -5.59 49.43 43.64
N ASN IA 49 -5.80 49.79 44.90
CA ASN IA 49 -5.93 48.80 45.98
C ASN IA 49 -7.40 48.49 46.22
N TYR IA 50 -7.93 47.61 45.39
CA TYR IA 50 -9.28 47.10 45.61
C TYR IA 50 -9.28 46.14 46.80
N PRO IA 51 -10.32 46.15 47.65
CA PRO IA 51 -11.55 46.96 47.66
C PRO IA 51 -11.44 48.28 48.40
N PHE IA 52 -10.24 48.64 48.83
CA PHE IA 52 -10.06 49.89 49.55
C PHE IA 52 -10.03 51.10 48.63
N GLU IA 53 -9.78 50.90 47.34
CA GLU IA 53 -9.82 51.96 46.36
C GLU IA 53 -10.66 51.50 45.17
N LYS IA 54 -11.55 52.37 44.71
CA LYS IA 54 -12.48 52.04 43.65
C LYS IA 54 -12.19 52.86 42.40
N GLY IA 55 -12.43 52.23 41.25
CA GLY IA 55 -12.26 52.90 39.99
C GLY IA 55 -13.30 53.99 39.77
N PRO IA 56 -12.93 55.02 39.03
CA PRO IA 56 -13.84 56.16 38.84
C PRO IA 56 -15.07 55.78 38.03
N LEU IA 57 -16.17 56.46 38.34
CA LEU IA 57 -17.44 56.23 37.66
C LEU IA 57 -18.11 57.57 37.40
N SER IA 58 -19.28 57.50 36.77
CA SER IA 58 -20.04 58.66 36.33
C SER IA 58 -21.47 58.58 36.86
N PRO IA 59 -22.16 59.72 36.95
CA PRO IA 59 -23.59 59.67 37.34
C PRO IA 59 -24.49 58.99 36.33
N ARG IA 60 -24.02 58.69 35.12
CA ARG IA 60 -24.81 57.97 34.14
C ARG IA 60 -24.66 56.46 34.24
N PHE IA 61 -23.93 55.96 35.24
CA PHE IA 61 -23.59 54.55 35.31
C PHE IA 61 -24.81 53.67 35.51
N ARG IA 62 -24.84 52.54 34.82
CA ARG IA 62 -25.97 51.62 34.81
C ARG IA 62 -25.58 50.36 35.57
N GLY IA 63 -26.10 50.21 36.79
CA GLY IA 63 -25.84 49.04 37.59
C GLY IA 63 -27.08 48.25 37.96
N GLU IA 64 -27.40 48.21 39.25
CA GLU IA 64 -28.53 47.44 39.75
C GLU IA 64 -29.81 48.25 39.65
N HIS IA 65 -30.92 47.57 39.37
CA HIS IA 65 -32.19 48.25 39.18
C HIS IA 65 -32.86 48.53 40.51
N ALA IA 66 -33.68 49.58 40.53
CA ALA IA 66 -34.36 50.01 41.74
C ALA IA 66 -35.69 50.66 41.38
N LEU IA 67 -36.62 50.62 42.33
CA LEU IA 67 -37.92 51.25 42.20
C LEU IA 67 -38.01 52.41 43.19
N ARG IA 68 -38.30 53.59 42.67
CA ARG IA 68 -38.25 54.82 43.44
C ARG IA 68 -39.62 55.17 44.00
N ARG IA 69 -39.65 56.23 44.81
CA ARG IA 69 -40.86 56.73 45.43
C ARG IA 69 -40.91 58.25 45.29
N TYR IA 70 -42.12 58.79 45.38
CA TYR IA 70 -42.30 60.22 45.52
C TYR IA 70 -41.82 60.64 46.90
N PRO IA 71 -41.49 61.94 47.11
CA PRO IA 71 -41.07 62.42 48.43
C PRO IA 71 -42.24 62.57 49.42
N SER IA 72 -43.13 61.59 49.45
CA SER IA 72 -44.20 61.50 50.41
C SER IA 72 -44.45 60.08 50.86
N GLY IA 73 -43.66 59.12 50.39
CA GLY IA 73 -43.85 57.71 50.68
C GLY IA 73 -44.54 56.93 49.58
N GLU IA 74 -45.29 57.60 48.72
CA GLU IA 74 -45.99 56.91 47.63
C GLU IA 74 -45.00 56.50 46.55
N GLU IA 75 -45.13 55.27 46.07
CA GLU IA 75 -44.27 54.80 45.01
C GLU IA 75 -44.61 55.48 43.70
N ARG IA 76 -43.63 55.55 42.80
CA ARG IA 76 -43.79 56.29 41.56
C ARG IA 76 -44.38 55.49 40.42
N CYS IA 77 -44.26 54.16 40.45
CA CYS IA 77 -44.72 53.37 39.32
C CYS IA 77 -46.24 53.31 39.28
N ILE IA 78 -46.80 53.61 38.12
CA ILE IA 78 -48.22 53.68 37.86
C ILE IA 78 -48.68 52.64 36.83
N ALA IA 79 -47.86 51.60 36.61
CA ALA IA 79 -48.22 50.40 35.84
C ALA IA 79 -48.60 50.74 34.40
N CYS IA 80 -47.74 51.50 33.73
CA CYS IA 80 -47.98 51.83 32.34
C CYS IA 80 -47.35 50.86 31.36
N LYS IA 81 -46.50 49.94 31.85
CA LYS IA 81 -45.93 48.84 31.08
C LYS IA 81 -45.10 49.33 29.89
N LEU IA 82 -44.53 50.53 29.98
CA LEU IA 82 -43.63 50.97 28.92
C LEU IA 82 -42.25 50.32 29.04
N CYS IA 83 -41.79 50.07 30.26
CA CYS IA 83 -40.47 49.48 30.46
C CYS IA 83 -40.42 48.04 29.96
N GLU IA 84 -41.49 47.27 30.17
CA GLU IA 84 -41.52 45.92 29.64
C GLU IA 84 -41.80 45.89 28.15
N ALA IA 85 -42.38 46.95 27.59
CA ALA IA 85 -42.57 47.02 26.15
C ALA IA 85 -41.26 47.36 25.43
N VAL IA 86 -40.45 48.24 26.03
CA VAL IA 86 -39.21 48.67 25.39
C VAL IA 86 -38.04 47.75 25.70
N CYS IA 87 -38.21 46.78 26.59
CA CYS IA 87 -37.09 45.95 27.03
C CYS IA 87 -36.62 45.06 25.89
N PRO IA 88 -35.38 45.19 25.44
CA PRO IA 88 -34.93 44.39 24.28
C PRO IA 88 -34.74 42.93 24.59
N ALA IA 89 -34.64 42.56 25.86
CA ALA IA 89 -34.44 41.17 26.25
C ALA IA 89 -35.67 40.54 26.87
N GLN IA 90 -36.78 41.28 26.97
CA GLN IA 90 -38.01 40.83 27.61
C GLN IA 90 -37.78 40.36 29.05
N ALA IA 91 -37.00 41.14 29.78
CA ALA IA 91 -36.63 40.78 31.15
C ALA IA 91 -37.63 41.26 32.18
N ILE IA 92 -38.63 42.04 31.81
CA ILE IA 92 -39.57 42.65 32.75
C ILE IA 92 -40.94 42.02 32.55
N THR IA 93 -41.55 41.59 33.66
CA THR IA 93 -42.92 41.10 33.69
C THR IA 93 -43.73 41.96 34.64
N ILE IA 94 -44.85 42.50 34.17
CA ILE IA 94 -45.67 43.42 34.94
C ILE IA 94 -47.09 42.91 34.94
N GLU IA 95 -47.71 42.86 36.12
CA GLU IA 95 -49.13 42.61 36.27
C GLU IA 95 -49.72 43.64 37.20
N ALA IA 96 -50.87 44.19 36.84
CA ALA IA 96 -51.45 45.32 37.53
C ALA IA 96 -52.93 45.08 37.82
N GLU IA 97 -53.41 45.78 38.85
CA GLU IA 97 -54.83 45.82 39.20
C GLU IA 97 -55.06 47.06 40.04
N PRO IA 98 -56.27 47.61 40.06
CA PRO IA 98 -56.55 48.74 40.95
C PRO IA 98 -56.56 48.29 42.40
N ARG IA 99 -55.86 49.03 43.24
CA ARG IA 99 -55.75 48.67 44.64
C ARG IA 99 -56.92 49.27 45.43
N ALA IA 100 -56.82 49.28 46.75
CA ALA IA 100 -57.96 49.53 47.62
C ALA IA 100 -58.53 50.94 47.45
N ASP IA 101 -57.66 51.93 47.30
CA ASP IA 101 -58.12 53.31 47.13
C ASP IA 101 -58.29 53.68 45.66
N GLY IA 102 -58.29 52.71 44.75
CA GLY IA 102 -58.53 52.97 43.36
C GLY IA 102 -57.33 53.42 42.56
N SER IA 103 -56.14 53.45 43.16
CA SER IA 103 -54.96 53.89 42.44
C SER IA 103 -54.48 52.81 41.47
N ARG IA 104 -53.83 53.25 40.41
CA ARG IA 104 -53.32 52.35 39.37
C ARG IA 104 -51.90 51.93 39.76
N ARG IA 105 -51.79 50.76 40.40
CA ARG IA 105 -50.52 50.29 40.91
C ARG IA 105 -50.27 48.86 40.47
N THR IA 106 -48.99 48.49 40.41
CA THR IA 106 -48.61 47.13 40.06
C THR IA 106 -48.86 46.17 41.22
N THR IA 107 -49.25 44.94 40.87
CA THR IA 107 -49.24 43.84 41.81
C THR IA 107 -48.09 42.88 41.58
N ARG IA 108 -47.44 42.94 40.42
CA ARG IA 108 -46.26 42.13 40.16
C ARG IA 108 -45.33 42.91 39.25
N TYR IA 109 -44.06 42.99 39.64
CA TYR IA 109 -43.02 43.67 38.85
C TYR IA 109 -41.74 42.86 39.00
N ASP IA 110 -41.49 41.96 38.06
CA ASP IA 110 -40.32 41.10 38.08
C ASP IA 110 -39.32 41.54 37.02
N ILE IA 111 -38.05 41.58 37.39
CA ILE IA 111 -36.96 41.80 36.46
C ILE IA 111 -35.99 40.62 36.59
N ASP IA 112 -35.74 39.95 35.48
CA ASP IA 112 -34.79 38.84 35.43
C ASP IA 112 -33.41 39.42 35.19
N MET IA 113 -32.57 39.42 36.23
CA MET IA 113 -31.23 40.00 36.12
C MET IA 113 -30.27 39.14 35.32
N THR IA 114 -30.67 37.91 34.99
CA THR IA 114 -29.90 37.06 34.10
C THR IA 114 -30.34 37.19 32.64
N LYS IA 115 -31.51 37.78 32.39
CA LYS IA 115 -31.93 38.11 31.04
C LYS IA 115 -31.55 39.53 30.66
N CYS IA 116 -31.50 40.43 31.64
CA CYS IA 116 -31.30 41.84 31.37
C CYS IA 116 -29.90 42.11 30.83
N ILE IA 117 -29.82 42.99 29.83
CA ILE IA 117 -28.54 43.35 29.24
C ILE IA 117 -28.02 44.69 29.74
N TYR IA 118 -28.70 45.30 30.71
CA TYR IA 118 -28.25 46.50 31.41
C TYR IA 118 -28.06 47.66 30.43
N CYS IA 119 -29.08 47.87 29.61
CA CYS IA 119 -29.04 48.84 28.52
C CYS IA 119 -29.66 50.18 28.87
N GLY IA 120 -30.43 50.26 29.96
CA GLY IA 120 -30.96 51.52 30.39
C GLY IA 120 -32.15 52.04 29.61
N PHE IA 121 -32.77 51.22 28.76
CA PHE IA 121 -33.94 51.68 28.02
C PHE IA 121 -35.14 51.85 28.93
N CYS IA 122 -35.23 51.05 30.00
CA CYS IA 122 -36.39 51.12 30.89
C CYS IA 122 -36.40 52.41 31.69
N GLN IA 123 -35.23 52.86 32.14
CA GLN IA 123 -35.17 54.08 32.95
C GLN IA 123 -35.36 55.33 32.10
N GLU IA 124 -35.21 55.24 30.79
CA GLU IA 124 -35.47 56.37 29.91
C GLU IA 124 -36.83 56.30 29.24
N ALA IA 125 -37.48 55.13 29.26
CA ALA IA 125 -38.86 55.03 28.81
C ALA IA 125 -39.87 55.29 29.92
N CYS IA 126 -39.43 55.41 31.16
CA CYS IA 126 -40.35 55.66 32.27
C CYS IA 126 -40.77 57.11 32.27
N PRO IA 127 -42.08 57.40 32.27
CA PRO IA 127 -42.52 58.81 32.29
C PRO IA 127 -42.48 59.46 33.66
N VAL IA 128 -42.27 58.70 34.73
CA VAL IA 128 -42.35 59.22 36.09
C VAL IA 128 -41.07 58.99 36.88
N ASP IA 129 -40.00 58.53 36.21
CA ASP IA 129 -38.71 58.20 36.83
C ASP IA 129 -38.87 57.18 37.96
N ALA IA 130 -39.72 56.17 37.73
CA ALA IA 130 -39.96 55.17 38.75
C ALA IA 130 -38.87 54.11 38.74
N ILE IA 131 -38.66 53.46 37.61
CA ILE IA 131 -37.59 52.48 37.48
C ILE IA 131 -36.28 53.20 37.20
N VAL IA 132 -35.23 52.83 37.91
CA VAL IA 132 -33.91 53.40 37.69
C VAL IA 132 -32.89 52.28 37.68
N GLU IA 133 -31.74 52.59 37.10
CA GLU IA 133 -30.57 51.72 37.16
C GLU IA 133 -29.59 52.40 38.11
N GLY IA 134 -29.49 51.87 39.32
CA GLY IA 134 -28.71 52.50 40.36
C GLY IA 134 -27.22 52.33 40.12
N PRO IA 135 -26.42 52.94 41.00
CA PRO IA 135 -24.97 52.91 40.84
C PRO IA 135 -24.31 51.66 41.40
N ASN IA 136 -25.05 50.82 42.10
CA ASN IA 136 -24.48 49.60 42.68
C ASN IA 136 -24.14 48.59 41.59
N PHE IA 137 -22.95 47.99 41.70
CA PHE IA 137 -22.55 46.93 40.80
C PHE IA 137 -22.03 45.69 41.50
N GLU IA 138 -21.75 45.75 42.80
CA GLU IA 138 -21.23 44.61 43.55
C GLU IA 138 -22.41 43.90 44.22
N PHE IA 139 -23.10 43.09 43.43
CA PHE IA 139 -24.24 42.32 43.92
C PHE IA 139 -24.21 40.90 43.36
N SER IA 140 -23.02 40.32 43.29
CA SER IA 140 -22.89 38.94 42.87
C SER IA 140 -23.52 38.01 43.90
N THR IA 141 -24.20 36.98 43.41
CA THR IA 141 -24.90 36.02 44.25
C THR IA 141 -24.30 34.64 44.07
N GLU IA 142 -24.52 33.78 45.06
CA GLU IA 142 -24.05 32.41 45.01
C GLU IA 142 -25.08 31.45 44.39
N THR IA 143 -26.26 31.95 44.05
CA THR IA 143 -27.33 31.11 43.54
C THR IA 143 -27.99 31.82 42.36
N HIS IA 144 -28.49 31.02 41.42
CA HIS IA 144 -29.21 31.58 40.27
C HIS IA 144 -30.52 32.23 40.70
N GLU IA 145 -31.22 31.62 41.65
CA GLU IA 145 -32.53 32.12 42.04
C GLU IA 145 -32.47 33.46 42.77
N GLU IA 146 -31.32 33.83 43.33
CA GLU IA 146 -31.19 35.13 43.97
C GLU IA 146 -31.13 36.28 42.97
N LEU IA 147 -31.03 35.98 41.68
CA LEU IA 147 -30.97 37.00 40.63
C LEU IA 147 -32.31 37.17 39.92
N LEU IA 148 -33.40 36.75 40.54
CA LEU IA 148 -34.74 36.86 39.96
C LEU IA 148 -35.54 37.77 40.88
N TYR IA 149 -35.47 39.08 40.61
CA TYR IA 149 -36.00 40.08 41.52
C TYR IA 149 -37.52 40.19 41.37
N ASN IA 150 -38.22 40.28 42.50
CA ASN IA 150 -39.63 40.60 42.48
C ASN IA 150 -39.82 42.08 42.85
N LYS IA 151 -41.07 42.48 43.08
CA LYS IA 151 -41.36 43.87 43.42
C LYS IA 151 -40.76 44.26 44.76
N GLU IA 152 -40.81 43.35 45.74
CA GLU IA 152 -40.32 43.66 47.08
C GLU IA 152 -38.81 43.89 47.09
N LYS IA 153 -38.07 43.08 46.33
CA LYS IA 153 -36.63 43.24 46.25
C LYS IA 153 -36.26 44.57 45.61
N LEU IA 154 -36.96 44.95 44.53
CA LEU IA 154 -36.66 46.21 43.86
C LEU IA 154 -37.04 47.41 44.72
N LEU IA 155 -38.15 47.31 45.46
CA LEU IA 155 -38.52 48.38 46.38
C LEU IA 155 -37.51 48.51 47.51
N ASN IA 156 -37.00 47.38 48.01
CA ASN IA 156 -35.95 47.42 49.03
C ASN IA 156 -34.68 48.03 48.48
N ASN IA 157 -34.32 47.72 47.23
CA ASN IA 157 -33.16 48.33 46.60
C ASN IA 157 -33.33 49.83 46.46
N GLY IA 158 -34.54 50.28 46.12
CA GLY IA 158 -34.80 51.70 46.05
C GLY IA 158 -34.68 52.39 47.40
N ASP IA 159 -35.25 51.78 48.44
CA ASP IA 159 -35.13 52.34 49.78
C ASP IA 159 -33.70 52.31 50.29
N LYS IA 160 -32.90 51.35 49.82
CA LYS IA 160 -31.51 51.24 50.21
C LYS IA 160 -30.65 52.31 49.53
N TRP IA 161 -30.89 52.56 48.24
CA TRP IA 161 -30.00 53.39 47.44
C TRP IA 161 -30.62 54.72 47.03
N GLU IA 162 -31.68 55.17 47.70
CA GLU IA 162 -32.31 56.44 47.35
C GLU IA 162 -31.36 57.62 47.54
N ALA IA 163 -30.58 57.63 48.63
CA ALA IA 163 -29.72 58.76 48.96
C ALA IA 163 -28.61 58.97 47.93
N GLU IA 164 -28.34 58.00 47.07
CA GLU IA 164 -27.39 58.13 45.98
C GLU IA 164 -28.07 58.26 44.62
N ILE IA 165 -29.18 57.54 44.41
CA ILE IA 165 -29.90 57.60 43.14
C ILE IA 165 -30.49 58.98 42.92
N ALA IA 166 -31.04 59.59 43.97
CA ALA IA 166 -31.61 60.93 43.84
C ALA IA 166 -30.53 61.96 43.50
N ALA IA 167 -29.35 61.82 44.09
CA ALA IA 167 -28.25 62.73 43.78
C ALA IA 167 -27.75 62.56 42.35
N ASN IA 168 -27.65 61.31 41.88
CA ASN IA 168 -27.24 61.07 40.50
C ASN IA 168 -28.26 61.62 39.51
N ILE IA 169 -29.56 61.44 39.80
CA ILE IA 169 -30.60 61.97 38.94
C ILE IA 169 -30.58 63.49 38.94
N GLN IA 170 -30.35 64.10 40.10
CA GLN IA 170 -30.23 65.55 40.18
C GLN IA 170 -29.03 66.06 39.39
N ALA IA 171 -27.95 65.27 39.37
CA ALA IA 171 -26.77 65.69 38.61
C ALA IA 171 -26.95 65.51 37.11
N ASP IA 172 -27.77 64.55 36.68
CA ASP IA 172 -27.82 64.21 35.26
C ASP IA 172 -29.08 64.65 34.53
N TYR IA 173 -30.16 65.03 35.23
CA TYR IA 173 -31.45 65.22 34.58
C TYR IA 173 -31.49 66.40 33.62
N LEU IA 174 -30.51 67.31 33.64
CA LEU IA 174 -30.49 68.39 32.68
C LEU IA 174 -29.90 68.00 31.34
N TYR IA 175 -29.30 66.82 31.25
CA TYR IA 175 -28.81 66.30 29.98
C TYR IA 175 -29.84 65.45 29.26
N ARG IA 176 -31.01 65.26 29.86
CA ARG IA 176 -32.07 64.47 29.26
C ARG IA 176 -33.19 65.35 28.74
N PRO JA 1 -102.86 117.63 12.01
CA PRO JA 1 -101.67 118.41 12.39
C PRO JA 1 -100.40 117.56 12.40
N PHE JA 2 -99.38 118.02 11.68
CA PHE JA 2 -98.10 117.32 11.65
C PHE JA 2 -97.33 117.60 12.93
N ASP JA 3 -97.11 116.57 13.73
CA ASP JA 3 -96.33 116.68 14.96
C ASP JA 3 -95.25 115.61 14.92
N ASN JA 4 -93.99 116.04 15.01
CA ASN JA 4 -92.86 115.12 15.12
C ASN JA 4 -92.02 115.43 16.36
N THR JA 5 -92.55 116.22 17.29
CA THR JA 5 -91.85 116.58 18.50
C THR JA 5 -92.23 115.71 19.69
N THR JA 6 -93.07 114.69 19.49
CA THR JA 6 -93.50 113.81 20.55
C THR JA 6 -93.20 112.37 20.18
N TYR JA 7 -93.07 111.53 21.20
CA TYR JA 7 -92.82 110.10 21.03
C TYR JA 7 -94.14 109.36 21.12
N LYS JA 8 -94.56 108.72 20.04
CA LYS JA 8 -95.84 108.06 19.98
C LYS JA 8 -95.81 106.60 20.40
N ASN JA 9 -94.63 106.06 20.70
CA ASN JA 9 -94.51 104.67 21.14
C ASN JA 9 -94.45 104.62 22.68
N LEU JA 10 -95.55 105.04 23.29
CA LEU JA 10 -95.68 105.05 24.74
C LEU JA 10 -96.50 103.89 25.28
N GLN JA 11 -96.95 102.98 24.41
CA GLN JA 11 -97.81 101.88 24.85
C GLN JA 11 -97.03 100.82 25.61
N HIS JA 12 -95.73 100.70 25.42
CA HIS JA 12 -94.97 99.63 26.04
C HIS JA 12 -94.64 99.90 27.51
N HIS JA 13 -94.98 101.09 28.02
CA HIS JA 13 -94.78 101.38 29.43
C HIS JA 13 -95.80 100.67 30.31
N ASP JA 14 -96.90 100.21 29.74
CA ASP JA 14 -97.96 99.55 30.51
C ASP JA 14 -98.05 98.06 30.24
N TYR JA 15 -97.06 97.48 29.57
CA TYR JA 15 -97.08 96.05 29.29
C TYR JA 15 -96.74 95.26 30.55
N SER JA 16 -97.39 94.13 30.72
CA SER JA 16 -97.18 93.25 31.85
C SER JA 16 -96.28 92.09 31.45
N THR JA 17 -96.14 91.11 32.34
CA THR JA 17 -95.27 89.97 32.04
C THR JA 17 -95.90 89.03 31.02
N TYR JA 18 -97.23 88.91 31.01
CA TYR JA 18 -97.92 87.92 30.21
C TYR JA 18 -98.49 88.46 28.91
N THR JA 19 -98.18 89.72 28.56
CA THR JA 19 -98.86 90.41 27.46
C THR JA 19 -98.66 89.70 26.12
N PHE JA 20 -97.43 89.24 25.86
CA PHE JA 20 -97.14 88.49 24.65
C PHE JA 20 -97.95 87.20 24.61
N LEU JA 21 -98.09 86.54 25.75
CA LEU JA 21 -98.77 85.24 25.80
C LEU JA 21 -100.28 85.40 25.60
N ASP JA 22 -100.90 86.39 26.25
CA ASP JA 22 -102.33 86.61 26.02
C ASP JA 22 -102.60 87.15 24.62
N LEU JA 23 -101.66 87.91 24.04
CA LEU JA 23 -101.81 88.32 22.66
C LEU JA 23 -101.80 87.11 21.72
N ASN JA 24 -100.89 86.16 21.96
CA ASN JA 24 -100.88 84.94 21.18
C ASN JA 24 -102.15 84.12 21.39
N LEU JA 25 -102.62 84.03 22.63
CA LEU JA 25 -103.82 83.25 22.93
C LEU JA 25 -105.06 83.85 22.28
N ASP JA 26 -105.14 85.18 22.21
CA ASP JA 26 -106.26 85.81 21.53
C ASP JA 26 -106.10 85.66 20.02
N LEU JA 27 -104.86 85.72 19.51
CA LEU JA 27 -104.63 85.53 18.08
C LEU JA 27 -104.90 84.12 17.61
N SER JA 28 -104.95 83.15 18.53
CA SER JA 28 -105.11 81.75 18.18
C SER JA 28 -106.40 81.45 17.42
N LYS JA 29 -107.43 82.29 17.52
CA LYS JA 29 -108.69 82.01 16.84
C LYS JA 29 -108.61 82.30 15.34
N PHE JA 30 -107.84 83.32 14.94
CA PHE JA 30 -107.77 83.70 13.53
C PHE JA 30 -106.90 82.76 12.70
N ARG JA 31 -106.00 82.02 13.33
CA ARG JA 31 -105.03 81.23 12.59
C ARG JA 31 -105.67 80.01 11.95
N MET JA 32 -105.09 79.58 10.84
CA MET JA 32 -105.56 78.46 10.03
C MET JA 32 -105.02 77.14 10.56
N PRO JA 33 -105.66 76.02 10.23
CA PRO JA 33 -105.16 74.71 10.69
C PRO JA 33 -103.78 74.40 10.16
N GLN JA 34 -102.98 73.75 11.00
CA GLN JA 34 -101.60 73.41 10.70
C GLN JA 34 -101.54 72.14 9.86
N PRO JA 35 -100.52 72.00 9.01
CA PRO JA 35 -100.32 70.74 8.30
C PRO JA 35 -99.80 69.66 9.22
N SER JA 36 -100.07 68.42 8.84
CA SER JA 36 -99.68 67.25 9.63
C SER JA 36 -98.68 66.41 8.86
N SER JA 37 -97.73 65.83 9.59
CA SER JA 37 -96.75 64.94 9.00
C SER JA 37 -97.20 63.49 8.97
N GLY JA 38 -98.37 63.18 9.54
CA GLY JA 38 -98.91 61.85 9.50
C GLY JA 38 -98.72 61.03 10.76
N ARG JA 39 -97.82 61.44 11.65
CA ARG JA 39 -97.58 60.73 12.90
C ARG JA 39 -97.57 61.73 14.04
N GLU JA 40 -97.79 61.21 15.25
CA GLU JA 40 -97.85 62.07 16.44
C GLU JA 40 -96.49 62.70 16.74
N SER JA 41 -95.42 61.95 16.58
CA SER JA 41 -94.08 62.41 16.90
C SER JA 41 -93.08 61.58 16.11
N PRO JA 42 -91.87 62.10 15.88
CA PRO JA 42 -90.84 61.27 15.24
C PRO JA 42 -90.44 60.05 16.04
N ARG JA 43 -90.64 60.05 17.35
CA ARG JA 43 -90.38 58.89 18.18
C ARG JA 43 -91.52 57.89 18.20
N HIS JA 44 -92.64 58.21 17.54
CA HIS JA 44 -93.76 57.28 17.43
C HIS JA 44 -93.55 56.33 16.25
N GLY KA 1 -47.33 49.15 57.45
CA GLY KA 1 -48.34 48.42 58.20
C GLY KA 1 -48.41 46.95 57.83
N VAL KA 2 -47.37 46.21 58.21
CA VAL KA 2 -47.30 44.80 57.85
C VAL KA 2 -48.30 44.00 58.69
N ARG KA 3 -48.66 42.82 58.17
CA ARG KA 3 -49.59 41.93 58.82
C ARG KA 3 -49.05 40.51 58.77
N THR KA 4 -49.35 39.73 59.80
CA THR KA 4 -48.91 38.35 59.89
C THR KA 4 -50.07 37.40 59.61
N SER KA 5 -49.74 36.13 59.54
CA SER KA 5 -50.68 35.06 59.22
C SER KA 5 -50.73 34.04 60.33
N PRO KA 6 -51.78 33.21 60.39
CA PRO KA 6 -51.78 32.09 61.34
C PRO KA 6 -50.62 31.12 61.14
N THR KA 7 -50.12 31.00 59.91
CA THR KA 7 -48.87 30.28 59.68
C THR KA 7 -47.71 30.96 60.38
N GLY KA 8 -47.65 32.28 60.31
CA GLY KA 8 -46.54 33.04 60.86
C GLY KA 8 -45.79 33.76 59.76
N GLU KA 9 -46.39 33.77 58.57
CA GLU KA 9 -45.79 34.37 57.38
C GLU KA 9 -46.26 35.81 57.23
N LYS KA 10 -45.34 36.68 56.83
CA LYS KA 10 -45.69 38.07 56.58
C LYS KA 10 -46.49 38.21 55.29
N VAL KA 11 -47.43 39.15 55.29
CA VAL KA 11 -48.28 39.41 54.14
C VAL KA 11 -47.79 40.66 53.44
N THR KA 12 -47.54 40.56 52.13
CA THR KA 12 -47.03 41.69 51.36
C THR KA 12 -48.13 42.74 51.16
N HIS KA 13 -47.73 43.88 50.61
CA HIS KA 13 -48.67 44.96 50.38
C HIS KA 13 -49.65 44.65 49.26
N THR KA 14 -49.32 43.69 48.39
CA THR KA 14 -50.24 43.24 47.36
C THR KA 14 -51.23 42.20 47.86
N GLY KA 15 -51.12 41.78 49.12
CA GLY KA 15 -52.02 40.80 49.68
C GLY KA 15 -51.62 39.36 49.49
N GLN KA 16 -50.41 39.08 49.04
CA GLN KA 16 -49.98 37.72 48.80
C GLN KA 16 -49.51 37.06 50.10
N VAL KA 17 -49.95 35.85 50.33
CA VAL KA 17 -49.42 35.00 51.40
C VAL KA 17 -49.66 33.54 51.00
N TYR KA 18 -48.65 32.70 51.23
CA TYR KA 18 -48.79 31.30 50.90
C TYR KA 18 -49.76 30.62 51.85
N ASP KA 19 -50.50 29.64 51.30
CA ASP KA 19 -51.48 28.92 52.08
C ASP KA 19 -50.81 28.01 53.11
N ASP KA 20 -51.60 27.57 54.09
CA ASP KA 20 -51.06 26.72 55.14
C ASP KA 20 -50.71 25.33 54.62
N GLU KA 21 -51.52 24.80 53.70
CA GLU KA 21 -51.27 23.49 53.11
C GLU KA 21 -50.46 23.59 51.82
N ASP KA 22 -50.03 24.78 51.42
CA ASP KA 22 -49.23 24.94 50.22
C ASP KA 22 -47.82 24.42 50.46
N TYR KA 23 -47.28 23.70 49.48
CA TYR KA 23 -45.95 23.13 49.60
C TYR KA 23 -44.85 24.13 49.29
N ARG KA 24 -45.18 25.32 48.78
CA ARG KA 24 -44.16 26.26 48.36
C ARG KA 24 -43.61 27.10 49.50
N ARG KA 25 -44.06 26.87 50.73
CA ARG KA 25 -43.45 27.49 51.89
C ARG KA 25 -42.08 26.89 52.22
N VAL KA 26 -41.71 25.77 51.58
CA VAL KA 26 -40.44 25.12 51.85
C VAL KA 26 -39.25 25.93 51.35
N ARG KA 27 -39.47 26.88 50.44
CA ARG KA 27 -38.38 27.71 49.97
C ARG KA 27 -37.90 28.70 51.02
N PHE KA 28 -38.73 29.02 52.00
CA PHE KA 28 -38.36 29.93 53.08
C PHE KA 28 -37.83 29.21 54.30
N VAL KA 29 -37.72 27.88 54.25
CA VAL KA 29 -37.27 27.12 55.41
C VAL KA 29 -35.75 27.23 55.49
N GLY KA 30 -35.25 27.75 56.62
CA GLY KA 30 -33.85 28.08 56.75
C GLY KA 30 -33.46 29.40 56.16
N ARG KA 31 -34.41 30.15 55.60
CA ARG KA 31 -34.15 31.43 54.95
C ARG KA 31 -35.28 32.37 55.37
N GLN KA 32 -35.43 33.48 54.66
CA GLN KA 32 -36.43 34.49 55.01
C GLN KA 32 -37.19 34.92 53.77
N LYS KA 33 -38.43 35.39 53.98
CA LYS KA 33 -39.26 35.96 52.93
C LYS KA 33 -39.14 37.47 52.98
N GLU KA 34 -38.69 38.07 51.88
CA GLU KA 34 -38.42 39.50 51.86
C GLU KA 34 -39.70 40.26 51.54
N VAL KA 35 -40.06 41.20 52.42
CA VAL KA 35 -41.18 42.10 52.18
C VAL KA 35 -40.70 43.52 52.45
N ASN KA 36 -41.41 44.48 51.86
CA ASN KA 36 -41.15 45.89 52.09
C ASN KA 36 -42.02 46.38 53.23
N GLU KA 37 -41.39 46.93 54.27
CA GLU KA 37 -42.13 47.33 55.46
C GLU KA 37 -42.84 48.66 55.29
N ASN KA 38 -42.56 49.40 54.22
CA ASN KA 38 -43.18 50.70 53.98
C ASN KA 38 -44.31 50.52 52.97
N PHE KA 39 -45.54 50.57 53.46
CA PHE KA 39 -46.71 50.39 52.60
C PHE KA 39 -47.10 51.75 52.04
N ALA KA 40 -47.09 51.86 50.71
CA ALA KA 40 -47.34 53.16 50.08
C ALA KA 40 -48.78 53.62 50.25
N ILE KA 41 -49.73 52.67 50.35
CA ILE KA 41 -51.12 53.02 50.58
C ILE KA 41 -51.29 53.62 51.97
N ASP KA 42 -50.58 53.10 52.97
CA ASP KA 42 -50.62 53.69 54.30
C ASP KA 42 -49.82 54.98 54.37
N LEU KA 43 -48.76 55.11 53.57
CA LEU KA 43 -47.92 56.30 53.62
C LEU KA 43 -48.59 57.50 52.97
N ILE KA 44 -49.27 57.30 51.85
CA ILE KA 44 -49.98 58.40 51.19
C ILE KA 44 -51.24 58.81 51.94
N ALA KA 45 -51.71 57.98 52.88
CA ALA KA 45 -52.86 58.35 53.68
C ALA KA 45 -52.53 59.40 54.74
N GLU KA 46 -51.25 59.56 55.09
CA GLU KA 46 -50.86 60.51 56.11
C GLU KA 46 -50.66 61.93 55.57
N GLN KA 47 -50.65 62.09 54.26
CA GLN KA 47 -50.44 63.42 53.68
C GLN KA 47 -51.69 64.27 53.89
N PRO KA 48 -51.57 65.47 54.45
CA PRO KA 48 -52.75 66.33 54.59
C PRO KA 48 -53.23 66.83 53.23
N VAL KA 49 -54.53 67.07 53.14
CA VAL KA 49 -55.11 67.60 51.91
C VAL KA 49 -54.77 69.08 51.80
N SER KA 50 -54.48 69.53 50.59
CA SER KA 50 -54.10 70.91 50.34
C SER KA 50 -55.33 71.70 49.91
N GLN KA 51 -55.55 72.83 50.57
CA GLN KA 51 -56.73 73.65 50.33
C GLN KA 51 -56.34 74.84 49.46
N VAL KA 52 -57.04 75.00 48.33
CA VAL KA 52 -56.72 76.05 47.38
C VAL KA 52 -57.99 76.82 47.05
N GLY KA 53 -57.79 78.03 46.51
CA GLY KA 53 -58.89 78.93 46.26
C GLY KA 53 -59.28 79.06 44.80
N SER KA 54 -59.00 78.04 44.00
CA SER KA 54 -59.31 78.05 42.58
C SER KA 54 -60.27 76.93 42.24
N ARG KA 55 -60.88 77.03 41.06
CA ARG KA 55 -61.78 75.97 40.59
C ARG KA 55 -61.02 74.75 40.11
N VAL KA 56 -59.85 74.94 39.50
CA VAL KA 56 -59.00 73.85 39.07
C VAL KA 56 -57.62 74.05 39.66
N ILE KA 57 -56.86 72.96 39.74
CA ILE KA 57 -55.49 72.99 40.23
C ILE KA 57 -54.62 72.18 39.28
N SER KA 58 -53.31 72.42 39.34
CA SER KA 58 -52.34 71.71 38.52
C SER KA 58 -51.34 71.01 39.42
N CYS KA 59 -51.00 69.78 39.06
CA CYS KA 59 -50.05 68.98 39.81
C CYS KA 59 -48.98 68.44 38.89
N ASP KA 60 -47.72 68.59 39.31
CA ASP KA 60 -46.58 68.00 38.60
C ASP KA 60 -45.75 67.11 39.50
N GLY KA 61 -46.20 66.85 40.73
CA GLY KA 61 -45.50 65.98 41.64
C GLY KA 61 -44.40 66.63 42.44
N GLY KA 62 -44.08 67.90 42.19
CA GLY KA 62 -42.97 68.55 42.86
C GLY KA 62 -41.67 68.29 42.17
N GLY KA 63 -40.85 69.33 42.02
CA GLY KA 63 -39.58 69.21 41.34
C GLY KA 63 -39.62 69.53 39.85
N GLY KA 64 -40.79 69.75 39.28
CA GLY KA 64 -40.88 70.12 37.89
C GLY KA 64 -40.60 68.98 36.94
N ALA KA 65 -39.43 69.02 36.29
CA ALA KA 65 -39.05 67.96 35.37
C ALA KA 65 -38.72 66.65 36.09
N LEU KA 66 -38.57 66.67 37.40
CA LEU KA 66 -38.27 65.48 38.19
C LEU KA 66 -39.52 64.79 38.72
N GLY KA 67 -40.71 65.30 38.40
CA GLY KA 67 -41.95 64.69 38.82
C GLY KA 67 -42.66 63.96 37.70
N HIS KA 68 -43.96 63.82 37.86
CA HIS KA 68 -44.82 63.22 36.85
C HIS KA 68 -45.26 64.28 35.85
N PRO KA 69 -45.83 63.87 34.71
CA PRO KA 69 -46.41 64.86 33.79
C PRO KA 69 -47.51 65.68 34.45
N ARG KA 70 -47.57 66.95 34.08
CA ARG KA 70 -48.47 67.89 34.74
C ARG KA 70 -49.92 67.62 34.35
N VAL KA 71 -50.78 67.44 35.35
CA VAL KA 71 -52.18 67.18 35.13
C VAL KA 71 -52.99 68.26 35.81
N TYR KA 72 -54.26 68.36 35.41
CA TYR KA 72 -55.17 69.36 35.95
C TYR KA 72 -56.34 68.65 36.61
N ILE KA 73 -56.68 69.10 37.81
CA ILE KA 73 -57.67 68.46 38.66
C ILE KA 73 -58.81 69.45 38.90
N ASN KA 74 -60.03 68.99 38.68
CA ASN KA 74 -61.23 69.78 38.94
C ASN KA 74 -61.67 69.63 40.39
N LEU KA 75 -62.19 70.71 40.95
CA LEU KA 75 -62.63 70.75 42.34
C LEU KA 75 -64.06 71.23 42.44
N ASP KA 76 -64.91 70.83 41.48
CA ASP KA 76 -66.30 71.25 41.51
C ASP KA 76 -67.11 70.48 42.53
N LYS KA 77 -66.82 69.20 42.74
CA LYS KA 77 -67.55 68.40 43.72
C LYS KA 77 -67.13 68.80 45.13
N GLU KA 78 -68.12 68.97 46.01
CA GLU KA 78 -67.85 69.31 47.39
C GLU KA 78 -67.86 68.10 48.32
N THR KA 79 -68.43 66.98 47.88
CA THR KA 79 -68.50 65.80 48.73
C THR KA 79 -67.16 65.07 48.82
N LYS KA 80 -66.29 65.24 47.83
CA LYS KA 80 -65.03 64.52 47.78
C LYS KA 80 -63.91 65.47 47.39
N THR KA 81 -62.69 65.11 47.77
CA THR KA 81 -61.50 65.84 47.35
C THR KA 81 -61.06 65.39 45.97
N GLY KA 82 -60.16 66.17 45.37
CA GLY KA 82 -59.64 65.84 44.06
C GLY KA 82 -58.27 65.19 44.13
N THR KA 83 -58.20 63.90 43.86
CA THR KA 83 -56.94 63.16 43.94
C THR KA 83 -56.21 63.22 42.61
N CYS KA 84 -54.91 63.48 42.67
CA CYS KA 84 -54.06 63.38 41.48
C CYS KA 84 -53.93 61.93 41.06
N GLY KA 85 -54.03 61.68 39.76
CA GLY KA 85 -53.98 60.32 39.25
C GLY KA 85 -52.61 59.69 39.29
N TYR KA 86 -51.55 60.51 39.35
CA TYR KA 86 -50.19 60.01 39.36
C TYR KA 86 -49.64 59.86 40.77
N CYS KA 87 -49.57 60.96 41.51
CA CYS KA 87 -48.88 60.98 42.80
C CYS KA 87 -49.81 60.67 43.97
N GLY KA 88 -51.11 60.68 43.77
CA GLY KA 88 -52.04 60.38 44.83
C GLY KA 88 -52.33 61.49 45.81
N LEU KA 89 -51.77 62.68 45.59
CA LEU KA 89 -52.07 63.81 46.46
C LEU KA 89 -53.47 64.33 46.18
N GLN KA 90 -54.15 64.76 47.23
CA GLN KA 90 -55.53 65.24 47.12
C GLN KA 90 -55.63 66.72 47.43
N PHE KA 91 -56.61 67.37 46.83
CA PHE KA 91 -56.81 68.80 46.92
C PHE KA 91 -58.26 69.10 47.22
N ARG KA 92 -58.50 70.21 47.89
CA ARG KA 92 -59.86 70.63 48.23
C ARG KA 92 -59.98 72.13 47.99
N GLN KA 93 -61.09 72.54 47.40
CA GLN KA 93 -61.36 73.96 47.23
C GLN KA 93 -61.61 74.61 48.59
N GLN KA 94 -61.19 75.87 48.72
CA GLN KA 94 -61.36 76.57 49.99
C GLN KA 94 -62.83 76.87 50.27
N HIS KA 95 -63.60 77.21 49.25
CA HIS KA 95 -65.01 77.51 49.43
C HIS KA 95 -65.86 76.24 49.40
N THR LA 1 -32.36 17.31 -21.64
CA THR LA 1 -33.36 18.34 -21.89
C THR LA 1 -33.37 19.37 -20.77
N GLN LA 2 -32.63 19.07 -19.71
CA GLN LA 2 -32.46 19.86 -18.47
C GLN LA 2 -33.78 20.28 -17.82
N LEU LA 3 -34.88 19.62 -18.17
CA LEU LA 3 -36.17 19.87 -17.54
C LEU LA 3 -36.93 18.56 -17.46
N ILE LA 4 -37.08 18.02 -16.25
CA ILE LA 4 -37.73 16.74 -16.06
C ILE LA 4 -39.19 17.00 -15.69
N THR LA 5 -39.99 15.95 -15.78
CA THR LA 5 -41.43 16.01 -15.51
C THR LA 5 -41.72 15.31 -14.20
N VAL LA 6 -42.31 16.04 -13.26
CA VAL LA 6 -42.76 15.48 -11.99
C VAL LA 6 -44.25 15.74 -11.86
N ASP LA 7 -45.04 14.68 -11.86
CA ASP LA 7 -46.49 14.77 -11.81
C ASP LA 7 -47.06 14.53 -10.43
N GLU LA 8 -46.22 14.52 -9.39
CA GLU LA 8 -46.65 14.27 -8.04
C GLU LA 8 -46.93 15.58 -7.31
N LYS LA 9 -47.71 15.48 -6.24
CA LYS LA 9 -48.04 16.64 -5.43
C LYS LA 9 -46.80 17.13 -4.70
N LEU LA 10 -46.69 18.45 -4.56
CA LEU LA 10 -45.55 19.05 -3.89
C LEU LA 10 -45.64 18.81 -2.39
N ASP LA 11 -44.67 18.10 -1.83
CA ASP LA 11 -44.62 17.82 -0.39
C ASP LA 11 -43.17 17.89 0.05
N ILE LA 12 -42.90 18.73 1.05
CA ILE LA 12 -41.55 18.98 1.53
C ILE LA 12 -41.43 18.70 3.02
N THR LA 13 -42.32 17.87 3.58
CA THR LA 13 -42.30 17.62 5.02
C THR LA 13 -41.09 16.83 5.48
N THR LA 14 -40.46 16.08 4.58
CA THR LA 14 -39.30 15.29 4.95
C THR LA 14 -38.02 16.11 5.00
N LEU LA 15 -38.07 17.38 4.59
CA LEU LA 15 -36.88 18.23 4.55
C LEU LA 15 -36.90 19.36 5.56
N THR LA 16 -38.07 19.71 6.11
CA THR LA 16 -38.17 20.86 6.98
C THR LA 16 -37.57 20.61 8.37
N GLY LA 17 -37.42 19.35 8.77
CA GLY LA 17 -36.90 19.04 10.07
C GLY LA 17 -37.88 19.18 11.22
N VAL LA 18 -39.14 19.47 10.93
CA VAL LA 18 -40.16 19.54 11.98
C VAL LA 18 -40.45 18.12 12.48
N PRO LA 19 -40.58 17.91 13.79
CA PRO LA 19 -41.03 16.60 14.28
C PRO LA 19 -42.45 16.30 13.83
N GLU LA 20 -42.75 15.01 13.70
CA GLU LA 20 -43.97 14.57 13.05
C GLU LA 20 -45.21 14.91 13.87
N GLU LA 21 -45.10 14.97 15.19
CA GLU LA 21 -46.27 15.29 16.00
C GLU LA 21 -46.58 16.77 16.00
N HIS LA 22 -45.70 17.61 15.48
CA HIS LA 22 -46.01 19.00 15.19
C HIS LA 22 -46.47 19.19 13.76
N ILE LA 23 -46.65 18.12 13.01
CA ILE LA 23 -47.20 18.17 11.66
C ILE LA 23 -48.58 17.53 11.60
N LYS LA 24 -48.70 16.31 12.11
CA LYS LA 24 -49.95 15.55 11.98
C LYS LA 24 -50.98 15.90 13.05
N THR LA 25 -50.59 16.59 14.12
CA THR LA 25 -51.50 16.90 15.21
C THR LA 25 -51.77 18.39 15.34
N ARG LA 26 -51.38 19.20 14.37
CA ARG LA 26 -51.57 20.64 14.43
C ARG LA 26 -52.59 21.08 13.39
N LYS LA 27 -53.40 22.06 13.75
CA LYS LA 27 -54.44 22.60 12.88
C LYS LA 27 -54.07 24.04 12.53
N ALA LA 28 -53.69 24.26 11.28
CA ALA LA 28 -53.42 25.61 10.80
C ALA LA 28 -54.72 26.33 10.49
N ARG LA 29 -54.75 27.62 10.77
CA ARG LA 29 -55.92 28.46 10.54
C ARG LA 29 -55.52 29.61 9.62
N ILE LA 30 -56.25 29.74 8.52
CA ILE LA 30 -55.98 30.75 7.50
C ILE LA 30 -57.15 31.72 7.49
N PHE LA 31 -56.87 33.00 7.76
CA PHE LA 31 -57.94 33.94 7.99
C PHE LA 31 -57.42 35.36 7.83
N VAL LA 32 -58.33 36.28 7.54
CA VAL LA 32 -58.03 37.70 7.57
C VAL LA 32 -58.37 38.21 8.96
N PRO LA 33 -57.43 38.82 9.69
CA PRO LA 33 -57.69 39.20 11.08
C PRO LA 33 -58.76 40.27 11.17
N ALA LA 34 -59.57 40.19 12.22
CA ALA LA 34 -60.66 41.13 12.41
C ALA LA 34 -60.11 42.50 12.80
N ARG LA 35 -60.85 43.53 12.41
CA ARG LA 35 -60.51 44.89 12.83
C ARG LA 35 -60.75 45.01 14.33
N ASN LA 36 -59.79 45.62 15.02
CA ASN LA 36 -59.95 45.89 16.44
C ASN LA 36 -61.08 46.90 16.64
N ASN LA 37 -62.05 46.55 17.48
CA ASN LA 37 -63.21 47.42 17.65
C ASN LA 37 -62.90 48.68 18.42
N MET LA 38 -61.74 48.76 19.07
CA MET LA 38 -61.35 49.97 19.78
C MET LA 38 -60.81 51.05 18.83
N GLN LA 39 -60.58 50.73 17.57
CA GLN LA 39 -60.04 51.69 16.62
C GLN LA 39 -60.82 51.61 15.32
N SER LA 40 -60.78 52.71 14.56
CA SER LA 40 -61.48 52.80 13.30
C SER LA 40 -60.56 52.56 12.10
N GLY LA 41 -59.29 52.26 12.32
CA GLY LA 41 -58.39 52.01 11.22
C GLY LA 41 -58.55 50.61 10.67
N VAL LA 42 -58.31 50.48 9.36
CA VAL LA 42 -58.51 49.22 8.66
C VAL LA 42 -57.23 48.75 7.97
N ASN LA 43 -56.07 49.23 8.40
CA ASN LA 43 -54.83 48.83 7.76
C ASN LA 43 -54.36 47.45 8.19
N ASN LA 44 -54.91 46.90 9.26
CA ASN LA 44 -54.50 45.58 9.73
C ASN LA 44 -55.33 44.45 9.14
N THR LA 45 -56.31 44.76 8.29
CA THR LA 45 -57.19 43.76 7.71
C THR LA 45 -56.95 43.59 6.21
N LYS LA 46 -55.73 43.87 5.75
CA LYS LA 46 -55.40 43.77 4.34
C LYS LA 46 -54.79 42.44 3.94
N LYS LA 47 -54.08 41.77 4.85
CA LYS LA 47 -53.32 40.58 4.52
C LYS LA 47 -53.89 39.36 5.22
N TRP LA 48 -53.77 38.21 4.56
CA TRP LA 48 -54.14 36.95 5.16
C TRP LA 48 -53.07 36.51 6.14
N LYS LA 49 -53.50 35.87 7.23
CA LYS LA 49 -52.59 35.35 8.24
C LYS LA 49 -52.90 33.88 8.45
N MET LA 50 -51.84 33.09 8.62
CA MET LA 50 -51.96 31.69 9.01
C MET LA 50 -51.30 31.51 10.36
N GLU LA 51 -52.03 30.93 11.30
CA GLU LA 51 -51.51 30.70 12.65
C GLU LA 51 -51.93 29.28 13.07
N PHE LA 52 -51.69 28.96 14.35
CA PHE LA 52 -51.91 27.61 14.85
C PHE LA 52 -52.72 27.65 16.13
N ASP LA 53 -53.24 26.49 16.51
CA ASP LA 53 -54.07 26.37 17.70
C ASP LA 53 -53.22 26.56 18.96
N THR LA 54 -53.86 27.06 20.01
CA THR LA 54 -53.16 27.38 21.26
C THR LA 54 -53.07 26.13 22.13
N ARG LA 55 -51.86 25.81 22.56
CA ARG LA 55 -51.60 24.65 23.39
C ARG LA 55 -51.63 25.06 24.86
N GLU LA 56 -51.20 24.16 25.74
CA GLU LA 56 -51.31 24.38 27.17
C GLU LA 56 -50.22 25.33 27.66
N ARG LA 57 -50.63 26.33 28.45
CA ARG LA 57 -49.72 27.17 29.20
C ARG LA 57 -49.99 26.97 30.68
N TRP LA 58 -48.94 26.75 31.46
CA TRP LA 58 -49.07 26.55 32.89
C TRP LA 58 -48.26 27.61 33.62
N GLU LA 59 -48.29 27.53 34.95
CA GLU LA 59 -47.64 28.51 35.80
C GLU LA 59 -46.32 27.96 36.31
N ASN LA 60 -45.29 28.79 36.26
CA ASN LA 60 -43.98 28.41 36.79
C ASN LA 60 -44.06 28.24 38.30
N PRO LA 61 -43.50 27.18 38.87
CA PRO LA 61 -43.52 27.03 40.33
C PRO LA 61 -42.70 28.08 41.06
N LEU LA 62 -41.69 28.67 40.42
CA LEU LA 62 -40.81 29.59 41.12
C LEU LA 62 -41.38 31.01 41.13
N MET LA 63 -41.57 31.61 39.96
CA MET LA 63 -41.97 33.00 39.86
C MET LA 63 -43.41 33.19 39.41
N GLY LA 64 -44.09 32.14 38.96
CA GLY LA 64 -45.43 32.30 38.46
C GLY LA 64 -45.53 32.74 37.03
N TRP LA 65 -44.45 32.63 36.26
CA TRP LA 65 -44.47 32.98 34.85
C TRP LA 65 -45.28 31.96 34.05
N ALA LA 66 -45.59 32.32 32.82
CA ALA LA 66 -46.35 31.45 31.92
C ALA LA 66 -45.38 30.58 31.13
N SER LA 67 -45.40 29.28 31.41
CA SER LA 67 -44.54 28.31 30.75
C SER LA 67 -45.34 27.54 29.70
N THR LA 68 -44.67 27.19 28.61
CA THR LA 68 -45.29 26.44 27.55
C THR LA 68 -44.29 25.42 27.01
N ALA LA 69 -44.82 24.44 26.27
CA ALA LA 69 -44.00 23.44 25.60
C ALA LA 69 -44.29 23.38 24.11
N ASP LA 70 -44.95 24.41 23.57
CA ASP LA 70 -45.34 24.44 22.18
C ASP LA 70 -44.42 25.39 21.41
N PRO LA 71 -43.59 24.88 20.50
CA PRO LA 71 -42.74 25.79 19.72
C PRO LA 71 -43.49 26.62 18.70
N LEU LA 72 -44.67 26.18 18.26
CA LEU LA 72 -45.46 26.89 17.28
C LEU LA 72 -46.43 27.88 17.92
N SER LA 73 -46.18 28.31 19.16
CA SER LA 73 -47.11 29.18 19.86
C SER LA 73 -47.07 30.61 19.35
N ASN LA 74 -45.94 31.07 18.84
CA ASN LA 74 -45.78 32.44 18.37
C ASN LA 74 -45.60 32.51 16.86
N LEU LA 75 -45.91 31.44 16.15
CA LEU LA 75 -45.69 31.37 14.71
C LEU LA 75 -46.89 31.97 14.00
N VAL LA 76 -46.72 33.15 13.42
CA VAL LA 76 -47.75 33.83 12.64
C VAL LA 76 -47.14 34.15 11.28
N LEU LA 77 -47.77 33.66 10.22
CA LEU LA 77 -47.27 33.86 8.86
C LEU LA 77 -48.23 34.75 8.08
N THR LA 78 -47.67 35.58 7.21
CA THR LA 78 -48.42 36.58 6.46
C THR LA 78 -48.38 36.24 4.98
N PHE LA 79 -49.54 36.28 4.32
CA PHE LA 79 -49.67 35.99 2.91
C PHE LA 79 -50.54 37.04 2.24
N SER LA 80 -50.23 37.33 0.98
CA SER LA 80 -50.94 38.39 0.27
C SER LA 80 -52.33 37.95 -0.13
N THR LA 81 -52.48 36.72 -0.60
CA THR LA 81 -53.77 36.19 -1.02
C THR LA 81 -54.03 34.85 -0.35
N LYS LA 82 -55.26 34.38 -0.48
CA LYS LA 82 -55.69 33.15 0.20
C LYS LA 82 -55.03 31.93 -0.40
N GLU LA 83 -54.88 31.90 -1.72
CA GLU LA 83 -54.36 30.72 -2.39
C GLU LA 83 -52.88 30.49 -2.07
N ASP LA 84 -52.12 31.55 -1.86
CA ASP LA 84 -50.73 31.41 -1.43
C ASP LA 84 -50.65 30.75 -0.06
N ALA LA 85 -51.52 31.16 0.87
CA ALA LA 85 -51.57 30.56 2.19
C ALA LA 85 -52.00 29.10 2.11
N ILE LA 86 -52.98 28.81 1.26
CA ILE LA 86 -53.46 27.43 1.09
C ILE LA 86 -52.34 26.55 0.54
N ALA LA 87 -51.62 27.04 -0.47
CA ALA LA 87 -50.54 26.27 -1.06
C ALA LA 87 -49.38 26.08 -0.08
N PHE LA 88 -49.08 27.10 0.73
CA PHE LA 88 -48.04 26.96 1.73
C PHE LA 88 -48.42 25.95 2.80
N ALA LA 89 -49.67 25.95 3.23
CA ALA LA 89 -50.11 24.98 4.23
C ALA LA 89 -50.12 23.57 3.66
N GLU LA 90 -50.56 23.42 2.41
CA GLU LA 90 -50.63 22.09 1.80
C GLU LA 90 -49.25 21.55 1.46
N LYS LA 91 -48.30 22.45 1.18
CA LYS LA 91 -46.94 22.01 0.88
C LYS LA 91 -46.24 21.48 2.13
N ASN LA 92 -46.53 22.06 3.29
CA ASN LA 92 -45.88 21.71 4.54
C ASN LA 92 -46.61 20.61 5.31
N GLY LA 93 -47.68 20.05 4.74
CA GLY LA 93 -48.34 18.93 5.37
C GLY LA 93 -49.18 19.26 6.57
N TRP LA 94 -49.64 20.50 6.69
CA TRP LA 94 -50.47 20.92 7.81
C TRP LA 94 -51.94 20.83 7.41
N SER LA 95 -52.74 20.17 8.25
CA SER LA 95 -54.19 20.21 8.07
C SER LA 95 -54.69 21.60 8.45
N TYR LA 96 -55.43 22.22 7.55
CA TYR LA 96 -55.76 23.63 7.66
C TYR LA 96 -57.26 23.83 7.50
N ASP LA 97 -57.74 24.94 8.08
CA ASP LA 97 -59.08 25.43 7.78
C ASP LA 97 -59.01 26.89 7.35
N VAL LA 98 -59.95 27.29 6.51
CA VAL LA 98 -59.95 28.59 5.85
C VAL LA 98 -61.23 29.31 6.21
N GLU LA 99 -61.12 30.55 6.66
CA GLU LA 99 -62.26 31.41 6.91
C GLU LA 99 -62.29 32.52 5.86
N GLU LA 100 -63.45 32.74 5.27
CA GLU LA 100 -63.60 33.75 4.23
C GLU LA 100 -63.47 35.15 4.79
N ARG LA 101 -63.00 36.07 3.95
CA ARG LA 101 -62.82 37.45 4.37
C ARG LA 101 -64.17 38.13 4.50
N LYS LA 102 -64.37 38.84 5.61
CA LYS LA 102 -65.60 39.58 5.85
C LYS LA 102 -65.36 41.06 5.57
N VAL LA 103 -66.09 41.60 4.61
CA VAL LA 103 -65.96 43.00 4.23
C VAL LA 103 -67.22 43.74 4.66
N PRO LA 104 -67.13 45.02 5.03
CA PRO LA 104 -68.35 45.78 5.35
C PRO LA 104 -69.10 46.16 4.08
N LYS LA 105 -70.38 45.82 4.03
CA LYS LA 105 -71.21 46.21 2.91
C LYS LA 105 -71.43 47.71 2.93
N PRO LA 106 -71.57 48.34 1.75
CA PRO LA 106 -71.75 49.79 1.71
C PRO LA 106 -73.07 50.23 2.31
N LYS LA 107 -73.05 51.40 2.92
CA LYS LA 107 -74.22 52.00 3.52
C LYS LA 107 -74.70 53.17 2.68
N SER LA 108 -75.87 53.67 3.02
CA SER LA 108 -76.44 54.87 2.40
C SER LA 108 -76.42 55.97 3.45
N LYS LA 109 -75.52 56.93 3.29
CA LYS LA 109 -75.31 57.99 4.26
C LYS LA 109 -75.89 59.30 3.73
N SER LA 110 -76.69 59.96 4.56
CA SER LA 110 -77.34 61.21 4.18
C SER LA 110 -77.39 62.12 5.40
N TYR LA 111 -76.80 63.31 5.28
CA TYR LA 111 -76.90 64.29 6.36
C TYR LA 111 -78.29 64.88 6.44
N GLY LA 112 -79.01 64.94 5.31
CA GLY LA 112 -80.36 65.48 5.32
C GLY LA 112 -81.40 64.56 5.89
N ALA LA 113 -81.04 63.31 6.19
CA ALA LA 113 -81.98 62.40 6.82
C ALA LA 113 -82.18 62.71 8.30
N ASN LA 114 -81.29 63.49 8.91
CA ASN LA 114 -81.43 63.85 10.31
C ASN LA 114 -82.58 64.83 10.54
N PHE LA 115 -83.06 65.49 9.49
CA PHE LA 115 -84.11 66.49 9.58
C PHE LA 115 -85.24 66.14 8.64
N SER LA 116 -85.70 64.89 8.69
CA SER LA 116 -86.78 64.46 7.81
C SER LA 116 -88.11 65.06 8.25
N TRP LA 117 -88.98 65.30 7.27
CA TRP LA 117 -90.27 65.91 7.56
C TRP LA 117 -91.23 64.93 8.21
N ASN LA 118 -91.22 63.67 7.77
CA ASN LA 118 -92.20 62.71 8.26
C ASN LA 118 -91.61 61.32 8.53
N LYS LA 119 -90.29 61.18 8.56
CA LYS LA 119 -89.68 59.88 8.80
C LYS LA 119 -89.16 59.77 10.22
N ARG LA 120 -88.96 58.54 10.67
CA ARG LA 120 -88.51 58.28 12.03
C ARG LA 120 -87.02 58.53 12.22
N THR LA 121 -86.29 58.84 11.16
CA THR LA 121 -84.86 59.04 11.24
C THR LA 121 -84.47 60.45 11.67
N ARG LA 122 -85.40 61.23 12.22
CA ARG LA 122 -85.05 62.51 12.81
C ARG LA 122 -84.20 62.30 14.06
N VAL LA 123 -83.27 63.20 14.28
CA VAL LA 123 -82.46 63.19 15.48
C VAL LA 123 -83.13 64.06 16.53
N SER LA 124 -83.17 63.56 17.77
CA SER LA 124 -83.77 64.34 18.85
C SER LA 124 -82.88 65.50 19.27
N THR LA 125 -81.58 65.41 19.03
CA THR LA 125 -80.64 66.48 19.33
C THR LA 125 -79.47 66.37 18.37
N LYS LA 126 -78.45 67.18 18.61
CA LYS LA 126 -77.29 67.23 17.73
C LYS LA 126 -76.06 67.72 18.46
N LEU MA 36 -56.43 17.83 47.06
CA LEU MA 36 -55.33 18.17 46.16
C LEU MA 36 -55.26 19.67 45.96
N HIS MA 37 -54.12 20.26 46.31
CA HIS MA 37 -53.94 21.69 46.17
C HIS MA 37 -53.79 22.07 44.70
N HIS MA 38 -54.05 23.35 44.41
CA HIS MA 38 -53.95 23.81 43.04
C HIS MA 38 -52.51 23.87 42.56
N ALA MA 39 -51.57 24.09 43.46
CA ALA MA 39 -50.16 24.18 43.09
C ALA MA 39 -49.49 22.82 42.96
N VAL MA 40 -50.18 21.74 43.32
CA VAL MA 40 -49.62 20.39 43.25
C VAL MA 40 -50.24 19.56 42.13
N ILE MA 41 -51.24 20.08 41.43
CA ILE MA 41 -51.82 19.37 40.29
C ILE MA 41 -50.81 19.37 39.14
N PRO MA 42 -50.54 18.22 38.52
CA PRO MA 42 -49.52 18.18 37.47
C PRO MA 42 -49.88 18.98 36.23
N HIS MA 43 -48.85 19.49 35.57
CA HIS MA 43 -49.01 20.30 34.38
C HIS MA 43 -47.81 20.08 33.46
N GLY MA 44 -48.02 20.37 32.19
CA GLY MA 44 -46.93 20.29 31.22
C GLY MA 44 -46.88 18.98 30.48
N LYS MA 45 -45.71 18.71 29.90
CA LYS MA 45 -45.46 17.51 29.12
C LYS MA 45 -44.39 16.62 29.74
N GLY MA 46 -44.18 16.71 31.05
CA GLY MA 46 -43.19 15.87 31.70
C GLY MA 46 -41.77 16.24 31.39
N GLY MA 47 -41.49 17.50 31.10
CA GLY MA 47 -40.14 17.95 30.79
C GLY MA 47 -39.43 18.50 32.00
N ARG MA 48 -38.38 19.28 31.72
CA ARG MA 48 -37.59 19.87 32.80
C ARG MA 48 -38.35 21.00 33.49
N SER MA 49 -39.11 21.78 32.73
CA SER MA 49 -39.84 22.92 33.25
C SER MA 49 -41.26 22.59 33.66
N SER MA 50 -41.64 21.32 33.63
CA SER MA 50 -43.00 20.92 33.91
C SER MA 50 -43.23 20.83 35.43
N VAL MA 51 -44.47 20.57 35.81
CA VAL MA 51 -44.84 20.31 37.19
C VAL MA 51 -45.37 18.89 37.27
N SER MA 52 -44.73 18.06 38.08
CA SER MA 52 -45.13 16.67 38.18
C SER MA 52 -45.98 16.40 39.43
N GLY MA 53 -46.02 17.32 40.38
CA GLY MA 53 -46.83 17.14 41.56
C GLY MA 53 -46.24 16.23 42.62
N ILE MA 54 -44.97 15.88 42.51
CA ILE MA 54 -44.31 15.02 43.48
C ILE MA 54 -43.35 15.88 44.29
N VAL MA 55 -43.59 15.97 45.60
CA VAL MA 55 -42.71 16.67 46.53
C VAL MA 55 -42.02 15.60 47.35
N ALA MA 56 -40.74 15.37 47.06
CA ALA MA 56 -39.99 14.26 47.61
C ALA MA 56 -38.88 14.76 48.50
N THR MA 57 -38.76 14.17 49.68
CA THR MA 57 -37.63 14.41 50.57
C THR MA 57 -36.76 13.16 50.55
N VAL MA 58 -35.57 13.27 49.97
CA VAL MA 58 -34.70 12.12 49.77
C VAL MA 58 -33.59 12.18 50.82
N PHE MA 59 -33.66 11.30 51.81
CA PHE MA 59 -32.61 11.23 52.81
C PHE MA 59 -31.46 10.37 52.30
N GLY MA 60 -30.24 10.85 52.50
CA GLY MA 60 -29.09 10.21 51.89
C GLY MA 60 -29.08 10.34 50.38
N ALA MA 61 -29.39 11.52 49.86
CA ALA MA 61 -29.35 11.76 48.43
C ALA MA 61 -27.97 12.10 47.90
N THR MA 62 -26.99 12.24 48.79
CA THR MA 62 -25.63 12.55 48.39
C THR MA 62 -24.82 11.31 48.05
N GLY MA 63 -25.42 10.13 48.12
CA GLY MA 63 -24.72 8.90 47.83
C GLY MA 63 -24.74 8.53 46.36
N PHE MA 64 -25.18 7.31 46.06
CA PHE MA 64 -25.16 6.77 44.72
C PHE MA 64 -26.56 6.49 44.20
N LEU MA 65 -27.34 5.69 44.94
CA LEU MA 65 -28.75 5.51 44.63
C LEU MA 65 -29.51 6.82 44.74
N GLY MA 66 -29.20 7.63 45.75
CA GLY MA 66 -29.84 8.91 45.90
C GLY MA 66 -29.52 9.87 44.77
N ARG MA 67 -28.28 9.81 44.27
CA ARG MA 67 -27.91 10.63 43.13
C ARG MA 67 -28.71 10.25 41.89
N TYR MA 68 -28.84 8.95 41.63
CA TYR MA 68 -29.61 8.51 40.47
C TYR MA 68 -31.10 8.84 40.63
N LEU MA 69 -31.62 8.71 41.85
CA LEU MA 69 -33.03 9.01 42.10
C LEU MA 69 -33.32 10.50 41.95
N VAL MA 70 -32.42 11.36 42.44
CA VAL MA 70 -32.62 12.80 42.29
C VAL MA 70 -32.53 13.20 40.82
N ASN MA 71 -31.64 12.55 40.06
CA ASN MA 71 -31.59 12.80 38.62
C ASN MA 71 -32.89 12.41 37.93
N HIS MA 72 -33.46 11.26 38.31
CA HIS MA 72 -34.70 10.82 37.67
C HIS MA 72 -35.89 11.67 38.11
N LEU MA 73 -35.87 12.18 39.33
CA LEU MA 73 -36.97 13.00 39.82
C LEU MA 73 -36.94 14.41 39.24
N GLY MA 74 -35.73 14.97 39.05
CA GLY MA 74 -35.62 16.33 38.61
C GLY MA 74 -35.94 16.53 37.14
N ARG MA 75 -35.75 15.51 36.32
CA ARG MA 75 -36.04 15.65 34.90
C ARG MA 75 -37.53 15.63 34.59
N MET MA 76 -38.35 15.17 35.53
CA MET MA 76 -39.80 15.27 35.39
C MET MA 76 -40.34 16.62 35.84
N GLY MA 77 -39.56 17.40 36.57
CA GLY MA 77 -40.04 18.65 37.11
C GLY MA 77 -40.71 18.45 38.45
N SER MA 78 -39.99 17.84 39.39
CA SER MA 78 -40.50 17.56 40.72
C SER MA 78 -39.74 18.39 41.75
N GLN MA 79 -40.45 18.78 42.81
CA GLN MA 79 -39.81 19.48 43.93
C GLN MA 79 -39.07 18.46 44.77
N VAL MA 80 -37.75 18.62 44.87
CA VAL MA 80 -36.89 17.70 45.59
C VAL MA 80 -36.24 18.44 46.75
N ILE MA 81 -36.42 17.92 47.96
CA ILE MA 81 -35.76 18.45 49.14
C ILE MA 81 -34.62 17.50 49.51
N VAL MA 82 -33.40 18.03 49.54
CA VAL MA 82 -32.22 17.23 49.83
C VAL MA 82 -31.66 17.67 51.18
N PRO MA 83 -31.87 16.90 52.25
CA PRO MA 83 -31.16 17.16 53.50
C PRO MA 83 -29.79 16.50 53.45
N TYR MA 84 -28.75 17.31 53.57
CA TYR MA 84 -27.38 16.87 53.44
C TYR MA 84 -26.64 17.01 54.77
N ARG MA 85 -25.68 16.12 54.98
CA ARG MA 85 -24.87 16.11 56.19
C ARG MA 85 -23.46 16.65 55.95
N CYS MA 86 -22.97 16.57 54.72
CA CYS MA 86 -21.58 16.82 54.39
C CYS MA 86 -21.38 18.28 54.00
N GLU MA 87 -20.21 18.57 53.43
CA GLU MA 87 -19.95 19.87 52.83
C GLU MA 87 -20.83 20.05 51.60
N PRO MA 88 -21.32 21.27 51.34
CA PRO MA 88 -22.11 21.51 50.11
C PRO MA 88 -21.34 21.30 48.82
N TYR MA 89 -20.00 21.29 48.89
CA TYR MA 89 -19.18 20.97 47.73
C TYR MA 89 -19.50 19.59 47.17
N ASP MA 90 -19.95 18.65 48.01
CA ASP MA 90 -20.37 17.35 47.52
C ASP MA 90 -21.75 17.38 46.89
N THR MA 91 -22.62 18.31 47.32
CA THR MA 91 -23.93 18.48 46.72
C THR MA 91 -23.89 19.34 45.46
N MET MA 92 -22.72 19.88 45.13
CA MET MA 92 -22.56 20.63 43.89
C MET MA 92 -22.92 19.80 42.67
N HIS MA 93 -22.60 18.50 42.68
CA HIS MA 93 -22.96 17.65 41.55
C HIS MA 93 -24.47 17.41 41.47
N LEU MA 94 -25.18 17.46 42.60
CA LEU MA 94 -26.63 17.34 42.58
C LEU MA 94 -27.32 18.62 42.15
N ARG MA 95 -26.63 19.76 42.27
CA ARG MA 95 -27.25 21.04 41.95
C ARG MA 95 -27.82 21.17 40.53
N PRO MA 96 -27.14 20.74 39.42
CA PRO MA 96 -27.73 20.99 38.10
C PRO MA 96 -28.78 19.97 37.66
N MET MA 97 -29.31 19.19 38.58
CA MET MA 97 -30.19 18.07 38.23
C MET MA 97 -31.65 18.47 38.07
N GLY MA 98 -31.98 19.74 38.27
CA GLY MA 98 -33.36 20.18 38.15
C GLY MA 98 -33.41 21.63 37.72
N ASP MA 99 -34.63 22.14 37.58
CA ASP MA 99 -34.84 23.51 37.13
C ASP MA 99 -34.61 24.48 38.28
N LEU MA 100 -34.99 25.75 38.08
CA LEU MA 100 -34.77 26.77 39.09
C LEU MA 100 -35.76 26.61 40.24
N GLY MA 101 -35.24 26.56 41.45
CA GLY MA 101 -36.08 26.39 42.63
C GLY MA 101 -36.61 24.99 42.83
N GLN MA 102 -36.14 24.02 42.05
CA GLN MA 102 -36.69 22.67 42.11
C GLN MA 102 -35.94 21.77 43.08
N ILE MA 103 -34.72 22.13 43.46
CA ILE MA 103 -33.96 21.38 44.46
C ILE MA 103 -33.65 22.31 45.62
N ILE MA 104 -34.05 21.91 46.83
CA ILE MA 104 -33.88 22.72 48.03
C ILE MA 104 -32.95 21.94 48.96
N PHE MA 105 -31.76 22.47 49.19
CA PHE MA 105 -30.80 21.82 50.08
C PHE MA 105 -30.95 22.36 51.50
N MET MA 106 -30.90 21.45 52.47
CA MET MA 106 -30.97 21.89 53.86
C MET MA 106 -30.14 20.97 54.73
N ASP MA 107 -29.67 21.53 55.85
CA ASP MA 107 -28.82 20.79 56.77
C ASP MA 107 -29.66 19.96 57.72
N TRP MA 108 -29.18 18.75 58.04
CA TRP MA 108 -29.88 17.87 58.95
C TRP MA 108 -28.88 17.09 59.78
N ASN MA 109 -29.34 16.62 60.93
CA ASN MA 109 -28.56 15.78 61.82
C ASN MA 109 -29.29 14.46 62.02
N GLY MA 110 -28.53 13.38 62.13
CA GLY MA 110 -29.14 12.06 62.27
C GLY MA 110 -29.89 11.89 63.59
N ARG MA 111 -29.37 12.48 64.66
CA ARG MA 111 -29.94 12.31 65.98
C ARG MA 111 -30.85 13.47 66.40
N ASP MA 112 -31.19 14.35 65.47
CA ASP MA 112 -32.00 15.54 65.76
C ASP MA 112 -33.31 15.43 65.01
N LYS MA 113 -34.41 15.27 65.75
CA LYS MA 113 -35.73 15.17 65.14
C LYS MA 113 -36.25 16.51 64.63
N ASP MA 114 -35.70 17.62 65.12
CA ASP MA 114 -36.15 18.93 64.68
C ASP MA 114 -35.78 19.19 63.23
N SER MA 115 -34.59 18.75 62.80
CA SER MA 115 -34.19 18.91 61.41
C SER MA 115 -35.03 18.02 60.50
N ILE MA 116 -35.38 16.82 60.96
CA ILE MA 116 -36.26 15.94 60.17
C ILE MA 116 -37.64 16.56 60.02
N ARG MA 117 -38.19 17.13 61.10
CA ARG MA 117 -39.47 17.79 61.00
C ARG MA 117 -39.40 19.04 60.13
N ARG MA 118 -38.28 19.75 60.17
CA ARG MA 118 -38.07 20.89 59.29
C ARG MA 118 -38.02 20.46 57.83
N ALA MA 119 -37.53 19.25 57.57
CA ALA MA 119 -37.36 18.82 56.18
C ALA MA 119 -38.63 18.21 55.60
N VAL MA 120 -39.38 17.43 56.37
CA VAL MA 120 -40.44 16.61 55.80
C VAL MA 120 -41.83 17.20 55.96
N GLU MA 121 -41.97 18.35 56.60
CA GLU MA 121 -43.31 18.85 56.92
C GLU MA 121 -44.06 19.41 55.72
N HIS MA 122 -43.40 19.61 54.59
CA HIS MA 122 -44.05 20.18 53.42
C HIS MA 122 -44.13 19.23 52.24
N SER MA 123 -43.49 18.06 52.32
CA SER MA 123 -43.47 17.12 51.21
C SER MA 123 -44.67 16.18 51.30
N ASN MA 124 -44.83 15.36 50.26
CA ASN MA 124 -45.82 14.31 50.28
C ASN MA 124 -45.24 12.91 50.07
N VAL MA 125 -43.96 12.79 49.74
CA VAL MA 125 -43.32 11.47 49.73
C VAL MA 125 -41.92 11.60 50.32
N VAL MA 126 -41.57 10.68 51.21
CA VAL MA 126 -40.27 10.68 51.88
C VAL MA 126 -39.57 9.36 51.54
N ILE MA 127 -38.38 9.47 50.95
CA ILE MA 127 -37.57 8.31 50.56
C ILE MA 127 -36.38 8.21 51.49
N ASN MA 128 -36.13 7.01 52.01
CA ASN MA 128 -35.07 6.74 52.97
C ASN MA 128 -34.02 5.84 52.33
N LEU MA 129 -32.81 6.39 52.19
CA LEU MA 129 -31.67 5.73 51.55
C LEU MA 129 -30.41 5.87 52.39
N VAL MA 130 -30.56 6.01 53.70
CA VAL MA 130 -29.41 6.21 54.59
C VAL MA 130 -28.74 4.86 54.84
N GLY MA 131 -27.44 4.80 54.60
CA GLY MA 131 -26.71 3.57 54.84
C GLY MA 131 -25.22 3.78 54.82
N ARG MA 132 -24.51 2.86 55.48
CA ARG MA 132 -23.06 2.79 55.41
C ARG MA 132 -22.65 1.33 55.36
N GLU MA 133 -21.64 1.03 54.55
CA GLU MA 133 -21.13 -0.34 54.48
C GLU MA 133 -20.24 -0.68 55.67
N TRP MA 134 -19.82 0.32 56.45
CA TRP MA 134 -18.97 0.10 57.60
C TRP MA 134 -19.46 0.95 58.76
N GLU MA 135 -19.10 0.53 59.96
CA GLU MA 135 -19.43 1.28 61.17
C GLU MA 135 -18.23 2.08 61.63
N THR MA 136 -18.48 3.30 62.10
CA THR MA 136 -17.44 4.23 62.52
C THR MA 136 -17.60 4.53 64.01
N LYS MA 137 -16.82 5.49 64.49
CA LYS MA 137 -16.81 5.80 65.92
C LYS MA 137 -18.12 6.43 66.37
N ASN MA 138 -18.70 7.31 65.55
CA ASN MA 138 -19.90 8.04 65.95
C ASN MA 138 -21.19 7.36 65.53
N PHE MA 139 -21.14 6.46 64.54
CA PHE MA 139 -22.34 5.82 64.02
C PHE MA 139 -22.04 4.36 63.74
N ASP MA 140 -22.64 3.46 64.51
CA ASP MA 140 -22.54 2.04 64.24
C ASP MA 140 -23.70 1.62 63.35
N PHE MA 141 -23.90 0.31 63.19
CA PHE MA 141 -24.97 -0.17 62.31
C PHE MA 141 -26.34 0.02 62.94
N GLU MA 142 -26.44 -0.04 64.26
CA GLU MA 142 -27.73 0.16 64.92
C GLU MA 142 -28.18 1.61 64.80
N ASP MA 143 -27.25 2.56 64.80
CA ASP MA 143 -27.63 3.95 64.62
C ASP MA 143 -28.06 4.21 63.17
N VAL MA 144 -27.35 3.63 62.21
CA VAL MA 144 -27.60 3.93 60.81
C VAL MA 144 -28.86 3.23 60.32
N PHE MA 145 -29.04 1.95 60.66
CA PHE MA 145 -30.07 1.14 60.04
C PHE MA 145 -31.33 0.98 60.88
N VAL MA 146 -31.28 1.32 62.17
CA VAL MA 146 -32.44 1.12 63.03
C VAL MA 146 -32.98 2.45 63.53
N LYS MA 147 -32.12 3.23 64.21
CA LYS MA 147 -32.58 4.44 64.88
C LYS MA 147 -32.96 5.54 63.89
N ILE MA 148 -32.10 5.79 62.90
CA ILE MA 148 -32.39 6.84 61.92
C ILE MA 148 -33.62 6.53 61.07
N PRO MA 149 -33.80 5.33 60.48
CA PRO MA 149 -35.06 5.07 59.77
C PRO MA 149 -36.30 5.14 60.66
N GLN MA 150 -36.20 4.69 61.91
CA GLN MA 150 -37.34 4.76 62.81
C GLN MA 150 -37.71 6.21 63.12
N ALA MA 151 -36.70 7.06 63.36
CA ALA MA 151 -36.97 8.47 63.62
C ALA MA 151 -37.57 9.16 62.40
N ILE MA 152 -37.06 8.86 61.21
CA ILE MA 152 -37.57 9.47 59.99
C ILE MA 152 -39.01 9.03 59.74
N ALA MA 153 -39.30 7.74 59.91
CA ALA MA 153 -40.65 7.24 59.68
C ALA MA 153 -41.62 7.78 60.71
N GLN MA 154 -41.21 7.89 61.98
CA GLN MA 154 -42.08 8.44 63.00
C GLN MA 154 -42.39 9.91 62.76
N VAL MA 155 -41.38 10.70 62.37
CA VAL MA 155 -41.61 12.11 62.11
C VAL MA 155 -42.49 12.30 60.87
N SER MA 156 -42.24 11.50 59.82
CA SER MA 156 -43.06 11.61 58.62
C SER MA 156 -44.49 11.14 58.85
N LYS MA 157 -44.70 10.20 59.78
CA LYS MA 157 -46.05 9.85 60.19
C LYS MA 157 -46.70 11.00 60.95
N GLU MA 158 -45.95 11.65 61.83
CA GLU MA 158 -46.52 12.76 62.59
C GLU MA 158 -46.69 14.02 61.76
N ALA MA 159 -46.01 14.12 60.63
CA ALA MA 159 -46.15 15.27 59.75
C ALA MA 159 -47.19 15.05 58.65
N GLY MA 160 -47.84 13.90 58.63
CA GLY MA 160 -48.88 13.65 57.65
C GLY MA 160 -48.39 13.40 56.23
N VAL MA 161 -47.24 12.77 56.08
CA VAL MA 161 -46.73 12.43 54.76
C VAL MA 161 -47.49 11.22 54.23
N GLU MA 162 -47.99 11.32 53.00
CA GLU MA 162 -48.83 10.27 52.43
C GLU MA 162 -48.02 9.02 52.12
N LYS MA 163 -46.85 9.19 51.51
CA LYS MA 163 -46.05 8.07 51.03
C LYS MA 163 -44.68 8.06 51.70
N PHE MA 164 -44.31 6.90 52.24
CA PHE MA 164 -42.98 6.69 52.81
C PHE MA 164 -42.38 5.45 52.17
N ILE MA 165 -41.19 5.60 51.59
CA ILE MA 165 -40.47 4.52 50.95
C ILE MA 165 -39.14 4.36 51.67
N HIS MA 166 -38.83 3.13 52.07
CA HIS MA 166 -37.62 2.82 52.83
C HIS MA 166 -36.88 1.73 52.09
N ILE MA 167 -35.57 1.90 51.90
CA ILE MA 167 -34.79 0.95 51.11
C ILE MA 167 -34.07 0.00 52.05
N SER MA 168 -34.47 -1.26 52.04
CA SER MA 168 -33.87 -2.34 52.81
C SER MA 168 -32.90 -3.14 51.92
N HIS MA 169 -32.49 -4.31 52.38
CA HIS MA 169 -31.64 -5.22 51.63
C HIS MA 169 -32.35 -6.54 51.42
N LEU MA 170 -31.95 -7.26 50.36
CA LEU MA 170 -32.63 -8.51 50.02
C LEU MA 170 -32.28 -9.63 51.00
N ASN MA 171 -31.00 -9.77 51.35
CA ASN MA 171 -30.55 -10.86 52.21
C ASN MA 171 -30.70 -10.55 53.68
N ALA MA 172 -31.55 -9.61 54.05
CA ALA MA 172 -31.72 -9.23 55.45
C ALA MA 172 -32.38 -10.36 56.22
N ASP MA 173 -31.77 -10.76 57.33
CA ASP MA 173 -32.24 -11.86 58.13
C ASP MA 173 -31.86 -11.63 59.58
N ILE MA 174 -32.73 -12.05 60.50
CA ILE MA 174 -32.46 -11.87 61.91
C ILE MA 174 -31.38 -12.84 62.40
N LYS MA 175 -31.19 -13.96 61.73
CA LYS MA 175 -30.20 -14.96 62.13
C LYS MA 175 -28.94 -14.91 61.29
N SER MA 176 -28.76 -13.86 60.49
CA SER MA 176 -27.63 -13.79 59.58
C SER MA 176 -26.33 -13.62 60.35
N SER MA 177 -25.24 -14.10 59.74
CA SER MA 177 -23.93 -14.02 60.37
C SER MA 177 -23.33 -12.64 60.34
N SER MA 178 -23.89 -11.72 59.57
CA SER MA 178 -23.37 -10.38 59.42
C SER MA 178 -24.21 -9.40 60.23
N LYS MA 179 -23.54 -8.44 60.86
CA LYS MA 179 -24.23 -7.41 61.64
C LYS MA 179 -25.05 -6.50 60.73
N TYR MA 180 -24.57 -6.30 59.50
CA TYR MA 180 -25.24 -5.46 58.52
C TYR MA 180 -26.64 -5.97 58.23
N LEU MA 181 -26.77 -7.25 57.88
CA LEU MA 181 -28.06 -7.79 57.48
C LEU MA 181 -29.01 -7.94 58.66
N ARG MA 182 -28.48 -8.30 59.84
CA ARG MA 182 -29.31 -8.38 61.04
C ARG MA 182 -29.90 -7.02 61.39
N ASN MA 183 -29.07 -5.98 61.38
CA ASN MA 183 -29.55 -4.66 61.71
C ASN MA 183 -30.49 -4.12 60.65
N LYS MA 184 -30.27 -4.45 59.38
CA LYS MA 184 -31.18 -4.02 58.33
C LYS MA 184 -32.53 -4.70 58.46
N ALA MA 185 -32.55 -5.99 58.82
CA ALA MA 185 -33.82 -6.69 59.05
C ALA MA 185 -34.57 -6.09 60.24
N VAL MA 186 -33.85 -5.78 61.32
CA VAL MA 186 -34.49 -5.17 62.49
C VAL MA 186 -35.06 -3.79 62.14
N GLY MA 187 -34.30 -3.00 61.38
CA GLY MA 187 -34.79 -1.68 60.98
C GLY MA 187 -35.98 -1.76 60.05
N GLU MA 188 -36.01 -2.74 59.15
CA GLU MA 188 -37.16 -2.94 58.29
C GLU MA 188 -38.40 -3.30 59.09
N LYS MA 189 -38.25 -4.19 60.07
CA LYS MA 189 -39.38 -4.54 60.93
C LYS MA 189 -39.88 -3.33 61.73
N GLU MA 190 -38.95 -2.51 62.24
CA GLU MA 190 -39.35 -1.33 63.00
C GLU MA 190 -40.07 -0.31 62.13
N VAL MA 191 -39.59 -0.11 60.90
CA VAL MA 191 -40.24 0.82 59.98
C VAL MA 191 -41.64 0.33 59.62
N ARG MA 192 -41.79 -0.97 59.37
CA ARG MA 192 -43.10 -1.52 59.07
C ARG MA 192 -44.04 -1.39 60.26
N GLU MA 193 -43.54 -1.59 61.47
CA GLU MA 193 -44.40 -1.48 62.64
C GLU MA 193 -44.74 -0.04 63.02
N THR MA 194 -43.93 0.94 62.62
CA THR MA 194 -44.23 2.34 62.92
C THR MA 194 -44.89 3.07 61.76
N PHE MA 195 -45.01 2.44 60.60
CA PHE MA 195 -45.60 3.07 59.42
C PHE MA 195 -46.20 1.96 58.57
N PRO MA 196 -47.45 1.59 58.83
CA PRO MA 196 -48.04 0.45 58.13
C PRO MA 196 -48.24 0.67 56.64
N GLU MA 197 -48.26 1.92 56.17
CA GLU MA 197 -48.40 2.22 54.76
C GLU MA 197 -47.06 2.41 54.06
N ALA MA 198 -45.96 2.12 54.74
CA ALA MA 198 -44.64 2.29 54.14
C ALA MA 198 -44.39 1.21 53.11
N THR MA 199 -43.68 1.58 52.05
CA THR MA 199 -43.24 0.65 51.02
C THR MA 199 -41.80 0.27 51.29
N ILE MA 200 -41.54 -1.02 51.48
CA ILE MA 200 -40.21 -1.54 51.77
C ILE MA 200 -39.69 -2.22 50.52
N ILE MA 201 -38.48 -1.85 50.12
CA ILE MA 201 -37.88 -2.31 48.87
C ILE MA 201 -36.60 -3.06 49.22
N LYS MA 202 -36.42 -4.25 48.62
CA LYS MA 202 -35.26 -5.09 48.86
C LYS MA 202 -34.48 -5.29 47.57
N PRO MA 203 -33.58 -4.37 47.23
CA PRO MA 203 -32.68 -4.60 46.09
C PRO MA 203 -31.69 -5.71 46.41
N ALA MA 204 -31.32 -6.46 45.37
CA ALA MA 204 -30.40 -7.57 45.57
C ALA MA 204 -28.95 -7.09 45.60
N ASP MA 205 -28.47 -6.57 44.48
CA ASP MA 205 -27.11 -6.08 44.35
C ASP MA 205 -27.07 -5.13 43.18
N ILE MA 206 -26.57 -3.93 43.39
CA ILE MA 206 -26.73 -2.85 42.43
C ILE MA 206 -25.37 -2.54 41.82
N PHE MA 207 -25.30 -2.59 40.49
CA PHE MA 207 -24.08 -2.29 39.77
C PHE MA 207 -24.31 -1.09 38.86
N GLY MA 208 -23.29 -0.24 38.76
CA GLY MA 208 -23.40 0.96 37.98
C GLY MA 208 -22.04 1.60 37.80
N ARG MA 209 -22.04 2.87 37.44
CA ARG MA 209 -20.78 3.56 37.19
C ARG MA 209 -20.03 3.84 38.49
N GLU MA 210 -20.75 4.10 39.58
CA GLU MA 210 -20.15 4.51 40.84
C GLU MA 210 -20.43 3.51 41.96
N ASP MA 211 -20.68 2.25 41.59
CA ASP MA 211 -21.09 1.25 42.56
C ASP MA 211 -19.87 0.74 43.34
N ARG MA 212 -20.14 -0.15 44.28
CA ARG MA 212 -19.08 -0.83 45.04
C ARG MA 212 -19.22 -2.34 44.92
N PHE MA 213 -19.73 -2.80 43.78
CA PHE MA 213 -19.90 -4.23 43.53
C PHE MA 213 -19.02 -4.71 42.38
N LEU MA 214 -19.18 -4.13 41.18
CA LEU MA 214 -18.27 -4.47 40.09
C LEU MA 214 -16.94 -3.76 40.25
N ASN MA 215 -16.97 -2.52 40.73
CA ASN MA 215 -15.74 -1.80 41.03
C ASN MA 215 -14.97 -2.45 42.16
N TYR MA 216 -15.66 -3.17 43.05
CA TYR MA 216 -14.96 -3.90 44.10
C TYR MA 216 -14.20 -5.10 43.52
N PHE MA 217 -14.85 -5.86 42.65
CA PHE MA 217 -14.21 -7.05 42.08
C PHE MA 217 -13.09 -6.67 41.12
N ALA MA 218 -13.27 -5.57 40.38
CA ALA MA 218 -12.24 -5.16 39.43
C ALA MA 218 -11.02 -4.59 40.14
N ASN MA 219 -11.21 -3.94 41.28
CA ASN MA 219 -10.11 -3.32 41.99
C ASN MA 219 -9.45 -4.24 43.03
N ILE MA 220 -10.00 -5.44 43.25
CA ILE MA 220 -9.39 -6.34 44.21
C ILE MA 220 -8.20 -7.08 43.63
N ARG MA 221 -8.11 -7.15 42.29
CA ARG MA 221 -7.03 -7.82 41.56
C ARG MA 221 -6.76 -9.25 42.01
N SER MA 230 -13.80 -11.73 47.05
CA SER MA 230 -12.35 -11.80 46.98
C SER MA 230 -11.89 -13.15 46.45
N LEU MA 231 -12.80 -14.10 46.41
CA LEU MA 231 -12.50 -15.45 45.95
C LEU MA 231 -13.78 -16.07 45.41
N GLY MA 232 -13.71 -17.33 45.03
CA GLY MA 232 -14.85 -18.04 44.43
C GLY MA 232 -15.32 -19.17 45.31
N LYS MA 233 -16.64 -19.32 45.39
CA LYS MA 233 -17.27 -20.39 46.18
C LYS MA 233 -18.59 -20.74 45.50
N LYS MA 234 -19.46 -21.45 46.24
CA LYS MA 234 -20.76 -21.86 45.73
C LYS MA 234 -21.84 -20.80 45.92
N THR MA 235 -21.44 -19.54 46.10
CA THR MA 235 -22.39 -18.46 46.30
C THR MA 235 -23.08 -18.10 45.00
N VAL MA 236 -24.39 -17.87 45.07
CA VAL MA 236 -25.22 -17.54 43.91
C VAL MA 236 -25.75 -16.13 44.08
N LYS MA 237 -25.64 -15.31 43.03
CA LYS MA 237 -26.05 -13.91 43.08
C LYS MA 237 -26.84 -13.55 41.83
N GLN MA 238 -27.79 -12.63 42.00
CA GLN MA 238 -28.47 -11.99 40.86
C GLN MA 238 -28.41 -10.48 41.04
N PRO MA 239 -27.38 -9.84 40.51
CA PRO MA 239 -27.29 -8.38 40.58
C PRO MA 239 -28.32 -7.71 39.69
N VAL MA 240 -28.68 -6.48 40.05
CA VAL MA 240 -29.69 -5.71 39.34
C VAL MA 240 -29.11 -4.35 38.97
N TYR MA 241 -29.45 -3.86 37.77
CA TYR MA 241 -28.96 -2.57 37.30
C TYR MA 241 -29.54 -1.43 38.12
N ILE MA 242 -28.77 -0.34 38.24
CA ILE MA 242 -29.17 0.80 39.05
C ILE MA 242 -30.37 1.51 38.44
N VAL MA 243 -30.43 1.59 37.11
CA VAL MA 243 -31.52 2.30 36.43
C VAL MA 243 -32.85 1.58 36.64
N ASP MA 244 -32.81 0.24 36.67
CA ASP MA 244 -34.03 -0.52 36.96
C ASP MA 244 -34.51 -0.28 38.38
N VAL MA 245 -33.59 -0.18 39.34
CA VAL MA 245 -33.95 0.12 40.72
C VAL MA 245 -34.56 1.51 40.83
N THR MA 246 -33.97 2.48 40.12
CA THR MA 246 -34.51 3.85 40.14
C THR MA 246 -35.90 3.90 39.51
N LYS MA 247 -36.10 3.21 38.40
CA LYS MA 247 -37.41 3.16 37.76
C LYS MA 247 -38.43 2.46 38.65
N GLY MA 248 -38.00 1.43 39.38
CA GLY MA 248 -38.90 0.79 40.32
C GLY MA 248 -39.31 1.71 41.46
N ILE MA 249 -38.36 2.50 41.96
CA ILE MA 249 -38.68 3.45 43.02
C ILE MA 249 -39.64 4.53 42.51
N ILE MA 250 -39.40 5.05 41.31
CA ILE MA 250 -40.29 6.06 40.74
C ILE MA 250 -41.69 5.50 40.52
N ASN MA 251 -41.78 4.28 39.99
CA ASN MA 251 -43.08 3.66 39.76
C ASN MA 251 -43.78 3.31 41.06
N ALA MA 252 -43.02 2.99 42.11
CA ALA MA 252 -43.63 2.77 43.42
C ALA MA 252 -44.13 4.07 44.02
N ILE MA 253 -43.47 5.19 43.72
CA ILE MA 253 -44.01 6.49 44.11
C ILE MA 253 -45.33 6.75 43.39
N LYS MA 254 -45.36 6.48 42.08
CA LYS MA 254 -46.51 6.85 41.28
C LYS MA 254 -47.70 5.94 41.52
N ASP MA 255 -47.46 4.64 41.70
CA ASP MA 255 -48.55 3.67 41.78
C ASP MA 255 -49.27 3.77 43.12
N PRO MA 256 -50.58 4.00 43.15
CA PRO MA 256 -51.30 4.07 44.43
C PRO MA 256 -51.53 2.72 45.09
N ASP MA 257 -51.35 1.61 44.37
CA ASP MA 257 -51.58 0.30 44.95
C ASP MA 257 -50.33 -0.32 45.57
N ALA MA 258 -49.21 0.40 45.57
CA ALA MA 258 -47.96 -0.09 46.12
C ALA MA 258 -47.80 0.24 47.60
N ARG MA 259 -48.81 0.86 48.22
CA ARG MA 259 -48.70 1.24 49.62
C ARG MA 259 -48.90 0.01 50.50
N GLY MA 260 -47.96 -0.20 51.42
CA GLY MA 260 -48.00 -1.35 52.30
C GLY MA 260 -47.38 -2.60 51.75
N LYS MA 261 -46.94 -2.59 50.49
CA LYS MA 261 -46.34 -3.78 49.90
C LYS MA 261 -44.86 -3.87 50.27
N THR MA 262 -44.24 -4.98 49.86
CA THR MA 262 -42.82 -5.20 50.09
C THR MA 262 -42.24 -5.85 48.84
N PHE MA 263 -41.48 -5.08 48.07
CA PHE MA 263 -40.95 -5.52 46.79
C PHE MA 263 -39.53 -6.05 46.96
N ALA MA 264 -39.17 -7.00 46.10
CA ALA MA 264 -37.81 -7.56 46.05
C ALA MA 264 -37.28 -7.36 44.64
N PHE MA 265 -36.32 -6.46 44.49
CA PHE MA 265 -35.77 -6.12 43.18
C PHE MA 265 -34.57 -7.02 42.90
N VAL MA 266 -34.68 -7.89 41.90
CA VAL MA 266 -33.61 -8.79 41.52
C VAL MA 266 -33.43 -8.71 40.01
N GLY MA 267 -32.24 -9.12 39.57
CA GLY MA 267 -31.93 -9.13 38.16
C GLY MA 267 -32.52 -10.32 37.45
N PRO MA 268 -32.35 -10.35 36.12
CA PRO MA 268 -32.95 -11.43 35.32
C PRO MA 268 -32.15 -12.73 35.31
N ASN MA 269 -30.89 -12.71 35.75
CA ASN MA 269 -30.02 -13.87 35.67
C ASN MA 269 -29.34 -14.11 37.00
N ARG MA 270 -29.24 -15.38 37.39
CA ARG MA 270 -28.52 -15.77 38.59
C ARG MA 270 -27.16 -16.32 38.21
N TYR MA 271 -26.10 -15.78 38.81
CA TYR MA 271 -24.75 -16.20 38.53
C TYR MA 271 -24.12 -16.81 39.76
N LEU MA 272 -23.23 -17.77 39.56
CA LEU MA 272 -22.34 -18.17 40.63
C LEU MA 272 -21.34 -17.06 40.88
N LEU MA 273 -20.69 -17.10 42.05
CA LEU MA 273 -19.77 -16.04 42.40
C LEU MA 273 -18.46 -16.14 41.61
N PHE MA 274 -17.97 -17.36 41.40
CA PHE MA 274 -16.65 -17.54 40.82
C PHE MA 274 -16.61 -17.11 39.35
N ASP MA 275 -17.57 -17.58 38.55
CA ASP MA 275 -17.58 -17.16 37.16
C ASP MA 275 -18.01 -15.71 36.99
N LEU MA 276 -18.73 -15.15 37.95
CA LEU MA 276 -18.98 -13.71 37.96
C LEU MA 276 -17.68 -12.94 38.12
N VAL MA 277 -16.83 -13.35 39.05
CA VAL MA 277 -15.54 -12.68 39.25
C VAL MA 277 -14.65 -12.87 38.03
N GLN MA 278 -14.66 -14.07 37.45
CA GLN MA 278 -13.88 -14.33 36.24
C GLN MA 278 -14.36 -13.47 35.07
N TYR MA 279 -15.68 -13.31 34.92
CA TYR MA 279 -16.23 -12.47 33.88
C TYR MA 279 -15.86 -11.01 34.08
N VAL MA 280 -15.90 -10.54 35.33
CA VAL MA 280 -15.51 -9.17 35.63
C VAL MA 280 -14.04 -8.95 35.31
N PHE MA 281 -13.18 -9.92 35.64
CA PHE MA 281 -11.77 -9.80 35.32
C PHE MA 281 -11.51 -9.86 33.82
N ALA MA 282 -12.29 -10.65 33.09
CA ALA MA 282 -12.09 -10.75 31.65
C ALA MA 282 -12.58 -9.52 30.92
N VAL MA 283 -13.65 -8.89 31.40
CA VAL MA 283 -14.13 -7.65 30.78
C VAL MA 283 -13.16 -6.52 31.01
N ALA MA 284 -12.62 -6.40 32.23
CA ALA MA 284 -11.69 -5.33 32.57
C ALA MA 284 -10.29 -5.55 32.02
N HIS MA 285 -10.08 -6.61 31.25
CA HIS MA 285 -8.78 -6.96 30.65
C HIS MA 285 -7.70 -7.12 31.72
N ARG MA 286 -8.07 -7.70 32.86
CA ARG MA 286 -7.16 -7.93 33.96
C ARG MA 286 -6.97 -9.42 34.16
N PRO MA 287 -5.83 -9.99 33.74
CA PRO MA 287 -5.58 -11.43 33.94
C PRO MA 287 -5.15 -11.75 35.36
N TRP MA 313 -10.59 -0.04 49.99
CA TRP MA 313 -11.43 -0.14 51.19
C TRP MA 313 -12.17 -1.48 51.23
N THR MA 314 -12.03 -2.20 52.34
CA THR MA 314 -12.75 -3.45 52.54
C THR MA 314 -12.85 -3.72 54.04
N THR MA 315 -13.73 -4.66 54.39
CA THR MA 315 -13.93 -5.06 55.77
C THR MA 315 -14.36 -6.51 55.80
N ARG MA 316 -14.28 -7.11 56.99
CA ARG MA 316 -14.72 -8.49 57.16
C ARG MA 316 -16.23 -8.63 56.98
N ASP MA 317 -17.00 -7.59 57.29
CA ASP MA 317 -18.44 -7.64 57.08
C ASP MA 317 -18.76 -7.70 55.59
N LYS MA 318 -18.01 -6.98 54.76
CA LYS MA 318 -18.17 -7.10 53.32
C LYS MA 318 -17.79 -8.48 52.82
N VAL MA 319 -16.80 -9.11 53.47
CA VAL MA 319 -16.42 -10.48 53.12
C VAL MA 319 -17.56 -11.44 53.44
N GLU MA 320 -18.21 -11.25 54.58
CA GLU MA 320 -19.35 -12.10 54.91
C GLU MA 320 -20.54 -11.84 53.98
N ARG MA 321 -20.74 -10.59 53.57
CA ARG MA 321 -21.87 -10.28 52.70
C ARG MA 321 -21.63 -10.77 51.28
N ILE MA 322 -20.38 -10.84 50.85
CA ILE MA 322 -20.09 -11.36 49.51
C ILE MA 322 -20.36 -12.86 49.45
N HIS MA 323 -19.98 -13.59 50.49
CA HIS MA 323 -20.13 -15.03 50.52
C HIS MA 323 -21.52 -15.48 51.00
N THR MA 324 -22.49 -14.58 51.00
CA THR MA 324 -23.86 -14.90 51.35
C THR MA 324 -24.68 -15.01 50.07
N THR MA 325 -25.35 -16.14 49.87
CA THR MA 325 -26.13 -16.35 48.66
C THR MA 325 -27.37 -15.47 48.65
N ASP MA 326 -27.76 -15.06 47.45
CA ASP MA 326 -28.96 -14.24 47.28
C ASP MA 326 -30.18 -15.15 47.36
N ARG MA 327 -31.05 -14.88 48.32
CA ARG MA 327 -32.19 -15.74 48.56
C ARG MA 327 -33.25 -15.56 47.47
N THR MA 328 -34.15 -16.54 47.39
CA THR MA 328 -35.25 -16.54 46.43
C THR MA 328 -36.55 -16.34 47.19
N LEU MA 329 -37.31 -15.32 46.81
CA LEU MA 329 -38.57 -14.98 47.46
C LEU MA 329 -39.65 -14.85 46.39
N PRO MA 330 -40.25 -15.98 45.99
CA PRO MA 330 -41.31 -15.91 44.95
C PRO MA 330 -42.58 -15.23 45.42
N HIS MA 331 -42.82 -15.15 46.72
CA HIS MA 331 -44.03 -14.51 47.23
C HIS MA 331 -43.97 -12.99 47.06
N LEU MA 332 -42.79 -12.41 47.22
CA LEU MA 332 -42.67 -10.96 47.11
C LEU MA 332 -42.75 -10.52 45.65
N PRO MA 333 -43.50 -9.46 45.34
CA PRO MA 333 -43.47 -8.90 43.99
C PRO MA 333 -42.12 -8.28 43.68
N GLY MA 334 -41.83 -8.17 42.39
CA GLY MA 334 -40.55 -7.70 41.91
C GLY MA 334 -40.69 -6.52 40.97
N LEU MA 335 -39.69 -6.39 40.08
CA LEU MA 335 -39.67 -5.28 39.13
C LEU MA 335 -40.71 -5.45 38.03
N GLU MA 336 -41.03 -6.69 37.67
CA GLU MA 336 -41.97 -6.94 36.58
C GLU MA 336 -43.38 -6.53 36.92
N ASP MA 337 -43.70 -6.42 38.21
CA ASP MA 337 -45.03 -5.98 38.65
C ASP MA 337 -45.16 -4.47 38.71
N LEU MA 338 -44.05 -3.74 38.62
CA LEU MA 338 -44.07 -2.29 38.52
C LEU MA 338 -43.88 -1.80 37.09
N GLY MA 339 -43.86 -2.71 36.12
CA GLY MA 339 -43.68 -2.34 34.73
C GLY MA 339 -42.26 -2.00 34.35
N VAL MA 340 -41.27 -2.62 35.00
CA VAL MA 340 -39.87 -2.34 34.74
C VAL MA 340 -39.23 -3.61 34.17
N GLN MA 341 -38.59 -3.48 33.01
CA GLN MA 341 -37.86 -4.59 32.40
C GLN MA 341 -36.44 -4.59 32.96
N ALA MA 342 -36.04 -5.71 33.56
CA ALA MA 342 -34.73 -5.79 34.17
C ALA MA 342 -33.65 -5.87 33.09
N THR MA 343 -32.58 -5.11 33.27
CA THR MA 343 -31.49 -5.08 32.31
C THR MA 343 -30.42 -6.11 32.70
N PRO MA 344 -30.09 -7.06 31.83
CA PRO MA 344 -29.05 -8.03 32.18
C PRO MA 344 -27.67 -7.39 32.24
N LEU MA 345 -26.79 -8.06 32.98
CA LEU MA 345 -25.46 -7.53 33.26
C LEU MA 345 -24.58 -7.44 32.01
N GLU MA 346 -24.87 -8.27 31.00
CA GLU MA 346 -24.02 -8.30 29.81
C GLU MA 346 -24.10 -7.02 28.99
N LEU MA 347 -25.23 -6.31 29.07
CA LEU MA 347 -25.37 -5.07 28.31
C LEU MA 347 -24.63 -3.91 28.96
N LYS MA 348 -24.46 -3.93 30.27
CA LYS MA 348 -23.91 -2.78 31.00
C LYS MA 348 -22.55 -3.03 31.62
N ALA MA 349 -22.03 -4.27 31.54
CA ALA MA 349 -20.73 -4.56 32.13
C ALA MA 349 -19.61 -3.80 31.42
N ILE MA 350 -19.68 -3.69 30.09
CA ILE MA 350 -18.67 -2.95 29.34
C ILE MA 350 -18.72 -1.47 29.70
N GLU MA 351 -19.94 -0.92 29.84
CA GLU MA 351 -20.10 0.47 30.25
C GLU MA 351 -19.50 0.72 31.63
N VAL MA 352 -19.74 -0.19 32.57
CA VAL MA 352 -19.22 -0.02 33.93
C VAL MA 352 -17.71 -0.15 33.96
N LEU MA 353 -17.16 -1.17 33.29
CA LEU MA 353 -15.76 -1.53 33.44
C LEU MA 353 -14.88 -1.07 32.29
N ARG MA 354 -15.35 -0.15 31.44
CA ARG MA 354 -14.47 0.41 30.43
C ARG MA 354 -13.41 1.31 31.05
N ARG MA 355 -13.69 1.88 32.22
CA ARG MA 355 -12.72 2.73 32.90
C ARG MA 355 -11.50 1.94 33.37
N HIS MA 356 -11.68 0.67 33.70
CA HIS MA 356 -10.60 -0.15 34.21
C HIS MA 356 -9.68 -0.70 33.13
N ARG MA 357 -10.05 -0.56 31.85
CA ARG MA 357 -9.18 -1.01 30.78
C ARG MA 357 -7.96 -0.11 30.67
N THR MA 358 -6.88 -0.66 30.12
CA THR MA 358 -5.65 0.10 29.93
C THR MA 358 -5.27 0.17 28.45
N VAL MA 369 -15.81 -10.67 24.78
CA VAL MA 369 -15.76 -11.50 25.98
C VAL MA 369 -16.95 -12.46 26.01
N GLN MA 370 -16.68 -13.72 26.33
CA GLN MA 370 -17.74 -14.71 26.46
C GLN MA 370 -18.59 -14.38 27.69
N PRO MA 371 -19.92 -14.45 27.58
CA PRO MA 371 -20.78 -14.17 28.73
C PRO MA 371 -20.64 -15.23 29.83
N ALA MA 372 -20.95 -14.81 31.05
CA ALA MA 372 -20.91 -15.71 32.19
C ALA MA 372 -22.05 -16.72 32.12
N LYS MA 373 -21.84 -17.87 32.75
CA LYS MA 373 -22.84 -18.93 32.76
C LYS MA 373 -23.89 -18.64 33.81
N THR MA 374 -25.16 -18.78 33.43
CA THR MA 374 -26.30 -18.51 34.30
C THR MA 374 -26.89 -19.82 34.77
N VAL MA 375 -27.00 -20.00 36.08
CA VAL MA 375 -27.52 -21.23 36.66
C VAL MA 375 -29.02 -21.37 36.39
N LEU NA 1 -82.81 -5.94 16.38
CA LEU NA 1 -83.85 -5.99 17.39
C LEU NA 1 -85.06 -5.16 16.97
N GLY NA 2 -84.80 -3.90 16.63
CA GLY NA 2 -85.87 -3.02 16.18
C GLY NA 2 -85.33 -1.71 15.70
N LEU NA 3 -86.11 -1.04 14.86
CA LEU NA 3 -85.76 0.28 14.36
C LEU NA 3 -85.93 1.32 15.44
N ARG NA 4 -85.09 2.35 15.42
CA ARG NA 4 -85.18 3.45 16.36
C ARG NA 4 -85.43 4.79 15.70
N GLU NA 5 -84.69 5.13 14.65
CA GLU NA 5 -84.90 6.39 13.97
C GLU NA 5 -84.49 6.27 12.51
N ILE NA 6 -85.01 7.19 11.69
CA ILE NA 6 -84.71 7.26 10.27
C ILE NA 6 -84.19 8.66 9.97
N ARG NA 7 -83.12 8.77 9.21
CA ARG NA 7 -82.56 10.05 8.80
C ARG NA 7 -82.55 10.13 7.28
N ILE NA 8 -83.13 11.19 6.72
CA ILE NA 8 -83.17 11.41 5.29
C ILE NA 8 -82.44 12.71 4.99
N HIS NA 9 -81.28 12.61 4.37
CA HIS NA 9 -80.48 13.77 3.98
C HIS NA 9 -80.69 14.05 2.51
N LEU NA 10 -80.85 15.32 2.16
CA LEU NA 10 -81.07 15.67 0.76
C LEU NA 10 -80.63 17.10 0.52
N CYS NA 11 -80.72 17.53 -0.74
CA CYS NA 11 -80.35 18.86 -1.17
C CYS NA 11 -81.56 19.59 -1.73
N GLN NA 12 -81.57 20.91 -1.58
CA GLN NA 12 -82.72 21.70 -1.99
C GLN NA 12 -82.79 21.89 -3.51
N ARG NA 13 -81.64 22.00 -4.18
CA ARG NA 13 -81.61 22.42 -5.58
C ARG NA 13 -81.02 21.40 -6.54
N SER NA 14 -80.35 20.36 -6.07
CA SER NA 14 -79.73 19.41 -6.97
C SER NA 14 -80.80 18.53 -7.62
N PRO NA 15 -80.64 18.18 -8.90
CA PRO NA 15 -81.64 17.32 -9.55
C PRO NA 15 -81.62 15.88 -9.07
N GLY NA 16 -80.54 15.43 -8.43
CA GLY NA 16 -80.50 14.08 -7.91
C GLY NA 16 -81.34 13.86 -6.69
N SER NA 17 -81.80 14.93 -6.05
CA SER NA 17 -82.65 14.85 -4.87
C SER NA 17 -84.10 15.14 -5.19
N GLN NA 18 -84.46 15.24 -6.47
CA GLN NA 18 -85.82 15.59 -6.85
C GLN NA 18 -86.81 14.50 -6.50
N GLY NA 19 -86.40 13.24 -6.63
CA GLY NA 19 -87.26 12.14 -6.23
C GLY NA 19 -87.54 12.14 -4.74
N VAL NA 20 -86.51 12.42 -3.93
CA VAL NA 20 -86.70 12.49 -2.48
C VAL NA 20 -87.58 13.69 -2.12
N ARG NA 21 -87.41 14.82 -2.81
CA ARG NA 21 -88.25 15.98 -2.56
C ARG NA 21 -89.72 15.70 -2.89
N ASP NA 22 -89.97 15.07 -4.04
CA ASP NA 22 -91.33 14.71 -4.42
C ASP NA 22 -91.94 13.73 -3.44
N PHE NA 23 -91.15 12.76 -2.99
CA PHE NA 23 -91.64 11.79 -2.03
C PHE NA 23 -92.00 12.45 -0.71
N ILE NA 24 -91.16 13.37 -0.23
CA ILE NA 24 -91.46 14.07 1.01
C ILE NA 24 -92.76 14.85 0.86
N GLU NA 25 -92.83 15.68 -0.18
CA GLU NA 25 -93.96 16.57 -0.38
C GLU NA 25 -95.27 15.85 -0.63
N LYS NA 26 -95.23 14.60 -1.11
CA LYS NA 26 -96.48 13.89 -1.34
C LYS NA 26 -96.83 12.87 -0.26
N ARG NA 27 -95.85 12.18 0.35
CA ARG NA 27 -96.16 11.06 1.22
C ARG NA 27 -95.64 11.20 2.64
N TYR NA 28 -94.96 12.30 3.00
CA TYR NA 28 -94.39 12.37 4.34
C TYR NA 28 -95.48 12.52 5.40
N VAL NA 29 -96.59 13.18 5.07
CA VAL NA 29 -97.67 13.37 6.04
C VAL NA 29 -98.28 12.03 6.42
N GLU NA 30 -98.59 11.19 5.44
CA GLU NA 30 -99.16 9.89 5.76
C GLU NA 30 -98.11 8.94 6.34
N LEU NA 31 -96.84 9.12 6.00
CA LEU NA 31 -95.79 8.34 6.65
C LEU NA 31 -95.71 8.66 8.14
N LYS NA 32 -95.78 9.94 8.50
CA LYS NA 32 -95.77 10.32 9.91
C LYS NA 32 -97.06 9.91 10.61
N LYS NA 33 -98.18 9.90 9.87
CA LYS NA 33 -99.42 9.40 10.44
C LYS NA 33 -99.34 7.91 10.75
N ALA NA 34 -98.63 7.15 9.92
CA ALA NA 34 -98.52 5.72 10.14
C ALA NA 34 -97.61 5.39 11.31
N ASN NA 35 -96.55 6.17 11.50
CA ASN NA 35 -95.54 5.90 12.54
C ASN NA 35 -95.39 7.14 13.41
N PRO NA 36 -96.27 7.31 14.40
CA PRO NA 36 -96.23 8.54 15.20
C PRO NA 36 -95.09 8.60 16.21
N ASP NA 37 -94.55 7.46 16.64
CA ASP NA 37 -93.47 7.44 17.63
C ASP NA 37 -92.10 7.27 17.00
N LEU NA 38 -92.00 7.31 15.68
CA LEU NA 38 -90.73 7.09 15.00
C LEU NA 38 -90.14 8.41 14.56
N PRO NA 39 -88.98 8.81 15.07
CA PRO NA 39 -88.35 10.06 14.60
C PRO NA 39 -87.77 9.89 13.21
N ILE NA 40 -88.34 10.64 12.26
CA ILE NA 40 -87.89 10.65 10.87
C ILE NA 40 -87.31 12.01 10.56
N LEU NA 41 -86.01 12.17 10.79
CA LEU NA 41 -85.35 13.47 10.71
C LEU NA 41 -85.00 13.76 9.26
N ILE NA 42 -85.65 14.77 8.68
CA ILE NA 42 -85.34 15.22 7.34
C ILE NA 42 -84.37 16.39 7.44
N ARG NA 43 -83.21 16.26 6.82
CA ARG NA 43 -82.17 17.28 6.90
C ARG NA 43 -81.79 17.72 5.49
N GLU NA 44 -81.90 19.01 5.23
CA GLU NA 44 -81.48 19.62 3.99
C GLU NA 44 -80.02 20.06 4.07
N CYS NA 45 -79.39 20.15 2.92
CA CYS NA 45 -78.03 20.67 2.85
C CYS NA 45 -77.81 21.25 1.46
N SER NA 46 -76.74 22.04 1.31
CA SER NA 46 -76.55 22.78 0.07
C SER NA 46 -76.12 21.87 -1.08
N ASP NA 47 -75.22 20.92 -0.82
CA ASP NA 47 -74.74 20.08 -1.90
C ASP NA 47 -74.53 18.64 -1.47
N VAL NA 48 -75.33 18.15 -0.53
CA VAL NA 48 -75.15 16.79 -0.04
C VAL NA 48 -75.79 15.81 -1.01
N GLN NA 49 -75.32 14.56 -0.97
CA GLN NA 49 -75.93 13.49 -1.72
C GLN NA 49 -77.18 12.98 -1.00
N PRO NA 50 -78.18 12.50 -1.74
CA PRO NA 50 -79.35 11.91 -1.09
C PRO NA 50 -78.98 10.61 -0.40
N LYS NA 51 -79.34 10.52 0.88
CA LYS NA 51 -78.91 9.43 1.73
C LYS NA 51 -80.07 9.03 2.63
N LEU NA 52 -80.03 7.79 3.12
CA LEU NA 52 -81.06 7.27 4.00
C LEU NA 52 -80.35 6.46 5.08
N TRP NA 53 -80.27 7.03 6.27
CA TRP NA 53 -79.69 6.32 7.40
C TRP NA 53 -80.80 5.70 8.24
N ALA NA 54 -80.51 4.53 8.79
CA ALA NA 54 -81.48 3.85 9.65
C ALA NA 54 -80.75 3.27 10.83
N ARG NA 55 -81.11 3.72 12.03
CA ARG NA 55 -80.49 3.27 13.26
C ARG NA 55 -81.35 2.20 13.92
N TYR NA 56 -80.70 1.15 14.40
CA TYR NA 56 -81.38 0.06 15.08
C TYR NA 56 -80.96 0.04 16.55
N ALA NA 57 -81.38 -0.99 17.26
CA ALA NA 57 -81.04 -1.11 18.67
C ALA NA 57 -79.54 -1.34 18.86
N PHE NA 58 -79.04 -0.86 20.00
CA PHE NA 58 -77.63 -0.95 20.39
C PHE NA 58 -76.71 -0.27 19.37
N GLY NA 59 -77.18 0.81 18.76
CA GLY NA 59 -76.34 1.63 17.92
C GLY NA 59 -76.02 1.08 16.54
N GLN NA 60 -76.70 0.02 16.11
CA GLN NA 60 -76.46 -0.51 14.77
C GLN NA 60 -77.05 0.44 13.73
N GLU NA 61 -76.31 0.63 12.64
CA GLU NA 61 -76.66 1.63 11.65
C GLU NA 61 -76.56 1.05 10.25
N LYS NA 62 -77.47 1.49 9.38
CA LYS NA 62 -77.49 1.06 7.98
C LYS NA 62 -77.61 2.27 7.08
N ASN NA 63 -77.02 2.15 5.90
CA ASN NA 63 -76.92 3.25 4.95
C ASN NA 63 -77.48 2.81 3.60
N VAL NA 64 -78.35 3.64 3.02
CA VAL NA 64 -78.90 3.42 1.69
C VAL NA 64 -78.69 4.69 0.87
N SER NA 65 -78.20 4.55 -0.35
CA SER NA 65 -78.01 5.70 -1.22
C SER NA 65 -79.26 5.91 -2.07
N LEU NA 66 -79.78 7.14 -2.04
CA LEU NA 66 -80.99 7.49 -2.78
C LEU NA 66 -80.68 8.41 -3.97
N ASN NA 67 -79.47 8.31 -4.50
CA ASN NA 67 -79.05 9.19 -5.59
C ASN NA 67 -79.76 8.83 -6.89
N ASN NA 68 -80.29 9.85 -7.57
CA ASN NA 68 -80.98 9.73 -8.85
C ASN NA 68 -82.15 8.75 -8.78
N PHE NA 69 -82.90 8.81 -7.68
CA PHE NA 69 -84.05 7.95 -7.45
C PHE NA 69 -85.33 8.69 -7.81
N SER NA 70 -86.40 7.92 -7.98
CA SER NA 70 -87.74 8.48 -8.12
C SER NA 70 -88.45 8.39 -6.78
N ALA NA 71 -89.70 8.86 -6.75
CA ALA NA 71 -90.48 8.79 -5.52
C ALA NA 71 -90.84 7.36 -5.16
N ASP NA 72 -91.11 6.52 -6.16
CA ASP NA 72 -91.46 5.13 -5.89
C ASP NA 72 -90.26 4.34 -5.39
N GLN NA 73 -89.06 4.64 -5.89
CA GLN NA 73 -87.87 3.93 -5.44
C GLN NA 73 -87.55 4.23 -3.98
N VAL NA 74 -87.61 5.50 -3.57
CA VAL NA 74 -87.37 5.83 -2.18
C VAL NA 74 -88.53 5.38 -1.30
N THR NA 75 -89.75 5.32 -1.85
CA THR NA 75 -90.87 4.76 -1.09
C THR NA 75 -90.65 3.28 -0.81
N ARG NA 76 -90.18 2.53 -1.80
CA ARG NA 76 -89.89 1.12 -1.59
C ARG NA 76 -88.71 0.93 -0.65
N ALA NA 77 -87.72 1.81 -0.72
CA ALA NA 77 -86.59 1.75 0.21
C ALA NA 77 -87.04 1.99 1.64
N LEU NA 78 -87.95 2.95 1.84
CA LEU NA 78 -88.47 3.20 3.18
C LEU NA 78 -89.33 2.05 3.67
N GLU NA 79 -90.10 1.42 2.78
CA GLU NA 79 -90.85 0.23 3.16
C GLU NA 79 -89.92 -0.90 3.58
N ASN NA 80 -88.81 -1.08 2.85
CA ASN NA 80 -87.82 -2.08 3.22
C ASN NA 80 -87.18 -1.80 4.57
N VAL NA 81 -86.87 -0.52 4.82
CA VAL NA 81 -86.26 -0.13 6.09
C VAL NA 81 -87.24 -0.35 7.24
N LEU NA 82 -88.51 0.01 7.05
CA LEU NA 82 -89.52 -0.18 8.09
C LEU NA 82 -89.79 -1.66 8.34
N SER NA 83 -89.77 -2.48 7.29
CA SER NA 83 -90.07 -3.90 7.44
C SER NA 83 -88.86 -4.74 7.82
N SER NA 84 -87.65 -4.18 7.78
CA SER NA 84 -86.47 -4.98 8.08
C SER NA 84 -86.32 -5.23 9.58
N LYS NA 85 -86.11 -4.15 10.34
CA LYS NA 85 -85.96 -4.19 11.81
C LYS NA 85 -84.86 -5.17 12.24
N ALA NA 86 -83.68 -4.99 11.67
CA ALA NA 86 -82.53 -5.84 11.98
C ALA NA 86 -81.23 -5.06 11.90
N LEU OA 1 10.23 54.98 -18.69
CA LEU OA 1 10.51 55.42 -17.33
C LEU OA 1 11.08 54.30 -16.48
N LEU OA 2 10.70 53.06 -16.83
CA LEU OA 2 11.15 51.83 -16.19
C LEU OA 2 10.85 51.85 -14.68
N LYS OA 3 9.55 51.83 -14.39
CA LYS OA 3 9.09 51.79 -13.02
C LYS OA 3 9.55 50.50 -12.34
N LYS OA 4 10.09 50.64 -11.13
CA LYS OA 4 10.63 49.48 -10.44
C LYS OA 4 9.54 48.57 -9.93
N THR OA 5 8.43 49.14 -9.46
CA THR OA 5 7.38 48.38 -8.81
C THR OA 5 6.05 49.06 -9.10
N THR OA 6 5.07 48.27 -9.56
CA THR OA 6 3.77 48.83 -9.91
C THR OA 6 2.97 49.27 -8.69
N GLY OA 7 3.34 48.81 -7.50
CA GLY OA 7 2.65 49.15 -6.28
C GLY OA 7 1.70 48.09 -5.78
N LEU OA 8 1.30 47.15 -6.65
CA LEU OA 8 0.39 46.09 -6.31
C LEU OA 8 1.15 44.77 -6.26
N VAL OA 9 0.91 43.98 -5.22
CA VAL OA 9 1.65 42.74 -5.03
C VAL OA 9 1.19 41.70 -6.04
N GLY OA 10 2.15 41.05 -6.67
CA GLY OA 10 1.84 40.04 -7.67
C GLY OA 10 1.58 40.56 -9.06
N LEU OA 11 1.71 41.87 -9.28
CA LEU OA 11 1.50 42.47 -10.58
C LEU OA 11 2.86 42.90 -11.12
N ALA OA 12 3.41 42.09 -12.01
CA ALA OA 12 4.74 42.37 -12.56
C ALA OA 12 4.68 43.55 -13.53
N VAL OA 13 5.78 44.27 -13.60
CA VAL OA 13 5.86 45.49 -14.41
C VAL OA 13 6.07 45.10 -15.86
N CYS OA 14 5.27 45.71 -16.75
CA CYS OA 14 5.38 45.45 -18.17
C CYS OA 14 6.51 46.28 -18.79
N GLU OA 15 7.38 45.62 -19.54
CA GLU OA 15 8.49 46.31 -20.17
C GLU OA 15 8.04 47.07 -21.43
N THR OA 16 7.11 46.50 -22.19
CA THR OA 16 6.66 47.07 -23.45
C THR OA 16 5.13 47.13 -23.47
N PRO OA 17 4.56 48.18 -22.88
CA PRO OA 17 3.09 48.24 -22.76
C PRO OA 17 2.38 48.50 -24.07
N HIS OA 18 3.01 49.22 -24.99
CA HIS OA 18 2.33 49.63 -26.22
C HIS OA 18 2.05 48.43 -27.11
N GLU OA 19 3.05 47.58 -27.34
CA GLU OA 19 2.87 46.41 -28.19
C GLU OA 19 1.86 45.43 -27.59
N ARG OA 20 1.95 45.23 -26.27
CA ARG OA 20 1.02 44.35 -25.58
C ARG OA 20 -0.42 44.85 -25.68
N LEU OA 21 -0.62 46.15 -25.47
CA LEU OA 21 -1.97 46.71 -25.53
C LEU OA 21 -2.52 46.67 -26.95
N LYS OA 22 -1.68 46.96 -27.95
CA LYS OA 22 -2.14 46.92 -29.34
C LYS OA 22 -2.52 45.50 -29.76
N ILE OA 23 -1.71 44.51 -29.36
CA ILE OA 23 -2.01 43.11 -29.67
C ILE OA 23 -3.29 42.68 -29.01
N LEU OA 24 -3.49 43.05 -27.73
CA LEU OA 24 -4.69 42.67 -27.01
C LEU OA 24 -5.93 43.31 -27.61
N TYR OA 25 -5.85 44.60 -27.99
CA TYR OA 25 -7.02 45.27 -28.54
C TYR OA 25 -7.38 44.73 -29.91
N THR OA 26 -6.39 44.43 -30.76
CA THR OA 26 -6.69 43.83 -32.04
C THR OA 26 -7.27 42.42 -31.88
N LYS OA 27 -6.76 41.66 -30.91
CA LYS OA 27 -7.33 40.34 -30.63
C LYS OA 27 -8.77 40.43 -30.19
N ILE OA 28 -9.09 41.42 -29.35
CA ILE OA 28 -10.47 41.64 -28.91
C ILE OA 28 -11.35 41.97 -30.10
N LEU OA 29 -10.85 42.79 -31.03
CA LEU OA 29 -11.63 43.13 -32.22
C LEU OA 29 -11.90 41.91 -33.09
N ASP OA 30 -10.89 41.06 -33.30
CA ASP OA 30 -11.11 39.85 -34.11
C ASP OA 30 -12.05 38.88 -33.43
N VAL OA 31 -11.98 38.74 -32.11
CA VAL OA 31 -12.91 37.87 -31.40
C VAL OA 31 -14.33 38.42 -31.50
N LEU OA 32 -14.48 39.74 -31.35
CA LEU OA 32 -15.79 40.38 -31.39
C LEU OA 32 -16.38 40.41 -32.77
N GLY OA 33 -15.58 40.18 -33.81
CA GLY OA 33 -16.12 40.10 -35.16
C GLY OA 33 -17.04 38.92 -35.43
N HIS OA 34 -17.10 37.94 -34.53
CA HIS OA 34 -17.97 36.78 -34.70
C HIS OA 34 -19.38 37.00 -34.16
N ILE OA 35 -19.54 37.93 -33.23
CA ILE OA 35 -20.85 38.23 -32.64
C ILE OA 35 -21.73 38.90 -33.69
N PRO OA 36 -23.05 38.63 -33.72
CA PRO OA 36 -23.93 39.31 -34.69
C PRO OA 36 -23.94 40.82 -34.50
N LYS OA 37 -24.18 41.51 -35.62
CA LYS OA 37 -24.07 42.97 -35.64
C LYS OA 37 -25.14 43.64 -34.79
N ASN OA 38 -26.35 43.08 -34.76
CA ASN OA 38 -27.43 43.69 -34.00
C ASN OA 38 -27.27 43.54 -32.49
N ALA OA 39 -26.32 42.72 -32.04
CA ALA OA 39 -26.07 42.58 -30.61
C ALA OA 39 -25.45 43.86 -30.05
N ALA OA 40 -26.00 44.33 -28.93
CA ALA OA 40 -25.54 45.58 -28.36
C ALA OA 40 -24.18 45.42 -27.68
N TYR OA 41 -23.86 44.22 -27.22
CA TYR OA 41 -22.55 43.98 -26.61
C TYR OA 41 -21.43 44.21 -27.61
N ARG OA 42 -21.61 43.73 -28.84
CA ARG OA 42 -20.60 43.92 -29.87
C ARG OA 42 -20.42 45.39 -30.19
N LYS OA 43 -21.51 46.15 -30.32
CA LYS OA 43 -21.42 47.56 -30.66
C LYS OA 43 -20.74 48.35 -29.55
N TYR OA 44 -21.15 48.12 -28.30
CA TYR OA 44 -20.57 48.85 -27.18
C TYR OA 44 -19.10 48.51 -26.97
N THR OA 45 -18.75 47.23 -27.03
CA THR OA 45 -17.36 46.84 -26.80
C THR OA 45 -16.47 47.25 -27.96
N GLU OA 46 -16.99 47.20 -29.20
CA GLU OA 46 -16.23 47.71 -30.34
C GLU OA 46 -15.97 49.20 -30.20
N GLN OA 47 -16.98 49.96 -29.75
CA GLN OA 47 -16.80 51.40 -29.56
C GLN OA 47 -15.74 51.70 -28.51
N ILE OA 48 -15.82 51.06 -27.34
CA ILE OA 48 -14.87 51.39 -26.28
C ILE OA 48 -13.47 50.86 -26.61
N THR OA 49 -13.37 49.70 -27.27
CA THR OA 49 -12.06 49.17 -27.64
C THR OA 49 -11.41 50.00 -28.72
N ASN OA 50 -12.20 50.51 -29.68
CA ASN OA 50 -11.65 51.39 -30.71
C ASN OA 50 -11.17 52.71 -30.11
N GLU OA 51 -11.91 53.24 -29.13
CA GLU OA 51 -11.46 54.45 -28.44
C GLU OA 51 -10.14 54.22 -27.71
N LYS OA 52 -10.05 53.10 -26.98
CA LYS OA 52 -8.82 52.79 -26.25
C LYS OA 52 -7.65 52.56 -27.19
N LEU OA 53 -7.89 51.88 -28.32
CA LEU OA 53 -6.83 51.61 -29.28
C LEU OA 53 -6.33 52.90 -29.93
N SER OA 54 -7.24 53.82 -30.26
CA SER OA 54 -6.82 55.10 -30.82
C SER OA 54 -6.00 55.90 -29.81
N ILE OA 55 -6.43 55.89 -28.54
CA ILE OA 55 -5.68 56.60 -27.50
C ILE OA 55 -4.29 56.00 -27.32
N VAL OA 56 -4.18 54.67 -27.33
CA VAL OA 56 -2.89 54.01 -27.16
C VAL OA 56 -1.99 54.32 -28.36
N LYS OA 57 -2.54 54.28 -29.57
CA LYS OA 57 -1.75 54.53 -30.77
C LYS OA 57 -1.32 55.99 -30.90
N ALA OA 58 -2.05 56.92 -30.29
CA ALA OA 58 -1.74 58.33 -30.45
C ALA OA 58 -0.78 58.89 -29.41
N GLU OA 59 -0.25 58.06 -28.50
CA GLU OA 59 0.60 58.53 -27.40
C GLU OA 59 1.83 57.65 -27.24
N PRO OA 60 3.04 58.17 -27.50
CA PRO OA 60 4.24 57.35 -27.33
C PRO OA 60 4.70 57.22 -25.89
N ASP OA 61 4.52 58.27 -25.10
CA ASP OA 61 4.88 58.23 -23.69
C ASP OA 61 3.84 57.43 -22.91
N VAL OA 62 4.26 56.94 -21.75
CA VAL OA 62 3.44 56.05 -20.94
C VAL OA 62 2.73 56.79 -19.82
N LYS OA 63 3.39 57.78 -19.21
CA LYS OA 63 2.78 58.50 -18.09
C LYS OA 63 1.56 59.30 -18.53
N LYS OA 64 1.65 59.99 -19.66
CA LYS OA 64 0.47 60.69 -20.16
C LYS OA 64 -0.55 59.71 -20.74
N LEU OA 65 -0.10 58.58 -21.26
CA LEU OA 65 -1.02 57.52 -21.67
C LEU OA 65 -1.79 56.99 -20.47
N GLU OA 66 -1.09 56.76 -19.36
CA GLU OA 66 -1.76 56.33 -18.12
C GLU OA 66 -2.71 57.40 -17.62
N GLU OA 67 -2.33 58.67 -17.76
CA GLU OA 67 -3.18 59.75 -17.25
C GLU OA 67 -4.44 59.90 -18.08
N GLN OA 68 -4.36 59.75 -19.40
CA GLN OA 68 -5.54 59.96 -20.22
C GLN OA 68 -6.36 58.69 -20.46
N LEU OA 69 -5.81 57.51 -20.16
CA LEU OA 69 -6.59 56.30 -20.26
C LEU OA 69 -7.53 56.11 -19.08
N GLN OA 70 -7.23 56.74 -17.94
CA GLN OA 70 -8.04 56.69 -16.71
C GLN OA 70 -8.25 55.25 -16.23
N GLY OA 71 -7.16 54.55 -16.03
CA GLY OA 71 -7.22 53.19 -15.56
C GLY OA 71 -6.13 52.82 -14.57
N GLY OA 72 -5.51 53.82 -13.95
CA GLY OA 72 -4.42 53.57 -13.05
C GLY OA 72 -3.12 53.28 -13.77
N GLN OA 73 -2.38 52.27 -13.32
CA GLN OA 73 -1.16 51.87 -13.99
C GLN OA 73 -1.48 51.27 -15.34
N ILE OA 74 -0.46 51.18 -16.20
CA ILE OA 74 -0.67 50.58 -17.51
C ILE OA 74 -0.80 49.07 -17.41
N GLU OA 75 -0.30 48.47 -16.33
CA GLU OA 75 -0.34 47.03 -16.19
C GLU OA 75 -1.75 46.54 -15.84
N GLU OA 76 -2.48 47.30 -15.02
CA GLU OA 76 -3.87 46.94 -14.79
C GLU OA 76 -4.74 47.24 -16.00
N VAL OA 77 -4.33 48.17 -16.87
CA VAL OA 77 -5.01 48.34 -18.15
C VAL OA 77 -4.80 47.10 -19.03
N ILE OA 78 -3.60 46.54 -19.03
CA ILE OA 78 -3.34 45.30 -19.74
C ILE OA 78 -4.15 44.15 -19.15
N LEU OA 79 -4.26 44.10 -17.81
CA LEU OA 79 -5.07 43.10 -17.15
C LEU OA 79 -6.54 43.21 -17.53
N GLN OA 80 -7.06 44.43 -17.60
CA GLN OA 80 -8.45 44.62 -18.00
C GLN OA 80 -8.67 44.25 -19.46
N ALA OA 81 -7.68 44.49 -20.32
CA ALA OA 81 -7.79 44.04 -21.70
C ALA OA 81 -7.86 42.51 -21.80
N GLU OA 82 -7.05 41.82 -21.00
CA GLU OA 82 -7.11 40.35 -20.98
C GLU OA 82 -8.46 39.85 -20.47
N ASN OA 83 -8.98 40.51 -19.42
CA ASN OA 83 -10.29 40.12 -18.89
C ASN OA 83 -11.39 40.37 -19.89
N GLU OA 84 -11.30 41.48 -20.66
CA GLU OA 84 -12.29 41.75 -21.68
C GLU OA 84 -12.24 40.72 -22.80
N LEU OA 85 -11.04 40.27 -23.18
CA LEU OA 85 -10.94 39.22 -24.19
C LEU OA 85 -11.56 37.91 -23.71
N SER OA 86 -11.31 37.54 -22.45
CA SER OA 86 -11.92 36.34 -21.90
C SER OA 86 -13.44 36.45 -21.85
N LEU OA 87 -13.96 37.62 -21.46
CA LEU OA 87 -15.39 37.84 -21.43
C LEU OA 87 -15.99 37.78 -22.83
N ALA OA 88 -15.27 38.29 -23.84
CA ALA OA 88 -15.77 38.26 -25.21
C ALA OA 88 -15.90 36.83 -25.71
N ARG OA 89 -14.91 35.98 -25.40
CA ARG OA 89 -15.02 34.58 -25.79
C ARG OA 89 -16.17 33.87 -25.07
N LYS OA 90 -16.32 34.14 -23.76
CA LYS OA 90 -17.41 33.53 -23.02
C LYS OA 90 -18.77 33.98 -23.51
N MET OA 91 -18.88 35.25 -23.93
CA MET OA 91 -20.14 35.78 -24.45
C MET OA 91 -20.43 35.28 -25.85
N ILE OA 92 -19.40 34.94 -26.63
CA ILE OA 92 -19.63 34.19 -27.86
C ILE OA 92 -20.25 32.85 -27.53
N GLN OA 93 -19.75 32.17 -26.49
CA GLN OA 93 -20.26 30.85 -26.16
C GLN OA 93 -21.67 30.90 -25.60
N TRP OA 94 -21.99 31.89 -24.77
CA TRP OA 94 -23.28 31.92 -24.07
C TRP OA 94 -24.43 32.37 -24.97
N LYS OA 95 -24.17 33.30 -25.89
CA LYS OA 95 -25.14 34.01 -26.71
C LYS OA 95 -26.25 34.66 -25.88
N PRO OA 96 -25.97 35.72 -25.13
CA PRO OA 96 -27.02 36.37 -24.33
C PRO OA 96 -27.80 37.47 -25.03
N TRP OA 97 -27.69 37.62 -26.35
CA TRP OA 97 -28.50 38.59 -27.08
C TRP OA 97 -29.84 38.04 -27.51
N GLU OA 98 -30.10 36.76 -27.24
CA GLU OA 98 -31.37 36.15 -27.55
C GLU OA 98 -32.47 36.72 -26.64
N PRO OA 99 -33.75 36.58 -27.01
CA PRO OA 99 -34.83 37.08 -26.16
C PRO OA 99 -34.87 36.38 -24.80
N LEU OA 100 -35.70 36.94 -23.92
CA LEU OA 100 -35.73 36.53 -22.52
C LEU OA 100 -36.16 35.08 -22.37
N VAL OA 101 -35.48 34.36 -21.48
CA VAL OA 101 -35.66 32.92 -21.36
C VAL OA 101 -37.04 32.58 -20.82
N GLU OA 102 -37.42 33.22 -19.72
CA GLU OA 102 -38.73 32.95 -19.12
C GLU OA 102 -39.20 34.17 -18.35
N GLU OA 103 -40.50 34.45 -18.45
CA GLU OA 103 -41.09 35.51 -17.65
C GLU OA 103 -41.18 35.08 -16.19
N PRO OA 104 -41.07 36.01 -15.26
CA PRO OA 104 -41.27 35.68 -13.86
C PRO OA 104 -42.75 35.51 -13.56
N PRO OA 105 -43.12 34.96 -12.39
CA PRO OA 105 -44.53 34.96 -12.00
C PRO OA 105 -45.08 36.36 -11.76
N ALA OA 106 -46.38 36.43 -11.42
CA ALA OA 106 -47.08 37.71 -11.40
C ALA OA 106 -46.55 38.65 -10.32
N SER OA 107 -46.27 38.13 -9.14
CA SER OA 107 -45.81 38.94 -8.02
C SER OA 107 -44.42 38.52 -7.59
N GLN OA 108 -43.53 38.31 -8.56
CA GLN OA 108 -42.18 37.87 -8.24
C GLN OA 108 -41.34 39.02 -7.67
N TRP OA 109 -41.48 40.22 -8.21
CA TRP OA 109 -40.68 41.36 -7.78
C TRP OA 109 -41.54 42.46 -7.18
N LYS OA 110 -42.62 42.09 -6.49
CA LYS OA 110 -43.50 43.05 -5.84
C LYS OA 110 -43.11 43.14 -4.37
N TRP OA 111 -42.75 44.35 -3.93
CA TRP OA 111 -42.41 44.60 -2.55
C TRP OA 111 -43.00 45.94 -2.14
N PRO OA 112 -43.70 46.02 -0.99
CA PRO OA 112 -43.98 44.94 -0.05
C PRO OA 112 -45.12 44.04 -0.48
N ILE OA 113 -45.22 42.87 0.13
CA ILE OA 113 -46.25 41.90 -0.23
C ILE OA 113 -47.63 42.41 0.17
N THR PA 1 -45.31 22.03 -16.06
CA THR PA 1 -45.07 21.03 -15.02
C THR PA 1 -43.61 20.57 -15.05
N SER PA 2 -42.88 20.99 -16.08
CA SER PA 2 -41.48 20.63 -16.19
C SER PA 2 -40.64 21.40 -15.17
N VAL PA 3 -39.80 20.69 -14.43
CA VAL PA 3 -38.97 21.27 -13.40
C VAL PA 3 -37.52 20.88 -13.66
N LYS PA 4 -36.62 21.67 -13.11
CA LYS PA 4 -35.20 21.43 -13.29
C LYS PA 4 -34.73 20.36 -12.30
N PRO PA 5 -34.12 19.28 -12.76
CA PRO PA 5 -33.67 18.23 -11.83
C PRO PA 5 -32.45 18.67 -11.03
N ILE PA 6 -32.20 17.93 -9.95
CA ILE PA 6 -31.02 18.17 -9.13
C ILE PA 6 -29.91 17.23 -9.56
N PHE PA 7 -30.12 15.95 -9.38
CA PHE PA 7 -29.21 14.90 -9.81
C PHE PA 7 -29.91 13.79 -10.57
N SER PA 8 -31.13 13.44 -10.18
CA SER PA 8 -31.85 12.31 -10.75
C SER PA 8 -32.89 12.81 -11.73
N ARG PA 9 -32.91 12.22 -12.92
CA ARG PA 9 -33.93 12.55 -13.91
C ARG PA 9 -35.27 11.92 -13.56
N ASP PA 10 -35.26 10.66 -13.10
CA ASP PA 10 -36.47 9.97 -12.69
C ASP PA 10 -36.16 9.15 -11.46
N MET PA 11 -37.06 8.23 -11.11
CA MET PA 11 -36.99 7.54 -9.83
C MET PA 11 -35.93 6.45 -9.77
N ASN PA 12 -35.48 5.92 -10.92
CA ASN PA 12 -34.58 4.78 -10.90
C ASN PA 12 -33.18 5.18 -10.40
N GLU PA 13 -32.63 6.27 -10.95
CA GLU PA 13 -31.32 6.72 -10.48
C GLU PA 13 -31.37 7.22 -9.05
N ALA PA 14 -32.51 7.79 -8.65
CA ALA PA 14 -32.69 8.17 -7.25
C ALA PA 14 -32.67 6.95 -6.34
N LYS PA 15 -33.30 5.85 -6.77
CA LYS PA 15 -33.27 4.63 -5.99
C LYS PA 15 -31.86 4.04 -5.94
N ARG PA 16 -31.10 4.17 -7.03
CA ARG PA 16 -29.70 3.75 -7.00
C ARG PA 16 -28.89 4.56 -5.99
N ARG PA 17 -29.13 5.87 -5.94
CA ARG PA 17 -28.41 6.70 -4.99
C ARG PA 17 -28.76 6.35 -3.55
N VAL PA 18 -30.05 6.05 -3.30
CA VAL PA 18 -30.48 5.60 -1.98
C VAL PA 18 -29.79 4.30 -1.61
N ARG PA 19 -29.69 3.39 -2.58
CA ARG PA 19 -29.02 2.10 -2.36
C ARG PA 19 -27.56 2.28 -2.00
N GLU PA 20 -26.86 3.16 -2.73
CA GLU PA 20 -25.44 3.40 -2.45
C GLU PA 20 -25.24 4.03 -1.09
N LEU PA 21 -26.10 4.98 -0.72
CA LEU PA 21 -25.98 5.62 0.59
C LEU PA 21 -26.23 4.61 1.72
N TYR PA 22 -27.21 3.72 1.54
CA TYR PA 22 -27.45 2.69 2.54
C TYR PA 22 -26.27 1.74 2.67
N ARG PA 23 -25.65 1.38 1.53
CA ARG PA 23 -24.48 0.52 1.58
C ARG PA 23 -23.33 1.18 2.33
N ALA PA 24 -23.11 2.47 2.09
CA ALA PA 24 -22.03 3.19 2.76
C ALA PA 24 -22.28 3.29 4.27
N TRP PA 25 -23.52 3.58 4.67
CA TRP PA 25 -23.84 3.65 6.10
C TRP PA 25 -23.69 2.29 6.77
N TYR PA 26 -24.16 1.22 6.10
CA TYR PA 26 -24.03 -0.13 6.63
C TYR PA 26 -22.58 -0.54 6.78
N ARG PA 27 -21.72 -0.10 5.87
CA ARG PA 27 -20.30 -0.39 6.00
C ARG PA 27 -19.67 0.40 7.14
N GLU PA 28 -20.10 1.65 7.35
CA GLU PA 28 -19.40 2.48 8.33
C GLU PA 28 -19.86 2.25 9.77
N VAL PA 29 -21.06 1.66 9.98
CA VAL PA 29 -21.59 1.48 11.35
C VAL PA 29 -20.63 0.78 12.32
N PRO PA 30 -19.94 -0.33 11.96
CA PRO PA 30 -18.97 -0.89 12.92
C PRO PA 30 -17.81 0.04 13.29
N ASN PA 31 -17.29 0.80 12.32
CA ASN PA 31 -16.21 1.73 12.63
C ASN PA 31 -16.69 2.89 13.49
N THR PA 32 -17.93 3.33 13.26
CA THR PA 32 -18.51 4.39 14.08
C THR PA 32 -18.70 3.91 15.52
N VAL PA 33 -19.15 2.66 15.68
CA VAL PA 33 -19.31 2.10 17.02
C VAL PA 33 -17.97 1.96 17.72
N HIS PA 34 -16.94 1.49 17.00
CA HIS PA 34 -15.64 1.27 17.63
C HIS PA 34 -14.93 2.57 17.96
N LEU PA 35 -14.92 3.53 17.03
CA LEU PA 35 -14.12 4.74 17.22
C LEU PA 35 -14.71 5.66 18.28
N PHE PA 36 -16.02 5.71 18.39
CA PHE PA 36 -16.67 6.63 19.32
C PHE PA 36 -16.85 6.02 20.71
N GLN PA 37 -16.48 4.75 20.90
CA GLN PA 37 -16.66 4.02 22.15
C GLN PA 37 -18.12 4.04 22.61
N LEU PA 38 -19.01 3.75 21.68
CA LEU PA 38 -20.43 3.73 21.98
C LEU PA 38 -20.80 2.52 22.83
N ASP PA 39 -21.91 2.65 23.54
CA ASP PA 39 -22.41 1.60 24.42
C ASP PA 39 -23.39 0.67 23.70
N ILE PA 40 -23.61 0.87 22.42
CA ILE PA 40 -24.53 0.07 21.65
C ILE PA 40 -23.74 -1.00 20.90
N SER PA 41 -24.45 -1.98 20.37
CA SER PA 41 -23.82 -2.97 19.51
C SER PA 41 -23.89 -2.50 18.06
N VAL PA 42 -23.24 -3.25 17.17
CA VAL PA 42 -23.30 -2.95 15.75
C VAL PA 42 -24.71 -3.17 15.21
N LYS PA 43 -25.40 -4.19 15.75
CA LYS PA 43 -26.74 -4.50 15.28
C LYS PA 43 -27.71 -3.38 15.60
N GLN PA 44 -27.60 -2.75 16.77
CA GLN PA 44 -28.48 -1.63 17.10
C GLN PA 44 -28.22 -0.43 16.19
N GLY PA 45 -26.96 -0.18 15.84
CA GLY PA 45 -26.67 0.89 14.91
C GLY PA 45 -27.23 0.63 13.53
N ARG PA 46 -27.10 -0.60 13.03
CA ARG PA 46 -27.65 -0.93 11.74
C ARG PA 46 -29.18 -0.91 11.75
N ASP PA 47 -29.79 -1.30 12.86
CA ASP PA 47 -31.24 -1.18 12.99
C ASP PA 47 -31.69 0.27 13.01
N LYS PA 48 -30.91 1.16 13.62
CA LYS PA 48 -31.23 2.59 13.58
C LYS PA 48 -31.11 3.14 12.17
N VAL PA 49 -30.08 2.71 11.42
CA VAL PA 49 -29.90 3.15 10.04
C VAL PA 49 -31.08 2.70 9.18
N ARG PA 50 -31.47 1.43 9.32
CA ARG PA 50 -32.61 0.90 8.59
C ARG PA 50 -33.90 1.58 9.00
N GLU PA 51 -34.04 1.91 10.29
CA GLU PA 51 -35.23 2.60 10.77
C GLU PA 51 -35.35 3.99 10.17
N MET PA 52 -34.24 4.72 10.07
CA MET PA 52 -34.27 6.04 9.44
C MET PA 52 -34.63 5.94 7.96
N PHE PA 53 -34.04 4.96 7.26
CA PHE PA 53 -34.36 4.77 5.84
C PHE PA 53 -35.82 4.37 5.64
N LYS PA 54 -36.35 3.56 6.54
CA LYS PA 54 -37.76 3.15 6.45
C LYS PA 54 -38.71 4.27 6.81
N LYS PA 55 -38.34 5.10 7.79
CA LYS PA 55 -39.14 6.26 8.13
C LYS PA 55 -39.25 7.22 6.96
N ASN PA 56 -38.17 7.33 6.19
CA ASN PA 56 -38.09 8.30 5.11
C ASN PA 56 -38.44 7.69 3.75
N ALA PA 57 -39.32 6.67 3.74
CA ALA PA 57 -39.49 5.82 2.57
C ALA PA 57 -40.85 5.96 1.90
N HIS PA 58 -41.56 7.07 2.11
CA HIS PA 58 -42.87 7.27 1.50
C HIS PA 58 -42.86 8.36 0.45
N VAL PA 59 -41.70 8.72 -0.08
CA VAL PA 59 -41.54 9.86 -0.96
C VAL PA 59 -41.40 9.38 -2.40
N THR PA 60 -42.04 10.08 -3.33
CA THR PA 60 -42.03 9.72 -4.74
C THR PA 60 -41.50 10.82 -5.65
N ASP PA 61 -41.12 11.96 -5.10
CA ASP PA 61 -40.55 13.04 -5.90
C ASP PA 61 -39.04 12.83 -6.05
N PRO PA 62 -38.51 12.78 -7.27
CA PRO PA 62 -37.07 12.58 -7.45
C PRO PA 62 -36.20 13.66 -6.85
N ARG PA 63 -36.64 14.92 -6.89
CA ARG PA 63 -35.83 16.00 -6.35
C ARG PA 63 -35.78 15.95 -4.82
N VAL PA 64 -36.91 15.60 -4.20
CA VAL PA 64 -36.94 15.50 -2.74
C VAL PA 64 -36.02 14.39 -2.25
N VAL PA 65 -36.07 13.23 -2.90
CA VAL PA 65 -35.21 12.14 -2.47
C VAL PA 65 -33.77 12.39 -2.87
N ASP PA 66 -33.52 13.20 -3.90
CA ASP PA 66 -32.16 13.65 -4.18
C ASP PA 66 -31.61 14.51 -3.05
N LEU PA 67 -32.42 15.44 -2.55
CA LEU PA 67 -32.01 16.25 -1.41
C LEU PA 67 -31.83 15.41 -0.15
N LEU PA 68 -32.66 14.39 0.02
CA LEU PA 68 -32.51 13.47 1.16
C LEU PA 68 -31.21 12.69 1.07
N VAL PA 69 -30.86 12.22 -0.13
CA VAL PA 69 -29.59 11.53 -0.32
C VAL PA 69 -28.42 12.47 -0.08
N ILE PA 70 -28.55 13.72 -0.50
CA ILE PA 70 -27.50 14.72 -0.29
C ILE PA 70 -27.28 14.98 1.19
N LYS PA 71 -28.37 15.13 1.94
CA LYS PA 71 -28.25 15.37 3.38
C LYS PA 71 -27.72 14.15 4.12
N GLY PA 72 -28.11 12.94 3.67
CA GLY PA 72 -27.53 11.74 4.24
C GLY PA 72 -26.04 11.61 3.95
N LYS PA 73 -25.63 12.02 2.75
CA LYS PA 73 -24.21 12.02 2.41
C LYS PA 73 -23.43 13.01 3.27
N MET PA 74 -24.01 14.18 3.53
CA MET PA 74 -23.38 15.14 4.44
C MET PA 74 -23.25 14.56 5.85
N GLU PA 75 -24.29 13.88 6.34
CA GLU PA 75 -24.20 13.26 7.66
C GLU PA 75 -23.14 12.17 7.70
N LEU PA 76 -23.07 11.36 6.64
CA LEU PA 76 -22.06 10.31 6.58
C LEU PA 76 -20.65 10.86 6.55
N GLU PA 77 -20.42 11.92 5.77
CA GLU PA 77 -19.10 12.56 5.75
C GLU PA 77 -18.80 13.21 7.08
N GLU PA 78 -19.82 13.73 7.75
CA GLU PA 78 -19.67 14.35 9.06
C GLU PA 78 -19.28 13.32 10.10
N THR PA 79 -19.69 12.07 9.92
CA THR PA 79 -19.37 11.00 10.85
C THR PA 79 -18.06 10.28 10.51
N ILE PA 80 -17.73 10.16 9.22
CA ILE PA 80 -16.49 9.49 8.80
C ILE PA 80 -15.29 10.24 9.36
N ASN PA 81 -15.23 11.55 9.11
CA ASN PA 81 -14.32 12.40 9.83
C ASN PA 81 -14.84 12.60 11.24
N VAL PA 82 -13.93 12.84 12.18
CA VAL PA 82 -14.33 13.01 13.58
C VAL PA 82 -14.66 14.48 13.75
N TRP PA 83 -15.86 14.85 13.34
CA TRP PA 83 -16.43 16.15 13.59
C TRP PA 83 -17.56 16.10 14.60
N LYS PA 84 -18.42 15.09 14.50
CA LYS PA 84 -19.37 14.80 15.56
C LYS PA 84 -18.63 14.27 16.79
N GLN PA 85 -19.16 14.60 17.96
CA GLN PA 85 -18.67 14.02 19.19
C GLN PA 85 -19.51 12.78 19.51
N ARG PA 86 -19.35 12.21 20.71
CA ARG PA 86 -20.17 11.08 21.09
C ARG PA 86 -21.63 11.48 21.30
N THR PA 87 -21.86 12.72 21.76
CA THR PA 87 -23.23 13.18 21.97
C THR PA 87 -24.00 13.30 20.66
N HIS PA 88 -23.34 13.73 19.58
CA HIS PA 88 -24.04 13.87 18.30
C HIS PA 88 -24.40 12.52 17.72
N VAL PA 89 -23.54 11.52 17.91
CA VAL PA 89 -23.84 10.18 17.44
C VAL PA 89 -24.95 9.55 18.29
N MET PA 90 -24.91 9.76 19.60
CA MET PA 90 -25.90 9.17 20.48
C MET PA 90 -27.21 9.95 20.52
N ARG PA 91 -27.29 11.12 19.87
CA ARG PA 91 -28.55 11.85 19.80
C ARG PA 91 -29.60 11.16 18.95
N PHE PA 92 -29.21 10.18 18.13
CA PHE PA 92 -30.21 9.42 17.40
C PHE PA 92 -30.99 8.48 18.31
N PHE PA 93 -30.39 8.07 19.43
CA PHE PA 93 -31.01 7.17 20.38
C PHE PA 93 -31.49 8.00 21.56
N HIS PA 94 -32.81 8.10 21.74
CA HIS PA 94 -33.39 8.95 22.78
C HIS PA 94 -33.49 8.13 24.06
N GLU PA 95 -32.37 8.06 24.78
CA GLU PA 95 -32.31 7.25 25.98
C GLU PA 95 -32.88 7.98 27.19
N THR PA 96 -32.59 9.29 27.31
CA THR PA 96 -33.09 10.05 28.45
C THR PA 96 -34.52 10.52 28.27
N GLU PA 97 -35.05 10.47 27.05
CA GLU PA 97 -36.40 10.94 26.81
C GLU PA 97 -37.43 9.97 27.36
N ALA PA 98 -38.44 10.52 28.04
CA ALA PA 98 -39.49 9.71 28.61
C ALA PA 98 -40.35 9.07 27.51
N PRO PA 99 -40.86 7.87 27.74
CA PRO PA 99 -41.71 7.21 26.72
C PRO PA 99 -43.05 7.93 26.60
N ARG PA 100 -43.33 8.42 25.41
CA ARG PA 100 -44.58 9.13 25.15
C ARG PA 100 -45.73 8.13 25.01
N PRO PA 101 -46.79 8.26 25.81
CA PRO PA 101 -47.96 7.39 25.62
C PRO PA 101 -48.64 7.62 24.28
N LYS PA 102 -49.24 6.57 23.76
CA LYS PA 102 -49.81 6.59 22.40
C LYS PA 102 -51.31 6.39 22.37
N ASP PA 103 -51.87 5.56 23.24
CA ASP PA 103 -53.30 5.30 23.20
C ASP PA 103 -54.07 6.50 23.75
N PHE PA 104 -55.39 6.48 23.55
CA PHE PA 104 -56.22 7.61 23.93
C PHE PA 104 -56.30 7.78 25.44
N LEU PA 105 -56.39 6.69 26.19
CA LEU PA 105 -56.69 6.76 27.61
C LEU PA 105 -55.54 7.39 28.40
N SER PA 106 -54.31 7.01 28.09
CA SER PA 106 -53.17 7.56 28.81
C SER PA 106 -52.96 9.04 28.49
N LYS PA 107 -53.15 9.42 27.22
CA LYS PA 107 -53.09 10.82 26.85
C LYS PA 107 -54.20 11.63 27.52
N PHE PA 108 -55.37 11.02 27.69
CA PHE PA 108 -56.46 11.66 28.43
C PHE PA 108 -56.08 11.83 29.90
N TYR PA 109 -55.36 10.86 30.46
CA TYR PA 109 -54.97 10.94 31.86
C TYR PA 109 -53.92 12.01 32.10
N VAL PA 110 -52.96 12.15 31.18
CA VAL PA 110 -51.78 12.98 31.48
C VAL PA 110 -51.93 14.45 31.12
N GLY PA 111 -52.86 14.81 30.23
CA GLY PA 111 -52.96 16.21 29.85
C GLY PA 111 -53.98 16.42 28.75
N HIS PA 112 -53.94 17.63 28.19
CA HIS PA 112 -54.89 18.05 27.16
C HIS PA 112 -54.38 17.83 25.74
N ASP PA 113 -53.18 17.28 25.58
CA ASP PA 113 -52.60 17.15 24.25
C ASP PA 113 -53.30 16.04 23.47
N PRO PA 114 -53.77 16.31 22.24
CA PRO PA 114 -54.41 15.29 21.42
C PRO PA 114 -53.43 14.28 20.83
N SER QA 4 6.20 61.42 41.76
CA SER QA 4 6.76 61.33 43.10
C SER QA 4 8.15 60.72 43.09
N ALA QA 5 8.65 60.41 41.90
CA ALA QA 5 9.95 59.79 41.76
C ALA QA 5 11.06 60.80 42.06
N THR QA 6 12.19 60.29 42.51
CA THR QA 6 13.34 61.14 42.78
C THR QA 6 13.99 61.57 41.47
N ARG QA 7 14.91 62.54 41.57
CA ARG QA 7 15.57 63.05 40.37
C ARG QA 7 16.53 62.04 39.78
N LEU QA 8 17.17 61.23 40.62
CA LEU QA 8 18.07 60.20 40.12
C LEU QA 8 17.31 59.10 39.37
N ILE QA 9 16.18 58.66 39.93
CA ILE QA 9 15.36 57.66 39.27
C ILE QA 9 14.75 58.24 37.99
N GLN QA 10 14.38 59.52 38.01
CA GLN QA 10 13.90 60.18 36.80
C GLN QA 10 14.97 60.21 35.72
N GLY QA 11 16.21 60.52 36.10
CA GLY QA 11 17.29 60.55 35.13
C GLY QA 11 17.60 59.19 34.53
N LEU QA 12 17.64 58.16 35.39
CA LEU QA 12 17.88 56.80 34.89
C LEU QA 12 16.74 56.33 34.01
N ARG QA 13 15.50 56.67 34.39
CA ARG QA 13 14.32 56.31 33.60
C ARG QA 13 14.35 56.98 32.23
N ASN QA 14 14.73 58.26 32.19
CA ASN QA 14 14.79 58.98 30.92
C ASN QA 14 15.94 58.49 30.06
N TRP QA 15 17.07 58.11 30.66
CA TRP QA 15 18.17 57.60 29.88
C TRP QA 15 17.83 56.24 29.27
N ALA QA 16 17.26 55.33 30.08
CA ALA QA 16 16.96 54.00 29.57
C ALA QA 16 15.79 54.02 28.59
N SER QA 17 14.83 54.92 28.79
CA SER QA 17 13.74 55.03 27.83
C SER QA 17 14.14 55.76 26.57
N GLY QA 18 15.05 56.73 26.68
CA GLY QA 18 15.44 57.55 25.56
C GLY QA 18 14.57 58.76 25.32
N ARG QA 19 13.54 58.97 26.13
CA ARG QA 19 12.60 60.07 25.96
C ARG QA 19 12.37 60.75 27.29
N ASP QA 20 11.91 62.00 27.22
CA ASP QA 20 11.52 62.75 28.41
C ASP QA 20 10.15 62.25 28.85
N LEU QA 21 10.13 61.33 29.81
CA LEU QA 21 8.88 60.75 30.28
C LEU QA 21 8.08 61.70 31.15
N GLN QA 22 8.71 62.69 31.77
CA GLN QA 22 7.99 63.58 32.67
C GLN QA 22 7.11 64.57 31.92
N ALA QA 23 7.38 64.81 30.65
CA ALA QA 23 6.54 65.74 29.88
C ALA QA 23 5.17 65.12 29.61
N LYS QA 24 5.11 63.82 29.35
CA LYS QA 24 3.88 63.12 29.03
C LYS QA 24 3.75 61.92 29.95
N LEU QA 25 3.16 62.15 31.13
CA LEU QA 25 2.97 61.08 32.10
C LEU QA 25 1.64 60.38 31.83
N GLN QA 26 1.66 59.05 31.85
CA GLN QA 26 0.46 58.27 31.61
C GLN QA 26 -0.46 58.19 32.81
N LEU QA 27 0.01 58.59 33.98
CA LEU QA 27 -0.79 58.60 35.20
C LEU QA 27 -1.40 59.99 35.37
N ARG QA 28 -2.73 60.04 35.49
CA ARG QA 28 -3.42 61.32 35.56
C ARG QA 28 -3.32 61.91 36.95
N TYR QA 29 -3.38 63.22 37.02
CA TYR QA 29 -3.22 63.98 38.26
C TYR QA 29 -4.28 65.07 38.25
N GLN QA 30 -4.09 66.12 39.04
CA GLN QA 30 -5.10 67.18 39.15
C GLN QA 30 -5.30 67.99 37.88
N GLU QA 31 -4.66 67.66 36.76
CA GLU QA 31 -4.85 68.41 35.53
C GLU QA 31 -6.18 68.14 34.84
N ILE QA 32 -6.87 67.05 35.19
CA ILE QA 32 -8.12 66.71 34.50
C ILE QA 32 -9.25 67.55 35.06
N SER QA 33 -10.40 67.52 34.38
CA SER QA 33 -11.55 68.28 34.82
C SER QA 33 -12.13 67.69 36.10
N LYS QA 34 -12.82 68.54 36.86
CA LYS QA 34 -13.38 68.14 38.14
C LYS QA 34 -14.54 67.17 37.94
N ARG QA 35 -14.82 66.40 38.98
CA ARG QA 35 -15.91 65.43 38.90
C ARG QA 35 -17.26 66.05 39.19
N THR QA 36 -17.31 67.27 39.70
CA THR QA 36 -18.55 68.02 39.88
C THR QA 36 -18.53 69.23 38.97
N GLN QA 37 -19.53 69.33 38.09
CA GLN QA 37 -19.60 70.37 37.09
C GLN QA 37 -20.81 71.25 37.32
N PRO QA 38 -20.77 72.52 36.89
CA PRO QA 38 -21.96 73.35 36.94
C PRO QA 38 -23.01 72.83 35.97
N PRO QA 39 -24.30 73.09 36.24
CA PRO QA 39 -25.35 72.51 35.41
C PRO QA 39 -25.35 73.12 34.03
N PRO QA 40 -25.73 72.35 33.00
CA PRO QA 40 -25.70 72.88 31.64
C PRO QA 40 -26.98 73.57 31.23
N LYS QA 41 -27.02 74.05 29.98
CA LYS QA 41 -28.26 74.56 29.37
C LYS QA 41 -28.15 74.25 27.88
N LEU QA 42 -28.71 73.11 27.50
CA LEU QA 42 -28.53 72.63 26.13
C LEU QA 42 -29.41 73.43 25.17
N PRO QA 43 -28.93 73.68 23.96
CA PRO QA 43 -29.74 74.43 22.98
C PRO QA 43 -30.84 73.57 22.39
N VAL QA 44 -31.76 74.25 21.73
CA VAL QA 44 -32.88 73.59 21.07
C VAL QA 44 -32.61 73.53 19.58
N GLY QA 45 -33.34 72.66 18.90
CA GLY QA 45 -33.13 72.45 17.48
C GLY QA 45 -33.85 73.48 16.63
N PRO QA 46 -33.73 73.31 15.32
CA PRO QA 46 -34.30 74.31 14.39
C PRO QA 46 -35.82 74.27 14.29
N SER QA 47 -36.46 73.20 14.76
CA SER QA 47 -37.90 73.09 14.68
C SER QA 47 -38.61 73.64 15.91
N HIS QA 48 -37.87 74.22 16.84
CA HIS QA 48 -38.47 74.83 18.03
C HIS QA 48 -38.86 76.28 17.72
N ARG QA 49 -39.91 76.41 16.92
CA ARG QA 49 -40.41 77.70 16.49
C ARG QA 49 -41.92 77.75 16.68
N LEU QA 50 -42.44 78.96 16.86
CA LEU QA 50 -43.87 79.14 17.08
C LEU QA 50 -44.64 79.42 15.80
N SER QA 51 -43.96 79.79 14.72
CA SER QA 51 -44.62 80.09 13.46
C SER QA 51 -43.79 79.54 12.31
N ASN QA 52 -44.47 79.29 11.18
CA ASN QA 52 -43.88 78.70 9.98
C ASN QA 52 -43.19 77.37 10.29
N ASN QA 53 -43.85 76.54 11.11
CA ASN QA 53 -43.31 75.29 11.58
C ASN QA 53 -44.26 74.14 11.29
N TYR QA 54 -44.84 74.12 10.09
CA TYR QA 54 -45.76 73.07 9.72
C TYR QA 54 -45.01 71.78 9.43
N TYR QA 55 -45.51 70.67 9.96
CA TYR QA 55 -44.80 69.40 9.84
C TYR QA 55 -44.84 68.86 8.42
N CYS QA 56 -45.84 69.23 7.63
CA CYS QA 56 -45.91 68.76 6.25
C CYS QA 56 -44.84 69.38 5.36
N ALA QA 57 -44.18 70.44 5.82
CA ALA QA 57 -43.10 71.07 5.08
C ALA QA 57 -41.73 70.52 5.46
N ARG QA 58 -41.64 69.63 6.46
CA ARG QA 58 -40.36 69.08 6.89
C ARG QA 58 -40.48 67.60 7.21
N ASP QA 59 -41.41 66.90 6.54
CA ASP QA 59 -41.62 65.47 6.78
C ASP QA 59 -40.64 64.70 5.90
N GLY QA 60 -39.56 64.22 6.51
CA GLY QA 60 -38.57 63.47 5.75
C GLY QA 60 -39.07 62.12 5.27
N ARG QA 61 -39.81 61.41 6.13
CA ARG QA 61 -40.24 60.06 5.78
C ARG QA 61 -41.30 60.05 4.70
N ARG QA 62 -42.10 61.12 4.61
CA ARG QA 62 -43.18 61.16 3.63
C ARG QA 62 -42.71 61.59 2.25
N GLU QA 63 -41.48 62.06 2.11
CA GLU QA 63 -40.90 62.36 0.81
C GLU QA 63 -40.21 61.16 0.19
N ALA QA 64 -40.16 60.02 0.90
CA ALA QA 64 -39.56 58.82 0.35
C ALA QA 64 -40.48 58.22 -0.70
N MET QA 65 -39.91 57.86 -1.84
CA MET QA 65 -40.69 57.38 -2.97
C MET QA 65 -40.36 55.93 -3.27
N PRO QA 66 -41.29 55.20 -3.89
CA PRO QA 66 -40.97 53.85 -4.35
C PRO QA 66 -39.91 53.91 -5.44
N PRO QA 67 -39.11 52.84 -5.57
CA PRO QA 67 -38.04 52.85 -6.57
C PRO QA 67 -38.58 52.96 -7.99
N SER QA 68 -37.86 53.73 -8.81
CA SER QA 68 -38.29 53.98 -10.18
C SER QA 68 -37.88 52.81 -11.06
N ILE QA 69 -38.84 52.20 -11.73
CA ILE QA 69 -38.57 51.07 -12.61
C ILE QA 69 -38.02 51.60 -13.92
N VAL QA 70 -36.80 51.21 -14.25
CA VAL QA 70 -36.13 51.67 -15.46
C VAL QA 70 -36.49 50.77 -16.65
N MET QA 71 -36.30 49.46 -16.50
CA MET QA 71 -36.69 48.48 -17.48
C MET QA 71 -37.58 47.46 -16.79
N SER QA 72 -38.65 47.06 -17.47
CA SER QA 72 -39.52 46.01 -16.97
C SER QA 72 -39.87 45.07 -18.11
N SER QA 73 -40.04 43.80 -17.78
CA SER QA 73 -40.58 42.81 -18.70
C SER QA 73 -42.08 42.64 -18.53
N GLN QA 74 -42.71 43.51 -17.74
CA GLN QA 74 -44.14 43.48 -17.43
C GLN QA 74 -44.59 42.14 -16.86
N SER QA 91 -30.25 54.12 -30.61
CA SER QA 91 -29.51 54.34 -31.84
C SER QA 91 -28.03 54.07 -31.62
N GLU QA 92 -27.19 55.01 -32.04
CA GLU QA 92 -25.75 54.92 -31.81
C GLU QA 92 -25.34 55.61 -30.51
N LYS QA 93 -26.01 55.26 -29.42
CA LYS QA 93 -25.73 55.88 -28.14
C LYS QA 93 -24.42 55.36 -27.57
N LYS QA 94 -23.77 56.19 -26.78
CA LYS QA 94 -22.46 55.88 -26.23
C LYS QA 94 -22.58 54.88 -25.08
N ALA QA 95 -21.49 54.14 -24.86
CA ALA QA 95 -21.42 53.24 -23.72
C ALA QA 95 -21.27 54.05 -22.43
N VAL QA 96 -21.85 53.53 -21.36
CA VAL QA 96 -22.00 54.26 -20.10
C VAL QA 96 -21.39 53.44 -18.98
N SER QA 97 -20.51 54.08 -18.21
CA SER QA 97 -19.96 53.54 -16.97
C SER QA 97 -20.90 53.86 -15.81
N PRO QA 98 -20.82 53.14 -14.69
CA PRO QA 98 -21.66 53.48 -13.54
C PRO QA 98 -21.41 54.85 -12.97
N ALA QA 99 -20.21 55.40 -13.18
CA ALA QA 99 -19.80 56.69 -12.66
C ALA QA 99 -18.60 57.14 -13.45
N PRO QA 100 -18.19 58.40 -13.33
CA PRO QA 100 -16.88 58.79 -13.85
C PRO QA 100 -15.79 57.99 -13.16
N PRO QA 101 -14.71 57.67 -13.88
CA PRO QA 101 -13.64 56.87 -13.28
C PRO QA 101 -12.99 57.58 -12.11
N ILE QA 102 -12.57 56.79 -11.12
CA ILE QA 102 -12.05 57.36 -9.88
C ILE QA 102 -10.72 58.05 -10.16
N LYS QA 103 -10.45 59.10 -9.40
CA LYS QA 103 -9.24 59.88 -9.59
C LYS QA 103 -8.08 59.21 -8.87
N ARG QA 104 -6.90 59.34 -9.47
CA ARG QA 104 -5.70 58.79 -8.86
C ARG QA 104 -5.36 59.55 -7.59
N TRP QA 105 -5.01 58.81 -6.54
CA TRP QA 105 -4.68 59.44 -5.26
C TRP QA 105 -3.32 60.13 -5.35
N GLU QA 106 -3.21 61.25 -4.64
CA GLU QA 106 -1.97 62.00 -4.58
C GLU QA 106 -1.19 61.61 -3.33
N LEU QA 107 0.14 61.59 -3.45
CA LEU QA 107 0.98 61.27 -2.31
C LEU QA 107 0.89 62.35 -1.25
N SER QA 108 1.04 61.93 0.00
CA SER QA 108 0.90 62.86 1.12
C SER QA 108 2.06 63.84 1.16
N GLN QA 109 1.72 65.13 1.22
CA GLN QA 109 2.75 66.15 1.35
C GLN QA 109 3.32 66.19 2.76
N ASP QA 110 2.57 65.70 3.73
CA ASP QA 110 2.96 65.86 5.14
C ASP QA 110 4.07 64.86 5.47
N GLU QA 111 3.82 63.57 5.24
CA GLU QA 111 4.81 62.53 5.51
C GLU QA 111 4.67 61.45 4.46
N PRO QA 112 5.35 61.59 3.31
CA PRO QA 112 5.21 60.60 2.25
C PRO QA 112 5.94 59.30 2.49
N TYR QA 113 6.78 59.24 3.54
CA TYR QA 113 7.65 58.09 3.82
C TYR QA 113 8.55 57.74 2.63
N LEU QA 114 8.99 58.76 1.91
CA LEU QA 114 9.81 58.55 0.72
C LEU QA 114 11.07 59.41 0.77
N MET RA 1 22.23 64.28 49.70
CA MET RA 1 21.58 63.39 48.75
C MET RA 1 20.08 63.29 48.98
N GLU RA 2 19.37 62.70 48.02
CA GLU RA 2 17.91 62.66 48.01
C GLU RA 2 17.34 61.31 48.43
N LEU RA 3 18.17 60.37 48.85
CA LEU RA 3 17.66 59.13 49.45
C LEU RA 3 17.19 59.37 50.88
N LEU RA 4 17.80 60.35 51.57
CA LEU RA 4 17.42 60.66 52.94
C LEU RA 4 16.00 61.18 53.03
N GLN RA 5 15.53 61.91 52.01
CA GLN RA 5 14.15 62.35 51.99
C GLN RA 5 13.19 61.16 51.90
N VAL RA 6 13.56 60.16 51.11
CA VAL RA 6 12.73 58.96 50.98
C VAL RA 6 12.70 58.18 52.29
N LEU RA 7 13.86 58.02 52.95
CA LEU RA 7 13.90 57.34 54.23
C LEU RA 7 13.11 58.10 55.30
N LYS RA 8 13.24 59.42 55.32
CA LYS RA 8 12.49 60.24 56.27
C LYS RA 8 10.99 60.13 56.02
N ARG RA 9 10.57 60.10 54.76
CA ARG RA 9 9.15 59.94 54.45
C ARG RA 9 8.64 58.59 54.90
N GLY RA 10 9.45 57.54 54.76
CA GLY RA 10 9.08 56.26 55.32
C GLY RA 10 8.94 56.28 56.84
N LEU RA 11 9.82 57.02 57.51
CA LEU RA 11 9.73 57.12 58.97
C LEU RA 11 8.49 57.91 59.40
N GLN RA 12 8.13 58.97 58.67
CA GLN RA 12 6.87 59.64 58.97
C GLN RA 12 5.65 58.78 58.64
N GLN RA 13 5.78 57.87 57.67
CA GLN RA 13 4.70 56.92 57.44
C GLN RA 13 4.55 55.97 58.62
N VAL RA 14 5.67 55.57 59.23
CA VAL RA 14 5.60 54.72 60.43
C VAL RA 14 4.99 55.50 61.59
N SER RA 15 5.39 56.76 61.76
CA SER RA 15 4.93 57.55 62.90
C SER RA 15 3.50 58.05 62.74
N GLY RA 16 3.03 58.24 61.51
CA GLY RA 16 1.72 58.80 61.28
C GLY RA 16 0.57 57.85 61.48
N HIS RA 17 0.84 56.56 61.65
CA HIS RA 17 -0.18 55.57 61.98
C HIS RA 17 -0.24 55.29 63.47
N GLY RA 18 0.27 56.20 64.29
CA GLY RA 18 0.24 56.04 65.73
C GLY RA 18 1.11 54.93 66.27
N GLY RA 19 2.31 54.75 65.71
CA GLY RA 19 3.25 53.78 66.22
C GLY RA 19 3.27 52.51 65.39
N LEU RA 20 4.18 51.63 65.79
CA LEU RA 20 4.42 50.41 65.04
C LEU RA 20 3.25 49.44 65.10
N ARG RA 21 2.48 49.47 66.20
CA ARG RA 21 1.32 48.59 66.30
C ARG RA 21 0.26 48.95 65.27
N GLY RA 22 -0.08 50.24 65.17
CA GLY RA 22 -1.00 50.68 64.13
C GLY RA 22 -0.44 50.51 62.74
N TYR RA 23 0.88 50.70 62.58
CA TYR RA 23 1.51 50.49 61.28
C TYR RA 23 1.37 49.05 60.81
N LEU RA 24 1.65 48.09 61.69
CA LEU RA 24 1.50 46.69 61.34
C LEU RA 24 0.03 46.32 61.13
N ARG RA 25 -0.87 46.93 61.91
CA ARG RA 25 -2.30 46.68 61.74
C ARG RA 25 -2.78 47.10 60.36
N VAL RA 26 -2.44 48.31 59.94
CA VAL RA 26 -2.89 48.77 58.63
C VAL RA 26 -2.14 48.03 57.51
N LEU RA 27 -0.89 47.63 57.75
CA LEU RA 27 -0.14 46.88 56.74
C LEU RA 27 -0.76 45.50 56.50
N PHE RA 28 -1.20 44.84 57.56
CA PHE RA 28 -1.77 43.51 57.39
C PHE RA 28 -3.26 43.53 57.09
N ARG RA 29 -3.95 44.65 57.31
CA ARG RA 29 -5.36 44.74 56.95
C ARG RA 29 -5.53 45.26 55.53
N ALA RA 30 -5.03 46.46 55.25
CA ALA RA 30 -5.29 47.13 53.99
C ALA RA 30 -4.23 46.89 52.93
N ASN RA 31 -3.16 46.17 53.27
CA ASN RA 31 -2.00 45.95 52.39
C ASN RA 31 -1.39 47.26 51.90
N ASP RA 32 -1.48 48.31 52.72
CA ASP RA 32 -0.95 49.61 52.37
C ASP RA 32 -0.71 50.38 53.66
N VAL RA 33 0.22 51.35 53.60
CA VAL RA 33 0.70 52.01 54.80
C VAL RA 33 0.75 53.53 54.67
N ARG RA 34 0.34 54.10 53.55
CA ARG RA 34 0.48 55.54 53.36
C ARG RA 34 -0.60 56.30 54.13
N VAL RA 35 -0.23 57.49 54.60
CA VAL RA 35 -1.11 58.33 55.41
C VAL RA 35 -1.69 59.44 54.55
N GLY RA 36 -2.94 59.80 54.84
CA GLY RA 36 -3.61 60.86 54.13
C GLY RA 36 -4.52 61.63 55.07
N THR RA 37 -5.08 62.72 54.57
CA THR RA 37 -6.00 63.52 55.35
C THR RA 37 -7.31 62.78 55.55
N LEU RA 38 -7.75 62.67 56.80
CA LEU RA 38 -9.01 61.99 57.10
C LEU RA 38 -10.16 62.87 56.66
N VAL RA 39 -10.82 62.49 55.56
CA VAL RA 39 -11.99 63.23 55.10
C VAL RA 39 -13.14 63.06 56.08
N GLY RA 40 -13.37 61.86 56.57
CA GLY RA 40 -14.43 61.71 57.56
C GLY RA 40 -14.59 60.27 57.99
N GLU RA 41 -15.69 60.02 58.69
CA GLU RA 41 -16.06 58.66 59.06
C GLU RA 41 -17.58 58.58 59.19
N ASP RA 42 -18.09 57.38 59.06
CA ASP RA 42 -19.53 57.15 59.03
C ASP RA 42 -20.00 56.47 60.31
N LYS RA 43 -21.30 56.12 60.32
CA LYS RA 43 -21.94 55.57 61.50
C LYS RA 43 -21.41 54.17 61.85
N TYR RA 44 -21.01 53.39 60.85
CA TYR RA 44 -20.57 52.02 61.07
C TYR RA 44 -19.10 51.92 61.44
N GLY RA 45 -18.31 52.97 61.26
CA GLY RA 45 -16.92 52.96 61.67
C GLY RA 45 -15.90 53.00 60.55
N ASN RA 46 -16.34 52.98 59.29
CA ASN RA 46 -15.42 53.12 58.18
C ASN RA 46 -14.84 54.52 58.18
N LYS RA 47 -13.54 54.62 57.91
CA LYS RA 47 -12.85 55.91 57.90
C LYS RA 47 -12.37 56.21 56.49
N TYR RA 48 -12.70 57.40 56.00
CA TYR RA 48 -12.44 57.79 54.62
C TYR RA 48 -11.36 58.84 54.59
N TYR RA 49 -10.29 58.56 53.85
CA TYR RA 49 -9.10 59.39 53.73
C TYR RA 49 -8.91 59.80 52.28
N GLU RA 50 -8.19 60.91 52.10
CA GLU RA 50 -7.86 61.40 50.77
C GLU RA 50 -6.43 61.92 50.73
N ASP RA 51 -5.86 61.94 49.52
CA ASP RA 51 -4.51 62.44 49.32
C ASP RA 51 -4.43 62.89 47.86
N ASN RA 52 -4.54 64.19 47.62
CA ASN RA 52 -4.67 64.71 46.27
C ASN RA 52 -3.36 64.70 45.49
N LYS RA 53 -2.22 64.44 46.14
CA LYS RA 53 -0.96 64.34 45.42
C LYS RA 53 -0.79 63.01 44.72
N GLN RA 54 -1.49 61.97 45.15
CA GLN RA 54 -1.47 60.69 44.45
C GLN RA 54 -2.22 60.80 43.12
N PHE RA 55 -1.98 59.83 42.25
CA PHE RA 55 -2.61 59.92 40.95
C PHE RA 55 -4.08 59.51 41.04
N PHE RA 56 -4.81 59.75 39.95
CA PHE RA 56 -6.25 59.55 39.91
C PHE RA 56 -6.57 58.07 40.04
N GLY RA 57 -7.21 57.71 41.16
CA GLY RA 57 -7.51 56.32 41.45
C GLY RA 57 -7.07 55.94 42.84
N ARG RA 58 -5.95 56.50 43.30
CA ARG RA 58 -5.45 56.28 44.64
C ARG RA 58 -5.67 57.47 45.56
N HIS RA 59 -6.31 58.53 45.08
CA HIS RA 59 -6.43 59.77 45.85
C HIS RA 59 -7.57 59.75 46.86
N ARG RA 60 -8.36 58.69 46.90
CA ARG RA 60 -9.39 58.50 47.92
C ARG RA 60 -9.42 57.03 48.31
N TRP RA 61 -9.52 56.76 49.61
CA TRP RA 61 -9.64 55.37 50.04
C TRP RA 61 -10.39 55.28 51.37
N VAL RA 62 -10.77 54.06 51.71
CA VAL RA 62 -11.56 53.78 52.90
C VAL RA 62 -10.89 52.65 53.67
N ILE RA 63 -10.73 52.84 54.98
CA ILE RA 63 -10.37 51.77 55.90
C ILE RA 63 -11.64 51.29 56.56
N TYR RA 64 -11.99 50.03 56.32
CA TYR RA 64 -13.25 49.48 56.80
C TYR RA 64 -13.21 49.29 58.32
N THR RA 65 -14.40 49.21 58.90
CA THR RA 65 -14.52 48.97 60.32
C THR RA 65 -14.29 47.49 60.64
N THR RA 66 -14.09 47.21 61.91
CA THR RA 66 -13.82 45.85 62.37
C THR RA 66 -15.08 45.12 62.82
N GLU RA 67 -16.24 45.77 62.77
CA GLU RA 67 -17.50 45.13 63.16
C GLU RA 67 -18.63 45.92 62.53
N MET RA 68 -19.34 45.30 61.58
CA MET RA 68 -20.47 45.92 60.92
C MET RA 68 -21.67 44.98 60.98
N ASN RA 69 -22.75 45.46 61.62
CA ASN RA 69 -24.00 44.70 61.77
C ASN RA 69 -23.78 43.35 62.43
N GLY RA 70 -22.92 43.33 63.44
CA GLY RA 70 -22.69 42.12 64.22
C GLY RA 70 -21.76 41.11 63.58
N LYS RA 71 -21.11 41.44 62.48
CA LYS RA 71 -20.20 40.53 61.79
C LYS RA 71 -18.77 41.02 61.99
N ASN RA 72 -17.88 40.10 62.37
CA ASN RA 72 -16.48 40.45 62.56
C ASN RA 72 -15.83 40.65 61.20
N THR RA 73 -15.40 41.88 60.91
CA THR RA 73 -14.85 42.25 59.62
C THR RA 73 -13.39 42.68 59.75
N PHE RA 74 -12.64 42.04 60.64
CA PHE RA 74 -11.23 42.39 60.78
C PHE RA 74 -10.43 41.94 59.57
N TRP RA 75 -10.67 40.71 59.11
CA TRP RA 75 -10.06 40.22 57.88
C TRP RA 75 -11.05 40.11 56.74
N ASP RA 76 -12.35 40.00 57.03
CA ASP RA 76 -13.36 39.82 56.00
C ASP RA 76 -14.00 41.16 55.65
N VAL RA 77 -13.21 42.00 54.98
CA VAL RA 77 -13.74 43.25 54.44
C VAL RA 77 -14.49 42.97 53.15
N ASP RA 78 -15.36 43.89 52.78
CA ASP RA 78 -16.24 43.69 51.64
C ASP RA 78 -16.36 45.00 50.86
N GLY RA 79 -16.52 44.89 49.55
CA GLY RA 79 -16.74 46.07 48.74
C GLY RA 79 -18.12 46.68 48.94
N SER RA 80 -19.09 45.85 49.32
CA SER RA 80 -20.45 46.30 49.60
C SER RA 80 -20.65 46.74 51.04
N MET RA 81 -19.58 47.15 51.70
CA MET RA 81 -19.60 47.60 53.08
C MET RA 81 -19.69 49.10 53.21
N VAL RA 82 -19.78 49.81 52.10
CA VAL RA 82 -19.79 51.27 52.08
C VAL RA 82 -21.23 51.76 51.96
N PRO RA 83 -21.70 52.62 52.85
CA PRO RA 83 -23.05 53.18 52.73
C PRO RA 83 -23.16 54.08 51.52
N PRO RA 84 -24.38 54.28 50.98
CA PRO RA 84 -24.52 55.01 49.71
C PRO RA 84 -24.02 56.45 49.71
N GLU RA 85 -24.18 57.17 50.83
CA GLU RA 85 -23.77 58.57 50.86
C GLU RA 85 -22.26 58.72 50.75
N TRP RA 86 -21.51 57.73 51.18
CA TRP RA 86 -20.07 57.69 50.96
C TRP RA 86 -19.70 56.89 49.72
N HIS RA 87 -20.61 56.01 49.26
CA HIS RA 87 -20.39 55.29 48.00
C HIS RA 87 -20.35 56.23 46.82
N ARG RA 88 -21.13 57.32 46.85
CA ARG RA 88 -21.07 58.28 45.77
C ARG RA 88 -19.75 59.05 45.76
N TRP RA 89 -19.21 59.35 46.93
CA TRP RA 89 -17.96 60.11 47.00
C TRP RA 89 -16.76 59.25 46.68
N LEU RA 90 -16.76 57.99 47.12
CA LEU RA 90 -15.58 57.14 46.96
C LEU RA 90 -15.32 56.76 45.52
N HIS RA 91 -16.38 56.60 44.72
CA HIS RA 91 -16.25 56.18 43.33
C HIS RA 91 -16.03 57.34 42.39
N CYS RA 92 -15.70 58.53 42.92
CA CYS RA 92 -15.42 59.74 42.15
C CYS RA 92 -16.59 60.17 41.28
N MET RA 93 -17.82 59.91 41.74
CA MET RA 93 -18.99 60.48 41.08
C MET RA 93 -19.25 61.91 41.51
N THR RA 94 -18.55 62.39 42.53
CA THR RA 94 -18.74 63.74 43.04
C THR RA 94 -17.46 64.18 43.73
N ASP RA 95 -17.35 65.49 43.97
CA ASP RA 95 -16.24 66.07 44.68
C ASP RA 95 -16.52 66.35 46.15
N ASP RA 96 -17.76 66.17 46.60
CA ASP RA 96 -18.17 66.60 47.93
C ASP RA 96 -18.55 65.41 48.79
N PRO RA 97 -17.89 65.21 49.93
CA PRO RA 97 -18.29 64.15 50.84
C PRO RA 97 -19.58 64.51 51.55
N PRO RA 98 -20.27 63.53 52.15
CA PRO RA 98 -21.49 63.85 52.90
C PRO RA 98 -21.26 64.62 54.20
N THR RA 99 -20.02 64.91 54.57
CA THR RA 99 -19.79 65.86 55.64
C THR RA 99 -20.00 67.30 55.18
N VAL RA 100 -19.95 67.55 53.88
CA VAL RA 100 -20.13 68.88 53.31
C VAL RA 100 -21.52 69.06 52.72
N LYS RA 101 -21.94 68.12 51.86
CA LYS RA 101 -23.25 68.17 51.21
C LYS RA 101 -24.01 66.92 51.60
N PRO RA 102 -24.78 66.96 52.70
CA PRO RA 102 -25.48 65.76 53.15
C PRO RA 102 -26.62 65.42 52.21
N PRO RA 103 -27.00 64.15 52.11
CA PRO RA 103 -28.13 63.78 51.26
C PRO RA 103 -29.46 64.19 51.87
N THR RA 104 -30.49 64.18 51.02
CA THR RA 104 -31.82 64.56 51.47
C THR RA 104 -32.39 63.49 52.39
N ALA RA 105 -32.96 63.94 53.51
CA ALA RA 105 -33.53 63.01 54.48
C ALA RA 105 -34.98 62.67 54.10
N ARG RA 106 -35.26 61.38 53.97
CA ARG RA 106 -36.59 60.88 53.68
C ARG RA 106 -36.94 59.83 54.71
N LYS RA 107 -38.24 59.65 54.94
CA LYS RA 107 -38.67 58.74 56.01
C LYS RA 107 -38.54 57.28 55.62
N PHE RA 108 -38.60 56.96 54.32
CA PHE RA 108 -38.52 55.57 53.88
C PHE RA 108 -37.10 55.09 53.64
N ILE RA 109 -36.11 56.00 53.66
CA ILE RA 109 -34.73 55.60 53.43
C ILE RA 109 -34.23 54.80 54.62
N TRP RA 110 -33.53 53.70 54.34
CA TRP RA 110 -32.97 52.85 55.39
C TRP RA 110 -32.02 53.63 56.28
N THR RA 111 -32.19 53.46 57.59
CA THR RA 111 -31.27 54.02 58.57
C THR RA 111 -30.12 53.08 58.88
N ASN RA 112 -30.14 51.87 58.33
CA ASN RA 112 -29.13 50.86 58.61
C ASN RA 112 -28.77 50.17 57.31
N HIS RA 113 -27.58 50.41 56.81
CA HIS RA 113 -27.15 49.80 55.55
C HIS RA 113 -26.69 48.38 55.78
N LYS RA 114 -27.07 47.49 54.87
CA LYS RA 114 -26.74 46.08 54.94
C LYS RA 114 -25.92 45.68 53.73
N PHE RA 115 -24.90 44.86 53.95
CA PHE RA 115 -24.00 44.46 52.87
C PHE RA 115 -24.64 43.33 52.06
N ASN RA 116 -23.85 42.70 51.20
CA ASN RA 116 -24.33 41.61 50.37
C ASN RA 116 -24.58 40.39 51.23
N LEU RA 117 -25.85 39.97 51.31
CA LEU RA 117 -26.26 38.86 52.17
C LEU RA 117 -26.39 37.56 51.41
N SER RA 118 -25.61 37.36 50.36
CA SER RA 118 -25.67 36.13 49.59
C SER RA 118 -24.97 35.00 50.35
N GLY RA 119 -25.63 33.85 50.41
CA GLY RA 119 -25.11 32.72 51.15
C GLY RA 119 -25.42 32.75 52.64
N THR RA 120 -26.17 33.71 53.10
CA THR RA 120 -26.57 33.89 54.48
C THR RA 120 -28.02 33.49 54.66
N PRO RA 121 -28.46 33.23 55.90
CA PRO RA 121 -29.90 32.99 56.13
C PRO RA 121 -30.79 34.20 55.81
N GLN RA 122 -30.23 35.40 55.69
CA GLN RA 122 -31.00 36.57 55.30
C GLN RA 122 -30.97 36.82 53.81
N GLN RA 123 -30.63 35.83 53.00
CA GLN RA 123 -30.56 36.02 51.56
C GLN RA 123 -31.96 36.13 50.96
N TYR RA 124 -32.02 36.70 49.77
CA TYR RA 124 -33.30 36.93 49.10
C TYR RA 124 -33.78 35.64 48.45
N VAL RA 125 -35.05 35.31 48.66
CA VAL RA 125 -35.69 34.14 48.07
C VAL RA 125 -36.82 34.63 47.16
N PRO RA 126 -36.80 34.32 45.87
CA PRO RA 126 -37.84 34.82 44.98
C PRO RA 126 -39.17 34.10 45.20
N TYR RA 127 -40.25 34.83 44.92
CA TYR RA 127 -41.59 34.26 44.99
C TYR RA 127 -42.51 35.12 44.14
N SER RA 128 -43.71 34.59 43.91
CA SER RA 128 -44.73 35.30 43.15
C SER RA 128 -45.54 36.19 44.09
N THR RA 129 -45.69 37.46 43.71
CA THR RA 129 -46.42 38.43 44.53
C THR RA 129 -47.88 38.54 44.16
N THR RA 130 -48.34 37.81 43.16
CA THR RA 130 -49.75 37.83 42.77
C THR RA 130 -50.55 36.81 43.58
N ARG RA 131 -51.85 37.03 43.64
CA ARG RA 131 -52.76 36.12 44.33
C ARG RA 131 -53.25 35.04 43.38
N LYS RA 132 -54.13 34.18 43.89
CA LYS RA 132 -54.66 33.09 43.08
C LYS RA 132 -55.63 33.62 42.04
N LYS RA 133 -55.55 33.06 40.83
CA LYS RA 133 -56.37 33.52 39.72
C LYS RA 133 -57.74 32.83 39.69
N ILE RA 134 -57.74 31.50 39.65
CA ILE RA 134 -58.96 30.71 39.54
C ILE RA 134 -59.38 30.27 40.94
N GLN RA 135 -60.64 30.52 41.28
CA GLN RA 135 -61.20 30.11 42.56
C GLN RA 135 -61.94 28.79 42.39
N GLU RA 136 -61.65 27.84 43.26
CA GLU RA 136 -62.22 26.50 43.18
C GLU RA 136 -63.58 26.44 43.86
N TRP RA 137 -64.35 25.41 43.51
CA TRP RA 137 -65.68 25.20 44.08
C TRP RA 137 -65.55 24.31 45.30
N VAL RA 138 -65.85 24.85 46.47
CA VAL RA 138 -65.84 24.08 47.71
C VAL RA 138 -67.14 23.29 47.79
N PRO RA 139 -67.07 21.95 47.84
CA PRO RA 139 -68.29 21.17 47.91
C PRO RA 139 -68.98 21.35 49.25
N PRO RA 140 -70.30 21.18 49.31
CA PRO RA 140 -71.00 21.31 50.58
C PRO RA 140 -70.61 20.22 51.56
N SER RA 141 -70.65 20.56 52.84
CA SER RA 141 -70.27 19.65 53.91
C SER RA 141 -71.43 18.81 54.41
N THR RA 142 -72.60 18.94 53.81
CA THR RA 142 -73.78 18.19 54.21
C THR RA 142 -74.09 17.10 53.19
N PRO RA 143 -74.61 15.95 53.62
CA PRO RA 143 -75.01 14.91 52.67
C PRO RA 143 -76.25 15.32 51.89
N TYR RA 144 -76.39 14.70 50.72
CA TYR RA 144 -77.50 15.03 49.81
C TYR RA 144 -78.84 14.50 50.31
N LYS RA 145 -78.84 13.66 51.34
CA LYS RA 145 -80.08 13.10 51.89
C LYS RA 145 -80.95 14.17 52.53
N PRO SA 74 -14.69 -21.30 -4.71
CA PRO SA 74 -14.38 -20.26 -5.70
C PRO SA 74 -13.92 -20.85 -7.03
N LEU SA 75 -13.50 -22.11 -7.01
CA LEU SA 75 -13.05 -22.79 -8.22
C LEU SA 75 -14.04 -23.81 -8.74
N THR SA 76 -14.93 -24.32 -7.89
CA THR SA 76 -15.93 -25.31 -8.27
C THR SA 76 -17.32 -24.76 -8.01
N LEU SA 77 -18.26 -25.15 -8.86
CA LEU SA 77 -19.63 -24.65 -8.74
C LEU SA 77 -20.34 -25.23 -7.52
N GLU SA 78 -20.02 -26.46 -7.14
CA GLU SA 78 -20.60 -27.04 -5.93
C GLU SA 78 -20.12 -26.30 -4.68
N GLY SA 79 -18.82 -25.99 -4.62
CA GLY SA 79 -18.32 -25.23 -3.49
C GLY SA 79 -18.85 -23.81 -3.47
N ILE SA 80 -19.00 -23.20 -4.65
CA ILE SA 80 -19.59 -21.87 -4.76
C ILE SA 80 -21.03 -21.88 -4.24
N LYS SA 81 -21.81 -22.88 -4.64
CA LYS SA 81 -23.20 -22.97 -4.19
C LYS SA 81 -23.28 -23.23 -2.70
N ASP SA 82 -22.40 -24.08 -2.16
CA ASP SA 82 -22.42 -24.36 -0.74
C ASP SA 82 -22.02 -23.14 0.08
N ARG SA 83 -21.02 -22.38 -0.37
CA ARG SA 83 -20.64 -21.16 0.34
C ARG SA 83 -21.75 -20.12 0.30
N VAL SA 84 -22.38 -19.96 -0.86
CA VAL SA 84 -23.48 -18.99 -1.00
C VAL SA 84 -24.64 -19.39 -0.09
N LEU SA 85 -25.00 -20.67 -0.09
CA LEU SA 85 -26.14 -21.11 0.70
C LEU SA 85 -25.83 -21.07 2.19
N TYR SA 86 -24.58 -21.33 2.56
CA TYR SA 86 -24.18 -21.26 3.98
C TYR SA 86 -24.25 -19.84 4.51
N VAL SA 87 -23.67 -18.88 3.77
CA VAL SA 87 -23.72 -17.50 4.22
C VAL SA 87 -25.13 -16.92 4.06
N LEU SA 88 -25.99 -17.52 3.24
CA LEU SA 88 -27.40 -17.15 3.26
C LEU SA 88 -28.11 -17.69 4.50
N LYS SA 89 -27.71 -18.88 4.96
CA LYS SA 89 -28.23 -19.37 6.24
C LYS SA 89 -27.71 -18.57 7.42
N LEU SA 90 -26.54 -17.93 7.28
CA LEU SA 90 -26.05 -17.06 8.33
C LEU SA 90 -26.89 -15.79 8.51
N TYR SA 91 -27.68 -15.42 7.49
CA TYR SA 91 -28.57 -14.27 7.62
C TYR SA 91 -29.70 -14.60 8.59
N ASP SA 92 -29.92 -13.70 9.55
CA ASP SA 92 -30.73 -14.04 10.72
C ASP SA 92 -32.22 -14.08 10.43
N LYS SA 93 -32.73 -13.12 9.66
CA LYS SA 93 -34.17 -12.88 9.57
C LYS SA 93 -34.88 -13.75 8.54
N ILE SA 94 -34.20 -14.77 8.02
CA ILE SA 94 -34.74 -15.62 6.95
C ILE SA 94 -34.59 -17.08 7.38
N ASP SA 95 -35.68 -17.84 7.25
CA ASP SA 95 -35.67 -19.22 7.72
C ASP SA 95 -34.88 -20.09 6.74
N PRO SA 96 -34.17 -21.11 7.23
CA PRO SA 96 -33.44 -22.01 6.32
C PRO SA 96 -34.33 -23.02 5.64
N GLU SA 97 -35.55 -23.23 6.15
CA GLU SA 97 -36.41 -24.28 5.62
C GLU SA 97 -36.93 -23.96 4.23
N LYS SA 98 -37.42 -22.74 4.04
CA LYS SA 98 -38.00 -22.38 2.75
C LYS SA 98 -36.92 -21.98 1.74
N LEU SA 99 -35.71 -21.70 2.19
CA LEU SA 99 -34.62 -21.32 1.29
C LEU SA 99 -34.16 -22.51 0.47
N SER SA 100 -34.40 -22.44 -0.83
CA SER SA 100 -33.87 -23.36 -1.82
C SER SA 100 -33.01 -22.58 -2.82
N VAL SA 101 -32.61 -23.26 -3.89
CA VAL SA 101 -31.72 -22.62 -4.87
C VAL SA 101 -32.48 -21.71 -5.83
N ASN SA 102 -33.80 -21.79 -5.87
CA ASN SA 102 -34.61 -21.00 -6.80
C ASN SA 102 -35.76 -20.32 -6.06
N SER SA 103 -35.44 -19.67 -4.95
CA SER SA 103 -36.41 -18.93 -4.17
C SER SA 103 -36.19 -17.43 -4.38
N HIS SA 104 -37.26 -16.72 -4.71
CA HIS SA 104 -37.21 -15.28 -4.86
C HIS SA 104 -36.96 -14.61 -3.52
N PHE SA 105 -36.64 -13.32 -3.55
CA PHE SA 105 -36.42 -12.59 -2.31
C PHE SA 105 -37.59 -11.71 -1.91
N MET SA 106 -38.19 -10.99 -2.87
CA MET SA 106 -39.28 -10.08 -2.54
C MET SA 106 -40.60 -10.79 -2.29
N LYS SA 107 -40.84 -11.94 -2.93
CA LYS SA 107 -42.15 -12.58 -2.85
C LYS SA 107 -42.14 -14.00 -2.31
N ASP SA 108 -40.97 -14.60 -2.05
CA ASP SA 108 -40.92 -15.94 -1.49
C ASP SA 108 -40.64 -15.93 0.00
N LEU SA 109 -39.52 -15.35 0.42
CA LEU SA 109 -39.24 -15.14 1.83
C LEU SA 109 -39.71 -13.78 2.33
N GLY SA 110 -40.25 -12.94 1.44
CA GLY SA 110 -40.74 -11.64 1.85
C GLY SA 110 -39.68 -10.70 2.36
N LEU SA 111 -38.49 -10.75 1.77
CA LEU SA 111 -37.42 -9.85 2.15
C LEU SA 111 -37.63 -8.48 1.51
N ASP SA 112 -37.17 -7.45 2.22
CA ASP SA 112 -37.25 -6.09 1.73
C ASP SA 112 -36.16 -5.84 0.69
N SER SA 113 -36.18 -4.65 0.09
CA SER SA 113 -35.12 -4.25 -0.82
C SER SA 113 -33.79 -4.12 -0.08
N LEU SA 114 -33.81 -3.52 1.10
CA LEU SA 114 -32.60 -3.36 1.90
C LEU SA 114 -32.07 -4.69 2.41
N ASP SA 115 -32.96 -5.68 2.60
CA ASP SA 115 -32.51 -7.02 2.95
C ASP SA 115 -31.67 -7.62 1.84
N GLN SA 116 -32.14 -7.50 0.58
CA GLN SA 116 -31.34 -7.96 -0.55
C GLN SA 116 -30.06 -7.15 -0.69
N VAL SA 117 -30.11 -5.86 -0.35
CA VAL SA 117 -28.91 -5.02 -0.42
C VAL SA 117 -27.83 -5.53 0.52
N GLU SA 118 -28.19 -5.76 1.79
CA GLU SA 118 -27.19 -6.24 2.73
C GLU SA 118 -26.83 -7.71 2.49
N ILE SA 119 -27.70 -8.49 1.85
CA ILE SA 119 -27.31 -9.83 1.39
C ILE SA 119 -26.20 -9.71 0.36
N ILE SA 120 -26.32 -8.78 -0.59
CA ILE SA 120 -25.29 -8.62 -1.60
C ILE SA 120 -24.00 -8.09 -0.99
N MET SA 121 -24.10 -7.21 0.01
CA MET SA 121 -22.88 -6.77 0.70
C MET SA 121 -22.24 -7.92 1.47
N ALA SA 122 -23.03 -8.86 2.00
CA ALA SA 122 -22.47 -10.07 2.57
C ALA SA 122 -21.77 -10.91 1.51
N MET SA 123 -22.34 -10.93 0.29
CA MET SA 123 -21.72 -11.66 -0.82
C MET SA 123 -20.32 -11.11 -1.11
N GLU SA 124 -20.21 -9.79 -1.23
CA GLU SA 124 -18.90 -9.18 -1.47
C GLU SA 124 -17.96 -9.34 -0.28
N ASP SA 125 -18.50 -9.30 0.94
CA ASP SA 125 -17.67 -9.43 2.13
C ASP SA 125 -17.08 -10.82 2.25
N GLU SA 126 -17.82 -11.84 1.83
CA GLU SA 126 -17.33 -13.21 2.00
C GLU SA 126 -16.59 -13.71 0.77
N PHE SA 127 -16.94 -13.27 -0.43
CA PHE SA 127 -16.27 -13.75 -1.64
C PHE SA 127 -15.12 -12.85 -2.08
N GLY SA 128 -14.89 -11.73 -1.40
CA GLY SA 128 -13.69 -10.96 -1.61
C GLY SA 128 -13.66 -10.10 -2.86
N PHE SA 129 -14.75 -10.03 -3.61
CA PHE SA 129 -14.81 -9.18 -4.79
C PHE SA 129 -16.08 -8.33 -4.73
N GLU SA 130 -15.95 -7.07 -5.15
CA GLU SA 130 -17.05 -6.12 -5.03
C GLU SA 130 -18.08 -6.34 -6.13
N ILE SA 131 -19.30 -5.91 -5.86
CA ILE SA 131 -20.41 -6.02 -6.80
C ILE SA 131 -20.98 -4.63 -7.05
N PRO SA 132 -21.00 -4.15 -8.29
CA PRO SA 132 -21.58 -2.83 -8.57
C PRO SA 132 -23.10 -2.85 -8.49
N ASP SA 133 -23.67 -1.63 -8.52
CA ASP SA 133 -25.12 -1.48 -8.41
C ASP SA 133 -25.84 -1.76 -9.72
N ILE SA 134 -25.12 -1.86 -10.85
CA ILE SA 134 -25.77 -2.23 -12.10
C ILE SA 134 -26.25 -3.67 -12.05
N ASP SA 135 -25.39 -4.58 -11.61
CA ASP SA 135 -25.64 -6.01 -11.65
C ASP SA 135 -26.10 -6.59 -10.33
N ALA SA 136 -26.20 -5.79 -9.28
CA ALA SA 136 -26.77 -6.26 -8.02
C ALA SA 136 -28.27 -6.12 -7.95
N GLU SA 137 -28.89 -5.47 -8.94
CA GLU SA 137 -30.34 -5.32 -8.97
C GLU SA 137 -31.05 -6.54 -9.52
N LYS SA 138 -30.32 -7.47 -10.13
CA LYS SA 138 -30.91 -8.63 -10.79
C LYS SA 138 -30.46 -9.93 -10.13
N LEU SA 139 -30.40 -9.97 -8.81
CA LEU SA 139 -30.02 -11.16 -8.05
C LEU SA 139 -31.14 -11.45 -7.05
N MET SA 140 -32.15 -12.21 -7.51
CA MET SA 140 -33.32 -12.48 -6.68
C MET SA 140 -33.35 -13.89 -6.12
N CYS SA 141 -32.63 -14.83 -6.70
CA CYS SA 141 -32.57 -16.19 -6.18
C CYS SA 141 -31.10 -16.60 -6.11
N PRO SA 142 -30.76 -17.52 -5.21
CA PRO SA 142 -29.34 -17.91 -5.04
C PRO SA 142 -28.70 -18.51 -6.27
N GLN SA 143 -29.49 -19.10 -7.18
CA GLN SA 143 -28.91 -19.59 -8.43
C GLN SA 143 -28.41 -18.44 -9.29
N GLU SA 144 -29.13 -17.31 -9.29
CA GLU SA 144 -28.66 -16.13 -10.03
C GLU SA 144 -27.36 -15.60 -9.45
N ILE SA 145 -27.25 -15.58 -8.11
CA ILE SA 145 -26.01 -15.13 -7.48
C ILE SA 145 -24.85 -16.06 -7.81
N VAL SA 146 -25.11 -17.37 -7.76
CA VAL SA 146 -24.07 -18.36 -8.07
C VAL SA 146 -23.62 -18.24 -9.51
N ASP SA 147 -24.58 -18.06 -10.44
CA ASP SA 147 -24.24 -17.93 -11.85
C ASP SA 147 -23.49 -16.64 -12.13
N TYR SA 148 -23.86 -15.55 -11.45
CA TYR SA 148 -23.18 -14.28 -11.66
C TYR SA 148 -21.74 -14.37 -11.18
N ILE SA 149 -21.52 -14.85 -9.94
CA ILE SA 149 -20.16 -14.91 -9.44
C ILE SA 149 -19.37 -16.03 -10.08
N ALA SA 150 -20.03 -16.95 -10.79
CA ALA SA 150 -19.33 -17.84 -11.70
C ALA SA 150 -18.92 -17.14 -12.97
N ASP SA 151 -19.73 -16.20 -13.45
CA ASP SA 151 -19.33 -15.39 -14.61
C ASP SA 151 -18.12 -14.52 -14.30
N LYS SA 152 -18.10 -13.90 -13.11
CA LYS SA 152 -17.01 -13.01 -12.74
C LYS SA 152 -15.73 -13.75 -12.40
N LYS SA 153 -15.78 -15.06 -12.22
CA LYS SA 153 -14.60 -15.85 -11.91
C LYS SA 153 -14.35 -16.84 -13.05
N ASP SA 154 -13.29 -17.64 -12.90
CA ASP SA 154 -12.92 -18.56 -13.96
C ASP SA 154 -13.90 -19.74 -14.03
N VAL SA 155 -14.13 -20.42 -12.91
CA VAL SA 155 -15.00 -21.60 -12.73
C VAL SA 155 -15.08 -22.58 -13.89
#